data_3OFN
#
_entry.id   3OFN
#
_cell.length_a   112.019
_cell.length_b   290.619
_cell.length_c   188.465
_cell.angle_alpha   90.00
_cell.angle_beta   102.34
_cell.angle_gamma   90.00
#
_symmetry.space_group_name_H-M   'P 1 21 1'
#
loop_
_entity.id
_entity.type
_entity.pdbx_description
1 polymer 'ATP synthase subunit alpha'
2 polymer 'ATP synthase subunit beta'
3 polymer 'ATP synthase subunit gamma'
4 polymer 'ATP synthase subunit delta'
5 polymer 'ATP synthase subunit epsilon'
6 non-polymer 'PHOSPHOAMINOPHOSPHONIC ACID-ADENYLATE ESTER'
7 non-polymer 'MAGNESIUM ION'
#
loop_
_entity_poly.entity_id
_entity_poly.type
_entity_poly.pdbx_seq_one_letter_code
_entity_poly.pdbx_strand_id
1 'polypeptide(L)'
;ASTKAQPTEVSSILEERIKGVSDEANLNETGRVLAVGDGIARVFGLNNIQAEELVEFSSGVKGMALILEPGQVGIVLFGS
DRLVKEGELVKRTGNIVDVPVGPGLLGRVVDALGNPIDGKGPIDAAGRSRAQVKAPGILPRRSVHEPVQTGLKAVDALVP
IGRGQRELIIGDRQTGKTAVALDTILNQKRWNNGSDESKKLYCVYVAVGQKRSTVAQLVQTLEQHDAMKYSIIVAATASE
AAPLQYLAPFTAASIGEWFRDNGKHALIVYDDLSKQAVAYRQLSLLLRRPPGREAYPGDVFYLHSRLLERAAKLSEKEGS
GSLTALPVIETQGGDVSAYIPTNVISITDGQIFLEAELFYKGIRPAINVGLSVSRVGSAAQVKALKQVAGSLKLFLAQYR
EVAAFAQFGSDLDASTKQTLVRGERLTQLLKQNQYSPLATEEQVPLIYAGVNGHLDGIELSRIGEFESSFLSYLKSNHNE
LLTEIREKGELSKELLASLKSATESFVATF
;
A,B,C,J,K,L,S,T,U
2 'polypeptide(L)'
;ASHHHHHHAAQSTPITGKVTAVIGAIVDVHFEQSELPAILNALEIKTPQGKLVLEVAQHLGENTVRTIAMDGTEGLVRGE
KVLDTGGPISVPVGRETLGRIINVIGEPIDERGPIKSKLRKPIHADPPSFAEQSTSAEILETGIKVVDLLAPYARGGKIG
LFGGAGVGKTVFIQELINNIAKAHGGFSVFTGVGERTREGNDLYREMKETGVINLEGESKVALVFGQMNEPPGARARVAL
TGLTIAEYFRDEEGQDVLLFIDNIFRFTQAGSEVSALLGRIPSAVGYQPTLATDMGLLQERITTTKKGSVTSVQAVYVPA
DDLTDPAPATTFAHLDATTVLSRGISELGIYPAVDPLDSKSRLLDAAVVGQEHYDVASKVQETLQTYKSLQDIIAILGMD
ELSEQDKLTVERARKIQRFLSQPFAVAEVFTGIPGKLVRLKDTVASFKAVLEGKYDNIPEHAFYMVGGIEDVVAKAEKLA
AEAN
;
D,E,F,M,N,O,V,W,X
3 'polypeptide(L)'
;ATLKEVEMRLKSIKNIEKITKTMKIVASTRLSKAEKAKISAKKMDEAEQLFYKNAETKNLDVEATETGAPKELIVAITSD
KGLCGSIHSQLAKAVRRHLNDQPNADIVTIGDKIKMQLLRTHPNNIKLSINGIGKDAPTFQESALIADKLLSVMKAGTYP
KISIFYNDPVSSLSFEPSEKPIFNAKTIEQSPSFGKFEIDTDANVPRDLFEYTLANQMLTAMAQGYAAEISARRNAMDNA
SKNAGDMINRYSILYNRTRQAVITNELVDIITGASSLG
;
G,P,Y
4 'polypeptide(L)'
;AEAAAASSGLKLQFALPHETLYSGSEVTQVNLPAKSGRIGVLANHVPTVEQLLPGVVEVMEGSNSKKFFISGGFATVQPD
SQLCVTAIEAFPLESFSQENIKNLLAEAKKNVSSSDAREAAEAAIQVEVLENLQSVLK
;
H,Q
5 'polypeptide(L)' SAWRKAGISYAAYLNVAAQAIRSSLKTELQTASVLNRSQTDAFYTQYKNGTAASEPTPITK I,R
#
loop_
_chem_comp.id
_chem_comp.type
_chem_comp.name
_chem_comp.formula
ANP non-polymer 'PHOSPHOAMINOPHOSPHONIC ACID-ADENYLATE ESTER' 'C10 H17 N6 O12 P3'
MG non-polymer 'MAGNESIUM ION' 'Mg 2'
#
# COMPACT_ATOMS: atom_id res chain seq x y z
N ASN A 26 -34.90 36.48 -6.83
CA ASN A 26 -33.63 35.84 -6.41
C ASN A 26 -33.74 34.30 -6.29
N LEU A 27 -34.15 33.81 -5.10
CA LEU A 27 -34.34 32.37 -4.79
C LEU A 27 -33.13 31.66 -4.21
N ASN A 28 -31.98 32.30 -4.26
CA ASN A 28 -30.77 31.69 -3.73
C ASN A 28 -30.55 32.05 -2.27
N GLU A 29 -30.94 33.28 -1.93
CA GLU A 29 -30.83 33.80 -0.57
C GLU A 29 -32.21 34.12 -0.02
N THR A 30 -33.19 34.24 -0.90
CA THR A 30 -34.58 34.50 -0.49
C THR A 30 -35.48 33.31 -0.79
N GLY A 31 -36.70 33.35 -0.25
CA GLY A 31 -37.63 32.25 -0.43
C GLY A 31 -39.08 32.66 -0.48
N ARG A 32 -39.93 31.73 -0.90
CA ARG A 32 -41.37 31.95 -0.99
C ARG A 32 -42.10 31.00 -0.07
N VAL A 33 -42.97 31.55 0.75
CA VAL A 33 -43.77 30.74 1.68
C VAL A 33 -44.83 29.94 0.92
N LEU A 34 -44.65 28.63 0.84
CA LEU A 34 -45.60 27.73 0.17
C LEU A 34 -46.86 27.52 0.99
N ALA A 35 -46.67 27.22 2.27
CA ALA A 35 -47.75 27.02 3.25
C ALA A 35 -47.25 27.40 4.64
N VAL A 36 -48.18 27.60 5.58
CA VAL A 36 -47.85 28.02 6.93
C VAL A 36 -48.94 27.56 7.93
N GLY A 37 -48.51 27.16 9.13
CA GLY A 37 -49.43 26.73 10.20
C GLY A 37 -48.78 25.73 11.14
N ASP A 38 -49.22 25.70 12.40
CA ASP A 38 -48.59 24.84 13.41
C ASP A 38 -47.22 25.36 13.86
N GLY A 39 -47.01 26.67 13.76
CA GLY A 39 -45.70 27.25 14.08
C GLY A 39 -44.65 26.96 13.04
N ILE A 40 -45.04 26.31 11.95
CA ILE A 40 -44.14 26.02 10.85
C ILE A 40 -44.52 26.83 9.61
N ALA A 41 -43.51 27.40 8.96
CA ALA A 41 -43.69 27.98 7.63
C ALA A 41 -42.84 27.18 6.66
N ARG A 42 -43.50 26.58 5.67
CA ARG A 42 -42.81 25.79 4.63
C ARG A 42 -42.48 26.72 3.48
N VAL A 43 -41.22 26.69 3.06
CA VAL A 43 -40.67 27.72 2.18
C VAL A 43 -39.95 27.17 0.96
N PHE A 44 -40.32 27.66 -0.22
CA PHE A 44 -39.66 27.32 -1.48
C PHE A 44 -38.52 28.28 -1.77
N GLY A 45 -37.34 27.74 -2.03
CA GLY A 45 -36.17 28.56 -2.37
C GLY A 45 -35.10 28.46 -1.31
N LEU A 46 -34.52 29.60 -0.96
CA LEU A 46 -33.49 29.70 0.08
C LEU A 46 -32.35 28.70 -0.13
N ASN A 47 -31.94 28.49 -1.38
CA ASN A 47 -31.07 27.36 -1.73
C ASN A 47 -29.77 27.26 -0.95
N ASN A 48 -29.19 28.40 -0.60
CA ASN A 48 -27.91 28.41 0.11
C ASN A 48 -28.00 28.37 1.63
N ILE A 49 -29.22 28.36 2.18
CA ILE A 49 -29.40 28.37 3.62
C ILE A 49 -28.69 27.17 4.26
N GLN A 50 -28.22 27.34 5.48
CA GLN A 50 -27.63 26.25 6.25
C GLN A 50 -28.66 25.62 7.20
N ALA A 51 -28.46 24.34 7.50
CA ALA A 51 -29.18 23.70 8.59
C ALA A 51 -28.98 24.48 9.89
N GLU A 52 -30.09 24.76 10.57
CA GLU A 52 -30.10 25.51 11.82
C GLU A 52 -29.87 27.00 11.60
N GLU A 53 -30.00 27.47 10.35
CA GLU A 53 -29.77 28.87 10.05
C GLU A 53 -31.02 29.71 10.31
N LEU A 54 -30.82 30.88 10.90
CA LEU A 54 -31.90 31.80 11.24
C LEU A 54 -32.43 32.47 9.97
N VAL A 55 -33.73 32.73 9.93
CA VAL A 55 -34.34 33.51 8.83
C VAL A 55 -35.26 34.62 9.34
N GLU A 56 -35.53 35.61 8.48
CA GLU A 56 -36.41 36.72 8.79
C GLU A 56 -37.53 36.84 7.75
N PHE A 57 -38.76 37.04 8.23
CA PHE A 57 -39.95 37.13 7.37
C PHE A 57 -40.41 38.57 7.20
N SER A 58 -41.27 38.80 6.20
CA SER A 58 -41.81 40.13 5.89
C SER A 58 -42.28 40.89 7.13
N SER A 59 -43.15 40.23 7.91
CA SER A 59 -43.73 40.83 9.09
C SER A 59 -42.67 41.21 10.11
N GLY A 60 -41.44 40.76 9.88
CA GLY A 60 -40.35 41.00 10.83
C GLY A 60 -40.06 39.82 11.75
N VAL A 61 -41.04 38.93 11.88
CA VAL A 61 -40.91 37.71 12.66
C VAL A 61 -39.69 36.89 12.24
N LYS A 62 -39.19 36.04 13.13
CA LYS A 62 -37.99 35.23 12.85
C LYS A 62 -38.22 33.74 13.05
N GLY A 63 -37.49 32.92 12.31
CA GLY A 63 -37.56 31.47 12.47
C GLY A 63 -36.21 30.81 12.26
N MET A 64 -36.12 29.53 12.59
CA MET A 64 -34.91 28.81 12.25
C MET A 64 -35.18 27.59 11.39
N ALA A 65 -34.32 27.39 10.39
CA ALA A 65 -34.46 26.32 9.43
C ALA A 65 -34.00 24.97 10.01
N LEU A 66 -34.94 24.07 10.25
CA LEU A 66 -34.59 22.80 10.85
C LEU A 66 -34.61 21.64 9.85
N ILE A 67 -35.31 21.80 8.74
CA ILE A 67 -35.37 20.73 7.76
C ILE A 67 -35.03 21.24 6.36
N LEU A 68 -33.98 20.67 5.78
CA LEU A 68 -33.64 20.94 4.38
C LEU A 68 -34.05 19.73 3.55
N GLU A 69 -35.02 19.92 2.67
CA GLU A 69 -35.45 18.88 1.75
C GLU A 69 -35.28 19.34 0.30
N PRO A 70 -35.39 18.42 -0.68
CA PRO A 70 -35.38 18.78 -2.10
C PRO A 70 -36.18 20.04 -2.46
N GLY A 71 -37.51 19.94 -2.47
CA GLY A 71 -38.35 21.04 -2.96
C GLY A 71 -38.42 22.31 -2.11
N GLN A 72 -38.19 22.16 -0.81
CA GLN A 72 -38.54 23.21 0.15
C GLN A 72 -37.67 23.18 1.41
N VAL A 73 -37.91 24.14 2.30
CA VAL A 73 -37.30 24.19 3.61
C VAL A 73 -38.39 24.32 4.66
N GLY A 74 -38.28 23.50 5.71
CA GLY A 74 -39.19 23.59 6.88
C GLY A 74 -38.63 24.54 7.92
N ILE A 75 -39.42 25.53 8.31
CA ILE A 75 -38.93 26.54 9.26
C ILE A 75 -39.88 26.74 10.45
N VAL A 76 -39.34 26.60 11.64
CA VAL A 76 -40.09 26.81 12.88
C VAL A 76 -40.00 28.27 13.30
N LEU A 77 -41.16 28.86 13.61
CA LEU A 77 -41.27 30.30 13.84
C LEU A 77 -41.06 30.71 15.29
N PHE A 78 -40.57 31.93 15.50
CA PHE A 78 -40.32 32.44 16.84
C PHE A 78 -41.45 33.31 17.36
N GLY A 79 -42.27 33.79 16.45
CA GLY A 79 -43.41 34.61 16.81
C GLY A 79 -44.64 33.87 16.34
N SER A 80 -45.78 34.56 16.39
CA SER A 80 -47.09 34.01 16.00
C SER A 80 -47.10 33.58 14.54
N ASP A 81 -47.56 32.37 14.28
CA ASP A 81 -47.71 31.92 12.91
C ASP A 81 -48.87 32.60 12.18
N ARG A 82 -49.39 33.67 12.78
CA ARG A 82 -50.38 34.53 12.14
C ARG A 82 -49.67 35.60 11.32
N LEU A 83 -48.47 35.95 11.76
CA LEU A 83 -47.66 36.98 11.14
C LEU A 83 -47.09 36.53 9.79
N VAL A 84 -47.38 35.31 9.38
CA VAL A 84 -46.91 34.79 8.10
C VAL A 84 -48.08 34.47 7.15
N LYS A 85 -47.83 34.58 5.85
CA LYS A 85 -48.81 34.22 4.84
C LYS A 85 -48.17 33.46 3.69
N GLU A 86 -48.97 32.73 2.93
CA GLU A 86 -48.53 32.10 1.68
C GLU A 86 -48.20 33.19 0.68
N GLY A 87 -47.14 32.97 -0.11
CA GLY A 87 -46.70 33.93 -1.11
C GLY A 87 -45.69 34.93 -0.54
N GLU A 88 -45.60 34.96 0.78
CA GLU A 88 -44.70 35.87 1.50
C GLU A 88 -43.22 35.63 1.15
N LEU A 89 -42.42 36.68 1.27
CA LEU A 89 -40.98 36.61 0.99
C LEU A 89 -40.19 36.33 2.26
N VAL A 90 -39.11 35.55 2.13
CA VAL A 90 -38.25 35.15 3.27
C VAL A 90 -36.78 35.48 2.98
N LYS A 91 -36.07 35.98 3.99
CA LYS A 91 -34.66 36.38 3.83
C LYS A 91 -33.69 35.52 4.67
N ARG A 92 -32.50 35.30 4.12
CA ARG A 92 -31.44 34.57 4.81
C ARG A 92 -30.67 35.50 5.73
N THR A 93 -30.52 35.15 7.00
CA THR A 93 -29.67 35.95 7.87
C THR A 93 -28.22 35.48 7.80
N GLY A 94 -28.01 34.27 7.28
CA GLY A 94 -26.67 33.69 7.16
C GLY A 94 -26.01 33.38 8.49
N ASN A 95 -26.83 33.17 9.52
CA ASN A 95 -26.34 32.84 10.85
C ASN A 95 -27.05 31.63 11.44
N ILE A 96 -26.27 30.67 11.91
CA ILE A 96 -26.77 29.62 12.78
C ILE A 96 -27.31 30.33 14.02
N VAL A 97 -28.34 29.77 14.65
CA VAL A 97 -28.82 30.32 15.90
C VAL A 97 -27.64 30.59 16.80
N ASP A 98 -27.50 31.83 17.25
CA ASP A 98 -26.42 32.18 18.17
C ASP A 98 -26.85 33.16 19.25
N VAL A 99 -25.93 33.49 20.15
CA VAL A 99 -26.23 34.37 21.26
C VAL A 99 -25.02 35.26 21.62
N PRO A 100 -25.28 36.51 22.05
CA PRO A 100 -24.20 37.34 22.57
C PRO A 100 -23.66 36.78 23.89
N VAL A 101 -22.35 36.87 24.08
CA VAL A 101 -21.69 36.29 25.25
C VAL A 101 -20.73 37.31 25.87
N GLY A 102 -20.45 37.18 27.15
CA GLY A 102 -19.50 38.07 27.82
C GLY A 102 -19.99 38.61 29.15
N PRO A 103 -19.06 39.15 29.96
CA PRO A 103 -19.43 39.65 31.28
C PRO A 103 -20.38 40.83 31.19
N GLY A 104 -20.42 41.50 30.03
CA GLY A 104 -21.39 42.57 29.78
C GLY A 104 -22.82 42.16 30.07
N LEU A 105 -23.11 40.86 29.96
CA LEU A 105 -24.43 40.29 30.22
C LEU A 105 -24.78 40.21 31.71
N LEU A 106 -23.74 40.23 32.55
CA LEU A 106 -23.93 40.27 34.01
C LEU A 106 -24.90 41.38 34.39
N GLY A 107 -25.89 41.01 35.21
CA GLY A 107 -26.91 41.95 35.70
C GLY A 107 -28.11 42.14 34.79
N ARG A 108 -28.11 41.44 33.64
CA ARG A 108 -29.18 41.54 32.62
C ARG A 108 -30.15 40.35 32.60
N VAL A 109 -31.37 40.63 32.15
CA VAL A 109 -32.38 39.61 31.92
C VAL A 109 -32.68 39.58 30.42
N VAL A 110 -32.33 38.49 29.76
CA VAL A 110 -32.45 38.41 28.31
C VAL A 110 -33.40 37.32 27.88
N ASP A 111 -33.92 37.44 26.65
CA ASP A 111 -34.72 36.35 26.08
C ASP A 111 -33.83 35.25 25.49
N ALA A 112 -34.46 34.21 24.93
CA ALA A 112 -33.76 33.02 24.45
C ALA A 112 -32.58 33.32 23.53
N LEU A 113 -32.70 34.33 22.69
CA LEU A 113 -31.66 34.66 21.73
C LEU A 113 -30.71 35.78 22.20
N GLY A 114 -30.93 36.28 23.43
CA GLY A 114 -30.10 37.35 23.99
C GLY A 114 -30.60 38.78 23.76
N ASN A 115 -31.88 38.94 23.44
CA ASN A 115 -32.47 40.28 23.38
C ASN A 115 -32.78 40.75 24.79
N PRO A 116 -32.42 42.00 25.12
CA PRO A 116 -32.66 42.42 26.49
C PRO A 116 -34.15 42.67 26.68
N ILE A 117 -34.75 42.01 27.66
CA ILE A 117 -36.18 42.18 27.90
C ILE A 117 -36.39 42.97 29.17
N ASP A 118 -35.30 43.43 29.75
CA ASP A 118 -35.29 44.00 31.09
C ASP A 118 -35.35 45.52 31.16
N GLY A 119 -35.50 46.17 30.01
CA GLY A 119 -35.61 47.63 29.91
C GLY A 119 -34.40 48.40 30.38
N LYS A 120 -33.20 47.89 30.09
CA LYS A 120 -31.95 48.55 30.43
C LYS A 120 -31.05 48.76 29.21
N GLY A 121 -31.67 49.02 28.05
CA GLY A 121 -30.93 49.23 26.82
C GLY A 121 -30.31 47.95 26.28
N PRO A 122 -29.47 48.07 25.22
CA PRO A 122 -28.89 46.91 24.51
C PRO A 122 -27.91 46.10 25.36
N ILE A 123 -27.48 44.95 24.83
CA ILE A 123 -26.50 44.08 25.49
C ILE A 123 -25.09 44.39 24.97
N ASP A 124 -24.09 44.40 25.84
CA ASP A 124 -22.70 44.61 25.42
C ASP A 124 -21.97 43.28 25.32
N ALA A 125 -21.83 42.78 24.10
CA ALA A 125 -21.25 41.46 23.88
C ALA A 125 -19.75 41.52 23.69
N ALA A 126 -19.06 40.48 24.13
CA ALA A 126 -17.64 40.32 23.87
C ALA A 126 -17.43 39.53 22.57
N GLY A 127 -18.48 38.85 22.14
CA GLY A 127 -18.49 38.07 20.91
C GLY A 127 -19.82 37.36 20.81
N ARG A 128 -19.93 36.38 19.92
CA ARG A 128 -21.16 35.62 19.75
C ARG A 128 -20.87 34.11 19.64
N SER A 129 -21.78 33.28 20.15
CA SER A 129 -21.59 31.82 20.16
C SER A 129 -22.83 31.07 19.70
N ARG A 130 -22.64 30.00 18.94
CA ARG A 130 -23.76 29.14 18.53
C ARG A 130 -24.49 28.56 19.73
N ALA A 131 -25.80 28.40 19.60
CA ALA A 131 -26.57 27.72 20.63
C ALA A 131 -26.13 26.26 20.71
N GLN A 132 -25.74 25.68 19.59
CA GLN A 132 -25.23 24.32 19.56
C GLN A 132 -23.70 24.30 19.50
N VAL A 133 -23.12 23.75 20.57
CA VAL A 133 -21.68 23.76 20.80
C VAL A 133 -21.20 22.40 21.31
N LYS A 134 -20.12 21.89 20.72
CA LYS A 134 -19.47 20.64 21.15
C LYS A 134 -19.12 20.66 22.63
N ALA A 135 -19.47 19.59 23.33
CA ALA A 135 -19.07 19.42 24.72
C ALA A 135 -17.57 19.17 24.79
N PRO A 136 -16.91 19.62 25.87
CA PRO A 136 -15.49 19.34 26.05
C PRO A 136 -15.23 17.84 25.92
N GLY A 137 -14.12 17.48 25.30
CA GLY A 137 -13.81 16.07 25.07
C GLY A 137 -13.31 15.37 26.32
N ILE A 138 -12.74 14.18 26.11
CA ILE A 138 -12.20 13.35 27.18
C ILE A 138 -10.93 13.96 27.77
N LEU A 139 -10.10 14.53 26.91
CA LEU A 139 -8.82 15.09 27.35
C LEU A 139 -8.89 16.44 28.09
N PRO A 140 -9.56 17.46 27.51
CA PRO A 140 -9.39 18.81 28.05
C PRO A 140 -10.08 19.07 29.40
N ARG A 141 -9.99 18.11 30.32
CA ARG A 141 -10.76 18.11 31.55
C ARG A 141 -9.97 17.64 32.75
N ARG A 142 -10.23 18.25 33.89
CA ARG A 142 -9.64 17.82 35.15
C ARG A 142 -10.76 17.29 36.07
N SER A 143 -10.42 16.28 36.87
CA SER A 143 -11.34 15.71 37.84
C SER A 143 -11.94 16.81 38.71
N VAL A 144 -13.22 16.68 39.01
CA VAL A 144 -13.92 17.64 39.84
C VAL A 144 -13.37 17.59 41.27
N HIS A 145 -12.81 18.70 41.75
CA HIS A 145 -12.17 18.76 43.09
C HIS A 145 -12.47 20.00 43.94
N GLU A 146 -12.79 21.13 43.31
CA GLU A 146 -13.10 22.37 44.05
C GLU A 146 -14.59 22.44 44.41
N PRO A 147 -14.91 22.74 45.67
CA PRO A 147 -16.31 22.77 46.09
C PRO A 147 -17.11 23.98 45.58
N VAL A 148 -18.41 23.78 45.46
CA VAL A 148 -19.38 24.82 45.18
C VAL A 148 -20.24 24.85 46.43
N GLN A 149 -19.86 25.67 47.39
CA GLN A 149 -20.65 25.81 48.62
C GLN A 149 -22.07 26.34 48.29
N THR A 150 -23.10 25.59 48.68
CA THR A 150 -24.48 26.04 48.50
C THR A 150 -24.89 26.90 49.67
N GLY A 151 -24.33 26.58 50.84
CA GLY A 151 -24.68 27.31 52.05
C GLY A 151 -25.86 26.65 52.75
N LEU A 152 -26.29 25.53 52.20
CA LEU A 152 -27.34 24.74 52.80
C LEU A 152 -26.70 23.62 53.60
N LYS A 153 -26.91 23.63 54.92
CA LYS A 153 -26.34 22.61 55.78
C LYS A 153 -26.57 21.21 55.23
N ALA A 154 -27.80 20.90 54.84
CA ALA A 154 -28.11 19.58 54.31
C ALA A 154 -27.29 19.24 53.05
N VAL A 155 -27.26 20.14 52.06
CA VAL A 155 -26.56 19.85 50.81
C VAL A 155 -25.04 19.79 50.97
N ASP A 156 -24.45 20.82 51.59
CA ASP A 156 -23.00 20.87 51.83
C ASP A 156 -22.50 19.64 52.57
N ALA A 157 -23.32 19.14 53.49
CA ALA A 157 -22.96 18.02 54.36
C ALA A 157 -23.21 16.63 53.76
N LEU A 158 -24.24 16.47 52.93
CA LEU A 158 -24.66 15.14 52.49
C LEU A 158 -24.52 14.90 50.99
N VAL A 159 -24.53 15.97 50.22
CA VAL A 159 -24.53 15.91 48.76
C VAL A 159 -23.68 17.05 48.24
N PRO A 160 -22.35 17.01 48.49
CA PRO A 160 -21.52 18.16 48.10
C PRO A 160 -21.36 18.28 46.57
N ILE A 161 -21.24 19.51 46.10
CA ILE A 161 -21.15 19.81 44.67
C ILE A 161 -19.77 20.45 44.37
N GLY A 162 -19.11 19.99 43.30
CA GLY A 162 -17.84 20.59 42.87
C GLY A 162 -17.84 21.32 41.53
N ARG A 163 -16.81 22.14 41.31
CA ARG A 163 -16.67 22.93 40.08
C ARG A 163 -16.57 22.01 38.87
N GLY A 164 -17.65 22.00 38.08
CA GLY A 164 -17.73 21.17 36.89
C GLY A 164 -18.76 20.06 37.03
N GLN A 165 -19.38 19.97 38.21
CA GLN A 165 -20.37 18.92 38.46
C GLN A 165 -21.75 19.25 37.90
N ARG A 166 -22.43 18.23 37.40
CA ARG A 166 -23.84 18.37 37.06
C ARG A 166 -24.58 17.66 38.17
N GLU A 167 -25.38 18.42 38.91
CA GLU A 167 -26.13 17.87 40.04
C GLU A 167 -27.59 18.17 39.87
N LEU A 168 -28.39 17.12 39.69
CA LEU A 168 -29.82 17.29 39.43
C LEU A 168 -30.61 17.58 40.70
N ILE A 169 -31.43 18.62 40.66
CA ILE A 169 -32.47 18.88 41.65
C ILE A 169 -33.75 18.28 41.08
N ILE A 170 -34.42 17.42 41.83
CA ILE A 170 -35.53 16.66 41.25
C ILE A 170 -36.62 16.39 42.27
N GLY A 171 -37.87 16.40 41.82
CA GLY A 171 -39.00 16.11 42.69
C GLY A 171 -40.30 16.67 42.18
N ASP A 172 -41.39 16.31 42.85
CA ASP A 172 -42.72 16.78 42.51
C ASP A 172 -42.78 18.30 42.56
N ARG A 173 -43.86 18.86 42.01
CA ARG A 173 -44.10 20.31 42.06
C ARG A 173 -44.24 20.77 43.50
N GLN A 174 -43.91 22.04 43.74
CA GLN A 174 -44.00 22.66 45.06
C GLN A 174 -43.25 21.92 46.19
N THR A 175 -41.96 21.63 45.98
CA THR A 175 -41.17 20.93 47.01
C THR A 175 -39.83 21.58 47.37
N GLY A 176 -39.50 22.71 46.76
CA GLY A 176 -38.29 23.45 47.10
C GLY A 176 -37.16 23.36 46.10
N LYS A 177 -37.45 22.76 44.94
CA LYS A 177 -36.50 22.67 43.83
C LYS A 177 -35.82 24.01 43.49
N THR A 178 -36.62 25.02 43.18
CA THR A 178 -36.05 26.30 42.78
C THR A 178 -35.37 26.89 43.97
N ALA A 179 -36.03 26.81 45.12
CA ALA A 179 -35.47 27.35 46.37
C ALA A 179 -34.05 26.84 46.66
N VAL A 180 -33.76 25.61 46.26
CA VAL A 180 -32.41 25.09 46.45
C VAL A 180 -31.41 25.78 45.54
N ALA A 181 -31.79 25.96 44.28
CA ALA A 181 -30.93 26.66 43.31
C ALA A 181 -30.74 28.12 43.69
N LEU A 182 -31.83 28.78 44.07
CA LEU A 182 -31.82 30.17 44.42
C LEU A 182 -30.93 30.44 45.65
N ASP A 183 -31.15 29.72 46.74
CA ASP A 183 -30.34 29.89 47.93
C ASP A 183 -28.85 29.71 47.63
N THR A 184 -28.54 28.77 46.74
CA THR A 184 -27.18 28.51 46.28
C THR A 184 -26.59 29.71 45.56
N ILE A 185 -27.32 30.22 44.56
CA ILE A 185 -26.96 31.48 43.89
C ILE A 185 -26.71 32.60 44.90
N LEU A 186 -27.55 32.64 45.94
CA LEU A 186 -27.40 33.63 47.01
C LEU A 186 -26.11 33.51 47.82
N ASN A 187 -25.78 32.28 48.21
CA ASN A 187 -24.57 31.98 48.99
C ASN A 187 -23.25 32.44 48.36
N GLN A 188 -23.29 32.76 47.06
CA GLN A 188 -22.08 33.09 46.29
C GLN A 188 -21.61 34.52 46.47
N LYS A 189 -22.44 35.34 47.14
CA LYS A 189 -22.02 36.69 47.48
C LYS A 189 -20.74 36.63 48.30
N ARG A 190 -20.64 35.65 49.20
CA ARG A 190 -19.43 35.44 50.00
C ARG A 190 -18.14 35.70 49.25
N TRP A 191 -18.05 35.20 48.03
CA TRP A 191 -16.83 35.37 47.22
C TRP A 191 -17.00 36.43 46.14
N ASN A 192 -18.22 36.56 45.63
CA ASN A 192 -18.48 37.51 44.56
C ASN A 192 -18.26 38.97 44.96
N ASN A 193 -18.46 39.26 46.22
CA ASN A 193 -18.12 40.57 46.76
C ASN A 193 -16.62 40.73 47.07
N GLY A 194 -15.83 39.74 46.68
CA GLY A 194 -14.39 39.78 46.86
C GLY A 194 -13.60 40.13 45.62
N SER A 195 -12.29 40.22 45.78
CA SER A 195 -11.37 40.60 44.70
C SER A 195 -10.93 39.40 43.88
N ASP A 196 -10.76 38.27 44.55
CA ASP A 196 -10.16 37.08 43.95
C ASP A 196 -11.10 36.47 42.93
N GLU A 197 -10.74 36.63 41.66
CA GLU A 197 -11.52 36.15 40.52
C GLU A 197 -11.65 34.67 40.55
N SER A 198 -10.53 33.99 40.75
CA SER A 198 -10.49 32.54 40.68
C SER A 198 -11.48 31.90 41.66
N LYS A 199 -11.95 32.68 42.63
CA LYS A 199 -12.88 32.19 43.65
C LYS A 199 -14.35 32.44 43.34
N LYS A 200 -14.63 33.44 42.52
CA LYS A 200 -15.99 33.83 42.16
C LYS A 200 -16.75 32.76 41.37
N LEU A 201 -18.07 32.78 41.50
CA LEU A 201 -18.95 31.89 40.76
C LEU A 201 -20.11 32.70 40.20
N TYR A 202 -20.08 32.99 38.91
CA TYR A 202 -21.13 33.80 38.25
C TYR A 202 -22.33 32.95 37.90
N CYS A 203 -23.53 33.48 38.10
CA CYS A 203 -24.71 32.64 38.04
C CYS A 203 -25.57 32.94 36.83
N VAL A 204 -25.95 31.88 36.11
CA VAL A 204 -26.86 31.98 34.97
C VAL A 204 -28.11 31.22 35.32
N TYR A 205 -29.24 31.91 35.39
CA TYR A 205 -30.52 31.27 35.65
C TYR A 205 -31.38 31.20 34.38
N VAL A 206 -31.78 29.99 34.00
CA VAL A 206 -32.53 29.75 32.77
C VAL A 206 -33.98 29.36 33.05
N ALA A 207 -34.90 30.29 32.84
CA ALA A 207 -36.32 30.03 33.07
C ALA A 207 -37.03 29.52 31.82
N VAL A 208 -37.47 28.27 31.86
CA VAL A 208 -38.14 27.68 30.71
C VAL A 208 -39.58 27.37 31.05
N GLY A 209 -40.51 28.00 30.35
CA GLY A 209 -41.92 27.66 30.44
C GLY A 209 -42.59 28.07 31.73
N GLN A 210 -41.92 28.91 32.50
CA GLN A 210 -42.53 29.53 33.68
C GLN A 210 -43.43 30.69 33.24
N LYS A 211 -44.32 31.14 34.13
CA LYS A 211 -45.02 32.41 33.92
C LYS A 211 -44.01 33.57 33.96
N ARG A 212 -44.40 34.74 33.48
CA ARG A 212 -43.50 35.89 33.52
C ARG A 212 -43.44 36.56 34.89
N SER A 213 -44.60 36.68 35.55
CA SER A 213 -44.63 37.20 36.91
C SER A 213 -43.73 36.39 37.87
N THR A 214 -43.59 35.08 37.64
CA THR A 214 -42.68 34.30 38.45
C THR A 214 -41.24 34.78 38.27
N VAL A 215 -40.83 34.96 37.02
CA VAL A 215 -39.48 35.36 36.70
C VAL A 215 -39.26 36.79 37.18
N ALA A 216 -40.26 37.64 36.99
CA ALA A 216 -40.24 38.98 37.55
C ALA A 216 -39.97 38.94 39.06
N GLN A 217 -40.75 38.17 39.80
CA GLN A 217 -40.54 38.07 41.25
C GLN A 217 -39.15 37.51 41.59
N LEU A 218 -38.70 36.48 40.87
CA LEU A 218 -37.35 35.94 41.07
C LEU A 218 -36.25 37.01 40.90
N VAL A 219 -36.30 37.74 39.79
CA VAL A 219 -35.37 38.83 39.53
C VAL A 219 -35.38 39.83 40.69
N GLN A 220 -36.59 40.18 41.12
CA GLN A 220 -36.80 41.04 42.26
C GLN A 220 -36.05 40.52 43.50
N THR A 221 -36.14 39.22 43.74
CA THR A 221 -35.55 38.59 44.92
C THR A 221 -34.03 38.64 44.90
N LEU A 222 -33.42 38.31 43.75
CA LEU A 222 -31.97 38.44 43.57
C LEU A 222 -31.49 39.86 43.88
N GLU A 223 -32.22 40.85 43.35
CA GLU A 223 -31.92 42.25 43.56
C GLU A 223 -31.98 42.63 45.03
N GLN A 224 -33.04 42.21 45.70
CA GLN A 224 -33.18 42.44 47.14
C GLN A 224 -31.99 41.88 47.92
N HIS A 225 -31.53 40.68 47.53
CA HIS A 225 -30.39 40.05 48.17
C HIS A 225 -29.10 40.34 47.44
N ASP A 226 -29.07 41.46 46.71
CA ASP A 226 -27.89 41.95 46.01
C ASP A 226 -27.12 40.88 45.26
N ALA A 227 -27.84 39.95 44.62
CA ALA A 227 -27.24 38.80 43.92
C ALA A 227 -27.33 38.93 42.40
N MET A 228 -28.23 39.81 41.97
CA MET A 228 -28.51 40.09 40.57
C MET A 228 -27.26 40.60 39.82
N LYS A 229 -26.42 41.33 40.53
CA LYS A 229 -25.22 41.94 39.94
C LYS A 229 -24.22 40.93 39.45
N TYR A 230 -24.28 39.70 39.94
CA TYR A 230 -23.43 38.62 39.43
C TYR A 230 -24.18 37.53 38.64
N SER A 231 -25.43 37.79 38.29
CA SER A 231 -26.22 36.80 37.59
C SER A 231 -26.68 37.28 36.25
N ILE A 232 -26.99 36.31 35.39
CA ILE A 232 -27.63 36.56 34.11
C ILE A 232 -28.88 35.71 34.11
N ILE A 233 -30.02 36.31 33.76
CA ILE A 233 -31.28 35.59 33.63
C ILE A 233 -31.66 35.37 32.15
N VAL A 234 -31.86 34.10 31.76
CA VAL A 234 -32.29 33.77 30.41
C VAL A 234 -33.69 33.24 30.53
N ALA A 235 -34.66 33.93 29.96
CA ALA A 235 -36.08 33.56 30.12
C ALA A 235 -36.72 33.19 28.79
N ALA A 236 -37.32 32.01 28.74
CA ALA A 236 -38.17 31.65 27.62
C ALA A 236 -39.48 31.15 28.23
N THR A 237 -40.40 32.08 28.43
CA THR A 237 -41.54 31.84 29.32
C THR A 237 -42.68 31.04 28.69
N ALA A 238 -43.78 30.96 29.43
CA ALA A 238 -44.89 30.05 29.13
C ALA A 238 -45.51 30.25 27.76
N SER A 239 -45.65 31.52 27.35
CA SER A 239 -46.40 31.84 26.14
C SER A 239 -45.51 31.90 24.89
N GLU A 240 -44.19 31.81 25.06
CA GLU A 240 -43.26 31.98 23.94
C GLU A 240 -43.20 30.74 23.08
N ALA A 241 -43.03 30.95 21.77
CA ALA A 241 -43.02 29.85 20.80
C ALA A 241 -42.09 28.70 21.22
N ALA A 242 -42.52 27.47 20.98
CA ALA A 242 -41.73 26.29 21.36
C ALA A 242 -40.24 26.42 21.06
N PRO A 243 -39.85 26.76 19.81
CA PRO A 243 -38.43 26.73 19.51
C PRO A 243 -37.57 27.53 20.50
N LEU A 244 -38.13 28.60 21.06
CA LEU A 244 -37.38 29.48 21.97
C LEU A 244 -37.14 28.85 23.35
N GLN A 245 -38.14 28.13 23.86
CA GLN A 245 -37.97 27.38 25.11
C GLN A 245 -37.00 26.24 24.88
N TYR A 246 -37.09 25.63 23.69
CA TYR A 246 -36.14 24.62 23.26
C TYR A 246 -34.73 25.18 23.20
N LEU A 247 -34.58 26.39 22.69
CA LEU A 247 -33.26 27.00 22.55
C LEU A 247 -32.68 27.54 23.86
N ALA A 248 -33.56 27.92 24.78
CA ALA A 248 -33.12 28.57 26.01
C ALA A 248 -31.92 27.86 26.68
N PRO A 249 -32.09 26.58 27.10
CA PRO A 249 -30.99 26.00 27.85
C PRO A 249 -29.65 26.03 27.12
N PHE A 250 -29.65 25.88 25.80
CA PHE A 250 -28.40 25.78 25.01
C PHE A 250 -27.77 27.13 24.88
N THR A 251 -28.62 28.14 24.75
CA THR A 251 -28.21 29.51 24.56
C THR A 251 -27.51 29.99 25.81
N ALA A 252 -28.11 29.68 26.96
CA ALA A 252 -27.59 30.11 28.23
C ALA A 252 -26.32 29.33 28.53
N ALA A 253 -26.27 28.09 28.06
CA ALA A 253 -25.07 27.26 28.17
C ALA A 253 -23.85 27.85 27.46
N SER A 254 -24.07 28.58 26.36
CA SER A 254 -23.01 29.29 25.66
C SER A 254 -22.60 30.52 26.45
N ILE A 255 -23.60 31.17 27.03
CA ILE A 255 -23.41 32.36 27.84
C ILE A 255 -22.53 32.02 29.05
N GLY A 256 -22.78 30.85 29.64
CA GLY A 256 -22.03 30.37 30.77
C GLY A 256 -20.67 29.88 30.34
N GLU A 257 -20.57 29.44 29.09
CA GLU A 257 -19.31 28.88 28.58
C GLU A 257 -18.27 29.96 28.38
N TRP A 258 -18.70 31.19 28.08
CA TRP A 258 -17.74 32.30 27.98
C TRP A 258 -16.83 32.34 29.22
N PHE A 259 -17.45 32.18 30.39
CA PHE A 259 -16.73 32.09 31.65
C PHE A 259 -15.82 30.86 31.70
N ARG A 260 -16.40 29.68 31.46
CA ARG A 260 -15.67 28.43 31.56
C ARG A 260 -14.45 28.45 30.66
N ASP A 261 -14.56 29.13 29.52
CA ASP A 261 -13.47 29.12 28.57
C ASP A 261 -12.31 30.05 28.93
N ASN A 262 -12.55 30.96 29.87
CA ASN A 262 -11.57 31.97 30.24
C ASN A 262 -11.12 31.87 31.69
N GLY A 263 -10.93 30.64 32.16
CA GLY A 263 -10.47 30.38 33.53
C GLY A 263 -11.32 31.05 34.59
N LYS A 264 -12.63 31.09 34.38
CA LYS A 264 -13.57 31.63 35.35
C LYS A 264 -14.67 30.62 35.56
N HIS A 265 -15.47 30.82 36.61
CA HIS A 265 -16.44 29.82 37.00
C HIS A 265 -17.84 30.36 36.94
N ALA A 266 -18.67 29.68 36.15
CA ALA A 266 -20.08 29.98 36.06
C ALA A 266 -20.86 28.81 36.65
N LEU A 267 -21.95 29.13 37.34
CA LEU A 267 -22.95 28.14 37.73
C LEU A 267 -24.19 28.37 36.88
N ILE A 268 -24.67 27.34 36.20
CA ILE A 268 -25.91 27.45 35.41
C ILE A 268 -27.04 26.58 35.98
N VAL A 269 -28.22 27.19 36.12
CA VAL A 269 -29.42 26.52 36.60
C VAL A 269 -30.47 26.45 35.49
N TYR A 270 -30.82 25.24 35.10
CA TYR A 270 -31.79 25.03 34.06
C TYR A 270 -33.14 24.72 34.70
N ASP A 271 -34.03 25.71 34.75
CA ASP A 271 -35.30 25.56 35.42
C ASP A 271 -36.47 25.71 34.46
N ASP A 272 -37.08 24.60 34.05
CA ASP A 272 -36.57 23.26 34.31
C ASP A 272 -36.48 22.50 32.99
N LEU A 273 -35.78 21.37 33.00
CA LEU A 273 -35.59 20.60 31.76
C LEU A 273 -36.80 19.72 31.45
N SER A 274 -37.74 19.64 32.39
CA SER A 274 -38.96 18.93 32.15
C SER A 274 -39.74 19.70 31.09
N LYS A 275 -39.85 21.01 31.29
CA LYS A 275 -40.58 21.91 30.40
C LYS A 275 -39.88 22.14 29.04
N GLN A 276 -38.54 22.12 29.00
CA GLN A 276 -37.84 22.22 27.72
C GLN A 276 -38.14 20.99 26.84
N ALA A 277 -38.12 19.81 27.45
CA ALA A 277 -38.40 18.56 26.75
C ALA A 277 -39.80 18.56 26.12
N VAL A 278 -40.76 19.13 26.83
CA VAL A 278 -42.11 19.32 26.29
C VAL A 278 -42.04 20.26 25.09
N ALA A 279 -41.29 21.35 25.20
CA ALA A 279 -41.15 22.28 24.09
C ALA A 279 -40.50 21.62 22.89
N TYR A 280 -39.55 20.72 23.14
CA TYR A 280 -38.85 20.06 22.04
C TYR A 280 -39.80 19.12 21.34
N ARG A 281 -40.54 18.36 22.13
CA ARG A 281 -41.58 17.47 21.61
C ARG A 281 -42.52 18.25 20.72
N GLN A 282 -42.83 19.49 21.12
CA GLN A 282 -43.78 20.27 20.36
C GLN A 282 -43.33 20.50 18.91
N LEU A 283 -42.12 21.05 18.70
CA LEU A 283 -41.56 21.18 17.34
C LEU A 283 -41.72 19.89 16.56
N SER A 284 -41.21 18.82 17.14
CA SER A 284 -41.05 17.56 16.45
C SER A 284 -42.38 16.96 16.02
N LEU A 285 -43.36 16.94 16.92
CA LEU A 285 -44.68 16.44 16.56
C LEU A 285 -45.26 17.28 15.41
N LEU A 286 -44.98 18.59 15.44
CA LEU A 286 -45.52 19.52 14.45
C LEU A 286 -44.80 19.52 13.10
N LEU A 287 -43.51 19.21 13.11
CA LEU A 287 -42.73 19.06 11.88
C LEU A 287 -42.98 17.69 11.28
N ARG A 288 -43.78 16.90 11.99
CA ARG A 288 -44.07 15.52 11.63
C ARG A 288 -42.83 14.63 11.62
N ARG A 289 -41.80 15.04 12.37
CA ARG A 289 -40.64 14.18 12.58
C ARG A 289 -41.10 12.94 13.35
N PRO A 290 -40.44 11.78 13.15
CA PRO A 290 -40.90 10.51 13.76
C PRO A 290 -40.93 10.52 15.28
N PRO A 291 -42.07 10.14 15.88
CA PRO A 291 -42.21 10.17 17.32
C PRO A 291 -41.82 8.85 17.99
N GLY A 292 -41.48 8.93 19.28
CA GLY A 292 -41.17 7.76 20.07
C GLY A 292 -42.02 7.68 21.33
N ARG A 293 -41.43 7.08 22.36
CA ARG A 293 -42.07 6.86 23.66
C ARG A 293 -42.55 8.17 24.26
N GLU A 294 -43.82 8.18 24.66
CA GLU A 294 -44.56 9.36 25.14
C GLU A 294 -44.56 10.48 24.12
N ALA A 295 -44.51 10.12 22.84
CA ALA A 295 -44.52 11.06 21.72
C ALA A 295 -43.33 12.04 21.66
N TYR A 296 -42.29 11.78 22.47
CA TYR A 296 -41.05 12.56 22.37
C TYR A 296 -40.24 12.11 21.16
N PRO A 297 -39.42 13.01 20.60
CA PRO A 297 -38.49 12.71 19.52
C PRO A 297 -37.53 11.60 19.90
N GLY A 298 -37.23 10.72 18.95
CA GLY A 298 -36.43 9.52 19.20
C GLY A 298 -35.16 9.79 19.97
N ASP A 299 -34.64 11.00 19.82
CA ASP A 299 -33.41 11.43 20.45
C ASP A 299 -33.64 12.38 21.63
N VAL A 300 -34.72 12.20 22.38
CA VAL A 300 -35.00 13.12 23.49
C VAL A 300 -33.90 13.04 24.56
N PHE A 301 -33.23 11.89 24.61
CA PHE A 301 -32.10 11.66 25.51
C PHE A 301 -30.96 12.59 25.15
N TYR A 302 -30.62 12.60 23.86
CA TYR A 302 -29.52 13.42 23.35
C TYR A 302 -29.77 14.92 23.42
N LEU A 303 -31.04 15.31 23.49
CA LEU A 303 -31.36 16.70 23.71
C LEU A 303 -30.74 17.14 25.02
N HIS A 304 -30.73 16.24 26.00
CA HIS A 304 -30.32 16.57 27.37
C HIS A 304 -28.88 16.22 27.72
N SER A 305 -28.33 15.26 26.99
CA SER A 305 -26.98 14.81 27.25
C SER A 305 -25.99 15.66 26.47
N ARG A 306 -26.45 16.17 25.34
CA ARG A 306 -25.69 17.12 24.56
C ARG A 306 -25.50 18.38 25.39
N LEU A 307 -26.59 18.84 25.99
CA LEU A 307 -26.61 20.02 26.84
C LEU A 307 -25.73 19.88 28.08
N LEU A 308 -25.96 18.83 28.88
CA LEU A 308 -25.34 18.68 30.20
C LEU A 308 -23.89 18.23 30.21
N GLU A 309 -23.36 17.86 29.05
CA GLU A 309 -21.94 17.52 28.96
C GLU A 309 -21.11 18.78 28.74
N ARG A 310 -21.80 19.88 28.46
CA ARG A 310 -21.16 21.16 28.22
C ARG A 310 -20.71 21.79 29.54
N ALA A 311 -21.35 21.39 30.63
CA ALA A 311 -20.84 21.69 31.97
C ALA A 311 -19.68 20.76 32.27
N ALA A 312 -18.53 21.34 32.57
CA ALA A 312 -17.31 20.58 32.76
C ALA A 312 -16.31 21.37 33.59
N LYS A 313 -15.37 20.66 34.21
CA LYS A 313 -14.16 21.28 34.76
C LYS A 313 -13.03 21.05 33.72
N LEU A 314 -12.21 22.07 33.47
CA LEU A 314 -11.25 22.01 32.37
C LEU A 314 -9.82 21.80 32.83
N SER A 315 -9.05 21.12 31.99
CA SER A 315 -7.63 20.85 32.21
C SER A 315 -6.80 22.10 32.44
N GLU A 316 -5.65 21.93 33.11
CA GLU A 316 -4.72 23.03 33.37
C GLU A 316 -4.43 23.77 32.06
N LYS A 317 -4.03 23.02 31.05
CA LYS A 317 -3.70 23.52 29.71
C LYS A 317 -4.81 24.37 29.08
N GLU A 318 -6.01 24.37 29.67
CA GLU A 318 -7.13 25.08 29.06
C GLU A 318 -7.78 26.15 29.96
N GLY A 319 -7.22 26.39 31.13
CA GLY A 319 -7.66 27.50 31.97
C GLY A 319 -8.18 27.14 33.34
N SER A 320 -8.46 25.86 33.53
CA SER A 320 -9.04 25.36 34.79
C SER A 320 -10.44 25.96 35.03
N GLY A 321 -10.97 26.62 34.01
CA GLY A 321 -12.33 27.13 34.06
C GLY A 321 -13.35 26.02 34.26
N SER A 322 -14.51 26.38 34.77
CA SER A 322 -15.55 25.42 35.10
C SER A 322 -16.93 25.96 34.83
N LEU A 323 -17.78 25.11 34.26
CA LEU A 323 -19.22 25.32 34.24
C LEU A 323 -19.89 24.21 35.04
N THR A 324 -20.65 24.62 36.05
CA THR A 324 -21.37 23.70 36.91
C THR A 324 -22.85 23.89 36.65
N ALA A 325 -23.54 22.78 36.39
CA ALA A 325 -24.96 22.82 36.10
C ALA A 325 -25.80 22.24 37.23
N LEU A 326 -26.85 22.98 37.59
CA LEU A 326 -27.92 22.48 38.44
C LEU A 326 -29.21 22.40 37.61
N PRO A 327 -29.39 21.28 36.87
CA PRO A 327 -30.67 21.07 36.15
C PRO A 327 -31.81 20.73 37.11
N VAL A 328 -33.03 20.92 36.63
CA VAL A 328 -34.21 20.65 37.45
C VAL A 328 -35.17 19.81 36.63
N ILE A 329 -35.65 18.72 37.23
CA ILE A 329 -36.70 17.92 36.62
C ILE A 329 -37.88 17.83 37.59
N GLU A 330 -39.08 18.04 37.08
CA GLU A 330 -40.27 17.81 37.85
C GLU A 330 -40.72 16.37 37.63
N THR A 331 -41.16 15.72 38.71
CA THR A 331 -41.68 14.36 38.59
C THR A 331 -43.18 14.39 38.82
N GLN A 332 -43.84 13.31 38.41
CA GLN A 332 -45.24 13.12 38.74
C GLN A 332 -45.35 12.06 39.82
N GLY A 333 -46.01 12.42 40.91
CA GLY A 333 -46.15 11.53 42.07
C GLY A 333 -44.86 10.85 42.46
N GLY A 334 -43.77 11.59 42.49
CA GLY A 334 -42.48 11.04 42.88
C GLY A 334 -41.90 9.94 42.01
N ASP A 335 -42.61 9.58 40.93
CA ASP A 335 -42.14 8.50 40.05
C ASP A 335 -40.87 8.86 39.27
N VAL A 336 -39.72 8.44 39.81
CA VAL A 336 -38.40 8.72 39.23
C VAL A 336 -38.04 7.77 38.09
N SER A 337 -38.89 6.76 37.85
CA SER A 337 -38.70 5.79 36.77
C SER A 337 -39.35 6.23 35.49
N ALA A 338 -40.03 7.38 35.54
CA ALA A 338 -40.64 8.00 34.39
C ALA A 338 -39.60 8.24 33.29
N TYR A 339 -40.05 8.33 32.04
CA TYR A 339 -39.13 8.40 30.91
C TYR A 339 -38.02 9.51 31.04
N ILE A 340 -38.41 10.77 31.10
CA ILE A 340 -37.46 11.88 31.15
C ILE A 340 -36.64 11.95 32.46
N PRO A 341 -37.30 11.82 33.62
CA PRO A 341 -36.50 11.80 34.85
C PRO A 341 -35.31 10.82 34.78
N THR A 342 -35.57 9.55 34.49
CA THR A 342 -34.50 8.56 34.33
C THR A 342 -33.45 9.00 33.31
N ASN A 343 -33.90 9.57 32.18
CA ASN A 343 -32.96 10.06 31.18
C ASN A 343 -31.93 10.99 31.82
N VAL A 344 -32.43 12.00 32.53
CA VAL A 344 -31.59 13.00 33.14
C VAL A 344 -30.84 12.49 34.38
N ILE A 345 -31.51 11.67 35.20
CA ILE A 345 -30.88 11.03 36.37
C ILE A 345 -29.61 10.30 35.94
N SER A 346 -29.68 9.70 34.76
CA SER A 346 -28.58 8.90 34.20
C SER A 346 -27.52 9.74 33.51
N ILE A 347 -27.84 11.02 33.27
CA ILE A 347 -26.89 11.93 32.65
C ILE A 347 -26.03 12.63 33.72
N THR A 348 -26.70 13.14 34.74
CA THR A 348 -26.09 13.93 35.81
C THR A 348 -25.17 13.11 36.72
N ASP A 349 -24.34 13.81 37.50
CA ASP A 349 -23.48 13.16 38.50
C ASP A 349 -24.15 13.05 39.87
N GLY A 350 -25.47 12.91 39.90
CA GLY A 350 -26.15 12.80 41.17
C GLY A 350 -27.44 13.58 41.29
N GLN A 351 -28.25 13.16 42.25
CA GLN A 351 -29.57 13.72 42.43
C GLN A 351 -29.64 14.37 43.79
N ILE A 352 -30.53 15.35 43.91
CA ILE A 352 -31.04 15.79 45.19
C ILE A 352 -32.55 15.62 45.04
N PHE A 353 -33.07 14.51 45.55
CA PHE A 353 -34.48 14.22 45.44
C PHE A 353 -35.23 14.80 46.61
N LEU A 354 -36.21 15.65 46.32
CA LEU A 354 -37.01 16.28 47.37
C LEU A 354 -38.38 15.62 47.49
N GLU A 355 -38.87 15.47 48.71
CA GLU A 355 -40.09 14.69 48.95
C GLU A 355 -41.19 15.49 49.67
N ALA A 356 -42.36 15.57 49.03
CA ALA A 356 -43.48 16.33 49.57
C ALA A 356 -43.85 15.87 50.96
N GLU A 357 -43.69 14.56 51.20
CA GLU A 357 -43.88 13.92 52.50
C GLU A 357 -43.11 14.70 53.55
N LEU A 358 -41.79 14.76 53.34
CA LEU A 358 -40.90 15.47 54.24
C LEU A 358 -41.21 16.94 54.27
N PHE A 359 -41.55 17.50 53.12
CA PHE A 359 -41.88 18.91 53.04
C PHE A 359 -42.90 19.31 54.10
N TYR A 360 -44.06 18.63 54.11
CA TYR A 360 -45.14 18.98 55.06
C TYR A 360 -44.79 18.67 56.50
N LYS A 361 -43.93 17.67 56.70
CA LYS A 361 -43.44 17.33 58.02
C LYS A 361 -42.73 18.54 58.64
N GLY A 362 -42.12 19.35 57.78
CA GLY A 362 -41.43 20.56 58.19
C GLY A 362 -39.96 20.50 57.83
N ILE A 363 -39.49 19.30 57.48
CA ILE A 363 -38.09 19.06 57.12
C ILE A 363 -37.75 19.71 55.79
N ARG A 364 -37.19 20.92 55.86
CA ARG A 364 -36.90 21.71 54.67
C ARG A 364 -35.50 22.29 54.68
N PRO A 365 -34.73 22.10 53.59
CA PRO A 365 -35.04 21.39 52.34
C PRO A 365 -35.43 19.94 52.55
N ALA A 366 -36.40 19.45 51.78
CA ALA A 366 -36.89 18.07 51.90
C ALA A 366 -36.02 17.02 51.19
N ILE A 367 -34.71 17.04 51.46
CA ILE A 367 -33.80 16.12 50.81
C ILE A 367 -34.04 14.72 51.32
N ASN A 368 -34.39 13.82 50.41
CA ASN A 368 -34.45 12.39 50.74
C ASN A 368 -33.04 11.82 50.77
N VAL A 369 -32.54 11.49 51.96
CA VAL A 369 -31.13 11.07 52.07
C VAL A 369 -30.91 9.76 51.32
N GLY A 370 -31.92 8.89 51.36
CA GLY A 370 -31.87 7.62 50.67
C GLY A 370 -31.72 7.62 49.15
N LEU A 371 -32.38 8.53 48.45
CA LEU A 371 -32.32 8.51 47.00
C LEU A 371 -31.47 9.62 46.43
N SER A 372 -30.72 10.30 47.29
CA SER A 372 -29.88 11.39 46.84
C SER A 372 -28.40 11.04 46.95
N VAL A 373 -27.63 11.48 45.96
CA VAL A 373 -26.19 11.31 45.98
C VAL A 373 -25.48 12.42 45.25
N SER A 374 -24.21 12.59 45.61
CA SER A 374 -23.25 13.28 44.76
C SER A 374 -22.25 12.21 44.34
N ARG A 375 -22.20 11.91 43.04
CA ARG A 375 -21.32 10.88 42.54
C ARG A 375 -19.86 11.31 42.63
N VAL A 376 -19.63 12.62 42.59
CA VAL A 376 -18.32 13.20 42.90
C VAL A 376 -17.98 12.93 44.36
N GLY A 377 -19.00 12.93 45.22
CA GLY A 377 -18.81 12.60 46.63
C GLY A 377 -17.88 13.56 47.33
N SER A 378 -17.03 13.04 48.21
CA SER A 378 -16.16 13.86 49.03
C SER A 378 -15.21 14.76 48.27
N ALA A 379 -14.75 14.30 47.11
CA ALA A 379 -13.72 14.98 46.33
C ALA A 379 -13.94 16.48 46.17
N ALA A 380 -15.19 16.91 46.31
CA ALA A 380 -15.56 18.32 46.21
C ALA A 380 -16.38 18.79 47.41
N GLN A 381 -15.96 18.34 48.59
CA GLN A 381 -16.51 18.83 49.85
C GLN A 381 -15.38 19.53 50.60
N VAL A 382 -15.68 20.63 51.28
CA VAL A 382 -14.66 21.35 52.06
C VAL A 382 -14.08 20.41 53.15
N LYS A 383 -12.79 20.06 53.06
CA LYS A 383 -12.22 19.06 53.98
C LYS A 383 -12.68 19.26 55.42
N ALA A 384 -12.63 20.50 55.92
CA ALA A 384 -13.11 20.83 57.25
C ALA A 384 -14.48 20.21 57.51
N LEU A 385 -15.35 20.32 56.52
CA LEU A 385 -16.70 19.80 56.60
C LEU A 385 -16.68 18.28 56.49
N LYS A 386 -15.97 17.74 55.52
CA LYS A 386 -15.81 16.29 55.39
C LYS A 386 -15.28 15.66 56.68
N GLN A 387 -14.55 16.44 57.47
CA GLN A 387 -13.95 15.96 58.70
C GLN A 387 -14.98 15.70 59.79
N VAL A 388 -15.84 16.67 60.03
CA VAL A 388 -16.89 16.50 61.04
C VAL A 388 -18.11 15.82 60.44
N ALA A 389 -18.36 16.07 59.15
CA ALA A 389 -19.64 15.69 58.53
C ALA A 389 -19.68 14.26 58.06
N GLY A 390 -18.53 13.72 57.64
CA GLY A 390 -18.43 12.36 57.09
C GLY A 390 -19.28 11.34 57.80
N SER A 391 -19.86 10.42 57.01
CA SER A 391 -20.72 9.33 57.51
C SER A 391 -22.04 9.78 58.15
N LEU A 392 -22.34 11.08 58.07
CA LEU A 392 -23.61 11.59 58.58
C LEU A 392 -24.77 11.00 57.78
N LYS A 393 -24.62 11.01 56.45
CA LYS A 393 -25.60 10.47 55.52
C LYS A 393 -25.89 9.01 55.85
N LEU A 394 -24.83 8.26 56.17
CA LEU A 394 -24.97 6.87 56.57
C LEU A 394 -25.70 6.71 57.91
N PHE A 395 -25.48 7.62 58.87
CA PHE A 395 -26.18 7.52 60.16
C PHE A 395 -27.63 7.76 59.92
N LEU A 396 -27.94 8.89 59.30
CA LEU A 396 -29.31 9.21 58.89
C LEU A 396 -29.89 8.01 58.14
N ALA A 397 -29.01 7.24 57.48
CA ALA A 397 -29.41 6.03 56.79
C ALA A 397 -30.01 5.01 57.74
N GLN A 398 -29.21 4.57 58.70
CA GLN A 398 -29.66 3.61 59.69
C GLN A 398 -30.78 4.21 60.56
N TYR A 399 -30.75 5.52 60.78
CA TYR A 399 -31.80 6.20 61.54
C TYR A 399 -33.16 6.11 60.84
N ARG A 400 -33.18 6.12 59.51
CA ARG A 400 -34.41 5.93 58.76
C ARG A 400 -35.07 4.63 59.19
N GLU A 401 -34.37 3.53 58.91
CA GLU A 401 -34.80 2.16 59.21
C GLU A 401 -35.34 2.03 60.63
N VAL A 402 -34.48 2.32 61.61
CA VAL A 402 -34.77 2.15 63.02
C VAL A 402 -36.00 2.94 63.47
N ALA A 403 -36.13 4.18 63.00
CA ALA A 403 -37.28 5.04 63.33
C ALA A 403 -38.63 4.45 62.90
N ALA A 404 -38.65 3.82 61.73
CA ALA A 404 -39.82 3.09 61.22
C ALA A 404 -39.86 1.62 61.69
N PHE A 405 -38.93 1.29 62.59
CA PHE A 405 -38.83 -0.03 63.24
C PHE A 405 -39.12 0.14 64.73
N ALA A 406 -39.00 1.39 65.20
CA ALA A 406 -39.43 1.81 66.54
C ALA A 406 -40.86 2.33 66.51
N GLN A 407 -41.39 2.50 65.30
CA GLN A 407 -42.79 2.86 65.05
C GLN A 407 -43.69 2.08 65.98
N PHE A 408 -43.58 0.75 65.91
CA PHE A 408 -44.37 -0.15 66.73
C PHE A 408 -43.54 -0.86 67.78
N GLY A 409 -42.22 -0.81 67.64
CA GLY A 409 -41.32 -1.34 68.65
C GLY A 409 -41.20 -0.40 69.84
N SER A 410 -42.03 -0.63 70.85
CA SER A 410 -41.97 0.16 72.09
C SER A 410 -40.92 -0.39 73.06
N ASP A 411 -40.40 -1.57 72.72
CA ASP A 411 -39.26 -2.17 73.41
C ASP A 411 -37.99 -1.55 72.83
N LEU A 412 -37.26 -0.83 73.68
CA LEU A 412 -36.14 -0.02 73.22
C LEU A 412 -34.85 -0.31 73.99
N ASP A 413 -33.95 -1.07 73.37
CA ASP A 413 -32.61 -1.28 73.92
C ASP A 413 -31.86 0.04 73.88
N ALA A 414 -31.21 0.40 74.99
CA ALA A 414 -30.51 1.68 75.15
C ALA A 414 -29.61 2.03 73.95
N SER A 415 -29.27 1.00 73.18
CA SER A 415 -28.46 1.13 71.98
C SER A 415 -29.21 1.88 70.87
N THR A 416 -30.37 1.36 70.48
CA THR A 416 -31.16 1.95 69.39
C THR A 416 -31.95 3.20 69.78
N LYS A 417 -32.40 3.25 71.03
CA LYS A 417 -33.16 4.38 71.56
C LYS A 417 -32.31 5.65 71.61
N GLN A 418 -31.05 5.49 72.03
CA GLN A 418 -30.06 6.57 72.03
C GLN A 418 -29.77 7.04 70.61
N THR A 419 -29.82 6.10 69.68
CA THR A 419 -29.59 6.35 68.25
C THR A 419 -30.77 7.10 67.61
N LEU A 420 -31.97 6.96 68.17
CA LEU A 420 -33.11 7.79 67.76
C LEU A 420 -32.87 9.25 68.15
N VAL A 421 -32.30 9.47 69.33
CA VAL A 421 -32.04 10.81 69.86
C VAL A 421 -31.03 11.53 68.98
N ARG A 422 -29.98 10.82 68.57
CA ARG A 422 -28.96 11.36 67.68
C ARG A 422 -29.60 11.68 66.33
N GLY A 423 -30.54 10.82 65.92
CA GLY A 423 -31.24 10.95 64.66
C GLY A 423 -32.12 12.17 64.62
N GLU A 424 -33.00 12.30 65.60
CA GLU A 424 -33.95 13.40 65.67
C GLU A 424 -33.26 14.74 65.80
N ARG A 425 -32.07 14.73 66.38
CA ARG A 425 -31.29 15.94 66.55
C ARG A 425 -30.57 16.40 65.29
N LEU A 426 -29.94 15.43 64.61
CA LEU A 426 -29.28 15.72 63.34
C LEU A 426 -30.30 16.12 62.26
N THR A 427 -31.44 15.43 62.23
CA THR A 427 -32.55 15.81 61.35
C THR A 427 -33.00 17.26 61.59
N GLN A 428 -33.12 17.66 62.86
CA GLN A 428 -33.64 19.00 63.20
C GLN A 428 -32.60 20.08 62.92
N LEU A 429 -31.34 19.70 63.01
CA LEU A 429 -30.26 20.64 62.78
C LEU A 429 -30.21 21.00 61.29
N LEU A 430 -30.62 20.05 60.45
CA LEU A 430 -30.46 20.19 59.02
C LEU A 430 -31.62 20.92 58.33
N LYS A 431 -32.64 21.27 59.12
CA LYS A 431 -33.71 22.16 58.69
C LYS A 431 -33.12 23.53 58.47
N GLN A 432 -33.68 24.29 57.55
CA GLN A 432 -33.14 25.59 57.21
C GLN A 432 -34.17 26.53 56.63
N ASN A 433 -34.14 27.77 57.09
CA ASN A 433 -34.92 28.83 56.48
C ASN A 433 -34.40 29.17 55.10
N GLN A 434 -35.32 29.53 54.22
CA GLN A 434 -35.01 29.92 52.85
C GLN A 434 -34.31 31.26 52.85
N TYR A 435 -33.45 31.50 51.86
CA TYR A 435 -32.64 32.71 51.77
C TYR A 435 -31.75 32.95 52.99
N SER A 436 -31.32 31.89 53.68
CA SER A 436 -30.41 32.05 54.80
C SER A 436 -29.24 31.08 54.73
N PRO A 437 -28.47 31.12 53.63
CA PRO A 437 -27.37 30.18 53.50
C PRO A 437 -26.30 30.48 54.54
N LEU A 438 -25.57 29.46 54.99
CA LEU A 438 -24.52 29.64 56.00
C LEU A 438 -23.15 29.47 55.38
N ALA A 439 -22.15 30.11 55.99
CA ALA A 439 -20.78 29.88 55.57
C ALA A 439 -20.31 28.54 56.12
N THR A 440 -19.29 27.96 55.49
CA THR A 440 -18.75 26.66 55.94
C THR A 440 -18.18 26.77 57.35
N GLU A 441 -17.53 27.90 57.65
CA GLU A 441 -16.99 28.09 59.00
C GLU A 441 -18.10 28.26 60.04
N GLU A 442 -19.34 28.44 59.60
CA GLU A 442 -20.50 28.45 60.49
C GLU A 442 -21.11 27.07 60.53
N GLN A 443 -20.95 26.33 59.43
CA GLN A 443 -21.51 25.00 59.26
C GLN A 443 -20.78 23.92 60.05
N VAL A 444 -19.45 23.96 60.07
CA VAL A 444 -18.71 22.86 60.72
C VAL A 444 -18.90 22.84 62.25
N PRO A 445 -18.84 24.03 62.91
CA PRO A 445 -19.04 24.02 64.36
C PRO A 445 -20.42 23.55 64.75
N LEU A 446 -21.38 23.74 63.85
CA LEU A 446 -22.76 23.32 64.06
C LEU A 446 -22.95 21.82 63.90
N ILE A 447 -22.33 21.25 62.87
CA ILE A 447 -22.42 19.83 62.62
C ILE A 447 -21.62 19.07 63.68
N TYR A 448 -20.49 19.66 64.08
CA TYR A 448 -19.58 19.07 65.06
C TYR A 448 -20.30 18.77 66.38
N ALA A 449 -20.98 19.78 66.90
CA ALA A 449 -21.81 19.64 68.08
C ALA A 449 -22.83 18.51 67.91
N GLY A 450 -23.47 18.48 66.74
CA GLY A 450 -24.50 17.50 66.45
C GLY A 450 -24.02 16.07 66.51
N VAL A 451 -23.08 15.72 65.62
CA VAL A 451 -22.60 14.36 65.44
C VAL A 451 -21.97 13.78 66.69
N ASN A 452 -21.27 14.63 67.45
CA ASN A 452 -20.56 14.18 68.65
C ASN A 452 -21.42 14.09 69.91
N GLY A 453 -22.73 14.12 69.71
CA GLY A 453 -23.68 13.89 70.80
C GLY A 453 -23.93 15.07 71.71
N HIS A 454 -23.22 16.18 71.51
CA HIS A 454 -23.39 17.38 72.33
C HIS A 454 -24.83 17.93 72.30
N LEU A 455 -25.65 17.44 71.38
CA LEU A 455 -27.02 17.94 71.24
C LEU A 455 -28.08 17.03 71.81
N ASP A 456 -27.69 15.79 72.11
CA ASP A 456 -28.58 14.75 72.65
C ASP A 456 -29.26 15.21 73.94
N GLY A 457 -28.50 15.96 74.74
CA GLY A 457 -29.00 16.52 75.99
C GLY A 457 -30.02 17.64 75.82
N ILE A 458 -29.80 18.50 74.83
CA ILE A 458 -30.71 19.60 74.58
C ILE A 458 -32.01 19.10 73.95
N GLU A 459 -33.13 19.47 74.57
CA GLU A 459 -34.49 19.11 74.10
C GLU A 459 -34.79 19.66 72.70
N LEU A 460 -35.53 18.87 71.93
CA LEU A 460 -35.67 19.03 70.48
C LEU A 460 -36.20 20.40 70.03
N SER A 461 -37.12 20.96 70.80
CA SER A 461 -37.73 22.24 70.44
C SER A 461 -36.76 23.41 70.41
N ARG A 462 -35.62 23.25 71.06
CA ARG A 462 -34.67 24.35 71.18
C ARG A 462 -33.37 24.16 70.39
N ILE A 463 -33.37 23.22 69.45
CA ILE A 463 -32.21 23.00 68.57
C ILE A 463 -31.96 24.24 67.71
N GLY A 464 -33.04 24.85 67.24
CA GLY A 464 -32.97 26.07 66.43
C GLY A 464 -32.33 27.24 67.15
N GLU A 465 -32.89 27.56 68.32
CA GLU A 465 -32.33 28.63 69.16
C GLU A 465 -30.91 28.29 69.60
N PHE A 466 -30.54 27.01 69.54
CA PHE A 466 -29.17 26.61 69.81
C PHE A 466 -28.29 27.08 68.66
N GLU A 467 -28.62 26.67 67.44
CA GLU A 467 -27.86 27.13 66.27
C GLU A 467 -27.61 28.63 66.41
N SER A 468 -28.64 29.33 66.87
CA SER A 468 -28.61 30.78 66.96
C SER A 468 -27.59 31.27 67.99
N SER A 469 -27.82 30.96 69.27
CA SER A 469 -26.94 31.39 70.33
C SER A 469 -25.50 30.89 70.16
N PHE A 470 -25.35 29.66 69.69
CA PHE A 470 -24.03 29.05 69.55
C PHE A 470 -23.16 29.81 68.55
N LEU A 471 -23.72 30.10 67.38
CA LEU A 471 -23.01 30.85 66.34
C LEU A 471 -22.54 32.21 66.83
N SER A 472 -23.44 32.99 67.40
CA SER A 472 -23.10 34.34 67.86
C SER A 472 -22.21 34.30 69.10
N TYR A 473 -22.37 33.25 69.90
CA TYR A 473 -21.47 33.03 71.02
C TYR A 473 -20.07 32.80 70.48
N LEU A 474 -19.96 31.89 69.50
CA LEU A 474 -18.69 31.61 68.82
C LEU A 474 -18.13 32.85 68.14
N LYS A 475 -19.03 33.66 67.57
CA LYS A 475 -18.65 34.92 66.92
C LYS A 475 -18.02 35.93 67.88
N SER A 476 -18.66 36.14 69.03
CA SER A 476 -18.14 37.01 70.09
C SER A 476 -16.87 36.46 70.72
N ASN A 477 -16.97 35.22 71.18
CA ASN A 477 -15.99 34.64 72.09
C ASN A 477 -14.92 33.76 71.45
N HIS A 478 -15.29 32.93 70.50
CA HIS A 478 -14.35 31.99 69.92
C HIS A 478 -14.17 32.24 68.43
N ASN A 479 -13.88 33.50 68.12
CA ASN A 479 -13.75 33.95 66.74
C ASN A 479 -12.52 33.41 66.02
N GLU A 480 -11.41 33.24 66.74
CA GLU A 480 -10.15 32.76 66.16
C GLU A 480 -10.34 31.42 65.49
N LEU A 481 -11.19 30.58 66.09
CA LEU A 481 -11.45 29.24 65.62
C LEU A 481 -12.13 29.27 64.27
N LEU A 482 -13.12 30.15 64.15
CA LEU A 482 -13.89 30.30 62.91
C LEU A 482 -13.02 30.80 61.76
N THR A 483 -12.19 31.81 62.05
CA THR A 483 -11.30 32.39 61.04
C THR A 483 -10.39 31.33 60.46
N GLU A 484 -9.89 30.45 61.33
CA GLU A 484 -8.97 29.39 60.93
C GLU A 484 -9.70 28.32 60.12
N ILE A 485 -10.94 28.03 60.49
CA ILE A 485 -11.76 27.11 59.71
C ILE A 485 -11.90 27.65 58.28
N ARG A 486 -12.16 28.96 58.16
CA ARG A 486 -12.43 29.57 56.87
C ARG A 486 -11.20 29.69 55.97
N GLU A 487 -10.04 29.96 56.56
CA GLU A 487 -8.84 30.24 55.77
C GLU A 487 -8.06 28.99 55.41
N LYS A 488 -8.43 27.88 56.03
CA LYS A 488 -7.71 26.64 55.81
C LYS A 488 -8.63 25.50 55.37
N GLY A 489 -9.88 25.54 55.78
CA GLY A 489 -10.88 24.58 55.30
C GLY A 489 -10.49 23.16 55.67
N GLU A 490 -9.68 23.07 56.73
CA GLU A 490 -9.21 21.82 57.31
C GLU A 490 -9.38 21.98 58.79
N LEU A 491 -9.36 20.87 59.51
CA LEU A 491 -9.34 20.96 60.97
C LEU A 491 -8.08 20.31 61.56
N SER A 492 -7.27 21.12 62.24
CA SER A 492 -6.10 20.62 62.99
C SER A 492 -6.55 19.90 64.25
N LYS A 493 -5.67 19.07 64.81
CA LYS A 493 -5.96 18.38 66.07
C LYS A 493 -6.13 19.37 67.23
N GLU A 494 -5.38 20.47 67.18
CA GLU A 494 -5.56 21.61 68.08
C GLU A 494 -6.87 22.31 67.74
N LEU A 495 -7.09 22.54 66.45
CA LEU A 495 -8.31 23.20 65.97
C LEU A 495 -9.56 22.40 66.36
N LEU A 496 -9.42 21.08 66.33
CA LEU A 496 -10.47 20.19 66.81
C LEU A 496 -10.71 20.33 68.32
N ALA A 497 -9.61 20.32 69.10
CA ALA A 497 -9.66 20.43 70.56
C ALA A 497 -10.32 21.73 71.02
N SER A 498 -10.02 22.81 70.30
CA SER A 498 -10.65 24.11 70.49
C SER A 498 -12.16 24.05 70.21
N LEU A 499 -12.54 23.27 69.20
CA LEU A 499 -13.96 23.13 68.84
C LEU A 499 -14.72 22.32 69.87
N LYS A 500 -14.11 21.22 70.33
CA LYS A 500 -14.69 20.41 71.41
C LYS A 500 -14.94 21.29 72.64
N SER A 501 -13.88 21.96 73.08
CA SER A 501 -13.95 22.86 74.23
C SER A 501 -15.08 23.89 74.13
N ALA A 502 -15.02 24.72 73.08
CA ALA A 502 -15.98 25.82 72.88
C ALA A 502 -17.43 25.33 72.80
N THR A 503 -17.63 24.12 72.26
CA THR A 503 -18.94 23.52 72.21
C THR A 503 -19.43 23.25 73.63
N GLU A 504 -18.66 22.45 74.37
CA GLU A 504 -18.95 22.07 75.75
C GLU A 504 -19.05 23.25 76.70
N SER A 505 -18.19 24.25 76.49
CA SER A 505 -18.25 25.49 77.23
C SER A 505 -19.63 26.13 77.06
N PHE A 506 -20.09 26.25 75.81
CA PHE A 506 -21.42 26.77 75.53
C PHE A 506 -22.54 25.85 76.01
N VAL A 507 -22.52 24.59 75.56
CA VAL A 507 -23.56 23.61 75.90
C VAL A 507 -23.94 23.68 77.38
N ALA A 508 -22.93 23.69 78.25
CA ALA A 508 -23.14 23.78 79.71
C ALA A 508 -23.79 25.09 80.14
N THR A 509 -23.45 26.18 79.48
CA THR A 509 -23.95 27.51 79.83
C THR A 509 -25.40 27.76 79.34
N PHE A 510 -26.00 26.74 78.73
CA PHE A 510 -27.28 26.88 78.04
C PHE A 510 -27.99 25.53 77.99
N ALA B 25 -31.10 -6.37 -20.40
CA ALA B 25 -32.50 -5.99 -20.06
C ALA B 25 -33.57 -6.89 -20.72
N ASN B 26 -34.09 -7.83 -19.94
CA ASN B 26 -35.25 -8.62 -20.29
C ASN B 26 -36.27 -8.57 -19.13
N LEU B 27 -37.04 -7.48 -19.09
CA LEU B 27 -37.99 -7.19 -18.01
C LEU B 27 -38.98 -8.31 -17.67
N ASN B 28 -38.93 -9.39 -18.43
CA ASN B 28 -39.77 -10.56 -18.17
C ASN B 28 -39.07 -11.54 -17.22
N GLU B 29 -37.76 -11.72 -17.43
CA GLU B 29 -36.95 -12.65 -16.64
C GLU B 29 -35.94 -11.92 -15.75
N THR B 30 -35.75 -10.65 -16.05
CA THR B 30 -34.79 -9.79 -15.35
C THR B 30 -35.50 -8.63 -14.64
N GLY B 31 -34.86 -8.10 -13.61
CA GLY B 31 -35.32 -6.89 -12.94
C GLY B 31 -34.21 -5.87 -12.76
N ARG B 32 -34.61 -4.63 -12.50
CA ARG B 32 -33.68 -3.58 -12.07
C ARG B 32 -34.05 -3.07 -10.67
N VAL B 33 -33.05 -2.92 -9.81
CA VAL B 33 -33.27 -2.43 -8.45
C VAL B 33 -33.68 -0.97 -8.50
N LEU B 34 -34.82 -0.68 -7.88
CA LEU B 34 -35.31 0.69 -7.76
C LEU B 34 -34.81 1.34 -6.46
N ALA B 35 -34.92 0.59 -5.36
CA ALA B 35 -34.48 1.02 -4.03
C ALA B 35 -34.20 -0.19 -3.15
N VAL B 36 -33.46 0.03 -2.06
CA VAL B 36 -33.18 -1.03 -1.09
C VAL B 36 -32.85 -0.44 0.28
N GLY B 37 -33.38 -1.06 1.33
CA GLY B 37 -33.16 -0.62 2.70
C GLY B 37 -34.22 -1.18 3.63
N ASP B 38 -33.83 -1.44 4.87
CA ASP B 38 -34.70 -2.15 5.82
C ASP B 38 -34.88 -3.62 5.41
N GLY B 39 -33.89 -4.15 4.70
CA GLY B 39 -33.89 -5.54 4.25
C GLY B 39 -34.83 -5.82 3.09
N ILE B 40 -35.43 -4.76 2.55
CA ILE B 40 -36.32 -4.87 1.41
C ILE B 40 -35.68 -4.20 0.19
N ALA B 41 -35.83 -4.82 -0.97
CA ALA B 41 -35.33 -4.24 -2.20
C ALA B 41 -36.44 -4.20 -3.22
N ARG B 42 -36.87 -3.00 -3.58
CA ARG B 42 -37.92 -2.83 -4.59
C ARG B 42 -37.36 -2.92 -6.00
N VAL B 43 -38.00 -3.76 -6.83
CA VAL B 43 -37.47 -4.08 -8.16
C VAL B 43 -38.48 -3.88 -9.31
N PHE B 44 -38.06 -3.12 -10.33
CA PHE B 44 -38.79 -2.90 -11.58
C PHE B 44 -38.53 -4.05 -12.55
N GLY B 45 -39.56 -4.47 -13.28
CA GLY B 45 -39.44 -5.58 -14.22
C GLY B 45 -39.80 -6.90 -13.59
N LEU B 46 -39.06 -7.96 -13.96
CA LEU B 46 -39.34 -9.33 -13.52
C LEU B 46 -40.82 -9.67 -13.72
N ASN B 47 -41.31 -9.47 -14.94
CA ASN B 47 -42.76 -9.56 -15.16
C ASN B 47 -43.36 -10.93 -14.86
N ASN B 48 -42.75 -11.99 -15.39
CA ASN B 48 -43.29 -13.36 -15.24
C ASN B 48 -42.99 -14.08 -13.91
N ILE B 49 -42.36 -13.36 -12.96
CA ILE B 49 -41.99 -13.93 -11.66
C ILE B 49 -43.21 -14.29 -10.80
N GLN B 50 -43.12 -15.43 -10.12
CA GLN B 50 -44.20 -15.91 -9.26
C GLN B 50 -44.14 -15.30 -7.86
N ALA B 51 -45.25 -15.41 -7.14
CA ALA B 51 -45.32 -14.97 -5.76
C ALA B 51 -44.54 -15.92 -4.85
N GLU B 52 -43.60 -15.35 -4.10
CA GLU B 52 -42.68 -16.09 -3.22
C GLU B 52 -41.60 -16.86 -3.98
N GLU B 53 -41.32 -16.42 -5.20
CA GLU B 53 -40.24 -16.97 -6.00
C GLU B 53 -38.89 -16.43 -5.53
N LEU B 54 -37.90 -17.32 -5.44
CA LEU B 54 -36.53 -16.97 -5.07
C LEU B 54 -35.85 -16.14 -6.18
N VAL B 55 -35.00 -15.19 -5.81
CA VAL B 55 -34.24 -14.39 -6.80
C VAL B 55 -32.74 -14.33 -6.48
N GLU B 56 -31.90 -14.14 -7.51
CA GLU B 56 -30.46 -13.95 -7.29
C GLU B 56 -29.95 -12.61 -7.81
N PHE B 57 -29.33 -11.85 -6.91
CA PHE B 57 -28.78 -10.52 -7.21
C PHE B 57 -27.34 -10.58 -7.72
N SER B 58 -26.91 -9.48 -8.35
CA SER B 58 -25.54 -9.31 -8.85
C SER B 58 -24.46 -9.78 -7.86
N SER B 59 -24.61 -9.39 -6.60
CA SER B 59 -23.63 -9.75 -5.56
C SER B 59 -23.51 -11.25 -5.38
N GLY B 60 -24.63 -11.94 -5.59
CA GLY B 60 -24.74 -13.37 -5.30
C GLY B 60 -25.83 -13.62 -4.28
N VAL B 61 -26.06 -12.64 -3.40
CA VAL B 61 -27.12 -12.69 -2.38
C VAL B 61 -28.47 -13.01 -3.01
N LYS B 62 -29.20 -13.93 -2.37
CA LYS B 62 -30.50 -14.34 -2.88
C LYS B 62 -31.61 -13.59 -2.17
N GLY B 63 -32.77 -13.50 -2.81
CA GLY B 63 -33.93 -12.82 -2.24
C GLY B 63 -35.23 -13.51 -2.60
N MET B 64 -36.32 -13.04 -2.01
CA MET B 64 -37.65 -13.62 -2.22
C MET B 64 -38.70 -12.56 -2.52
N ALA B 65 -39.39 -12.69 -3.63
CA ALA B 65 -40.39 -11.72 -4.05
C ALA B 65 -41.71 -11.93 -3.31
N LEU B 66 -42.03 -11.01 -2.41
CA LEU B 66 -43.15 -11.21 -1.51
C LEU B 66 -44.35 -10.33 -1.90
N ILE B 67 -44.09 -9.30 -2.69
CA ILE B 67 -45.10 -8.32 -3.07
C ILE B 67 -45.07 -8.15 -4.58
N LEU B 68 -46.15 -8.53 -5.25
CA LEU B 68 -46.23 -8.37 -6.70
C LEU B 68 -47.21 -7.26 -7.07
N GLU B 69 -46.67 -6.09 -7.42
CA GLU B 69 -47.46 -4.91 -7.71
C GLU B 69 -47.32 -4.46 -9.16
N PRO B 70 -48.32 -3.70 -9.67
CA PRO B 70 -48.22 -3.15 -11.02
C PRO B 70 -47.09 -2.13 -11.13
N GLY B 71 -45.95 -2.53 -11.67
CA GLY B 71 -44.85 -1.60 -11.89
C GLY B 71 -43.57 -1.92 -11.14
N GLN B 72 -43.67 -2.72 -10.07
CA GLN B 72 -42.52 -3.10 -9.25
C GLN B 72 -42.79 -4.27 -8.30
N VAL B 73 -41.73 -4.92 -7.83
CA VAL B 73 -41.82 -6.09 -6.96
C VAL B 73 -41.10 -5.86 -5.62
N GLY B 74 -41.83 -6.07 -4.51
CA GLY B 74 -41.24 -6.01 -3.18
C GLY B 74 -40.53 -7.31 -2.91
N ILE B 75 -39.24 -7.24 -2.57
CA ILE B 75 -38.39 -8.43 -2.38
C ILE B 75 -37.59 -8.39 -1.07
N VAL B 76 -37.75 -9.44 -0.27
CA VAL B 76 -37.13 -9.55 1.06
C VAL B 76 -35.81 -10.35 0.99
N LEU B 77 -34.71 -9.72 1.44
CA LEU B 77 -33.35 -10.26 1.24
C LEU B 77 -32.98 -11.32 2.25
N PHE B 78 -32.28 -12.35 1.78
CA PHE B 78 -31.75 -13.41 2.64
C PHE B 78 -30.29 -13.17 3.03
N GLY B 79 -29.90 -11.89 3.12
CA GLY B 79 -28.55 -11.52 3.49
C GLY B 79 -28.47 -10.06 3.90
N SER B 80 -27.25 -9.51 3.93
CA SER B 80 -27.01 -8.15 4.39
C SER B 80 -27.39 -7.10 3.34
N ASP B 81 -28.12 -6.06 3.77
CA ASP B 81 -28.58 -4.94 2.90
C ASP B 81 -27.48 -4.41 1.99
N ARG B 82 -26.29 -4.31 2.56
CA ARG B 82 -25.08 -3.83 1.90
C ARG B 82 -24.86 -4.42 0.49
N LEU B 83 -25.23 -5.68 0.30
CA LEU B 83 -24.95 -6.41 -0.94
C LEU B 83 -25.97 -6.19 -2.06
N VAL B 84 -26.73 -5.10 -2.03
CA VAL B 84 -27.65 -4.77 -3.13
C VAL B 84 -27.58 -3.28 -3.41
N LYS B 85 -27.13 -2.89 -4.59
CA LYS B 85 -27.15 -1.46 -4.96
C LYS B 85 -28.35 -1.16 -5.85
N GLU B 86 -28.80 0.09 -5.88
CA GLU B 86 -29.80 0.52 -6.84
C GLU B 86 -29.19 0.39 -8.23
N GLY B 87 -30.02 0.03 -9.21
CA GLY B 87 -29.57 -0.14 -10.59
C GLY B 87 -29.26 -1.58 -10.92
N GLU B 88 -28.72 -2.32 -9.95
CA GLU B 88 -28.28 -3.70 -10.15
C GLU B 88 -29.30 -4.63 -10.82
N LEU B 89 -28.82 -5.78 -11.28
CA LEU B 89 -29.67 -6.75 -11.95
C LEU B 89 -30.33 -7.68 -10.94
N VAL B 90 -31.53 -8.16 -11.28
CA VAL B 90 -32.25 -9.11 -10.45
C VAL B 90 -32.71 -10.28 -11.32
N LYS B 91 -32.05 -11.43 -11.15
CA LYS B 91 -32.34 -12.63 -11.95
C LYS B 91 -33.44 -13.47 -11.32
N ARG B 92 -34.42 -13.86 -12.13
CA ARG B 92 -35.41 -14.85 -11.74
C ARG B 92 -34.78 -16.21 -11.44
N THR B 93 -35.49 -17.06 -10.73
CA THR B 93 -35.01 -18.40 -10.42
C THR B 93 -35.97 -19.42 -11.03
N GLY B 94 -37.21 -18.99 -11.22
CA GLY B 94 -38.27 -19.88 -11.65
C GLY B 94 -38.69 -20.84 -10.55
N ASN B 95 -38.33 -20.51 -9.30
CA ASN B 95 -38.62 -21.39 -8.17
C ASN B 95 -39.16 -20.68 -6.94
N ILE B 96 -40.31 -21.16 -6.46
CA ILE B 96 -40.79 -20.82 -5.12
C ILE B 96 -39.64 -21.15 -4.16
N VAL B 97 -39.51 -20.38 -3.08
CA VAL B 97 -38.46 -20.59 -2.10
C VAL B 97 -38.50 -22.05 -1.65
N ASP B 98 -37.41 -22.77 -1.91
CA ASP B 98 -37.34 -24.21 -1.70
C ASP B 98 -36.01 -24.66 -1.10
N VAL B 99 -35.95 -25.94 -0.70
CA VAL B 99 -34.72 -26.54 -0.17
C VAL B 99 -34.33 -27.81 -0.89
N PRO B 100 -33.02 -28.14 -0.85
CA PRO B 100 -32.58 -29.51 -1.11
C PRO B 100 -33.05 -30.41 0.04
N VAL B 101 -33.86 -31.41 -0.28
CA VAL B 101 -34.33 -32.39 0.71
C VAL B 101 -33.65 -33.73 0.47
N GLY B 102 -34.00 -34.73 1.28
CA GLY B 102 -33.54 -36.10 1.04
C GLY B 102 -32.41 -36.59 1.93
N PRO B 103 -32.12 -37.90 1.84
CA PRO B 103 -31.21 -38.63 2.74
C PRO B 103 -29.75 -38.24 2.60
N GLY B 104 -29.36 -37.70 1.46
CA GLY B 104 -27.98 -37.25 1.25
C GLY B 104 -27.56 -36.06 2.11
N LEU B 105 -28.48 -35.59 2.97
CA LEU B 105 -28.23 -34.50 3.91
C LEU B 105 -27.82 -35.01 5.29
N LEU B 106 -28.24 -36.23 5.63
CA LEU B 106 -27.87 -36.85 6.89
C LEU B 106 -26.39 -36.60 7.19
N GLY B 107 -26.11 -36.07 8.38
CA GLY B 107 -24.72 -35.84 8.79
C GLY B 107 -24.18 -34.47 8.43
N ARG B 108 -24.95 -33.69 7.66
CA ARG B 108 -24.50 -32.37 7.23
C ARG B 108 -25.05 -31.24 8.10
N VAL B 109 -24.38 -30.08 8.02
CA VAL B 109 -24.83 -28.84 8.67
C VAL B 109 -25.06 -27.76 7.62
N VAL B 110 -26.30 -27.29 7.53
CA VAL B 110 -26.67 -26.31 6.51
C VAL B 110 -27.28 -25.01 7.08
N ASP B 111 -27.15 -23.94 6.31
CA ASP B 111 -27.86 -22.71 6.60
C ASP B 111 -29.35 -22.85 6.22
N ALA B 112 -30.08 -21.75 6.25
CA ALA B 112 -31.53 -21.79 6.02
C ALA B 112 -31.97 -22.25 4.62
N LEU B 113 -31.20 -21.86 3.61
CA LEU B 113 -31.54 -22.18 2.21
C LEU B 113 -31.02 -23.55 1.70
N GLY B 114 -30.20 -24.21 2.50
CA GLY B 114 -29.70 -25.52 2.14
C GLY B 114 -28.21 -25.55 1.92
N ASN B 115 -27.63 -24.39 1.65
CA ASN B 115 -26.18 -24.28 1.44
C ASN B 115 -25.39 -24.84 2.63
N PRO B 116 -24.32 -25.61 2.35
CA PRO B 116 -23.58 -26.28 3.44
C PRO B 116 -22.54 -25.37 4.10
N ILE B 117 -22.37 -25.50 5.41
CA ILE B 117 -21.44 -24.65 6.16
C ILE B 117 -20.41 -25.42 7.04
N ASP B 118 -20.50 -26.75 7.05
CA ASP B 118 -19.53 -27.60 7.74
C ASP B 118 -18.32 -27.96 6.86
N GLY B 119 -18.26 -27.34 5.68
CA GLY B 119 -17.13 -27.47 4.75
C GLY B 119 -16.92 -28.85 4.16
N LYS B 120 -17.99 -29.63 4.04
CA LYS B 120 -17.89 -31.04 3.66
C LYS B 120 -18.36 -31.34 2.24
N GLY B 121 -18.25 -30.35 1.36
CA GLY B 121 -18.64 -30.49 -0.04
C GLY B 121 -20.09 -30.15 -0.35
N PRO B 122 -20.47 -30.26 -1.64
CA PRO B 122 -21.86 -30.09 -2.09
C PRO B 122 -22.83 -31.06 -1.41
N ILE B 123 -24.10 -30.66 -1.29
CA ILE B 123 -25.12 -31.52 -0.68
C ILE B 123 -25.61 -32.59 -1.65
N ASP B 124 -25.63 -33.83 -1.19
CA ASP B 124 -26.09 -34.97 -1.97
C ASP B 124 -27.63 -34.91 -2.11
N ALA B 125 -28.08 -34.11 -3.08
CA ALA B 125 -29.50 -33.78 -3.21
C ALA B 125 -30.34 -34.87 -3.85
N ALA B 126 -31.24 -35.47 -3.06
CA ALA B 126 -32.24 -36.39 -3.58
C ALA B 126 -33.24 -35.63 -4.46
N GLY B 127 -33.40 -34.35 -4.18
CA GLY B 127 -34.34 -33.48 -4.87
C GLY B 127 -34.64 -32.25 -4.05
N ARG B 128 -35.62 -31.47 -4.50
CA ARG B 128 -35.96 -30.20 -3.85
C ARG B 128 -37.46 -30.11 -3.50
N SER B 129 -37.77 -29.47 -2.38
CA SER B 129 -39.14 -29.28 -1.91
C SER B 129 -39.37 -27.83 -1.56
N ARG B 130 -40.61 -27.38 -1.68
CA ARG B 130 -40.96 -26.03 -1.26
C ARG B 130 -40.80 -25.83 0.25
N ALA B 131 -40.30 -24.66 0.62
CA ALA B 131 -40.17 -24.28 2.03
C ALA B 131 -41.52 -24.27 2.71
N GLN B 132 -42.51 -23.67 2.05
CA GLN B 132 -43.87 -23.64 2.56
C GLN B 132 -44.76 -24.66 1.83
N VAL B 133 -45.31 -25.59 2.60
CA VAL B 133 -46.24 -26.60 2.11
C VAL B 133 -47.43 -26.66 3.04
N LYS B 134 -48.59 -27.04 2.50
CA LYS B 134 -49.78 -27.25 3.33
C LYS B 134 -49.60 -28.55 4.11
N ALA B 135 -49.93 -28.50 5.40
CA ALA B 135 -49.94 -29.69 6.25
C ALA B 135 -50.99 -30.65 5.73
N PRO B 136 -50.75 -31.98 5.87
CA PRO B 136 -51.70 -32.96 5.35
C PRO B 136 -53.08 -32.79 5.96
N GLY B 137 -54.11 -33.06 5.17
CA GLY B 137 -55.49 -32.83 5.59
C GLY B 137 -55.98 -33.72 6.70
N ILE B 138 -57.30 -33.72 6.89
CA ILE B 138 -57.97 -34.47 7.96
C ILE B 138 -57.85 -35.99 7.77
N LEU B 139 -57.82 -36.43 6.52
CA LEU B 139 -57.94 -37.84 6.21
C LEU B 139 -56.61 -38.62 6.20
N PRO B 140 -55.57 -38.07 5.55
CA PRO B 140 -54.33 -38.85 5.42
C PRO B 140 -53.52 -38.99 6.72
N ARG B 141 -54.14 -38.65 7.86
CA ARG B 141 -53.48 -38.73 9.16
C ARG B 141 -53.97 -39.92 9.97
N ARG B 142 -53.11 -40.42 10.85
CA ARG B 142 -53.42 -41.55 11.71
C ARG B 142 -53.13 -41.15 13.15
N SER B 143 -54.03 -41.49 14.08
CA SER B 143 -53.79 -41.16 15.49
C SER B 143 -52.50 -41.79 16.00
N VAL B 144 -51.74 -41.04 16.79
CA VAL B 144 -50.42 -41.49 17.27
C VAL B 144 -50.48 -42.66 18.26
N HIS B 145 -49.61 -43.65 18.05
CA HIS B 145 -49.53 -44.82 18.94
C HIS B 145 -48.09 -45.23 19.26
N GLU B 146 -47.19 -45.05 18.29
CA GLU B 146 -45.77 -45.38 18.44
C GLU B 146 -45.06 -44.37 19.33
N PRO B 147 -44.42 -44.85 20.42
CA PRO B 147 -43.76 -43.95 21.37
C PRO B 147 -42.48 -43.30 20.82
N VAL B 148 -42.29 -42.01 21.13
CA VAL B 148 -40.98 -41.39 20.97
C VAL B 148 -40.28 -41.48 22.31
N GLN B 149 -39.28 -42.36 22.33
CA GLN B 149 -38.49 -42.63 23.51
C GLN B 149 -37.38 -41.60 23.66
N THR B 150 -37.43 -40.87 24.77
CA THR B 150 -36.48 -39.81 25.04
C THR B 150 -35.27 -40.34 25.78
N GLY B 151 -35.50 -41.33 26.64
CA GLY B 151 -34.46 -41.85 27.51
C GLY B 151 -34.47 -41.11 28.84
N LEU B 152 -35.36 -40.15 28.96
CA LEU B 152 -35.50 -39.35 30.17
C LEU B 152 -36.64 -39.91 30.99
N LYS B 153 -36.29 -40.40 32.18
CA LYS B 153 -37.25 -40.99 33.10
C LYS B 153 -38.46 -40.09 33.29
N ALA B 154 -38.20 -38.82 33.58
CA ALA B 154 -39.26 -37.84 33.81
C ALA B 154 -40.20 -37.65 32.60
N VAL B 155 -39.62 -37.61 31.39
CA VAL B 155 -40.41 -37.44 30.17
C VAL B 155 -41.17 -38.73 29.80
N ASP B 156 -40.41 -39.82 29.61
CA ASP B 156 -40.98 -41.11 29.22
C ASP B 156 -42.00 -41.67 30.23
N ALA B 157 -42.01 -41.12 31.44
CA ALA B 157 -43.02 -41.51 32.43
C ALA B 157 -44.21 -40.56 32.45
N LEU B 158 -43.94 -39.25 32.60
CA LEU B 158 -44.99 -38.28 32.93
C LEU B 158 -45.54 -37.46 31.77
N VAL B 159 -44.73 -37.24 30.75
CA VAL B 159 -45.20 -36.56 29.55
C VAL B 159 -44.67 -37.26 28.31
N PRO B 160 -45.18 -38.48 28.07
CA PRO B 160 -44.65 -39.28 26.97
C PRO B 160 -45.07 -38.71 25.61
N ILE B 161 -44.16 -38.76 24.65
CA ILE B 161 -44.34 -38.20 23.31
C ILE B 161 -44.51 -39.32 22.29
N GLY B 162 -45.34 -39.09 21.27
CA GLY B 162 -45.58 -40.08 20.21
C GLY B 162 -45.18 -39.61 18.82
N ARG B 163 -44.93 -40.55 17.91
CA ARG B 163 -44.45 -40.23 16.56
C ARG B 163 -45.52 -39.59 15.66
N GLY B 164 -45.47 -38.26 15.56
CA GLY B 164 -46.48 -37.49 14.86
C GLY B 164 -47.02 -36.38 15.75
N GLN B 165 -46.85 -36.57 17.06
CA GLN B 165 -47.21 -35.59 18.08
C GLN B 165 -46.27 -34.40 18.02
N ARG B 166 -46.78 -33.25 18.45
CA ARG B 166 -45.97 -32.06 18.60
C ARG B 166 -46.00 -31.66 20.06
N GLU B 167 -44.83 -31.62 20.67
CA GLU B 167 -44.73 -31.36 22.09
C GLU B 167 -43.86 -30.14 22.35
N LEU B 168 -44.46 -29.11 22.93
CA LEU B 168 -43.74 -27.91 23.28
C LEU B 168 -42.84 -28.17 24.47
N ILE B 169 -41.57 -27.76 24.35
CA ILE B 169 -40.69 -27.64 25.51
C ILE B 169 -40.59 -26.14 25.83
N ILE B 170 -41.22 -25.76 26.93
CA ILE B 170 -41.35 -24.35 27.29
C ILE B 170 -40.75 -24.07 28.67
N GLY B 171 -40.09 -22.94 28.82
CA GLY B 171 -39.54 -22.56 30.11
C GLY B 171 -38.75 -21.27 30.05
N ASP B 172 -38.07 -20.94 31.15
CA ASP B 172 -37.25 -19.76 31.23
C ASP B 172 -35.91 -19.96 30.55
N ARG B 173 -35.15 -18.88 30.43
CA ARG B 173 -33.77 -18.94 29.97
C ARG B 173 -33.01 -19.94 30.84
N GLN B 174 -32.05 -20.64 30.23
CA GLN B 174 -31.18 -21.58 30.92
C GLN B 174 -31.98 -22.44 31.89
N THR B 175 -32.84 -23.30 31.37
CA THR B 175 -33.55 -24.24 32.24
C THR B 175 -33.44 -25.71 31.82
N GLY B 176 -32.52 -26.00 30.90
CA GLY B 176 -32.33 -27.36 30.42
C GLY B 176 -33.31 -27.73 29.32
N LYS B 177 -33.87 -26.72 28.65
CA LYS B 177 -34.75 -26.93 27.49
C LYS B 177 -34.02 -27.72 26.40
N THR B 178 -32.90 -27.19 25.90
CA THR B 178 -32.13 -27.87 24.85
C THR B 178 -31.65 -29.24 25.33
N ALA B 179 -31.33 -29.33 26.61
CA ALA B 179 -30.86 -30.58 27.21
C ALA B 179 -31.83 -31.75 26.92
N VAL B 180 -33.12 -31.48 27.12
CA VAL B 180 -34.22 -32.42 26.89
C VAL B 180 -34.31 -32.82 25.40
N ALA B 181 -34.13 -31.85 24.52
CA ALA B 181 -34.07 -32.11 23.08
C ALA B 181 -32.82 -32.94 22.72
N LEU B 182 -31.68 -32.58 23.32
CA LEU B 182 -30.41 -33.23 23.00
C LEU B 182 -30.34 -34.69 23.44
N ASP B 183 -30.79 -34.97 24.67
CA ASP B 183 -30.81 -36.33 25.18
C ASP B 183 -31.73 -37.22 24.35
N THR B 184 -32.84 -36.66 23.91
CA THR B 184 -33.73 -37.36 23.00
C THR B 184 -33.01 -37.76 21.72
N ILE B 185 -32.35 -36.80 21.07
CA ILE B 185 -31.61 -37.03 19.82
C ILE B 185 -30.46 -38.03 19.98
N LEU B 186 -29.82 -38.01 21.15
CA LEU B 186 -28.79 -39.01 21.47
C LEU B 186 -29.44 -40.38 21.61
N ASN B 187 -30.45 -40.46 22.47
CA ASN B 187 -31.15 -41.72 22.74
C ASN B 187 -31.54 -42.51 21.49
N GLN B 188 -31.75 -41.80 20.39
CA GLN B 188 -32.17 -42.43 19.14
C GLN B 188 -31.11 -43.35 18.52
N LYS B 189 -29.86 -43.18 18.94
CA LYS B 189 -28.77 -44.05 18.52
C LYS B 189 -29.13 -45.52 18.69
N ARG B 190 -29.88 -45.82 19.74
CA ARG B 190 -30.33 -47.18 20.04
C ARG B 190 -30.88 -47.86 18.81
N TRP B 191 -31.92 -47.26 18.25
CA TRP B 191 -32.68 -47.86 17.17
C TRP B 191 -32.08 -47.55 15.79
N ASN B 192 -31.10 -46.64 15.75
CA ASN B 192 -30.55 -46.17 14.47
C ASN B 192 -29.33 -46.94 13.98
N ASN B 193 -29.02 -48.05 14.66
CA ASN B 193 -27.90 -48.92 14.29
C ASN B 193 -28.40 -50.28 13.80
N GLY B 194 -29.60 -50.30 13.22
CA GLY B 194 -30.24 -51.53 12.76
C GLY B 194 -30.99 -51.37 11.44
N SER B 195 -31.50 -52.49 10.92
CA SER B 195 -32.17 -52.54 9.62
C SER B 195 -33.52 -51.81 9.59
N ASP B 196 -34.21 -51.85 10.72
CA ASP B 196 -35.60 -51.44 10.82
C ASP B 196 -35.80 -49.94 10.62
N GLU B 197 -36.33 -49.56 9.46
CA GLU B 197 -36.66 -48.17 9.18
C GLU B 197 -37.87 -47.77 10.00
N SER B 198 -38.75 -48.73 10.28
CA SER B 198 -39.95 -48.49 11.09
C SER B 198 -39.59 -48.12 12.55
N LYS B 199 -38.44 -48.61 13.02
CA LYS B 199 -37.97 -48.31 14.38
C LYS B 199 -37.03 -47.09 14.45
N LYS B 200 -36.39 -46.79 13.32
CA LYS B 200 -35.48 -45.63 13.22
C LYS B 200 -36.21 -44.30 13.25
N LEU B 201 -35.57 -43.32 13.89
CA LEU B 201 -36.05 -41.93 14.00
C LEU B 201 -34.91 -40.95 13.67
N TYR B 202 -34.82 -40.56 12.40
CA TYR B 202 -33.83 -39.61 11.93
C TYR B 202 -34.11 -38.26 12.62
N CYS B 203 -33.10 -37.41 12.77
CA CYS B 203 -33.29 -36.14 13.53
C CYS B 203 -32.96 -34.84 12.80
N VAL B 204 -33.89 -33.88 12.86
CA VAL B 204 -33.63 -32.53 12.36
C VAL B 204 -33.59 -31.56 13.54
N TYR B 205 -32.47 -30.85 13.70
CA TYR B 205 -32.34 -29.83 14.74
C TYR B 205 -32.17 -28.44 14.10
N VAL B 206 -33.04 -27.52 14.51
CA VAL B 206 -33.16 -26.20 13.89
C VAL B 206 -32.64 -25.15 14.84
N ALA B 207 -31.53 -24.50 14.47
CA ALA B 207 -30.93 -23.47 15.29
C ALA B 207 -31.29 -22.08 14.78
N VAL B 208 -32.30 -21.46 15.41
CA VAL B 208 -32.78 -20.14 15.01
C VAL B 208 -32.32 -19.08 16.00
N GLY B 209 -31.34 -18.28 15.58
CA GLY B 209 -30.90 -17.12 16.36
C GLY B 209 -29.96 -17.40 17.52
N GLN B 210 -29.47 -18.64 17.59
CA GLN B 210 -28.58 -19.03 18.66
C GLN B 210 -27.20 -18.45 18.39
N LYS B 211 -26.30 -18.52 19.37
CA LYS B 211 -24.91 -18.15 19.18
C LYS B 211 -24.33 -19.16 18.19
N ARG B 212 -23.55 -18.70 17.23
CA ARG B 212 -22.90 -19.59 16.28
C ARG B 212 -22.03 -20.62 17.03
N SER B 213 -21.30 -20.15 18.04
CA SER B 213 -20.42 -20.99 18.85
C SER B 213 -21.15 -22.10 19.62
N THR B 214 -22.37 -21.79 20.07
CA THR B 214 -23.24 -22.75 20.78
C THR B 214 -23.54 -23.95 19.88
N VAL B 215 -24.01 -23.67 18.66
CA VAL B 215 -24.32 -24.70 17.65
C VAL B 215 -23.08 -25.51 17.33
N ALA B 216 -21.97 -24.82 17.04
CA ALA B 216 -20.68 -25.47 16.85
C ALA B 216 -20.40 -26.50 17.94
N GLN B 217 -20.51 -26.06 19.19
CA GLN B 217 -20.32 -26.91 20.36
C GLN B 217 -21.39 -28.00 20.45
N LEU B 218 -22.59 -27.71 19.95
CA LEU B 218 -23.70 -28.66 20.02
C LEU B 218 -23.54 -29.76 18.97
N VAL B 219 -23.07 -29.38 17.79
CA VAL B 219 -22.84 -30.32 16.70
C VAL B 219 -21.68 -31.24 17.06
N GLN B 220 -20.65 -30.65 17.67
CA GLN B 220 -19.49 -31.39 18.16
C GLN B 220 -19.92 -32.46 19.17
N THR B 221 -20.85 -32.10 20.05
CA THR B 221 -21.36 -33.04 21.06
C THR B 221 -22.16 -34.19 20.43
N LEU B 222 -22.87 -33.90 19.33
CA LEU B 222 -23.55 -34.95 18.56
C LEU B 222 -22.56 -35.92 17.93
N GLU B 223 -21.43 -35.37 17.48
CA GLU B 223 -20.35 -36.14 16.89
C GLU B 223 -19.65 -37.03 17.93
N GLN B 224 -19.58 -36.55 19.18
CA GLN B 224 -18.95 -37.30 20.26
C GLN B 224 -19.82 -38.44 20.78
N HIS B 225 -20.99 -38.60 20.18
CA HIS B 225 -21.92 -39.66 20.56
C HIS B 225 -22.40 -40.47 19.35
N ASP B 226 -21.75 -40.26 18.20
CA ASP B 226 -22.09 -40.88 16.91
C ASP B 226 -23.57 -40.69 16.55
N ALA B 227 -24.10 -39.52 16.87
CA ALA B 227 -25.50 -39.19 16.63
C ALA B 227 -25.66 -38.31 15.41
N MET B 228 -24.61 -37.55 15.08
CA MET B 228 -24.53 -36.71 13.90
C MET B 228 -24.91 -37.49 12.62
N LYS B 229 -24.49 -38.76 12.55
CA LYS B 229 -24.72 -39.60 11.38
C LYS B 229 -26.19 -39.81 11.02
N TYR B 230 -27.10 -39.61 11.97
CA TYR B 230 -28.54 -39.74 11.70
C TYR B 230 -29.30 -38.44 11.90
N SER B 231 -28.58 -37.33 11.89
CA SER B 231 -29.22 -36.04 12.09
C SER B 231 -28.74 -34.92 11.16
N ILE B 232 -29.67 -34.00 10.88
CA ILE B 232 -29.43 -32.86 10.02
C ILE B 232 -29.57 -31.61 10.88
N ILE B 233 -28.65 -30.66 10.70
CA ILE B 233 -28.64 -29.39 11.45
C ILE B 233 -28.93 -28.19 10.55
N VAL B 234 -30.04 -27.51 10.81
CA VAL B 234 -30.38 -26.28 10.09
C VAL B 234 -30.11 -25.06 10.98
N ALA B 235 -29.27 -24.15 10.49
CA ALA B 235 -28.83 -23.04 11.30
C ALA B 235 -28.82 -21.69 10.58
N ALA B 236 -29.73 -20.83 11.01
CA ALA B 236 -29.64 -19.39 10.77
C ALA B 236 -29.45 -18.72 12.13
N THR B 237 -28.22 -18.31 12.40
CA THR B 237 -27.84 -17.86 13.73
C THR B 237 -28.10 -16.36 14.01
N ALA B 238 -27.60 -15.89 15.15
CA ALA B 238 -27.87 -14.55 15.69
C ALA B 238 -27.46 -13.34 14.83
N SER B 239 -26.45 -13.48 13.99
CA SER B 239 -26.06 -12.36 13.13
C SER B 239 -26.71 -12.44 11.75
N GLU B 240 -27.49 -13.48 11.52
CA GLU B 240 -28.05 -13.70 10.19
C GLU B 240 -29.34 -12.94 9.95
N ALA B 241 -29.57 -12.54 8.70
CA ALA B 241 -30.76 -11.81 8.31
C ALA B 241 -32.03 -12.45 8.86
N ALA B 242 -32.91 -11.61 9.40
CA ALA B 242 -34.19 -12.07 9.95
C ALA B 242 -34.96 -13.01 9.00
N PRO B 243 -35.02 -12.66 7.70
CA PRO B 243 -35.75 -13.59 6.84
C PRO B 243 -35.13 -14.99 6.76
N LEU B 244 -33.83 -15.11 7.08
CA LEU B 244 -33.16 -16.42 7.13
C LEU B 244 -33.52 -17.18 8.40
N GLN B 245 -33.86 -16.44 9.44
CA GLN B 245 -34.26 -17.03 10.71
C GLN B 245 -35.72 -17.46 10.68
N TYR B 246 -36.58 -16.61 10.13
CA TYR B 246 -37.99 -16.92 9.95
C TYR B 246 -38.16 -18.14 9.04
N LEU B 247 -37.33 -18.21 8.00
CA LEU B 247 -37.40 -19.28 7.00
C LEU B 247 -36.92 -20.66 7.48
N ALA B 248 -35.82 -20.67 8.25
CA ALA B 248 -35.13 -21.91 8.66
C ALA B 248 -36.05 -23.03 9.16
N PRO B 249 -36.97 -22.73 10.09
CA PRO B 249 -37.85 -23.80 10.57
C PRO B 249 -38.77 -24.36 9.49
N PHE B 250 -39.04 -23.57 8.45
CA PHE B 250 -39.91 -24.00 7.36
C PHE B 250 -39.20 -24.90 6.34
N THR B 251 -37.99 -24.51 5.94
CA THR B 251 -37.16 -25.36 5.10
C THR B 251 -36.78 -26.62 5.86
N ALA B 252 -36.47 -26.46 7.15
CA ALA B 252 -36.21 -27.60 8.01
C ALA B 252 -37.36 -28.61 7.97
N ALA B 253 -38.60 -28.11 8.08
CA ALA B 253 -39.81 -28.96 8.02
C ALA B 253 -39.85 -29.78 6.75
N SER B 254 -39.47 -29.16 5.64
CA SER B 254 -39.38 -29.83 4.36
C SER B 254 -38.39 -30.98 4.40
N ILE B 255 -37.23 -30.73 5.01
CA ILE B 255 -36.19 -31.76 5.18
C ILE B 255 -36.74 -32.94 6.00
N GLY B 256 -37.42 -32.62 7.11
CA GLY B 256 -38.07 -33.62 7.95
C GLY B 256 -39.11 -34.40 7.17
N GLU B 257 -39.90 -33.67 6.38
CA GLU B 257 -41.01 -34.24 5.60
C GLU B 257 -40.66 -35.35 4.63
N TRP B 258 -39.44 -35.30 4.09
CA TRP B 258 -39.02 -36.31 3.11
C TRP B 258 -39.07 -37.72 3.70
N PHE B 259 -38.74 -37.82 4.99
CA PHE B 259 -38.81 -39.05 5.74
C PHE B 259 -40.27 -39.42 6.02
N ARG B 260 -41.10 -38.40 6.23
CA ARG B 260 -42.54 -38.57 6.44
C ARG B 260 -43.26 -39.10 5.19
N ASP B 261 -43.04 -38.44 4.05
CA ASP B 261 -43.65 -38.85 2.78
C ASP B 261 -43.02 -40.11 2.19
N ASN B 262 -42.04 -40.68 2.89
CA ASN B 262 -41.35 -41.91 2.44
C ASN B 262 -41.42 -43.07 3.42
N GLY B 263 -42.46 -43.09 4.24
CA GLY B 263 -42.70 -44.22 5.13
C GLY B 263 -41.78 -44.34 6.34
N LYS B 264 -40.91 -43.34 6.51
CA LYS B 264 -39.94 -43.34 7.62
C LYS B 264 -40.37 -42.33 8.70
N HIS B 265 -39.64 -42.36 9.81
CA HIS B 265 -39.92 -41.44 10.90
C HIS B 265 -38.82 -40.39 11.08
N ALA B 266 -39.17 -39.27 11.70
CA ALA B 266 -38.26 -38.14 11.87
C ALA B 266 -38.70 -37.26 13.02
N LEU B 267 -37.71 -36.69 13.70
CA LEU B 267 -37.93 -35.78 14.82
C LEU B 267 -37.31 -34.43 14.47
N ILE B 268 -38.09 -33.37 14.59
CA ILE B 268 -37.63 -32.02 14.29
C ILE B 268 -37.70 -31.15 15.54
N VAL B 269 -36.55 -30.61 15.93
CA VAL B 269 -36.46 -29.76 17.12
C VAL B 269 -36.26 -28.30 16.71
N TYR B 270 -37.20 -27.44 17.10
CA TYR B 270 -37.17 -26.00 16.76
C TYR B 270 -36.62 -25.16 17.90
N ASP B 271 -35.36 -24.76 17.80
CA ASP B 271 -34.65 -24.13 18.91
C ASP B 271 -34.12 -22.71 18.61
N ASP B 272 -34.86 -21.69 19.03
CA ASP B 272 -36.20 -21.85 19.56
C ASP B 272 -37.16 -21.05 18.70
N LEU B 273 -38.45 -21.12 19.01
CA LEU B 273 -39.47 -20.42 18.22
C LEU B 273 -39.69 -18.98 18.68
N SER B 274 -39.20 -18.65 19.87
CA SER B 274 -39.26 -17.29 20.40
C SER B 274 -38.48 -16.38 19.45
N LYS B 275 -37.21 -16.71 19.29
CA LYS B 275 -36.31 -15.97 18.44
C LYS B 275 -36.81 -15.92 17.00
N GLN B 276 -37.42 -17.01 16.53
CA GLN B 276 -38.05 -16.99 15.21
C GLN B 276 -39.09 -15.87 15.13
N ALA B 277 -39.98 -15.83 16.13
CA ALA B 277 -41.06 -14.86 16.18
C ALA B 277 -40.52 -13.43 16.19
N VAL B 278 -39.46 -13.20 16.99
CA VAL B 278 -38.86 -11.87 17.11
C VAL B 278 -38.28 -11.46 15.76
N ALA B 279 -37.63 -12.40 15.08
CA ALA B 279 -37.12 -12.16 13.74
C ALA B 279 -38.25 -11.84 12.75
N TYR B 280 -39.37 -12.55 12.85
CA TYR B 280 -40.50 -12.37 11.93
C TYR B 280 -41.27 -11.09 12.25
N ARG B 281 -41.15 -10.63 13.49
CA ARG B 281 -41.63 -9.31 13.89
C ARG B 281 -40.73 -8.24 13.26
N GLN B 282 -39.42 -8.46 13.31
CA GLN B 282 -38.47 -7.56 12.66
C GLN B 282 -38.83 -7.38 11.19
N LEU B 283 -38.97 -8.50 10.49
CA LEU B 283 -39.37 -8.56 9.08
C LEU B 283 -40.67 -7.76 8.84
N SER B 284 -41.68 -8.03 9.66
CA SER B 284 -43.04 -7.49 9.51
C SER B 284 -43.09 -6.00 9.70
N LEU B 285 -42.46 -5.54 10.77
CA LEU B 285 -42.44 -4.13 11.16
C LEU B 285 -41.71 -3.28 10.16
N LEU B 286 -40.57 -3.77 9.68
CA LEU B 286 -39.81 -3.07 8.66
C LEU B 286 -40.57 -3.06 7.33
N LEU B 287 -41.51 -4.01 7.17
CA LEU B 287 -42.41 -4.05 6.03
C LEU B 287 -43.64 -3.14 6.20
N ARG B 288 -43.77 -2.52 7.37
CA ARG B 288 -44.86 -1.57 7.63
C ARG B 288 -46.17 -2.21 8.07
N ARG B 289 -46.16 -3.52 8.28
CA ARG B 289 -47.39 -4.20 8.73
C ARG B 289 -47.70 -3.80 10.18
N PRO B 290 -48.95 -3.38 10.45
CA PRO B 290 -49.37 -2.90 11.77
C PRO B 290 -48.86 -3.74 12.95
N PRO B 291 -48.19 -3.10 13.91
CA PRO B 291 -47.91 -3.73 15.21
C PRO B 291 -49.19 -3.99 16.00
N GLY B 292 -49.34 -5.22 16.48
CA GLY B 292 -50.48 -5.57 17.34
C GLY B 292 -50.07 -5.66 18.80
N ARG B 293 -50.48 -6.74 19.45
CA ARG B 293 -50.03 -7.07 20.79
C ARG B 293 -48.50 -7.21 20.79
N GLU B 294 -47.87 -6.66 21.82
CA GLU B 294 -46.40 -6.67 21.97
C GLU B 294 -45.70 -6.37 20.66
N ALA B 295 -46.32 -5.49 19.88
CA ALA B 295 -45.85 -5.10 18.54
C ALA B 295 -45.61 -6.25 17.57
N TYR B 296 -46.25 -7.40 17.81
CA TYR B 296 -46.16 -8.52 16.88
C TYR B 296 -47.18 -8.38 15.78
N PRO B 297 -46.83 -8.81 14.55
CA PRO B 297 -47.72 -8.73 13.39
C PRO B 297 -48.93 -9.59 13.63
N GLY B 298 -50.00 -9.33 12.89
CA GLY B 298 -51.26 -10.02 13.11
C GLY B 298 -51.19 -11.53 12.97
N ASP B 299 -50.39 -12.00 12.03
CA ASP B 299 -50.40 -13.38 11.62
C ASP B 299 -49.28 -14.19 12.25
N VAL B 300 -48.84 -13.77 13.44
CA VAL B 300 -47.74 -14.45 14.13
C VAL B 300 -48.19 -15.80 14.70
N PHE B 301 -49.47 -15.91 15.04
CA PHE B 301 -50.08 -17.19 15.44
C PHE B 301 -50.02 -18.13 14.26
N TYR B 302 -50.48 -17.62 13.11
CA TYR B 302 -50.47 -18.39 11.86
C TYR B 302 -49.04 -18.70 11.43
N LEU B 303 -48.09 -17.81 11.76
CA LEU B 303 -46.70 -18.10 11.49
C LEU B 303 -46.30 -19.46 12.05
N HIS B 304 -46.61 -19.68 13.34
CA HIS B 304 -46.23 -20.93 13.98
C HIS B 304 -47.17 -22.07 13.67
N SER B 305 -48.47 -21.78 13.62
CA SER B 305 -49.48 -22.79 13.29
C SER B 305 -49.07 -23.60 12.05
N ARG B 306 -49.01 -22.95 10.90
CA ARG B 306 -48.71 -23.66 9.66
C ARG B 306 -47.40 -24.48 9.70
N LEU B 307 -46.41 -24.01 10.47
CA LEU B 307 -45.20 -24.79 10.71
C LEU B 307 -45.49 -26.05 11.51
N LEU B 308 -46.10 -25.86 12.67
CA LEU B 308 -46.31 -26.93 13.63
C LEU B 308 -47.38 -27.95 13.23
N GLU B 309 -48.21 -27.58 12.26
CA GLU B 309 -49.21 -28.47 11.72
C GLU B 309 -48.58 -29.49 10.76
N ARG B 310 -47.40 -29.15 10.23
CA ARG B 310 -46.70 -30.00 9.28
C ARG B 310 -46.15 -31.29 9.90
N ALA B 311 -46.11 -31.34 11.22
CA ALA B 311 -45.72 -32.57 11.92
C ALA B 311 -46.97 -33.36 12.27
N ALA B 312 -47.07 -34.59 11.72
CA ALA B 312 -48.23 -35.47 11.87
C ALA B 312 -47.86 -36.93 11.61
N LYS B 313 -48.58 -37.86 12.24
CA LYS B 313 -48.48 -39.27 11.88
C LYS B 313 -49.37 -39.58 10.67
N LEU B 314 -48.75 -39.96 9.56
CA LEU B 314 -49.51 -40.28 8.34
C LEU B 314 -50.26 -41.61 8.45
N SER B 315 -51.24 -41.80 7.57
CA SER B 315 -52.15 -42.94 7.65
C SER B 315 -51.54 -44.22 7.11
N GLU B 316 -52.28 -45.30 7.29
CA GLU B 316 -51.93 -46.60 6.74
C GLU B 316 -51.76 -46.49 5.22
N LYS B 317 -52.73 -45.86 4.55
CA LYS B 317 -52.69 -45.68 3.09
C LYS B 317 -51.49 -44.86 2.59
N GLU B 318 -51.00 -43.95 3.42
CA GLU B 318 -49.92 -43.01 3.03
C GLU B 318 -48.53 -43.45 3.51
N GLY B 319 -48.34 -44.75 3.72
CA GLY B 319 -47.04 -45.28 4.10
C GLY B 319 -46.68 -45.17 5.58
N SER B 320 -47.58 -44.58 6.36
CA SER B 320 -47.42 -44.48 7.82
C SER B 320 -46.18 -43.68 8.28
N GLY B 321 -45.56 -42.93 7.36
CA GLY B 321 -44.41 -42.08 7.67
C GLY B 321 -44.79 -40.91 8.59
N SER B 322 -43.89 -40.51 9.48
CA SER B 322 -44.26 -39.48 10.46
C SER B 322 -43.24 -38.36 10.64
N LEU B 323 -43.75 -37.21 11.06
CA LEU B 323 -42.93 -36.08 11.52
C LEU B 323 -43.39 -35.69 12.93
N THR B 324 -42.44 -35.63 13.85
CA THR B 324 -42.72 -35.41 15.27
C THR B 324 -41.98 -34.17 15.73
N ALA B 325 -42.72 -33.10 16.05
CA ALA B 325 -42.06 -31.82 16.33
C ALA B 325 -41.88 -31.49 17.82
N LEU B 326 -40.70 -30.98 18.15
CA LEU B 326 -40.44 -30.41 19.48
C LEU B 326 -39.99 -28.96 19.34
N PRO B 327 -40.95 -28.02 19.41
CA PRO B 327 -40.64 -26.59 19.46
C PRO B 327 -40.25 -26.12 20.86
N VAL B 328 -39.32 -25.17 20.91
CA VAL B 328 -38.80 -24.61 22.17
C VAL B 328 -39.23 -23.16 22.30
N ILE B 329 -39.76 -22.79 23.47
CA ILE B 329 -40.26 -21.44 23.71
C ILE B 329 -39.71 -20.92 25.04
N GLU B 330 -39.12 -19.74 24.99
CA GLU B 330 -38.51 -19.11 26.15
C GLU B 330 -39.43 -18.06 26.75
N THR B 331 -39.86 -18.32 27.98
CA THR B 331 -40.74 -17.40 28.69
C THR B 331 -39.93 -16.43 29.55
N GLN B 332 -40.49 -15.25 29.79
CA GLN B 332 -39.84 -14.24 30.64
C GLN B 332 -40.42 -14.24 32.05
N GLY B 333 -39.55 -14.30 33.06
CA GLY B 333 -39.98 -14.40 34.45
C GLY B 333 -40.97 -15.52 34.72
N GLY B 334 -40.94 -16.56 33.88
CA GLY B 334 -41.85 -17.68 34.01
C GLY B 334 -43.30 -17.27 33.88
N ASP B 335 -43.59 -16.42 32.91
CA ASP B 335 -44.96 -16.00 32.61
C ASP B 335 -45.45 -16.79 31.39
N VAL B 336 -46.29 -17.79 31.65
CA VAL B 336 -46.89 -18.63 30.58
C VAL B 336 -48.14 -18.01 29.94
N SER B 337 -48.59 -16.89 30.49
CA SER B 337 -49.74 -16.17 29.98
C SER B 337 -49.35 -15.10 28.98
N ALA B 338 -48.06 -15.04 28.62
CA ALA B 338 -47.57 -14.15 27.58
C ALA B 338 -48.21 -14.50 26.24
N TYR B 339 -48.10 -13.61 25.26
CA TYR B 339 -48.74 -13.78 23.94
C TYR B 339 -48.21 -14.95 23.11
N ILE B 340 -46.90 -14.99 22.89
CA ILE B 340 -46.31 -16.04 22.06
C ILE B 340 -46.38 -17.42 22.74
N PRO B 341 -46.07 -17.48 24.08
CA PRO B 341 -46.24 -18.71 24.86
C PRO B 341 -47.62 -19.35 24.76
N THR B 342 -48.66 -18.58 25.06
CA THR B 342 -50.04 -19.05 24.94
C THR B 342 -50.40 -19.45 23.48
N ASN B 343 -49.95 -18.65 22.52
CA ASN B 343 -50.07 -18.97 21.09
C ASN B 343 -49.58 -20.38 20.77
N VAL B 344 -48.33 -20.67 21.15
CA VAL B 344 -47.70 -21.96 20.82
C VAL B 344 -48.29 -23.09 21.66
N ILE B 345 -48.69 -22.79 22.89
CA ILE B 345 -49.45 -23.72 23.70
C ILE B 345 -50.76 -24.08 23.00
N SER B 346 -51.37 -23.10 22.33
CA SER B 346 -52.61 -23.34 21.61
C SER B 346 -52.45 -24.12 20.30
N ILE B 347 -51.21 -24.33 19.87
CA ILE B 347 -50.93 -25.11 18.65
C ILE B 347 -50.54 -26.53 19.03
N THR B 348 -49.48 -26.66 19.83
CA THR B 348 -48.86 -27.96 20.19
C THR B 348 -49.82 -28.92 20.89
N ASP B 349 -49.42 -30.19 20.98
CA ASP B 349 -50.23 -31.22 21.66
C ASP B 349 -49.89 -31.36 23.13
N GLY B 350 -49.36 -30.29 23.71
CA GLY B 350 -48.91 -30.35 25.08
C GLY B 350 -47.55 -29.70 25.26
N GLN B 351 -47.20 -29.49 26.52
CA GLN B 351 -46.01 -28.74 26.86
C GLN B 351 -45.30 -29.41 28.01
N ILE B 352 -44.00 -29.56 27.88
CA ILE B 352 -43.15 -29.93 28.99
C ILE B 352 -42.63 -28.61 29.53
N PHE B 353 -43.12 -28.21 30.70
CA PHE B 353 -42.73 -26.93 31.28
C PHE B 353 -41.69 -27.08 32.36
N LEU B 354 -40.59 -26.36 32.19
CA LEU B 354 -39.48 -26.43 33.11
C LEU B 354 -39.49 -25.22 34.04
N GLU B 355 -39.60 -25.48 35.34
CA GLU B 355 -39.50 -24.45 36.36
C GLU B 355 -38.05 -24.07 36.54
N ALA B 356 -37.76 -22.77 36.66
CA ALA B 356 -36.39 -22.34 36.99
C ALA B 356 -36.13 -22.63 38.46
N GLU B 357 -37.18 -22.48 39.28
CA GLU B 357 -37.12 -22.75 40.70
C GLU B 357 -36.59 -24.15 41.02
N LEU B 358 -37.06 -25.16 40.29
CA LEU B 358 -36.66 -26.55 40.54
C LEU B 358 -35.29 -26.84 39.96
N PHE B 359 -34.97 -26.15 38.86
CA PHE B 359 -33.70 -26.31 38.16
C PHE B 359 -32.56 -25.75 39.00
N TYR B 360 -32.82 -24.61 39.64
CA TYR B 360 -31.87 -23.96 40.52
C TYR B 360 -31.76 -24.72 41.84
N LYS B 361 -32.80 -25.49 42.18
CA LYS B 361 -32.78 -26.37 43.35
C LYS B 361 -32.15 -27.74 43.06
N GLY B 362 -31.57 -27.89 41.87
CA GLY B 362 -30.87 -29.12 41.48
C GLY B 362 -31.71 -30.26 40.91
N ILE B 363 -33.00 -30.03 40.72
CA ILE B 363 -33.91 -31.06 40.19
C ILE B 363 -33.98 -31.00 38.66
N ARG B 364 -33.15 -31.80 37.99
CA ARG B 364 -32.97 -31.74 36.54
C ARG B 364 -33.27 -33.10 35.88
N PRO B 365 -34.25 -33.17 34.96
CA PRO B 365 -35.09 -32.13 34.33
C PRO B 365 -35.97 -31.45 35.35
N ALA B 366 -36.32 -30.20 35.10
CA ALA B 366 -37.11 -29.42 36.05
C ALA B 366 -38.63 -29.41 35.75
N ILE B 367 -39.09 -30.41 35.01
CA ILE B 367 -40.50 -30.57 34.65
C ILE B 367 -41.48 -30.28 35.80
N ASN B 368 -42.19 -29.17 35.67
CA ASN B 368 -43.36 -28.89 36.49
C ASN B 368 -44.49 -29.82 36.05
N VAL B 369 -44.82 -30.78 36.90
CA VAL B 369 -45.86 -31.79 36.63
C VAL B 369 -47.26 -31.15 36.59
N GLY B 370 -47.44 -30.08 37.35
CA GLY B 370 -48.68 -29.33 37.36
C GLY B 370 -48.96 -28.65 36.03
N LEU B 371 -47.91 -28.11 35.41
CA LEU B 371 -48.06 -27.33 34.20
C LEU B 371 -47.59 -28.08 32.97
N SER B 372 -47.39 -29.39 33.11
CA SER B 372 -47.01 -30.21 31.96
C SER B 372 -48.03 -31.27 31.60
N VAL B 373 -48.27 -31.41 30.30
CA VAL B 373 -49.24 -32.35 29.77
C VAL B 373 -48.78 -32.88 28.41
N SER B 374 -49.00 -34.17 28.18
CA SER B 374 -49.01 -34.69 26.84
C SER B 374 -50.47 -34.99 26.53
N ARG B 375 -50.96 -34.45 25.42
CA ARG B 375 -52.38 -34.51 25.12
C ARG B 375 -52.78 -35.80 24.41
N VAL B 376 -51.80 -36.54 23.93
CA VAL B 376 -52.04 -37.75 23.15
C VAL B 376 -51.07 -38.85 23.53
N GLY B 377 -50.41 -38.66 24.68
CA GLY B 377 -49.31 -39.52 25.13
C GLY B 377 -49.69 -40.88 25.70
N SER B 378 -50.76 -40.92 26.50
CA SER B 378 -51.21 -42.16 27.16
C SER B 378 -51.47 -43.27 26.16
N ALA B 379 -51.74 -42.88 24.90
CA ALA B 379 -51.95 -43.83 23.79
C ALA B 379 -50.65 -44.14 23.01
N ALA B 380 -49.65 -43.29 23.16
CA ALA B 380 -48.36 -43.49 22.50
C ALA B 380 -47.34 -44.19 23.42
N GLN B 381 -47.49 -44.01 24.73
CA GLN B 381 -46.58 -44.56 25.75
C GLN B 381 -46.32 -46.06 25.57
N VAL B 382 -45.10 -46.48 25.85
CA VAL B 382 -44.75 -47.90 25.90
C VAL B 382 -45.62 -48.58 26.97
N LYS B 383 -46.41 -49.58 26.54
CA LYS B 383 -47.45 -50.17 27.37
C LYS B 383 -46.98 -50.67 28.73
N ALA B 384 -45.71 -51.06 28.81
CA ALA B 384 -45.10 -51.53 30.05
C ALA B 384 -44.89 -50.40 31.06
N LEU B 385 -44.45 -49.23 30.58
CA LEU B 385 -44.27 -48.03 31.41
C LEU B 385 -45.58 -47.58 32.04
N LYS B 386 -46.61 -47.44 31.21
CA LYS B 386 -47.93 -46.98 31.66
C LYS B 386 -48.42 -47.77 32.88
N GLN B 387 -48.18 -49.08 32.86
CA GLN B 387 -48.63 -50.01 33.88
C GLN B 387 -47.98 -49.81 35.25
N VAL B 388 -46.66 -49.56 35.25
CA VAL B 388 -45.91 -49.34 36.50
C VAL B 388 -45.95 -47.88 36.97
N ALA B 389 -46.31 -46.98 36.08
CA ALA B 389 -46.36 -45.56 36.40
C ALA B 389 -47.67 -45.13 37.06
N GLY B 390 -48.58 -46.09 37.29
CA GLY B 390 -49.92 -45.81 37.81
C GLY B 390 -50.07 -44.58 38.70
N SER B 391 -50.81 -43.60 38.20
CA SER B 391 -51.11 -42.33 38.91
C SER B 391 -49.89 -41.68 39.59
N LEU B 392 -48.74 -41.71 38.91
CA LEU B 392 -47.53 -41.03 39.39
C LEU B 392 -47.60 -39.58 38.97
N LYS B 393 -48.00 -39.38 37.72
CA LYS B 393 -48.32 -38.05 37.20
C LYS B 393 -49.26 -37.33 38.17
N LEU B 394 -50.42 -37.93 38.42
CA LEU B 394 -51.41 -37.35 39.30
C LEU B 394 -50.92 -37.30 40.77
N PHE B 395 -50.03 -38.22 41.13
CA PHE B 395 -49.50 -38.27 42.50
C PHE B 395 -48.57 -37.11 42.82
N LEU B 396 -47.57 -36.90 41.96
CA LEU B 396 -46.54 -35.90 42.23
C LEU B 396 -47.12 -34.50 42.43
N ALA B 397 -48.07 -34.12 41.59
CA ALA B 397 -48.76 -32.83 41.72
C ALA B 397 -49.51 -32.72 43.06
N GLN B 398 -49.95 -33.87 43.57
CA GLN B 398 -50.60 -33.94 44.88
C GLN B 398 -49.58 -33.81 45.99
N TYR B 399 -48.43 -34.47 45.84
CA TYR B 399 -47.36 -34.42 46.83
C TYR B 399 -46.77 -33.01 46.97
N ARG B 400 -46.44 -32.40 45.83
CA ARG B 400 -45.87 -31.06 45.83
C ARG B 400 -46.84 -30.02 46.42
N GLU B 401 -48.14 -30.29 46.33
CA GLU B 401 -49.17 -29.47 47.00
C GLU B 401 -49.19 -29.70 48.51
N VAL B 402 -49.09 -30.97 48.91
CA VAL B 402 -49.04 -31.36 50.32
C VAL B 402 -47.82 -30.75 51.01
N ALA B 403 -46.67 -30.81 50.32
CA ALA B 403 -45.41 -30.28 50.81
C ALA B 403 -45.39 -28.74 50.89
N ALA B 404 -46.44 -28.12 50.36
CA ALA B 404 -46.63 -26.68 50.47
C ALA B 404 -47.28 -26.32 51.81
N PHE B 405 -48.32 -27.07 52.19
CA PHE B 405 -48.98 -26.92 53.49
C PHE B 405 -48.13 -27.50 54.63
N ALA B 406 -46.99 -28.08 54.27
CA ALA B 406 -46.03 -28.63 55.23
C ALA B 406 -45.15 -27.54 55.88
N GLN B 407 -45.64 -26.31 55.85
CA GLN B 407 -44.92 -25.15 56.39
C GLN B 407 -44.59 -25.31 57.88
N PHE B 408 -45.46 -26.02 58.61
CA PHE B 408 -45.21 -26.43 59.99
C PHE B 408 -44.87 -27.93 60.04
N GLY B 409 -44.07 -28.36 61.02
CA GLY B 409 -43.50 -27.49 62.06
C GLY B 409 -43.97 -27.92 63.43
N SER B 410 -44.80 -27.08 64.05
CA SER B 410 -45.41 -27.40 65.35
C SER B 410 -46.67 -28.25 65.16
N ASP B 411 -46.93 -28.64 63.91
CA ASP B 411 -48.07 -29.47 63.55
C ASP B 411 -47.62 -30.59 62.59
N LEU B 412 -46.72 -31.45 63.07
CA LEU B 412 -46.19 -32.55 62.26
C LEU B 412 -47.18 -33.72 62.17
N ASP B 413 -47.73 -33.92 60.98
CA ASP B 413 -48.76 -34.92 60.72
C ASP B 413 -48.18 -36.33 60.63
N ALA B 414 -49.00 -37.33 60.97
CA ALA B 414 -48.63 -38.74 60.87
C ALA B 414 -49.19 -39.36 59.58
N SER B 415 -50.36 -38.88 59.15
CA SER B 415 -51.07 -39.40 57.98
C SER B 415 -50.32 -39.19 56.65
N THR B 416 -50.40 -37.98 56.10
CA THR B 416 -49.81 -37.67 54.80
C THR B 416 -48.29 -37.51 54.84
N LYS B 417 -47.70 -37.75 56.01
CA LYS B 417 -46.25 -37.69 56.16
C LYS B 417 -45.55 -38.80 55.39
N GLN B 418 -46.30 -39.84 55.01
CA GLN B 418 -45.72 -40.96 54.26
C GLN B 418 -45.69 -40.69 52.76
N THR B 419 -46.63 -39.87 52.30
CA THR B 419 -46.62 -39.40 50.91
C THR B 419 -45.51 -38.35 50.74
N LEU B 420 -45.10 -37.75 51.86
CA LEU B 420 -44.00 -36.80 51.92
C LEU B 420 -42.64 -37.50 51.77
N VAL B 421 -42.60 -38.77 52.19
CA VAL B 421 -41.41 -39.60 52.01
C VAL B 421 -41.38 -40.14 50.57
N ARG B 422 -42.49 -40.71 50.12
CA ARG B 422 -42.66 -41.20 48.74
C ARG B 422 -42.22 -40.14 47.77
N GLY B 423 -42.78 -38.94 47.97
CA GLY B 423 -42.49 -37.79 47.14
C GLY B 423 -41.00 -37.58 46.99
N GLU B 424 -40.32 -37.33 48.09
CA GLU B 424 -38.88 -37.09 48.07
C GLU B 424 -38.09 -38.23 47.47
N ARG B 425 -38.58 -39.46 47.65
CA ARG B 425 -37.99 -40.65 47.04
C ARG B 425 -38.19 -40.65 45.51
N LEU B 426 -39.43 -40.42 45.08
CA LEU B 426 -39.77 -40.36 43.64
C LEU B 426 -39.16 -39.15 42.94
N THR B 427 -39.13 -38.00 43.64
CA THR B 427 -38.40 -36.83 43.17
C THR B 427 -36.96 -37.23 42.86
N GLN B 428 -36.31 -37.88 43.83
CA GLN B 428 -34.93 -38.32 43.66
C GLN B 428 -34.77 -39.24 42.49
N LEU B 429 -35.73 -40.13 42.30
CA LEU B 429 -35.66 -41.17 41.28
C LEU B 429 -35.70 -40.62 39.86
N LEU B 430 -36.50 -39.59 39.65
CA LEU B 430 -36.69 -39.01 38.33
C LEU B 430 -35.58 -38.06 37.89
N LYS B 431 -34.85 -37.49 38.84
CA LYS B 431 -33.62 -36.72 38.57
C LYS B 431 -32.74 -37.50 37.61
N GLN B 432 -32.12 -36.80 36.68
CA GLN B 432 -31.33 -37.47 35.66
C GLN B 432 -30.12 -36.65 35.29
N ASN B 433 -28.98 -37.32 35.21
CA ASN B 433 -27.80 -36.70 34.64
C ASN B 433 -28.06 -36.43 33.18
N GLN B 434 -27.61 -35.28 32.72
CA GLN B 434 -27.67 -35.01 31.30
C GLN B 434 -26.82 -36.04 30.59
N TYR B 435 -27.23 -36.42 29.38
CA TYR B 435 -26.53 -37.43 28.57
C TYR B 435 -26.58 -38.85 29.18
N SER B 436 -27.57 -39.12 30.04
CA SER B 436 -27.79 -40.46 30.57
C SER B 436 -29.16 -41.02 30.16
N PRO B 437 -29.45 -41.06 28.84
CA PRO B 437 -30.76 -41.59 28.49
C PRO B 437 -30.77 -43.11 28.63
N LEU B 438 -31.57 -43.61 29.58
CA LEU B 438 -31.67 -45.04 29.85
C LEU B 438 -32.65 -45.68 28.90
N ALA B 439 -32.47 -46.97 28.65
CA ALA B 439 -33.40 -47.73 27.81
C ALA B 439 -34.73 -47.91 28.51
N THR B 440 -35.79 -48.10 27.74
CA THR B 440 -37.14 -48.24 28.29
C THR B 440 -37.23 -49.43 29.29
N GLU B 441 -36.47 -50.49 29.02
CA GLU B 441 -36.37 -51.64 29.94
C GLU B 441 -35.62 -51.31 31.23
N GLU B 442 -34.67 -50.38 31.15
CA GLU B 442 -33.92 -49.93 32.33
C GLU B 442 -34.76 -48.94 33.15
N GLN B 443 -35.87 -48.50 32.57
CA GLN B 443 -36.74 -47.52 33.22
C GLN B 443 -37.79 -48.16 34.14
N VAL B 444 -38.57 -49.11 33.59
CA VAL B 444 -39.72 -49.66 34.33
C VAL B 444 -39.38 -50.31 35.70
N PRO B 445 -38.20 -50.99 35.81
CA PRO B 445 -37.78 -51.52 37.10
C PRO B 445 -37.60 -50.43 38.15
N LEU B 446 -36.96 -49.32 37.75
CA LEU B 446 -36.73 -48.22 38.66
C LEU B 446 -38.07 -47.62 39.12
N ILE B 447 -38.96 -47.35 38.16
CA ILE B 447 -40.27 -46.78 38.47
C ILE B 447 -41.15 -47.71 39.32
N TYR B 448 -41.07 -49.01 39.04
CA TYR B 448 -41.75 -50.05 39.83
C TYR B 448 -41.31 -50.01 41.28
N ALA B 449 -40.02 -49.77 41.50
CA ALA B 449 -39.43 -49.68 42.84
C ALA B 449 -39.87 -48.40 43.56
N GLY B 450 -40.15 -47.35 42.78
CA GLY B 450 -40.63 -46.09 43.34
C GLY B 450 -42.11 -46.09 43.66
N VAL B 451 -42.92 -46.25 42.62
CA VAL B 451 -44.38 -46.24 42.75
C VAL B 451 -44.86 -47.14 43.89
N ASN B 452 -44.56 -48.44 43.78
CA ASN B 452 -45.01 -49.45 44.75
C ASN B 452 -44.46 -49.29 46.16
N GLY B 453 -43.28 -48.67 46.27
CA GLY B 453 -42.76 -48.20 47.55
C GLY B 453 -41.58 -48.93 48.15
N HIS B 454 -40.89 -49.72 47.33
CA HIS B 454 -39.71 -50.47 47.76
C HIS B 454 -38.54 -49.51 47.96
N LEU B 455 -38.85 -48.22 48.08
CA LEU B 455 -37.85 -47.17 48.24
C LEU B 455 -38.05 -46.30 49.48
N ASP B 456 -39.19 -46.47 50.15
CA ASP B 456 -39.53 -45.66 51.34
C ASP B 456 -38.57 -45.85 52.52
N GLY B 457 -37.78 -46.92 52.46
CA GLY B 457 -36.77 -47.20 53.49
C GLY B 457 -35.42 -46.60 53.16
N ILE B 458 -35.01 -46.74 51.89
CA ILE B 458 -33.69 -46.30 51.41
C ILE B 458 -33.45 -44.80 51.60
N GLU B 459 -32.23 -44.45 52.02
CA GLU B 459 -31.84 -43.07 52.27
C GLU B 459 -31.84 -42.23 51.01
N LEU B 460 -32.08 -40.93 51.17
CA LEU B 460 -32.24 -40.03 50.04
C LEU B 460 -30.91 -39.74 49.33
N SER B 461 -29.81 -39.98 50.03
CA SER B 461 -28.47 -39.67 49.50
C SER B 461 -27.85 -40.84 48.73
N ARG B 462 -28.63 -41.90 48.54
CA ARG B 462 -28.12 -43.15 47.95
C ARG B 462 -29.11 -43.79 46.98
N ILE B 463 -29.98 -42.95 46.40
CA ILE B 463 -30.95 -43.39 45.40
C ILE B 463 -30.30 -43.47 44.02
N GLY B 464 -29.39 -42.54 43.76
CA GLY B 464 -28.59 -42.57 42.53
C GLY B 464 -27.71 -43.80 42.51
N GLU B 465 -27.19 -44.17 43.69
CA GLU B 465 -26.46 -45.41 43.89
C GLU B 465 -27.39 -46.59 43.65
N PHE B 466 -28.51 -46.61 44.37
CA PHE B 466 -29.52 -47.64 44.18
C PHE B 466 -29.84 -47.87 42.70
N GLU B 467 -29.82 -46.80 41.91
CA GLU B 467 -30.09 -46.90 40.49
C GLU B 467 -29.05 -47.71 39.71
N SER B 468 -27.77 -47.30 39.81
CA SER B 468 -26.70 -48.04 39.13
C SER B 468 -26.51 -49.43 39.74
N SER B 469 -26.65 -49.52 41.06
CA SER B 469 -26.55 -50.79 41.78
C SER B 469 -27.65 -51.77 41.37
N PHE B 470 -28.84 -51.26 41.08
CA PHE B 470 -29.98 -52.09 40.73
C PHE B 470 -30.00 -52.48 39.25
N LEU B 471 -29.41 -51.65 38.39
CA LEU B 471 -29.29 -51.98 36.96
C LEU B 471 -28.26 -53.10 36.74
N SER B 472 -27.02 -52.89 37.21
CA SER B 472 -25.98 -53.94 37.22
C SER B 472 -26.50 -55.28 37.71
N TYR B 473 -27.20 -55.26 38.86
CA TYR B 473 -27.78 -56.47 39.46
C TYR B 473 -28.76 -57.18 38.52
N LEU B 474 -29.62 -56.40 37.87
CA LEU B 474 -30.60 -56.96 36.95
C LEU B 474 -29.93 -57.42 35.65
N LYS B 475 -29.03 -56.59 35.13
CA LYS B 475 -28.30 -56.90 33.89
C LYS B 475 -27.57 -58.26 33.93
N SER B 476 -26.97 -58.57 35.07
CA SER B 476 -26.29 -59.85 35.28
C SER B 476 -27.28 -60.96 35.65
N ASN B 477 -28.09 -60.71 36.69
CA ASN B 477 -28.99 -61.74 37.22
C ASN B 477 -30.25 -62.02 36.40
N HIS B 478 -31.16 -61.07 36.39
CA HIS B 478 -32.45 -61.24 35.74
C HIS B 478 -32.50 -60.60 34.35
N ASN B 479 -31.53 -60.96 33.51
CA ASN B 479 -31.47 -60.46 32.12
C ASN B 479 -32.65 -60.95 31.28
N GLU B 480 -33.20 -62.10 31.67
CA GLU B 480 -34.41 -62.67 31.04
C GLU B 480 -35.62 -61.74 31.09
N LEU B 481 -35.73 -60.94 32.16
CA LEU B 481 -36.83 -59.98 32.29
C LEU B 481 -36.57 -58.78 31.42
N LEU B 482 -35.34 -58.25 31.50
CA LEU B 482 -34.94 -57.05 30.77
C LEU B 482 -35.05 -57.23 29.27
N THR B 483 -34.92 -58.47 28.82
CA THR B 483 -35.08 -58.82 27.40
C THR B 483 -36.56 -59.02 27.04
N GLU B 484 -37.36 -59.44 28.02
CA GLU B 484 -38.79 -59.66 27.80
C GLU B 484 -39.56 -58.35 27.78
N ILE B 485 -39.18 -57.41 28.65
CA ILE B 485 -39.74 -56.06 28.63
C ILE B 485 -39.47 -55.38 27.30
N ARG B 486 -38.22 -55.45 26.82
CA ARG B 486 -37.80 -54.83 25.55
C ARG B 486 -38.55 -55.37 24.34
N GLU B 487 -38.87 -56.67 24.36
CA GLU B 487 -39.45 -57.33 23.20
C GLU B 487 -40.97 -57.49 23.25
N LYS B 488 -41.51 -57.71 24.46
CA LYS B 488 -42.97 -57.73 24.66
C LYS B 488 -43.59 -56.33 24.59
N GLY B 489 -42.99 -55.39 25.32
CA GLY B 489 -43.52 -54.04 25.45
C GLY B 489 -44.55 -53.96 26.57
N GLU B 490 -45.00 -55.11 27.05
CA GLU B 490 -45.99 -55.20 28.13
C GLU B 490 -45.36 -55.74 29.41
N LEU B 491 -46.20 -55.96 30.40
CA LEU B 491 -45.83 -56.74 31.58
C LEU B 491 -46.94 -57.72 31.95
N SER B 492 -46.71 -59.00 31.66
CA SER B 492 -47.62 -60.06 32.11
C SER B 492 -47.51 -60.21 33.63
N LYS B 493 -48.56 -60.71 34.27
CA LYS B 493 -48.59 -60.87 35.73
C LYS B 493 -47.46 -61.80 36.21
N GLU B 494 -47.09 -62.76 35.35
CA GLU B 494 -45.95 -63.65 35.55
C GLU B 494 -44.61 -62.91 35.52
N LEU B 495 -44.53 -61.87 34.69
CA LEU B 495 -43.33 -61.05 34.59
C LEU B 495 -43.36 -59.91 35.60
N LEU B 496 -44.58 -59.57 36.05
CA LEU B 496 -44.80 -58.53 37.06
C LEU B 496 -44.41 -59.05 38.44
N ALA B 497 -44.85 -60.26 38.76
CA ALA B 497 -44.44 -60.93 40.00
C ALA B 497 -42.95 -61.34 39.96
N SER B 498 -42.41 -61.52 38.75
CA SER B 498 -40.99 -61.85 38.55
C SER B 498 -40.11 -60.64 38.90
N LEU B 499 -40.54 -59.48 38.41
CA LEU B 499 -39.95 -58.19 38.76
C LEU B 499 -40.09 -57.92 40.27
N LYS B 500 -41.32 -58.03 40.79
CA LYS B 500 -41.61 -57.92 42.22
C LYS B 500 -40.57 -58.63 43.10
N SER B 501 -40.37 -59.93 42.86
CA SER B 501 -39.40 -60.74 43.62
C SER B 501 -38.00 -60.15 43.56
N ALA B 502 -37.50 -59.95 42.34
CA ALA B 502 -36.18 -59.37 42.12
C ALA B 502 -36.02 -57.99 42.76
N THR B 503 -37.12 -57.31 43.05
CA THR B 503 -37.09 -55.99 43.70
C THR B 503 -36.84 -56.11 45.21
N GLU B 504 -37.66 -56.94 45.88
CA GLU B 504 -37.54 -57.19 47.31
C GLU B 504 -36.24 -57.92 47.61
N SER B 505 -35.84 -58.76 46.65
CA SER B 505 -34.56 -59.47 46.69
C SER B 505 -33.38 -58.50 46.75
N PHE B 506 -33.41 -57.46 45.91
CA PHE B 506 -32.36 -56.44 45.91
C PHE B 506 -32.47 -55.47 47.10
N VAL B 507 -33.70 -55.25 47.58
CA VAL B 507 -33.95 -54.39 48.75
C VAL B 507 -33.29 -54.96 50.01
N ALA B 508 -33.44 -56.26 50.22
CA ALA B 508 -32.82 -56.97 51.34
C ALA B 508 -31.29 -56.82 51.35
N THR B 509 -30.72 -56.44 50.21
CA THR B 509 -29.28 -56.27 50.06
C THR B 509 -28.88 -54.89 49.49
N PHE B 510 -28.65 -53.94 50.40
CA PHE B 510 -28.15 -52.62 50.00
C PHE B 510 -27.45 -51.91 51.16
N ASN C 26 -73.99 16.34 -16.44
CA ASN C 26 -74.39 17.15 -15.26
C ASN C 26 -74.17 16.38 -13.97
N LEU C 27 -73.29 16.91 -13.13
CA LEU C 27 -72.87 16.24 -11.92
C LEU C 27 -73.24 17.00 -10.65
N ASN C 28 -74.12 17.99 -10.79
CA ASN C 28 -74.63 18.75 -9.64
C ASN C 28 -75.50 17.92 -8.69
N GLU C 29 -76.39 17.12 -9.27
CA GLU C 29 -77.39 16.37 -8.50
C GLU C 29 -77.04 14.90 -8.40
N THR C 30 -76.14 14.45 -9.27
CA THR C 30 -75.78 13.05 -9.38
C THR C 30 -74.28 12.90 -9.47
N GLY C 31 -73.78 11.84 -8.85
CA GLY C 31 -72.37 11.48 -8.97
C GLY C 31 -72.23 10.02 -9.31
N ARG C 32 -71.15 9.67 -10.00
CA ARG C 32 -70.84 8.27 -10.29
C ARG C 32 -69.92 7.76 -9.17
N VAL C 33 -69.80 6.44 -9.05
CA VAL C 33 -69.01 5.82 -7.98
C VAL C 33 -67.53 5.64 -8.36
N LEU C 34 -66.65 6.29 -7.62
CA LEU C 34 -65.20 6.15 -7.84
C LEU C 34 -64.58 4.85 -7.28
N ALA C 35 -64.93 4.50 -6.03
CA ALA C 35 -64.49 3.24 -5.39
C ALA C 35 -65.35 2.91 -4.18
N VAL C 36 -65.60 1.61 -3.95
CA VAL C 36 -66.48 1.15 -2.84
C VAL C 36 -65.96 -0.07 -2.07
N GLY C 37 -65.85 0.10 -0.75
CA GLY C 37 -65.37 -0.95 0.15
C GLY C 37 -65.60 -0.64 1.62
N ASP C 38 -66.06 -1.66 2.35
CA ASP C 38 -66.27 -1.62 3.81
C ASP C 38 -67.26 -0.54 4.26
N GLY C 39 -68.41 -0.47 3.59
CA GLY C 39 -69.47 0.46 3.97
C GLY C 39 -69.12 1.92 3.74
N ILE C 40 -68.09 2.12 2.92
CA ILE C 40 -67.66 3.44 2.51
C ILE C 40 -67.69 3.47 0.99
N ALA C 41 -68.08 4.60 0.41
CA ALA C 41 -68.08 4.75 -1.02
C ALA C 41 -67.51 6.11 -1.43
N ARG C 42 -66.55 6.08 -2.35
CA ARG C 42 -66.02 7.30 -2.94
C ARG C 42 -66.80 7.62 -4.21
N VAL C 43 -67.47 8.76 -4.20
CA VAL C 43 -68.33 9.18 -5.30
C VAL C 43 -67.75 10.45 -5.90
N PHE C 44 -67.81 10.53 -7.23
CA PHE C 44 -67.37 11.70 -8.00
C PHE C 44 -68.59 12.50 -8.48
N GLY C 45 -68.56 13.81 -8.28
CA GLY C 45 -69.68 14.69 -8.63
C GLY C 45 -70.43 15.16 -7.41
N LEU C 46 -71.76 15.03 -7.46
CA LEU C 46 -72.69 15.47 -6.41
C LEU C 46 -72.43 16.90 -5.90
N ASN C 47 -72.06 17.79 -6.81
CA ASN C 47 -71.49 19.12 -6.48
C ASN C 47 -72.30 20.00 -5.51
N ASN C 48 -73.61 20.08 -5.72
CA ASN C 48 -74.49 20.86 -4.85
C ASN C 48 -75.01 20.13 -3.62
N ILE C 49 -74.37 19.01 -3.27
CA ILE C 49 -74.73 18.23 -2.09
C ILE C 49 -74.31 18.98 -0.83
N GLN C 50 -75.07 18.77 0.24
CA GLN C 50 -74.82 19.39 1.54
C GLN C 50 -74.05 18.41 2.40
N ALA C 51 -73.29 18.94 3.35
CA ALA C 51 -72.64 18.10 4.33
C ALA C 51 -73.71 17.37 5.13
N GLU C 52 -73.63 16.04 5.15
CA GLU C 52 -74.55 15.15 5.89
C GLU C 52 -75.91 15.02 5.21
N GLU C 53 -75.88 14.92 3.89
CA GLU C 53 -77.09 14.71 3.11
C GLU C 53 -77.26 13.21 2.83
N LEU C 54 -78.50 12.72 2.90
CA LEU C 54 -78.84 11.36 2.43
C LEU C 54 -78.57 11.20 0.94
N VAL C 55 -78.28 9.97 0.52
CA VAL C 55 -78.21 9.68 -0.92
C VAL C 55 -78.86 8.34 -1.26
N GLU C 56 -79.39 8.23 -2.47
CA GLU C 56 -79.81 6.93 -3.01
C GLU C 56 -78.80 6.44 -4.05
N PHE C 57 -78.44 5.17 -3.94
CA PHE C 57 -77.67 4.50 -4.98
C PHE C 57 -78.64 3.86 -5.96
N SER C 58 -78.19 3.66 -7.20
CA SER C 58 -79.04 3.12 -8.26
C SER C 58 -79.68 1.79 -7.87
N SER C 59 -78.98 1.04 -7.02
CA SER C 59 -79.44 -0.25 -6.49
C SER C 59 -80.49 -0.16 -5.39
N GLY C 60 -80.63 1.01 -4.76
CA GLY C 60 -81.65 1.21 -3.73
C GLY C 60 -81.13 1.41 -2.31
N VAL C 61 -79.86 1.09 -2.10
CA VAL C 61 -79.21 1.32 -0.82
C VAL C 61 -79.13 2.83 -0.54
N LYS C 62 -79.15 3.21 0.72
CA LYS C 62 -78.99 4.62 1.09
C LYS C 62 -77.62 4.89 1.69
N GLY C 63 -77.26 6.18 1.81
CA GLY C 63 -75.98 6.60 2.39
C GLY C 63 -76.00 8.02 2.93
N MET C 64 -74.90 8.44 3.54
CA MET C 64 -74.77 9.77 4.12
C MET C 64 -73.43 10.38 3.70
N ALA C 65 -73.50 11.54 3.03
CA ALA C 65 -72.31 12.26 2.62
C ALA C 65 -71.67 12.94 3.82
N LEU C 66 -70.63 12.34 4.36
CA LEU C 66 -69.99 12.89 5.53
C LEU C 66 -68.71 13.67 5.23
N ILE C 67 -68.09 13.40 4.08
CA ILE C 67 -66.89 14.16 3.71
C ILE C 67 -67.01 14.79 2.32
N LEU C 68 -66.85 16.11 2.25
CA LEU C 68 -66.85 16.83 0.98
C LEU C 68 -65.44 17.36 0.69
N GLU C 69 -64.76 16.78 -0.29
CA GLU C 69 -63.43 17.24 -0.68
C GLU C 69 -63.47 17.81 -2.11
N PRO C 70 -62.40 18.52 -2.53
CA PRO C 70 -62.34 19.07 -3.89
C PRO C 70 -62.71 18.09 -5.01
N GLY C 71 -62.22 16.86 -4.95
CA GLY C 71 -62.43 15.92 -6.05
C GLY C 71 -63.59 14.93 -5.92
N GLN C 72 -64.03 14.68 -4.69
CA GLN C 72 -64.91 13.54 -4.42
C GLN C 72 -65.70 13.73 -3.13
N VAL C 73 -66.61 12.79 -2.86
CA VAL C 73 -67.39 12.83 -1.63
C VAL C 73 -67.33 11.47 -0.90
N GLY C 74 -66.95 11.52 0.37
CA GLY C 74 -67.05 10.35 1.23
C GLY C 74 -68.48 10.06 1.62
N ILE C 75 -68.95 8.85 1.32
CA ILE C 75 -70.28 8.44 1.73
C ILE C 75 -70.28 7.13 2.52
N VAL C 76 -70.76 7.20 3.76
CA VAL C 76 -71.02 6.00 4.55
C VAL C 76 -72.31 5.33 4.04
N LEU C 77 -72.28 4.01 3.88
CA LEU C 77 -73.45 3.31 3.40
C LEU C 77 -74.37 2.95 4.56
N PHE C 78 -75.68 2.93 4.29
CA PHE C 78 -76.64 2.47 5.28
C PHE C 78 -77.04 1.01 5.02
N GLY C 79 -76.48 0.42 3.97
CA GLY C 79 -76.74 -0.97 3.65
C GLY C 79 -75.57 -1.66 2.97
N SER C 80 -75.76 -2.94 2.65
CA SER C 80 -74.74 -3.83 2.07
C SER C 80 -74.04 -3.28 0.83
N ASP C 81 -72.70 -3.31 0.84
CA ASP C 81 -71.92 -2.85 -0.31
C ASP C 81 -71.67 -3.92 -1.37
N ARG C 82 -72.35 -5.05 -1.27
CA ARG C 82 -72.46 -5.94 -2.42
C ARG C 82 -73.31 -5.24 -3.46
N LEU C 83 -74.21 -4.38 -2.97
CA LEU C 83 -75.15 -3.67 -3.81
C LEU C 83 -74.58 -2.40 -4.48
N VAL C 84 -73.37 -2.01 -4.12
CA VAL C 84 -72.70 -0.91 -4.84
C VAL C 84 -71.55 -1.45 -5.70
N LYS C 85 -71.38 -0.85 -6.88
CA LYS C 85 -70.30 -1.16 -7.81
C LYS C 85 -69.71 0.14 -8.34
N GLU C 86 -68.53 0.08 -8.94
CA GLU C 86 -67.88 1.27 -9.52
C GLU C 86 -68.59 1.64 -10.81
N GLY C 87 -68.79 2.93 -11.03
CA GLY C 87 -69.46 3.42 -12.23
C GLY C 87 -70.95 3.61 -12.04
N GLU C 88 -71.48 3.11 -10.92
CA GLU C 88 -72.88 3.30 -10.55
C GLU C 88 -73.26 4.75 -10.28
N LEU C 89 -74.56 5.03 -10.36
CA LEU C 89 -75.08 6.38 -10.26
C LEU C 89 -75.66 6.69 -8.87
N VAL C 90 -75.07 7.67 -8.19
CA VAL C 90 -75.53 8.13 -6.87
C VAL C 90 -76.28 9.45 -7.01
N LYS C 91 -77.35 9.60 -6.23
CA LYS C 91 -78.33 10.64 -6.39
C LYS C 91 -78.47 11.46 -5.11
N ARG C 92 -78.51 12.78 -5.22
CA ARG C 92 -78.88 13.65 -4.08
C ARG C 92 -80.30 13.36 -3.64
N THR C 93 -80.57 13.62 -2.36
CA THR C 93 -81.92 13.62 -1.87
C THR C 93 -82.35 15.06 -1.71
N GLY C 94 -81.37 15.93 -1.49
CA GLY C 94 -81.62 17.29 -1.04
C GLY C 94 -81.89 17.33 0.46
N ASN C 95 -81.90 16.16 1.10
CA ASN C 95 -82.31 16.05 2.51
C ASN C 95 -81.18 15.79 3.51
N ILE C 96 -81.07 16.67 4.50
CA ILE C 96 -80.23 16.39 5.67
C ILE C 96 -80.92 15.27 6.43
N VAL C 97 -80.14 14.35 6.99
CA VAL C 97 -80.66 13.18 7.70
C VAL C 97 -81.76 13.54 8.70
N ASP C 98 -82.89 12.84 8.63
CA ASP C 98 -84.05 13.13 9.47
C ASP C 98 -84.93 11.91 9.73
N VAL C 99 -85.89 12.05 10.64
CA VAL C 99 -86.77 10.94 11.06
C VAL C 99 -88.23 11.34 11.23
N PRO C 100 -89.15 10.38 11.07
CA PRO C 100 -90.54 10.61 11.46
C PRO C 100 -90.67 10.74 12.98
N VAL C 101 -91.44 11.73 13.43
CA VAL C 101 -91.63 12.01 14.86
C VAL C 101 -93.10 12.26 15.17
N GLY C 102 -93.47 12.20 16.45
CA GLY C 102 -94.84 12.42 16.90
C GLY C 102 -95.39 11.32 17.80
N PRO C 103 -96.66 11.46 18.25
CA PRO C 103 -97.22 10.46 19.16
C PRO C 103 -97.59 9.16 18.43
N GLY C 104 -97.61 9.20 17.10
CA GLY C 104 -97.84 8.01 16.29
C GLY C 104 -96.80 6.90 16.47
N LEU C 105 -95.60 7.28 16.90
CA LEU C 105 -94.53 6.32 17.06
C LEU C 105 -94.72 5.36 18.24
N LEU C 106 -95.48 5.80 19.24
CA LEU C 106 -95.69 5.03 20.47
C LEU C 106 -96.17 3.60 20.20
N GLY C 107 -95.57 2.64 20.90
CA GLY C 107 -95.95 1.24 20.76
C GLY C 107 -95.22 0.53 19.64
N ARG C 108 -94.75 1.29 18.65
CA ARG C 108 -94.04 0.72 17.49
C ARG C 108 -92.55 0.44 17.78
N VAL C 109 -91.92 -0.34 16.89
CA VAL C 109 -90.48 -0.56 16.94
C VAL C 109 -89.88 -0.06 15.62
N VAL C 110 -88.82 0.73 15.67
CA VAL C 110 -88.24 1.30 14.45
C VAL C 110 -86.73 1.22 14.38
N ASP C 111 -86.22 1.18 13.14
CA ASP C 111 -84.80 1.26 12.91
C ASP C 111 -84.24 2.68 13.08
N ALA C 112 -82.93 2.84 12.85
CA ALA C 112 -82.25 4.12 13.10
C ALA C 112 -82.82 5.27 12.29
N LEU C 113 -83.44 4.94 11.15
CA LEU C 113 -84.00 5.95 10.27
C LEU C 113 -85.50 6.11 10.44
N GLY C 114 -86.08 5.45 11.44
CA GLY C 114 -87.51 5.56 11.71
C GLY C 114 -88.42 4.65 10.90
N ASN C 115 -87.82 3.77 10.09
CA ASN C 115 -88.56 2.77 9.35
C ASN C 115 -89.16 1.75 10.31
N PRO C 116 -90.38 1.25 10.05
CA PRO C 116 -90.96 0.29 10.97
C PRO C 116 -90.35 -1.10 10.78
N ILE C 117 -90.05 -1.76 11.90
CA ILE C 117 -89.40 -3.08 11.87
C ILE C 117 -90.16 -4.12 12.70
N ASP C 118 -91.23 -3.71 13.36
CA ASP C 118 -92.10 -4.64 14.08
C ASP C 118 -93.14 -5.27 13.16
N GLY C 119 -92.99 -5.02 11.85
CA GLY C 119 -93.89 -5.50 10.83
C GLY C 119 -95.36 -5.22 11.09
N LYS C 120 -95.67 -3.98 11.47
CA LYS C 120 -97.05 -3.56 11.70
C LYS C 120 -97.51 -2.43 10.77
N GLY C 121 -96.72 -2.14 9.74
CA GLY C 121 -97.08 -1.15 8.73
C GLY C 121 -96.55 0.25 9.02
N PRO C 122 -97.08 1.28 8.32
CA PRO C 122 -96.60 2.68 8.35
C PRO C 122 -96.64 3.38 9.72
N ILE C 123 -95.78 4.38 9.92
CA ILE C 123 -95.85 5.22 11.14
C ILE C 123 -96.68 6.49 10.93
N ASP C 124 -97.37 6.94 11.98
CA ASP C 124 -98.11 8.21 11.95
C ASP C 124 -97.31 9.42 12.41
N ALA C 125 -96.57 10.02 11.47
CA ALA C 125 -95.68 11.12 11.77
C ALA C 125 -96.42 12.45 11.84
N ALA C 126 -96.34 13.11 12.98
CA ALA C 126 -96.85 14.47 13.10
C ALA C 126 -95.85 15.45 12.49
N GLY C 127 -94.68 14.94 12.11
CA GLY C 127 -93.65 15.75 11.46
C GLY C 127 -92.35 15.00 11.22
N ARG C 128 -91.30 15.76 10.93
CA ARG C 128 -89.99 15.20 10.64
C ARG C 128 -88.88 16.05 11.25
N SER C 129 -88.40 15.67 12.43
CA SER C 129 -87.25 16.33 13.03
C SER C 129 -85.97 15.86 12.36
N ARG C 130 -84.94 16.71 12.37
CA ARG C 130 -83.60 16.33 11.91
C ARG C 130 -82.91 15.34 12.84
N ALA C 131 -81.86 14.69 12.34
CA ALA C 131 -81.06 13.78 13.15
C ALA C 131 -80.24 14.55 14.17
N GLN C 132 -79.63 15.65 13.71
CA GLN C 132 -78.83 16.49 14.58
C GLN C 132 -79.51 17.84 14.86
N VAL C 133 -80.23 17.91 15.97
CA VAL C 133 -80.83 19.16 16.47
C VAL C 133 -79.90 19.80 17.53
N LYS C 134 -79.91 21.13 17.60
CA LYS C 134 -79.24 21.82 18.70
C LYS C 134 -79.88 21.52 20.05
N ALA C 135 -79.10 21.66 21.12
CA ALA C 135 -79.64 21.52 22.46
C ALA C 135 -80.26 22.86 22.82
N PRO C 136 -81.14 22.90 23.86
CA PRO C 136 -81.64 24.22 24.22
C PRO C 136 -80.56 24.98 24.96
N GLY C 137 -80.47 26.28 24.65
CA GLY C 137 -79.42 27.14 25.16
C GLY C 137 -79.60 27.46 26.61
N ILE C 138 -78.87 28.47 27.07
CA ILE C 138 -78.88 28.91 28.46
C ILE C 138 -80.26 29.42 28.87
N LEU C 139 -80.95 30.09 27.95
CA LEU C 139 -82.26 30.69 28.24
C LEU C 139 -83.50 29.76 28.40
N PRO C 140 -83.95 29.07 27.33
CA PRO C 140 -85.22 28.32 27.36
C PRO C 140 -85.25 27.11 28.31
N ARG C 141 -84.98 27.34 29.59
CA ARG C 141 -84.73 26.24 30.54
C ARG C 141 -85.19 26.57 31.94
N ARG C 142 -85.46 25.53 32.72
CA ARG C 142 -86.02 25.65 34.05
C ARG C 142 -85.30 24.61 34.93
N SER C 143 -85.01 24.97 36.16
CA SER C 143 -84.30 24.05 37.07
C SER C 143 -85.02 22.72 37.25
N VAL C 144 -84.27 21.64 37.39
CA VAL C 144 -84.85 20.30 37.51
C VAL C 144 -85.45 20.12 38.92
N HIS C 145 -86.77 19.92 38.98
CA HIS C 145 -87.47 19.84 40.28
C HIS C 145 -88.51 18.72 40.38
N GLU C 146 -88.89 18.13 39.25
CA GLU C 146 -89.91 17.09 39.24
C GLU C 146 -89.27 15.71 39.23
N PRO C 147 -89.67 14.85 40.18
CA PRO C 147 -89.13 13.48 40.29
C PRO C 147 -89.54 12.55 39.14
N VAL C 148 -88.55 11.85 38.59
CA VAL C 148 -88.80 10.68 37.76
C VAL C 148 -88.59 9.50 38.69
N GLN C 149 -89.69 8.82 39.03
CA GLN C 149 -89.65 7.75 40.04
C GLN C 149 -89.26 6.41 39.43
N THR C 150 -88.25 5.76 40.00
CA THR C 150 -87.77 4.50 39.47
C THR C 150 -88.46 3.29 40.11
N GLY C 151 -88.87 3.44 41.36
CA GLY C 151 -89.47 2.33 42.12
C GLY C 151 -88.41 1.54 42.86
N LEU C 152 -87.16 1.74 42.45
CA LEU C 152 -86.01 1.13 43.09
C LEU C 152 -85.71 1.88 44.38
N LYS C 153 -86.09 1.26 45.50
CA LYS C 153 -85.83 1.80 46.84
C LYS C 153 -84.47 2.49 46.97
N ALA C 154 -83.44 1.86 46.39
CA ALA C 154 -82.06 2.32 46.51
C ALA C 154 -81.77 3.58 45.69
N VAL C 155 -82.31 3.65 44.48
CA VAL C 155 -82.12 4.81 43.60
C VAL C 155 -82.87 6.03 44.12
N ASP C 156 -84.14 5.87 44.42
CA ASP C 156 -84.98 7.01 44.78
C ASP C 156 -84.71 7.55 46.19
N ALA C 157 -83.92 6.81 46.96
CA ALA C 157 -83.48 7.27 48.28
C ALA C 157 -82.11 7.94 48.23
N LEU C 158 -81.22 7.41 47.39
CA LEU C 158 -79.80 7.78 47.39
C LEU C 158 -79.32 8.48 46.10
N VAL C 159 -79.88 8.10 44.96
CA VAL C 159 -79.58 8.78 43.69
C VAL C 159 -80.85 9.13 42.88
N PRO C 160 -81.65 10.11 43.37
CA PRO C 160 -82.97 10.41 42.81
C PRO C 160 -82.95 11.18 41.49
N ILE C 161 -83.53 10.59 40.45
CA ILE C 161 -83.47 11.11 39.08
C ILE C 161 -84.63 12.05 38.74
N GLY C 162 -84.30 13.31 38.40
CA GLY C 162 -85.30 14.33 38.07
C GLY C 162 -85.65 14.49 36.60
N ARG C 163 -86.64 15.35 36.33
CA ARG C 163 -87.12 15.59 34.97
C ARG C 163 -86.29 16.61 34.23
N GLY C 164 -85.64 16.16 33.17
CA GLY C 164 -84.67 16.96 32.44
C GLY C 164 -83.25 16.59 32.78
N GLN C 165 -83.09 15.57 33.64
CA GLN C 165 -81.79 15.11 34.12
C GLN C 165 -81.09 14.17 33.15
N ARG C 166 -79.77 14.07 33.29
CA ARG C 166 -78.95 13.04 32.62
C ARG C 166 -78.25 12.24 33.70
N GLU C 167 -78.68 10.99 33.89
CA GLU C 167 -78.14 10.11 34.93
C GLU C 167 -77.52 8.87 34.32
N LEU C 168 -76.21 8.74 34.47
CA LEU C 168 -75.47 7.65 33.85
C LEU C 168 -75.63 6.34 34.61
N ILE C 169 -75.94 5.27 33.88
CA ILE C 169 -75.87 3.93 34.44
C ILE C 169 -74.57 3.32 33.93
N ILE C 170 -73.70 2.95 34.87
CA ILE C 170 -72.35 2.51 34.49
C ILE C 170 -71.92 1.27 35.28
N GLY C 171 -71.07 0.45 34.66
CA GLY C 171 -70.57 -0.77 35.30
C GLY C 171 -70.09 -1.81 34.30
N ASP C 172 -69.63 -2.95 34.80
CA ASP C 172 -69.19 -4.06 33.96
C ASP C 172 -70.35 -4.80 33.28
N ARG C 173 -70.03 -5.64 32.30
CA ARG C 173 -71.04 -6.48 31.66
C ARG C 173 -71.75 -7.31 32.73
N GLN C 174 -73.07 -7.42 32.59
CA GLN C 174 -73.91 -8.27 33.43
C GLN C 174 -73.95 -7.85 34.91
N THR C 175 -74.07 -6.55 35.15
CA THR C 175 -74.17 -6.01 36.51
C THR C 175 -75.51 -5.30 36.80
N GLY C 176 -76.46 -5.45 35.88
CA GLY C 176 -77.81 -4.95 36.08
C GLY C 176 -78.01 -3.55 35.53
N LYS C 177 -77.33 -3.25 34.43
CA LYS C 177 -77.41 -1.92 33.81
C LYS C 177 -78.74 -1.67 33.12
N THR C 178 -79.16 -2.57 32.22
CA THR C 178 -80.47 -2.43 31.58
C THR C 178 -81.57 -2.68 32.59
N ALA C 179 -81.27 -3.56 33.54
CA ALA C 179 -82.20 -3.93 34.60
C ALA C 179 -82.67 -2.71 35.39
N VAL C 180 -81.76 -1.77 35.62
CA VAL C 180 -82.10 -0.59 36.40
C VAL C 180 -83.01 0.33 35.61
N ALA C 181 -82.66 0.57 34.34
CA ALA C 181 -83.45 1.44 33.46
C ALA C 181 -84.78 0.81 33.05
N LEU C 182 -84.80 -0.53 32.96
CA LEU C 182 -86.00 -1.26 32.58
C LEU C 182 -87.07 -1.18 33.65
N ASP C 183 -86.63 -1.19 34.91
CA ASP C 183 -87.54 -1.16 36.04
C ASP C 183 -88.15 0.24 36.24
N THR C 184 -87.47 1.26 35.71
CA THR C 184 -88.01 2.62 35.67
C THR C 184 -89.13 2.73 34.62
N ILE C 185 -88.86 2.22 33.42
CA ILE C 185 -89.86 2.22 32.36
C ILE C 185 -91.12 1.51 32.86
N LEU C 186 -90.95 0.28 33.33
CA LEU C 186 -92.07 -0.48 33.89
C LEU C 186 -92.87 0.36 34.88
N ASN C 187 -92.17 0.92 35.88
CA ASN C 187 -92.79 1.64 36.99
C ASN C 187 -93.73 2.77 36.55
N GLN C 188 -93.32 3.56 35.56
CA GLN C 188 -94.11 4.72 35.12
C GLN C 188 -95.56 4.37 34.76
N LYS C 189 -95.84 3.08 34.63
CA LYS C 189 -97.18 2.57 34.38
C LYS C 189 -98.20 3.23 35.30
N ARG C 190 -97.81 3.44 36.57
CA ARG C 190 -98.67 4.07 37.57
C ARG C 190 -99.35 5.36 37.08
N TRP C 191 -98.61 6.18 36.35
CA TRP C 191 -99.09 7.48 35.88
C TRP C 191 -99.50 7.50 34.40
N ASN C 192 -98.91 6.57 33.64
CA ASN C 192 -99.17 6.48 32.20
C ASN C 192 -100.54 5.92 31.84
N ASN C 193 -101.17 5.23 32.79
CA ASN C 193 -102.54 4.76 32.62
C ASN C 193 -103.60 5.80 33.00
N GLY C 194 -103.22 6.75 33.85
CA GLY C 194 -104.08 7.86 34.24
C GLY C 194 -104.30 8.88 33.14
N SER C 195 -105.30 9.73 33.32
CA SER C 195 -105.62 10.79 32.36
C SER C 195 -104.60 11.95 32.40
N ASP C 196 -104.25 12.36 33.64
CA ASP C 196 -103.28 13.44 33.89
C ASP C 196 -102.06 13.38 32.96
N GLU C 197 -101.99 14.34 32.04
CA GLU C 197 -101.05 14.31 30.94
C GLU C 197 -99.67 14.86 31.31
N SER C 198 -99.60 15.55 32.45
CA SER C 198 -98.36 16.16 32.92
C SER C 198 -97.71 15.36 34.05
N LYS C 199 -98.33 14.27 34.47
CA LYS C 199 -97.70 13.34 35.40
C LYS C 199 -97.09 12.17 34.62
N LYS C 200 -97.58 11.96 33.40
CA LYS C 200 -97.10 10.89 32.51
C LYS C 200 -95.61 11.00 32.17
N LEU C 201 -95.04 9.89 31.70
CA LEU C 201 -93.68 9.86 31.17
C LEU C 201 -93.62 8.85 30.00
N TYR C 202 -93.38 9.37 28.80
CA TYR C 202 -93.33 8.52 27.62
C TYR C 202 -91.91 8.00 27.46
N CYS C 203 -91.79 6.73 27.04
CA CYS C 203 -90.49 6.06 27.02
C CYS C 203 -89.94 5.77 25.63
N VAL C 204 -88.66 6.05 25.45
CA VAL C 204 -87.94 5.66 24.24
C VAL C 204 -86.74 4.83 24.65
N TYR C 205 -86.68 3.60 24.16
CA TYR C 205 -85.54 2.73 24.42
C TYR C 205 -84.72 2.64 23.14
N VAL C 206 -83.45 3.00 23.24
CA VAL C 206 -82.52 2.95 22.14
C VAL C 206 -81.59 1.78 22.36
N ALA C 207 -81.60 0.82 21.45
CA ALA C 207 -80.66 -0.30 21.51
C ALA C 207 -79.62 -0.16 20.42
N VAL C 208 -78.38 0.07 20.84
CA VAL C 208 -77.25 0.28 19.93
C VAL C 208 -76.31 -0.88 20.11
N GLY C 209 -76.09 -1.63 19.04
CA GLY C 209 -75.14 -2.75 19.06
C GLY C 209 -75.57 -4.07 19.66
N GLN C 210 -76.81 -4.14 20.14
CA GLN C 210 -77.35 -5.37 20.73
C GLN C 210 -77.73 -6.37 19.64
N LYS C 211 -77.71 -7.66 19.98
CA LYS C 211 -78.18 -8.69 19.07
C LYS C 211 -79.69 -8.63 19.06
N ARG C 212 -80.28 -9.01 17.93
CA ARG C 212 -81.73 -8.88 17.74
C ARG C 212 -82.55 -9.76 18.69
N SER C 213 -82.02 -10.93 19.03
CA SER C 213 -82.72 -11.84 19.95
C SER C 213 -82.93 -11.26 21.36
N THR C 214 -82.17 -10.21 21.70
CA THR C 214 -82.34 -9.53 22.99
C THR C 214 -83.44 -8.48 22.90
N VAL C 215 -83.36 -7.59 21.89
CA VAL C 215 -84.35 -6.53 21.67
C VAL C 215 -85.78 -7.09 21.58
N ALA C 216 -85.94 -8.13 20.77
CA ALA C 216 -87.20 -8.83 20.63
C ALA C 216 -87.67 -9.31 22.00
N GLN C 217 -86.77 -9.97 22.73
CA GLN C 217 -87.06 -10.50 24.06
C GLN C 217 -87.32 -9.38 25.08
N LEU C 218 -86.77 -8.19 24.83
CA LEU C 218 -87.09 -7.07 25.69
C LEU C 218 -88.45 -6.46 25.37
N VAL C 219 -88.80 -6.34 24.09
CA VAL C 219 -90.11 -5.74 23.72
C VAL C 219 -91.25 -6.60 24.26
N GLN C 220 -91.01 -7.91 24.31
CA GLN C 220 -91.95 -8.88 24.82
C GLN C 220 -92.13 -8.69 26.33
N THR C 221 -91.03 -8.46 27.05
CA THR C 221 -91.09 -8.20 28.48
C THR C 221 -91.94 -6.98 28.78
N LEU C 222 -91.73 -5.91 28.00
CA LEU C 222 -92.51 -4.68 28.14
C LEU C 222 -93.99 -4.93 27.81
N GLU C 223 -94.25 -5.68 26.75
CA GLU C 223 -95.63 -6.07 26.42
C GLU C 223 -96.31 -6.86 27.54
N GLN C 224 -95.57 -7.80 28.15
CA GLN C 224 -96.07 -8.54 29.31
C GLN C 224 -96.54 -7.62 30.42
N HIS C 225 -95.70 -6.64 30.77
CA HIS C 225 -96.04 -5.66 31.81
C HIS C 225 -96.91 -4.52 31.28
N ASP C 226 -97.46 -4.68 30.08
CA ASP C 226 -98.30 -3.69 29.43
C ASP C 226 -97.66 -2.30 29.52
N ALA C 227 -96.45 -2.19 29.00
CA ALA C 227 -95.66 -0.97 29.05
C ALA C 227 -95.13 -0.58 27.66
N MET C 228 -95.41 -1.41 26.66
CA MET C 228 -95.09 -1.12 25.26
C MET C 228 -95.94 0.03 24.71
N LYS C 229 -97.20 0.09 25.14
CA LYS C 229 -98.14 1.14 24.67
C LYS C 229 -97.61 2.56 24.84
N TYR C 230 -96.85 2.81 25.90
CA TYR C 230 -96.24 4.13 26.10
C TYR C 230 -94.76 4.19 25.76
N SER C 231 -94.30 3.20 24.99
CA SER C 231 -92.87 3.04 24.68
C SER C 231 -92.54 2.98 23.20
N ILE C 232 -91.47 3.66 22.84
CA ILE C 232 -90.94 3.64 21.49
C ILE C 232 -89.58 2.95 21.53
N ILE C 233 -89.38 1.98 20.65
CA ILE C 233 -88.13 1.22 20.57
C ILE C 233 -87.38 1.57 19.30
N VAL C 234 -86.31 2.34 19.44
CA VAL C 234 -85.43 2.60 18.33
C VAL C 234 -84.27 1.62 18.49
N ALA C 235 -83.92 0.93 17.41
CA ALA C 235 -82.88 -0.10 17.48
C ALA C 235 -81.88 -0.03 16.30
N ALA C 236 -80.61 -0.15 16.61
CA ALA C 236 -79.60 -0.29 15.56
C ALA C 236 -78.74 -1.45 15.97
N THR C 237 -79.16 -2.65 15.58
CA THR C 237 -78.58 -3.89 16.14
C THR C 237 -77.20 -4.29 15.57
N ALA C 238 -76.62 -5.37 16.12
CA ALA C 238 -75.24 -5.78 15.84
C ALA C 238 -74.84 -5.87 14.36
N SER C 239 -75.71 -6.45 13.55
CA SER C 239 -75.42 -6.70 12.13
C SER C 239 -75.44 -5.45 11.26
N GLU C 240 -75.97 -4.36 11.82
CA GLU C 240 -76.26 -3.18 11.03
C GLU C 240 -75.01 -2.37 10.70
N ALA C 241 -75.03 -1.71 9.55
CA ALA C 241 -73.93 -0.82 9.15
C ALA C 241 -73.65 0.18 10.27
N ALA C 242 -72.37 0.50 10.44
CA ALA C 242 -71.96 1.36 11.57
C ALA C 242 -72.72 2.68 11.67
N PRO C 243 -72.91 3.40 10.53
CA PRO C 243 -73.60 4.69 10.60
C PRO C 243 -75.01 4.59 11.18
N LEU C 244 -75.63 3.41 11.10
CA LEU C 244 -76.95 3.18 11.66
C LEU C 244 -76.92 3.03 13.19
N GLN C 245 -75.81 2.52 13.71
CA GLN C 245 -75.60 2.48 15.15
C GLN C 245 -75.13 3.84 15.65
N TYR C 246 -74.33 4.50 14.82
CA TYR C 246 -73.87 5.86 15.06
C TYR C 246 -75.05 6.83 15.19
N LEU C 247 -76.03 6.67 14.30
CA LEU C 247 -77.14 7.61 14.16
C LEU C 247 -78.29 7.37 15.16
N ALA C 248 -78.46 6.11 15.56
CA ALA C 248 -79.59 5.67 16.37
C ALA C 248 -79.88 6.42 17.68
N PRO C 249 -78.85 6.81 18.45
CA PRO C 249 -79.22 7.60 19.62
C PRO C 249 -79.64 9.02 19.24
N PHE C 250 -79.18 9.50 18.09
CA PHE C 250 -79.40 10.89 17.68
C PHE C 250 -80.81 11.13 17.15
N THR C 251 -81.26 10.25 16.26
CA THR C 251 -82.61 10.30 15.72
C THR C 251 -83.66 9.89 16.75
N ALA C 252 -83.28 9.03 17.69
CA ALA C 252 -84.12 8.66 18.82
C ALA C 252 -84.35 9.84 19.76
N ALA C 253 -83.29 10.62 19.98
CA ALA C 253 -83.43 11.89 20.68
C ALA C 253 -84.54 12.71 20.02
N SER C 254 -84.36 13.03 18.73
CA SER C 254 -85.37 13.75 17.95
C SER C 254 -86.81 13.21 18.15
N ILE C 255 -86.95 11.89 18.11
CA ILE C 255 -88.22 11.21 18.39
C ILE C 255 -88.75 11.59 19.78
N GLY C 256 -87.85 11.52 20.76
CA GLY C 256 -88.17 11.83 22.14
C GLY C 256 -88.36 13.31 22.37
N GLU C 257 -87.67 14.13 21.58
CA GLU C 257 -87.72 15.60 21.69
C GLU C 257 -89.10 16.20 21.42
N TRP C 258 -89.86 15.53 20.55
CA TRP C 258 -91.24 15.92 20.24
C TRP C 258 -92.07 16.07 21.51
N PHE C 259 -91.94 15.11 22.42
CA PHE C 259 -92.65 15.16 23.68
C PHE C 259 -92.24 16.38 24.49
N ARG C 260 -90.93 16.61 24.61
CA ARG C 260 -90.40 17.75 25.34
C ARG C 260 -90.91 19.07 24.73
N ASP C 261 -90.97 19.10 23.40
CA ASP C 261 -91.32 20.30 22.66
C ASP C 261 -92.80 20.63 22.66
N ASN C 262 -93.63 19.75 23.23
CA ASN C 262 -95.08 19.97 23.32
C ASN C 262 -95.70 19.70 24.69
N GLY C 263 -95.13 20.29 25.74
CA GLY C 263 -95.71 20.21 27.09
C GLY C 263 -95.78 18.83 27.73
N LYS C 264 -95.14 17.86 27.12
CA LYS C 264 -95.16 16.48 27.61
C LYS C 264 -93.74 16.10 28.05
N HIS C 265 -93.58 14.91 28.62
CA HIS C 265 -92.28 14.50 29.16
C HIS C 265 -91.89 13.11 28.70
N ALA C 266 -90.72 13.03 28.05
CA ALA C 266 -90.15 11.75 27.62
C ALA C 266 -88.97 11.32 28.51
N LEU C 267 -88.66 10.02 28.46
CA LEU C 267 -87.46 9.46 29.09
C LEU C 267 -86.76 8.52 28.12
N ILE C 268 -85.59 8.94 27.64
CA ILE C 268 -84.84 8.21 26.62
C ILE C 268 -83.72 7.39 27.27
N VAL C 269 -83.49 6.18 26.79
CA VAL C 269 -82.44 5.30 27.32
C VAL C 269 -81.46 4.85 26.23
N TYR C 270 -80.19 5.23 26.37
CA TYR C 270 -79.17 4.89 25.37
C TYR C 270 -78.40 3.66 25.83
N ASP C 271 -78.87 2.49 25.41
CA ASP C 271 -78.31 1.21 25.85
C ASP C 271 -77.58 0.52 24.70
N ASP C 272 -76.25 0.59 24.67
CA ASP C 272 -75.43 1.44 25.54
C ASP C 272 -74.65 2.41 24.64
N LEU C 273 -74.06 3.44 25.23
CA LEU C 273 -73.28 4.41 24.45
C LEU C 273 -71.89 3.93 24.07
N SER C 274 -71.39 2.93 24.79
CA SER C 274 -70.09 2.31 24.48
C SER C 274 -70.10 1.76 23.06
N LYS C 275 -71.15 1.01 22.73
CA LYS C 275 -71.28 0.39 21.42
C LYS C 275 -71.44 1.43 20.31
N GLN C 276 -72.15 2.52 20.62
CA GLN C 276 -72.25 3.63 19.69
C GLN C 276 -70.86 4.17 19.38
N ALA C 277 -70.08 4.41 20.43
CA ALA C 277 -68.73 4.95 20.28
C ALA C 277 -67.87 4.04 19.41
N VAL C 278 -68.09 2.74 19.51
CA VAL C 278 -67.33 1.79 18.69
C VAL C 278 -67.71 1.94 17.22
N ALA C 279 -69.00 2.14 16.96
CA ALA C 279 -69.53 2.37 15.61
C ALA C 279 -68.93 3.62 14.97
N TYR C 280 -68.90 4.70 15.75
CA TYR C 280 -68.34 5.98 15.31
C TYR C 280 -66.84 5.88 14.96
N ARG C 281 -66.09 5.13 15.76
CA ARG C 281 -64.68 4.88 15.47
C ARG C 281 -64.48 4.11 14.15
N GLN C 282 -65.40 3.19 13.85
CA GLN C 282 -65.35 2.41 12.62
C GLN C 282 -65.54 3.28 11.35
N LEU C 283 -66.68 3.98 11.26
CA LEU C 283 -66.89 5.05 10.26
C LEU C 283 -65.59 5.79 9.95
N SER C 284 -65.06 6.44 11.00
CA SER C 284 -63.97 7.41 10.89
C SER C 284 -62.66 6.82 10.42
N LEU C 285 -62.36 5.62 10.91
CA LEU C 285 -61.16 4.91 10.52
C LEU C 285 -61.25 4.47 9.07
N LEU C 286 -62.46 4.11 8.64
CA LEU C 286 -62.71 3.70 7.28
C LEU C 286 -62.84 4.89 6.33
N LEU C 287 -63.25 6.03 6.87
CA LEU C 287 -63.22 7.30 6.14
C LEU C 287 -61.79 7.85 6.14
N ARG C 288 -60.89 7.15 6.84
CA ARG C 288 -59.47 7.50 6.96
C ARG C 288 -59.20 8.85 7.63
N ARG C 289 -60.20 9.37 8.33
CA ARG C 289 -60.07 10.47 9.27
C ARG C 289 -59.08 10.04 10.34
N PRO C 290 -58.10 10.89 10.68
CA PRO C 290 -56.99 10.43 11.52
C PRO C 290 -57.41 10.16 12.98
N PRO C 291 -57.00 9.01 13.54
CA PRO C 291 -57.50 8.60 14.85
C PRO C 291 -56.89 9.41 15.99
N GLY C 292 -57.46 9.26 17.17
CA GLY C 292 -56.87 9.83 18.38
C GLY C 292 -56.57 8.78 19.44
N ARG C 293 -56.89 9.12 20.69
CA ARG C 293 -56.62 8.25 21.83
C ARG C 293 -57.46 6.98 21.72
N GLU C 294 -56.80 5.84 21.88
CA GLU C 294 -57.40 4.50 21.72
C GLU C 294 -58.09 4.32 20.37
N ALA C 295 -57.47 4.83 19.30
CA ALA C 295 -57.96 4.67 17.93
C ALA C 295 -59.33 5.30 17.70
N TYR C 296 -59.79 6.09 18.65
CA TYR C 296 -61.07 6.76 18.56
C TYR C 296 -60.94 8.08 17.84
N PRO C 297 -62.04 8.54 17.22
CA PRO C 297 -62.09 9.87 16.59
C PRO C 297 -61.66 10.98 17.55
N GLY C 298 -61.19 12.09 16.99
CA GLY C 298 -60.69 13.22 17.75
C GLY C 298 -61.73 13.94 18.61
N ASP C 299 -63.01 13.64 18.38
CA ASP C 299 -64.09 14.33 19.10
C ASP C 299 -65.16 13.36 19.60
N VAL C 300 -64.72 12.18 20.06
CA VAL C 300 -65.64 11.18 20.62
C VAL C 300 -66.20 11.59 21.99
N PHE C 301 -65.91 12.84 22.36
CA PHE C 301 -66.54 13.49 23.48
C PHE C 301 -67.73 14.31 22.98
N TYR C 302 -67.49 15.15 21.96
CA TYR C 302 -68.55 15.96 21.34
C TYR C 302 -69.74 15.12 20.89
N LEU C 303 -69.45 13.98 20.26
CA LEU C 303 -70.44 12.97 19.95
C LEU C 303 -71.40 12.87 21.12
N HIS C 304 -70.88 12.52 22.30
CA HIS C 304 -71.74 12.32 23.45
C HIS C 304 -72.26 13.60 24.07
N SER C 305 -71.41 14.62 24.13
CA SER C 305 -71.79 15.85 24.81
C SER C 305 -72.92 16.55 24.10
N ARG C 306 -72.90 16.55 22.77
CA ARG C 306 -73.99 17.19 22.03
C ARG C 306 -75.29 16.39 22.18
N LEU C 307 -75.18 15.06 22.11
CA LEU C 307 -76.32 14.17 22.32
C LEU C 307 -76.97 14.39 23.68
N LEU C 308 -76.15 14.42 24.73
CA LEU C 308 -76.67 14.40 26.10
C LEU C 308 -77.11 15.77 26.64
N GLU C 309 -76.79 16.82 25.89
CA GLU C 309 -77.25 18.17 26.21
C GLU C 309 -78.68 18.38 25.73
N ARG C 310 -79.14 17.52 24.83
CA ARG C 310 -80.51 17.58 24.28
C ARG C 310 -81.58 17.16 25.29
N ALA C 311 -81.18 16.41 26.31
CA ALA C 311 -82.04 16.09 27.44
C ALA C 311 -82.14 17.32 28.33
N ALA C 312 -83.29 17.99 28.33
CA ALA C 312 -83.42 19.28 29.01
C ALA C 312 -84.70 19.37 29.83
N LYS C 313 -84.89 20.48 30.53
CA LYS C 313 -86.18 20.84 31.14
C LYS C 313 -86.55 22.25 30.67
N LEU C 314 -87.52 22.32 29.77
CA LEU C 314 -87.83 23.57 29.09
C LEU C 314 -88.55 24.55 30.00
N SER C 315 -88.42 25.84 29.70
CA SER C 315 -89.07 26.90 30.50
C SER C 315 -90.58 26.89 30.31
N GLU C 316 -91.28 27.73 31.08
CA GLU C 316 -92.73 27.85 30.99
C GLU C 316 -93.12 28.41 29.63
N LYS C 317 -92.35 29.38 29.17
CA LYS C 317 -92.51 29.97 27.84
C LYS C 317 -92.40 28.94 26.72
N GLU C 318 -91.95 27.73 27.06
CA GLU C 318 -91.78 26.69 26.07
C GLU C 318 -92.67 25.49 26.33
N GLY C 319 -93.47 25.58 27.38
CA GLY C 319 -94.42 24.53 27.71
C GLY C 319 -93.99 23.61 28.83
N SER C 320 -92.85 23.90 29.44
CA SER C 320 -92.33 23.13 30.58
C SER C 320 -92.11 21.61 30.34
N GLY C 321 -92.03 21.19 29.08
CA GLY C 321 -91.76 19.78 28.73
C GLY C 321 -90.35 19.36 29.09
N SER C 322 -90.07 18.07 29.04
CA SER C 322 -88.75 17.54 29.45
C SER C 322 -88.33 16.28 28.73
N LEU C 323 -87.05 16.23 28.35
CA LEU C 323 -86.39 14.98 27.94
C LEU C 323 -85.41 14.56 29.02
N THR C 324 -85.64 13.39 29.60
CA THR C 324 -84.72 12.85 30.60
C THR C 324 -83.95 11.71 29.96
N ALA C 325 -82.63 11.69 30.14
CA ALA C 325 -81.77 10.66 29.57
C ALA C 325 -81.16 9.71 30.60
N LEU C 326 -81.11 8.43 30.24
CA LEU C 326 -80.37 7.43 30.99
C LEU C 326 -79.41 6.74 30.03
N PRO C 327 -78.21 7.33 29.82
CA PRO C 327 -77.24 6.64 28.98
C PRO C 327 -76.64 5.45 29.73
N VAL C 328 -76.28 4.41 28.97
CA VAL C 328 -75.55 3.29 29.55
C VAL C 328 -74.13 3.24 28.98
N ILE C 329 -73.18 2.98 29.86
CA ILE C 329 -71.81 2.74 29.49
C ILE C 329 -71.36 1.44 30.15
N GLU C 330 -70.50 0.71 29.45
CA GLU C 330 -70.00 -0.56 29.95
C GLU C 330 -68.51 -0.48 30.14
N THR C 331 -68.05 -0.88 31.32
CA THR C 331 -66.64 -0.84 31.64
C THR C 331 -66.03 -2.24 31.50
N GLN C 332 -64.74 -2.28 31.13
CA GLN C 332 -63.96 -3.52 31.12
C GLN C 332 -63.22 -3.59 32.44
N GLY C 333 -63.58 -4.58 33.26
CA GLY C 333 -63.00 -4.77 34.59
C GLY C 333 -63.14 -3.62 35.57
N GLY C 334 -64.24 -2.87 35.50
CA GLY C 334 -64.50 -1.75 36.42
C GLY C 334 -63.62 -0.52 36.25
N ASP C 335 -62.95 -0.41 35.10
CA ASP C 335 -62.02 0.67 34.83
C ASP C 335 -62.75 1.96 34.47
N VAL C 336 -63.19 2.68 35.49
CA VAL C 336 -63.90 3.95 35.26
C VAL C 336 -62.93 5.05 34.83
N SER C 337 -61.64 4.72 34.84
CA SER C 337 -60.57 5.61 34.41
C SER C 337 -60.39 5.65 32.89
N ALA C 338 -61.08 4.76 32.19
CA ALA C 338 -60.91 4.62 30.75
C ALA C 338 -61.44 5.84 29.99
N TYR C 339 -61.11 5.90 28.70
CA TYR C 339 -61.40 7.08 27.88
C TYR C 339 -62.89 7.41 27.84
N ILE C 340 -63.69 6.54 27.23
CA ILE C 340 -65.10 6.81 27.04
C ILE C 340 -65.88 6.91 28.36
N PRO C 341 -65.70 5.95 29.29
CA PRO C 341 -66.43 6.08 30.57
C PRO C 341 -66.17 7.42 31.27
N THR C 342 -64.94 7.92 31.21
CA THR C 342 -64.63 9.23 31.75
C THR C 342 -65.36 10.34 30.98
N ASN C 343 -65.26 10.31 29.66
CA ASN C 343 -65.92 11.32 28.83
C ASN C 343 -67.36 11.53 29.27
N VAL C 344 -68.08 10.42 29.38
CA VAL C 344 -69.51 10.44 29.68
C VAL C 344 -69.82 10.76 31.15
N ILE C 345 -68.93 10.37 32.07
CA ILE C 345 -69.05 10.74 33.48
C ILE C 345 -69.11 12.27 33.62
N SER C 346 -68.29 12.95 32.81
CA SER C 346 -68.19 14.42 32.73
C SER C 346 -69.41 15.13 32.17
N ILE C 347 -70.07 14.47 31.23
CA ILE C 347 -71.23 15.03 30.58
C ILE C 347 -72.42 15.00 31.51
N THR C 348 -72.73 13.83 32.06
CA THR C 348 -73.95 13.60 32.84
C THR C 348 -74.06 14.38 34.16
N ASP C 349 -75.27 14.41 34.73
CA ASP C 349 -75.54 15.11 35.99
C ASP C 349 -75.33 14.21 37.21
N GLY C 350 -74.75 13.04 36.99
CA GLY C 350 -74.59 12.05 38.04
C GLY C 350 -74.54 10.65 37.46
N GLN C 351 -74.26 9.67 38.32
CA GLN C 351 -73.94 8.31 37.86
C GLN C 351 -74.48 7.27 38.84
N ILE C 352 -74.94 6.14 38.31
CA ILE C 352 -75.21 4.95 39.11
C ILE C 352 -74.21 3.84 38.76
N PHE C 353 -73.30 3.57 39.70
CA PHE C 353 -72.26 2.56 39.52
C PHE C 353 -72.73 1.18 39.95
N LEU C 354 -72.47 0.19 39.10
CA LEU C 354 -72.90 -1.18 39.36
C LEU C 354 -71.71 -2.10 39.42
N GLU C 355 -71.67 -2.94 40.45
CA GLU C 355 -70.50 -3.78 40.70
C GLU C 355 -70.77 -5.26 40.95
N ALA C 356 -70.11 -6.11 40.18
CA ALA C 356 -70.21 -7.55 40.32
C ALA C 356 -69.89 -7.96 41.73
N GLU C 357 -68.84 -7.37 42.31
CA GLU C 357 -68.42 -7.66 43.69
C GLU C 357 -69.61 -7.59 44.66
N LEU C 358 -70.44 -6.56 44.52
CA LEU C 358 -71.63 -6.37 45.33
C LEU C 358 -72.79 -7.24 44.84
N PHE C 359 -72.98 -7.29 43.53
CA PHE C 359 -74.00 -8.11 42.85
C PHE C 359 -73.97 -9.57 43.32
N TYR C 360 -72.77 -10.17 43.35
CA TYR C 360 -72.59 -11.58 43.70
C TYR C 360 -72.59 -11.82 45.19
N LYS C 361 -72.48 -10.73 45.96
CA LYS C 361 -72.67 -10.79 47.40
C LYS C 361 -74.15 -10.74 47.77
N GLY C 362 -75.01 -10.71 46.74
CA GLY C 362 -76.45 -10.75 46.93
C GLY C 362 -77.13 -9.39 46.81
N ILE C 363 -76.36 -8.33 47.05
CA ILE C 363 -76.85 -6.95 46.92
C ILE C 363 -77.34 -6.64 45.51
N ARG C 364 -78.65 -6.43 45.39
CA ARG C 364 -79.27 -6.07 44.11
C ARG C 364 -80.34 -4.99 44.26
N PRO C 365 -80.28 -3.93 43.41
CA PRO C 365 -79.26 -3.63 42.40
C PRO C 365 -77.88 -3.43 43.00
N ALA C 366 -76.85 -3.74 42.22
CA ALA C 366 -75.45 -3.62 42.67
C ALA C 366 -74.96 -2.17 42.66
N ILE C 367 -75.68 -1.29 43.33
CA ILE C 367 -75.41 0.15 43.33
C ILE C 367 -74.33 0.53 44.34
N ASN C 368 -73.17 0.94 43.84
CA ASN C 368 -72.10 1.43 44.71
C ASN C 368 -72.50 2.78 45.30
N VAL C 369 -73.03 2.71 46.52
CA VAL C 369 -73.59 3.86 47.24
C VAL C 369 -72.60 5.03 47.42
N GLY C 370 -71.31 4.72 47.54
CA GLY C 370 -70.27 5.74 47.73
C GLY C 370 -70.01 6.58 46.50
N LEU C 371 -69.84 5.91 45.36
CA LEU C 371 -69.52 6.59 44.10
C LEU C 371 -70.75 7.20 43.44
N SER C 372 -71.90 6.53 43.58
CA SER C 372 -73.15 6.98 42.95
C SER C 372 -73.66 8.30 43.54
N VAL C 373 -73.95 9.25 42.66
CA VAL C 373 -74.61 10.52 43.03
C VAL C 373 -75.63 10.94 41.99
N SER C 374 -76.65 11.65 42.46
CA SER C 374 -77.57 12.37 41.59
C SER C 374 -77.45 13.84 41.98
N ARG C 375 -76.60 14.58 41.26
CA ARG C 375 -76.31 15.97 41.61
C ARG C 375 -77.53 16.89 41.68
N VAL C 376 -78.58 16.53 40.95
CA VAL C 376 -79.83 17.26 41.05
C VAL C 376 -80.45 16.96 42.41
N GLY C 377 -80.19 15.77 42.93
CA GLY C 377 -80.37 15.47 44.36
C GLY C 377 -81.76 15.59 44.95
N SER C 378 -81.80 16.03 46.20
CA SER C 378 -83.05 16.10 46.95
C SER C 378 -84.02 17.14 46.38
N ALA C 379 -83.59 17.84 45.33
CA ALA C 379 -84.47 18.73 44.59
C ALA C 379 -85.28 17.96 43.56
N ALA C 380 -84.89 16.71 43.31
CA ALA C 380 -85.55 15.87 42.31
C ALA C 380 -86.27 14.68 42.95
N GLN C 381 -86.76 14.88 44.17
CA GLN C 381 -87.21 13.78 45.01
C GLN C 381 -88.42 14.19 45.82
N VAL C 382 -89.39 13.28 45.92
CA VAL C 382 -90.61 13.51 46.68
C VAL C 382 -90.31 13.90 48.15
N LYS C 383 -90.95 14.96 48.63
CA LYS C 383 -90.77 15.47 49.99
C LYS C 383 -90.84 14.39 51.07
N ALA C 384 -91.84 13.52 50.98
CA ALA C 384 -92.05 12.45 51.96
C ALA C 384 -90.92 11.41 51.97
N LEU C 385 -90.15 11.34 50.88
CA LEU C 385 -88.98 10.48 50.82
C LEU C 385 -87.74 11.18 51.35
N LYS C 386 -87.50 12.44 50.93
CA LYS C 386 -86.33 13.20 51.38
C LYS C 386 -86.21 13.25 52.90
N GLN C 387 -87.35 13.41 53.57
CA GLN C 387 -87.42 13.55 55.02
C GLN C 387 -86.95 12.31 55.75
N VAL C 388 -87.47 11.14 55.36
CA VAL C 388 -87.05 9.88 55.96
C VAL C 388 -85.66 9.42 55.48
N ALA C 389 -85.23 9.91 54.32
CA ALA C 389 -83.95 9.48 53.72
C ALA C 389 -82.81 10.50 53.83
N GLY C 390 -82.90 11.41 54.79
CA GLY C 390 -81.82 12.34 55.09
C GLY C 390 -80.61 11.60 55.62
N SER C 391 -79.43 11.95 55.10
CA SER C 391 -78.14 11.36 55.51
C SER C 391 -78.10 9.83 55.48
N LEU C 392 -79.01 9.23 54.73
CA LEU C 392 -79.03 7.77 54.54
C LEU C 392 -77.87 7.33 53.65
N LYS C 393 -77.47 8.20 52.73
CA LYS C 393 -76.33 7.95 51.85
C LYS C 393 -75.02 8.23 52.58
N LEU C 394 -74.99 9.33 53.35
CA LEU C 394 -73.83 9.68 54.17
C LEU C 394 -73.63 8.67 55.31
N PHE C 395 -74.74 8.10 55.80
CA PHE C 395 -74.66 7.08 56.84
C PHE C 395 -74.10 5.78 56.28
N LEU C 396 -74.68 5.31 55.17
CA LEU C 396 -74.17 4.12 54.49
C LEU C 396 -72.70 4.29 54.09
N ALA C 397 -72.26 5.55 54.00
CA ALA C 397 -70.84 5.88 53.76
C ALA C 397 -69.98 5.68 55.01
N GLN C 398 -70.51 6.07 56.18
CA GLN C 398 -69.83 5.83 57.45
C GLN C 398 -69.94 4.37 57.91
N TYR C 399 -70.80 3.59 57.26
CA TYR C 399 -70.98 2.15 57.56
C TYR C 399 -69.85 1.26 57.02
N ARG C 400 -69.40 1.54 55.80
CA ARG C 400 -68.28 0.81 55.20
C ARG C 400 -66.98 1.19 55.91
N GLU C 401 -66.89 2.46 56.31
CA GLU C 401 -65.76 2.99 57.10
C GLU C 401 -65.53 2.18 58.39
N VAL C 402 -66.63 1.80 59.04
CA VAL C 402 -66.59 0.98 60.25
C VAL C 402 -66.43 -0.51 59.90
N ALA C 403 -66.91 -0.91 58.73
CA ALA C 403 -66.78 -2.30 58.25
C ALA C 403 -65.33 -2.67 57.90
N ALA C 404 -64.52 -1.66 57.60
CA ALA C 404 -63.08 -1.83 57.33
C ALA C 404 -62.24 -1.71 58.60
N PHE C 405 -62.82 -1.07 59.62
CA PHE C 405 -62.24 -1.03 60.96
C PHE C 405 -62.39 -2.40 61.63
N ALA C 406 -63.52 -3.06 61.37
CA ALA C 406 -63.80 -4.42 61.85
C ALA C 406 -63.19 -5.51 60.97
N GLN C 407 -62.58 -5.10 59.85
CA GLN C 407 -61.83 -6.00 58.97
C GLN C 407 -60.62 -6.61 59.68
N PHE C 408 -59.88 -5.78 60.44
CA PHE C 408 -58.93 -6.30 61.42
C PHE C 408 -59.67 -6.46 62.76
N GLY C 409 -60.56 -7.47 62.79
CA GLY C 409 -61.49 -7.73 63.89
C GLY C 409 -60.99 -7.50 65.30
N SER C 410 -61.60 -6.52 65.97
CA SER C 410 -61.31 -6.20 67.37
C SER C 410 -62.61 -6.01 68.15
N ASP C 411 -62.50 -5.54 69.39
CA ASP C 411 -63.65 -5.37 70.28
C ASP C 411 -64.60 -4.28 69.78
N LEU C 412 -65.89 -4.52 69.98
CA LEU C 412 -66.94 -3.64 69.51
C LEU C 412 -67.54 -2.89 70.71
N ASP C 413 -67.58 -1.56 70.60
CA ASP C 413 -68.03 -0.69 71.70
C ASP C 413 -69.46 -0.18 71.49
N ALA C 414 -69.86 0.80 72.31
CA ALA C 414 -71.19 1.43 72.23
C ALA C 414 -71.49 2.04 70.85
N SER C 415 -70.48 2.69 70.26
CA SER C 415 -70.61 3.31 68.95
C SER C 415 -70.60 2.29 67.80
N THR C 416 -69.51 1.52 67.68
CA THR C 416 -69.29 0.64 66.52
C THR C 416 -70.29 -0.52 66.39
N LYS C 417 -70.60 -1.19 67.50
CA LYS C 417 -71.55 -2.32 67.48
C LYS C 417 -72.98 -1.87 67.16
N GLN C 418 -73.24 -0.58 67.34
CA GLN C 418 -74.53 0.03 67.00
C GLN C 418 -74.67 0.22 65.48
N THR C 419 -73.72 0.94 64.88
CA THR C 419 -73.83 1.35 63.48
C THR C 419 -73.59 0.20 62.49
N LEU C 420 -72.81 -0.80 62.92
CA LEU C 420 -72.60 -2.00 62.10
C LEU C 420 -73.89 -2.82 61.98
N VAL C 421 -74.57 -3.03 63.12
CA VAL C 421 -75.82 -3.78 63.16
C VAL C 421 -76.93 -3.01 62.43
N ARG C 422 -76.95 -1.69 62.62
CA ARG C 422 -77.89 -0.82 61.91
C ARG C 422 -77.69 -0.90 60.40
N GLY C 423 -76.49 -0.54 59.94
CA GLY C 423 -76.15 -0.47 58.53
C GLY C 423 -76.22 -1.78 57.77
N GLU C 424 -76.14 -2.89 58.49
CA GLU C 424 -76.27 -4.20 57.90
C GLU C 424 -77.71 -4.44 57.46
N ARG C 425 -78.64 -3.80 58.18
CA ARG C 425 -80.08 -3.95 57.96
C ARG C 425 -80.66 -2.99 56.92
N LEU C 426 -80.01 -1.84 56.74
CA LEU C 426 -80.40 -0.89 55.68
C LEU C 426 -79.94 -1.41 54.33
N THR C 427 -78.67 -1.79 54.25
CA THR C 427 -78.09 -2.45 53.09
C THR C 427 -79.03 -3.57 52.64
N GLN C 428 -79.49 -4.36 53.62
CA GLN C 428 -80.39 -5.49 53.41
C GLN C 428 -81.74 -5.02 52.91
N LEU C 429 -82.26 -3.97 53.55
CA LEU C 429 -83.55 -3.38 53.20
C LEU C 429 -83.57 -2.79 51.80
N LEU C 430 -82.41 -2.36 51.31
CA LEU C 430 -82.27 -1.79 49.98
C LEU C 430 -81.99 -2.82 48.90
N LYS C 431 -81.94 -4.10 49.29
CA LYS C 431 -82.03 -5.19 48.33
C LYS C 431 -83.44 -5.12 47.76
N GLN C 432 -83.57 -5.44 46.48
CA GLN C 432 -84.86 -5.33 45.79
C GLN C 432 -84.93 -6.27 44.60
N ASN C 433 -86.00 -7.04 44.55
CA ASN C 433 -86.26 -7.94 43.45
C ASN C 433 -86.43 -7.20 42.13
N GLN C 434 -85.93 -7.81 41.07
CA GLN C 434 -86.06 -7.28 39.72
C GLN C 434 -87.52 -7.34 39.27
N TYR C 435 -87.86 -6.54 38.26
CA TYR C 435 -89.23 -6.43 37.74
C TYR C 435 -90.25 -6.01 38.81
N SER C 436 -89.75 -5.48 39.93
CA SER C 436 -90.60 -5.15 41.07
C SER C 436 -90.33 -3.74 41.60
N PRO C 437 -90.87 -2.71 40.94
CA PRO C 437 -90.78 -1.35 41.45
C PRO C 437 -91.77 -1.15 42.60
N LEU C 438 -91.49 -0.19 43.48
CA LEU C 438 -92.40 0.12 44.58
C LEU C 438 -92.87 1.59 44.54
N ALA C 439 -94.14 1.80 44.88
CA ALA C 439 -94.69 3.14 45.01
C ALA C 439 -94.00 3.89 46.15
N THR C 440 -94.10 5.22 46.12
CA THR C 440 -93.41 6.08 47.08
C THR C 440 -93.99 5.95 48.50
N GLU C 441 -95.28 5.64 48.58
CA GLU C 441 -95.94 5.35 49.85
C GLU C 441 -95.57 3.97 50.41
N GLU C 442 -94.85 3.19 49.60
CA GLU C 442 -94.33 1.92 50.05
C GLU C 442 -92.89 2.09 50.52
N GLN C 443 -92.12 2.88 49.79
CA GLN C 443 -90.72 3.19 50.13
C GLN C 443 -90.59 3.96 51.44
N VAL C 444 -91.48 4.95 51.64
CA VAL C 444 -91.42 5.86 52.79
C VAL C 444 -91.50 5.19 54.18
N PRO C 445 -92.46 4.28 54.41
CA PRO C 445 -92.50 3.56 55.68
C PRO C 445 -91.30 2.62 55.90
N LEU C 446 -90.93 1.88 54.86
CA LEU C 446 -89.81 0.94 54.92
C LEU C 446 -88.51 1.62 55.36
N ILE C 447 -88.24 2.79 54.78
CA ILE C 447 -87.06 3.61 55.11
C ILE C 447 -87.15 4.22 56.52
N TYR C 448 -88.33 4.67 56.94
CA TYR C 448 -88.55 5.14 58.31
C TYR C 448 -88.37 3.99 59.29
N ALA C 449 -88.89 2.82 58.91
CA ALA C 449 -88.74 1.59 59.67
C ALA C 449 -87.27 1.23 59.86
N GLY C 450 -86.46 1.42 58.82
CA GLY C 450 -85.05 1.10 58.85
C GLY C 450 -84.18 2.14 59.52
N VAL C 451 -84.34 3.40 59.09
CA VAL C 451 -83.47 4.50 59.52
C VAL C 451 -83.67 4.84 61.01
N ASN C 452 -84.92 4.95 61.45
CA ASN C 452 -85.20 5.36 62.83
C ASN C 452 -84.89 4.29 63.90
N GLY C 453 -84.74 3.04 63.47
CA GLY C 453 -84.18 2.00 64.32
C GLY C 453 -85.14 0.97 64.87
N HIS C 454 -86.11 0.57 64.06
CA HIS C 454 -87.10 -0.44 64.47
C HIS C 454 -86.80 -1.79 63.82
N LEU C 455 -85.59 -1.92 63.26
CA LEU C 455 -85.19 -3.12 62.55
C LEU C 455 -83.99 -3.81 63.18
N ASP C 456 -83.40 -3.15 64.17
CA ASP C 456 -82.09 -3.53 64.70
C ASP C 456 -82.09 -4.84 65.51
N GLY C 457 -83.17 -5.08 66.25
CA GLY C 457 -83.32 -6.30 67.04
C GLY C 457 -83.93 -7.46 66.28
N ILE C 458 -84.21 -7.23 65.00
CA ILE C 458 -84.75 -8.28 64.12
C ILE C 458 -83.62 -8.95 63.35
N GLU C 459 -83.66 -10.29 63.29
CA GLU C 459 -82.64 -11.09 62.61
C GLU C 459 -82.44 -10.63 61.16
N LEU C 460 -81.19 -10.28 60.85
CA LEU C 460 -80.76 -9.79 59.54
C LEU C 460 -81.34 -10.59 58.36
N SER C 461 -81.44 -11.90 58.55
CA SER C 461 -81.90 -12.82 57.52
C SER C 461 -83.40 -12.74 57.22
N ARG C 462 -84.14 -11.99 58.04
CA ARG C 462 -85.59 -11.96 57.97
C ARG C 462 -86.21 -10.67 57.40
N ILE C 463 -85.38 -9.67 57.11
CA ILE C 463 -85.85 -8.37 56.59
C ILE C 463 -86.71 -8.51 55.31
N GLY C 464 -86.38 -9.52 54.51
CA GLY C 464 -87.17 -9.87 53.33
C GLY C 464 -88.64 -10.00 53.68
N GLU C 465 -88.95 -10.92 54.59
CA GLU C 465 -90.32 -11.12 55.05
C GLU C 465 -90.90 -9.90 55.78
N PHE C 466 -90.04 -9.08 56.39
CA PHE C 466 -90.48 -7.83 57.01
C PHE C 466 -91.05 -6.87 55.98
N GLU C 467 -90.40 -6.78 54.82
CA GLU C 467 -90.89 -5.91 53.73
C GLU C 467 -92.30 -6.28 53.29
N SER C 468 -92.50 -7.54 52.91
CA SER C 468 -93.81 -8.04 52.46
C SER C 468 -94.86 -8.02 53.57
N SER C 469 -94.42 -8.27 54.81
CA SER C 469 -95.31 -8.36 55.97
C SER C 469 -95.74 -7.02 56.53
N PHE C 470 -94.80 -6.08 56.63
CA PHE C 470 -95.11 -4.73 57.13
C PHE C 470 -95.97 -3.93 56.15
N LEU C 471 -95.93 -4.30 54.86
CA LEU C 471 -96.72 -3.64 53.83
C LEU C 471 -98.16 -4.16 53.79
N SER C 472 -98.32 -5.47 53.93
CA SER C 472 -99.63 -6.10 54.03
C SER C 472 -100.37 -5.59 55.27
N TYR C 473 -99.60 -5.42 56.35
CA TYR C 473 -100.12 -4.88 57.61
C TYR C 473 -100.60 -3.45 57.46
N LEU C 474 -99.79 -2.62 56.79
CA LEU C 474 -100.11 -1.19 56.62
C LEU C 474 -101.31 -0.96 55.69
N LYS C 475 -101.49 -1.86 54.72
CA LYS C 475 -102.59 -1.76 53.78
C LYS C 475 -103.98 -1.95 54.40
N SER C 476 -104.05 -2.74 55.47
CA SER C 476 -105.30 -2.95 56.20
C SER C 476 -105.61 -1.79 57.15
N ASN C 477 -104.78 -1.66 58.19
CA ASN C 477 -105.03 -0.72 59.28
C ASN C 477 -104.70 0.71 58.88
N HIS C 478 -103.43 0.94 58.57
CA HIS C 478 -102.91 2.28 58.35
C HIS C 478 -103.00 2.69 56.87
N ASN C 479 -104.13 2.37 56.26
CA ASN C 479 -104.45 2.81 54.90
C ASN C 479 -104.62 4.33 54.86
N GLU C 480 -104.94 4.90 56.02
CA GLU C 480 -104.95 6.35 56.25
C GLU C 480 -103.60 6.93 55.85
N LEU C 481 -102.53 6.34 56.37
CA LEU C 481 -101.17 6.83 56.16
C LEU C 481 -100.75 6.79 54.70
N LEU C 482 -101.05 5.70 54.02
CA LEU C 482 -100.50 5.44 52.69
C LEU C 482 -101.10 6.33 51.60
N THR C 483 -102.41 6.59 51.67
CA THR C 483 -103.08 7.43 50.70
C THR C 483 -102.90 8.92 51.01
N GLU C 484 -102.63 9.23 52.28
CA GLU C 484 -102.20 10.56 52.68
C GLU C 484 -100.84 10.85 52.08
N ILE C 485 -99.88 9.95 52.32
CA ILE C 485 -98.51 10.07 51.81
C ILE C 485 -98.47 10.16 50.27
N ARG C 486 -99.28 9.34 49.60
CA ARG C 486 -99.36 9.37 48.14
C ARG C 486 -99.83 10.73 47.62
N GLU C 487 -100.92 11.25 48.18
CA GLU C 487 -101.55 12.45 47.65
C GLU C 487 -100.83 13.77 47.95
N LYS C 488 -100.54 14.01 49.22
CA LYS C 488 -99.90 15.27 49.61
C LYS C 488 -98.38 15.25 49.45
N GLY C 489 -97.83 14.09 49.14
CA GLY C 489 -96.40 13.92 48.82
C GLY C 489 -95.44 14.36 49.91
N GLU C 490 -95.98 14.96 50.97
CA GLU C 490 -95.19 15.47 52.08
C GLU C 490 -95.44 14.63 53.33
N LEU C 491 -94.99 15.13 54.48
CA LEU C 491 -95.27 14.54 55.77
C LEU C 491 -95.46 15.64 56.80
N SER C 492 -96.53 15.57 57.57
CA SER C 492 -96.72 16.51 58.69
C SER C 492 -96.11 15.95 59.97
N LYS C 493 -96.01 16.79 61.00
CA LYS C 493 -95.54 16.35 62.31
C LYS C 493 -96.52 15.32 62.88
N GLU C 494 -97.76 15.37 62.40
CA GLU C 494 -98.81 14.43 62.79
C GLU C 494 -98.69 13.10 62.05
N LEU C 495 -98.43 13.15 60.74
CA LEU C 495 -98.30 11.96 59.92
C LEU C 495 -97.13 11.08 60.36
N LEU C 496 -96.00 11.71 60.66
CA LEU C 496 -94.82 11.03 61.16
C LEU C 496 -95.05 10.42 62.54
N ALA C 497 -95.90 11.07 63.33
CA ALA C 497 -96.28 10.54 64.65
C ALA C 497 -97.03 9.22 64.52
N SER C 498 -97.86 9.09 63.48
CA SER C 498 -98.62 7.86 63.21
C SER C 498 -97.72 6.77 62.65
N LEU C 499 -96.72 7.18 61.88
CA LEU C 499 -95.72 6.27 61.32
C LEU C 499 -94.78 5.76 62.41
N LYS C 500 -94.57 6.58 63.43
CA LYS C 500 -93.78 6.18 64.61
C LYS C 500 -94.52 5.09 65.37
N SER C 501 -95.84 5.27 65.52
CA SER C 501 -96.69 4.31 66.22
C SER C 501 -96.75 2.97 65.49
N ALA C 502 -97.31 2.99 64.28
CA ALA C 502 -97.54 1.79 63.45
C ALA C 502 -96.35 0.82 63.38
N THR C 503 -95.14 1.38 63.39
CA THR C 503 -93.91 0.61 63.28
C THR C 503 -93.56 -0.09 64.59
N GLU C 504 -93.74 0.63 65.70
CA GLU C 504 -93.61 0.07 67.06
C GLU C 504 -94.75 -0.92 67.32
N SER C 505 -95.92 -0.63 66.76
CA SER C 505 -97.12 -1.45 66.87
C SER C 505 -97.01 -2.79 66.14
N PHE C 506 -95.96 -2.96 65.34
CA PHE C 506 -95.74 -4.20 64.59
C PHE C 506 -94.39 -4.87 64.92
N VAL C 507 -93.72 -4.35 65.96
CA VAL C 507 -92.41 -4.86 66.39
C VAL C 507 -92.44 -6.25 67.06
N ALA C 508 -93.40 -6.48 67.96
CA ALA C 508 -93.61 -7.81 68.55
C ALA C 508 -94.58 -8.63 67.68
N THR C 509 -94.17 -8.89 66.43
CA THR C 509 -94.99 -9.53 65.38
C THR C 509 -96.15 -8.69 64.83
N SER D 12 -64.02 44.80 -4.13
CA SER D 12 -63.13 45.90 -3.65
C SER D 12 -63.08 45.92 -2.12
N THR D 13 -64.26 46.10 -1.51
CA THR D 13 -64.39 46.17 -0.05
C THR D 13 -64.43 44.76 0.61
N PRO D 14 -65.48 43.94 0.34
CA PRO D 14 -65.56 42.65 1.03
C PRO D 14 -64.77 41.54 0.32
N ILE D 15 -63.66 41.13 0.93
CA ILE D 15 -62.76 40.13 0.37
C ILE D 15 -63.43 38.76 0.44
N THR D 16 -63.38 38.03 -0.66
CA THR D 16 -64.31 36.94 -0.87
C THR D 16 -63.71 35.62 -1.41
N GLY D 17 -64.18 34.51 -0.84
CA GLY D 17 -63.71 33.18 -1.21
C GLY D 17 -64.81 32.12 -1.32
N LYS D 18 -64.39 30.89 -1.64
CA LYS D 18 -65.33 29.77 -1.81
C LYS D 18 -64.91 28.52 -1.01
N VAL D 19 -65.88 27.93 -0.31
CA VAL D 19 -65.73 26.64 0.35
C VAL D 19 -65.29 25.59 -0.66
N THR D 20 -64.31 24.77 -0.29
CA THR D 20 -63.85 23.72 -1.21
C THR D 20 -63.79 22.34 -0.55
N ALA D 21 -63.92 22.31 0.77
CA ALA D 21 -63.98 21.06 1.52
C ALA D 21 -64.74 21.25 2.83
N VAL D 22 -65.62 20.31 3.16
CA VAL D 22 -66.24 20.26 4.49
C VAL D 22 -65.96 18.93 5.18
N ILE D 23 -65.18 18.99 6.25
CA ILE D 23 -64.86 17.79 7.02
C ILE D 23 -65.10 18.08 8.48
N GLY D 24 -66.25 17.62 8.96
CA GLY D 24 -66.67 17.83 10.34
C GLY D 24 -66.63 19.30 10.70
N ALA D 25 -65.73 19.65 11.61
CA ALA D 25 -65.60 21.03 12.04
C ALA D 25 -64.60 21.79 11.18
N ILE D 26 -64.01 21.10 10.20
CA ILE D 26 -62.93 21.71 9.42
C ILE D 26 -63.30 22.05 7.98
N VAL D 27 -63.35 23.35 7.67
CA VAL D 27 -63.71 23.81 6.31
C VAL D 27 -62.48 24.37 5.58
N ASP D 28 -62.32 24.00 4.31
CA ASP D 28 -61.29 24.60 3.47
C ASP D 28 -61.88 25.67 2.58
N VAL D 29 -61.20 26.80 2.44
CA VAL D 29 -61.75 27.92 1.69
C VAL D 29 -60.71 28.52 0.73
N HIS D 30 -61.07 28.61 -0.55
CA HIS D 30 -60.17 29.12 -1.58
C HIS D 30 -60.39 30.60 -1.92
N PHE D 31 -59.30 31.32 -2.17
CA PHE D 31 -59.30 32.75 -2.46
C PHE D 31 -58.55 33.07 -3.76
N GLU D 32 -58.45 34.36 -4.09
CA GLU D 32 -57.72 34.83 -5.27
C GLU D 32 -56.26 35.18 -4.98
N GLN D 33 -55.54 35.58 -6.03
CA GLN D 33 -54.12 35.93 -5.92
C GLN D 33 -53.86 36.94 -4.79
N SER D 34 -52.93 36.60 -3.91
CA SER D 34 -52.48 37.48 -2.81
C SER D 34 -53.58 38.14 -1.97
N GLU D 35 -54.78 37.54 -1.94
CA GLU D 35 -55.87 38.08 -1.13
C GLU D 35 -56.29 37.14 0.01
N LEU D 36 -55.33 36.35 0.49
CA LEU D 36 -55.56 35.43 1.61
C LEU D 36 -55.65 36.18 2.94
N PRO D 37 -56.59 35.78 3.80
CA PRO D 37 -56.68 36.29 5.16
C PRO D 37 -55.58 35.69 6.04
N ALA D 38 -55.13 36.46 7.02
CA ALA D 38 -54.14 35.99 8.00
C ALA D 38 -54.66 34.81 8.82
N ILE D 39 -53.75 34.03 9.38
CA ILE D 39 -54.15 32.99 10.32
C ILE D 39 -54.78 33.66 11.55
N LEU D 40 -55.85 33.06 12.07
CA LEU D 40 -56.63 33.59 13.21
C LEU D 40 -57.74 34.56 12.82
N ASN D 41 -57.98 34.71 11.52
CA ASN D 41 -59.05 35.57 11.00
C ASN D 41 -60.44 34.90 11.00
N ALA D 42 -61.46 35.67 11.34
CA ALA D 42 -62.84 35.16 11.23
C ALA D 42 -63.39 35.34 9.81
N LEU D 43 -63.90 34.26 9.24
CA LEU D 43 -64.62 34.30 7.97
C LEU D 43 -66.10 34.04 8.26
N GLU D 44 -66.98 34.43 7.36
CA GLU D 44 -68.43 34.30 7.58
C GLU D 44 -69.19 33.66 6.43
N ILE D 45 -70.26 32.95 6.76
CA ILE D 45 -71.15 32.38 5.76
C ILE D 45 -72.61 32.70 6.13
N LYS D 46 -73.32 33.33 5.21
CA LYS D 46 -74.73 33.66 5.42
C LYS D 46 -75.57 32.39 5.41
N THR D 47 -75.99 31.95 6.60
CA THR D 47 -76.77 30.71 6.76
C THR D 47 -78.28 30.96 6.83
N PRO D 48 -79.10 29.92 6.54
CA PRO D 48 -80.56 30.04 6.62
C PRO D 48 -81.08 30.58 7.96
N GLN D 49 -80.42 30.22 9.07
CA GLN D 49 -80.84 30.67 10.41
C GLN D 49 -80.16 31.99 10.87
N GLY D 50 -78.83 31.99 10.93
CA GLY D 50 -78.08 33.17 11.38
C GLY D 50 -76.83 33.41 10.55
N LYS D 51 -75.68 33.02 11.09
CA LYS D 51 -74.41 33.00 10.34
C LYS D 51 -73.48 31.90 10.86
N LEU D 52 -72.47 31.57 10.08
CA LEU D 52 -71.49 30.56 10.47
C LEU D 52 -70.08 31.16 10.45
N VAL D 53 -69.47 31.26 11.63
CA VAL D 53 -68.14 31.86 11.76
C VAL D 53 -67.04 30.80 11.71
N LEU D 54 -66.05 31.05 10.87
CA LEU D 54 -64.88 30.18 10.75
C LEU D 54 -63.66 31.02 11.09
N GLU D 55 -62.76 30.45 11.89
CA GLU D 55 -61.47 31.04 12.15
C GLU D 55 -60.43 30.33 11.29
N VAL D 56 -59.62 31.10 10.59
CA VAL D 56 -58.53 30.55 9.80
C VAL D 56 -57.50 29.92 10.74
N ALA D 57 -57.16 28.66 10.48
CA ALA D 57 -56.18 27.95 11.27
C ALA D 57 -54.86 27.93 10.55
N GLN D 58 -54.88 27.71 9.24
CA GLN D 58 -53.63 27.57 8.47
C GLN D 58 -53.78 27.86 6.99
N HIS D 59 -52.66 28.20 6.37
CA HIS D 59 -52.57 28.23 4.92
C HIS D 59 -52.10 26.87 4.44
N LEU D 60 -52.94 26.20 3.65
CA LEU D 60 -52.65 24.85 3.14
C LEU D 60 -51.72 24.89 1.94
N GLY D 61 -51.75 26.01 1.22
CA GLY D 61 -51.07 26.14 -0.06
C GLY D 61 -52.08 26.40 -1.16
N GLU D 62 -51.61 26.99 -2.25
CA GLU D 62 -52.44 27.30 -3.43
C GLU D 62 -53.74 28.05 -3.09
N ASN D 63 -53.60 29.21 -2.47
CA ASN D 63 -54.72 30.11 -2.14
C ASN D 63 -55.89 29.46 -1.41
N THR D 64 -55.64 28.31 -0.81
CA THR D 64 -56.61 27.68 0.07
C THR D 64 -56.17 27.78 1.53
N VAL D 65 -57.16 27.93 2.42
CA VAL D 65 -56.91 27.97 3.85
C VAL D 65 -57.76 26.91 4.55
N ARG D 66 -57.20 26.36 5.63
CA ARG D 66 -57.92 25.44 6.49
C ARG D 66 -58.40 26.21 7.72
N THR D 67 -59.68 26.07 8.03
CA THR D 67 -60.31 26.87 9.07
C THR D 67 -61.13 25.95 9.95
N ILE D 68 -61.32 26.38 11.20
CA ILE D 68 -62.15 25.67 12.17
C ILE D 68 -63.50 26.36 12.35
N ALA D 69 -64.57 25.61 12.21
CA ALA D 69 -65.93 26.13 12.42
C ALA D 69 -66.28 26.45 13.89
N MET D 70 -67.10 27.49 14.09
CA MET D 70 -67.58 27.85 15.42
C MET D 70 -69.02 27.38 15.65
N ASP D 71 -69.53 26.61 14.70
CA ASP D 71 -70.86 26.02 14.79
C ASP D 71 -70.90 24.79 13.90
N GLY D 72 -71.99 24.03 13.95
CA GLY D 72 -72.19 22.87 13.08
C GLY D 72 -72.09 23.22 11.60
N THR D 73 -71.51 22.30 10.82
CA THR D 73 -71.29 22.55 9.40
C THR D 73 -72.22 21.72 8.53
N GLU D 74 -73.21 21.08 9.15
CA GLU D 74 -74.20 20.33 8.39
C GLU D 74 -74.90 21.30 7.45
N GLY D 75 -74.99 20.93 6.18
CA GLY D 75 -75.69 21.77 5.22
C GLY D 75 -74.77 22.67 4.41
N LEU D 76 -73.48 22.64 4.70
CA LEU D 76 -72.53 23.37 3.88
C LEU D 76 -72.34 22.70 2.52
N VAL D 77 -72.23 23.52 1.49
CA VAL D 77 -72.12 23.04 0.13
C VAL D 77 -70.82 23.58 -0.46
N ARG D 78 -70.05 22.73 -1.12
CA ARG D 78 -68.83 23.18 -1.82
C ARG D 78 -69.17 24.28 -2.82
N GLY D 79 -68.23 25.21 -3.00
CA GLY D 79 -68.47 26.40 -3.80
C GLY D 79 -69.28 27.50 -3.12
N GLU D 80 -69.80 27.25 -1.92
CA GLU D 80 -70.53 28.27 -1.15
C GLU D 80 -69.63 29.46 -0.87
N LYS D 81 -70.18 30.68 -1.02
CA LYS D 81 -69.38 31.89 -0.83
C LYS D 81 -69.10 32.22 0.64
N VAL D 82 -67.83 32.55 0.92
CA VAL D 82 -67.33 32.77 2.27
C VAL D 82 -66.58 34.11 2.36
N LEU D 83 -67.09 35.00 3.19
CA LEU D 83 -66.58 36.37 3.25
C LEU D 83 -65.65 36.59 4.44
N ASP D 84 -64.43 37.04 4.16
CA ASP D 84 -63.45 37.39 5.19
C ASP D 84 -63.81 38.73 5.87
N THR D 85 -63.77 38.74 7.20
CA THR D 85 -64.05 39.98 7.93
C THR D 85 -62.79 40.83 8.14
N GLY D 86 -61.63 40.22 7.90
CA GLY D 86 -60.34 40.94 7.93
C GLY D 86 -59.73 41.18 9.30
N GLY D 87 -60.28 40.53 10.32
CA GLY D 87 -59.71 40.57 11.66
C GLY D 87 -60.05 39.29 12.40
N PRO D 88 -59.41 39.05 13.55
CA PRO D 88 -59.86 37.96 14.41
C PRO D 88 -61.25 38.21 14.96
N ILE D 89 -61.93 37.14 15.35
CA ILE D 89 -63.21 37.22 16.06
C ILE D 89 -63.18 38.41 17.05
N SER D 90 -64.11 39.34 16.88
CA SER D 90 -64.26 40.52 17.77
C SER D 90 -65.35 40.33 18.83
N VAL D 91 -65.11 40.85 20.04
CA VAL D 91 -66.18 40.88 21.05
C VAL D 91 -66.46 42.26 21.62
N PRO D 92 -67.74 42.54 21.93
CA PRO D 92 -68.06 43.79 22.59
C PRO D 92 -67.43 43.86 23.98
N VAL D 93 -66.91 45.04 24.30
CA VAL D 93 -66.22 45.26 25.56
C VAL D 93 -66.91 46.39 26.35
N GLY D 94 -66.33 46.78 27.48
CA GLY D 94 -66.84 47.91 28.24
C GLY D 94 -68.07 47.61 29.05
N ARG D 95 -68.65 48.64 29.65
CA ARG D 95 -69.69 48.48 30.64
C ARG D 95 -71.01 47.90 30.12
N GLU D 96 -71.14 47.80 28.81
CA GLU D 96 -72.38 47.35 28.17
C GLU D 96 -72.49 45.82 28.05
N THR D 97 -71.52 45.12 28.62
CA THR D 97 -71.51 43.67 28.62
C THR D 97 -72.08 43.13 29.94
N LEU D 98 -72.07 43.96 30.98
CA LEU D 98 -72.58 43.57 32.29
C LEU D 98 -74.07 43.25 32.21
N GLY D 99 -74.52 42.29 33.01
CA GLY D 99 -75.91 41.83 32.98
C GLY D 99 -76.33 41.18 31.67
N ARG D 100 -75.39 41.02 30.74
CA ARG D 100 -75.67 40.40 29.44
C ARG D 100 -75.12 38.98 29.38
N ILE D 101 -75.72 38.15 28.55
CA ILE D 101 -75.14 36.85 28.24
C ILE D 101 -74.59 36.86 26.79
N ILE D 102 -73.33 36.50 26.65
CA ILE D 102 -72.63 36.55 25.36
C ILE D 102 -72.08 35.18 25.00
N ASN D 103 -71.88 34.92 23.72
CA ASN D 103 -71.28 33.66 23.28
C ASN D 103 -69.92 33.84 22.62
N VAL D 104 -69.32 32.72 22.19
CA VAL D 104 -67.97 32.70 21.65
C VAL D 104 -67.66 33.78 20.59
N ILE D 105 -68.62 34.10 19.73
CA ILE D 105 -68.38 35.12 18.72
C ILE D 105 -68.89 36.52 19.10
N GLY D 106 -69.35 36.66 20.34
CA GLY D 106 -69.73 37.97 20.85
C GLY D 106 -71.21 38.34 20.70
N GLU D 107 -72.03 37.41 20.24
CA GLU D 107 -73.45 37.72 20.10
C GLU D 107 -74.18 37.56 21.42
N PRO D 108 -75.25 38.35 21.62
CA PRO D 108 -76.06 38.15 22.82
C PRO D 108 -76.87 36.85 22.74
N ILE D 109 -76.98 36.14 23.85
CA ILE D 109 -77.81 34.93 23.94
C ILE D 109 -78.79 34.99 25.11
N ASP D 110 -79.24 36.21 25.43
CA ASP D 110 -80.12 36.45 26.57
C ASP D 110 -81.45 37.04 26.09
N GLU D 111 -81.56 37.17 24.77
CA GLU D 111 -82.75 37.69 24.09
C GLU D 111 -83.11 39.14 24.49
N ARG D 112 -82.09 39.94 24.77
CA ARG D 112 -82.31 41.31 25.19
C ARG D 112 -81.69 42.29 24.19
N GLY D 113 -81.75 41.90 22.91
CA GLY D 113 -81.37 42.78 21.80
C GLY D 113 -79.88 43.00 21.72
N PRO D 114 -79.44 43.93 20.84
CA PRO D 114 -78.05 44.33 20.66
C PRO D 114 -77.30 44.64 21.95
N ILE D 115 -75.99 44.33 21.98
CA ILE D 115 -75.10 44.79 23.05
C ILE D 115 -74.51 46.13 22.63
N LYS D 116 -75.31 47.20 22.82
CA LYS D 116 -74.98 48.53 22.29
C LYS D 116 -73.77 49.11 22.98
N SER D 117 -72.60 48.96 22.38
CA SER D 117 -71.37 49.57 22.90
C SER D 117 -70.47 50.09 21.78
N LYS D 118 -69.54 50.95 22.16
CA LYS D 118 -68.62 51.60 21.23
C LYS D 118 -67.58 50.66 20.57
N LEU D 119 -66.98 49.77 21.36
CA LEU D 119 -65.82 48.99 20.88
C LEU D 119 -66.02 47.48 20.85
N ARG D 120 -65.40 46.84 19.84
CA ARG D 120 -65.29 45.39 19.76
C ARG D 120 -63.81 45.06 19.60
N LYS D 121 -63.28 44.29 20.54
CA LYS D 121 -61.86 43.92 20.57
C LYS D 121 -61.61 42.48 20.10
N PRO D 122 -60.43 42.21 19.53
CA PRO D 122 -60.05 40.85 19.13
C PRO D 122 -59.83 39.91 20.32
N ILE D 123 -60.27 38.66 20.19
CA ILE D 123 -60.14 37.68 21.25
C ILE D 123 -58.72 37.10 21.35
N HIS D 124 -57.91 37.35 20.33
CA HIS D 124 -56.50 36.98 20.29
C HIS D 124 -55.67 38.22 20.50
N ALA D 125 -54.74 38.16 21.47
CA ALA D 125 -53.82 39.28 21.77
C ALA D 125 -52.62 38.83 22.58
N ASP D 126 -51.46 39.44 22.34
CA ASP D 126 -50.26 39.03 23.06
C ASP D 126 -50.38 39.33 24.55
N PRO D 127 -50.04 38.35 25.40
CA PRO D 127 -49.91 38.60 26.84
C PRO D 127 -48.97 39.78 27.10
N PRO D 128 -49.11 40.45 28.27
CA PRO D 128 -48.22 41.54 28.61
C PRO D 128 -46.75 41.11 28.70
N SER D 129 -45.84 42.06 28.48
CA SER D 129 -44.40 41.77 28.38
C SER D 129 -43.80 41.52 29.75
N PHE D 130 -42.58 40.98 29.75
CA PHE D 130 -41.86 40.78 31.00
C PHE D 130 -41.68 42.10 31.74
N ALA D 131 -41.53 43.18 30.97
CA ALA D 131 -41.29 44.51 31.52
C ALA D 131 -42.59 45.23 31.83
N GLU D 132 -43.72 44.55 31.68
CA GLU D 132 -44.99 45.16 32.02
C GLU D 132 -45.59 44.53 33.27
N GLN D 133 -44.84 43.58 33.85
CA GLN D 133 -45.33 42.77 34.96
C GLN D 133 -45.30 43.56 36.24
N SER D 134 -46.30 43.39 37.10
CA SER D 134 -46.40 44.17 38.33
C SER D 134 -46.73 43.32 39.54
N THR D 135 -45.69 42.85 40.24
CA THR D 135 -45.86 41.94 41.37
C THR D 135 -46.28 42.63 42.65
N SER D 136 -46.92 41.84 43.51
CA SER D 136 -47.56 42.29 44.72
C SER D 136 -48.01 41.03 45.44
N ALA D 137 -47.50 40.81 46.63
CA ALA D 137 -48.05 39.80 47.49
C ALA D 137 -49.08 40.48 48.38
N GLU D 138 -50.35 40.40 47.97
CA GLU D 138 -51.42 40.95 48.79
C GLU D 138 -52.64 40.04 48.80
N ILE D 139 -53.17 39.82 50.00
CA ILE D 139 -54.03 38.67 50.30
C ILE D 139 -55.54 38.89 50.12
N LEU D 140 -56.15 38.09 49.24
CA LEU D 140 -57.61 38.09 49.03
C LEU D 140 -58.36 37.20 50.02
N GLU D 141 -59.04 37.84 50.97
CA GLU D 141 -59.83 37.17 52.01
C GLU D 141 -61.12 36.57 51.41
N THR D 142 -61.46 35.36 51.84
CA THR D 142 -62.56 34.60 51.21
C THR D 142 -63.70 34.24 52.15
N GLY D 143 -63.43 34.25 53.44
CA GLY D 143 -64.40 33.78 54.43
C GLY D 143 -64.28 32.29 54.71
N ILE D 144 -63.73 31.56 53.74
CA ILE D 144 -63.53 30.12 53.86
C ILE D 144 -62.29 29.82 54.71
N LYS D 145 -62.52 29.27 55.92
CA LYS D 145 -61.46 28.94 56.89
C LYS D 145 -60.26 28.22 56.28
N VAL D 146 -60.50 27.07 55.63
CA VAL D 146 -59.41 26.24 55.09
C VAL D 146 -58.55 26.99 54.08
N VAL D 147 -59.21 27.70 53.17
CA VAL D 147 -58.54 28.56 52.20
C VAL D 147 -57.73 29.64 52.92
N ASP D 148 -58.40 30.38 53.81
CA ASP D 148 -57.83 31.58 54.43
C ASP D 148 -56.76 31.32 55.49
N LEU D 149 -56.82 30.18 56.16
CA LEU D 149 -55.79 29.82 57.13
C LEU D 149 -54.59 29.18 56.46
N LEU D 150 -54.85 28.21 55.57
CA LEU D 150 -53.80 27.32 55.06
C LEU D 150 -53.22 27.63 53.67
N ALA D 151 -54.06 28.01 52.70
CA ALA D 151 -53.57 28.32 51.35
C ALA D 151 -54.28 29.55 50.76
N PRO D 152 -54.00 30.75 51.30
CA PRO D 152 -54.78 31.94 51.01
C PRO D 152 -54.70 32.37 49.54
N TYR D 153 -55.76 33.02 49.08
CA TYR D 153 -55.85 33.47 47.70
C TYR D 153 -55.12 34.79 47.53
N ALA D 154 -54.69 35.09 46.31
CA ALA D 154 -53.82 36.24 46.06
C ALA D 154 -54.40 37.20 45.03
N ARG D 155 -54.81 38.36 45.53
CA ARG D 155 -55.34 39.45 44.74
C ARG D 155 -54.42 39.73 43.57
N GLY D 156 -54.94 39.61 42.37
CA GLY D 156 -54.18 39.86 41.15
C GLY D 156 -53.61 38.61 40.51
N GLY D 157 -53.75 37.48 41.20
CA GLY D 157 -53.14 36.21 40.77
C GLY D 157 -54.05 35.30 39.96
N LYS D 158 -53.70 34.02 39.92
CA LYS D 158 -54.54 32.99 39.33
C LYS D 158 -54.73 31.84 40.33
N ILE D 159 -55.98 31.45 40.56
CA ILE D 159 -56.30 30.48 41.60
C ILE D 159 -57.02 29.25 41.00
N GLY D 160 -56.50 28.06 41.31
CA GLY D 160 -57.05 26.84 40.74
C GLY D 160 -57.85 25.99 41.71
N LEU D 161 -59.06 25.65 41.29
CA LEU D 161 -59.89 24.72 42.05
C LEU D 161 -59.81 23.38 41.35
N PHE D 162 -58.86 22.54 41.76
CA PHE D 162 -58.68 21.22 41.16
C PHE D 162 -59.67 20.24 41.78
N GLY D 163 -60.44 19.57 40.93
CA GLY D 163 -61.33 18.52 41.40
C GLY D 163 -61.64 17.42 40.39
N GLY D 164 -61.81 16.20 40.88
CA GLY D 164 -62.41 15.14 40.08
C GLY D 164 -63.92 15.32 40.00
N ALA D 165 -64.57 14.54 39.13
CA ALA D 165 -66.00 14.68 38.90
C ALA D 165 -66.79 14.52 40.19
N GLY D 166 -67.52 15.57 40.56
CA GLY D 166 -68.50 15.50 41.63
C GLY D 166 -67.99 15.82 43.03
N VAL D 167 -66.73 16.21 43.14
CA VAL D 167 -66.13 16.53 44.44
C VAL D 167 -66.46 17.95 44.93
N GLY D 168 -66.73 18.86 44.00
CA GLY D 168 -67.32 20.16 44.36
C GLY D 168 -66.75 21.44 43.77
N LYS D 169 -66.24 21.39 42.55
CA LYS D 169 -65.62 22.57 41.91
C LYS D 169 -66.66 23.65 41.73
N THR D 170 -67.77 23.30 41.11
CA THR D 170 -68.80 24.27 40.70
C THR D 170 -69.55 24.90 41.88
N VAL D 171 -69.83 24.12 42.91
CA VAL D 171 -70.39 24.68 44.13
C VAL D 171 -69.38 25.63 44.79
N PHE D 172 -68.12 25.20 44.87
CA PHE D 172 -67.08 26.01 45.49
C PHE D 172 -66.90 27.32 44.75
N ILE D 173 -66.69 27.25 43.44
CA ILE D 173 -66.59 28.46 42.62
C ILE D 173 -67.84 29.34 42.73
N GLN D 174 -69.00 28.76 43.04
CA GLN D 174 -70.20 29.57 43.24
C GLN D 174 -70.26 30.22 44.61
N GLU D 175 -69.57 29.66 45.60
CA GLU D 175 -69.49 30.29 46.92
C GLU D 175 -68.59 31.52 46.90
N LEU D 176 -67.52 31.44 46.13
CA LEU D 176 -66.54 32.53 46.00
C LEU D 176 -67.15 33.77 45.32
N ILE D 177 -67.79 33.55 44.17
CA ILE D 177 -68.55 34.58 43.46
C ILE D 177 -69.51 35.27 44.42
N ASN D 178 -70.09 34.49 45.32
CA ASN D 178 -70.97 35.04 46.34
C ASN D 178 -70.22 35.88 47.37
N ASN D 179 -69.04 35.41 47.77
CA ASN D 179 -68.27 36.08 48.83
C ASN D 179 -67.37 37.22 48.36
N ILE D 180 -66.81 37.08 47.16
CA ILE D 180 -65.98 38.14 46.61
C ILE D 180 -66.79 39.11 45.75
N ALA D 181 -67.50 38.58 44.75
CA ALA D 181 -68.10 39.42 43.70
C ALA D 181 -69.01 40.54 44.17
N LYS D 182 -70.07 40.21 44.92
CA LYS D 182 -71.03 41.23 45.33
C LYS D 182 -70.50 42.09 46.48
N ALA D 183 -69.43 41.63 47.12
CA ALA D 183 -68.72 42.40 48.16
C ALA D 183 -67.65 43.29 47.54
N HIS D 184 -67.45 43.11 46.23
CA HIS D 184 -66.33 43.70 45.48
C HIS D 184 -66.76 44.97 44.75
N GLY D 185 -65.82 45.92 44.65
CA GLY D 185 -66.10 47.17 43.96
C GLY D 185 -66.03 47.03 42.46
N GLY D 186 -64.94 46.39 41.99
CA GLY D 186 -64.67 46.20 40.57
C GLY D 186 -65.65 45.28 39.89
N PHE D 187 -65.40 44.99 38.62
CA PHE D 187 -66.28 44.11 37.86
C PHE D 187 -65.84 42.65 37.88
N SER D 188 -66.76 41.77 37.51
CA SER D 188 -66.45 40.36 37.36
C SER D 188 -66.91 39.84 36.01
N VAL D 189 -66.10 38.99 35.39
CA VAL D 189 -66.52 38.26 34.20
C VAL D 189 -66.52 36.77 34.53
N PHE D 190 -67.64 36.11 34.27
CA PHE D 190 -67.73 34.67 34.44
C PHE D 190 -67.84 34.01 33.07
N THR D 191 -66.88 33.16 32.76
CA THR D 191 -66.89 32.41 31.51
C THR D 191 -67.16 30.94 31.79
N GLY D 192 -68.23 30.41 31.17
CA GLY D 192 -68.56 28.99 31.29
C GLY D 192 -68.01 28.17 30.13
N VAL D 193 -66.79 27.69 30.24
CA VAL D 193 -66.18 26.87 29.18
C VAL D 193 -66.65 25.42 29.26
N GLY D 194 -67.05 24.88 28.11
CA GLY D 194 -67.57 23.51 27.97
C GLY D 194 -68.20 22.81 29.17
N GLU D 195 -69.21 23.44 29.77
CA GLU D 195 -69.88 22.82 30.92
C GLU D 195 -71.36 22.49 30.67
N ARG D 196 -72.01 21.97 31.70
CA ARG D 196 -73.43 21.61 31.62
C ARG D 196 -74.26 22.88 31.48
N THR D 197 -75.03 22.94 30.38
CA THR D 197 -75.86 24.12 30.10
C THR D 197 -76.91 24.31 31.21
N ARG D 198 -77.48 23.20 31.68
CA ARG D 198 -78.40 23.23 32.81
C ARG D 198 -77.83 24.00 34.00
N GLU D 199 -76.50 23.99 34.15
CA GLU D 199 -75.82 24.70 35.22
C GLU D 199 -75.76 26.20 34.94
N GLY D 200 -75.61 26.55 33.65
CA GLY D 200 -75.66 27.93 33.18
C GLY D 200 -77.02 28.55 33.47
N ASN D 201 -78.09 27.81 33.17
CA ASN D 201 -79.43 28.24 33.51
C ASN D 201 -79.64 28.42 35.02
N ASP D 202 -78.96 27.61 35.83
CA ASP D 202 -78.97 27.76 37.29
C ASP D 202 -78.38 29.08 37.70
N LEU D 203 -77.20 29.39 37.16
CA LEU D 203 -76.42 30.55 37.58
C LEU D 203 -77.06 31.85 37.16
N TYR D 204 -77.50 31.94 35.91
CA TYR D 204 -78.23 33.11 35.43
C TYR D 204 -79.39 33.43 36.37
N ARG D 205 -80.04 32.39 36.89
CA ARG D 205 -81.14 32.55 37.85
C ARG D 205 -80.67 33.12 39.20
N GLU D 206 -79.59 32.59 39.76
CA GLU D 206 -79.05 33.08 41.05
C GLU D 206 -78.58 34.54 40.98
N MET D 207 -77.84 34.87 39.92
CA MET D 207 -77.34 36.24 39.70
C MET D 207 -78.45 37.29 39.78
N LYS D 208 -79.58 37.01 39.14
CA LYS D 208 -80.74 37.88 39.24
C LYS D 208 -81.26 37.90 40.67
N GLU D 209 -81.38 36.72 41.27
CA GLU D 209 -81.95 36.54 42.61
C GLU D 209 -81.07 37.07 43.76
N THR D 210 -79.77 37.19 43.52
CA THR D 210 -78.82 37.67 44.54
C THR D 210 -78.48 39.16 44.38
N GLY D 211 -79.07 39.80 43.37
CA GLY D 211 -78.85 41.22 43.12
C GLY D 211 -77.48 41.43 42.51
N VAL D 212 -76.94 40.39 41.91
CA VAL D 212 -75.67 40.46 41.20
C VAL D 212 -75.96 40.91 39.77
N ILE D 213 -77.05 40.43 39.19
CA ILE D 213 -77.51 40.97 37.93
C ILE D 213 -78.82 41.68 38.16
N ASN D 214 -78.87 42.94 37.74
CA ASN D 214 -80.10 43.70 37.69
C ASN D 214 -80.52 43.85 36.23
N LEU D 215 -81.73 43.42 35.92
CA LEU D 215 -82.28 43.63 34.59
C LEU D 215 -82.66 45.11 34.39
N GLU D 216 -83.55 45.62 35.24
CA GLU D 216 -83.90 47.05 35.21
C GLU D 216 -82.91 47.83 36.07
N GLY D 217 -81.80 48.25 35.46
CA GLY D 217 -80.73 48.95 36.18
C GLY D 217 -79.39 48.23 36.14
N GLU D 218 -78.35 48.87 36.69
CA GLU D 218 -76.96 48.43 36.47
C GLU D 218 -76.55 47.12 37.16
N SER D 219 -75.67 46.36 36.50
CA SER D 219 -75.24 45.04 36.92
C SER D 219 -73.74 44.94 37.11
N LYS D 220 -73.30 43.88 37.79
CA LYS D 220 -71.92 43.78 38.30
C LYS D 220 -71.06 42.67 37.67
N VAL D 221 -71.68 41.72 36.97
CA VAL D 221 -70.93 40.61 36.33
C VAL D 221 -71.34 40.35 34.87
N ALA D 222 -70.36 40.23 33.98
CA ALA D 222 -70.63 39.83 32.59
C ALA D 222 -70.62 38.30 32.44
N LEU D 223 -71.53 37.77 31.62
CA LEU D 223 -71.68 36.31 31.46
C LEU D 223 -71.37 35.80 30.04
N VAL D 224 -70.32 35.01 29.92
CA VAL D 224 -69.93 34.41 28.63
C VAL D 224 -69.99 32.88 28.69
N PHE D 225 -70.79 32.28 27.81
CA PHE D 225 -71.03 30.85 27.87
C PHE D 225 -70.69 30.12 26.58
N GLY D 226 -69.85 29.11 26.69
CA GLY D 226 -69.52 28.25 25.55
C GLY D 226 -69.60 26.81 25.99
N GLN D 227 -70.82 26.36 26.27
CA GLN D 227 -71.02 25.07 26.94
C GLN D 227 -70.75 23.86 26.04
N MET D 228 -70.70 22.68 26.65
CA MET D 228 -70.28 21.45 25.98
C MET D 228 -71.26 20.96 24.88
N ASN D 229 -72.27 21.75 24.57
CA ASN D 229 -73.14 21.44 23.45
C ASN D 229 -72.58 22.02 22.13
N GLU D 230 -71.48 22.74 22.23
CA GLU D 230 -70.90 23.46 21.08
C GLU D 230 -69.71 22.70 20.48
N PRO D 231 -69.44 22.87 19.17
CA PRO D 231 -68.34 22.16 18.52
C PRO D 231 -66.94 22.57 19.02
N PRO D 232 -65.95 21.68 18.86
CA PRO D 232 -64.58 21.91 19.32
C PRO D 232 -64.08 23.35 19.12
N GLY D 233 -64.29 23.93 17.94
CA GLY D 233 -63.91 25.33 17.66
C GLY D 233 -64.45 26.38 18.62
N ALA D 234 -65.68 26.18 19.10
CA ALA D 234 -66.33 27.12 20.02
C ALA D 234 -65.81 26.97 21.46
N ARG D 235 -65.79 25.74 21.97
CA ARG D 235 -65.26 25.47 23.30
C ARG D 235 -63.77 25.79 23.39
N ALA D 236 -63.08 25.71 22.26
CA ALA D 236 -61.66 26.02 22.19
C ALA D 236 -61.36 27.52 22.31
N ARG D 237 -62.25 28.34 21.76
CA ARG D 237 -61.99 29.78 21.71
C ARG D 237 -62.69 30.57 22.82
N VAL D 238 -63.83 30.08 23.28
CA VAL D 238 -64.71 30.85 24.17
C VAL D 238 -64.02 31.31 25.46
N ALA D 239 -63.04 30.54 25.93
CA ALA D 239 -62.28 30.99 27.08
C ALA D 239 -61.68 32.36 26.80
N LEU D 240 -61.16 32.56 25.58
CA LEU D 240 -60.55 33.83 25.19
C LEU D 240 -61.57 34.96 25.09
N THR D 241 -62.71 34.66 24.48
CA THR D 241 -63.81 35.61 24.37
C THR D 241 -64.08 36.27 25.71
N GLY D 242 -64.44 35.47 26.71
CA GLY D 242 -64.71 35.96 28.08
C GLY D 242 -63.52 36.62 28.76
N LEU D 243 -62.32 36.15 28.46
CA LEU D 243 -61.11 36.77 28.97
C LEU D 243 -60.86 38.16 28.36
N THR D 244 -61.27 38.33 27.10
CA THR D 244 -61.06 39.58 26.36
C THR D 244 -61.96 40.69 26.90
N ILE D 245 -63.08 40.28 27.50
CA ILE D 245 -63.97 41.19 28.17
C ILE D 245 -63.30 41.67 29.47
N ALA D 246 -62.60 40.77 30.15
CA ALA D 246 -61.88 41.13 31.37
C ALA D 246 -60.77 42.11 31.08
N GLU D 247 -59.91 41.80 30.12
CA GLU D 247 -58.73 42.60 29.80
C GLU D 247 -59.05 44.07 29.52
N TYR D 248 -60.27 44.34 29.06
CA TYR D 248 -60.68 45.72 28.79
C TYR D 248 -60.80 46.52 30.08
N PHE D 249 -61.53 45.98 31.07
CA PHE D 249 -61.69 46.64 32.36
C PHE D 249 -60.35 46.88 33.06
N ARG D 250 -59.38 46.00 32.83
CA ARG D 250 -58.07 46.13 33.45
C ARG D 250 -57.25 47.24 32.83
N ASP D 251 -57.35 47.38 31.51
CA ASP D 251 -56.50 48.31 30.76
C ASP D 251 -57.17 49.63 30.46
N GLU D 252 -58.50 49.67 30.51
CA GLU D 252 -59.24 50.89 30.19
C GLU D 252 -59.83 51.53 31.43
N GLU D 253 -60.72 50.82 32.13
CA GLU D 253 -61.21 51.26 33.43
C GLU D 253 -60.08 51.22 34.45
N GLY D 254 -59.09 50.38 34.20
CA GLY D 254 -57.94 50.22 35.07
C GLY D 254 -58.31 49.73 36.45
N GLN D 255 -59.39 48.94 36.52
CA GLN D 255 -59.85 48.41 37.80
C GLN D 255 -59.30 46.99 38.02
N ASP D 256 -59.38 46.52 39.27
CA ASP D 256 -59.08 45.14 39.60
C ASP D 256 -60.28 44.29 39.20
N VAL D 257 -60.12 43.55 38.10
CA VAL D 257 -61.18 42.73 37.52
C VAL D 257 -61.16 41.34 38.12
N LEU D 258 -62.34 40.75 38.32
CA LEU D 258 -62.44 39.34 38.68
C LEU D 258 -62.82 38.52 37.45
N LEU D 259 -62.15 37.38 37.29
CA LEU D 259 -62.45 36.45 36.20
C LEU D 259 -62.71 35.07 36.78
N PHE D 260 -63.89 34.51 36.50
CA PHE D 260 -64.23 33.19 36.98
C PHE D 260 -64.41 32.30 35.78
N ILE D 261 -63.53 31.32 35.64
CA ILE D 261 -63.58 30.36 34.55
C ILE D 261 -64.01 28.98 35.06
N ASP D 262 -64.95 28.36 34.36
CA ASP D 262 -65.42 27.02 34.71
C ASP D 262 -65.98 26.35 33.47
N ASN D 263 -65.34 25.29 32.99
CA ASN D 263 -64.12 24.70 33.57
C ASN D 263 -62.92 24.89 32.65
N ILE D 264 -61.75 25.18 33.24
CA ILE D 264 -60.54 25.45 32.48
C ILE D 264 -60.11 24.22 31.71
N PHE D 265 -60.35 23.06 32.30
CA PHE D 265 -60.03 21.76 31.68
C PHE D 265 -60.59 21.64 30.26
N ARG D 266 -61.81 22.13 30.07
CA ARG D 266 -62.49 22.07 28.79
C ARG D 266 -61.76 22.84 27.71
N PHE D 267 -61.18 23.98 28.09
CA PHE D 267 -60.28 24.72 27.19
C PHE D 267 -59.24 23.80 26.55
N THR D 268 -58.54 23.03 27.39
CA THR D 268 -57.52 22.13 26.93
C THR D 268 -58.12 20.99 26.10
N GLN D 269 -59.20 20.42 26.62
CA GLN D 269 -59.85 19.27 26.01
C GLN D 269 -60.36 19.58 24.61
N ALA D 270 -60.76 20.83 24.40
CA ALA D 270 -61.30 21.26 23.12
C ALA D 270 -60.18 21.48 22.12
N GLY D 271 -59.09 22.09 22.55
CA GLY D 271 -57.91 22.21 21.72
C GLY D 271 -57.48 20.82 21.27
N SER D 272 -57.44 19.91 22.22
CA SER D 272 -57.12 18.52 21.92
C SER D 272 -57.97 18.00 20.74
N GLU D 273 -59.27 18.30 20.78
CA GLU D 273 -60.17 17.92 19.70
C GLU D 273 -59.83 18.59 18.38
N VAL D 274 -59.53 19.89 18.41
CA VAL D 274 -59.25 20.59 17.14
C VAL D 274 -57.87 20.23 16.60
N SER D 275 -56.91 20.00 17.50
CA SER D 275 -55.59 19.58 17.08
C SER D 275 -55.72 18.23 16.40
N ALA D 276 -56.56 17.36 16.98
CA ALA D 276 -56.80 16.04 16.42
C ALA D 276 -57.33 16.25 15.02
N LEU D 277 -58.37 17.07 14.90
CA LEU D 277 -59.07 17.24 13.65
C LEU D 277 -58.26 17.98 12.60
N LEU D 278 -57.35 18.86 13.01
CA LEU D 278 -56.44 19.50 12.09
C LEU D 278 -55.42 18.47 11.57
N GLY D 279 -55.46 17.27 12.12
CA GLY D 279 -54.57 16.20 11.71
C GLY D 279 -53.15 16.26 12.25
N ARG D 280 -52.98 16.82 13.44
CA ARG D 280 -51.68 16.81 14.11
C ARG D 280 -51.40 15.42 14.65
N ILE D 281 -50.12 15.10 14.87
CA ILE D 281 -49.77 13.85 15.52
C ILE D 281 -50.02 14.06 17.01
N PRO D 282 -50.95 13.28 17.63
CA PRO D 282 -51.25 13.52 19.05
C PRO D 282 -50.05 13.26 19.96
N SER D 283 -49.96 14.06 21.04
CA SER D 283 -48.90 13.96 22.02
C SER D 283 -49.32 12.89 23.04
N ALA D 284 -48.58 12.75 24.14
CA ALA D 284 -48.92 11.75 25.16
C ALA D 284 -50.33 11.93 25.78
N VAL D 285 -50.96 10.80 26.10
CA VAL D 285 -52.37 10.75 26.52
C VAL D 285 -53.30 11.34 25.45
N GLY D 286 -52.79 11.45 24.23
CA GLY D 286 -53.58 11.92 23.10
C GLY D 286 -53.87 13.42 23.05
N TYR D 287 -53.21 14.18 23.91
CA TYR D 287 -53.39 15.64 23.91
C TYR D 287 -52.72 16.33 22.71
N GLN D 288 -53.07 17.60 22.49
CA GLN D 288 -52.47 18.42 21.44
C GLN D 288 -50.99 18.58 21.72
N PRO D 289 -50.16 18.64 20.66
CA PRO D 289 -48.72 18.78 20.88
C PRO D 289 -48.36 20.18 21.33
N THR D 290 -49.38 21.02 21.51
CA THR D 290 -49.20 22.43 21.81
C THR D 290 -49.88 22.75 23.13
N LEU D 291 -50.11 21.71 23.94
CA LEU D 291 -50.81 21.85 25.23
C LEU D 291 -50.24 22.99 26.06
N ALA D 292 -48.94 22.91 26.33
CA ALA D 292 -48.26 23.87 27.18
C ALA D 292 -48.34 25.31 26.67
N THR D 293 -48.05 25.53 25.39
CA THR D 293 -48.05 26.88 24.84
C THR D 293 -49.45 27.40 24.61
N ASP D 294 -50.41 26.52 24.36
CA ASP D 294 -51.81 26.96 24.24
C ASP D 294 -52.32 27.46 25.58
N MET D 295 -51.92 26.75 26.64
CA MET D 295 -52.23 27.17 27.98
C MET D 295 -51.50 28.46 28.32
N GLY D 296 -50.18 28.47 28.06
CA GLY D 296 -49.37 29.68 28.24
C GLY D 296 -50.02 30.91 27.62
N LEU D 297 -50.45 30.78 26.37
CA LEU D 297 -51.05 31.90 25.66
C LEU D 297 -52.24 32.46 26.40
N LEU D 298 -53.14 31.57 26.83
CA LEU D 298 -54.30 32.01 27.58
C LEU D 298 -53.89 32.56 28.95
N GLN D 299 -53.19 31.75 29.73
CA GLN D 299 -52.90 32.09 31.12
C GLN D 299 -52.04 33.33 31.32
N GLU D 300 -51.08 33.56 30.42
CA GLU D 300 -50.16 34.70 30.56
C GLU D 300 -50.87 36.03 30.35
N ARG D 301 -52.05 36.00 29.74
CA ARG D 301 -52.87 37.19 29.60
C ARG D 301 -53.53 37.53 30.93
N ILE D 302 -53.94 36.50 31.67
CA ILE D 302 -54.50 36.71 33.00
C ILE D 302 -53.36 37.09 33.93
N THR D 303 -53.06 38.39 33.96
CA THR D 303 -52.01 38.90 34.83
C THR D 303 -52.28 40.33 35.31
N THR D 304 -51.60 40.69 36.41
CA THR D 304 -51.61 42.07 36.92
C THR D 304 -50.62 42.94 36.16
N THR D 305 -51.17 43.88 35.41
CA THR D 305 -50.37 44.86 34.68
C THR D 305 -50.15 46.12 35.54
N LYS D 306 -49.55 47.15 34.95
CA LYS D 306 -49.37 48.39 35.69
C LYS D 306 -50.49 49.39 35.41
N LYS D 307 -51.60 48.89 34.91
CA LYS D 307 -52.82 49.68 34.72
C LYS D 307 -53.90 49.20 35.68
N GLY D 308 -54.10 47.90 35.74
CA GLY D 308 -55.05 47.30 36.67
C GLY D 308 -54.74 45.85 36.97
N SER D 309 -55.74 45.16 37.53
CA SER D 309 -55.58 43.79 38.01
C SER D 309 -56.57 42.82 37.36
N VAL D 310 -56.14 41.59 37.11
CA VAL D 310 -57.10 40.52 36.81
C VAL D 310 -56.85 39.36 37.76
N THR D 311 -57.76 39.18 38.69
CA THR D 311 -57.72 38.02 39.57
C THR D 311 -58.66 36.98 39.00
N SER D 312 -58.18 35.76 38.80
CA SER D 312 -59.05 34.71 38.28
C SER D 312 -59.06 33.44 39.10
N VAL D 313 -60.26 33.02 39.46
CA VAL D 313 -60.49 31.74 40.08
C VAL D 313 -60.94 30.74 38.99
N GLN D 314 -60.31 29.56 38.96
CA GLN D 314 -60.64 28.60 37.93
C GLN D 314 -60.92 27.18 38.44
N ALA D 315 -62.07 26.64 38.05
CA ALA D 315 -62.37 25.23 38.27
C ALA D 315 -61.58 24.41 37.27
N VAL D 316 -60.88 23.38 37.75
CA VAL D 316 -60.06 22.50 36.91
C VAL D 316 -60.51 21.06 37.09
N TYR D 317 -61.21 20.52 36.10
CA TYR D 317 -61.60 19.11 36.15
C TYR D 317 -60.38 18.22 36.01
N VAL D 318 -60.20 17.30 36.95
CA VAL D 318 -59.07 16.38 36.99
C VAL D 318 -59.55 15.00 36.57
N PRO D 319 -59.16 14.54 35.36
CA PRO D 319 -59.76 13.35 34.75
C PRO D 319 -59.40 12.11 35.51
N ALA D 320 -60.42 11.29 35.79
CA ALA D 320 -60.25 10.06 36.56
C ALA D 320 -59.43 10.27 37.83
N ASP D 321 -59.82 11.26 38.62
CA ASP D 321 -59.17 11.61 39.91
C ASP D 321 -57.64 11.67 39.88
N ASP D 322 -57.07 11.95 38.72
CA ASP D 322 -55.63 11.83 38.48
C ASP D 322 -54.91 13.16 38.21
N LEU D 323 -54.18 13.64 39.20
CA LEU D 323 -53.57 14.97 39.10
C LEU D 323 -52.34 15.02 38.21
N THR D 324 -51.94 13.86 37.67
CA THR D 324 -50.73 13.78 36.84
C THR D 324 -51.06 13.77 35.37
N ASP D 325 -52.35 13.70 35.07
CA ASP D 325 -52.86 13.91 33.72
C ASP D 325 -52.25 15.20 33.15
N PRO D 326 -51.77 15.15 31.90
CA PRO D 326 -51.12 16.30 31.27
C PRO D 326 -51.92 17.62 31.37
N ALA D 327 -53.25 17.55 31.44
CA ALA D 327 -54.02 18.79 31.50
C ALA D 327 -53.83 19.53 32.82
N PRO D 328 -54.32 18.97 33.95
CA PRO D 328 -54.12 19.67 35.22
C PRO D 328 -52.64 19.81 35.61
N ALA D 329 -51.82 18.86 35.14
CA ALA D 329 -50.37 18.92 35.28
C ALA D 329 -49.85 20.22 34.69
N THR D 330 -50.33 20.56 33.49
CA THR D 330 -49.88 21.77 32.81
C THR D 330 -50.49 23.02 33.44
N THR D 331 -51.57 22.85 34.21
CA THR D 331 -52.26 23.98 34.82
C THR D 331 -51.49 24.52 36.03
N PHE D 332 -51.02 23.60 36.87
CA PHE D 332 -50.36 23.98 38.13
C PHE D 332 -49.39 25.13 37.94
N ALA D 333 -48.47 25.00 36.98
CA ALA D 333 -47.39 25.97 36.75
C ALA D 333 -47.89 27.41 36.78
N HIS D 334 -49.09 27.64 36.26
CA HIS D 334 -49.62 28.98 36.09
C HIS D 334 -50.24 29.63 37.31
N LEU D 335 -50.30 28.92 38.42
CA LEU D 335 -51.11 29.40 39.52
C LEU D 335 -50.30 30.15 40.57
N ASP D 336 -51.01 30.86 41.45
CA ASP D 336 -50.39 31.58 42.54
C ASP D 336 -50.81 30.87 43.79
N ALA D 337 -52.05 30.41 43.84
CA ALA D 337 -52.54 29.54 44.89
C ALA D 337 -53.41 28.44 44.26
N THR D 338 -53.54 27.31 44.96
CA THR D 338 -54.30 26.18 44.44
C THR D 338 -55.19 25.61 45.54
N THR D 339 -56.44 25.29 45.20
CA THR D 339 -57.37 24.65 46.13
C THR D 339 -57.67 23.27 45.60
N VAL D 340 -57.12 22.24 46.24
CA VAL D 340 -57.34 20.89 45.75
C VAL D 340 -58.51 20.26 46.45
N LEU D 341 -59.45 19.76 45.67
CA LEU D 341 -60.62 19.08 46.22
C LEU D 341 -60.45 17.58 46.06
N SER D 342 -60.53 16.87 47.18
CA SER D 342 -60.21 15.45 47.24
C SER D 342 -61.43 14.59 47.53
N ARG D 343 -61.60 13.53 46.72
CA ARG D 343 -62.73 12.62 46.88
C ARG D 343 -62.77 11.93 48.25
N GLY D 344 -61.58 11.58 48.76
CA GLY D 344 -61.45 10.97 50.08
C GLY D 344 -61.93 11.85 51.22
N ILE D 345 -61.92 13.16 50.97
CA ILE D 345 -62.43 14.13 51.92
C ILE D 345 -63.96 14.20 51.81
N SER D 346 -64.46 14.26 50.57
CA SER D 346 -65.91 14.41 50.31
C SER D 346 -66.72 13.15 50.62
N GLU D 347 -66.09 11.98 50.48
CA GLU D 347 -66.79 10.72 50.77
C GLU D 347 -66.90 10.38 52.27
N LEU D 348 -66.02 10.97 53.09
CA LEU D 348 -66.15 10.90 54.55
C LEU D 348 -67.24 11.86 55.03
N GLY D 349 -67.54 12.86 54.19
CA GLY D 349 -68.61 13.81 54.45
C GLY D 349 -68.10 15.19 54.85
N ILE D 350 -66.90 15.54 54.41
CA ILE D 350 -66.32 16.83 54.75
C ILE D 350 -66.37 17.79 53.58
N TYR D 351 -67.18 18.85 53.73
CA TYR D 351 -67.32 19.90 52.73
C TYR D 351 -66.95 21.24 53.36
N PRO D 352 -66.17 22.08 52.65
CA PRO D 352 -65.60 21.83 51.31
C PRO D 352 -64.58 20.70 51.35
N ALA D 353 -64.51 19.93 50.27
CA ALA D 353 -63.68 18.73 50.25
C ALA D 353 -62.18 19.04 50.00
N VAL D 354 -61.63 19.96 50.77
CA VAL D 354 -60.27 20.48 50.53
C VAL D 354 -59.19 19.62 51.17
N ASP D 355 -58.08 19.46 50.47
CA ASP D 355 -56.92 18.75 50.99
C ASP D 355 -55.93 19.75 51.60
N PRO D 356 -55.87 19.79 52.94
CA PRO D 356 -55.15 20.81 53.67
C PRO D 356 -53.63 20.74 53.50
N LEU D 357 -53.17 19.75 52.73
CA LEU D 357 -51.74 19.60 52.45
C LEU D 357 -51.43 19.79 50.97
N ASP D 358 -52.31 19.28 50.10
CA ASP D 358 -52.11 19.39 48.66
C ASP D 358 -52.34 20.82 48.17
N SER D 359 -53.31 21.51 48.79
CA SER D 359 -53.61 22.92 48.48
C SER D 359 -52.48 23.86 48.92
N LYS D 360 -51.87 24.56 47.97
CA LYS D 360 -50.68 25.39 48.23
C LYS D 360 -50.95 26.85 47.94
N SER D 361 -50.07 27.73 48.42
CA SER D 361 -50.19 29.16 48.13
C SER D 361 -48.89 29.90 48.29
N ARG D 362 -48.63 30.80 47.33
CA ARG D 362 -47.55 31.79 47.38
C ARG D 362 -47.46 32.47 48.72
N LEU D 363 -48.60 32.98 49.17
CA LEU D 363 -48.65 33.93 50.27
C LEU D 363 -48.62 33.33 51.69
N LEU D 364 -48.58 32.01 51.82
CA LEU D 364 -48.36 31.41 53.14
C LEU D 364 -46.92 31.67 53.58
N ASP D 365 -46.61 32.95 53.73
CA ASP D 365 -45.27 33.44 53.95
C ASP D 365 -45.37 34.47 55.08
N ALA D 366 -44.49 34.30 56.08
CA ALA D 366 -44.48 35.15 57.27
C ALA D 366 -44.45 36.65 56.94
N ALA D 367 -43.69 36.99 55.88
CA ALA D 367 -43.63 38.36 55.36
C ALA D 367 -45.01 38.89 54.99
N VAL D 368 -45.81 38.04 54.36
CA VAL D 368 -47.09 38.45 53.79
C VAL D 368 -48.23 38.38 54.80
N VAL D 369 -48.26 37.31 55.61
CA VAL D 369 -49.44 37.03 56.45
C VAL D 369 -49.30 37.38 57.94
N GLY D 370 -48.08 37.68 58.38
CA GLY D 370 -47.83 37.91 59.80
C GLY D 370 -47.31 36.64 60.43
N GLN D 371 -46.36 36.78 61.35
CA GLN D 371 -45.65 35.62 61.90
C GLN D 371 -46.60 34.66 62.60
N GLU D 372 -47.52 35.22 63.38
CA GLU D 372 -48.53 34.43 64.11
C GLU D 372 -49.37 33.58 63.15
N HIS D 373 -49.87 34.22 62.09
CA HIS D 373 -50.65 33.54 61.06
C HIS D 373 -49.88 32.33 60.56
N TYR D 374 -48.69 32.56 60.00
CA TYR D 374 -47.90 31.50 59.37
C TYR D 374 -47.55 30.37 60.34
N ASP D 375 -47.24 30.74 61.58
CA ASP D 375 -46.88 29.79 62.64
C ASP D 375 -48.03 28.86 62.98
N VAL D 376 -49.23 29.41 63.05
CA VAL D 376 -50.43 28.61 63.26
C VAL D 376 -50.62 27.68 62.07
N ALA D 377 -50.75 28.27 60.88
CA ALA D 377 -50.97 27.53 59.63
C ALA D 377 -50.01 26.37 59.41
N SER D 378 -48.75 26.56 59.81
CA SER D 378 -47.71 25.53 59.64
C SER D 378 -47.89 24.35 60.61
N LYS D 379 -48.16 24.66 61.88
CA LYS D 379 -48.37 23.63 62.89
C LYS D 379 -49.64 22.81 62.58
N VAL D 380 -50.67 23.49 62.07
CA VAL D 380 -51.90 22.82 61.61
C VAL D 380 -51.60 21.79 60.51
N GLN D 381 -50.61 22.10 59.67
CA GLN D 381 -50.17 21.17 58.62
C GLN D 381 -49.30 20.05 59.18
N GLU D 382 -48.34 20.43 60.03
CA GLU D 382 -47.49 19.46 60.73
C GLU D 382 -48.33 18.45 61.55
N THR D 383 -49.27 18.96 62.35
CA THR D 383 -50.21 18.13 63.11
C THR D 383 -50.94 17.13 62.21
N LEU D 384 -51.50 17.64 61.12
CA LEU D 384 -52.25 16.82 60.17
C LEU D 384 -51.36 15.92 59.35
N GLN D 385 -50.09 16.28 59.19
CA GLN D 385 -49.17 15.39 58.50
C GLN D 385 -48.75 14.20 59.39
N THR D 386 -48.86 14.37 60.71
CA THR D 386 -48.53 13.31 61.67
C THR D 386 -49.64 12.26 61.72
N TYR D 387 -50.89 12.73 61.71
CA TYR D 387 -52.08 11.87 61.69
C TYR D 387 -52.10 10.94 60.46
N LYS D 388 -51.62 11.46 59.33
CA LYS D 388 -51.55 10.73 58.06
C LYS D 388 -50.41 9.71 58.08
N SER D 389 -49.34 10.04 58.81
CA SER D 389 -48.21 9.14 58.99
C SER D 389 -48.54 8.03 59.99
N LEU D 390 -49.41 8.34 60.95
CA LEU D 390 -49.74 7.38 62.01
C LEU D 390 -50.81 6.36 61.64
N GLN D 391 -51.48 6.55 60.49
CA GLN D 391 -52.67 5.76 60.17
C GLN D 391 -52.41 4.28 59.87
N ASP D 392 -51.24 3.97 59.31
CA ASP D 392 -50.83 2.57 59.13
C ASP D 392 -50.56 1.88 60.47
N ILE D 393 -50.34 2.67 61.51
CA ILE D 393 -50.14 2.14 62.86
C ILE D 393 -51.48 1.85 63.55
N ILE D 394 -52.37 2.84 63.57
CA ILE D 394 -53.68 2.67 64.22
C ILE D 394 -54.45 1.54 63.55
N ALA D 395 -54.22 1.36 62.26
CA ALA D 395 -54.84 0.27 61.49
C ALA D 395 -54.24 -1.08 61.88
N ILE D 396 -52.97 -1.10 62.25
CA ILE D 396 -52.30 -2.36 62.61
C ILE D 396 -52.18 -2.61 64.14
N LEU D 397 -52.13 -1.56 64.95
CA LEU D 397 -51.99 -1.74 66.40
C LEU D 397 -52.98 -0.96 67.30
N GLY D 398 -54.04 -0.42 66.71
CA GLY D 398 -55.04 0.34 67.47
C GLY D 398 -54.59 1.71 67.93
N MET D 399 -55.38 2.33 68.80
CA MET D 399 -55.06 3.63 69.41
C MET D 399 -54.14 3.45 70.62
N ASP D 400 -54.29 2.29 71.28
CA ASP D 400 -53.58 1.95 72.51
C ASP D 400 -52.04 1.97 72.38
N GLU D 401 -51.55 1.69 71.19
CA GLU D 401 -50.11 1.57 70.94
C GLU D 401 -49.41 2.93 70.79
N LEU D 402 -50.21 3.97 70.55
CA LEU D 402 -49.66 5.29 70.29
C LEU D 402 -48.98 5.90 71.51
N SER D 403 -47.93 6.67 71.23
CA SER D 403 -47.27 7.50 72.25
C SER D 403 -48.31 8.38 72.92
N GLU D 404 -48.14 8.62 74.23
CA GLU D 404 -49.09 9.43 74.99
C GLU D 404 -49.25 10.82 74.35
N GLN D 405 -48.17 11.32 73.75
CA GLN D 405 -48.20 12.58 73.01
C GLN D 405 -48.76 12.41 71.59
N ASP D 406 -48.52 11.25 70.99
CA ASP D 406 -49.12 10.91 69.70
C ASP D 406 -50.66 10.83 69.82
N LYS D 407 -51.10 10.11 70.86
CA LYS D 407 -52.53 10.00 71.22
C LYS D 407 -53.19 11.38 71.31
N LEU D 408 -52.48 12.32 71.94
CA LEU D 408 -52.94 13.70 72.08
C LEU D 408 -53.03 14.40 70.72
N THR D 409 -51.97 14.25 69.92
CA THR D 409 -51.88 14.85 68.57
C THR D 409 -52.96 14.28 67.62
N VAL D 410 -53.23 12.99 67.75
CA VAL D 410 -54.34 12.34 67.02
C VAL D 410 -55.70 12.90 67.45
N GLU D 411 -55.87 13.11 68.77
CA GLU D 411 -57.10 13.67 69.33
C GLU D 411 -57.34 15.12 68.86
N ARG D 412 -56.24 15.88 68.78
CA ARG D 412 -56.29 17.28 68.32
C ARG D 412 -56.57 17.38 66.81
N ALA D 413 -55.89 16.55 66.01
CA ALA D 413 -56.05 16.56 64.55
C ALA D 413 -57.49 16.31 64.09
N ARG D 414 -58.19 15.40 64.78
CA ARG D 414 -59.59 15.09 64.50
C ARG D 414 -60.47 16.32 64.63
N LYS D 415 -60.23 17.09 65.69
CA LYS D 415 -60.97 18.34 65.93
C LYS D 415 -60.63 19.33 64.81
N ILE D 416 -59.34 19.44 64.51
CA ILE D 416 -58.80 20.34 63.49
C ILE D 416 -59.37 20.04 62.11
N GLN D 417 -59.41 18.76 61.76
CA GLN D 417 -59.89 18.30 60.46
C GLN D 417 -61.40 18.50 60.27
N ARG D 418 -62.12 18.63 61.39
CA ARG D 418 -63.56 18.86 61.38
C ARG D 418 -63.86 20.35 61.51
N PHE D 419 -62.89 21.09 62.05
CA PHE D 419 -63.01 22.54 62.17
C PHE D 419 -62.80 23.20 60.80
N LEU D 420 -62.28 22.43 59.84
CA LEU D 420 -62.12 22.91 58.47
C LEU D 420 -63.39 22.69 57.64
N SER D 421 -64.36 21.97 58.21
CA SER D 421 -65.70 21.83 57.62
C SER D 421 -66.39 23.17 57.73
N GLN D 422 -67.04 23.60 56.65
CA GLN D 422 -67.72 24.89 56.65
C GLN D 422 -69.00 24.84 55.84
N PRO D 423 -70.14 25.23 56.46
CA PRO D 423 -71.36 25.32 55.67
C PRO D 423 -71.30 26.53 54.76
N PHE D 424 -71.32 26.31 53.45
CA PHE D 424 -71.41 27.39 52.49
C PHE D 424 -72.86 27.86 52.38
N ALA D 425 -73.04 29.05 51.84
CA ALA D 425 -74.37 29.60 51.60
C ALA D 425 -75.06 28.93 50.41
N VAL D 426 -74.35 28.85 49.30
CA VAL D 426 -74.83 28.22 48.07
C VAL D 426 -75.06 26.72 48.31
N ALA D 427 -74.45 26.19 49.36
CA ALA D 427 -74.50 24.76 49.69
C ALA D 427 -75.70 24.37 50.55
N GLU D 428 -76.42 25.37 51.07
CA GLU D 428 -77.53 25.15 52.00
C GLU D 428 -78.64 24.27 51.40
N VAL D 429 -78.85 24.41 50.09
CA VAL D 429 -79.81 23.55 49.36
C VAL D 429 -79.42 22.07 49.41
N PHE D 430 -78.19 21.81 49.87
CA PHE D 430 -77.73 20.45 50.13
C PHE D 430 -77.71 20.15 51.64
N THR D 431 -77.13 21.05 52.44
CA THR D 431 -76.89 20.79 53.86
C THR D 431 -78.01 21.22 54.81
N GLY D 432 -78.94 22.04 54.33
CA GLY D 432 -79.99 22.61 55.17
C GLY D 432 -79.47 23.70 56.10
N ILE D 433 -78.23 23.53 56.56
CA ILE D 433 -77.55 24.47 57.46
C ILE D 433 -77.37 25.85 56.80
N PRO D 434 -77.69 26.95 57.52
CA PRO D 434 -77.42 28.32 57.04
C PRO D 434 -75.94 28.57 56.76
N GLY D 435 -75.66 29.24 55.63
CA GLY D 435 -74.28 29.47 55.19
C GLY D 435 -73.45 30.39 56.06
N LYS D 436 -72.38 29.84 56.64
CA LYS D 436 -71.48 30.58 57.55
C LYS D 436 -70.24 31.15 56.83
N LEU D 437 -69.80 32.33 57.29
CA LEU D 437 -68.69 33.05 56.67
C LEU D 437 -67.75 33.54 57.77
N VAL D 438 -66.55 32.97 57.81
CA VAL D 438 -65.58 33.22 58.88
C VAL D 438 -64.53 34.22 58.45
N ARG D 439 -64.20 35.18 59.31
CA ARG D 439 -63.15 36.15 59.01
C ARG D 439 -61.76 35.59 59.29
N LEU D 440 -60.76 36.18 58.65
CA LEU D 440 -59.40 35.63 58.66
C LEU D 440 -58.75 35.62 60.04
N LYS D 441 -58.88 36.74 60.76
CA LYS D 441 -58.29 36.88 62.10
C LYS D 441 -58.92 35.94 63.13
N ASP D 442 -60.23 35.71 63.00
CA ASP D 442 -60.93 34.73 63.82
C ASP D 442 -60.35 33.34 63.62
N THR D 443 -60.20 32.96 62.35
CA THR D 443 -59.68 31.66 61.98
C THR D 443 -58.33 31.40 62.63
N VAL D 444 -57.39 32.33 62.43
CA VAL D 444 -56.04 32.18 62.97
C VAL D 444 -56.08 32.03 64.50
N ALA D 445 -56.76 32.95 65.16
CA ALA D 445 -56.92 32.93 66.61
C ALA D 445 -57.64 31.67 67.09
N SER D 446 -58.53 31.13 66.25
CA SER D 446 -59.31 29.93 66.58
C SER D 446 -58.46 28.67 66.50
N PHE D 447 -57.71 28.51 65.42
CA PHE D 447 -56.89 27.32 65.23
C PHE D 447 -55.65 27.32 66.15
N LYS D 448 -55.19 28.51 66.54
CA LYS D 448 -54.11 28.65 67.51
C LYS D 448 -54.54 28.15 68.89
N ALA D 449 -55.71 28.60 69.34
CA ALA D 449 -56.29 28.18 70.61
C ALA D 449 -56.38 26.67 70.73
N VAL D 450 -56.97 26.03 69.71
CA VAL D 450 -57.15 24.57 69.67
C VAL D 450 -55.81 23.85 69.62
N LEU D 451 -54.83 24.46 68.96
CA LEU D 451 -53.46 23.92 68.95
C LEU D 451 -52.88 23.92 70.37
N GLU D 452 -53.00 25.05 71.05
CA GLU D 452 -52.46 25.22 72.40
C GLU D 452 -53.24 24.47 73.47
N GLY D 453 -54.06 23.50 73.04
CA GLY D 453 -54.75 22.56 73.94
C GLY D 453 -55.88 23.08 74.80
N LYS D 454 -56.41 24.24 74.44
CA LYS D 454 -57.42 24.93 75.24
C LYS D 454 -58.85 24.41 75.01
N TYR D 455 -58.98 23.39 74.17
CA TYR D 455 -60.29 22.83 73.83
C TYR D 455 -60.29 21.30 73.73
N ASP D 456 -59.30 20.67 74.35
CA ASP D 456 -59.13 19.20 74.30
C ASP D 456 -60.23 18.39 75.01
N ASN D 457 -61.05 19.08 75.80
CA ASN D 457 -62.16 18.47 76.51
C ASN D 457 -63.46 18.46 75.70
N ILE D 458 -63.61 19.44 74.80
CA ILE D 458 -64.82 19.62 73.99
C ILE D 458 -64.98 18.51 72.92
N PRO D 459 -66.21 17.92 72.82
CA PRO D 459 -66.54 16.68 72.08
C PRO D 459 -66.14 16.58 70.61
N GLU D 460 -66.07 15.35 70.11
CA GLU D 460 -65.76 15.03 68.71
C GLU D 460 -66.58 15.83 67.69
N HIS D 461 -67.91 15.79 67.83
CA HIS D 461 -68.83 16.39 66.85
C HIS D 461 -68.91 17.92 66.90
N ALA D 462 -68.51 18.50 68.03
CA ALA D 462 -68.64 19.94 68.25
C ALA D 462 -67.94 20.80 67.17
N PHE D 463 -66.74 20.39 66.78
CA PHE D 463 -65.90 21.15 65.84
C PHE D 463 -66.38 21.12 64.38
N TYR D 464 -67.28 20.17 64.09
CA TYR D 464 -67.70 19.88 62.71
C TYR D 464 -68.85 20.75 62.18
N MET D 465 -68.71 21.20 60.94
CA MET D 465 -69.77 21.87 60.16
C MET D 465 -70.38 23.15 60.78
N VAL D 466 -69.49 24.03 61.25
CA VAL D 466 -69.86 25.30 61.85
C VAL D 466 -68.97 26.42 61.31
N GLY D 467 -69.00 27.58 61.97
CA GLY D 467 -68.18 28.73 61.58
C GLY D 467 -66.92 28.90 62.41
N GLY D 468 -66.78 30.07 63.03
CA GLY D 468 -65.63 30.37 63.90
C GLY D 468 -65.66 29.60 65.21
N ILE D 469 -64.74 29.96 66.10
CA ILE D 469 -64.60 29.28 67.41
C ILE D 469 -65.81 29.46 68.32
N GLU D 470 -66.48 30.60 68.18
CA GLU D 470 -67.72 30.89 68.91
C GLU D 470 -68.77 29.80 68.69
N ASP D 471 -68.96 29.46 67.41
CA ASP D 471 -69.92 28.44 67.00
C ASP D 471 -69.57 27.06 67.59
N VAL D 472 -68.28 26.81 67.80
CA VAL D 472 -67.80 25.53 68.34
C VAL D 472 -68.26 25.37 69.80
N VAL D 473 -68.23 26.47 70.55
CA VAL D 473 -68.72 26.49 71.93
C VAL D 473 -70.23 26.17 71.94
N ALA D 474 -70.97 26.81 71.03
CA ALA D 474 -72.43 26.61 70.90
C ALA D 474 -72.85 25.16 70.58
N LYS D 475 -72.04 24.48 69.77
CA LYS D 475 -72.26 23.06 69.45
C LYS D 475 -72.00 22.14 70.66
N ALA D 476 -70.89 22.40 71.36
CA ALA D 476 -70.46 21.60 72.52
C ALA D 476 -71.46 21.64 73.68
N GLU D 477 -72.01 22.84 73.93
CA GLU D 477 -73.01 23.03 74.97
C GLU D 477 -74.32 22.33 74.63
N LYS D 478 -74.87 22.62 73.45
CA LYS D 478 -76.17 22.07 73.03
C LYS D 478 -76.21 20.54 72.96
N LEU D 479 -75.02 19.92 72.96
CA LEU D 479 -74.89 18.48 73.17
C LEU D 479 -74.79 18.16 74.67
N ALA D 480 -75.79 18.62 75.42
CA ALA D 480 -75.97 18.27 76.84
C ALA D 480 -77.44 18.08 77.16
N ALA D 481 -78.31 18.76 76.40
CA ALA D 481 -79.77 18.65 76.55
C ALA D 481 -80.43 18.09 75.30
N THR E 13 -9.16 9.86 -9.17
CA THR E 13 -10.54 9.52 -9.64
C THR E 13 -11.44 8.98 -8.50
N PRO E 14 -11.77 9.86 -7.51
CA PRO E 14 -12.71 9.50 -6.45
C PRO E 14 -14.16 9.87 -6.76
N ILE E 15 -15.09 9.10 -6.21
CA ILE E 15 -16.54 9.33 -6.40
C ILE E 15 -17.04 10.51 -5.55
N THR E 16 -17.95 11.32 -6.12
CA THR E 16 -18.41 12.55 -5.48
C THR E 16 -19.93 12.79 -5.55
N GLY E 17 -20.50 13.35 -4.48
CA GLY E 17 -21.95 13.62 -4.39
C GLY E 17 -22.33 15.05 -3.98
N LYS E 18 -23.63 15.32 -3.95
CA LYS E 18 -24.18 16.63 -3.51
C LYS E 18 -25.24 16.42 -2.43
N VAL E 19 -25.19 17.22 -1.37
CA VAL E 19 -26.22 17.13 -0.33
C VAL E 19 -27.56 17.67 -0.83
N THR E 20 -28.57 16.82 -0.88
CA THR E 20 -29.90 17.25 -1.34
C THR E 20 -30.94 17.38 -0.23
N ALA E 21 -30.63 16.81 0.94
CA ALA E 21 -31.51 16.90 2.10
C ALA E 21 -30.75 16.90 3.43
N VAL E 22 -31.12 17.81 4.34
CA VAL E 22 -30.62 17.76 5.73
C VAL E 22 -31.77 17.75 6.77
N ILE E 23 -31.92 16.61 7.45
CA ILE E 23 -33.03 16.43 8.37
C ILE E 23 -32.51 15.89 9.72
N GLY E 24 -31.93 16.78 10.53
CA GLY E 24 -31.30 16.42 11.80
C GLY E 24 -30.08 15.52 11.63
N ALA E 25 -30.21 14.27 12.08
CA ALA E 25 -29.14 13.28 11.98
C ALA E 25 -29.12 12.64 10.60
N ILE E 26 -30.16 12.88 9.83
CA ILE E 26 -30.32 12.24 8.55
C ILE E 26 -29.80 13.14 7.43
N VAL E 27 -28.89 12.62 6.61
CA VAL E 27 -28.45 13.35 5.43
C VAL E 27 -28.65 12.54 4.14
N ASP E 28 -29.45 13.09 3.23
CA ASP E 28 -29.70 12.48 1.93
C ASP E 28 -28.78 13.07 0.85
N VAL E 29 -27.95 12.21 0.23
CA VAL E 29 -26.93 12.65 -0.74
C VAL E 29 -27.16 12.04 -2.12
N HIS E 30 -26.97 12.85 -3.16
CA HIS E 30 -27.24 12.48 -4.55
C HIS E 30 -25.95 12.25 -5.33
N PHE E 31 -25.88 11.12 -6.01
CA PHE E 31 -24.71 10.75 -6.80
C PHE E 31 -25.05 10.60 -8.28
N GLU E 32 -24.07 10.10 -9.05
CA GLU E 32 -24.30 9.77 -10.46
C GLU E 32 -24.72 8.31 -10.64
N GLN E 33 -25.40 8.04 -11.75
CA GLN E 33 -25.99 6.73 -12.03
C GLN E 33 -24.99 5.60 -11.82
N SER E 34 -25.46 4.53 -11.14
CA SER E 34 -24.66 3.32 -10.84
C SER E 34 -23.40 3.57 -9.99
N GLU E 35 -23.09 4.83 -9.73
CA GLU E 35 -21.89 5.21 -9.00
C GLU E 35 -22.15 5.24 -7.49
N LEU E 36 -23.34 4.77 -7.08
CA LEU E 36 -23.84 4.92 -5.72
C LEU E 36 -23.06 4.13 -4.68
N PRO E 37 -22.70 4.78 -3.56
CA PRO E 37 -21.94 4.12 -2.49
C PRO E 37 -22.76 3.08 -1.74
N ALA E 38 -22.27 1.84 -1.70
CA ALA E 38 -22.93 0.73 -0.99
C ALA E 38 -23.28 1.07 0.46
N ILE E 39 -24.38 0.50 0.96
CA ILE E 39 -24.84 0.74 2.32
C ILE E 39 -23.75 0.38 3.33
N LEU E 40 -23.62 1.22 4.36
CA LEU E 40 -22.58 1.11 5.40
C LEU E 40 -21.23 1.68 4.97
N ASN E 41 -21.18 2.30 3.78
CA ASN E 41 -20.01 3.03 3.31
C ASN E 41 -19.93 4.39 3.98
N ALA E 42 -18.76 4.74 4.48
CA ALA E 42 -18.56 6.04 5.09
C ALA E 42 -18.39 7.09 4.00
N LEU E 43 -19.03 8.23 4.16
CA LEU E 43 -18.89 9.35 3.23
C LEU E 43 -18.33 10.55 4.00
N GLU E 44 -17.51 11.37 3.34
CA GLU E 44 -16.85 12.46 4.03
C GLU E 44 -17.29 13.86 3.58
N ILE E 45 -17.28 14.80 4.52
CA ILE E 45 -17.51 16.22 4.24
C ILE E 45 -16.50 17.06 5.01
N LYS E 46 -15.64 17.76 4.27
CA LYS E 46 -14.63 18.63 4.88
C LYS E 46 -15.33 19.79 5.60
N THR E 47 -14.79 20.17 6.75
CA THR E 47 -15.32 21.27 7.55
C THR E 47 -14.19 22.14 8.12
N PRO E 48 -14.52 23.39 8.55
CA PRO E 48 -13.50 24.19 9.21
C PRO E 48 -12.94 23.43 10.42
N GLN E 49 -13.84 22.81 11.19
CA GLN E 49 -13.47 21.99 12.35
C GLN E 49 -12.60 20.75 11.99
N GLY E 50 -12.98 20.03 10.94
CA GLY E 50 -12.33 18.77 10.56
C GLY E 50 -13.11 18.05 9.46
N LYS E 51 -13.66 16.88 9.77
CA LYS E 51 -14.54 16.17 8.81
C LYS E 51 -15.84 15.64 9.42
N LEU E 52 -16.91 15.69 8.63
CA LEU E 52 -18.22 15.18 9.05
C LEU E 52 -18.53 13.89 8.31
N VAL E 53 -18.48 12.77 9.03
CA VAL E 53 -18.64 11.45 8.41
C VAL E 53 -20.10 11.00 8.38
N LEU E 54 -20.56 10.60 7.21
CA LEU E 54 -21.91 10.04 7.07
C LEU E 54 -21.79 8.55 6.80
N GLU E 55 -22.73 7.78 7.35
CA GLU E 55 -22.80 6.36 7.03
C GLU E 55 -24.06 6.10 6.23
N VAL E 56 -23.87 5.54 5.03
CA VAL E 56 -24.98 5.17 4.16
C VAL E 56 -25.85 4.12 4.87
N ALA E 57 -27.17 4.31 4.81
CA ALA E 57 -28.10 3.38 5.43
C ALA E 57 -29.12 2.83 4.43
N GLN E 58 -29.54 3.69 3.51
CA GLN E 58 -30.56 3.33 2.53
C GLN E 58 -30.22 3.86 1.12
N HIS E 59 -30.68 3.13 0.11
CA HIS E 59 -30.75 3.64 -1.25
C HIS E 59 -32.21 3.98 -1.47
N LEU E 60 -32.56 5.26 -1.43
CA LEU E 60 -33.94 5.68 -1.64
C LEU E 60 -34.39 5.51 -3.09
N GLY E 61 -33.47 5.74 -4.02
CA GLY E 61 -33.78 5.80 -5.45
C GLY E 61 -33.47 7.21 -5.95
N GLU E 62 -33.56 7.41 -7.27
CA GLU E 62 -33.22 8.69 -7.92
C GLU E 62 -31.76 9.06 -7.65
N ASN E 63 -30.90 8.05 -7.65
CA ASN E 63 -29.49 8.22 -7.25
C ASN E 63 -29.29 8.99 -5.93
N THR E 64 -30.18 8.81 -4.95
CA THR E 64 -30.13 9.56 -3.69
C THR E 64 -30.06 8.62 -2.48
N VAL E 65 -28.92 8.59 -1.79
CA VAL E 65 -28.76 7.73 -0.62
C VAL E 65 -29.23 8.45 0.64
N ARG E 66 -29.56 7.70 1.69
CA ARG E 66 -29.86 8.28 3.01
C ARG E 66 -28.78 7.91 4.01
N THR E 67 -28.23 8.92 4.69
CA THR E 67 -27.13 8.67 5.62
C THR E 67 -27.48 9.09 7.03
N ILE E 68 -26.74 8.52 7.98
CA ILE E 68 -26.75 9.04 9.35
C ILE E 68 -25.39 9.67 9.64
N ALA E 69 -25.41 10.84 10.26
CA ALA E 69 -24.17 11.54 10.54
C ALA E 69 -23.49 10.93 11.78
N MET E 70 -22.17 11.12 11.89
CA MET E 70 -21.42 10.70 13.07
C MET E 70 -21.00 11.91 13.89
N ASP E 71 -21.62 13.05 13.57
CA ASP E 71 -21.40 14.32 14.25
C ASP E 71 -22.59 15.21 13.91
N GLY E 72 -22.65 16.41 14.49
CA GLY E 72 -23.75 17.34 14.21
C GLY E 72 -23.88 17.69 12.73
N THR E 73 -25.05 18.14 12.29
CA THR E 73 -25.23 18.52 10.89
C THR E 73 -25.56 20.00 10.75
N GLU E 74 -25.44 20.74 11.84
CA GLU E 74 -25.60 22.19 11.83
C GLU E 74 -24.75 22.80 10.72
N GLY E 75 -25.28 23.81 10.04
CA GLY E 75 -24.50 24.50 9.02
C GLY E 75 -24.41 23.84 7.66
N LEU E 76 -24.87 22.59 7.55
CA LEU E 76 -24.94 21.89 6.25
C LEU E 76 -25.80 22.63 5.23
N VAL E 77 -25.24 22.78 4.03
CA VAL E 77 -25.96 23.42 2.92
C VAL E 77 -26.31 22.36 1.88
N ARG E 78 -27.51 22.47 1.32
CA ARG E 78 -27.89 21.64 0.18
C ARG E 78 -27.01 21.96 -1.02
N GLY E 79 -26.38 20.94 -1.57
CA GLY E 79 -25.50 21.10 -2.73
C GLY E 79 -24.04 20.90 -2.39
N GLU E 80 -23.68 21.18 -1.15
CA GLU E 80 -22.31 21.02 -0.64
C GLU E 80 -21.72 19.67 -1.04
N LYS E 81 -20.50 19.70 -1.59
CA LYS E 81 -19.84 18.50 -2.09
C LYS E 81 -19.65 17.41 -1.02
N VAL E 82 -19.87 16.16 -1.43
CA VAL E 82 -19.72 14.99 -0.56
C VAL E 82 -18.71 14.03 -1.22
N LEU E 83 -17.73 13.56 -0.45
CA LEU E 83 -16.76 12.57 -0.94
C LEU E 83 -17.06 11.17 -0.43
N ASP E 84 -17.22 10.21 -1.35
CA ASP E 84 -17.36 8.80 -1.02
C ASP E 84 -15.99 8.20 -0.71
N THR E 85 -15.87 7.46 0.39
CA THR E 85 -14.58 6.89 0.78
C THR E 85 -14.35 5.50 0.17
N GLY E 86 -15.40 4.91 -0.38
CA GLY E 86 -15.32 3.61 -1.04
C GLY E 86 -15.56 2.42 -0.14
N GLY E 87 -15.49 2.62 1.17
CA GLY E 87 -15.71 1.54 2.14
C GLY E 87 -16.32 1.99 3.45
N PRO E 88 -16.46 1.06 4.43
CA PRO E 88 -17.04 1.37 5.73
C PRO E 88 -16.14 2.27 6.58
N ILE E 89 -16.68 2.81 7.67
CA ILE E 89 -15.89 3.57 8.65
C ILE E 89 -14.71 2.71 9.10
N SER E 90 -13.49 3.21 8.93
CA SER E 90 -12.30 2.42 9.24
C SER E 90 -11.42 3.02 10.34
N VAL E 91 -10.80 2.15 11.14
CA VAL E 91 -10.05 2.55 12.33
C VAL E 91 -8.64 1.97 12.40
N PRO E 92 -7.69 2.75 12.94
CA PRO E 92 -6.33 2.27 13.15
C PRO E 92 -6.26 1.06 14.07
N VAL E 93 -5.42 0.09 13.70
CA VAL E 93 -5.24 -1.16 14.44
C VAL E 93 -3.78 -1.39 14.83
N GLY E 94 -3.53 -2.43 15.61
CA GLY E 94 -2.16 -2.75 16.03
C GLY E 94 -1.75 -2.08 17.33
N ARG E 95 -0.49 -2.27 17.70
CA ARG E 95 0.05 -1.77 18.97
C ARG E 95 0.14 -0.25 19.01
N GLU E 96 0.15 0.38 17.84
CA GLU E 96 0.22 1.83 17.70
C GLU E 96 -1.00 2.53 18.32
N THR E 97 -2.03 1.76 18.66
CA THR E 97 -3.26 2.28 19.25
C THR E 97 -3.23 2.12 20.76
N LEU E 98 -2.49 1.12 21.24
CA LEU E 98 -2.35 0.91 22.68
C LEU E 98 -1.88 2.19 23.33
N GLY E 99 -2.56 2.60 24.39
CA GLY E 99 -2.21 3.81 25.13
C GLY E 99 -2.80 5.09 24.60
N ARG E 100 -3.48 5.02 23.46
CA ARG E 100 -4.09 6.20 22.84
C ARG E 100 -5.62 6.31 23.06
N ILE E 101 -6.17 7.46 22.68
CA ILE E 101 -7.59 7.70 22.84
C ILE E 101 -8.17 7.95 21.45
N ILE E 102 -9.16 7.14 21.08
CA ILE E 102 -9.64 7.11 19.70
C ILE E 102 -11.17 7.27 19.67
N ASN E 103 -11.68 8.13 18.79
CA ASN E 103 -13.11 8.32 18.66
C ASN E 103 -13.76 7.31 17.71
N VAL E 104 -15.06 7.48 17.41
CA VAL E 104 -15.79 6.47 16.61
C VAL E 104 -15.29 6.32 15.18
N ILE E 105 -14.84 7.42 14.56
CA ILE E 105 -14.30 7.35 13.20
C ILE E 105 -12.80 7.09 13.18
N GLY E 106 -12.22 6.74 14.33
CA GLY E 106 -10.82 6.32 14.39
C GLY E 106 -9.81 7.41 14.66
N GLU E 107 -10.27 8.66 14.67
CA GLU E 107 -9.37 9.79 14.88
C GLU E 107 -8.75 9.78 16.29
N PRO E 108 -7.54 10.36 16.42
CA PRO E 108 -6.95 10.51 17.76
C PRO E 108 -7.52 11.71 18.52
N ILE E 109 -7.94 11.47 19.76
CA ILE E 109 -8.42 12.54 20.62
C ILE E 109 -7.65 12.60 21.94
N ASP E 110 -6.34 12.74 21.85
CA ASP E 110 -5.49 12.80 23.04
C ASP E 110 -4.33 13.79 22.87
N GLU E 111 -4.37 14.56 21.78
CA GLU E 111 -3.38 15.59 21.47
C GLU E 111 -1.95 15.07 21.47
N ARG E 112 -1.79 13.87 20.92
CA ARG E 112 -0.49 13.22 20.80
C ARG E 112 -0.29 12.76 19.35
N GLY E 113 -0.50 13.68 18.41
CA GLY E 113 -0.31 13.40 16.98
C GLY E 113 -1.14 12.25 16.40
N PRO E 114 -0.83 11.83 15.15
CA PRO E 114 -1.64 10.80 14.50
C PRO E 114 -1.36 9.40 15.06
N ILE E 115 -2.07 8.39 14.57
CA ILE E 115 -1.74 7.01 14.91
C ILE E 115 -0.91 6.44 13.76
N LYS E 116 0.40 6.31 13.97
CA LYS E 116 1.27 5.74 12.93
C LYS E 116 1.07 4.22 12.88
N SER E 117 0.22 3.77 11.97
CA SER E 117 -0.18 2.36 11.91
C SER E 117 -0.14 1.76 10.51
N LYS E 118 -0.06 0.42 10.47
CA LYS E 118 0.01 -0.33 9.21
C LYS E 118 -1.29 -0.25 8.41
N LEU E 119 -2.38 -0.72 9.01
CA LEU E 119 -3.66 -0.77 8.32
C LEU E 119 -4.75 -0.03 9.08
N ARG E 120 -5.95 -0.05 8.49
CA ARG E 120 -7.21 0.25 9.18
C ARG E 120 -8.21 -0.78 8.67
N LYS E 121 -8.77 -1.59 9.57
CA LYS E 121 -9.84 -2.51 9.19
C LYS E 121 -11.17 -1.77 9.20
N PRO E 122 -12.20 -2.31 8.50
CA PRO E 122 -13.52 -1.68 8.56
C PRO E 122 -14.23 -2.03 9.86
N ILE E 123 -15.05 -1.11 10.39
CA ILE E 123 -15.75 -1.39 11.66
C ILE E 123 -16.95 -2.32 11.50
N HIS E 124 -17.58 -2.30 10.31
CA HIS E 124 -18.58 -3.31 9.93
C HIS E 124 -17.88 -4.51 9.29
N ALA E 125 -18.01 -5.67 9.93
CA ALA E 125 -17.42 -6.92 9.42
C ALA E 125 -18.28 -8.12 9.77
N ASP E 126 -18.36 -9.09 8.86
CA ASP E 126 -19.08 -10.34 9.13
C ASP E 126 -18.43 -11.15 10.25
N PRO E 127 -19.24 -11.72 11.17
CA PRO E 127 -18.66 -12.47 12.28
C PRO E 127 -18.04 -13.77 11.80
N PRO E 128 -17.00 -14.26 12.50
CA PRO E 128 -16.41 -15.56 12.28
C PRO E 128 -17.42 -16.65 11.91
N SER E 129 -17.15 -17.35 10.81
CA SER E 129 -18.06 -18.36 10.29
C SER E 129 -18.26 -19.54 11.25
N PHE E 130 -19.27 -20.36 10.99
CA PHE E 130 -19.50 -21.62 11.71
C PHE E 130 -18.28 -22.54 11.62
N ALA E 131 -17.51 -22.38 10.55
CA ALA E 131 -16.34 -23.20 10.28
C ALA E 131 -15.13 -22.91 11.18
N GLU E 132 -14.85 -21.62 11.42
CA GLU E 132 -13.71 -21.19 12.25
C GLU E 132 -14.04 -21.22 13.75
N GLN E 133 -15.28 -21.58 14.08
CA GLN E 133 -15.75 -21.67 15.46
C GLN E 133 -15.07 -22.83 16.16
N SER E 134 -14.64 -22.58 17.39
CA SER E 134 -14.14 -23.62 18.28
C SER E 134 -15.26 -24.59 18.67
N THR E 135 -14.90 -25.78 19.13
CA THR E 135 -15.91 -26.81 19.45
C THR E 135 -16.02 -27.17 20.94
N SER E 136 -15.20 -26.52 21.76
CA SER E 136 -15.18 -26.79 23.21
C SER E 136 -14.97 -25.53 24.06
N ALA E 137 -15.96 -25.20 24.89
CA ALA E 137 -15.88 -23.99 25.71
C ALA E 137 -14.84 -24.14 26.81
N GLU E 138 -13.96 -23.16 26.95
CA GLU E 138 -12.93 -23.22 27.98
C GLU E 138 -12.74 -21.94 28.77
N ILE E 139 -12.27 -22.14 30.00
CA ILE E 139 -12.00 -21.09 30.99
C ILE E 139 -10.86 -20.18 30.58
N LEU E 140 -11.00 -18.91 30.93
CA LEU E 140 -9.89 -17.98 30.86
C LEU E 140 -9.49 -17.63 32.29
N GLU E 141 -8.39 -18.23 32.74
CA GLU E 141 -7.81 -17.96 34.04
C GLU E 141 -7.64 -16.45 34.21
N THR E 142 -8.02 -15.95 35.39
CA THR E 142 -8.16 -14.51 35.59
C THR E 142 -7.22 -13.91 36.64
N GLY E 143 -6.66 -14.75 37.51
CA GLY E 143 -5.85 -14.30 38.64
C GLY E 143 -6.68 -14.06 39.89
N ILE E 144 -7.79 -13.36 39.74
CA ILE E 144 -8.70 -13.07 40.85
C ILE E 144 -9.46 -14.32 41.33
N LYS E 145 -9.39 -14.56 42.64
CA LYS E 145 -9.91 -15.77 43.27
C LYS E 145 -11.42 -15.99 43.15
N VAL E 146 -12.21 -14.98 43.50
CA VAL E 146 -13.67 -15.08 43.43
C VAL E 146 -14.15 -15.40 42.02
N VAL E 147 -13.60 -14.71 41.04
CA VAL E 147 -13.92 -14.95 39.64
C VAL E 147 -13.59 -16.40 39.29
N ASP E 148 -12.33 -16.78 39.45
CA ASP E 148 -11.84 -18.11 39.07
C ASP E 148 -12.49 -19.27 39.82
N LEU E 149 -12.75 -19.10 41.11
CA LEU E 149 -13.39 -20.16 41.89
C LEU E 149 -14.90 -20.30 41.65
N LEU E 150 -15.62 -19.17 41.59
CA LEU E 150 -17.08 -19.18 41.73
C LEU E 150 -17.90 -18.70 40.52
N ALA E 151 -17.31 -17.84 39.71
CA ALA E 151 -17.97 -17.42 38.48
C ALA E 151 -16.91 -17.31 37.37
N PRO E 152 -16.44 -18.45 36.87
CA PRO E 152 -15.36 -18.37 35.90
C PRO E 152 -15.74 -17.69 34.57
N TYR E 153 -14.80 -16.91 34.05
CA TYR E 153 -14.91 -16.25 32.75
C TYR E 153 -14.73 -17.21 31.59
N ALA E 154 -15.56 -17.06 30.56
CA ALA E 154 -15.49 -17.93 29.40
C ALA E 154 -14.61 -17.29 28.33
N ARG E 155 -13.47 -17.92 28.05
CA ARG E 155 -12.57 -17.45 27.00
C ARG E 155 -13.32 -17.30 25.67
N GLY E 156 -13.19 -16.12 25.06
CA GLY E 156 -13.91 -15.81 23.83
C GLY E 156 -15.41 -15.65 24.06
N GLY E 157 -15.77 -15.40 25.32
CA GLY E 157 -17.16 -15.18 25.70
C GLY E 157 -17.42 -13.78 26.22
N LYS E 158 -18.65 -13.57 26.71
CA LYS E 158 -19.05 -12.24 27.14
C LYS E 158 -19.59 -12.30 28.58
N ILE E 159 -19.17 -11.34 29.39
CA ILE E 159 -19.48 -11.34 30.82
C ILE E 159 -20.20 -10.05 31.23
N GLY E 160 -21.32 -10.18 31.93
CA GLY E 160 -22.07 -9.02 32.39
C GLY E 160 -21.51 -8.49 33.70
N LEU E 161 -20.92 -7.29 33.67
CA LEU E 161 -20.44 -6.66 34.89
C LEU E 161 -21.54 -5.76 35.43
N PHE E 162 -21.94 -6.01 36.67
CA PHE E 162 -23.03 -5.27 37.32
C PHE E 162 -22.53 -4.53 38.56
N GLY E 163 -23.18 -3.41 38.88
CA GLY E 163 -22.79 -2.56 40.01
C GLY E 163 -22.03 -1.33 39.52
N GLY E 164 -22.44 -0.16 40.02
CA GLY E 164 -21.91 1.11 39.50
C GLY E 164 -20.61 1.53 40.14
N ALA E 165 -20.53 2.81 40.52
CA ALA E 165 -19.38 3.33 41.27
C ALA E 165 -19.45 2.90 42.74
N GLY E 166 -18.50 3.37 43.54
CA GLY E 166 -18.46 3.10 44.97
C GLY E 166 -18.22 1.64 45.35
N VAL E 167 -17.71 0.86 44.41
CA VAL E 167 -17.35 -0.53 44.65
C VAL E 167 -15.98 -0.85 44.02
N GLY E 168 -15.28 0.21 43.64
CA GLY E 168 -13.96 0.09 43.03
C GLY E 168 -14.02 -0.70 41.74
N LYS E 169 -15.00 -0.39 40.92
CA LYS E 169 -15.18 -1.03 39.60
C LYS E 169 -14.08 -0.63 38.62
N THR E 170 -13.65 0.63 38.72
CA THR E 170 -12.51 1.15 37.94
C THR E 170 -11.22 0.39 38.23
N VAL E 171 -11.00 0.00 39.49
CA VAL E 171 -9.87 -0.86 39.85
C VAL E 171 -10.03 -2.29 39.33
N PHE E 172 -11.22 -2.89 39.51
CA PHE E 172 -11.50 -4.25 39.00
C PHE E 172 -11.13 -4.40 37.53
N ILE E 173 -11.62 -3.48 36.69
CA ILE E 173 -11.28 -3.41 35.28
C ILE E 173 -9.77 -3.35 35.04
N GLN E 174 -9.06 -2.62 35.90
CA GLN E 174 -7.62 -2.44 35.72
C GLN E 174 -6.75 -3.63 36.10
N GLU E 175 -7.16 -4.40 37.11
CA GLU E 175 -6.46 -5.63 37.46
C GLU E 175 -6.67 -6.70 36.39
N LEU E 176 -7.82 -6.66 35.73
CA LEU E 176 -8.12 -7.55 34.61
C LEU E 176 -7.27 -7.25 33.39
N ILE E 177 -7.21 -5.98 33.01
CA ILE E 177 -6.35 -5.54 31.91
C ILE E 177 -4.91 -5.95 32.19
N ASN E 178 -4.55 -5.90 33.47
CA ASN E 178 -3.20 -6.18 33.92
C ASN E 178 -2.88 -7.66 33.85
N ASN E 179 -3.74 -8.48 34.46
CA ASN E 179 -3.53 -9.92 34.53
C ASN E 179 -3.43 -10.57 33.16
N ILE E 180 -4.48 -10.47 32.35
CA ILE E 180 -4.48 -11.03 30.98
C ILE E 180 -3.28 -10.58 30.14
N ALA E 181 -2.64 -9.47 30.53
CA ALA E 181 -1.42 -9.02 29.87
C ALA E 181 -0.19 -9.75 30.41
N LYS E 182 -0.21 -10.05 31.71
CA LYS E 182 0.90 -10.74 32.32
C LYS E 182 0.78 -12.26 32.28
N ALA E 183 -0.43 -12.78 32.46
CA ALA E 183 -0.63 -14.24 32.52
C ALA E 183 -0.88 -14.89 31.17
N HIS E 184 -1.24 -14.10 30.15
CA HIS E 184 -1.49 -14.62 28.80
C HIS E 184 -0.95 -13.69 27.71
N GLY E 185 -0.12 -12.73 28.11
CA GLY E 185 0.53 -11.82 27.17
C GLY E 185 -0.40 -11.30 26.09
N GLY E 186 -1.62 -10.93 26.50
CA GLY E 186 -2.63 -10.36 25.60
C GLY E 186 -2.97 -8.95 26.03
N PHE E 187 -3.20 -8.08 25.04
CA PHE E 187 -3.55 -6.68 25.31
C PHE E 187 -5.06 -6.52 25.47
N SER E 188 -5.48 -5.42 26.06
CA SER E 188 -6.91 -5.12 26.25
C SER E 188 -7.35 -3.89 25.44
N VAL E 189 -8.66 -3.80 25.17
CA VAL E 189 -9.29 -2.59 24.59
C VAL E 189 -10.54 -2.18 25.38
N PHE E 190 -10.63 -0.89 25.75
CA PHE E 190 -11.75 -0.38 26.53
C PHE E 190 -12.55 0.68 25.79
N THR E 191 -13.86 0.48 25.72
CA THR E 191 -14.74 1.35 24.97
C THR E 191 -15.85 1.92 25.84
N GLY E 192 -15.95 3.25 25.87
CA GLY E 192 -17.04 3.93 26.55
C GLY E 192 -18.12 4.24 25.55
N VAL E 193 -19.35 3.86 25.87
CA VAL E 193 -20.52 4.06 25.02
C VAL E 193 -21.62 4.73 25.86
N GLY E 194 -21.93 5.99 25.57
CA GLY E 194 -22.87 6.73 26.43
C GLY E 194 -22.22 7.14 27.74
N GLU E 195 -20.96 6.71 27.93
CA GLU E 195 -20.04 7.13 29.01
C GLU E 195 -20.23 8.61 29.36
N ARG E 196 -20.46 8.91 30.64
CA ARG E 196 -20.21 10.26 31.14
C ARG E 196 -18.78 10.67 30.78
N THR E 197 -18.61 11.82 30.13
CA THR E 197 -17.26 12.25 29.72
C THR E 197 -16.41 12.59 30.93
N ARG E 198 -17.06 13.10 31.99
CA ARG E 198 -16.39 13.34 33.27
C ARG E 198 -15.69 12.08 33.78
N GLU E 199 -16.38 10.94 33.67
CA GLU E 199 -15.89 9.67 34.19
C GLU E 199 -14.84 8.99 33.33
N GLY E 200 -14.90 9.22 32.02
CA GLY E 200 -13.89 8.72 31.09
C GLY E 200 -12.56 9.34 31.46
N ASN E 201 -12.54 10.67 31.48
CA ASN E 201 -11.38 11.43 31.92
C ASN E 201 -10.84 10.91 33.25
N ASP E 202 -11.73 10.66 34.20
CA ASP E 202 -11.37 10.03 35.48
C ASP E 202 -10.53 8.79 35.22
N LEU E 203 -11.11 7.87 34.45
CA LEU E 203 -10.51 6.59 34.13
C LEU E 203 -9.16 6.71 33.41
N TYR E 204 -9.09 7.61 32.43
CA TYR E 204 -7.85 7.88 31.70
C TYR E 204 -6.73 8.29 32.64
N ARG E 205 -7.07 9.13 33.61
CA ARG E 205 -6.12 9.54 34.64
C ARG E 205 -5.77 8.38 35.57
N GLU E 206 -6.79 7.65 36.02
CA GLU E 206 -6.60 6.50 36.91
C GLU E 206 -5.81 5.38 36.24
N MET E 207 -5.78 5.37 34.91
CA MET E 207 -5.01 4.36 34.18
C MET E 207 -3.53 4.70 34.08
N LYS E 208 -3.23 5.99 34.11
CA LYS E 208 -1.86 6.44 34.03
C LYS E 208 -1.16 6.27 35.37
N GLU E 209 -1.88 6.53 36.46
CA GLU E 209 -1.33 6.40 37.80
C GLU E 209 -1.15 4.93 38.11
N THR E 210 -2.05 4.11 37.60
CA THR E 210 -2.00 2.68 37.83
C THR E 210 -0.92 2.02 36.95
N GLY E 211 -0.55 2.68 35.85
CA GLY E 211 0.48 2.18 34.95
C GLY E 211 0.01 1.47 33.71
N VAL E 212 -1.25 1.02 33.71
CA VAL E 212 -1.79 0.25 32.57
C VAL E 212 -1.74 1.03 31.25
N ILE E 213 -1.67 2.35 31.35
CA ILE E 213 -1.30 3.21 30.25
C ILE E 213 -0.01 3.85 30.72
N ASN E 214 1.06 3.65 29.97
CA ASN E 214 2.34 4.25 30.31
C ASN E 214 2.95 4.95 29.10
N LEU E 215 2.50 6.18 28.86
CA LEU E 215 2.95 7.02 27.74
C LEU E 215 4.44 6.88 27.39
N GLU E 216 5.25 6.67 28.42
CA GLU E 216 6.68 6.46 28.24
C GLU E 216 6.98 5.06 27.72
N GLY E 217 6.56 4.04 28.48
CA GLY E 217 6.85 2.65 28.14
C GLY E 217 5.79 1.98 27.28
N GLU E 218 5.57 0.69 27.53
CA GLU E 218 4.56 -0.08 26.80
C GLU E 218 3.23 -0.05 27.55
N SER E 219 2.17 0.39 26.86
CA SER E 219 0.83 0.43 27.44
C SER E 219 0.06 -0.85 27.14
N LYS E 220 -0.78 -1.29 28.08
CA LYS E 220 -1.49 -2.56 27.93
C LYS E 220 -2.87 -2.41 27.30
N VAL E 221 -3.38 -1.18 27.22
CA VAL E 221 -4.76 -0.96 26.81
C VAL E 221 -4.94 0.19 25.78
N ALA E 222 -5.93 0.04 24.90
CA ALA E 222 -6.27 1.07 23.89
C ALA E 222 -7.69 1.56 24.11
N LEU E 223 -7.82 2.87 24.33
CA LEU E 223 -9.09 3.49 24.72
C LEU E 223 -9.90 4.06 23.55
N VAL E 224 -11.18 3.69 23.47
CA VAL E 224 -12.09 4.25 22.49
C VAL E 224 -13.36 4.72 23.19
N PHE E 225 -13.77 5.96 22.92
CA PHE E 225 -14.91 6.59 23.61
C PHE E 225 -15.91 7.25 22.67
N GLY E 226 -17.15 6.79 22.75
CA GLY E 226 -18.26 7.43 22.07
C GLY E 226 -19.17 7.91 23.17
N GLN E 227 -18.82 9.07 23.71
CA GLN E 227 -19.37 9.58 24.95
C GLN E 227 -20.87 9.89 24.80
N MET E 228 -21.51 10.15 25.93
CA MET E 228 -22.89 10.62 26.04
C MET E 228 -23.14 11.90 25.25
N ASN E 229 -22.07 12.53 24.77
CA ASN E 229 -22.14 13.83 24.11
C ASN E 229 -22.20 13.74 22.59
N GLU E 230 -21.91 12.55 22.06
CA GLU E 230 -21.97 12.33 20.61
C GLU E 230 -23.37 11.97 20.13
N PRO E 231 -23.67 12.22 18.84
CA PRO E 231 -24.99 11.95 18.29
C PRO E 231 -25.32 10.47 18.23
N PRO E 232 -26.61 10.12 18.06
CA PRO E 232 -27.12 8.75 17.96
C PRO E 232 -26.27 7.83 17.08
N GLY E 233 -25.90 8.30 15.90
CA GLY E 233 -25.07 7.51 15.00
C GLY E 233 -23.71 7.14 15.59
N ALA E 234 -23.04 8.14 16.16
CA ALA E 234 -21.72 7.94 16.72
C ALA E 234 -21.77 6.96 17.91
N ARG E 235 -22.73 7.17 18.80
CA ARG E 235 -22.96 6.28 19.94
C ARG E 235 -23.35 4.87 19.50
N ALA E 236 -24.05 4.79 18.38
CA ALA E 236 -24.51 3.51 17.83
C ALA E 236 -23.35 2.63 17.35
N ARG E 237 -22.30 3.27 16.84
CA ARG E 237 -21.20 2.54 16.20
C ARG E 237 -19.92 2.32 17.04
N VAL E 238 -19.67 3.15 18.06
CA VAL E 238 -18.38 3.08 18.81
C VAL E 238 -17.96 1.70 19.23
N ALA E 239 -18.89 0.94 19.81
CA ALA E 239 -18.61 -0.42 20.22
C ALA E 239 -17.95 -1.24 19.08
N LEU E 240 -18.36 -1.02 17.82
CA LEU E 240 -17.71 -1.67 16.69
C LEU E 240 -16.30 -1.16 16.49
N THR E 241 -16.11 0.16 16.50
CA THR E 241 -14.79 0.76 16.43
C THR E 241 -13.83 0.10 17.43
N GLY E 242 -14.26 -0.01 18.68
CA GLY E 242 -13.47 -0.66 19.72
C GLY E 242 -13.31 -2.17 19.55
N LEU E 243 -14.39 -2.83 19.15
CA LEU E 243 -14.38 -4.26 18.92
C LEU E 243 -13.35 -4.60 17.85
N THR E 244 -13.28 -3.75 16.83
CA THR E 244 -12.41 -3.96 15.67
C THR E 244 -10.93 -3.97 16.03
N ILE E 245 -10.52 -3.04 16.90
CA ILE E 245 -9.13 -2.98 17.36
C ILE E 245 -8.76 -4.28 18.06
N ALA E 246 -9.59 -4.71 19.01
CA ALA E 246 -9.33 -5.93 19.76
C ALA E 246 -9.39 -7.17 18.85
N GLU E 247 -10.20 -7.10 17.80
CA GLU E 247 -10.30 -8.16 16.80
C GLU E 247 -8.97 -8.42 16.09
N TYR E 248 -8.30 -7.32 15.72
CA TYR E 248 -7.02 -7.37 15.03
C TYR E 248 -6.03 -8.18 15.84
N PHE E 249 -6.05 -7.98 17.16
CA PHE E 249 -5.13 -8.69 18.05
C PHE E 249 -5.38 -10.21 18.12
N ARG E 250 -6.58 -10.64 17.72
CA ARG E 250 -6.91 -12.06 17.62
C ARG E 250 -6.52 -12.61 16.24
N ASP E 251 -6.84 -11.86 15.20
CA ASP E 251 -6.65 -12.35 13.83
C ASP E 251 -5.20 -12.27 13.40
N GLU E 252 -4.48 -11.26 13.89
CA GLU E 252 -3.12 -11.00 13.42
C GLU E 252 -2.02 -11.29 14.44
N GLU E 253 -2.21 -10.87 15.69
CA GLU E 253 -1.26 -11.14 16.77
C GLU E 253 -1.59 -12.43 17.50
N GLY E 254 -2.75 -13.02 17.17
CA GLY E 254 -3.17 -14.32 17.70
C GLY E 254 -3.26 -14.40 19.22
N GLN E 255 -3.76 -13.34 19.85
CA GLN E 255 -3.82 -13.25 21.29
C GLN E 255 -5.14 -13.73 21.87
N ASP E 256 -5.20 -13.78 23.19
CA ASP E 256 -6.47 -13.79 23.92
C ASP E 256 -6.71 -12.37 24.43
N VAL E 257 -7.68 -11.70 23.83
CA VAL E 257 -7.85 -10.26 24.01
C VAL E 257 -9.04 -9.92 24.86
N LEU E 258 -8.90 -8.84 25.63
CA LEU E 258 -9.97 -8.34 26.47
C LEU E 258 -10.62 -7.10 25.87
N LEU E 259 -11.94 -7.18 25.67
CA LEU E 259 -12.72 -6.04 25.19
C LEU E 259 -13.74 -5.65 26.25
N PHE E 260 -13.57 -4.45 26.81
CA PHE E 260 -14.58 -3.89 27.68
C PHE E 260 -15.48 -2.96 26.91
N ILE E 261 -16.78 -3.13 27.11
CA ILE E 261 -17.75 -2.20 26.59
C ILE E 261 -18.51 -1.67 27.80
N ASP E 262 -18.45 -0.36 27.99
CA ASP E 262 -19.12 0.27 29.12
C ASP E 262 -19.78 1.55 28.66
N ASN E 263 -21.10 1.58 28.51
CA ASN E 263 -22.04 0.52 28.89
C ASN E 263 -22.80 -0.01 27.68
N ILE E 264 -22.92 -1.34 27.57
CA ILE E 264 -23.59 -2.01 26.44
C ILE E 264 -25.06 -1.59 26.25
N PHE E 265 -25.76 -1.28 27.34
CA PHE E 265 -27.14 -0.79 27.24
C PHE E 265 -27.20 0.45 26.36
N ARG E 266 -26.19 1.31 26.49
CA ARG E 266 -26.09 2.53 25.70
C ARG E 266 -25.92 2.24 24.21
N PHE E 267 -25.34 1.10 23.90
CA PHE E 267 -25.28 0.59 22.52
C PHE E 267 -26.68 0.27 22.03
N THR E 268 -27.53 -0.19 22.93
CA THR E 268 -28.91 -0.52 22.57
C THR E 268 -29.77 0.73 22.38
N GLN E 269 -29.66 1.70 23.27
CA GLN E 269 -30.53 2.87 23.18
C GLN E 269 -30.13 3.82 22.04
N ALA E 270 -28.89 3.67 21.56
CA ALA E 270 -28.46 4.45 20.42
C ALA E 270 -29.03 3.80 19.16
N GLY E 271 -28.94 2.47 19.09
CA GLY E 271 -29.55 1.74 17.99
C GLY E 271 -31.00 2.14 17.89
N SER E 272 -31.65 2.22 19.05
CA SER E 272 -33.06 2.61 19.14
C SER E 272 -33.33 4.04 18.65
N GLU E 273 -32.37 4.92 18.92
CA GLU E 273 -32.45 6.30 18.47
C GLU E 273 -32.33 6.40 16.96
N VAL E 274 -31.32 5.73 16.39
CA VAL E 274 -31.14 5.75 14.94
C VAL E 274 -32.35 5.13 14.26
N SER E 275 -32.77 3.96 14.73
CA SER E 275 -33.94 3.33 14.17
C SER E 275 -35.13 4.28 14.12
N ALA E 276 -35.41 4.97 15.23
CA ALA E 276 -36.54 5.89 15.31
C ALA E 276 -36.44 6.98 14.27
N LEU E 277 -35.27 7.62 14.19
CA LEU E 277 -35.04 8.77 13.29
C LEU E 277 -35.17 8.45 11.79
N LEU E 278 -34.76 7.24 11.42
CA LEU E 278 -34.95 6.77 10.07
C LEU E 278 -36.45 6.65 9.79
N GLY E 279 -37.26 6.45 10.82
CA GLY E 279 -38.70 6.40 10.63
C GLY E 279 -39.28 4.99 10.62
N ARG E 280 -38.50 4.02 11.08
CA ARG E 280 -38.98 2.64 11.18
C ARG E 280 -39.97 2.48 12.34
N ILE E 281 -41.09 1.81 12.07
CA ILE E 281 -42.07 1.57 13.12
C ILE E 281 -41.32 1.04 14.35
N PRO E 282 -41.54 1.66 15.53
CA PRO E 282 -40.91 1.14 16.75
C PRO E 282 -41.52 -0.20 17.16
N SER E 283 -40.76 -1.03 17.84
CA SER E 283 -41.23 -2.32 18.30
C SER E 283 -41.62 -2.26 19.79
N ALA E 284 -41.79 -3.41 20.44
CA ALA E 284 -42.13 -3.48 21.86
C ALA E 284 -41.26 -2.56 22.74
N VAL E 285 -41.94 -1.82 23.62
CA VAL E 285 -41.29 -0.86 24.54
C VAL E 285 -40.51 0.25 23.80
N GLY E 286 -40.77 0.42 22.51
CA GLY E 286 -40.12 1.46 21.74
C GLY E 286 -38.78 1.08 21.14
N TYR E 287 -38.24 -0.07 21.52
CA TYR E 287 -36.97 -0.50 20.93
C TYR E 287 -37.07 -0.69 19.41
N GLN E 288 -35.94 -0.64 18.75
CA GLN E 288 -35.87 -0.85 17.31
C GLN E 288 -36.32 -2.26 16.95
N PRO E 289 -37.06 -2.40 15.84
CA PRO E 289 -37.50 -3.71 15.32
C PRO E 289 -36.36 -4.70 15.24
N THR E 290 -35.13 -4.19 15.21
CA THR E 290 -33.96 -4.99 14.94
C THR E 290 -33.05 -5.16 16.17
N LEU E 291 -33.62 -4.94 17.36
CA LEU E 291 -32.90 -5.13 18.63
C LEU E 291 -31.98 -6.36 18.64
N ALA E 292 -32.51 -7.52 18.29
CA ALA E 292 -31.77 -8.78 18.40
C ALA E 292 -30.65 -8.93 17.37
N THR E 293 -30.94 -8.59 16.11
CA THR E 293 -29.93 -8.71 15.05
C THR E 293 -28.82 -7.66 15.18
N ASP E 294 -29.18 -6.50 15.73
CA ASP E 294 -28.22 -5.45 16.09
C ASP E 294 -27.24 -5.96 17.13
N MET E 295 -27.78 -6.68 18.11
CA MET E 295 -26.96 -7.28 19.13
C MET E 295 -26.04 -8.31 18.48
N GLY E 296 -26.63 -9.15 17.62
CA GLY E 296 -25.90 -10.25 16.97
C GLY E 296 -24.66 -9.81 16.22
N LEU E 297 -24.85 -8.83 15.33
CA LEU E 297 -23.78 -8.29 14.47
C LEU E 297 -22.59 -7.80 15.26
N LEU E 298 -22.78 -7.67 16.58
CA LEU E 298 -21.73 -7.31 17.53
C LEU E 298 -21.26 -8.52 18.37
N GLN E 299 -22.16 -9.09 19.14
CA GLN E 299 -21.81 -10.13 20.10
C GLN E 299 -21.22 -11.38 19.45
N GLU E 300 -21.72 -11.73 18.27
CA GLU E 300 -21.21 -12.87 17.51
C GLU E 300 -19.76 -12.71 17.12
N ARG E 301 -19.31 -11.46 16.96
CA ARG E 301 -17.93 -11.20 16.57
C ARG E 301 -16.97 -11.46 17.72
N ILE E 302 -17.54 -11.56 18.91
CA ILE E 302 -16.83 -11.86 20.14
C ILE E 302 -16.95 -13.36 20.35
N THR E 303 -15.89 -14.09 19.98
CA THR E 303 -15.86 -15.54 20.08
C THR E 303 -14.42 -16.03 20.01
N THR E 304 -14.23 -17.31 20.26
CA THR E 304 -12.92 -17.93 20.09
C THR E 304 -12.82 -18.60 18.72
N THR E 305 -11.80 -18.24 17.97
CA THR E 305 -11.50 -18.82 16.65
C THR E 305 -10.20 -19.61 16.68
N LYS E 306 -9.89 -20.32 15.60
CA LYS E 306 -8.65 -21.10 15.53
C LYS E 306 -7.40 -20.23 15.83
N LYS E 307 -7.48 -18.94 15.51
CA LYS E 307 -6.34 -18.02 15.67
C LYS E 307 -6.20 -17.43 17.09
N GLY E 308 -7.31 -17.35 17.84
CA GLY E 308 -7.28 -16.79 19.20
C GLY E 308 -8.64 -16.54 19.81
N SER E 309 -8.73 -15.62 20.78
CA SER E 309 -10.02 -15.28 21.37
C SER E 309 -10.19 -13.79 21.66
N VAL E 310 -11.45 -13.35 21.74
CA VAL E 310 -11.79 -12.03 22.24
C VAL E 310 -12.84 -12.19 23.33
N THR E 311 -12.47 -11.83 24.55
CA THR E 311 -13.34 -11.97 25.69
C THR E 311 -13.81 -10.60 26.14
N SER E 312 -15.12 -10.46 26.23
CA SER E 312 -15.73 -9.16 26.47
C SER E 312 -16.29 -9.06 27.88
N VAL E 313 -15.84 -8.05 28.61
CA VAL E 313 -16.43 -7.74 29.91
C VAL E 313 -17.34 -6.53 29.72
N GLN E 314 -18.65 -6.78 29.77
CA GLN E 314 -19.64 -5.79 29.39
C GLN E 314 -20.44 -5.25 30.56
N ALA E 315 -20.35 -3.94 30.75
CA ALA E 315 -21.15 -3.25 31.75
C ALA E 315 -22.59 -3.25 31.28
N VAL E 316 -23.47 -3.86 32.06
CA VAL E 316 -24.88 -3.96 31.66
C VAL E 316 -25.78 -3.18 32.58
N TYR E 317 -26.34 -2.09 32.07
CA TYR E 317 -27.39 -1.39 32.78
C TYR E 317 -28.70 -2.12 32.52
N VAL E 318 -29.56 -2.16 33.54
CA VAL E 318 -30.85 -2.86 33.46
C VAL E 318 -32.03 -1.89 33.71
N PRO E 319 -32.72 -1.50 32.63
CA PRO E 319 -33.80 -0.52 32.63
C PRO E 319 -34.90 -0.85 33.65
N ALA E 320 -35.10 0.03 34.61
CA ALA E 320 -36.17 -0.10 35.60
C ALA E 320 -36.05 -1.34 36.49
N ASP E 321 -34.84 -1.89 36.62
CA ASP E 321 -34.61 -3.12 37.42
C ASP E 321 -35.46 -4.30 36.98
N ASP E 322 -35.83 -4.27 35.70
CA ASP E 322 -36.76 -5.22 35.14
C ASP E 322 -35.96 -6.08 34.19
N LEU E 323 -35.56 -7.25 34.67
CA LEU E 323 -34.70 -8.15 33.90
C LEU E 323 -35.35 -8.70 32.63
N THR E 324 -36.64 -8.42 32.43
CA THR E 324 -37.38 -8.97 31.30
C THR E 324 -37.58 -7.94 30.21
N ASP E 325 -37.21 -6.70 30.50
CA ASP E 325 -37.11 -5.65 29.49
C ASP E 325 -36.29 -6.11 28.26
N PRO E 326 -36.79 -5.82 27.04
CA PRO E 326 -36.12 -6.26 25.80
C PRO E 326 -34.62 -5.97 25.74
N ALA E 327 -34.19 -4.83 26.26
CA ALA E 327 -32.76 -4.50 26.25
C ALA E 327 -31.93 -5.57 26.96
N PRO E 328 -32.08 -5.72 28.29
CA PRO E 328 -31.23 -6.72 28.95
C PRO E 328 -31.59 -8.14 28.52
N ALA E 329 -32.89 -8.40 28.35
CA ALA E 329 -33.36 -9.72 27.87
C ALA E 329 -32.59 -10.16 26.63
N THR E 330 -32.64 -9.34 25.59
CA THR E 330 -31.84 -9.56 24.39
C THR E 330 -30.35 -9.77 24.71
N THR E 331 -29.77 -8.90 25.56
CA THR E 331 -28.33 -8.93 25.87
C THR E 331 -27.90 -10.23 26.55
N PHE E 332 -28.63 -10.59 27.61
CA PHE E 332 -28.36 -11.78 28.45
C PHE E 332 -28.24 -13.07 27.68
N ALA E 333 -28.95 -13.17 26.55
CA ALA E 333 -28.86 -14.32 25.69
C ALA E 333 -27.43 -14.50 25.18
N HIS E 334 -26.66 -13.42 25.15
CA HIS E 334 -25.27 -13.49 24.69
C HIS E 334 -24.24 -13.58 25.82
N LEU E 335 -24.70 -13.75 27.07
CA LEU E 335 -23.82 -13.75 28.25
C LEU E 335 -23.48 -15.15 28.75
N ASP E 336 -22.19 -15.36 29.01
CA ASP E 336 -21.67 -16.62 29.47
C ASP E 336 -21.44 -16.59 30.97
N ALA E 337 -21.27 -15.39 31.53
CA ALA E 337 -21.10 -15.22 32.97
C ALA E 337 -21.45 -13.82 33.45
N THR E 338 -21.60 -13.67 34.76
CA THR E 338 -21.77 -12.37 35.38
C THR E 338 -20.75 -12.17 36.49
N THR E 339 -20.34 -10.92 36.69
CA THR E 339 -19.58 -10.52 37.87
C THR E 339 -20.35 -9.38 38.55
N VAL E 340 -20.79 -9.62 39.78
CA VAL E 340 -21.60 -8.64 40.50
C VAL E 340 -20.80 -7.94 41.60
N LEU E 341 -20.32 -6.73 41.33
CA LEU E 341 -19.65 -5.94 42.36
C LEU E 341 -20.72 -5.29 43.19
N SER E 342 -20.48 -5.20 44.49
CA SER E 342 -21.58 -4.94 45.42
C SER E 342 -21.16 -4.11 46.64
N ARG E 343 -21.90 -3.03 46.89
CA ARG E 343 -21.67 -2.21 48.08
C ARG E 343 -22.01 -2.96 49.38
N GLY E 344 -22.67 -4.11 49.26
CA GLY E 344 -22.89 -5.02 50.39
C GLY E 344 -21.61 -5.73 50.77
N ILE E 345 -20.87 -6.19 49.76
CA ILE E 345 -19.54 -6.77 49.97
C ILE E 345 -18.57 -5.63 50.33
N SER E 346 -18.63 -4.54 49.56
CA SER E 346 -17.76 -3.38 49.80
C SER E 346 -17.81 -2.95 51.25
N GLU E 347 -19.03 -2.72 51.76
CA GLU E 347 -19.21 -2.28 53.15
C GLU E 347 -18.68 -3.26 54.19
N LEU E 348 -18.14 -4.39 53.76
CA LEU E 348 -17.48 -5.33 54.66
C LEU E 348 -15.95 -5.22 54.53
N GLY E 349 -15.48 -4.26 53.74
CA GLY E 349 -14.06 -4.09 53.44
C GLY E 349 -13.47 -5.26 52.68
N ILE E 350 -14.21 -5.77 51.70
CA ILE E 350 -13.81 -6.97 50.95
C ILE E 350 -13.59 -6.60 49.48
N TYR E 351 -12.33 -6.59 49.06
CA TYR E 351 -11.97 -6.14 47.72
C TYR E 351 -11.19 -7.22 46.98
N PRO E 352 -11.57 -7.50 45.73
CA PRO E 352 -12.63 -6.82 44.97
C PRO E 352 -14.01 -7.19 45.50
N ALA E 353 -14.97 -6.28 45.33
CA ALA E 353 -16.31 -6.43 45.91
C ALA E 353 -17.27 -7.33 45.12
N VAL E 354 -16.78 -8.49 44.68
CA VAL E 354 -17.58 -9.50 43.98
C VAL E 354 -18.55 -10.16 44.96
N ASP E 355 -19.81 -10.33 44.55
CA ASP E 355 -20.75 -11.13 45.34
C ASP E 355 -20.65 -12.60 44.97
N PRO E 356 -20.11 -13.41 45.89
CA PRO E 356 -19.81 -14.83 45.68
C PRO E 356 -21.06 -15.66 45.35
N LEU E 357 -22.20 -15.25 45.88
CA LEU E 357 -23.44 -15.93 45.59
C LEU E 357 -24.00 -15.42 44.26
N ASP E 358 -24.20 -14.11 44.17
CA ASP E 358 -24.85 -13.54 43.00
C ASP E 358 -24.16 -13.87 41.69
N SER E 359 -22.86 -13.64 41.60
CA SER E 359 -22.12 -13.80 40.33
C SER E 359 -22.27 -15.23 39.86
N LYS E 360 -22.45 -15.44 38.56
CA LYS E 360 -22.75 -16.78 38.04
C LYS E 360 -22.10 -17.06 36.70
N SER E 361 -21.72 -18.31 36.50
CA SER E 361 -21.03 -18.73 35.29
C SER E 361 -21.67 -19.97 34.68
N ARG E 362 -22.09 -19.83 33.43
CA ARG E 362 -22.57 -20.96 32.64
C ARG E 362 -21.48 -22.05 32.47
N LEU E 363 -20.27 -21.78 32.96
CA LEU E 363 -19.15 -22.72 32.82
C LEU E 363 -18.68 -23.34 34.13
N LEU E 364 -19.32 -23.01 35.24
CA LEU E 364 -19.02 -23.69 36.50
C LEU E 364 -19.66 -25.06 36.47
N ASP E 365 -19.08 -25.94 35.65
CA ASP E 365 -19.64 -27.25 35.33
C ASP E 365 -18.53 -28.29 35.16
N ALA E 366 -18.72 -29.45 35.78
CA ALA E 366 -17.71 -30.52 35.82
C ALA E 366 -17.05 -30.80 34.48
N ALA E 367 -17.85 -30.86 33.43
CA ALA E 367 -17.35 -31.11 32.08
C ALA E 367 -16.40 -30.02 31.57
N VAL E 368 -16.48 -28.83 32.18
CA VAL E 368 -15.64 -27.71 31.76
C VAL E 368 -14.52 -27.46 32.76
N VAL E 369 -14.89 -27.20 34.01
CA VAL E 369 -13.89 -26.91 35.05
C VAL E 369 -13.18 -28.15 35.59
N GLY E 370 -13.81 -29.31 35.47
CA GLY E 370 -13.30 -30.54 36.09
C GLY E 370 -13.95 -30.76 37.45
N GLN E 371 -14.19 -32.02 37.80
CA GLN E 371 -14.87 -32.39 39.06
C GLN E 371 -14.16 -31.84 40.29
N GLU E 372 -12.83 -31.78 40.22
CA GLU E 372 -11.99 -31.06 41.18
C GLU E 372 -12.54 -29.67 41.49
N HIS E 373 -12.33 -28.76 40.56
CA HIS E 373 -12.76 -27.38 40.69
C HIS E 373 -14.22 -27.27 41.17
N TYR E 374 -15.12 -27.92 40.43
CA TYR E 374 -16.57 -27.87 40.68
C TYR E 374 -16.95 -28.17 42.15
N ASP E 375 -16.33 -29.20 42.72
CA ASP E 375 -16.68 -29.66 44.06
C ASP E 375 -16.33 -28.66 45.16
N VAL E 376 -15.15 -28.04 45.05
CA VAL E 376 -14.75 -26.98 45.98
C VAL E 376 -15.63 -25.77 45.76
N ALA E 377 -15.90 -25.48 44.48
CA ALA E 377 -16.76 -24.39 44.07
C ALA E 377 -18.15 -24.46 44.72
N SER E 378 -18.80 -25.61 44.58
CA SER E 378 -20.13 -25.83 45.18
C SER E 378 -20.13 -25.69 46.70
N LYS E 379 -19.14 -26.31 47.34
CA LYS E 379 -19.07 -26.38 48.80
C LYS E 379 -18.87 -24.99 49.43
N VAL E 380 -18.00 -24.18 48.81
CA VAL E 380 -17.86 -22.77 49.18
C VAL E 380 -19.23 -22.07 49.10
N GLN E 381 -19.95 -22.31 48.00
CA GLN E 381 -21.27 -21.72 47.77
C GLN E 381 -22.32 -22.22 48.74
N GLU E 382 -22.25 -23.50 49.12
CA GLU E 382 -23.19 -24.08 50.09
C GLU E 382 -22.91 -23.56 51.50
N THR E 383 -21.62 -23.48 51.84
CA THR E 383 -21.16 -23.02 53.15
C THR E 383 -21.46 -21.54 53.36
N LEU E 384 -21.04 -20.72 52.40
CA LEU E 384 -21.31 -19.28 52.42
C LEU E 384 -22.80 -18.98 52.42
N GLN E 385 -23.58 -19.90 51.84
CA GLN E 385 -25.04 -19.77 51.72
C GLN E 385 -25.75 -19.96 53.07
N THR E 386 -25.46 -21.07 53.75
CA THR E 386 -26.04 -21.33 55.07
C THR E 386 -25.60 -20.28 56.10
N TYR E 387 -24.42 -19.71 55.87
CA TYR E 387 -23.96 -18.59 56.68
C TYR E 387 -24.91 -17.39 56.52
N LYS E 388 -25.17 -17.02 55.26
CA LYS E 388 -26.08 -15.91 54.92
C LYS E 388 -27.48 -16.06 55.52
N SER E 389 -28.04 -17.27 55.42
CA SER E 389 -29.39 -17.54 55.91
C SER E 389 -29.52 -17.46 57.43
N LEU E 390 -28.45 -17.85 58.14
CA LEU E 390 -28.44 -17.89 59.61
C LEU E 390 -28.15 -16.54 60.30
N GLN E 391 -27.75 -15.53 59.51
CA GLN E 391 -27.41 -14.19 60.04
C GLN E 391 -28.46 -13.58 60.96
N ASP E 392 -29.74 -13.82 60.67
CA ASP E 392 -30.86 -13.33 61.46
C ASP E 392 -30.68 -13.68 62.93
N ILE E 393 -30.40 -14.97 63.18
CA ILE E 393 -30.24 -15.48 64.54
C ILE E 393 -28.88 -15.09 65.15
N ILE E 394 -27.87 -14.90 64.29
CA ILE E 394 -26.54 -14.43 64.73
C ILE E 394 -26.62 -12.98 65.25
N ALA E 395 -27.61 -12.24 64.76
CA ALA E 395 -27.74 -10.81 65.07
C ALA E 395 -28.54 -10.53 66.35
N ILE E 396 -29.35 -11.49 66.79
CA ILE E 396 -30.23 -11.27 67.94
C ILE E 396 -30.20 -12.41 68.97
N LEU E 397 -29.79 -13.61 68.55
CA LEU E 397 -29.68 -14.77 69.47
C LEU E 397 -28.22 -15.12 69.79
N GLY E 398 -27.29 -14.25 69.39
CA GLY E 398 -25.86 -14.47 69.62
C GLY E 398 -25.28 -15.63 68.82
N MET E 399 -23.95 -15.69 68.74
CA MET E 399 -23.25 -16.77 68.04
C MET E 399 -23.44 -18.12 68.76
N ASP E 400 -23.65 -18.05 70.08
CA ASP E 400 -23.83 -19.23 70.96
C ASP E 400 -24.83 -20.28 70.46
N GLU E 401 -26.01 -19.82 70.02
CA GLU E 401 -27.12 -20.72 69.75
C GLU E 401 -27.24 -21.21 68.29
N LEU E 402 -26.15 -21.79 67.79
CA LEU E 402 -26.15 -22.54 66.53
C LEU E 402 -25.98 -24.02 66.87
N SER E 403 -26.59 -24.89 66.08
CA SER E 403 -26.42 -26.33 66.28
C SER E 403 -24.95 -26.72 66.12
N GLU E 404 -24.54 -27.78 66.81
CA GLU E 404 -23.13 -28.14 66.96
C GLU E 404 -22.24 -27.97 65.73
N GLN E 405 -22.77 -28.36 64.56
CA GLN E 405 -21.98 -28.28 63.34
C GLN E 405 -22.01 -26.89 62.70
N ASP E 406 -23.09 -26.15 62.92
CA ASP E 406 -23.29 -24.83 62.30
C ASP E 406 -22.29 -23.76 62.75
N LYS E 407 -21.88 -23.82 64.01
CA LYS E 407 -20.87 -22.88 64.53
C LYS E 407 -19.49 -23.15 63.93
N LEU E 408 -19.30 -24.36 63.40
CA LEU E 408 -18.07 -24.71 62.68
C LEU E 408 -18.09 -24.20 61.22
N THR E 409 -19.25 -24.29 60.57
CA THR E 409 -19.38 -23.78 59.20
C THR E 409 -19.29 -22.25 59.15
N VAL E 410 -19.98 -21.58 60.07
CA VAL E 410 -19.93 -20.10 60.17
C VAL E 410 -18.50 -19.62 60.42
N GLU E 411 -17.78 -20.31 61.30
CA GLU E 411 -16.38 -20.00 61.59
C GLU E 411 -15.50 -20.19 60.36
N ARG E 412 -15.79 -21.25 59.59
CA ARG E 412 -15.07 -21.52 58.35
C ARG E 412 -15.52 -20.58 57.24
N ALA E 413 -16.82 -20.28 57.21
CA ALA E 413 -17.39 -19.36 56.23
C ALA E 413 -16.80 -17.97 56.40
N ARG E 414 -16.70 -17.53 57.65
CA ARG E 414 -16.02 -16.28 58.00
C ARG E 414 -14.59 -16.24 57.48
N LYS E 415 -13.90 -17.37 57.55
CA LYS E 415 -12.57 -17.51 56.97
C LYS E 415 -12.65 -17.36 55.45
N ILE E 416 -13.36 -18.29 54.80
CA ILE E 416 -13.59 -18.26 53.34
C ILE E 416 -13.96 -16.86 52.84
N GLN E 417 -14.86 -16.19 53.56
CA GLN E 417 -15.31 -14.83 53.25
C GLN E 417 -14.14 -13.85 53.17
N ARG E 418 -13.27 -13.87 54.17
CA ARG E 418 -12.08 -13.03 54.17
C ARG E 418 -11.15 -13.49 53.06
N PHE E 419 -10.88 -14.79 53.05
CA PHE E 419 -9.98 -15.43 52.09
C PHE E 419 -10.28 -15.01 50.65
N LEU E 420 -11.56 -14.74 50.37
CA LEU E 420 -11.99 -14.33 49.03
C LEU E 420 -11.57 -12.91 48.63
N SER E 421 -11.17 -12.09 49.61
CA SER E 421 -10.58 -10.79 49.31
C SER E 421 -9.18 -11.00 48.74
N GLN E 422 -8.71 -10.01 47.98
CA GLN E 422 -7.41 -10.08 47.34
C GLN E 422 -6.83 -8.67 47.24
N PRO E 423 -5.51 -8.53 47.49
CA PRO E 423 -4.88 -7.26 47.13
C PRO E 423 -4.60 -7.23 45.63
N PHE E 424 -4.81 -6.08 44.99
CA PHE E 424 -4.58 -5.96 43.56
C PHE E 424 -3.28 -5.25 43.22
N ALA E 425 -2.61 -5.73 42.17
CA ALA E 425 -1.34 -5.16 41.74
C ALA E 425 -1.46 -3.72 41.25
N VAL E 426 -2.53 -3.43 40.51
CA VAL E 426 -2.81 -2.06 40.03
C VAL E 426 -3.03 -1.09 41.18
N ALA E 427 -3.82 -1.52 42.16
CA ALA E 427 -4.26 -0.70 43.30
C ALA E 427 -3.13 -0.28 44.24
N GLU E 428 -1.94 -0.87 44.07
CA GLU E 428 -0.76 -0.59 44.90
C GLU E 428 -0.49 0.90 45.10
N VAL E 429 -0.54 1.68 44.01
CA VAL E 429 -0.22 3.11 44.04
C VAL E 429 -1.20 3.95 44.88
N PHE E 430 -2.26 3.30 45.39
CA PHE E 430 -3.21 3.93 46.31
C PHE E 430 -3.20 3.18 47.66
N THR E 431 -2.96 1.87 47.61
CA THR E 431 -3.04 1.00 48.80
C THR E 431 -1.70 0.79 49.51
N GLY E 432 -0.65 0.52 48.73
CA GLY E 432 0.66 0.19 49.26
C GLY E 432 0.89 -1.32 49.25
N ILE E 433 -0.14 -2.06 49.68
CA ILE E 433 -0.09 -3.53 49.78
C ILE E 433 0.28 -4.15 48.43
N PRO E 434 1.32 -5.01 48.42
CA PRO E 434 1.70 -5.70 47.18
C PRO E 434 0.58 -6.61 46.67
N GLY E 435 0.18 -6.42 45.42
CA GLY E 435 -0.87 -7.25 44.80
C GLY E 435 -0.41 -8.65 44.45
N LYS E 436 -1.37 -9.55 44.23
CA LYS E 436 -1.09 -10.95 43.94
C LYS E 436 -1.98 -11.50 42.81
N LEU E 437 -1.37 -12.03 41.76
CA LEU E 437 -2.06 -12.83 40.76
C LEU E 437 -2.07 -14.29 41.22
N VAL E 438 -3.17 -14.72 41.81
CA VAL E 438 -3.31 -16.10 42.28
C VAL E 438 -3.71 -17.02 41.13
N ARG E 439 -2.83 -17.94 40.76
CA ARG E 439 -3.17 -18.90 39.71
C ARG E 439 -4.27 -19.88 40.18
N LEU E 440 -5.14 -20.26 39.25
CA LEU E 440 -6.35 -21.07 39.48
C LEU E 440 -6.12 -22.38 40.24
N LYS E 441 -5.13 -23.16 39.80
CA LYS E 441 -4.76 -24.42 40.47
C LYS E 441 -4.53 -24.18 41.97
N ASP E 442 -3.95 -23.02 42.29
CA ASP E 442 -3.65 -22.62 43.67
C ASP E 442 -4.91 -22.22 44.43
N THR E 443 -5.82 -21.56 43.71
CA THR E 443 -7.08 -21.10 44.28
C THR E 443 -7.92 -22.27 44.78
N VAL E 444 -8.13 -23.25 43.90
CA VAL E 444 -8.94 -24.44 44.21
C VAL E 444 -8.37 -25.15 45.43
N ALA E 445 -7.08 -25.49 45.34
CA ALA E 445 -6.37 -26.22 46.38
C ALA E 445 -6.38 -25.45 47.71
N SER E 446 -6.06 -24.15 47.63
CA SER E 446 -6.08 -23.26 48.80
C SER E 446 -7.44 -23.26 49.52
N PHE E 447 -8.53 -23.29 48.75
CA PHE E 447 -9.89 -23.32 49.29
C PHE E 447 -10.37 -24.74 49.62
N LYS E 448 -9.89 -25.73 48.85
CA LYS E 448 -10.11 -27.14 49.14
C LYS E 448 -9.56 -27.50 50.52
N ALA E 449 -8.35 -27.00 50.80
CA ALA E 449 -7.68 -27.18 52.08
C ALA E 449 -8.48 -26.60 53.25
N VAL E 450 -9.07 -25.42 53.05
CA VAL E 450 -9.91 -24.79 54.05
C VAL E 450 -11.25 -25.53 54.21
N LEU E 451 -11.82 -25.95 53.08
CA LEU E 451 -13.08 -26.70 53.07
C LEU E 451 -12.98 -28.08 53.71
N GLU E 452 -11.75 -28.55 53.92
CA GLU E 452 -11.49 -29.79 54.65
C GLU E 452 -11.20 -29.50 56.12
N GLY E 453 -10.89 -28.23 56.42
CA GLY E 453 -10.66 -27.77 57.79
C GLY E 453 -9.24 -27.98 58.30
N LYS E 454 -8.28 -27.98 57.40
CA LYS E 454 -6.88 -28.17 57.76
C LYS E 454 -6.30 -26.93 58.41
N TYR E 455 -6.95 -25.79 58.18
CA TYR E 455 -6.49 -24.52 58.73
C TYR E 455 -7.58 -23.87 59.59
N ASP E 456 -8.28 -24.68 60.38
CA ASP E 456 -9.29 -24.19 61.31
C ASP E 456 -8.68 -23.35 62.43
N ASN E 457 -7.49 -23.74 62.86
CA ASN E 457 -6.77 -23.06 63.93
C ASN E 457 -6.35 -21.64 63.56
N ILE E 458 -5.83 -21.49 62.34
CA ILE E 458 -5.36 -20.20 61.83
C ILE E 458 -6.37 -19.07 62.02
N PRO E 459 -5.93 -17.96 62.64
CA PRO E 459 -6.76 -16.78 62.92
C PRO E 459 -7.55 -16.29 61.71
N GLU E 460 -8.59 -15.50 61.97
CA GLU E 460 -9.46 -15.03 60.88
C GLU E 460 -8.87 -13.85 60.11
N HIS E 461 -8.26 -12.91 60.82
CA HIS E 461 -7.63 -11.73 60.20
C HIS E 461 -6.53 -12.12 59.20
N ALA E 462 -6.06 -13.37 59.29
CA ALA E 462 -5.01 -13.87 58.42
C ALA E 462 -5.46 -13.99 56.97
N PHE E 463 -6.51 -14.77 56.73
CA PHE E 463 -7.05 -15.02 55.38
C PHE E 463 -7.35 -13.74 54.59
N TYR E 464 -7.57 -12.66 55.34
CA TYR E 464 -7.94 -11.35 54.82
C TYR E 464 -6.78 -10.67 54.10
N MET E 465 -7.02 -10.25 52.86
CA MET E 465 -6.06 -9.52 52.03
C MET E 465 -4.70 -10.20 51.86
N VAL E 466 -4.74 -11.51 51.59
CA VAL E 466 -3.57 -12.26 51.13
C VAL E 466 -3.94 -13.06 49.87
N GLY E 467 -2.94 -13.63 49.21
CA GLY E 467 -3.18 -14.36 47.97
C GLY E 467 -3.62 -15.80 48.19
N GLY E 468 -2.77 -16.73 47.76
CA GLY E 468 -2.97 -18.16 47.97
C GLY E 468 -2.68 -18.59 49.39
N ILE E 469 -2.72 -19.90 49.63
CA ILE E 469 -2.69 -20.45 50.99
C ILE E 469 -1.41 -20.12 51.79
N GLU E 470 -0.26 -20.14 51.12
CA GLU E 470 1.03 -19.88 51.76
C GLU E 470 1.13 -18.50 52.40
N ASP E 471 0.52 -17.52 51.76
CA ASP E 471 0.52 -16.15 52.28
C ASP E 471 -0.35 -16.00 53.53
N VAL E 472 -1.27 -16.94 53.74
CA VAL E 472 -2.02 -17.04 55.00
C VAL E 472 -1.08 -17.57 56.08
N VAL E 473 -0.39 -18.66 55.76
CA VAL E 473 0.64 -19.26 56.63
C VAL E 473 1.68 -18.19 57.02
N ALA E 474 2.20 -17.50 56.01
CA ALA E 474 3.14 -16.39 56.21
C ALA E 474 2.56 -15.30 57.11
N LYS E 475 1.34 -14.86 56.78
CA LYS E 475 0.69 -13.77 57.53
C LYS E 475 0.35 -14.15 58.97
N ALA E 476 -0.19 -15.36 59.15
CA ALA E 476 -0.57 -15.85 60.48
C ALA E 476 0.63 -15.94 61.42
N GLU E 477 1.80 -16.18 60.84
CA GLU E 477 3.03 -16.34 61.61
C GLU E 477 3.70 -15.00 61.96
N LYS E 478 3.36 -13.95 61.23
CA LYS E 478 3.75 -12.58 61.61
C LYS E 478 2.84 -12.04 62.72
N LEU E 479 1.67 -12.66 62.90
CA LEU E 479 0.66 -12.21 63.87
C LEU E 479 0.98 -12.53 65.33
N ALA E 480 1.89 -13.50 65.55
CA ALA E 480 2.37 -13.78 66.90
C ALA E 480 3.43 -12.77 67.32
N ALA E 481 4.32 -12.41 66.38
CA ALA E 481 5.39 -11.45 66.62
C ALA E 481 4.85 -10.02 66.72
N THR F 13 -70.74 -16.45 -22.79
CA THR F 13 -69.34 -16.03 -22.51
C THR F 13 -69.23 -15.42 -21.12
N PRO F 14 -68.35 -15.98 -20.28
CA PRO F 14 -68.25 -15.49 -18.90
C PRO F 14 -67.44 -14.20 -18.80
N ILE F 15 -67.25 -13.72 -17.57
CA ILE F 15 -66.59 -12.44 -17.34
C ILE F 15 -65.16 -12.64 -16.81
N THR F 16 -64.15 -12.38 -17.63
CA THR F 16 -62.75 -12.66 -17.28
C THR F 16 -61.79 -11.46 -17.29
N GLY F 17 -60.76 -11.53 -16.45
CA GLY F 17 -59.79 -10.46 -16.27
C GLY F 17 -58.36 -10.92 -15.98
N LYS F 18 -57.51 -9.99 -15.55
CA LYS F 18 -56.10 -10.27 -15.29
C LYS F 18 -55.66 -9.83 -13.90
N VAL F 19 -55.05 -10.75 -13.16
CA VAL F 19 -54.32 -10.43 -11.92
C VAL F 19 -53.37 -9.26 -12.15
N THR F 20 -53.43 -8.27 -11.27
CA THR F 20 -52.57 -7.11 -11.41
C THR F 20 -51.69 -6.92 -10.19
N ALA F 21 -52.14 -7.46 -9.05
CA ALA F 21 -51.34 -7.46 -7.81
C ALA F 21 -51.52 -8.70 -6.92
N VAL F 22 -50.45 -9.08 -6.23
CA VAL F 22 -50.49 -10.17 -5.25
C VAL F 22 -49.62 -9.81 -4.04
N ILE F 23 -50.26 -9.56 -2.91
CA ILE F 23 -49.57 -9.37 -1.64
C ILE F 23 -50.22 -10.25 -0.59
N GLY F 24 -49.57 -11.37 -0.27
CA GLY F 24 -50.09 -12.32 0.71
C GLY F 24 -51.40 -12.88 0.23
N ALA F 25 -52.43 -12.77 1.07
CA ALA F 25 -53.75 -13.30 0.72
C ALA F 25 -54.48 -12.41 -0.29
N ILE F 26 -54.02 -11.18 -0.43
CA ILE F 26 -54.71 -10.19 -1.26
C ILE F 26 -54.39 -10.35 -2.76
N VAL F 27 -55.44 -10.40 -3.58
CA VAL F 27 -55.27 -10.48 -5.03
C VAL F 27 -56.02 -9.37 -5.78
N ASP F 28 -55.26 -8.57 -6.52
CA ASP F 28 -55.79 -7.47 -7.31
C ASP F 28 -56.00 -7.90 -8.76
N VAL F 29 -57.26 -7.99 -9.16
CA VAL F 29 -57.62 -8.35 -10.54
C VAL F 29 -58.25 -7.16 -11.24
N HIS F 30 -57.75 -6.85 -12.44
CA HIS F 30 -58.34 -5.84 -13.32
C HIS F 30 -59.15 -6.50 -14.41
N PHE F 31 -60.33 -5.94 -14.67
CA PHE F 31 -61.17 -6.41 -15.75
C PHE F 31 -61.11 -5.44 -16.91
N GLU F 32 -61.16 -5.98 -18.13
CA GLU F 32 -61.06 -5.15 -19.33
C GLU F 32 -62.43 -4.98 -20.00
N GLN F 33 -63.49 -5.36 -19.28
CA GLN F 33 -64.86 -5.17 -19.76
C GLN F 33 -65.63 -4.14 -18.93
N SER F 34 -66.86 -3.86 -19.34
CA SER F 34 -67.70 -2.87 -18.67
C SER F 34 -68.23 -3.37 -17.33
N GLU F 35 -68.63 -4.64 -17.27
CA GLU F 35 -69.15 -5.24 -16.05
C GLU F 35 -68.03 -5.67 -15.10
N LEU F 36 -68.22 -5.36 -13.82
CA LEU F 36 -67.30 -5.70 -12.73
C LEU F 36 -68.02 -6.56 -11.71
N PRO F 37 -67.37 -7.65 -11.24
CA PRO F 37 -67.99 -8.60 -10.31
C PRO F 37 -68.33 -7.93 -8.99
N ALA F 38 -69.51 -8.24 -8.46
CA ALA F 38 -69.97 -7.70 -7.18
C ALA F 38 -69.08 -8.12 -6.03
N ILE F 39 -68.98 -7.25 -5.03
CA ILE F 39 -68.37 -7.61 -3.77
C ILE F 39 -69.01 -8.90 -3.27
N LEU F 40 -68.20 -9.78 -2.66
CA LEU F 40 -68.61 -11.11 -2.17
C LEU F 40 -68.61 -12.24 -3.23
N ASN F 41 -68.42 -11.88 -4.51
CA ASN F 41 -68.35 -12.84 -5.61
C ASN F 41 -67.11 -13.73 -5.60
N ALA F 42 -67.32 -15.00 -5.97
CA ALA F 42 -66.25 -15.97 -6.16
C ALA F 42 -65.65 -15.82 -7.56
N LEU F 43 -64.33 -15.71 -7.61
CA LEU F 43 -63.61 -15.68 -8.88
C LEU F 43 -62.64 -16.84 -8.87
N GLU F 44 -62.39 -17.42 -10.03
CA GLU F 44 -61.53 -18.60 -10.12
C GLU F 44 -60.24 -18.35 -10.93
N ILE F 45 -59.21 -19.12 -10.57
CA ILE F 45 -57.96 -19.18 -11.31
C ILE F 45 -57.57 -20.65 -11.44
N LYS F 46 -57.40 -21.13 -12.68
CA LYS F 46 -56.96 -22.49 -12.93
C LYS F 46 -55.48 -22.66 -12.61
N THR F 47 -55.18 -23.43 -11.58
CA THR F 47 -53.79 -23.61 -11.13
C THR F 47 -53.18 -24.87 -11.71
N PRO F 48 -51.82 -25.00 -11.67
CA PRO F 48 -51.13 -26.23 -12.07
C PRO F 48 -51.79 -27.51 -11.54
N GLN F 49 -52.29 -27.50 -10.30
CA GLN F 49 -52.94 -28.70 -9.74
C GLN F 49 -54.46 -28.57 -9.58
N GLY F 50 -54.93 -27.45 -9.03
CA GLY F 50 -56.36 -27.26 -8.80
C GLY F 50 -56.91 -25.95 -9.30
N LYS F 51 -57.87 -25.39 -8.56
CA LYS F 51 -58.43 -24.07 -8.82
C LYS F 51 -58.36 -23.20 -7.59
N LEU F 52 -57.88 -21.97 -7.76
CA LEU F 52 -57.83 -21.00 -6.68
C LEU F 52 -59.06 -20.10 -6.69
N VAL F 53 -59.82 -20.15 -5.60
CA VAL F 53 -60.98 -19.27 -5.41
C VAL F 53 -60.55 -17.95 -4.75
N LEU F 54 -61.06 -16.84 -5.29
CA LEU F 54 -60.85 -15.52 -4.71
C LEU F 54 -62.23 -14.94 -4.40
N GLU F 55 -62.32 -14.11 -3.38
CA GLU F 55 -63.57 -13.44 -3.03
C GLU F 55 -63.42 -11.93 -3.07
N VAL F 56 -64.29 -11.28 -3.85
CA VAL F 56 -64.26 -9.83 -3.99
C VAL F 56 -64.62 -9.20 -2.65
N ALA F 57 -63.75 -8.30 -2.18
CA ALA F 57 -63.94 -7.64 -0.88
C ALA F 57 -64.20 -6.16 -1.03
N GLN F 58 -63.57 -5.54 -2.03
CA GLN F 58 -63.77 -4.11 -2.36
C GLN F 58 -63.51 -3.79 -3.86
N HIS F 59 -64.18 -2.76 -4.36
CA HIS F 59 -63.87 -2.18 -5.68
C HIS F 59 -62.92 -0.98 -5.55
N LEU F 60 -61.70 -1.14 -6.06
CA LEU F 60 -60.61 -0.15 -5.89
C LEU F 60 -60.73 1.07 -6.80
N GLY F 61 -61.43 0.92 -7.92
CA GLY F 61 -61.55 1.98 -8.90
C GLY F 61 -60.72 1.62 -10.11
N GLU F 62 -60.88 2.40 -11.19
CA GLU F 62 -60.19 2.15 -12.45
C GLU F 62 -60.29 0.68 -12.90
N ASN F 63 -61.48 0.12 -12.71
CA ASN F 63 -61.84 -1.26 -13.10
C ASN F 63 -61.06 -2.42 -12.46
N THR F 64 -60.38 -2.15 -11.35
CA THR F 64 -59.71 -3.20 -10.59
C THR F 64 -60.50 -3.54 -9.34
N VAL F 65 -60.56 -4.83 -9.00
CA VAL F 65 -61.18 -5.26 -7.73
C VAL F 65 -60.14 -5.89 -6.81
N ARG F 66 -60.29 -5.65 -5.51
CA ARG F 66 -59.46 -6.32 -4.52
C ARG F 66 -60.21 -7.51 -3.93
N THR F 67 -59.51 -8.64 -3.83
CA THR F 67 -60.09 -9.89 -3.34
C THR F 67 -59.22 -10.56 -2.29
N ILE F 68 -59.84 -11.36 -1.43
CA ILE F 68 -59.15 -12.21 -0.47
C ILE F 68 -59.08 -13.62 -1.05
N ALA F 69 -57.89 -14.21 -1.07
CA ALA F 69 -57.73 -15.60 -1.53
C ALA F 69 -58.25 -16.64 -0.53
N MET F 70 -58.66 -17.80 -1.04
CA MET F 70 -59.17 -18.86 -0.19
C MET F 70 -58.13 -19.94 0.05
N ASP F 71 -56.98 -19.79 -0.61
CA ASP F 71 -55.89 -20.74 -0.47
C ASP F 71 -54.62 -19.99 -0.81
N GLY F 72 -53.47 -20.57 -0.47
CA GLY F 72 -52.17 -19.92 -0.69
C GLY F 72 -51.97 -19.39 -2.09
N THR F 73 -51.24 -18.31 -2.20
CA THR F 73 -51.08 -17.60 -3.46
C THR F 73 -49.66 -17.67 -4.02
N GLU F 74 -48.91 -18.70 -3.66
CA GLU F 74 -47.58 -18.89 -4.25
C GLU F 74 -47.77 -19.30 -5.72
N GLY F 75 -46.83 -18.92 -6.58
CA GLY F 75 -46.90 -19.34 -7.98
C GLY F 75 -47.71 -18.45 -8.91
N LEU F 76 -48.64 -17.67 -8.37
CA LEU F 76 -49.42 -16.70 -9.15
C LEU F 76 -48.52 -15.67 -9.80
N VAL F 77 -48.87 -15.29 -11.02
CA VAL F 77 -48.10 -14.32 -11.82
C VAL F 77 -49.03 -13.16 -12.22
N ARG F 78 -48.47 -11.95 -12.36
CA ARG F 78 -49.26 -10.83 -12.85
C ARG F 78 -49.76 -11.09 -14.27
N GLY F 79 -50.93 -10.53 -14.59
CA GLY F 79 -51.53 -10.67 -15.92
C GLY F 79 -52.39 -11.91 -16.12
N GLU F 80 -52.33 -12.82 -15.15
CA GLU F 80 -52.97 -14.14 -15.24
C GLU F 80 -54.50 -14.10 -15.33
N LYS F 81 -55.06 -14.99 -16.15
CA LYS F 81 -56.49 -15.01 -16.43
C LYS F 81 -57.33 -15.40 -15.20
N VAL F 82 -58.45 -14.73 -15.00
CA VAL F 82 -59.31 -14.95 -13.82
C VAL F 82 -60.78 -14.94 -14.21
N LEU F 83 -61.52 -15.97 -13.82
CA LEU F 83 -62.93 -16.13 -14.20
C LEU F 83 -63.89 -15.65 -13.12
N ASP F 84 -64.88 -14.84 -13.49
CA ASP F 84 -65.97 -14.47 -12.57
C ASP F 84 -67.05 -15.55 -12.60
N THR F 85 -67.33 -16.14 -11.44
CA THR F 85 -68.32 -17.22 -11.33
C THR F 85 -69.76 -16.70 -11.40
N GLY F 86 -69.93 -15.41 -11.11
CA GLY F 86 -71.24 -14.76 -11.19
C GLY F 86 -71.96 -14.63 -9.87
N GLY F 87 -71.46 -15.31 -8.85
CA GLY F 87 -72.02 -15.25 -7.51
C GLY F 87 -70.99 -15.53 -6.42
N PRO F 88 -71.36 -15.28 -5.15
CA PRO F 88 -70.58 -15.59 -3.94
C PRO F 88 -70.21 -17.08 -3.80
N ILE F 89 -69.16 -17.36 -3.04
CA ILE F 89 -68.75 -18.74 -2.75
C ILE F 89 -69.96 -19.55 -2.29
N SER F 90 -70.18 -20.68 -2.96
CA SER F 90 -71.35 -21.51 -2.70
C SER F 90 -71.00 -22.88 -2.13
N VAL F 91 -71.85 -23.38 -1.24
CA VAL F 91 -71.67 -24.72 -0.66
C VAL F 91 -72.90 -25.62 -0.83
N PRO F 92 -72.69 -26.95 -0.85
CA PRO F 92 -73.76 -27.92 -0.82
C PRO F 92 -74.59 -27.81 0.44
N VAL F 93 -75.90 -27.97 0.30
CA VAL F 93 -76.82 -27.93 1.43
C VAL F 93 -77.85 -29.05 1.33
N GLY F 94 -78.53 -29.30 2.45
CA GLY F 94 -79.50 -30.39 2.54
C GLY F 94 -78.93 -31.58 3.31
N ARG F 95 -79.72 -32.64 3.38
CA ARG F 95 -79.33 -33.87 4.08
C ARG F 95 -78.07 -34.49 3.48
N GLU F 96 -77.80 -34.13 2.23
CA GLU F 96 -76.66 -34.60 1.45
C GLU F 96 -75.26 -34.40 2.07
N THR F 97 -75.20 -33.55 3.09
CA THR F 97 -73.95 -33.15 3.71
C THR F 97 -73.65 -33.99 4.96
N LEU F 98 -74.69 -34.51 5.59
CA LEU F 98 -74.55 -35.35 6.79
C LEU F 98 -73.68 -36.56 6.47
N GLY F 99 -72.73 -36.84 7.36
CA GLY F 99 -71.75 -37.90 7.14
C GLY F 99 -70.53 -37.46 6.35
N ARG F 100 -70.65 -36.36 5.63
CA ARG F 100 -69.57 -35.86 4.78
C ARG F 100 -68.76 -34.76 5.46
N ILE F 101 -67.44 -34.80 5.26
CA ILE F 101 -66.57 -33.69 5.66
C ILE F 101 -66.48 -32.71 4.48
N ILE F 102 -66.76 -31.45 4.75
CA ILE F 102 -66.78 -30.41 3.72
C ILE F 102 -65.72 -29.34 3.96
N ASN F 103 -65.18 -28.85 2.84
CA ASN F 103 -64.17 -27.81 2.79
C ASN F 103 -64.78 -26.43 3.04
N VAL F 104 -63.99 -25.37 2.89
CA VAL F 104 -64.50 -23.99 3.03
C VAL F 104 -65.27 -23.53 1.79
N ILE F 105 -64.84 -23.99 0.61
CA ILE F 105 -65.50 -23.66 -0.66
C ILE F 105 -66.50 -24.73 -1.14
N GLY F 106 -66.92 -25.60 -0.23
CA GLY F 106 -67.97 -26.57 -0.51
C GLY F 106 -67.52 -27.90 -1.10
N GLU F 107 -66.22 -28.04 -1.26
CA GLU F 107 -65.69 -29.30 -1.78
C GLU F 107 -65.67 -30.37 -0.70
N PRO F 108 -65.86 -31.63 -1.09
CA PRO F 108 -65.66 -32.72 -0.13
C PRO F 108 -64.17 -32.90 0.14
N ILE F 109 -63.82 -33.18 1.40
CA ILE F 109 -62.43 -33.52 1.72
C ILE F 109 -62.32 -34.83 2.52
N ASP F 110 -63.26 -35.75 2.31
CA ASP F 110 -63.26 -37.06 2.95
C ASP F 110 -63.00 -38.18 1.95
N GLU F 111 -62.41 -37.84 0.80
CA GLU F 111 -62.09 -38.81 -0.27
C GLU F 111 -63.24 -39.73 -0.70
N ARG F 112 -64.48 -39.30 -0.50
CA ARG F 112 -65.65 -40.06 -0.92
C ARG F 112 -66.38 -39.36 -2.07
N GLY F 113 -65.59 -38.74 -2.96
CA GLY F 113 -66.11 -38.16 -4.20
C GLY F 113 -67.15 -37.08 -4.03
N PRO F 114 -67.98 -36.87 -5.08
CA PRO F 114 -68.96 -35.78 -5.12
C PRO F 114 -70.04 -35.84 -4.06
N ILE F 115 -70.62 -34.68 -3.77
CA ILE F 115 -71.82 -34.56 -2.96
C ILE F 115 -72.92 -34.10 -3.89
N LYS F 116 -73.67 -35.03 -4.46
CA LYS F 116 -74.81 -34.68 -5.32
C LYS F 116 -75.92 -34.08 -4.47
N SER F 117 -75.86 -32.77 -4.31
CA SER F 117 -76.81 -32.04 -3.47
C SER F 117 -78.02 -31.60 -4.26
N LYS F 118 -79.13 -31.42 -3.55
CA LYS F 118 -80.34 -30.84 -4.13
C LYS F 118 -80.06 -29.40 -4.55
N LEU F 119 -79.41 -28.63 -3.67
CA LEU F 119 -79.08 -27.24 -3.96
C LEU F 119 -77.67 -26.83 -3.50
N ARG F 120 -77.29 -25.60 -3.84
CA ARG F 120 -76.01 -25.01 -3.47
C ARG F 120 -76.19 -23.53 -3.07
N LYS F 121 -76.37 -23.28 -1.78
CA LYS F 121 -76.58 -21.91 -1.30
C LYS F 121 -75.27 -21.14 -1.22
N PRO F 122 -75.34 -19.79 -1.34
CA PRO F 122 -74.15 -18.98 -1.09
C PRO F 122 -73.95 -18.74 0.41
N ILE F 123 -72.69 -18.74 0.84
CA ILE F 123 -72.38 -18.64 2.27
C ILE F 123 -72.76 -17.30 2.93
N HIS F 124 -72.81 -16.24 2.13
CA HIS F 124 -73.22 -14.91 2.58
C HIS F 124 -74.71 -14.68 2.43
N ALA F 125 -75.40 -14.62 3.56
CA ALA F 125 -76.82 -14.33 3.58
C ALA F 125 -77.09 -13.27 4.63
N ASP F 126 -78.14 -12.48 4.45
CA ASP F 126 -78.55 -11.53 5.48
C ASP F 126 -79.20 -12.27 6.66
N PRO F 127 -78.77 -11.95 7.90
CA PRO F 127 -79.36 -12.50 9.12
C PRO F 127 -80.86 -12.23 9.27
N PRO F 128 -81.61 -13.16 9.88
CA PRO F 128 -83.04 -13.03 10.14
C PRO F 128 -83.41 -11.65 10.70
N SER F 129 -84.50 -11.07 10.19
CA SER F 129 -84.96 -9.76 10.63
C SER F 129 -85.37 -9.77 12.11
N PHE F 130 -85.67 -8.59 12.65
CA PHE F 130 -86.19 -8.44 14.01
C PHE F 130 -87.58 -9.07 14.22
N ALA F 131 -88.50 -8.88 13.26
CA ALA F 131 -89.82 -9.46 13.39
C ALA F 131 -89.81 -10.96 13.10
N GLU F 132 -88.74 -11.41 12.45
CA GLU F 132 -88.50 -12.83 12.18
C GLU F 132 -87.97 -13.57 13.41
N GLN F 133 -87.64 -12.82 14.46
CA GLN F 133 -87.15 -13.40 15.70
C GLN F 133 -88.25 -14.12 16.48
N SER F 134 -87.88 -15.18 17.18
CA SER F 134 -88.81 -15.84 18.08
C SER F 134 -88.08 -16.24 19.35
N THR F 135 -88.61 -15.80 20.49
CA THR F 135 -87.88 -15.90 21.75
C THR F 135 -88.57 -16.80 22.76
N SER F 136 -87.77 -17.35 23.68
CA SER F 136 -88.23 -18.26 24.73
C SER F 136 -87.20 -18.30 25.86
N ALA F 137 -87.43 -19.15 26.85
CA ALA F 137 -86.52 -19.26 27.98
C ALA F 137 -86.50 -20.69 28.49
N GLU F 138 -85.88 -21.56 27.72
CA GLU F 138 -85.87 -22.99 27.99
C GLU F 138 -84.45 -23.45 28.35
N ILE F 139 -84.33 -24.10 29.51
CA ILE F 139 -83.04 -24.63 29.94
C ILE F 139 -82.69 -25.81 29.05
N LEU F 140 -81.46 -25.83 28.55
CA LEU F 140 -80.91 -27.02 27.94
C LEU F 140 -80.00 -27.68 28.97
N GLU F 141 -80.48 -28.77 29.54
CA GLU F 141 -79.74 -29.58 30.51
C GLU F 141 -78.48 -30.16 29.84
N THR F 142 -77.41 -30.34 30.63
CA THR F 142 -76.11 -30.72 30.08
C THR F 142 -75.50 -31.91 30.80
N GLY F 143 -76.03 -32.21 31.98
CA GLY F 143 -75.45 -33.23 32.84
C GLY F 143 -74.18 -32.75 33.50
N ILE F 144 -73.94 -31.44 33.42
CA ILE F 144 -72.76 -30.85 33.99
C ILE F 144 -73.16 -29.91 35.12
N LYS F 145 -72.96 -30.39 36.34
CA LYS F 145 -73.25 -29.66 37.57
C LYS F 145 -73.08 -28.14 37.48
N VAL F 146 -71.87 -27.69 37.13
CA VAL F 146 -71.55 -26.25 37.16
C VAL F 146 -72.54 -25.43 36.33
N VAL F 147 -72.63 -25.77 35.04
CA VAL F 147 -73.50 -25.07 34.10
C VAL F 147 -74.95 -25.14 34.61
N ASP F 148 -75.45 -26.36 34.81
CA ASP F 148 -76.83 -26.55 35.23
C ASP F 148 -77.18 -25.75 36.49
N LEU F 149 -76.33 -25.81 37.50
CA LEU F 149 -76.62 -25.09 38.73
C LEU F 149 -76.47 -23.57 38.59
N LEU F 150 -75.26 -23.12 38.23
CA LEU F 150 -74.92 -21.70 38.33
C LEU F 150 -75.25 -20.84 37.10
N ALA F 151 -74.96 -21.34 35.90
CA ALA F 151 -75.22 -20.59 34.68
C ALA F 151 -75.69 -21.47 33.51
N PRO F 152 -76.98 -21.86 33.52
CA PRO F 152 -77.53 -22.83 32.56
C PRO F 152 -77.70 -22.33 31.11
N TYR F 153 -77.64 -23.26 30.17
CA TYR F 153 -77.69 -22.92 28.75
C TYR F 153 -79.10 -22.77 28.22
N ALA F 154 -79.25 -21.93 27.20
CA ALA F 154 -80.53 -21.66 26.55
C ALA F 154 -80.76 -22.64 25.43
N ARG F 155 -81.96 -23.21 25.40
CA ARG F 155 -82.38 -24.06 24.28
C ARG F 155 -82.70 -23.12 23.12
N GLY F 156 -82.10 -23.41 21.97
CA GLY F 156 -82.22 -22.53 20.81
C GLY F 156 -81.50 -21.20 20.95
N GLY F 157 -80.56 -21.10 21.89
CA GLY F 157 -79.76 -19.89 22.08
C GLY F 157 -78.27 -20.05 21.76
N LYS F 158 -77.51 -18.97 21.94
CA LYS F 158 -76.07 -18.98 21.72
C LYS F 158 -75.27 -19.06 23.02
N ILE F 159 -74.26 -19.93 23.02
CA ILE F 159 -73.48 -20.29 24.21
C ILE F 159 -72.00 -20.12 23.90
N GLY F 160 -71.24 -19.57 24.85
CA GLY F 160 -69.82 -19.30 24.64
C GLY F 160 -68.93 -19.95 25.66
N LEU F 161 -67.88 -20.61 25.19
CA LEU F 161 -66.92 -21.26 26.08
C LEU F 161 -65.58 -20.52 26.04
N PHE F 162 -65.37 -19.65 27.02
CA PHE F 162 -64.19 -18.82 27.07
C PHE F 162 -63.02 -19.49 27.80
N GLY F 163 -61.84 -19.42 27.20
CA GLY F 163 -60.66 -19.94 27.84
C GLY F 163 -59.37 -19.55 27.15
N GLY F 164 -58.32 -19.37 27.94
CA GLY F 164 -56.98 -19.25 27.42
C GLY F 164 -56.49 -20.57 26.84
N ALA F 165 -55.24 -20.58 26.36
CA ALA F 165 -54.65 -21.77 25.79
C ALA F 165 -54.60 -22.93 26.81
N GLY F 166 -55.25 -24.03 26.45
CA GLY F 166 -55.15 -25.28 27.18
C GLY F 166 -55.94 -25.39 28.47
N VAL F 167 -56.89 -24.49 28.68
CA VAL F 167 -57.69 -24.59 29.91
C VAL F 167 -58.88 -25.54 29.73
N GLY F 168 -59.12 -25.97 28.49
CA GLY F 168 -60.03 -27.08 28.27
C GLY F 168 -61.29 -26.81 27.48
N LYS F 169 -61.21 -25.86 26.55
CA LYS F 169 -62.35 -25.48 25.71
C LYS F 169 -62.89 -26.67 24.90
N THR F 170 -61.98 -27.29 24.15
CA THR F 170 -62.31 -28.35 23.19
C THR F 170 -62.82 -29.63 23.86
N VAL F 171 -62.23 -29.97 25.01
CA VAL F 171 -62.73 -31.09 25.82
C VAL F 171 -64.16 -30.80 26.28
N PHE F 172 -64.39 -29.57 26.76
CA PHE F 172 -65.73 -29.15 27.16
C PHE F 172 -66.70 -29.17 25.98
N ILE F 173 -66.21 -28.83 24.79
CA ILE F 173 -67.01 -28.95 23.56
C ILE F 173 -67.41 -30.41 23.32
N GLN F 174 -66.42 -31.31 23.41
CA GLN F 174 -66.67 -32.74 23.17
C GLN F 174 -67.70 -33.34 24.12
N GLU F 175 -67.53 -33.13 25.43
CA GLU F 175 -68.47 -33.66 26.42
C GLU F 175 -69.91 -33.29 26.09
N LEU F 176 -70.09 -32.07 25.58
CA LEU F 176 -71.41 -31.58 25.17
C LEU F 176 -71.94 -32.28 23.91
N ILE F 177 -71.10 -32.42 22.88
CA ILE F 177 -71.46 -33.19 21.69
C ILE F 177 -71.78 -34.62 22.08
N ASN F 178 -71.12 -35.09 23.12
CA ASN F 178 -71.33 -36.42 23.64
C ASN F 178 -72.60 -36.54 24.48
N ASN F 179 -72.86 -35.55 25.33
CA ASN F 179 -74.08 -35.56 26.15
C ASN F 179 -75.35 -35.23 25.39
N ILE F 180 -75.29 -34.21 24.55
CA ILE F 180 -76.48 -33.61 24.00
C ILE F 180 -76.70 -33.97 22.53
N ALA F 181 -75.63 -34.12 21.77
CA ALA F 181 -75.75 -34.31 20.33
C ALA F 181 -76.32 -35.67 19.87
N LYS F 182 -76.01 -36.77 20.58
CA LYS F 182 -76.62 -38.09 20.26
C LYS F 182 -78.08 -38.12 20.69
N ALA F 183 -78.30 -37.82 21.97
CA ALA F 183 -79.61 -37.69 22.59
C ALA F 183 -80.56 -36.77 21.81
N HIS F 184 -80.00 -35.72 21.21
CA HIS F 184 -80.76 -34.67 20.51
C HIS F 184 -81.88 -35.14 19.57
N GLY F 185 -81.55 -36.05 18.66
CA GLY F 185 -82.49 -36.46 17.62
C GLY F 185 -82.91 -35.33 16.70
N GLY F 186 -82.00 -34.39 16.45
CA GLY F 186 -82.16 -33.37 15.41
C GLY F 186 -81.04 -33.56 14.42
N PHE F 187 -80.56 -32.46 13.82
CA PHE F 187 -79.33 -32.49 13.06
C PHE F 187 -78.30 -31.55 13.68
N SER F 188 -77.02 -31.84 13.47
CA SER F 188 -75.93 -31.01 14.00
C SER F 188 -74.87 -30.70 12.95
N VAL F 189 -74.27 -29.53 13.06
CA VAL F 189 -73.15 -29.16 12.21
C VAL F 189 -71.93 -28.91 13.10
N PHE F 190 -70.79 -29.51 12.73
CA PHE F 190 -69.51 -29.15 13.35
C PHE F 190 -68.59 -28.44 12.38
N THR F 191 -68.26 -27.19 12.70
CA THR F 191 -67.34 -26.38 11.91
C THR F 191 -66.08 -26.07 12.70
N GLY F 192 -64.99 -26.71 12.30
CA GLY F 192 -63.68 -26.49 12.90
C GLY F 192 -63.03 -25.30 12.27
N VAL F 193 -62.95 -24.20 13.04
CA VAL F 193 -62.36 -22.95 12.56
C VAL F 193 -60.99 -22.71 13.20
N GLY F 194 -59.95 -22.75 12.37
CA GLY F 194 -58.58 -22.41 12.74
C GLY F 194 -58.07 -23.11 13.98
N GLU F 195 -58.31 -24.41 14.03
CA GLU F 195 -57.88 -25.22 15.15
C GLU F 195 -57.03 -26.36 14.62
N ARG F 196 -56.83 -27.40 15.42
CA ARG F 196 -55.94 -28.50 15.03
C ARG F 196 -56.60 -29.46 14.05
N THR F 197 -55.88 -29.86 13.00
CA THR F 197 -56.39 -30.81 12.02
C THR F 197 -56.51 -32.18 12.67
N ARG F 198 -55.48 -32.50 13.44
CA ARG F 198 -55.45 -33.66 14.32
C ARG F 198 -56.74 -33.82 15.13
N GLU F 199 -57.35 -32.71 15.50
CA GLU F 199 -58.58 -32.75 16.29
C GLU F 199 -59.80 -33.04 15.45
N GLY F 200 -59.79 -32.53 14.22
CA GLY F 200 -60.87 -32.78 13.26
C GLY F 200 -60.88 -34.24 12.86
N ASN F 201 -59.67 -34.75 12.64
CA ASN F 201 -59.44 -36.15 12.38
C ASN F 201 -59.91 -37.02 13.54
N ASP F 202 -59.57 -36.59 14.75
CA ASP F 202 -59.99 -37.29 15.98
C ASP F 202 -61.51 -37.29 16.12
N LEU F 203 -62.11 -36.13 15.89
CA LEU F 203 -63.56 -35.96 15.93
C LEU F 203 -64.21 -36.91 14.93
N TYR F 204 -63.78 -36.82 13.67
CA TYR F 204 -64.27 -37.70 12.61
C TYR F 204 -64.33 -39.16 13.06
N ARG F 205 -63.23 -39.66 13.60
CA ARG F 205 -63.12 -41.03 14.11
C ARG F 205 -64.14 -41.34 15.21
N GLU F 206 -64.26 -40.44 16.18
CA GLU F 206 -65.11 -40.64 17.35
C GLU F 206 -66.58 -40.70 16.96
N MET F 207 -66.97 -39.90 15.97
CA MET F 207 -68.35 -39.86 15.46
C MET F 207 -68.72 -41.20 14.86
N LYS F 208 -67.81 -41.75 14.04
CA LYS F 208 -67.99 -43.05 13.42
C LYS F 208 -68.22 -44.15 14.46
N GLU F 209 -67.43 -44.10 15.54
CA GLU F 209 -67.51 -45.06 16.65
C GLU F 209 -68.74 -44.88 17.55
N THR F 210 -69.29 -43.67 17.60
CA THR F 210 -70.50 -43.40 18.40
C THR F 210 -71.79 -43.59 17.60
N GLY F 211 -71.63 -43.82 16.30
CA GLY F 211 -72.78 -44.06 15.43
C GLY F 211 -73.49 -42.80 14.98
N VAL F 212 -72.98 -41.65 15.41
CA VAL F 212 -73.55 -40.36 15.03
C VAL F 212 -73.24 -40.08 13.54
N ILE F 213 -72.25 -40.79 13.01
CA ILE F 213 -72.05 -40.88 11.56
C ILE F 213 -71.91 -42.36 11.18
N ASN F 214 -72.85 -42.84 10.38
CA ASN F 214 -72.71 -44.18 9.82
C ASN F 214 -72.36 -44.11 8.34
N LEU F 215 -71.08 -44.26 8.03
CA LEU F 215 -70.58 -44.16 6.66
C LEU F 215 -71.43 -44.96 5.67
N GLU F 216 -71.74 -46.22 6.00
CA GLU F 216 -72.57 -47.05 5.12
C GLU F 216 -74.03 -47.10 5.58
N GLY F 217 -74.46 -46.04 6.28
CA GLY F 217 -75.86 -45.87 6.71
C GLY F 217 -76.23 -44.41 6.58
N GLU F 218 -77.06 -43.90 7.48
CA GLU F 218 -77.37 -42.48 7.51
C GLU F 218 -76.74 -41.77 8.72
N SER F 219 -76.65 -40.44 8.67
CA SER F 219 -75.92 -39.70 9.70
C SER F 219 -76.66 -38.44 10.22
N LYS F 220 -76.33 -38.02 11.44
CA LYS F 220 -76.99 -36.89 12.11
C LYS F 220 -76.19 -35.60 11.97
N VAL F 221 -74.96 -35.70 11.45
CA VAL F 221 -73.99 -34.58 11.52
C VAL F 221 -73.07 -34.39 10.31
N ALA F 222 -73.20 -33.23 9.68
CA ALA F 222 -72.25 -32.79 8.66
C ALA F 222 -71.07 -32.09 9.32
N LEU F 223 -69.87 -32.28 8.76
CA LEU F 223 -68.66 -31.65 9.28
C LEU F 223 -68.06 -30.69 8.25
N VAL F 224 -67.67 -29.50 8.70
CA VAL F 224 -66.94 -28.55 7.86
C VAL F 224 -65.62 -28.18 8.56
N PHE F 225 -64.52 -28.20 7.83
CA PHE F 225 -63.20 -27.84 8.40
C PHE F 225 -62.40 -26.76 7.66
N GLY F 226 -61.81 -25.87 8.45
CA GLY F 226 -60.89 -24.86 7.97
C GLY F 226 -59.80 -24.70 9.00
N GLN F 227 -58.94 -25.69 9.11
CA GLN F 227 -58.02 -25.77 10.25
C GLN F 227 -56.84 -24.82 10.17
N MET F 228 -56.08 -24.73 11.27
CA MET F 228 -55.02 -23.71 11.41
C MET F 228 -53.87 -23.82 10.42
N ASN F 229 -53.88 -24.83 9.55
CA ASN F 229 -52.91 -24.89 8.48
C ASN F 229 -53.37 -24.05 7.29
N GLU F 230 -54.67 -23.80 7.21
CA GLU F 230 -55.26 -23.05 6.09
C GLU F 230 -54.98 -21.56 6.20
N PRO F 231 -54.71 -20.93 5.04
CA PRO F 231 -54.45 -19.51 4.92
C PRO F 231 -55.57 -18.68 5.52
N PRO F 232 -55.28 -17.40 5.79
CA PRO F 232 -56.21 -16.46 6.41
C PRO F 232 -57.58 -16.46 5.76
N GLY F 233 -57.62 -16.32 4.44
CA GLY F 233 -58.88 -16.27 3.71
C GLY F 233 -59.79 -17.44 4.03
N ALA F 234 -59.21 -18.63 4.12
CA ALA F 234 -59.97 -19.82 4.44
C ALA F 234 -60.49 -19.75 5.88
N ARG F 235 -59.62 -19.42 6.82
CA ARG F 235 -60.01 -19.34 8.23
C ARG F 235 -61.03 -18.22 8.51
N ALA F 236 -61.08 -17.22 7.64
CA ALA F 236 -62.05 -16.15 7.72
C ALA F 236 -63.44 -16.60 7.29
N ARG F 237 -63.49 -17.44 6.24
CA ARG F 237 -64.75 -17.76 5.58
C ARG F 237 -65.42 -19.06 6.01
N VAL F 238 -64.63 -20.03 6.46
CA VAL F 238 -65.12 -21.38 6.73
C VAL F 238 -66.23 -21.43 7.78
N ALA F 239 -66.24 -20.45 8.68
CA ALA F 239 -67.29 -20.34 9.70
C ALA F 239 -68.66 -20.14 9.06
N LEU F 240 -68.72 -19.35 7.99
CA LEU F 240 -69.99 -19.05 7.33
C LEU F 240 -70.52 -20.24 6.52
N THR F 241 -69.62 -21.02 5.92
CA THR F 241 -69.99 -22.26 5.23
C THR F 241 -70.76 -23.20 6.16
N GLY F 242 -70.16 -23.53 7.30
CA GLY F 242 -70.81 -24.37 8.29
C GLY F 242 -72.10 -23.76 8.78
N LEU F 243 -72.14 -22.44 8.85
CA LEU F 243 -73.35 -21.73 9.24
C LEU F 243 -74.46 -21.88 8.19
N THR F 244 -74.09 -21.76 6.91
CA THR F 244 -75.03 -21.90 5.78
C THR F 244 -75.78 -23.26 5.76
N ILE F 245 -75.03 -24.35 5.89
CA ILE F 245 -75.62 -25.69 6.01
C ILE F 245 -76.51 -25.76 7.24
N ALA F 246 -76.10 -25.09 8.31
CA ALA F 246 -76.88 -25.06 9.54
C ALA F 246 -78.25 -24.40 9.32
N GLU F 247 -78.25 -23.21 8.71
CA GLU F 247 -79.47 -22.42 8.48
C GLU F 247 -80.50 -23.17 7.64
N TYR F 248 -80.01 -23.89 6.63
CA TYR F 248 -80.85 -24.59 5.65
C TYR F 248 -81.81 -25.62 6.28
N PHE F 249 -81.35 -26.28 7.35
CA PHE F 249 -82.19 -27.20 8.12
C PHE F 249 -83.22 -26.44 8.96
N ARG F 250 -82.81 -25.29 9.52
CA ARG F 250 -83.68 -24.43 10.32
C ARG F 250 -84.84 -23.79 9.52
N ASP F 251 -84.57 -23.40 8.27
CA ASP F 251 -85.55 -22.65 7.49
C ASP F 251 -86.38 -23.54 6.56
N GLU F 252 -85.70 -24.38 5.79
CA GLU F 252 -86.36 -25.28 4.84
C GLU F 252 -86.94 -26.52 5.51
N GLU F 253 -86.19 -27.11 6.43
CA GLU F 253 -86.63 -28.32 7.13
C GLU F 253 -87.28 -28.02 8.48
N GLY F 254 -87.34 -26.74 8.83
CA GLY F 254 -87.96 -26.30 10.07
C GLY F 254 -87.39 -26.96 11.32
N GLN F 255 -86.16 -27.46 11.22
CA GLN F 255 -85.55 -28.25 12.28
C GLN F 255 -84.90 -27.43 13.38
N ASP F 256 -84.58 -28.12 14.48
CA ASP F 256 -83.78 -27.56 15.57
C ASP F 256 -82.35 -28.04 15.43
N VAL F 257 -81.49 -27.13 14.99
CA VAL F 257 -80.11 -27.46 14.66
C VAL F 257 -79.16 -27.13 15.80
N LEU F 258 -78.10 -27.92 15.92
CA LEU F 258 -77.04 -27.65 16.87
C LEU F 258 -75.78 -27.29 16.12
N LEU F 259 -75.27 -26.07 16.34
CA LEU F 259 -74.03 -25.63 15.67
C LEU F 259 -72.86 -25.50 16.66
N PHE F 260 -71.88 -26.39 16.52
CA PHE F 260 -70.68 -26.40 17.37
C PHE F 260 -69.51 -25.79 16.64
N ILE F 261 -69.00 -24.67 17.13
CA ILE F 261 -67.88 -23.99 16.48
C ILE F 261 -66.68 -23.84 17.41
N ASP F 262 -65.62 -24.56 17.08
CA ASP F 262 -64.33 -24.42 17.74
C ASP F 262 -63.39 -24.14 16.58
N ASN F 263 -62.79 -22.94 16.54
CA ASN F 263 -62.90 -21.89 17.54
C ASN F 263 -63.38 -20.60 16.88
N ILE F 264 -64.37 -19.93 17.46
CA ILE F 264 -64.94 -18.70 16.85
C ILE F 264 -63.98 -17.51 16.84
N PHE F 265 -63.04 -17.52 17.79
CA PHE F 265 -62.00 -16.50 17.86
C PHE F 265 -61.15 -16.53 16.59
N ARG F 266 -60.90 -17.72 16.06
CA ARG F 266 -60.01 -17.83 14.92
C ARG F 266 -60.52 -17.06 13.71
N PHE F 267 -61.83 -16.80 13.68
CA PHE F 267 -62.49 -16.01 12.62
C PHE F 267 -62.07 -14.55 12.65
N THR F 268 -62.10 -13.92 13.81
CA THR F 268 -61.65 -12.54 13.92
C THR F 268 -60.14 -12.42 13.67
N GLN F 269 -59.37 -13.34 14.25
CA GLN F 269 -57.93 -13.39 14.08
C GLN F 269 -57.60 -13.35 12.59
N ALA F 270 -58.31 -14.19 11.84
CA ALA F 270 -58.11 -14.32 10.39
C ALA F 270 -58.36 -12.99 9.71
N GLY F 271 -59.46 -12.34 10.09
CA GLY F 271 -59.81 -11.01 9.57
C GLY F 271 -58.72 -9.98 9.81
N SER F 272 -58.07 -10.08 10.97
CA SER F 272 -56.96 -9.18 11.32
C SER F 272 -55.75 -9.40 10.42
N GLU F 273 -55.45 -10.65 10.11
CA GLU F 273 -54.33 -11.00 9.23
C GLU F 273 -54.44 -10.37 7.83
N VAL F 274 -55.65 -10.21 7.31
CA VAL F 274 -55.82 -9.56 6.01
C VAL F 274 -56.09 -8.05 6.11
N SER F 275 -56.63 -7.62 7.25
CA SER F 275 -57.17 -6.26 7.41
C SER F 275 -56.20 -5.15 7.01
N ALA F 276 -54.91 -5.37 7.30
CA ALA F 276 -53.85 -4.44 6.92
C ALA F 276 -53.77 -4.35 5.40
N LEU F 277 -53.72 -5.53 4.77
CA LEU F 277 -53.55 -5.65 3.33
C LEU F 277 -54.80 -5.27 2.55
N LEU F 278 -55.90 -5.04 3.25
CA LEU F 278 -57.07 -4.47 2.60
C LEU F 278 -56.99 -2.93 2.66
N GLY F 279 -55.93 -2.43 3.29
CA GLY F 279 -55.69 -0.99 3.41
C GLY F 279 -56.52 -0.30 4.48
N ARG F 280 -56.98 -1.06 5.46
CA ARG F 280 -57.66 -0.47 6.60
C ARG F 280 -56.64 -0.04 7.65
N ILE F 281 -56.79 1.20 8.12
CA ILE F 281 -56.04 1.72 9.28
C ILE F 281 -56.34 0.84 10.48
N PRO F 282 -55.30 0.34 11.16
CA PRO F 282 -55.55 -0.59 12.25
C PRO F 282 -56.34 0.04 13.41
N SER F 283 -57.08 -0.81 14.12
CA SER F 283 -57.91 -0.38 15.24
C SER F 283 -57.18 -0.74 16.55
N ALA F 284 -57.86 -0.57 17.69
CA ALA F 284 -57.25 -0.91 18.99
C ALA F 284 -56.60 -2.28 18.94
N VAL F 285 -55.37 -2.36 19.43
CA VAL F 285 -54.54 -3.59 19.41
C VAL F 285 -54.36 -4.23 18.02
N GLY F 286 -54.41 -3.41 16.97
CA GLY F 286 -54.12 -3.89 15.62
C GLY F 286 -55.23 -4.68 14.95
N TYR F 287 -56.41 -4.69 15.54
CA TYR F 287 -57.56 -5.37 14.94
C TYR F 287 -58.20 -4.52 13.86
N GLN F 288 -58.97 -5.16 12.98
CA GLN F 288 -59.78 -4.46 11.97
C GLN F 288 -60.74 -3.42 12.56
N PRO F 289 -60.92 -2.29 11.87
CA PRO F 289 -61.96 -1.36 12.34
C PRO F 289 -63.35 -1.97 12.25
N THR F 290 -63.47 -3.05 11.47
CA THR F 290 -64.77 -3.66 11.15
C THR F 290 -65.11 -4.86 12.06
N LEU F 291 -64.32 -5.01 13.12
CA LEU F 291 -64.40 -6.14 14.02
C LEU F 291 -65.78 -6.48 14.58
N ALA F 292 -66.56 -5.47 14.93
CA ALA F 292 -67.84 -5.67 15.62
C ALA F 292 -68.99 -5.93 14.65
N THR F 293 -68.92 -5.33 13.47
CA THR F 293 -69.92 -5.57 12.44
C THR F 293 -69.63 -6.88 11.74
N ASP F 294 -68.34 -7.20 11.57
CA ASP F 294 -67.95 -8.49 10.99
C ASP F 294 -68.51 -9.63 11.84
N MET F 295 -68.40 -9.47 13.16
CA MET F 295 -68.87 -10.48 14.09
C MET F 295 -70.39 -10.54 14.10
N GLY F 296 -71.04 -9.38 14.00
CA GLY F 296 -72.50 -9.32 13.91
C GLY F 296 -73.01 -10.01 12.67
N LEU F 297 -72.35 -9.76 11.54
CA LEU F 297 -72.78 -10.30 10.22
C LEU F 297 -72.74 -11.83 10.17
N LEU F 298 -71.91 -12.43 11.03
CA LEU F 298 -71.93 -13.86 11.26
C LEU F 298 -72.95 -14.17 12.36
N GLN F 299 -72.68 -13.69 13.57
CA GLN F 299 -73.44 -14.10 14.76
C GLN F 299 -74.95 -13.91 14.66
N GLU F 300 -75.38 -12.79 14.07
CA GLU F 300 -76.81 -12.50 13.89
C GLU F 300 -77.53 -13.52 12.99
N ARG F 301 -76.76 -14.27 12.21
CA ARG F 301 -77.32 -15.30 11.37
C ARG F 301 -77.62 -16.53 12.20
N ILE F 302 -76.78 -16.80 13.19
CA ILE F 302 -76.98 -17.91 14.12
C ILE F 302 -78.03 -17.52 15.17
N THR F 303 -79.27 -17.96 14.96
CA THR F 303 -80.39 -17.58 15.84
C THR F 303 -81.64 -18.42 15.58
N THR F 304 -82.65 -18.25 16.43
CA THR F 304 -83.90 -19.00 16.35
C THR F 304 -85.01 -18.16 15.69
N THR F 305 -85.41 -18.54 14.48
CA THR F 305 -86.51 -17.83 13.80
C THR F 305 -87.84 -18.47 14.18
N LYS F 306 -88.91 -18.10 13.49
CA LYS F 306 -90.21 -18.71 13.74
C LYS F 306 -90.33 -20.04 12.98
N LYS F 307 -89.45 -20.21 12.00
CA LYS F 307 -89.45 -21.35 11.10
C LYS F 307 -88.75 -22.58 11.70
N GLY F 308 -87.86 -22.32 12.67
CA GLY F 308 -87.03 -23.36 13.26
C GLY F 308 -85.98 -22.76 14.19
N SER F 309 -85.21 -23.63 14.84
CA SER F 309 -84.33 -23.20 15.93
C SER F 309 -82.85 -23.55 15.71
N VAL F 310 -81.95 -22.74 16.27
CA VAL F 310 -80.52 -23.10 16.32
C VAL F 310 -79.96 -22.92 17.74
N THR F 311 -79.42 -24.00 18.30
CA THR F 311 -78.69 -23.91 19.56
C THR F 311 -77.21 -24.02 19.22
N SER F 312 -76.43 -23.00 19.54
CA SER F 312 -75.00 -23.09 19.25
C SER F 312 -74.15 -22.90 20.50
N VAL F 313 -73.14 -23.78 20.60
CA VAL F 313 -72.08 -23.69 21.60
C VAL F 313 -70.76 -23.41 20.84
N GLN F 314 -70.05 -22.37 21.25
CA GLN F 314 -68.81 -21.99 20.58
C GLN F 314 -67.64 -21.81 21.56
N ALA F 315 -66.54 -22.50 21.30
CA ALA F 315 -65.31 -22.26 22.05
C ALA F 315 -64.69 -20.93 21.59
N VAL F 316 -64.23 -20.14 22.56
CA VAL F 316 -63.63 -18.84 22.29
C VAL F 316 -62.24 -18.75 22.91
N TYR F 317 -61.24 -18.65 22.04
CA TYR F 317 -59.86 -18.44 22.47
C TYR F 317 -59.73 -17.04 23.07
N VAL F 318 -58.76 -16.92 23.97
CA VAL F 318 -58.52 -15.69 24.70
C VAL F 318 -57.01 -15.46 24.64
N PRO F 319 -56.56 -14.46 23.84
CA PRO F 319 -55.13 -14.21 23.67
C PRO F 319 -54.50 -13.73 24.97
N ALA F 320 -53.35 -14.30 25.29
CA ALA F 320 -52.56 -13.93 26.46
C ALA F 320 -53.40 -13.85 27.72
N ASP F 321 -54.36 -14.77 27.84
CA ASP F 321 -55.33 -14.82 28.96
C ASP F 321 -55.97 -13.48 29.22
N ASP F 322 -56.36 -12.78 28.17
CA ASP F 322 -56.87 -11.42 28.27
C ASP F 322 -58.34 -11.32 27.80
N LEU F 323 -59.27 -11.39 28.75
CA LEU F 323 -60.69 -11.30 28.45
C LEU F 323 -61.12 -9.95 27.93
N THR F 324 -60.23 -8.95 28.03
CA THR F 324 -60.54 -7.59 27.53
C THR F 324 -59.89 -7.30 26.18
N ASP F 325 -59.26 -8.31 25.60
CA ASP F 325 -58.82 -8.23 24.21
C ASP F 325 -60.07 -8.06 23.37
N PRO F 326 -60.04 -7.14 22.39
CA PRO F 326 -61.22 -6.80 21.57
C PRO F 326 -62.05 -7.98 21.08
N ALA F 327 -61.41 -9.01 20.51
CA ALA F 327 -62.16 -10.17 19.96
C ALA F 327 -63.16 -10.82 20.94
N PRO F 328 -62.68 -11.44 22.03
CA PRO F 328 -63.67 -12.06 22.90
C PRO F 328 -64.51 -11.02 23.65
N ALA F 329 -63.96 -9.83 23.84
CA ALA F 329 -64.71 -8.77 24.51
C ALA F 329 -66.00 -8.49 23.74
N THR F 330 -65.89 -8.39 22.41
CA THR F 330 -67.02 -8.08 21.52
C THR F 330 -68.07 -9.18 21.45
N THR F 331 -67.63 -10.44 21.61
CA THR F 331 -68.50 -11.61 21.54
C THR F 331 -69.55 -11.67 22.64
N PHE F 332 -69.19 -11.28 23.86
CA PHE F 332 -70.10 -11.34 25.01
C PHE F 332 -71.46 -10.79 24.69
N ALA F 333 -71.51 -9.87 23.74
CA ALA F 333 -72.76 -9.29 23.27
C ALA F 333 -73.72 -10.32 22.69
N HIS F 334 -73.18 -11.33 22.02
CA HIS F 334 -73.99 -12.26 21.24
C HIS F 334 -74.46 -13.48 22.00
N LEU F 335 -74.05 -13.59 23.26
CA LEU F 335 -74.21 -14.86 23.97
C LEU F 335 -75.28 -14.82 25.05
N ASP F 336 -76.19 -15.80 25.00
CA ASP F 336 -77.22 -15.95 26.01
C ASP F 336 -76.65 -16.64 27.25
N ALA F 337 -75.56 -17.38 27.04
CA ALA F 337 -74.90 -18.11 28.11
C ALA F 337 -73.41 -18.12 27.89
N THR F 338 -72.67 -17.73 28.93
CA THR F 338 -71.21 -17.82 28.91
C THR F 338 -70.67 -18.66 30.05
N THR F 339 -69.86 -19.67 29.72
CA THR F 339 -69.07 -20.37 30.73
C THR F 339 -67.59 -20.11 30.49
N VAL F 340 -66.95 -19.56 31.52
CA VAL F 340 -65.60 -19.03 31.40
C VAL F 340 -64.61 -19.91 32.14
N LEU F 341 -63.61 -20.38 31.40
CA LEU F 341 -62.64 -21.31 31.95
C LEU F 341 -61.37 -20.59 32.40
N SER F 342 -61.16 -20.58 33.71
CA SER F 342 -60.03 -19.89 34.32
C SER F 342 -58.80 -20.78 34.49
N ARG F 343 -57.66 -20.30 33.99
CA ARG F 343 -56.38 -21.00 34.15
C ARG F 343 -56.09 -21.25 35.63
N GLY F 344 -56.19 -20.19 36.44
CA GLY F 344 -56.07 -20.29 37.89
C GLY F 344 -56.79 -21.50 38.48
N ILE F 345 -58.06 -21.65 38.13
CA ILE F 345 -58.83 -22.83 38.56
C ILE F 345 -58.23 -24.14 38.02
N SER F 346 -58.00 -24.22 36.70
CA SER F 346 -57.49 -25.46 36.07
C SER F 346 -56.16 -25.92 36.67
N GLU F 347 -55.44 -24.94 37.21
CA GLU F 347 -54.16 -25.19 37.84
C GLU F 347 -54.30 -25.63 39.30
N LEU F 348 -55.52 -25.56 39.84
CA LEU F 348 -55.80 -26.15 41.15
C LEU F 348 -56.39 -27.56 41.02
N GLY F 349 -56.39 -28.12 39.81
CA GLY F 349 -56.93 -29.46 39.53
C GLY F 349 -58.43 -29.54 39.28
N ILE F 350 -59.11 -28.42 39.40
CA ILE F 350 -60.57 -28.36 39.30
C ILE F 350 -61.02 -28.33 37.84
N TYR F 351 -61.41 -29.49 37.32
CA TYR F 351 -61.96 -29.59 35.97
C TYR F 351 -63.44 -29.98 35.96
N PRO F 352 -64.23 -29.39 35.05
CA PRO F 352 -63.84 -28.28 34.17
C PRO F 352 -63.45 -27.02 34.96
N ALA F 353 -62.60 -26.19 34.38
CA ALA F 353 -62.14 -24.97 35.06
C ALA F 353 -63.10 -23.78 34.96
N VAL F 354 -64.39 -24.01 35.24
CA VAL F 354 -65.42 -22.98 35.16
C VAL F 354 -65.33 -22.00 36.32
N ASP F 355 -65.19 -20.70 36.01
CA ASP F 355 -65.30 -19.65 37.02
C ASP F 355 -66.76 -19.46 37.42
N PRO F 356 -67.10 -19.85 38.67
CA PRO F 356 -68.45 -19.97 39.19
C PRO F 356 -69.14 -18.63 39.38
N LEU F 357 -68.41 -17.56 39.17
CA LEU F 357 -68.93 -16.21 39.34
C LEU F 357 -68.87 -15.50 38.01
N ASP F 358 -67.75 -15.65 37.33
CA ASP F 358 -67.52 -14.95 36.06
C ASP F 358 -68.34 -15.52 34.89
N SER F 359 -68.96 -16.67 35.11
CA SER F 359 -69.82 -17.32 34.11
C SER F 359 -71.28 -16.87 34.28
N LYS F 360 -71.97 -16.61 33.18
CA LYS F 360 -73.29 -16.02 33.24
C LYS F 360 -74.31 -16.65 32.31
N SER F 361 -75.54 -16.74 32.78
CA SER F 361 -76.65 -17.19 31.95
C SER F 361 -77.83 -16.26 32.05
N ARG F 362 -78.42 -16.01 30.88
CA ARG F 362 -79.64 -15.25 30.73
C ARG F 362 -80.77 -15.93 31.49
N LEU F 363 -80.74 -17.26 31.53
CA LEU F 363 -81.82 -18.05 32.08
C LEU F 363 -81.82 -18.18 33.61
N LEU F 364 -80.77 -17.71 34.28
CA LEU F 364 -80.76 -17.79 35.75
C LEU F 364 -81.73 -16.77 36.37
N ASP F 365 -83.01 -17.08 36.23
CA ASP F 365 -84.09 -16.32 36.83
C ASP F 365 -84.96 -17.32 37.57
N ALA F 366 -85.54 -16.88 38.69
CA ALA F 366 -86.38 -17.73 39.55
C ALA F 366 -87.63 -18.24 38.83
N ALA F 367 -88.07 -17.49 37.82
CA ALA F 367 -89.29 -17.84 37.09
C ALA F 367 -88.99 -18.54 35.77
N VAL F 368 -87.79 -19.10 35.66
CA VAL F 368 -87.45 -19.97 34.54
C VAL F 368 -86.92 -21.28 35.12
N VAL F 369 -86.25 -21.16 36.26
CA VAL F 369 -85.59 -22.29 36.90
C VAL F 369 -86.31 -22.74 38.18
N GLY F 370 -87.21 -21.90 38.68
CA GLY F 370 -87.83 -22.12 40.00
C GLY F 370 -87.10 -21.32 41.07
N GLN F 371 -87.87 -20.73 41.98
CA GLN F 371 -87.31 -19.94 43.09
C GLN F 371 -86.38 -20.79 43.94
N GLU F 372 -86.76 -22.06 44.12
CA GLU F 372 -85.96 -23.02 44.87
C GLU F 372 -84.60 -23.27 44.23
N HIS F 373 -84.59 -23.47 42.92
CA HIS F 373 -83.36 -23.60 42.13
C HIS F 373 -82.54 -22.31 42.20
N TYR F 374 -83.22 -21.17 42.04
CA TYR F 374 -82.58 -19.85 42.06
C TYR F 374 -81.84 -19.57 43.37
N ASP F 375 -82.50 -19.87 44.49
CA ASP F 375 -81.96 -19.55 45.81
C ASP F 375 -80.65 -20.28 46.13
N VAL F 376 -80.58 -21.54 45.73
CA VAL F 376 -79.39 -22.38 45.98
C VAL F 376 -78.15 -21.75 45.32
N ALA F 377 -78.21 -21.59 43.99
CA ALA F 377 -77.11 -21.04 43.20
C ALA F 377 -76.71 -19.66 43.67
N SER F 378 -77.69 -18.85 44.03
CA SER F 378 -77.43 -17.52 44.56
C SER F 378 -76.50 -17.59 45.76
N LYS F 379 -76.85 -18.43 46.74
CA LYS F 379 -76.08 -18.50 47.98
C LYS F 379 -74.71 -19.14 47.78
N VAL F 380 -74.64 -20.12 46.86
CA VAL F 380 -73.36 -20.69 46.41
C VAL F 380 -72.44 -19.54 45.97
N GLN F 381 -72.97 -18.68 45.10
CA GLN F 381 -72.25 -17.51 44.61
C GLN F 381 -71.85 -16.56 45.74
N GLU F 382 -72.78 -16.29 46.65
CA GLU F 382 -72.52 -15.50 47.86
C GLU F 382 -71.31 -16.04 48.60
N THR F 383 -71.32 -17.36 48.80
CA THR F 383 -70.29 -18.09 49.52
C THR F 383 -68.95 -17.97 48.79
N LEU F 384 -68.98 -18.30 47.50
CA LEU F 384 -67.79 -18.27 46.66
C LEU F 384 -67.18 -16.87 46.52
N GLN F 385 -68.02 -15.85 46.52
CA GLN F 385 -67.57 -14.45 46.55
C GLN F 385 -66.94 -14.07 47.90
N THR F 386 -67.41 -14.69 48.99
CA THR F 386 -66.83 -14.43 50.32
C THR F 386 -65.44 -15.09 50.47
N TYR F 387 -65.32 -16.32 50.00
CA TYR F 387 -64.02 -17.01 49.95
C TYR F 387 -63.04 -16.27 49.04
N LYS F 388 -63.55 -15.66 47.97
CA LYS F 388 -62.76 -14.82 47.06
C LYS F 388 -62.37 -13.52 47.76
N SER F 389 -63.30 -12.94 48.51
CA SER F 389 -63.09 -11.68 49.23
C SER F 389 -62.07 -11.82 50.37
N LEU F 390 -61.72 -13.07 50.70
CA LEU F 390 -60.76 -13.32 51.75
C LEU F 390 -59.46 -13.92 51.21
N GLN F 391 -59.48 -14.40 49.98
CA GLN F 391 -58.33 -15.11 49.35
C GLN F 391 -56.95 -14.61 49.80
N ASP F 392 -56.78 -13.29 49.81
CA ASP F 392 -55.48 -12.67 50.07
C ASP F 392 -55.14 -12.58 51.56
N ILE F 393 -56.15 -12.29 52.39
CA ILE F 393 -56.02 -12.39 53.86
C ILE F 393 -55.50 -13.78 54.25
N ILE F 394 -56.04 -14.81 53.61
CA ILE F 394 -55.64 -16.19 53.83
C ILE F 394 -54.24 -16.43 53.29
N ALA F 395 -54.06 -16.21 51.98
CA ALA F 395 -52.78 -16.46 51.32
C ALA F 395 -51.59 -15.88 52.09
N ILE F 396 -51.78 -14.69 52.66
CA ILE F 396 -50.74 -14.05 53.47
C ILE F 396 -50.71 -14.61 54.88
N LEU F 397 -51.84 -14.50 55.59
CA LEU F 397 -51.89 -14.73 57.05
C LEU F 397 -52.47 -16.07 57.50
N GLY F 398 -53.06 -16.82 56.57
CA GLY F 398 -53.63 -18.12 56.89
C GLY F 398 -54.99 -18.04 57.55
N MET F 399 -55.55 -19.22 57.84
CA MET F 399 -56.89 -19.36 58.42
C MET F 399 -56.98 -18.80 59.83
N ASP F 400 -55.83 -18.80 60.52
CA ASP F 400 -55.73 -18.44 61.94
C ASP F 400 -56.20 -17.03 62.28
N GLU F 401 -56.16 -16.14 61.28
CA GLU F 401 -56.52 -14.74 61.51
C GLU F 401 -57.96 -14.39 61.10
N LEU F 402 -58.79 -15.41 60.88
CA LEU F 402 -60.19 -15.22 60.47
C LEU F 402 -61.22 -15.41 61.58
N SER F 403 -62.25 -14.54 61.60
CA SER F 403 -63.37 -14.67 62.54
C SER F 403 -64.09 -15.98 62.28
N GLU F 404 -64.71 -16.53 63.33
CA GLU F 404 -65.24 -17.90 63.27
C GLU F 404 -66.33 -18.13 62.22
N GLN F 405 -67.13 -17.10 61.96
CA GLN F 405 -68.10 -17.13 60.85
C GLN F 405 -67.36 -17.36 59.54
N ASP F 406 -66.42 -16.46 59.25
CA ASP F 406 -65.64 -16.50 58.03
C ASP F 406 -65.00 -17.87 57.87
N LYS F 407 -64.30 -18.29 58.91
CA LYS F 407 -63.59 -19.57 58.91
C LYS F 407 -64.51 -20.73 58.49
N LEU F 408 -65.80 -20.63 58.85
CA LEU F 408 -66.78 -21.65 58.49
C LEU F 408 -67.20 -21.54 57.03
N THR F 409 -67.49 -20.31 56.58
CA THR F 409 -67.96 -20.11 55.20
C THR F 409 -66.82 -20.43 54.21
N VAL F 410 -65.57 -20.38 54.69
CA VAL F 410 -64.42 -20.84 53.91
C VAL F 410 -64.33 -22.39 53.85
N GLU F 411 -64.61 -23.06 54.97
CA GLU F 411 -64.61 -24.54 55.02
C GLU F 411 -65.70 -25.13 54.14
N ARG F 412 -66.80 -24.40 54.02
CA ARG F 412 -67.95 -24.80 53.21
C ARG F 412 -67.69 -24.56 51.72
N ALA F 413 -67.17 -23.38 51.40
CA ALA F 413 -66.86 -22.97 50.02
C ALA F 413 -65.75 -23.81 49.39
N ARG F 414 -64.80 -24.26 50.20
CA ARG F 414 -63.72 -25.11 49.73
C ARG F 414 -64.26 -26.45 49.28
N LYS F 415 -65.30 -26.94 49.98
CA LYS F 415 -66.03 -28.15 49.58
C LYS F 415 -66.84 -27.87 48.31
N ILE F 416 -67.59 -26.77 48.33
CA ILE F 416 -68.39 -26.32 47.20
C ILE F 416 -67.58 -26.23 45.91
N GLN F 417 -66.38 -25.66 45.98
CA GLN F 417 -65.52 -25.48 44.80
C GLN F 417 -65.07 -26.80 44.17
N ARG F 418 -64.78 -27.79 45.00
CA ARG F 418 -64.41 -29.14 44.55
C ARG F 418 -65.62 -29.93 44.06
N PHE F 419 -66.79 -29.59 44.60
CA PHE F 419 -68.05 -30.25 44.27
C PHE F 419 -68.52 -29.89 42.86
N LEU F 420 -68.08 -28.72 42.38
CA LEU F 420 -68.41 -28.25 41.04
C LEU F 420 -67.51 -28.88 39.98
N SER F 421 -66.39 -29.48 40.42
CA SER F 421 -65.54 -30.24 39.51
C SER F 421 -66.10 -31.64 39.35
N GLN F 422 -66.04 -32.13 38.12
CA GLN F 422 -66.79 -33.31 37.72
C GLN F 422 -66.00 -34.12 36.71
N PRO F 423 -65.99 -35.46 36.86
CA PRO F 423 -65.36 -36.32 35.86
C PRO F 423 -66.15 -36.34 34.55
N PHE F 424 -65.45 -36.00 33.47
CA PHE F 424 -66.04 -35.92 32.15
C PHE F 424 -65.78 -37.20 31.36
N ALA F 425 -66.84 -37.75 30.77
CA ALA F 425 -66.77 -38.97 29.99
C ALA F 425 -65.63 -38.93 28.95
N VAL F 426 -65.56 -37.83 28.20
CA VAL F 426 -64.55 -37.65 27.14
C VAL F 426 -63.14 -37.38 27.69
N ALA F 427 -63.05 -37.01 28.96
CA ALA F 427 -61.75 -36.73 29.58
C ALA F 427 -61.18 -37.93 30.31
N GLU F 428 -61.71 -39.12 30.01
CA GLU F 428 -61.36 -40.34 30.72
C GLU F 428 -59.86 -40.64 30.68
N VAL F 429 -59.23 -40.33 29.55
CA VAL F 429 -57.80 -40.53 29.36
C VAL F 429 -56.92 -39.67 30.30
N PHE F 430 -57.49 -38.60 30.83
CA PHE F 430 -56.73 -37.67 31.68
C PHE F 430 -57.07 -37.83 33.15
N THR F 431 -58.36 -38.03 33.43
CA THR F 431 -58.87 -38.27 34.75
C THR F 431 -58.33 -39.57 35.36
N GLY F 432 -58.49 -40.67 34.61
CA GLY F 432 -58.21 -42.03 35.11
C GLY F 432 -59.42 -42.53 35.88
N ILE F 433 -60.52 -41.80 35.74
CA ILE F 433 -61.74 -41.97 36.52
C ILE F 433 -62.89 -42.12 35.53
N PRO F 434 -63.89 -42.96 35.85
CA PRO F 434 -65.08 -43.04 34.99
C PRO F 434 -65.88 -41.73 35.02
N GLY F 435 -66.49 -41.39 33.88
CA GLY F 435 -67.22 -40.13 33.72
C GLY F 435 -68.66 -40.17 34.20
N LYS F 436 -69.08 -39.12 34.90
CA LYS F 436 -70.44 -39.02 35.43
C LYS F 436 -71.26 -37.94 34.70
N LEU F 437 -72.58 -38.08 34.74
CA LEU F 437 -73.51 -37.15 34.08
C LEU F 437 -74.66 -36.79 35.03
N VAL F 438 -74.39 -35.96 36.04
CA VAL F 438 -75.37 -35.58 37.06
C VAL F 438 -76.62 -34.89 36.46
N ARG F 439 -77.79 -35.17 37.02
CA ARG F 439 -79.05 -34.55 36.55
C ARG F 439 -79.33 -33.20 37.23
N LEU F 440 -79.90 -32.26 36.48
CA LEU F 440 -80.18 -30.91 36.98
C LEU F 440 -80.90 -30.91 38.32
N LYS F 441 -81.92 -31.74 38.46
CA LYS F 441 -82.67 -31.87 39.71
C LYS F 441 -81.79 -32.42 40.81
N ASP F 442 -80.89 -33.33 40.43
CA ASP F 442 -79.90 -33.92 41.32
C ASP F 442 -78.94 -32.85 41.82
N THR F 443 -78.37 -32.08 40.89
CA THR F 443 -77.41 -31.00 41.18
C THR F 443 -77.92 -29.99 42.22
N VAL F 444 -79.18 -29.57 42.08
CA VAL F 444 -79.75 -28.57 43.00
C VAL F 444 -79.84 -29.13 44.42
N ALA F 445 -80.58 -30.24 44.57
CA ALA F 445 -80.81 -30.87 45.87
C ALA F 445 -79.50 -31.15 46.60
N SER F 446 -78.53 -31.66 45.87
CA SER F 446 -77.21 -31.94 46.40
C SER F 446 -76.59 -30.71 47.06
N PHE F 447 -76.53 -29.61 46.31
CA PHE F 447 -75.91 -28.38 46.78
C PHE F 447 -76.73 -27.66 47.84
N LYS F 448 -78.05 -27.81 47.78
CA LYS F 448 -78.92 -27.28 48.83
C LYS F 448 -78.53 -27.92 50.18
N ALA F 449 -78.34 -29.23 50.17
CA ALA F 449 -77.97 -29.99 51.36
C ALA F 449 -76.65 -29.51 51.97
N VAL F 450 -75.64 -29.33 51.11
CA VAL F 450 -74.31 -28.87 51.52
C VAL F 450 -74.36 -27.45 52.11
N LEU F 451 -75.23 -26.62 51.54
CA LEU F 451 -75.51 -25.28 52.07
C LEU F 451 -76.16 -25.36 53.45
N GLU F 452 -77.03 -26.35 53.64
CA GLU F 452 -77.72 -26.56 54.91
C GLU F 452 -76.83 -27.18 56.00
N GLY F 453 -75.56 -27.42 55.66
CA GLY F 453 -74.54 -27.84 56.63
C GLY F 453 -74.44 -29.34 56.88
N LYS F 454 -75.19 -30.12 56.11
CA LYS F 454 -75.35 -31.55 56.36
C LYS F 454 -74.07 -32.37 56.17
N TYR F 455 -73.06 -31.78 55.53
CA TYR F 455 -71.85 -32.52 55.17
C TYR F 455 -70.57 -31.76 55.53
N ASP F 456 -70.58 -31.11 56.69
CA ASP F 456 -69.42 -30.33 57.15
C ASP F 456 -68.29 -31.22 57.68
N ASN F 457 -68.67 -32.26 58.43
CA ASN F 457 -67.71 -33.21 59.02
C ASN F 457 -66.97 -34.08 57.99
N ILE F 458 -67.59 -34.31 56.84
CA ILE F 458 -67.03 -35.11 55.76
C ILE F 458 -65.74 -34.49 55.21
N PRO F 459 -64.72 -35.31 54.90
CA PRO F 459 -63.50 -34.83 54.23
C PRO F 459 -63.81 -34.04 52.97
N GLU F 460 -63.01 -33.01 52.70
CA GLU F 460 -63.18 -32.22 51.48
C GLU F 460 -62.91 -33.05 50.23
N HIS F 461 -61.88 -33.90 50.28
CA HIS F 461 -61.46 -34.68 49.11
C HIS F 461 -62.55 -35.67 48.62
N ALA F 462 -63.55 -35.92 49.47
CA ALA F 462 -64.67 -36.80 49.10
C ALA F 462 -65.58 -36.13 48.08
N PHE F 463 -65.48 -34.80 48.00
CA PHE F 463 -66.25 -33.98 47.06
C PHE F 463 -65.53 -33.85 45.74
N TYR F 464 -64.23 -34.11 45.76
CA TYR F 464 -63.44 -33.98 44.56
C TYR F 464 -63.84 -35.03 43.51
N MET F 465 -64.11 -34.54 42.30
CA MET F 465 -64.33 -35.37 41.12
C MET F 465 -65.34 -36.51 41.36
N VAL F 466 -66.59 -36.13 41.61
CA VAL F 466 -67.68 -37.09 41.85
C VAL F 466 -68.91 -36.74 41.00
N GLY F 467 -69.99 -37.48 41.23
CA GLY F 467 -71.27 -37.18 40.59
C GLY F 467 -72.12 -36.29 41.48
N GLY F 468 -73.20 -36.85 42.02
CA GLY F 468 -74.07 -36.13 42.94
C GLY F 468 -73.74 -36.40 44.39
N ILE F 469 -74.63 -35.97 45.29
CA ILE F 469 -74.38 -36.06 46.72
C ILE F 469 -74.05 -37.49 47.20
N GLU F 470 -74.76 -38.48 46.66
CA GLU F 470 -74.57 -39.88 47.06
C GLU F 470 -73.16 -40.40 46.79
N ASP F 471 -72.55 -39.92 45.70
CA ASP F 471 -71.17 -40.27 45.34
C ASP F 471 -70.18 -39.74 46.37
N VAL F 472 -70.52 -38.63 47.02
CA VAL F 472 -69.64 -38.03 48.01
C VAL F 472 -69.49 -38.95 49.21
N VAL F 473 -70.63 -39.38 49.76
CA VAL F 473 -70.69 -40.34 50.86
C VAL F 473 -70.10 -41.69 50.43
N ALA F 474 -70.49 -42.14 49.23
CA ALA F 474 -69.98 -43.40 48.66
C ALA F 474 -68.45 -43.43 48.66
N LYS F 475 -67.85 -42.30 48.25
CA LYS F 475 -66.40 -42.14 48.24
C LYS F 475 -65.82 -41.78 49.61
N ALA F 476 -66.63 -41.15 50.47
CA ALA F 476 -66.20 -40.77 51.83
C ALA F 476 -65.85 -42.01 52.65
N GLU F 477 -66.65 -43.05 52.48
CA GLU F 477 -66.43 -44.34 53.11
C GLU F 477 -65.21 -45.06 52.51
N LYS F 478 -65.03 -44.98 51.19
CA LYS F 478 -63.81 -45.49 50.55
C LYS F 478 -62.57 -44.87 51.18
N LEU F 479 -62.72 -43.64 51.63
CA LEU F 479 -61.65 -42.92 52.33
C LEU F 479 -61.62 -43.23 53.83
N ALA F 480 -62.58 -43.99 54.32
CA ALA F 480 -62.62 -44.37 55.74
C ALA F 480 -61.61 -45.48 56.02
N ALA F 481 -61.83 -46.67 55.44
CA ALA F 481 -60.86 -47.77 55.53
C ALA F 481 -60.70 -48.48 54.19
N ALA G 1 -55.96 -4.85 35.57
CA ALA G 1 -55.57 -4.68 34.15
C ALA G 1 -54.73 -3.43 33.97
N THR G 2 -55.05 -2.40 34.74
CA THR G 2 -54.43 -1.09 34.53
C THR G 2 -53.22 -0.88 35.41
N LEU G 3 -52.17 -0.33 34.79
CA LEU G 3 -50.87 -0.07 35.42
C LEU G 3 -50.97 0.62 36.78
N LYS G 4 -51.92 1.55 36.88
CA LYS G 4 -52.32 2.16 38.15
C LYS G 4 -52.75 1.08 39.17
N GLU G 5 -53.76 0.27 38.79
CA GLU G 5 -54.27 -0.83 39.63
C GLU G 5 -53.21 -1.83 40.03
N VAL G 6 -52.30 -2.13 39.11
CA VAL G 6 -51.23 -3.06 39.39
C VAL G 6 -50.18 -2.37 40.26
N GLU G 7 -49.95 -1.07 40.03
CA GLU G 7 -49.04 -0.29 40.86
C GLU G 7 -49.48 -0.25 42.32
N MET G 8 -50.79 -0.09 42.56
CA MET G 8 -51.32 -0.05 43.93
C MET G 8 -51.24 -1.42 44.59
N ARG G 9 -51.56 -2.47 43.82
CA ARG G 9 -51.57 -3.82 44.37
C ARG G 9 -50.18 -4.28 44.74
N LEU G 10 -49.18 -3.82 43.99
CA LEU G 10 -47.79 -4.17 44.29
C LEU G 10 -47.30 -3.41 45.53
N LYS G 11 -47.77 -2.18 45.71
CA LYS G 11 -47.37 -1.38 46.88
C LYS G 11 -47.97 -1.88 48.20
N SER G 12 -49.28 -2.11 48.23
CA SER G 12 -49.95 -2.62 49.45
C SER G 12 -49.45 -4.01 49.87
N ILE G 13 -48.95 -4.80 48.93
CA ILE G 13 -48.36 -6.10 49.23
C ILE G 13 -46.99 -5.93 49.89
N LYS G 14 -46.09 -5.19 49.23
CA LYS G 14 -44.74 -4.90 49.77
C LYS G 14 -44.82 -4.18 51.11
N ASN G 15 -45.84 -3.32 51.27
CA ASN G 15 -46.09 -2.65 52.54
C ASN G 15 -46.47 -3.65 53.63
N ILE G 16 -47.48 -4.49 53.37
CA ILE G 16 -47.80 -5.62 54.23
C ILE G 16 -46.52 -6.37 54.60
N GLU G 17 -45.67 -6.59 53.60
CA GLU G 17 -44.42 -7.33 53.78
C GLU G 17 -43.36 -6.61 54.61
N LYS G 18 -43.45 -5.29 54.71
CA LYS G 18 -42.62 -4.59 55.69
C LYS G 18 -43.24 -4.76 57.08
N ILE G 19 -44.54 -4.51 57.19
CA ILE G 19 -45.29 -4.65 58.45
C ILE G 19 -44.95 -5.99 59.12
N THR G 20 -45.11 -7.08 58.38
CA THR G 20 -44.93 -8.42 58.95
C THR G 20 -43.47 -8.81 59.18
N LYS G 21 -42.57 -8.40 58.28
CA LYS G 21 -41.12 -8.69 58.42
C LYS G 21 -40.47 -7.87 59.54
N THR G 22 -41.19 -6.87 60.04
CA THR G 22 -40.72 -6.05 61.16
C THR G 22 -41.30 -6.57 62.48
N MET G 23 -42.59 -6.92 62.46
CA MET G 23 -43.23 -7.59 63.59
C MET G 23 -42.54 -8.91 63.88
N LYS G 24 -41.98 -9.52 62.83
CA LYS G 24 -41.14 -10.70 62.93
C LYS G 24 -39.86 -10.40 63.71
N ILE G 25 -39.32 -9.20 63.52
CA ILE G 25 -38.07 -8.81 64.18
C ILE G 25 -38.33 -8.09 65.53
N VAL G 26 -39.40 -7.30 65.62
CA VAL G 26 -39.85 -6.73 66.89
C VAL G 26 -40.17 -7.86 67.88
N ALA G 27 -40.50 -9.03 67.36
CA ALA G 27 -40.66 -10.24 68.15
C ALA G 27 -39.32 -10.75 68.68
N SER G 28 -38.31 -10.83 67.81
CA SER G 28 -36.98 -11.31 68.20
C SER G 28 -36.23 -10.34 69.11
N THR G 29 -36.51 -9.04 68.95
CA THR G 29 -36.08 -8.02 69.90
C THR G 29 -36.61 -8.42 71.27
N ARG G 30 -37.87 -8.85 71.27
CA ARG G 30 -38.57 -9.24 72.48
C ARG G 30 -38.38 -10.72 72.87
N LEU G 31 -37.59 -11.46 72.08
CA LEU G 31 -37.47 -12.91 72.25
C LEU G 31 -36.63 -13.30 73.46
N SER G 32 -35.53 -12.58 73.66
CA SER G 32 -34.66 -12.78 74.83
C SER G 32 -35.39 -12.33 76.11
N LYS G 33 -36.01 -11.15 76.03
CA LYS G 33 -36.90 -10.62 77.08
C LYS G 33 -37.93 -11.66 77.55
N ALA G 34 -38.42 -12.46 76.60
CA ALA G 34 -39.43 -13.46 76.86
C ALA G 34 -38.93 -14.64 77.69
N GLU G 35 -37.63 -14.94 77.59
CA GLU G 35 -37.05 -16.07 78.33
C GLU G 35 -36.61 -15.69 79.75
N LYS G 36 -36.26 -14.42 79.93
CA LYS G 36 -36.05 -13.87 81.26
C LYS G 36 -37.32 -14.13 82.09
N ALA G 37 -38.42 -13.46 81.74
CA ALA G 37 -39.67 -13.57 82.49
C ALA G 37 -40.31 -14.96 82.44
N LYS G 38 -39.79 -15.84 81.60
CA LYS G 38 -40.34 -17.18 81.43
C LYS G 38 -39.77 -18.18 82.42
N ILE G 39 -38.44 -18.20 82.56
CA ILE G 39 -37.75 -19.07 83.54
C ILE G 39 -37.93 -18.53 84.95
N SER G 40 -37.78 -17.22 85.13
CA SER G 40 -38.10 -16.55 86.38
C SER G 40 -39.51 -16.92 86.88
N ALA G 41 -40.44 -17.10 85.94
CA ALA G 41 -41.81 -17.47 86.26
C ALA G 41 -41.89 -18.91 86.73
N LYS G 42 -41.38 -19.82 85.90
CA LYS G 42 -41.32 -21.25 86.23
C LYS G 42 -40.47 -21.50 87.47
N LYS G 43 -39.66 -20.51 87.84
CA LYS G 43 -38.76 -20.63 88.99
C LYS G 43 -39.51 -20.43 90.30
N MET G 44 -40.41 -19.44 90.31
CA MET G 44 -41.24 -19.22 91.49
C MET G 44 -42.34 -20.28 91.62
N ASP G 45 -42.73 -20.88 90.49
CA ASP G 45 -43.59 -22.03 90.53
C ASP G 45 -42.95 -23.10 91.40
N GLU G 46 -41.69 -23.42 91.14
CA GLU G 46 -40.97 -24.42 91.93
C GLU G 46 -40.88 -23.98 93.39
N ALA G 47 -40.76 -22.69 93.63
CA ALA G 47 -40.61 -22.16 94.99
C ALA G 47 -41.93 -22.09 95.76
N GLU G 48 -42.97 -21.59 95.11
CA GLU G 48 -44.20 -21.23 95.79
C GLU G 48 -45.21 -22.35 95.83
N GLN G 49 -45.15 -23.25 94.85
CA GLN G 49 -46.05 -24.42 94.79
C GLN G 49 -45.59 -25.60 95.63
N LEU G 50 -44.30 -25.64 95.95
CA LEU G 50 -43.73 -26.74 96.74
C LEU G 50 -44.36 -26.85 98.13
N PHE G 51 -44.90 -25.74 98.64
CA PHE G 51 -45.64 -25.75 99.90
C PHE G 51 -46.87 -26.60 99.72
N TYR G 52 -47.69 -26.20 98.76
CA TYR G 52 -48.92 -26.90 98.45
C TYR G 52 -48.70 -28.37 98.09
N LYS G 53 -47.62 -28.64 97.36
CA LYS G 53 -47.18 -30.02 97.07
C LYS G 53 -47.08 -30.78 98.38
N ASN G 54 -46.41 -30.17 99.36
CA ASN G 54 -46.10 -30.81 100.62
C ASN G 54 -47.25 -30.89 101.60
N ALA G 55 -48.21 -29.98 101.47
CA ALA G 55 -49.37 -29.94 102.36
C ALA G 55 -50.46 -30.88 101.87
N GLU G 56 -50.25 -31.43 100.67
CA GLU G 56 -51.20 -32.33 100.02
C GLU G 56 -52.53 -31.61 99.73
N THR G 57 -52.45 -30.30 99.57
CA THR G 57 -53.61 -29.45 99.28
C THR G 57 -54.36 -29.91 98.04
N LYS G 58 -55.65 -30.14 98.22
CA LYS G 58 -56.54 -30.63 97.17
C LYS G 58 -57.86 -29.93 97.31
N ASN G 59 -58.67 -30.00 96.25
CA ASN G 59 -60.00 -29.38 96.22
C ASN G 59 -61.01 -30.04 97.16
N LEU G 60 -61.50 -29.26 98.13
CA LEU G 60 -62.68 -29.62 98.89
C LEU G 60 -63.81 -29.75 97.88
N ASP G 61 -64.57 -30.83 97.98
CA ASP G 61 -65.70 -31.03 97.08
C ASP G 61 -67.01 -30.45 97.63
N VAL G 62 -66.93 -29.84 98.82
CA VAL G 62 -68.08 -29.23 99.55
C VAL G 62 -69.44 -29.91 99.31
N LYS G 71 -69.78 -24.94 91.35
CA LYS G 71 -69.67 -23.49 91.21
C LYS G 71 -68.20 -23.06 91.13
N GLU G 72 -67.72 -22.90 89.91
CA GLU G 72 -66.31 -22.61 89.63
C GLU G 72 -66.10 -21.16 89.18
N LEU G 73 -64.89 -20.65 89.38
CA LEU G 73 -64.45 -19.39 88.79
C LEU G 73 -63.32 -19.70 87.82
N ILE G 74 -63.58 -19.54 86.52
CA ILE G 74 -62.56 -19.79 85.50
C ILE G 74 -61.90 -18.49 85.04
N VAL G 75 -60.57 -18.44 85.12
CA VAL G 75 -59.80 -17.27 84.68
C VAL G 75 -58.94 -17.60 83.45
N ALA G 76 -59.30 -17.03 82.31
CA ALA G 76 -58.57 -17.28 81.06
C ALA G 76 -57.56 -16.15 80.78
N ILE G 77 -56.35 -16.52 80.38
CA ILE G 77 -55.32 -15.53 80.12
C ILE G 77 -54.84 -15.62 78.69
N THR G 78 -54.94 -14.49 77.98
CA THR G 78 -54.22 -14.29 76.73
C THR G 78 -53.73 -12.85 76.65
N SER G 79 -54.34 -12.07 75.75
CA SER G 79 -53.91 -10.70 75.46
C SER G 79 -54.90 -9.94 74.59
N ASP G 80 -54.68 -8.63 74.47
CA ASP G 80 -55.50 -7.76 73.64
C ASP G 80 -54.98 -7.75 72.22
N LYS G 81 -53.74 -8.18 72.04
CA LYS G 81 -53.06 -8.09 70.75
C LYS G 81 -53.14 -9.40 69.97
N GLY G 82 -53.62 -9.30 68.74
CA GLY G 82 -53.79 -10.46 67.88
C GLY G 82 -52.55 -10.77 67.07
N LEU G 83 -52.78 -11.31 65.87
CA LEU G 83 -51.70 -11.64 64.95
C LEU G 83 -50.62 -12.50 65.61
N CYS G 84 -51.04 -13.63 66.17
CA CYS G 84 -50.12 -14.53 66.84
C CYS G 84 -50.54 -15.99 66.66
N GLY G 85 -50.76 -16.38 65.41
CA GLY G 85 -51.21 -17.73 65.10
C GLY G 85 -52.49 -18.09 65.84
N SER G 86 -52.48 -19.23 66.52
CA SER G 86 -53.67 -19.72 67.21
C SER G 86 -53.51 -19.74 68.75
N ILE G 87 -52.89 -18.68 69.29
CA ILE G 87 -52.74 -18.47 70.74
C ILE G 87 -54.10 -18.36 71.39
N HIS G 88 -54.94 -17.51 70.79
CA HIS G 88 -56.24 -17.23 71.33
C HIS G 88 -57.20 -18.38 71.07
N SER G 89 -57.22 -18.86 69.83
CA SER G 89 -58.19 -19.87 69.40
C SER G 89 -58.08 -21.21 70.12
N GLN G 90 -56.87 -21.76 70.24
CA GLN G 90 -56.76 -23.07 70.88
C GLN G 90 -56.69 -23.06 72.41
N LEU G 91 -56.64 -21.87 73.01
CA LEU G 91 -56.88 -21.77 74.45
C LEU G 91 -58.38 -21.75 74.67
N ALA G 92 -59.09 -21.07 73.77
CA ALA G 92 -60.53 -21.10 73.77
C ALA G 92 -61.05 -22.54 73.62
N LYS G 93 -60.34 -23.33 72.82
CA LYS G 93 -60.66 -24.75 72.66
C LYS G 93 -60.66 -25.42 74.02
N ALA G 94 -59.48 -25.47 74.64
CA ALA G 94 -59.25 -26.13 75.93
C ALA G 94 -60.15 -25.62 77.06
N VAL G 95 -60.62 -24.37 76.96
CA VAL G 95 -61.54 -23.80 77.95
C VAL G 95 -62.95 -24.29 77.71
N ARG G 96 -63.33 -24.46 76.43
CA ARG G 96 -64.63 -25.05 76.08
C ARG G 96 -64.68 -26.52 76.43
N ARG G 97 -63.65 -27.25 76.00
CA ARG G 97 -63.45 -28.64 76.40
C ARG G 97 -63.70 -28.82 77.91
N HIS G 98 -63.17 -27.89 78.71
CA HIS G 98 -63.36 -27.90 80.16
C HIS G 98 -64.76 -27.47 80.58
N LEU G 99 -65.40 -26.63 79.76
CA LEU G 99 -66.73 -26.11 80.08
C LEU G 99 -67.84 -27.13 79.79
N ASN G 100 -67.45 -28.29 79.26
CA ASN G 100 -68.39 -29.40 79.06
C ASN G 100 -68.52 -30.24 80.32
N ASP G 101 -67.45 -30.31 81.09
CA ASP G 101 -67.42 -31.12 82.30
C ASP G 101 -67.92 -30.32 83.50
N GLN G 102 -68.07 -29.01 83.31
CA GLN G 102 -68.74 -28.15 84.29
C GLN G 102 -69.19 -26.84 83.64
N PRO G 103 -70.42 -26.83 83.11
CA PRO G 103 -70.96 -25.74 82.29
C PRO G 103 -71.24 -24.45 83.04
N ASN G 104 -71.39 -24.55 84.36
CA ASN G 104 -71.97 -23.48 85.15
C ASN G 104 -70.96 -22.49 85.72
N ALA G 105 -69.71 -22.58 85.28
CA ALA G 105 -68.65 -21.71 85.80
C ALA G 105 -68.82 -20.24 85.41
N ASP G 106 -68.28 -19.35 86.26
CA ASP G 106 -68.14 -17.94 85.92
C ASP G 106 -66.82 -17.77 85.18
N ILE G 107 -66.84 -16.94 84.14
CA ILE G 107 -65.62 -16.69 83.36
C ILE G 107 -65.11 -15.26 83.54
N VAL G 108 -63.84 -15.15 83.93
CA VAL G 108 -63.13 -13.87 83.93
C VAL G 108 -62.07 -13.96 82.84
N THR G 109 -62.13 -13.02 81.88
CA THR G 109 -61.23 -13.02 80.73
C THR G 109 -60.22 -11.89 80.83
N ILE G 110 -58.93 -12.25 80.73
CA ILE G 110 -57.82 -11.31 80.77
C ILE G 110 -57.21 -11.25 79.37
N GLY G 111 -57.42 -10.13 78.68
CA GLY G 111 -57.07 -10.04 77.27
C GLY G 111 -58.31 -10.00 76.39
N ASP G 112 -58.27 -9.19 75.35
CA ASP G 112 -59.44 -8.96 74.52
C ASP G 112 -59.71 -10.00 73.46
N LYS G 113 -58.70 -10.79 73.09
CA LYS G 113 -58.93 -11.80 72.07
C LYS G 113 -59.55 -13.09 72.62
N ILE G 114 -59.21 -13.46 73.85
CA ILE G 114 -59.87 -14.59 74.53
C ILE G 114 -61.27 -14.19 74.99
N LYS G 115 -61.49 -12.89 75.24
CA LYS G 115 -62.80 -12.38 75.60
C LYS G 115 -63.79 -12.67 74.48
N MET G 116 -63.47 -12.24 73.27
CA MET G 116 -64.39 -12.38 72.14
C MET G 116 -64.41 -13.78 71.52
N GLN G 117 -63.31 -14.52 71.64
CA GLN G 117 -63.32 -15.95 71.30
C GLN G 117 -64.36 -16.70 72.13
N LEU G 118 -64.37 -16.41 73.43
CA LEU G 118 -65.29 -17.01 74.39
C LEU G 118 -66.66 -16.34 74.44
N LEU G 119 -66.74 -15.09 74.01
CA LEU G 119 -68.00 -14.36 74.01
C LEU G 119 -68.89 -14.86 72.87
N ARG G 120 -68.24 -15.45 71.87
CA ARG G 120 -68.91 -16.04 70.72
C ARG G 120 -69.68 -17.29 71.12
N THR G 121 -69.13 -18.01 72.09
CA THR G 121 -69.56 -19.36 72.40
C THR G 121 -70.38 -19.43 73.70
N HIS G 122 -69.86 -18.84 74.78
CA HIS G 122 -70.56 -18.85 76.07
C HIS G 122 -70.71 -17.42 76.65
N PRO G 123 -71.52 -16.56 75.99
CA PRO G 123 -71.62 -15.13 76.36
C PRO G 123 -72.30 -14.86 77.71
N ASN G 124 -73.07 -15.84 78.17
CA ASN G 124 -73.68 -15.81 79.49
C ASN G 124 -72.68 -15.94 80.66
N ASN G 125 -71.59 -16.68 80.43
CA ASN G 125 -70.64 -17.01 81.49
C ASN G 125 -69.70 -15.86 81.90
N ILE G 126 -69.20 -15.12 80.92
CA ILE G 126 -68.23 -14.05 81.15
C ILE G 126 -68.86 -12.98 82.03
N LYS G 127 -68.23 -12.72 83.17
CA LYS G 127 -68.81 -11.83 84.17
C LYS G 127 -67.86 -10.69 84.66
N LEU G 128 -66.62 -10.70 84.17
CA LEU G 128 -65.67 -9.58 84.35
C LEU G 128 -64.57 -9.72 83.30
N SER G 129 -64.02 -8.59 82.83
CA SER G 129 -63.09 -8.61 81.72
C SER G 129 -62.01 -7.53 81.79
N ILE G 130 -60.76 -7.97 81.75
CA ILE G 130 -59.58 -7.12 81.94
C ILE G 130 -58.98 -6.71 80.60
N ASN G 131 -58.73 -5.41 80.44
CA ASN G 131 -58.25 -4.83 79.18
C ASN G 131 -56.85 -4.22 79.27
N GLY G 132 -56.33 -3.77 78.13
CA GLY G 132 -55.02 -3.11 78.04
C GLY G 132 -53.90 -3.96 78.58
N ILE G 133 -53.73 -5.16 78.01
CA ILE G 133 -52.87 -6.16 78.61
C ILE G 133 -51.60 -6.49 77.82
N GLY G 134 -51.74 -7.10 76.64
CA GLY G 134 -50.60 -7.68 75.90
C GLY G 134 -49.35 -6.83 75.68
N LYS G 135 -49.45 -5.54 75.98
CA LYS G 135 -48.51 -4.52 75.50
C LYS G 135 -47.07 -4.63 76.02
N ASP G 136 -46.92 -4.94 77.30
CA ASP G 136 -45.60 -5.09 77.91
C ASP G 136 -45.45 -6.52 78.42
N ALA G 137 -44.31 -6.84 79.03
CA ALA G 137 -44.21 -8.07 79.80
C ALA G 137 -45.01 -7.87 81.08
N PRO G 138 -45.72 -8.93 81.53
CA PRO G 138 -46.59 -8.94 82.72
C PRO G 138 -45.88 -8.60 84.03
N THR G 139 -46.63 -8.05 84.97
CA THR G 139 -46.07 -7.55 86.21
C THR G 139 -46.95 -7.97 87.39
N PHE G 140 -46.35 -8.01 88.58
CA PHE G 140 -47.08 -8.30 89.80
C PHE G 140 -48.12 -7.22 90.12
N GLN G 141 -47.79 -5.95 89.87
CA GLN G 141 -48.73 -4.87 90.10
C GLN G 141 -50.04 -5.11 89.32
N GLU G 142 -49.93 -5.50 88.06
CA GLU G 142 -51.09 -5.83 87.25
C GLU G 142 -51.83 -6.97 87.95
N SER G 143 -51.13 -8.09 88.08
CA SER G 143 -51.65 -9.30 88.70
C SER G 143 -52.41 -9.00 89.98
N ALA G 144 -51.71 -8.37 90.93
CA ALA G 144 -52.24 -8.07 92.28
C ALA G 144 -53.52 -7.24 92.29
N LEU G 145 -53.61 -6.26 91.38
CA LEU G 145 -54.82 -5.45 91.27
C LEU G 145 -55.97 -6.20 90.62
N ILE G 146 -55.67 -6.93 89.54
CA ILE G 146 -56.66 -7.81 88.93
C ILE G 146 -57.11 -8.82 89.97
N ALA G 147 -56.16 -9.26 90.79
CA ALA G 147 -56.41 -10.14 91.93
C ALA G 147 -57.31 -9.44 92.94
N ASP G 148 -56.97 -8.20 93.27
CA ASP G 148 -57.74 -7.44 94.24
C ASP G 148 -59.18 -7.29 93.78
N LYS G 149 -59.36 -6.99 92.49
CA LYS G 149 -60.70 -6.85 91.90
C LYS G 149 -61.42 -8.19 91.81
N LEU G 150 -60.66 -9.28 91.64
CA LEU G 150 -61.22 -10.63 91.71
C LEU G 150 -61.82 -10.93 93.09
N LEU G 151 -61.10 -10.52 94.14
CA LEU G 151 -61.58 -10.70 95.53
C LEU G 151 -62.79 -9.81 95.78
N SER G 152 -62.65 -8.53 95.42
CA SER G 152 -63.67 -7.50 95.63
C SER G 152 -64.91 -7.74 94.78
N VAL G 153 -64.82 -7.44 93.48
CA VAL G 153 -66.01 -7.45 92.64
C VAL G 153 -66.48 -8.87 92.25
N MET G 154 -65.64 -9.88 92.43
CA MET G 154 -66.01 -11.24 92.01
C MET G 154 -66.27 -12.23 93.15
N LYS G 155 -65.86 -11.86 94.37
CA LYS G 155 -66.00 -12.73 95.54
C LYS G 155 -65.27 -14.06 95.33
N ALA G 156 -64.00 -14.00 94.96
CA ALA G 156 -63.24 -15.20 94.61
C ALA G 156 -63.20 -16.22 95.74
N GLY G 157 -63.00 -15.73 96.97
CA GLY G 157 -62.85 -16.59 98.14
C GLY G 157 -64.09 -17.32 98.62
N THR G 158 -65.11 -17.41 97.78
CA THR G 158 -66.33 -18.15 98.13
C THR G 158 -66.52 -19.36 97.20
N TYR G 159 -65.59 -19.50 96.25
CA TYR G 159 -65.68 -20.54 95.22
C TYR G 159 -65.15 -21.89 95.68
N PRO G 160 -65.93 -22.96 95.45
CA PRO G 160 -65.55 -24.36 95.60
C PRO G 160 -64.30 -24.72 94.77
N LYS G 161 -64.17 -24.13 93.58
CA LYS G 161 -62.97 -24.27 92.77
C LYS G 161 -62.64 -22.95 92.06
N ILE G 162 -61.35 -22.66 91.90
CA ILE G 162 -60.82 -21.57 91.07
C ILE G 162 -59.80 -22.13 90.08
N SER G 163 -59.94 -21.79 88.80
CA SER G 163 -59.07 -22.28 87.73
C SER G 163 -58.40 -21.16 86.97
N ILE G 164 -57.13 -21.34 86.66
CA ILE G 164 -56.41 -20.41 85.80
C ILE G 164 -56.15 -21.15 84.49
N PHE G 165 -56.31 -20.44 83.38
CA PHE G 165 -56.04 -21.00 82.07
C PHE G 165 -55.06 -20.12 81.30
N TYR G 166 -54.00 -20.74 80.80
CA TYR G 166 -52.98 -20.03 80.04
C TYR G 166 -52.36 -21.00 79.07
N ASN G 167 -51.53 -20.50 78.17
CA ASN G 167 -50.75 -21.36 77.30
C ASN G 167 -49.36 -21.50 77.91
N ASP G 168 -48.94 -22.75 78.13
CA ASP G 168 -47.59 -23.04 78.62
C ASP G 168 -46.64 -23.20 77.45
N PRO G 169 -45.61 -22.33 77.39
CA PRO G 169 -44.62 -22.38 76.30
C PRO G 169 -43.67 -23.58 76.41
N VAL G 170 -44.08 -24.71 75.84
CA VAL G 170 -43.26 -25.92 75.83
C VAL G 170 -41.92 -25.70 75.13
N SER G 171 -41.94 -25.31 73.86
CA SER G 171 -40.71 -25.01 73.13
C SER G 171 -40.63 -23.55 72.69
N SER G 172 -39.67 -23.28 71.81
CA SER G 172 -39.61 -22.02 71.10
C SER G 172 -40.46 -22.13 69.82
N LEU G 173 -40.77 -23.36 69.44
CA LEU G 173 -41.47 -23.63 68.19
C LEU G 173 -42.95 -24.01 68.40
N SER G 174 -43.28 -24.55 69.57
CA SER G 174 -44.67 -24.90 69.88
C SER G 174 -45.10 -24.56 71.32
N PHE G 175 -46.41 -24.51 71.54
CA PHE G 175 -46.99 -24.16 72.84
C PHE G 175 -48.16 -25.07 73.17
N GLU G 176 -48.61 -25.04 74.43
CA GLU G 176 -49.60 -25.99 74.93
C GLU G 176 -50.53 -25.33 75.95
N PRO G 177 -51.82 -25.18 75.60
CA PRO G 177 -52.79 -24.60 76.53
C PRO G 177 -52.97 -25.47 77.76
N SER G 178 -52.60 -24.95 78.93
CA SER G 178 -52.74 -25.69 80.17
C SER G 178 -53.64 -25.01 81.20
N GLU G 179 -53.85 -25.67 82.32
CA GLU G 179 -54.80 -25.21 83.33
C GLU G 179 -54.21 -25.46 84.72
N LYS G 180 -54.41 -24.53 85.65
CA LYS G 180 -53.94 -24.74 87.02
C LYS G 180 -54.92 -24.23 88.07
N PRO G 181 -54.98 -24.93 89.22
CA PRO G 181 -55.89 -24.58 90.31
C PRO G 181 -55.29 -23.55 91.26
N ILE G 182 -56.19 -22.82 91.90
CA ILE G 182 -55.87 -21.92 92.99
C ILE G 182 -56.75 -22.40 94.13
N PHE G 183 -56.14 -22.71 95.28
CA PHE G 183 -56.94 -23.15 96.44
C PHE G 183 -57.22 -21.98 97.37
N ASN G 184 -58.47 -21.86 97.80
CA ASN G 184 -58.89 -20.76 98.68
C ASN G 184 -58.53 -20.95 100.16
N ALA G 185 -58.97 -20.02 101.01
CA ALA G 185 -58.60 -19.98 102.42
C ALA G 185 -58.96 -21.26 103.19
N LYS G 186 -60.19 -21.74 102.98
CA LYS G 186 -60.67 -22.96 103.60
C LYS G 186 -59.88 -24.17 103.09
N THR G 187 -59.75 -24.27 101.77
CA THR G 187 -59.10 -25.40 101.09
C THR G 187 -57.67 -25.62 101.57
N ILE G 188 -57.00 -24.53 101.91
CA ILE G 188 -55.64 -24.58 102.45
C ILE G 188 -55.59 -25.20 103.85
N GLU G 189 -56.61 -24.91 104.67
CA GLU G 189 -56.69 -25.48 106.01
C GLU G 189 -56.89 -26.99 105.94
N GLN G 190 -57.97 -27.41 105.30
CA GLN G 190 -58.33 -28.83 105.29
C GLN G 190 -57.45 -29.75 104.44
N SER G 191 -56.30 -29.25 103.98
CA SER G 191 -55.30 -30.12 103.34
C SER G 191 -54.73 -31.12 104.37
N PRO G 192 -54.50 -32.38 103.94
CA PRO G 192 -54.08 -33.42 104.87
C PRO G 192 -52.83 -33.05 105.68
N SER G 193 -51.75 -32.72 105.01
CA SER G 193 -50.48 -32.51 105.69
C SER G 193 -50.23 -31.07 106.08
N PHE G 194 -51.30 -30.27 106.13
CA PHE G 194 -51.20 -28.87 106.54
C PHE G 194 -50.64 -28.78 107.96
N GLY G 195 -50.97 -29.78 108.77
CA GLY G 195 -50.49 -29.91 110.13
C GLY G 195 -48.99 -30.07 110.24
N LYS G 196 -48.37 -30.69 109.23
CA LYS G 196 -46.90 -30.87 109.19
C LYS G 196 -46.16 -29.56 109.44
N PHE G 197 -46.82 -28.45 109.14
CA PHE G 197 -46.23 -27.14 109.27
C PHE G 197 -46.67 -26.47 110.55
N GLU G 198 -45.71 -25.85 111.23
CA GLU G 198 -46.00 -25.09 112.43
C GLU G 198 -46.37 -23.65 112.07
N ILE G 199 -47.38 -23.53 111.21
CA ILE G 199 -47.99 -22.23 110.95
C ILE G 199 -48.55 -21.70 112.27
N ASP G 200 -48.20 -20.46 112.60
CA ASP G 200 -48.73 -19.83 113.80
C ASP G 200 -50.23 -19.58 113.63
N THR G 201 -51.02 -20.24 114.46
CA THR G 201 -52.47 -20.23 114.33
C THR G 201 -53.07 -18.82 114.52
N ASP G 202 -52.22 -17.87 114.89
CA ASP G 202 -52.62 -16.49 115.20
C ASP G 202 -53.24 -15.76 113.99
N ALA G 203 -52.39 -15.28 113.07
CA ALA G 203 -52.86 -14.70 111.81
C ALA G 203 -53.50 -15.78 110.96
N ASN G 204 -54.52 -15.42 110.18
CA ASN G 204 -54.99 -16.36 109.17
C ASN G 204 -53.97 -16.39 108.05
N VAL G 205 -53.01 -17.30 108.21
CA VAL G 205 -52.04 -17.58 107.19
C VAL G 205 -52.79 -18.13 105.96
N PRO G 206 -53.83 -18.95 106.18
CA PRO G 206 -54.58 -19.45 105.03
C PRO G 206 -55.27 -18.36 104.18
N ARG G 207 -55.71 -17.27 104.81
CA ARG G 207 -56.33 -16.19 104.05
C ARG G 207 -55.28 -15.45 103.24
N ASP G 208 -54.27 -14.92 103.93
CA ASP G 208 -53.22 -14.14 103.29
C ASP G 208 -52.41 -14.87 102.22
N LEU G 209 -52.14 -16.16 102.45
CA LEU G 209 -51.38 -17.01 101.53
C LEU G 209 -52.19 -17.28 100.27
N PHE G 210 -53.50 -17.38 100.43
CA PHE G 210 -54.38 -17.50 99.28
C PHE G 210 -54.34 -16.22 98.44
N GLU G 211 -54.61 -15.09 99.08
CA GLU G 211 -54.57 -13.79 98.41
C GLU G 211 -53.22 -13.57 97.75
N TYR G 212 -52.13 -13.87 98.46
CA TYR G 212 -50.80 -13.74 97.89
C TYR G 212 -50.59 -14.69 96.73
N THR G 213 -51.07 -15.92 96.88
CA THR G 213 -50.92 -16.94 95.82
C THR G 213 -51.73 -16.61 94.58
N LEU G 214 -52.99 -16.22 94.77
CA LEU G 214 -53.86 -15.84 93.65
C LEU G 214 -53.17 -14.82 92.75
N ALA G 215 -52.66 -13.75 93.34
CA ALA G 215 -51.91 -12.75 92.61
C ALA G 215 -50.63 -13.35 92.02
N ASN G 216 -49.93 -14.13 92.82
CA ASN G 216 -48.61 -14.62 92.47
C ASN G 216 -48.60 -15.58 91.27
N GLN G 217 -49.64 -16.39 91.17
CA GLN G 217 -49.72 -17.48 90.20
C GLN G 217 -50.52 -17.11 88.95
N MET G 218 -51.26 -16.02 89.05
CA MET G 218 -51.75 -15.35 87.87
C MET G 218 -50.57 -14.79 87.09
N LEU G 219 -49.63 -14.15 87.81
CA LEU G 219 -48.45 -13.58 87.18
C LEU G 219 -47.59 -14.64 86.51
N THR G 220 -47.57 -15.83 87.08
CA THR G 220 -46.78 -16.91 86.52
C THR G 220 -47.38 -17.37 85.20
N ALA G 221 -48.70 -17.52 85.18
CA ALA G 221 -49.43 -17.83 83.97
C ALA G 221 -49.23 -16.71 82.94
N MET G 222 -49.39 -15.47 83.39
CA MET G 222 -49.25 -14.32 82.52
C MET G 222 -47.89 -14.27 81.89
N ALA G 223 -46.83 -14.40 82.69
CA ALA G 223 -45.45 -14.44 82.20
C ALA G 223 -45.20 -15.57 81.21
N GLN G 224 -45.81 -16.73 81.44
CA GLN G 224 -45.66 -17.86 80.54
C GLN G 224 -46.46 -17.69 79.25
N GLY G 225 -47.76 -17.42 79.38
CA GLY G 225 -48.63 -17.16 78.24
C GLY G 225 -48.03 -16.08 77.35
N TYR G 226 -47.53 -15.02 78.00
CA TYR G 226 -46.86 -13.93 77.31
C TYR G 226 -45.72 -14.44 76.43
N ALA G 227 -44.84 -15.24 77.03
CA ALA G 227 -43.67 -15.78 76.33
C ALA G 227 -44.06 -16.61 75.09
N ALA G 228 -45.00 -17.54 75.25
CA ALA G 228 -45.45 -18.40 74.16
C ALA G 228 -46.02 -17.59 72.99
N GLU G 229 -46.77 -16.54 73.32
CA GLU G 229 -47.34 -15.64 72.34
C GLU G 229 -46.24 -14.99 71.50
N ILE G 230 -45.22 -14.43 72.16
CA ILE G 230 -44.09 -13.82 71.48
C ILE G 230 -43.52 -14.77 70.43
N SER G 231 -43.38 -16.05 70.80
CA SER G 231 -42.94 -17.10 69.87
C SER G 231 -43.94 -17.40 68.76
N ALA G 232 -45.24 -17.32 69.07
CA ALA G 232 -46.27 -17.50 68.06
C ALA G 232 -46.27 -16.36 67.05
N ARG G 233 -46.07 -15.13 67.54
CA ARG G 233 -45.98 -13.94 66.69
C ARG G 233 -44.67 -13.93 65.88
N ARG G 234 -43.61 -14.47 66.46
CA ARG G 234 -42.35 -14.63 65.72
C ARG G 234 -42.56 -15.58 64.55
N ASN G 235 -43.22 -16.70 64.82
CA ASN G 235 -43.46 -17.74 63.83
C ASN G 235 -44.53 -17.39 62.79
N ALA G 236 -45.62 -16.75 63.23
CA ALA G 236 -46.69 -16.34 62.32
C ALA G 236 -46.21 -15.27 61.33
N MET G 237 -45.43 -14.31 61.82
CA MET G 237 -44.86 -13.26 60.98
C MET G 237 -43.71 -13.80 60.15
N ASP G 238 -43.14 -14.92 60.56
CA ASP G 238 -42.11 -15.59 59.78
C ASP G 238 -42.78 -16.13 58.53
N ASN G 239 -43.94 -16.74 58.69
CA ASN G 239 -44.73 -17.23 57.56
C ASN G 239 -45.38 -16.12 56.72
N ALA G 240 -45.99 -15.14 57.38
CA ALA G 240 -46.67 -14.03 56.69
C ALA G 240 -45.76 -13.28 55.73
N SER G 241 -44.58 -12.87 56.20
CA SER G 241 -43.65 -12.10 55.39
C SER G 241 -42.93 -12.95 54.34
N LYS G 242 -43.09 -14.27 54.43
CA LYS G 242 -42.54 -15.16 53.40
C LYS G 242 -43.56 -15.35 52.27
N ASN G 243 -44.83 -15.49 52.64
CA ASN G 243 -45.93 -15.49 51.69
C ASN G 243 -45.97 -14.16 50.95
N ALA G 244 -45.92 -13.08 51.71
CA ALA G 244 -45.96 -11.74 51.14
C ALA G 244 -44.81 -11.55 50.15
N GLY G 245 -43.61 -11.97 50.55
CA GLY G 245 -42.46 -11.98 49.66
C GLY G 245 -42.72 -12.76 48.38
N ASP G 246 -43.39 -13.91 48.50
CA ASP G 246 -43.74 -14.73 47.34
C ASP G 246 -44.73 -14.04 46.41
N MET G 247 -45.75 -13.39 46.99
CA MET G 247 -46.67 -12.55 46.25
C MET G 247 -45.94 -11.45 45.49
N ILE G 248 -45.01 -10.77 46.16
CA ILE G 248 -44.23 -9.68 45.58
C ILE G 248 -43.54 -10.11 44.31
N ASN G 249 -42.84 -11.23 44.36
CA ASN G 249 -42.14 -11.75 43.18
C ASN G 249 -43.10 -11.96 42.00
N ARG G 250 -44.19 -12.67 42.25
CA ARG G 250 -45.25 -12.86 41.23
C ARG G 250 -45.69 -11.51 40.68
N TYR G 251 -46.19 -10.62 41.55
CA TYR G 251 -46.70 -9.34 41.12
C TYR G 251 -45.66 -8.45 40.45
N SER G 252 -44.38 -8.62 40.82
CA SER G 252 -43.31 -7.88 40.16
C SER G 252 -43.16 -8.30 38.70
N ILE G 253 -43.51 -9.54 38.39
CA ILE G 253 -43.60 -9.98 37.00
C ILE G 253 -44.81 -9.34 36.31
N LEU G 254 -45.95 -9.29 37.00
CA LEU G 254 -47.19 -8.75 36.43
C LEU G 254 -47.13 -7.23 36.25
N TYR G 255 -46.45 -6.56 37.19
CA TYR G 255 -46.21 -5.13 37.09
C TYR G 255 -45.38 -4.85 35.85
N ASN G 256 -44.28 -5.60 35.72
CA ASN G 256 -43.30 -5.39 34.64
C ASN G 256 -43.85 -5.65 33.25
N ARG G 257 -44.77 -6.60 33.13
CA ARG G 257 -45.48 -6.86 31.88
C ARG G 257 -46.41 -5.70 31.55
N THR G 258 -47.27 -5.33 32.51
CA THR G 258 -48.19 -4.21 32.37
C THR G 258 -47.46 -2.89 32.16
N ARG G 259 -46.32 -2.74 32.83
CA ARG G 259 -45.41 -1.62 32.58
C ARG G 259 -45.14 -1.50 31.07
N GLN G 260 -44.73 -2.62 30.47
CA GLN G 260 -44.32 -2.68 29.06
C GLN G 260 -45.46 -2.56 28.05
N ALA G 261 -46.51 -3.36 28.23
CA ALA G 261 -47.66 -3.28 27.35
C ALA G 261 -48.29 -1.89 27.38
N VAL G 262 -48.11 -1.16 28.48
CA VAL G 262 -48.57 0.23 28.56
C VAL G 262 -47.69 1.19 27.75
N ILE G 263 -46.38 0.96 27.76
CA ILE G 263 -45.52 1.70 26.85
C ILE G 263 -45.79 1.29 25.38
N THR G 264 -45.79 -0.01 25.08
CA THR G 264 -46.09 -0.46 23.73
C THR G 264 -47.38 0.17 23.20
N ASN G 265 -48.47 -0.02 23.92
CA ASN G 265 -49.79 0.41 23.46
C ASN G 265 -49.93 1.90 23.19
N GLU G 266 -49.33 2.74 24.04
CA GLU G 266 -49.28 4.17 23.83
C GLU G 266 -48.53 4.47 22.55
N LEU G 267 -47.44 3.74 22.30
CA LEU G 267 -46.64 4.00 21.13
C LEU G 267 -47.35 3.59 19.83
N VAL G 268 -47.98 2.42 19.83
CA VAL G 268 -48.80 1.95 18.72
C VAL G 268 -49.92 2.93 18.42
N ASP G 269 -50.53 3.44 19.48
CA ASP G 269 -51.58 4.44 19.39
C ASP G 269 -51.08 5.72 18.72
N ILE G 270 -49.86 6.13 19.06
CA ILE G 270 -49.24 7.34 18.48
C ILE G 270 -48.85 7.10 17.02
N ILE G 271 -48.08 6.04 16.81
CA ILE G 271 -47.66 5.61 15.48
C ILE G 271 -48.83 5.43 14.49
N THR G 272 -49.95 4.92 14.98
CA THR G 272 -51.18 4.80 14.18
C THR G 272 -51.71 6.20 13.84
N GLY G 273 -51.67 7.10 14.81
CA GLY G 273 -52.12 8.49 14.64
C GLY G 273 -51.38 9.30 13.58
N ALA G 274 -50.35 8.70 12.96
CA ALA G 274 -49.65 9.30 11.83
C ALA G 274 -49.62 8.37 10.61
N SER G 275 -50.40 7.29 10.65
CA SER G 275 -50.60 6.40 9.49
C SER G 275 -51.10 7.17 8.24
N SER G 276 -51.36 8.47 8.40
CA SER G 276 -52.01 9.27 7.37
C SER G 276 -51.23 10.55 7.07
N LEU H 10 -27.97 -26.15 105.01
CA LEU H 10 -29.28 -25.57 104.54
C LEU H 10 -29.28 -25.27 103.04
N LYS H 11 -30.37 -25.63 102.37
CA LYS H 11 -30.56 -25.29 100.96
C LYS H 11 -31.58 -24.14 100.85
N LEU H 12 -31.53 -23.41 99.74
CA LEU H 12 -32.39 -22.23 99.57
C LEU H 12 -32.93 -22.06 98.16
N GLN H 13 -34.20 -21.70 98.08
CA GLN H 13 -34.79 -21.17 96.88
C GLN H 13 -35.27 -19.76 97.22
N PHE H 14 -34.53 -18.77 96.76
CA PHE H 14 -34.96 -17.39 96.82
C PHE H 14 -35.47 -17.00 95.44
N ALA H 15 -36.76 -16.77 95.33
CA ALA H 15 -37.39 -16.49 94.04
C ALA H 15 -38.10 -15.15 94.02
N LEU H 16 -37.92 -14.40 92.93
CA LEU H 16 -38.73 -13.22 92.66
C LEU H 16 -39.49 -13.44 91.35
N PRO H 17 -40.62 -12.75 91.15
CA PRO H 17 -41.30 -12.74 89.87
C PRO H 17 -40.32 -12.51 88.72
N HIS H 18 -39.60 -11.38 88.79
CA HIS H 18 -38.73 -10.92 87.72
C HIS H 18 -37.31 -11.51 87.73
N GLU H 19 -36.63 -11.39 88.87
CA GLU H 19 -35.26 -11.87 89.11
C GLU H 19 -35.33 -13.21 89.88
N THR H 20 -34.29 -14.02 89.81
CA THR H 20 -34.22 -15.24 90.65
C THR H 20 -32.86 -15.44 91.34
N LEU H 21 -32.75 -14.98 92.59
CA LEU H 21 -31.45 -14.78 93.28
C LEU H 21 -30.69 -16.06 93.68
N TYR H 22 -31.38 -16.92 94.44
CA TYR H 22 -30.83 -18.20 94.88
C TYR H 22 -31.77 -19.29 94.44
N SER H 23 -31.22 -20.29 93.75
CA SER H 23 -32.04 -21.43 93.35
C SER H 23 -31.35 -22.76 93.61
N GLY H 24 -31.74 -23.39 94.72
CA GLY H 24 -31.27 -24.73 95.06
C GLY H 24 -29.97 -24.81 95.85
N SER H 25 -29.14 -23.77 95.76
CA SER H 25 -27.81 -23.76 96.39
C SER H 25 -27.87 -23.76 97.93
N GLU H 26 -26.70 -23.82 98.58
CA GLU H 26 -26.65 -24.07 100.02
C GLU H 26 -26.17 -22.92 100.92
N VAL H 27 -27.06 -21.98 101.18
CA VAL H 27 -26.82 -20.93 102.17
C VAL H 27 -26.92 -21.54 103.58
N THR H 28 -25.92 -21.32 104.44
CA THR H 28 -25.94 -21.91 105.81
C THR H 28 -26.96 -21.33 106.82
N GLN H 29 -27.27 -20.04 106.73
CA GLN H 29 -28.30 -19.44 107.59
C GLN H 29 -28.95 -18.21 106.96
N VAL H 30 -30.28 -18.15 107.02
CA VAL H 30 -31.04 -17.05 106.44
C VAL H 30 -31.84 -16.34 107.53
N ASN H 31 -31.73 -15.02 107.59
CA ASN H 31 -32.56 -14.20 108.48
C ASN H 31 -33.77 -13.62 107.77
N LEU H 32 -34.89 -13.48 108.48
CA LEU H 32 -36.16 -13.10 107.86
C LEU H 32 -36.99 -12.22 108.78
N PRO H 33 -37.98 -11.49 108.22
CA PRO H 33 -38.97 -10.80 109.06
C PRO H 33 -40.39 -11.37 108.97
N ALA H 34 -40.67 -12.46 109.69
CA ALA H 34 -42.04 -12.97 109.83
C ALA H 34 -42.86 -11.99 110.66
N LYS H 35 -44.19 -12.06 110.59
CA LYS H 35 -45.03 -11.20 111.42
C LYS H 35 -44.71 -11.47 112.89
N SER H 36 -44.39 -10.38 113.60
CA SER H 36 -44.00 -10.37 115.01
C SER H 36 -43.10 -11.55 115.38
N GLY H 37 -41.99 -11.65 114.65
CA GLY H 37 -41.01 -12.70 114.87
C GLY H 37 -39.89 -12.53 113.86
N ARG H 38 -38.69 -12.23 114.37
CA ARG H 38 -37.49 -12.31 113.56
C ARG H 38 -36.89 -13.72 113.63
N ILE H 39 -36.89 -14.40 112.47
CA ILE H 39 -36.40 -15.77 112.35
C ILE H 39 -34.98 -15.76 111.78
N GLY H 40 -34.10 -16.56 112.37
CA GLY H 40 -32.81 -16.85 111.76
C GLY H 40 -32.79 -18.34 111.49
N VAL H 41 -33.15 -18.73 110.27
CA VAL H 41 -33.36 -20.14 109.92
C VAL H 41 -32.09 -20.97 110.01
N LEU H 42 -32.07 -21.83 111.03
CA LEU H 42 -31.00 -22.76 111.31
C LEU H 42 -30.90 -23.77 110.16
N ALA H 43 -29.73 -24.40 110.03
CA ALA H 43 -29.51 -25.44 109.02
C ALA H 43 -30.54 -26.60 109.03
N ASN H 44 -31.16 -26.87 110.18
CA ASN H 44 -32.14 -27.96 110.26
C ASN H 44 -33.43 -27.61 111.02
N HIS H 45 -34.05 -26.50 110.62
CA HIS H 45 -35.22 -25.92 111.31
C HIS H 45 -36.53 -26.67 111.04
N VAL H 46 -37.50 -26.49 111.93
CA VAL H 46 -38.80 -27.14 111.87
C VAL H 46 -39.66 -26.51 110.76
N PRO H 47 -40.51 -27.31 110.09
CA PRO H 47 -41.42 -26.80 109.05
C PRO H 47 -42.33 -25.66 109.48
N THR H 48 -42.12 -24.49 108.89
CA THR H 48 -42.92 -23.30 109.20
C THR H 48 -43.43 -22.63 107.93
N VAL H 49 -44.59 -21.98 108.02
CA VAL H 49 -45.09 -21.14 106.93
C VAL H 49 -45.36 -19.75 107.48
N GLU H 50 -44.46 -18.82 107.21
CA GLU H 50 -44.58 -17.46 107.74
C GLU H 50 -44.65 -16.38 106.67
N GLN H 51 -45.42 -15.34 106.98
CA GLN H 51 -45.61 -14.21 106.09
C GLN H 51 -44.49 -13.21 106.35
N LEU H 52 -43.76 -12.85 105.30
CA LEU H 52 -42.66 -11.89 105.42
C LEU H 52 -43.12 -10.44 105.27
N LEU H 53 -43.10 -9.69 106.37
CA LEU H 53 -43.29 -8.25 106.34
C LEU H 53 -42.12 -7.64 105.52
N PRO H 54 -42.25 -6.35 105.11
CA PRO H 54 -41.09 -5.69 104.47
C PRO H 54 -39.90 -5.51 105.44
N GLY H 55 -38.69 -5.65 104.94
CA GLY H 55 -37.52 -5.61 105.81
C GLY H 55 -36.27 -6.17 105.17
N VAL H 56 -35.25 -6.43 105.99
CA VAL H 56 -33.98 -6.98 105.51
C VAL H 56 -33.97 -8.50 105.59
N VAL H 57 -33.74 -9.16 104.44
CA VAL H 57 -33.54 -10.60 104.43
C VAL H 57 -32.07 -10.89 104.24
N GLU H 58 -31.42 -11.14 105.37
CA GLU H 58 -29.98 -11.43 105.39
C GLU H 58 -29.77 -12.91 105.13
N VAL H 59 -29.03 -13.21 104.07
CA VAL H 59 -28.56 -14.56 103.80
C VAL H 59 -27.10 -14.64 104.23
N MET H 60 -26.81 -15.59 105.10
CA MET H 60 -25.45 -15.82 105.60
C MET H 60 -24.89 -17.09 104.99
N GLU H 61 -23.77 -16.97 104.30
CA GLU H 61 -23.09 -18.12 103.70
C GLU H 61 -21.78 -18.44 104.43
N GLY H 62 -21.86 -18.60 105.75
CA GLY H 62 -20.70 -18.95 106.57
C GLY H 62 -20.11 -17.71 107.20
N SER H 63 -19.06 -17.20 106.58
CA SER H 63 -18.44 -15.96 107.05
C SER H 63 -18.89 -14.82 106.18
N ASN H 64 -20.09 -14.94 105.60
CA ASN H 64 -20.59 -13.94 104.69
C ASN H 64 -22.04 -13.55 104.95
N SER H 65 -22.43 -12.35 104.53
CA SER H 65 -23.82 -11.90 104.60
C SER H 65 -24.14 -10.83 103.57
N LYS H 66 -25.21 -11.08 102.81
CA LYS H 66 -25.79 -10.09 101.89
C LYS H 66 -27.19 -9.79 102.38
N LYS H 67 -27.40 -8.55 102.82
CA LYS H 67 -28.75 -8.09 103.15
C LYS H 67 -29.49 -7.71 101.86
N PHE H 68 -30.81 -7.88 101.87
CA PHE H 68 -31.68 -7.41 100.81
C PHE H 68 -32.86 -6.73 101.44
N PHE H 69 -33.15 -5.49 101.08
CA PHE H 69 -34.45 -4.96 101.47
C PHE H 69 -35.51 -5.64 100.61
N ILE H 70 -36.66 -5.91 101.22
CA ILE H 70 -37.66 -6.78 100.62
C ILE H 70 -39.07 -6.21 100.63
N SER H 71 -39.72 -6.36 99.48
CA SER H 71 -41.09 -5.92 99.28
C SER H 71 -41.99 -6.56 100.32
N GLY H 72 -42.08 -7.88 100.28
CA GLY H 72 -42.78 -8.66 101.29
C GLY H 72 -42.71 -10.13 100.96
N GLY H 73 -43.87 -10.77 100.92
CA GLY H 73 -43.93 -12.14 100.43
C GLY H 73 -44.13 -13.16 101.51
N PHE H 74 -43.51 -14.32 101.31
CA PHE H 74 -43.75 -15.49 102.15
C PHE H 74 -42.50 -16.33 102.29
N ALA H 75 -42.30 -16.88 103.47
CA ALA H 75 -41.28 -17.90 103.68
C ALA H 75 -41.90 -19.21 104.20
N THR H 76 -41.46 -20.33 103.63
CA THR H 76 -41.89 -21.65 104.12
C THR H 76 -40.68 -22.55 104.34
N VAL H 77 -40.63 -23.20 105.50
CA VAL H 77 -39.61 -24.21 105.77
C VAL H 77 -40.17 -25.60 105.44
N GLN H 78 -39.57 -26.23 104.46
CA GLN H 78 -40.04 -27.52 103.99
C GLN H 78 -39.67 -28.64 104.95
N PRO H 79 -40.46 -29.72 104.94
CA PRO H 79 -40.14 -30.96 105.65
C PRO H 79 -38.80 -31.56 105.26
N ASP H 80 -38.25 -31.22 104.09
CA ASP H 80 -36.85 -31.54 103.81
C ASP H 80 -35.90 -30.40 104.20
N SER H 81 -36.31 -29.63 105.20
CA SER H 81 -35.50 -28.56 105.82
C SER H 81 -35.06 -27.43 104.86
N GLN H 82 -35.67 -27.40 103.66
CA GLN H 82 -35.43 -26.34 102.68
C GLN H 82 -36.05 -25.03 103.11
N LEU H 83 -35.49 -23.92 102.64
CA LEU H 83 -36.10 -22.60 102.85
C LEU H 83 -36.56 -21.99 101.54
N CYS H 84 -37.85 -21.66 101.46
CA CYS H 84 -38.43 -21.03 100.27
C CYS H 84 -38.85 -19.60 100.56
N VAL H 85 -37.98 -18.66 100.20
CA VAL H 85 -38.28 -17.25 100.39
C VAL H 85 -38.74 -16.65 99.06
N THR H 86 -40.00 -16.24 99.02
CA THR H 86 -40.62 -15.71 97.80
C THR H 86 -41.02 -14.26 98.03
N ALA H 87 -40.48 -13.37 97.20
CA ALA H 87 -40.73 -11.94 97.37
C ALA H 87 -40.98 -11.26 96.02
N ILE H 88 -41.52 -10.05 96.06
CA ILE H 88 -41.75 -9.28 94.83
C ILE H 88 -40.47 -8.54 94.41
N GLU H 89 -39.88 -7.81 95.34
CA GLU H 89 -38.73 -6.97 95.05
C GLU H 89 -37.62 -7.21 96.04
N ALA H 90 -36.41 -7.47 95.52
CA ALA H 90 -35.22 -7.70 96.36
C ALA H 90 -33.94 -7.19 95.70
N PHE H 91 -33.29 -6.24 96.38
CA PHE H 91 -32.04 -5.65 95.89
C PHE H 91 -30.97 -5.68 96.95
N PRO H 92 -29.71 -5.94 96.55
CA PRO H 92 -28.60 -5.80 97.48
C PRO H 92 -28.44 -4.33 97.91
N LEU H 93 -27.86 -4.10 99.08
CA LEU H 93 -27.76 -2.75 99.63
C LEU H 93 -26.82 -1.82 98.85
N GLU H 94 -25.87 -2.42 98.12
CA GLU H 94 -24.86 -1.71 97.32
C GLU H 94 -25.36 -0.54 96.46
N SER H 95 -26.63 -0.59 96.03
CA SER H 95 -27.23 0.52 95.27
C SER H 95 -28.75 0.59 95.42
N PHE H 96 -29.23 0.60 96.67
CA PHE H 96 -30.65 0.58 96.94
C PHE H 96 -31.33 1.96 96.82
N SER H 97 -30.66 3.05 97.20
CA SER H 97 -31.36 4.35 97.30
C SER H 97 -30.55 5.65 97.37
N GLN H 98 -30.51 6.42 96.29
CA GLN H 98 -29.92 7.77 96.38
C GLN H 98 -30.97 8.90 96.32
N GLU H 99 -32.22 8.50 96.03
CA GLU H 99 -33.37 9.42 95.96
C GLU H 99 -33.58 10.26 97.23
N ASN H 100 -34.33 9.70 98.19
CA ASN H 100 -34.71 10.38 99.46
C ASN H 100 -36.01 11.22 99.38
N ILE H 101 -36.97 10.71 98.61
CA ILE H 101 -38.33 11.25 98.60
C ILE H 101 -39.25 10.31 99.40
N LYS H 102 -38.78 9.95 100.59
CA LYS H 102 -39.55 9.23 101.61
C LYS H 102 -40.49 10.18 102.35
N ASN H 103 -39.93 11.23 102.94
CA ASN H 103 -40.69 12.29 103.62
C ASN H 103 -41.58 13.07 102.64
N LEU H 104 -41.24 12.99 101.36
CA LEU H 104 -42.07 13.54 100.28
C LEU H 104 -43.33 12.70 100.05
N LEU H 105 -43.37 11.51 100.64
CA LEU H 105 -44.54 10.65 100.60
C LEU H 105 -45.22 10.58 101.97
N ALA H 106 -44.41 10.60 103.02
CA ALA H 106 -44.88 10.54 104.42
C ALA H 106 -46.00 11.54 104.69
N GLU H 107 -45.67 12.82 104.68
CA GLU H 107 -46.63 13.88 104.91
C GLU H 107 -47.62 14.03 103.76
N ALA H 108 -47.25 13.51 102.58
CA ALA H 108 -48.12 13.55 101.41
C ALA H 108 -49.30 12.59 101.52
N LYS H 109 -49.06 11.42 102.10
CA LYS H 109 -50.10 10.43 102.27
C LYS H 109 -50.92 10.71 103.51
N LYS H 110 -50.27 10.59 104.67
CA LYS H 110 -50.92 10.66 105.97
C LYS H 110 -51.71 11.94 106.25
N ASN H 111 -51.40 13.03 105.53
CA ASN H 111 -52.11 14.30 105.74
C ASN H 111 -53.45 14.39 104.99
N VAL H 112 -53.66 13.49 104.02
CA VAL H 112 -54.95 13.42 103.30
C VAL H 112 -55.96 12.53 104.05
N SER H 113 -57.13 13.11 104.34
CA SER H 113 -58.16 12.46 105.16
C SER H 113 -58.92 11.42 104.35
N GLU H 119 -60.36 7.76 97.68
CA GLU H 119 -58.99 8.17 97.97
C GLU H 119 -58.58 7.86 99.40
N ALA H 120 -59.42 8.27 100.35
CA ALA H 120 -59.17 8.18 101.80
C ALA H 120 -58.68 6.81 102.29
N ALA H 121 -59.30 5.74 101.80
CA ALA H 121 -58.99 4.39 102.25
C ALA H 121 -57.53 3.98 102.04
N GLU H 122 -56.96 4.38 100.89
CA GLU H 122 -55.66 3.85 100.44
C GLU H 122 -54.46 4.80 100.55
N ALA H 123 -54.73 6.10 100.49
CA ALA H 123 -53.72 7.13 100.73
C ALA H 123 -53.23 7.06 102.17
N ALA H 124 -54.16 6.82 103.09
CA ALA H 124 -53.85 6.57 104.50
C ALA H 124 -53.13 5.22 104.67
N ILE H 125 -53.49 4.25 103.83
CA ILE H 125 -52.90 2.92 103.87
C ILE H 125 -51.46 2.92 103.36
N GLN H 126 -51.18 3.81 102.40
CA GLN H 126 -49.83 3.95 101.82
C GLN H 126 -48.82 4.61 102.77
N VAL H 127 -49.32 5.15 103.87
CA VAL H 127 -48.49 5.77 104.90
C VAL H 127 -47.85 4.74 105.86
N GLU H 128 -48.63 3.71 106.22
CA GLU H 128 -48.24 2.73 107.24
C GLU H 128 -46.86 2.08 107.01
N VAL H 129 -46.48 1.96 105.74
CA VAL H 129 -45.25 1.26 105.36
C VAL H 129 -44.03 2.18 105.23
N LEU H 130 -44.22 3.31 104.55
CA LEU H 130 -43.13 4.22 104.21
C LEU H 130 -42.38 4.77 105.42
N GLU H 131 -43.12 5.16 106.45
CA GLU H 131 -42.55 5.63 107.72
C GLU H 131 -41.95 4.49 108.54
N ASN H 132 -42.03 3.27 107.99
CA ASN H 132 -41.45 2.08 108.61
C ASN H 132 -40.28 1.53 107.78
N LEU H 133 -40.40 1.65 106.45
CA LEU H 133 -39.40 1.16 105.49
C LEU H 133 -37.98 1.70 105.73
N GLN H 134 -37.84 3.01 105.83
CA GLN H 134 -36.53 3.61 106.04
C GLN H 134 -36.10 3.54 107.51
N SER H 135 -36.00 2.34 108.05
CA SER H 135 -35.55 2.17 109.43
C SER H 135 -34.10 1.64 109.51
N VAL H 136 -33.25 2.10 108.59
CA VAL H 136 -31.85 1.70 108.51
C VAL H 136 -31.06 2.72 107.69
N ARG I 4 -56.65 -2.77 107.70
CA ARG I 4 -56.88 -2.64 106.22
C ARG I 4 -58.04 -3.53 105.80
N LYS I 5 -58.85 -3.90 106.80
CA LYS I 5 -60.05 -4.72 106.61
C LYS I 5 -61.26 -3.79 106.39
N ALA I 6 -62.36 -4.36 105.92
CA ALA I 6 -63.44 -3.60 105.24
C ALA I 6 -62.80 -2.73 104.14
N GLY I 7 -61.92 -3.38 103.36
CA GLY I 7 -61.03 -2.71 102.40
C GLY I 7 -60.17 -3.67 101.60
N ILE I 8 -58.88 -3.33 101.45
CA ILE I 8 -57.97 -3.99 100.48
C ILE I 8 -57.57 -5.44 100.80
N SER I 9 -56.54 -5.95 100.12
CA SER I 9 -56.12 -7.34 100.25
C SER I 9 -54.62 -7.44 100.52
N TYR I 10 -54.16 -8.62 100.94
CA TYR I 10 -52.76 -8.85 101.29
C TYR I 10 -51.82 -8.48 100.16
N ALA I 11 -52.19 -8.85 98.93
CA ALA I 11 -51.32 -8.65 97.77
C ALA I 11 -51.24 -7.21 97.29
N ALA I 12 -52.36 -6.49 97.41
CA ALA I 12 -52.38 -5.05 97.15
C ALA I 12 -51.56 -4.34 98.23
N TYR I 13 -52.01 -4.54 99.47
CA TYR I 13 -51.28 -4.20 100.70
C TYR I 13 -49.77 -4.49 100.65
N LEU I 14 -49.35 -5.30 99.67
CA LEU I 14 -47.96 -5.69 99.51
C LEU I 14 -47.34 -5.01 98.29
N ASN I 15 -48.19 -4.72 97.32
CA ASN I 15 -47.81 -4.01 96.11
C ASN I 15 -47.61 -2.53 96.43
N VAL I 16 -48.43 -2.02 97.36
CA VAL I 16 -48.32 -0.64 97.87
C VAL I 16 -46.91 -0.35 98.42
N ALA I 17 -46.37 -1.33 99.16
CA ALA I 17 -45.00 -1.27 99.66
C ALA I 17 -43.98 -1.65 98.58
N ALA I 18 -44.42 -2.38 97.56
CA ALA I 18 -43.51 -2.85 96.51
C ALA I 18 -43.08 -1.74 95.54
N GLN I 19 -43.93 -0.73 95.39
CA GLN I 19 -43.62 0.44 94.58
C GLN I 19 -42.49 1.24 95.21
N ALA I 20 -42.47 1.29 96.54
CA ALA I 20 -41.50 2.08 97.30
C ALA I 20 -40.06 1.70 96.99
N ILE I 21 -39.76 0.40 97.02
CA ILE I 21 -38.41 -0.11 96.70
C ILE I 21 -37.94 0.35 95.31
N ARG I 22 -38.83 0.22 94.32
CA ARG I 22 -38.52 0.59 92.95
C ARG I 22 -38.38 2.11 92.77
N SER I 23 -39.33 2.88 93.33
CA SER I 23 -39.38 4.35 93.20
C SER I 23 -38.48 5.11 94.18
N SER I 24 -37.61 4.38 94.88
CA SER I 24 -36.59 5.00 95.73
C SER I 24 -35.26 4.29 95.52
N LEU I 25 -35.15 3.61 94.38
CA LEU I 25 -33.88 3.12 93.86
C LEU I 25 -33.38 4.24 92.96
N LYS I 26 -32.16 4.72 93.20
CA LYS I 26 -31.64 5.89 92.49
C LYS I 26 -31.92 5.79 91.00
N THR I 27 -32.41 6.89 90.42
CA THR I 27 -32.75 6.98 89.00
C THR I 27 -31.65 6.42 88.12
N GLU I 28 -30.40 6.73 88.49
CA GLU I 28 -29.18 6.16 87.89
C GLU I 28 -29.35 4.70 87.42
N LEU I 29 -29.89 3.82 88.26
CA LEU I 29 -30.42 2.57 87.71
C LEU I 29 -31.82 2.12 88.16
N GLN I 30 -32.78 3.02 87.93
CA GLN I 30 -34.15 2.63 87.66
C GLN I 30 -34.17 2.36 86.15
N THR I 31 -34.22 1.09 85.77
CA THR I 31 -33.99 0.69 84.37
C THR I 31 -35.27 0.63 83.52
N ALA I 32 -35.09 0.30 82.25
CA ALA I 32 -36.17 0.21 81.26
C ALA I 32 -37.27 -0.74 81.73
N SER I 33 -36.86 -1.96 82.11
CA SER I 33 -37.78 -2.97 82.61
C SER I 33 -38.34 -2.63 83.99
N VAL I 34 -37.55 -1.92 84.80
CA VAL I 34 -37.93 -1.58 86.18
C VAL I 34 -39.19 -0.68 86.26
N LEU I 35 -39.34 0.25 85.31
CA LEU I 35 -40.52 1.12 85.30
C LEU I 35 -41.77 0.42 84.79
N ASN I 36 -41.59 -0.54 83.90
CA ASN I 36 -42.67 -1.40 83.45
C ASN I 36 -43.43 -2.03 84.61
N ARG I 37 -42.68 -2.37 85.67
CA ARG I 37 -43.24 -2.99 86.87
C ARG I 37 -44.01 -1.99 87.76
N SER I 38 -43.67 -0.69 87.67
CA SER I 38 -44.23 0.30 88.59
C SER I 38 -45.52 1.02 88.12
N GLN I 39 -45.98 0.72 86.90
CA GLN I 39 -47.30 1.19 86.40
C GLN I 39 -47.95 0.19 85.44
N THR I 40 -49.28 0.24 85.35
CA THR I 40 -50.04 -0.63 84.45
C THR I 40 -51.09 0.15 83.67
N ASP I 41 -51.52 -0.42 82.56
CA ASP I 41 -52.53 0.20 81.69
C ASP I 41 -53.90 -0.45 81.82
N ALA I 42 -54.00 -1.48 82.66
CA ALA I 42 -55.20 -2.30 82.77
C ALA I 42 -56.52 -1.56 83.07
N PHE I 43 -57.58 -1.98 82.37
CA PHE I 43 -58.94 -1.52 82.66
C PHE I 43 -59.82 -2.75 82.95
N TYR I 44 -60.96 -2.54 83.61
CA TYR I 44 -61.92 -3.63 83.80
C TYR I 44 -63.39 -3.25 83.56
N THR I 45 -64.13 -4.18 82.97
CA THR I 45 -65.55 -4.00 82.69
C THR I 45 -66.32 -5.21 83.19
N GLN I 46 -67.32 -4.99 84.06
CA GLN I 46 -68.17 -6.09 84.53
C GLN I 46 -69.19 -6.48 83.44
N TYR I 47 -69.80 -7.67 83.56
CA TYR I 47 -70.64 -8.25 82.50
C TYR I 47 -71.91 -9.00 82.97
N LYS I 48 -72.93 -9.00 82.11
CA LYS I 48 -74.17 -9.75 82.34
C LYS I 48 -74.90 -10.02 81.02
N ASN I 49 -75.24 -11.29 80.77
CA ASN I 49 -75.97 -11.74 79.58
C ASN I 49 -75.28 -11.39 78.26
N ALA I 53 -73.27 -10.35 75.87
CA ALA I 53 -73.51 -8.90 75.91
C ALA I 53 -72.98 -8.28 77.21
N SER I 54 -72.67 -6.99 77.16
CA SER I 54 -72.02 -6.30 78.27
C SER I 54 -73.00 -5.83 79.34
N GLU I 55 -72.46 -5.33 80.47
CA GLU I 55 -73.29 -4.79 81.56
C GLU I 55 -72.88 -3.39 82.09
N PRO I 56 -72.06 -3.31 83.18
CA PRO I 56 -71.75 -1.99 83.75
C PRO I 56 -70.49 -1.30 83.17
N THR I 57 -70.08 -0.21 83.81
CA THR I 57 -69.00 0.69 83.36
C THR I 57 -67.60 0.07 83.24
N PRO I 58 -66.69 0.69 82.42
CA PRO I 58 -65.31 0.22 82.25
C PRO I 58 -64.22 1.00 83.00
N ILE I 59 -64.15 0.85 84.33
CA ILE I 59 -63.22 1.60 85.19
C ILE I 59 -61.74 1.23 84.99
N THR I 60 -60.84 2.15 85.34
CA THR I 60 -59.39 1.90 85.34
C THR I 60 -58.97 1.02 86.53
N LYS I 61 -57.71 0.60 86.57
CA LYS I 61 -57.17 -0.16 87.72
C LYS I 61 -56.08 0.63 88.47
N ASN J 26 13.90 -40.36 -50.48
CA ASN J 26 12.64 -40.16 -49.71
C ASN J 26 12.81 -39.11 -48.59
N LEU J 27 13.62 -39.44 -47.59
CA LEU J 27 13.94 -38.54 -46.45
C LEU J 27 12.92 -38.58 -45.31
N ASN J 28 11.66 -38.87 -45.65
CA ASN J 28 10.63 -39.09 -44.64
C ASN J 28 10.82 -40.49 -44.06
N GLU J 29 11.04 -41.45 -44.96
CA GLU J 29 11.26 -42.85 -44.57
C GLU J 29 12.73 -43.24 -44.61
N THR J 30 13.53 -42.60 -45.47
CA THR J 30 14.95 -42.92 -45.52
C THR J 30 15.81 -41.85 -44.86
N GLY J 31 17.12 -42.04 -44.89
CA GLY J 31 18.04 -41.07 -44.32
C GLY J 31 19.45 -41.25 -44.87
N ARG J 32 20.23 -40.18 -44.79
CA ARG J 32 21.62 -40.24 -45.24
C ARG J 32 22.59 -40.21 -44.07
N VAL J 33 23.55 -41.14 -44.07
CA VAL J 33 24.56 -41.18 -43.01
C VAL J 33 25.48 -39.96 -43.09
N LEU J 34 25.61 -39.24 -41.99
CA LEU J 34 26.41 -38.04 -41.96
C LEU J 34 27.80 -38.37 -41.46
N ALA J 35 27.85 -39.20 -40.43
CA ALA J 35 29.10 -39.66 -39.83
C ALA J 35 28.86 -40.96 -39.08
N VAL J 36 29.88 -41.78 -38.97
CA VAL J 36 29.77 -43.02 -38.21
C VAL J 36 31.04 -43.21 -37.38
N GLY J 37 30.86 -43.81 -36.21
CA GLY J 37 31.99 -44.09 -35.32
C GLY J 37 31.54 -44.50 -33.93
N ASP J 38 32.37 -45.31 -33.28
CA ASP J 38 32.14 -45.69 -31.88
C ASP J 38 30.83 -46.46 -31.67
N GLY J 39 30.32 -47.06 -32.72
CA GLY J 39 29.02 -47.72 -32.66
C GLY J 39 27.90 -46.70 -32.52
N ILE J 40 28.16 -45.51 -33.05
CA ILE J 40 27.15 -44.48 -33.26
C ILE J 40 27.19 -44.10 -34.74
N ALA J 41 26.02 -43.90 -35.31
CA ALA J 41 25.87 -43.37 -36.65
C ALA J 41 24.91 -42.21 -36.59
N ARG J 42 25.37 -41.05 -37.05
CA ARG J 42 24.53 -39.85 -37.16
C ARG J 42 23.96 -39.78 -38.57
N VAL J 43 22.64 -39.61 -38.65
CA VAL J 43 21.92 -39.72 -39.91
C VAL J 43 21.01 -38.49 -40.16
N PHE J 44 21.09 -37.90 -41.36
CA PHE J 44 20.18 -36.83 -41.83
C PHE J 44 18.88 -37.42 -42.38
N GLY J 45 17.76 -36.79 -42.02
CA GLY J 45 16.47 -37.20 -42.54
C GLY J 45 15.72 -38.10 -41.59
N LEU J 46 15.22 -39.23 -42.12
CA LEU J 46 14.37 -40.13 -41.35
C LEU J 46 13.35 -39.33 -40.53
N ASN J 47 12.58 -38.49 -41.20
CA ASN J 47 11.72 -37.54 -40.50
C ASN J 47 10.54 -38.15 -39.76
N ASN J 48 10.04 -39.28 -40.26
CA ASN J 48 8.88 -39.92 -39.66
C ASN J 48 9.23 -40.88 -38.53
N ILE J 49 10.52 -41.09 -38.31
CA ILE J 49 11.03 -42.03 -37.30
C ILE J 49 10.59 -41.66 -35.89
N GLN J 50 10.16 -42.67 -35.12
CA GLN J 50 9.76 -42.48 -33.74
C GLN J 50 10.96 -42.71 -32.85
N ALA J 51 11.03 -42.02 -31.71
CA ALA J 51 12.08 -42.27 -30.73
C ALA J 51 12.14 -43.77 -30.44
N GLU J 52 13.36 -44.29 -30.34
CA GLU J 52 13.60 -45.70 -30.00
C GLU J 52 13.17 -46.69 -31.08
N GLU J 53 13.24 -46.24 -32.34
CA GLU J 53 12.87 -47.08 -33.49
C GLU J 53 14.09 -47.75 -34.11
N LEU J 54 13.92 -49.01 -34.46
CA LEU J 54 14.93 -49.76 -35.18
C LEU J 54 15.13 -49.21 -36.60
N VAL J 55 16.35 -49.33 -37.12
CA VAL J 55 16.64 -49.02 -38.53
C VAL J 55 17.51 -50.11 -39.16
N GLU J 56 17.42 -50.24 -40.47
CA GLU J 56 18.25 -51.20 -41.21
C GLU J 56 19.16 -50.44 -42.17
N PHE J 57 20.47 -50.70 -42.06
CA PHE J 57 21.46 -50.01 -42.90
C PHE J 57 21.71 -50.80 -44.20
N SER J 58 22.38 -50.14 -45.16
CA SER J 58 22.77 -50.74 -46.45
C SER J 58 23.33 -52.15 -46.31
N SER J 59 24.35 -52.27 -45.47
CA SER J 59 25.07 -53.52 -45.26
C SER J 59 24.12 -54.61 -44.81
N GLY J 60 23.16 -54.24 -43.98
CA GLY J 60 22.20 -55.18 -43.42
C GLY J 60 22.09 -55.02 -41.91
N VAL J 61 23.15 -54.47 -41.32
CA VAL J 61 23.23 -54.25 -39.88
C VAL J 61 22.12 -53.32 -39.41
N LYS J 62 21.61 -53.59 -38.21
CA LYS J 62 20.51 -52.82 -37.66
C LYS J 62 21.00 -51.89 -36.55
N GLY J 63 20.23 -50.86 -36.29
CA GLY J 63 20.51 -49.96 -35.18
C GLY J 63 19.19 -49.45 -34.62
N MET J 64 19.22 -48.92 -33.41
CA MET J 64 18.06 -48.24 -32.88
C MET J 64 18.38 -46.77 -32.65
N ALA J 65 17.42 -45.91 -32.97
CA ALA J 65 17.55 -44.46 -32.83
C ALA J 65 17.24 -44.01 -31.41
N LEU J 66 18.23 -43.45 -30.72
CA LEU J 66 18.03 -42.98 -29.36
C LEU J 66 17.94 -41.47 -29.26
N ILE J 67 18.51 -40.76 -30.23
CA ILE J 67 18.52 -39.32 -30.16
C ILE J 67 17.91 -38.71 -31.40
N LEU J 68 16.84 -37.92 -31.19
CA LEU J 68 16.19 -37.18 -32.26
C LEU J 68 16.43 -35.69 -32.09
N GLU J 69 17.21 -35.08 -33.00
CA GLU J 69 17.48 -33.64 -32.98
C GLU J 69 17.09 -33.02 -34.32
N PRO J 70 16.92 -31.67 -34.34
CA PRO J 70 16.61 -30.97 -35.59
C PRO J 70 17.32 -31.51 -36.82
N GLY J 71 18.62 -31.27 -36.95
CA GLY J 71 19.36 -31.71 -38.13
C GLY J 71 19.39 -33.21 -38.38
N GLN J 72 19.64 -33.98 -37.33
CA GLN J 72 19.99 -35.39 -37.49
C GLN J 72 19.40 -36.31 -36.43
N VAL J 73 19.44 -37.61 -36.72
CA VAL J 73 19.11 -38.67 -35.77
C VAL J 73 20.43 -39.32 -35.34
N GLY J 74 20.49 -39.77 -34.08
CA GLY J 74 21.64 -40.48 -33.56
C GLY J 74 21.24 -41.90 -33.24
N ILE J 75 21.90 -42.86 -33.87
CA ILE J 75 21.48 -44.26 -33.79
C ILE J 75 22.60 -45.19 -33.28
N VAL J 76 22.33 -45.90 -32.18
CA VAL J 76 23.30 -46.89 -31.68
C VAL J 76 23.29 -48.17 -32.51
N LEU J 77 24.44 -48.49 -33.09
CA LEU J 77 24.56 -49.64 -33.98
C LEU J 77 24.51 -50.93 -33.20
N PHE J 78 23.95 -51.97 -33.81
CA PHE J 78 23.91 -53.32 -33.21
C PHE J 78 25.05 -54.20 -33.71
N GLY J 79 25.80 -53.69 -34.70
CA GLY J 79 26.91 -54.46 -35.31
C GLY J 79 28.21 -53.68 -35.36
N SER J 80 29.20 -54.18 -36.10
CA SER J 80 30.45 -53.44 -36.19
C SER J 80 30.27 -52.24 -37.11
N ASP J 81 30.75 -51.08 -36.67
CA ASP J 81 30.67 -49.84 -37.45
C ASP J 81 31.52 -49.85 -38.71
N ARG J 82 32.26 -50.94 -38.89
CA ARG J 82 32.97 -51.23 -40.12
C ARG J 82 32.02 -51.28 -41.32
N LEU J 83 30.82 -51.79 -41.06
CA LEU J 83 29.82 -52.07 -42.09
C LEU J 83 28.97 -50.86 -42.48
N VAL J 84 29.19 -49.74 -41.80
CA VAL J 84 28.51 -48.49 -42.15
C VAL J 84 29.52 -47.53 -42.75
N LYS J 85 29.19 -46.94 -43.89
CA LYS J 85 30.05 -45.90 -44.48
C LYS J 85 29.31 -44.57 -44.57
N GLU J 86 30.06 -43.48 -44.75
CA GLU J 86 29.47 -42.15 -44.84
C GLU J 86 28.68 -42.02 -46.13
N GLY J 87 27.61 -41.24 -46.09
CA GLY J 87 26.77 -40.99 -47.26
C GLY J 87 25.82 -42.12 -47.63
N GLU J 88 25.86 -43.20 -46.84
CA GLU J 88 25.08 -44.42 -47.08
C GLU J 88 23.57 -44.24 -46.82
N LEU J 89 22.79 -45.27 -47.14
CA LEU J 89 21.32 -45.21 -47.04
C LEU J 89 20.80 -45.91 -45.80
N VAL J 90 19.87 -45.25 -45.11
CA VAL J 90 19.22 -45.82 -43.92
C VAL J 90 17.70 -45.90 -44.10
N LYS J 91 17.13 -47.07 -43.82
CA LYS J 91 15.69 -47.30 -43.93
C LYS J 91 15.03 -47.48 -42.56
N ARG J 92 13.81 -46.98 -42.44
CA ARG J 92 12.95 -47.18 -41.26
C ARG J 92 12.38 -48.59 -41.22
N THR J 93 11.89 -48.99 -40.05
CA THR J 93 11.21 -50.27 -39.90
C THR J 93 9.82 -50.07 -39.32
N GLY J 94 9.53 -48.84 -38.87
CA GLY J 94 8.25 -48.52 -38.23
C GLY J 94 8.06 -49.20 -36.89
N ASN J 95 9.10 -49.89 -36.43
CA ASN J 95 9.05 -50.69 -35.20
C ASN J 95 9.85 -50.12 -34.04
N ILE J 96 9.18 -49.88 -32.91
CA ILE J 96 9.86 -49.67 -31.65
C ILE J 96 10.48 -51.02 -31.29
N VAL J 97 11.73 -51.00 -30.82
CA VAL J 97 12.48 -52.22 -30.48
C VAL J 97 11.60 -53.26 -29.80
N ASP J 98 11.44 -54.42 -30.44
CA ASP J 98 10.54 -55.45 -29.93
C ASP J 98 11.07 -56.86 -30.10
N VAL J 99 10.47 -57.80 -29.36
CA VAL J 99 10.96 -59.17 -29.32
C VAL J 99 9.81 -60.17 -29.46
N PRO J 100 10.07 -61.30 -30.14
CA PRO J 100 9.10 -62.40 -30.11
C PRO J 100 8.91 -62.89 -28.67
N VAL J 101 7.68 -63.28 -28.34
CA VAL J 101 7.38 -63.83 -27.03
C VAL J 101 6.55 -65.10 -27.18
N GLY J 102 6.30 -65.77 -26.05
CA GLY J 102 5.37 -66.91 -26.00
C GLY J 102 6.06 -68.24 -25.79
N PRO J 103 5.29 -69.29 -25.46
CA PRO J 103 5.82 -70.58 -25.00
C PRO J 103 6.82 -71.22 -25.97
N GLY J 104 6.72 -70.87 -27.25
CA GLY J 104 7.59 -71.45 -28.29
C GLY J 104 9.07 -71.10 -28.16
N LEU J 105 9.45 -70.55 -27.00
CA LEU J 105 10.83 -70.10 -26.75
C LEU J 105 11.53 -70.97 -25.72
N LEU J 106 10.75 -71.62 -24.85
CA LEU J 106 11.25 -72.60 -23.88
C LEU J 106 12.11 -73.63 -24.62
N GLY J 107 13.31 -73.84 -24.13
CA GLY J 107 14.23 -74.77 -24.75
C GLY J 107 15.23 -74.12 -25.68
N ARG J 108 14.94 -72.90 -26.12
CA ARG J 108 15.83 -72.19 -27.05
C ARG J 108 16.83 -71.24 -26.35
N VAL J 109 17.94 -70.93 -27.04
CA VAL J 109 18.83 -69.86 -26.62
C VAL J 109 18.78 -68.77 -27.68
N VAL J 110 18.47 -67.55 -27.26
CA VAL J 110 18.32 -66.45 -28.19
C VAL J 110 19.17 -65.26 -27.78
N ASP J 111 19.43 -64.39 -28.74
CA ASP J 111 20.18 -63.17 -28.48
C ASP J 111 19.27 -62.07 -27.96
N ALA J 112 19.81 -60.85 -27.90
CA ALA J 112 19.10 -59.71 -27.32
C ALA J 112 17.78 -59.36 -28.01
N LEU J 113 17.65 -59.73 -29.29
CA LEU J 113 16.47 -59.36 -30.08
C LEU J 113 15.55 -60.53 -30.33
N GLY J 114 15.86 -61.67 -29.71
CA GLY J 114 15.07 -62.89 -29.81
C GLY J 114 15.48 -63.80 -30.94
N ASN J 115 16.47 -63.40 -31.73
CA ASN J 115 17.00 -64.21 -32.83
C ASN J 115 17.62 -65.50 -32.30
N PRO J 116 17.44 -66.61 -33.02
CA PRO J 116 17.93 -67.87 -32.48
C PRO J 116 19.44 -68.00 -32.65
N ILE J 117 20.12 -68.59 -31.67
CA ILE J 117 21.59 -68.75 -31.71
C ILE J 117 22.10 -70.17 -31.40
N ASP J 118 21.22 -71.03 -30.90
CA ASP J 118 21.58 -72.42 -30.67
C ASP J 118 21.60 -73.16 -32.00
N GLY J 119 21.29 -72.43 -33.07
CA GLY J 119 21.30 -72.97 -34.43
C GLY J 119 20.20 -73.98 -34.66
N LYS J 120 19.07 -73.82 -33.98
CA LYS J 120 17.96 -74.79 -34.05
C LYS J 120 16.77 -74.26 -34.85
N GLY J 121 17.03 -73.72 -36.04
CA GLY J 121 15.96 -73.19 -36.90
C GLY J 121 15.23 -71.99 -36.30
N PRO J 122 14.03 -71.67 -36.82
CA PRO J 122 13.23 -70.50 -36.43
C PRO J 122 12.52 -70.62 -35.07
N ILE J 123 12.05 -69.48 -34.56
CA ILE J 123 11.24 -69.43 -33.34
C ILE J 123 9.76 -69.58 -33.70
N ASP J 124 9.00 -70.26 -32.84
CA ASP J 124 7.55 -70.23 -32.93
C ASP J 124 6.97 -69.19 -31.96
N ALA J 125 6.77 -67.99 -32.48
CA ALA J 125 6.37 -66.83 -31.68
C ALA J 125 4.86 -66.65 -31.68
N ALA J 126 4.33 -66.33 -30.50
CA ALA J 126 2.89 -66.14 -30.31
C ALA J 126 2.46 -64.65 -30.30
N GLY J 127 3.43 -63.76 -30.46
CA GLY J 127 3.18 -62.31 -30.47
C GLY J 127 4.48 -61.52 -30.43
N ARG J 128 4.38 -60.20 -30.40
CA ARG J 128 5.57 -59.34 -30.25
C ARG J 128 5.37 -58.26 -29.19
N SER J 129 6.21 -58.29 -28.16
CA SER J 129 6.22 -57.26 -27.12
C SER J 129 7.37 -56.29 -27.33
N ARG J 130 7.14 -55.04 -26.97
CA ARG J 130 8.20 -54.04 -26.98
C ARG J 130 9.26 -54.32 -25.89
N ALA J 131 10.45 -53.74 -26.06
CA ALA J 131 11.54 -53.90 -25.08
C ALA J 131 11.22 -53.20 -23.76
N GLN J 132 10.90 -51.91 -23.84
CA GLN J 132 10.45 -51.14 -22.68
C GLN J 132 8.93 -51.32 -22.52
N VAL J 133 8.53 -51.78 -21.34
CA VAL J 133 7.12 -52.00 -21.01
C VAL J 133 6.79 -51.37 -19.67
N LYS J 134 5.66 -50.69 -19.62
CA LYS J 134 5.16 -50.12 -18.37
C LYS J 134 4.95 -51.22 -17.34
N ALA J 135 5.50 -51.01 -16.16
CA ALA J 135 5.33 -51.96 -15.07
C ALA J 135 3.90 -51.89 -14.51
N PRO J 136 3.34 -53.05 -14.10
CA PRO J 136 2.04 -53.12 -13.43
C PRO J 136 1.97 -52.11 -12.28
N GLY J 137 0.93 -51.27 -12.28
CA GLY J 137 0.79 -50.16 -11.33
C GLY J 137 0.41 -50.59 -9.92
N ILE J 138 -0.02 -49.64 -9.10
CA ILE J 138 -0.50 -49.92 -7.74
C ILE J 138 -1.69 -50.87 -7.71
N LEU J 139 -2.55 -50.78 -8.73
CA LEU J 139 -3.82 -51.50 -8.70
C LEU J 139 -3.83 -52.97 -9.14
N PRO J 140 -3.18 -53.31 -10.28
CA PRO J 140 -3.31 -54.71 -10.70
C PRO J 140 -2.33 -55.66 -10.00
N ARG J 141 -2.15 -55.48 -8.69
CA ARG J 141 -1.20 -56.28 -7.91
C ARG J 141 -1.80 -56.99 -6.71
N ARG J 142 -1.11 -58.02 -6.25
CA ARG J 142 -1.53 -58.82 -5.10
C ARG J 142 -0.30 -59.08 -4.23
N SER J 143 -0.39 -58.74 -2.94
CA SER J 143 0.75 -58.85 -2.03
C SER J 143 1.35 -60.25 -2.07
N VAL J 144 2.67 -60.32 -2.22
CA VAL J 144 3.38 -61.59 -2.38
C VAL J 144 3.03 -62.58 -1.25
N HIS J 145 2.46 -63.72 -1.63
CA HIS J 145 2.04 -64.73 -0.65
C HIS J 145 2.50 -66.16 -0.96
N GLU J 146 2.76 -66.44 -2.23
CA GLU J 146 3.13 -67.79 -2.67
C GLU J 146 4.64 -67.94 -2.75
N PRO J 147 5.21 -69.01 -2.14
CA PRO J 147 6.66 -69.23 -2.18
C PRO J 147 7.20 -69.77 -3.52
N VAL J 148 8.29 -69.15 -3.99
CA VAL J 148 9.18 -69.73 -4.99
C VAL J 148 10.23 -70.53 -4.21
N GLN J 149 10.20 -71.85 -4.36
CA GLN J 149 11.07 -72.71 -3.56
C GLN J 149 12.43 -72.94 -4.24
N THR J 150 13.50 -72.57 -3.51
CA THR J 150 14.85 -72.63 -4.05
C THR J 150 15.46 -74.02 -3.94
N GLY J 151 15.20 -74.71 -2.84
CA GLY J 151 15.81 -76.00 -2.59
C GLY J 151 17.14 -75.86 -1.90
N LEU J 152 17.52 -74.63 -1.58
CA LEU J 152 18.70 -74.40 -0.74
C LEU J 152 18.23 -74.12 0.68
N LYS J 153 18.39 -75.12 1.55
CA LYS J 153 17.95 -75.05 2.95
C LYS J 153 18.20 -73.68 3.60
N ALA J 154 19.44 -73.18 3.47
CA ALA J 154 19.85 -71.89 4.05
C ALA J 154 19.00 -70.71 3.56
N VAL J 155 18.71 -70.71 2.26
CA VAL J 155 17.92 -69.64 1.64
C VAL J 155 16.49 -69.74 2.12
N ASP J 156 15.87 -70.88 1.86
CA ASP J 156 14.44 -71.05 2.08
C ASP J 156 14.00 -70.79 3.52
N ALA J 157 14.88 -71.11 4.46
CA ALA J 157 14.63 -70.89 5.89
C ALA J 157 14.87 -69.46 6.33
N LEU J 158 15.94 -68.86 5.83
CA LEU J 158 16.40 -67.55 6.30
C LEU J 158 15.94 -66.38 5.43
N VAL J 159 15.99 -66.58 4.11
CA VAL J 159 15.55 -65.57 3.15
C VAL J 159 14.56 -66.22 2.18
N PRO J 160 13.26 -66.22 2.54
CA PRO J 160 12.22 -66.85 1.71
C PRO J 160 11.89 -66.02 0.48
N ILE J 161 11.73 -66.69 -0.65
CA ILE J 161 11.46 -66.03 -1.92
C ILE J 161 10.04 -66.34 -2.39
N GLY J 162 9.28 -65.29 -2.71
CA GLY J 162 7.90 -65.42 -3.17
C GLY J 162 7.66 -65.08 -4.64
N ARG J 163 6.54 -65.58 -5.18
CA ARG J 163 6.20 -65.36 -6.59
C ARG J 163 5.88 -63.89 -6.81
N GLY J 164 6.72 -63.23 -7.61
CA GLY J 164 6.53 -61.81 -7.94
C GLY J 164 7.48 -60.90 -7.21
N GLN J 165 8.33 -61.50 -6.36
CA GLN J 165 9.34 -60.80 -5.58
C GLN J 165 10.59 -60.47 -6.42
N ARG J 166 11.35 -59.46 -6.01
CA ARG J 166 12.60 -59.11 -6.67
C ARG J 166 13.72 -59.23 -5.66
N GLU J 167 14.31 -60.42 -5.56
CA GLU J 167 15.39 -60.65 -4.60
C GLU J 167 16.76 -60.58 -5.25
N LEU J 168 17.60 -59.67 -4.76
CA LEU J 168 18.93 -59.50 -5.32
C LEU J 168 19.96 -60.45 -4.72
N ILE J 169 20.62 -61.22 -5.61
CA ILE J 169 21.80 -61.99 -5.25
C ILE J 169 23.01 -61.10 -5.52
N ILE J 170 23.84 -60.91 -4.49
CA ILE J 170 24.90 -59.91 -4.49
C ILE J 170 26.14 -60.38 -3.73
N GLY J 171 27.31 -60.02 -4.25
CA GLY J 171 28.58 -60.36 -3.60
C GLY J 171 29.76 -60.07 -4.52
N ASP J 172 30.95 -60.44 -4.05
CA ASP J 172 32.18 -60.30 -4.84
C ASP J 172 32.23 -61.33 -5.97
N ARG J 173 33.23 -61.21 -6.84
CA ARG J 173 33.43 -62.19 -7.90
C ARG J 173 33.75 -63.56 -7.31
N GLN J 174 33.21 -64.60 -7.96
CA GLN J 174 33.42 -66.00 -7.59
C GLN J 174 32.98 -66.36 -6.15
N THR J 175 31.94 -65.71 -5.64
CA THR J 175 31.37 -66.08 -4.32
C THR J 175 30.05 -66.85 -4.40
N GLY J 176 29.82 -67.52 -5.51
CA GLY J 176 28.66 -68.38 -5.68
C GLY J 176 27.39 -67.64 -6.01
N LYS J 177 27.52 -66.48 -6.67
CA LYS J 177 26.35 -65.70 -7.07
C LYS J 177 25.51 -66.50 -8.06
N THR J 178 26.13 -66.89 -9.18
CA THR J 178 25.42 -67.55 -10.27
C THR J 178 24.95 -68.96 -9.87
N ALA J 179 25.49 -69.48 -8.76
CA ALA J 179 25.13 -70.80 -8.26
C ALA J 179 23.76 -70.79 -7.60
N VAL J 180 23.50 -69.73 -6.82
CA VAL J 180 22.24 -69.61 -6.09
C VAL J 180 21.05 -69.55 -7.03
N ALA J 181 21.24 -68.99 -8.22
CA ALA J 181 20.18 -68.91 -9.24
C ALA J 181 20.01 -70.26 -9.96
N LEU J 182 21.11 -70.80 -10.43
CA LEU J 182 21.13 -72.02 -11.23
C LEU J 182 20.45 -73.20 -10.53
N ASP J 183 20.74 -73.38 -9.25
CA ASP J 183 20.19 -74.48 -8.46
C ASP J 183 18.69 -74.28 -8.28
N THR J 184 18.30 -73.03 -8.05
CA THR J 184 16.89 -72.67 -7.97
C THR J 184 16.17 -73.02 -9.27
N ILE J 185 16.67 -72.50 -10.39
CA ILE J 185 16.13 -72.87 -11.71
C ILE J 185 15.99 -74.39 -11.81
N LEU J 186 17.02 -75.11 -11.36
CA LEU J 186 17.01 -76.57 -11.40
C LEU J 186 15.92 -77.17 -10.52
N ASN J 187 15.90 -76.74 -9.25
CA ASN J 187 14.92 -77.23 -8.26
C ASN J 187 13.48 -77.23 -8.75
N GLN J 188 13.19 -76.43 -9.79
CA GLN J 188 11.85 -76.28 -10.31
C GLN J 188 11.42 -77.50 -11.12
N LYS J 189 12.36 -78.42 -11.32
CA LYS J 189 12.08 -79.69 -11.98
C LYS J 189 10.91 -80.46 -11.36
N ARG J 190 10.71 -80.27 -10.05
CA ARG J 190 9.66 -80.96 -9.27
C ARG J 190 8.26 -80.73 -9.80
N TRP J 191 7.92 -79.46 -10.02
CA TRP J 191 6.57 -79.05 -10.39
C TRP J 191 6.40 -78.96 -11.91
N ASN J 192 7.48 -78.66 -12.62
CA ASN J 192 7.46 -78.59 -14.08
C ASN J 192 7.29 -79.95 -14.75
N ASN J 193 7.28 -81.02 -13.93
CA ASN J 193 6.97 -82.37 -14.38
C ASN J 193 5.50 -82.77 -14.15
N GLY J 194 4.82 -82.04 -13.26
CA GLY J 194 3.41 -82.30 -12.96
C GLY J 194 2.47 -81.75 -14.02
N SER J 195 1.18 -82.06 -13.87
CA SER J 195 0.13 -81.56 -14.77
C SER J 195 -0.24 -80.12 -14.43
N ASP J 196 -0.38 -79.84 -13.13
CA ASP J 196 -0.82 -78.54 -12.61
C ASP J 196 0.06 -77.43 -13.17
N GLU J 197 -0.55 -76.54 -13.96
CA GLU J 197 0.14 -75.37 -14.53
C GLU J 197 0.40 -74.29 -13.50
N SER J 198 -0.61 -73.99 -12.68
CA SER J 198 -0.50 -72.97 -11.62
C SER J 198 0.71 -73.17 -10.72
N LYS J 199 1.30 -74.36 -10.76
CA LYS J 199 2.44 -74.69 -9.89
C LYS J 199 3.78 -74.65 -10.63
N LYS J 200 3.73 -74.49 -11.95
CA LYS J 200 4.93 -74.39 -12.79
C LYS J 200 5.54 -72.98 -12.76
N LEU J 201 6.85 -72.92 -12.60
CA LEU J 201 7.60 -71.67 -12.69
C LEU J 201 8.56 -71.74 -13.87
N TYR J 202 8.26 -71.01 -14.94
CA TYR J 202 9.11 -70.98 -16.13
C TYR J 202 10.31 -70.08 -15.88
N CYS J 203 11.44 -70.38 -16.52
CA CYS J 203 12.69 -69.70 -16.19
C CYS J 203 13.31 -68.93 -17.34
N VAL J 204 13.72 -67.69 -17.03
CA VAL J 204 14.37 -66.81 -17.99
C VAL J 204 15.73 -66.37 -17.48
N TYR J 205 16.78 -66.79 -18.19
CA TYR J 205 18.16 -66.50 -17.81
C TYR J 205 18.81 -65.53 -18.79
N VAL J 206 19.03 -64.31 -18.31
CA VAL J 206 19.63 -63.25 -19.11
C VAL J 206 21.14 -63.21 -18.86
N ALA J 207 21.90 -63.72 -19.83
CA ALA J 207 23.36 -63.67 -19.77
C ALA J 207 23.87 -62.34 -20.29
N VAL J 208 24.35 -61.48 -19.38
CA VAL J 208 24.79 -60.13 -19.75
C VAL J 208 26.26 -59.88 -19.45
N GLY J 209 27.07 -59.87 -20.50
CA GLY J 209 28.50 -59.53 -20.36
C GLY J 209 29.42 -60.70 -20.08
N GLN J 210 28.83 -61.91 -20.00
CA GLN J 210 29.57 -63.15 -19.75
C GLN J 210 30.21 -63.66 -21.03
N LYS J 211 31.23 -64.52 -20.92
CA LYS J 211 31.84 -65.07 -22.13
C LYS J 211 30.98 -66.17 -22.76
N ARG J 212 31.00 -66.24 -24.10
CA ARG J 212 30.22 -67.23 -24.84
C ARG J 212 30.46 -68.63 -24.33
N SER J 213 31.71 -68.92 -23.95
CA SER J 213 32.04 -70.22 -23.38
C SER J 213 31.24 -70.50 -22.12
N THR J 214 31.20 -69.53 -21.21
CA THR J 214 30.53 -69.69 -19.92
C THR J 214 29.04 -69.96 -20.08
N VAL J 215 28.43 -69.24 -21.01
CA VAL J 215 27.02 -69.44 -21.33
C VAL J 215 26.83 -70.81 -21.97
N ALA J 216 27.74 -71.20 -22.87
CA ALA J 216 27.71 -72.53 -23.46
C ALA J 216 27.71 -73.59 -22.36
N GLN J 217 28.66 -73.50 -21.42
CA GLN J 217 28.82 -74.50 -20.37
C GLN J 217 27.62 -74.59 -19.40
N LEU J 218 26.95 -73.47 -19.17
CA LEU J 218 25.78 -73.44 -18.29
C LEU J 218 24.52 -74.01 -18.94
N VAL J 219 24.36 -73.79 -20.24
CA VAL J 219 23.24 -74.37 -21.02
C VAL J 219 23.39 -75.89 -21.02
N GLN J 220 24.62 -76.34 -21.17
CA GLN J 220 24.98 -77.74 -21.07
C GLN J 220 24.61 -78.34 -19.70
N THR J 221 24.83 -77.57 -18.63
CA THR J 221 24.43 -78.00 -17.28
C THR J 221 22.91 -78.09 -17.15
N LEU J 222 22.19 -77.23 -17.87
CA LEU J 222 20.72 -77.30 -17.91
C LEU J 222 20.23 -78.50 -18.71
N GLU J 223 21.02 -78.91 -19.70
CA GLU J 223 20.61 -80.01 -20.58
C GLU J 223 20.73 -81.38 -19.94
N GLN J 224 21.87 -81.66 -19.30
CA GLN J 224 22.07 -82.95 -18.62
C GLN J 224 21.08 -83.07 -17.46
N HIS J 225 20.71 -81.92 -16.90
CA HIS J 225 19.72 -81.85 -15.83
C HIS J 225 18.29 -81.67 -16.37
N ASP J 226 18.15 -81.62 -17.69
CA ASP J 226 16.83 -81.63 -18.35
C ASP J 226 15.98 -80.37 -18.03
N ALA J 227 16.62 -79.36 -17.47
CA ALA J 227 15.94 -78.13 -17.09
C ALA J 227 15.69 -77.22 -18.29
N MET J 228 16.48 -77.43 -19.35
CA MET J 228 16.44 -76.59 -20.56
C MET J 228 15.05 -76.51 -21.17
N LYS J 229 14.29 -77.59 -21.07
CA LYS J 229 12.96 -77.67 -21.67
C LYS J 229 11.96 -76.66 -21.09
N TYR J 230 12.22 -76.17 -19.87
CA TYR J 230 11.37 -75.14 -19.28
C TYR J 230 12.05 -73.79 -19.08
N SER J 231 13.12 -73.54 -19.83
CA SER J 231 13.89 -72.31 -19.69
C SER J 231 14.15 -71.63 -21.03
N ILE J 232 14.34 -70.31 -20.97
CA ILE J 232 14.73 -69.49 -22.13
C ILE J 232 16.00 -68.73 -21.78
N ILE J 233 17.01 -68.78 -22.65
CA ILE J 233 18.27 -68.07 -22.39
C ILE J 233 18.46 -66.89 -23.33
N VAL J 234 18.65 -65.71 -22.74
CA VAL J 234 18.80 -64.47 -23.50
C VAL J 234 20.23 -63.97 -23.29
N ALA J 235 21.03 -64.04 -24.34
CA ALA J 235 22.45 -63.85 -24.21
C ALA J 235 22.96 -62.71 -25.06
N ALA J 236 23.53 -61.71 -24.39
CA ALA J 236 24.25 -60.61 -25.02
C ALA J 236 25.67 -60.69 -24.48
N THR J 237 26.51 -61.46 -25.17
CA THR J 237 27.82 -61.81 -24.64
C THR J 237 28.82 -60.65 -24.68
N ALA J 238 29.95 -60.86 -24.00
CA ALA J 238 30.97 -59.82 -23.80
C ALA J 238 31.45 -59.18 -25.10
N SER J 239 31.39 -59.94 -26.18
CA SER J 239 31.82 -59.44 -27.49
C SER J 239 30.75 -58.57 -28.17
N GLU J 240 29.51 -58.62 -27.67
CA GLU J 240 28.39 -58.03 -28.41
C GLU J 240 28.27 -56.51 -28.26
N ALA J 241 27.72 -55.85 -29.28
CA ALA J 241 27.50 -54.42 -29.25
C ALA J 241 26.87 -53.99 -27.95
N ALA J 242 27.32 -52.85 -27.42
CA ALA J 242 26.84 -52.32 -26.15
C ALA J 242 25.31 -52.30 -26.02
N PRO J 243 24.59 -51.76 -27.04
CA PRO J 243 23.13 -51.66 -26.92
C PRO J 243 22.43 -53.01 -26.67
N LEU J 244 22.97 -54.07 -27.26
CA LEU J 244 22.44 -55.43 -27.08
C LEU J 244 22.51 -55.88 -25.61
N GLN J 245 23.62 -55.56 -24.95
CA GLN J 245 23.79 -55.88 -23.54
C GLN J 245 22.81 -55.09 -22.69
N TYR J 246 22.50 -53.88 -23.17
CA TYR J 246 21.61 -52.96 -22.49
C TYR J 246 20.16 -53.39 -22.63
N LEU J 247 19.82 -53.94 -23.81
CA LEU J 247 18.45 -54.36 -24.10
C LEU J 247 18.15 -55.74 -23.57
N ALA J 248 19.18 -56.56 -23.38
CA ALA J 248 19.00 -57.97 -23.03
C ALA J 248 18.04 -58.16 -21.84
N PRO J 249 18.37 -57.56 -20.69
CA PRO J 249 17.43 -57.58 -19.58
C PRO J 249 16.00 -57.24 -20.01
N PHE J 250 15.80 -56.06 -20.59
CA PHE J 250 14.46 -55.58 -20.96
C PHE J 250 13.73 -56.52 -21.91
N THR J 251 14.46 -57.00 -22.90
CA THR J 251 13.91 -57.96 -23.85
C THR J 251 13.49 -59.23 -23.12
N ALA J 252 14.41 -59.80 -22.35
CA ALA J 252 14.17 -61.02 -21.60
C ALA J 252 13.01 -60.83 -20.64
N ALA J 253 12.93 -59.66 -20.01
CA ALA J 253 11.81 -59.29 -19.16
C ALA J 253 10.48 -59.44 -19.92
N SER J 254 10.41 -58.92 -21.14
CA SER J 254 9.21 -59.03 -21.97
C SER J 254 8.78 -60.49 -22.19
N ILE J 255 9.75 -61.34 -22.49
CA ILE J 255 9.54 -62.78 -22.70
C ILE J 255 8.97 -63.45 -21.44
N GLY J 256 9.54 -63.11 -20.29
CA GLY J 256 9.07 -63.58 -19.00
C GLY J 256 7.67 -63.07 -18.73
N GLU J 257 7.42 -61.83 -19.17
CA GLU J 257 6.14 -61.13 -18.97
C GLU J 257 4.94 -61.83 -19.58
N TRP J 258 5.18 -62.57 -20.67
CA TRP J 258 4.13 -63.33 -21.35
C TRP J 258 3.37 -64.20 -20.34
N PHE J 259 4.13 -64.97 -19.57
CA PHE J 259 3.59 -65.87 -18.55
C PHE J 259 2.84 -65.11 -17.45
N ARG J 260 3.37 -63.97 -17.03
CA ARG J 260 2.73 -63.13 -16.03
C ARG J 260 1.37 -62.63 -16.50
N ASP J 261 1.25 -62.30 -17.78
CA ASP J 261 -0.01 -61.79 -18.35
C ASP J 261 -1.00 -62.89 -18.69
N ASN J 262 -0.64 -64.14 -18.40
CA ASN J 262 -1.46 -65.29 -18.77
C ASN J 262 -1.68 -66.29 -17.63
N GLY J 263 -1.57 -65.80 -16.39
CA GLY J 263 -1.80 -66.64 -15.21
C GLY J 263 -0.77 -67.73 -14.98
N LYS J 264 0.47 -67.47 -15.40
CA LYS J 264 1.55 -68.41 -15.21
C LYS J 264 2.70 -67.71 -14.51
N HIS J 265 3.57 -68.49 -13.89
CA HIS J 265 4.63 -67.89 -13.09
C HIS J 265 6.01 -68.06 -13.69
N ALA J 266 6.65 -66.93 -13.99
CA ALA J 266 7.99 -66.93 -14.54
C ALA J 266 9.00 -66.44 -13.51
N LEU J 267 10.23 -66.93 -13.65
CA LEU J 267 11.37 -66.46 -12.88
C LEU J 267 12.34 -65.92 -13.90
N ILE J 268 12.88 -64.74 -13.62
CA ILE J 268 13.94 -64.15 -14.43
C ILE J 268 15.20 -63.88 -13.59
N VAL J 269 16.34 -64.29 -14.13
CA VAL J 269 17.63 -64.12 -13.48
C VAL J 269 18.45 -63.15 -14.33
N TYR J 270 18.73 -61.97 -13.77
CA TYR J 270 19.56 -60.97 -14.45
C TYR J 270 21.01 -61.16 -14.08
N ASP J 271 21.79 -61.63 -15.07
CA ASP J 271 23.14 -62.04 -14.80
C ASP J 271 24.14 -61.50 -15.82
N ASP J 272 24.78 -60.40 -15.47
CA ASP J 272 24.47 -59.70 -14.23
C ASP J 272 24.15 -58.24 -14.49
N LEU J 273 23.51 -57.61 -13.51
CA LEU J 273 23.04 -56.24 -13.68
C LEU J 273 24.18 -55.24 -13.76
N SER J 274 25.25 -55.45 -12.99
CA SER J 274 26.43 -54.57 -12.97
C SER J 274 26.94 -54.29 -14.38
N LYS J 275 27.15 -55.38 -15.14
CA LYS J 275 27.66 -55.35 -16.49
C LYS J 275 26.72 -54.68 -17.46
N GLN J 276 25.45 -54.58 -17.11
CA GLN J 276 24.48 -53.87 -17.95
C GLN J 276 24.63 -52.35 -17.84
N ALA J 277 24.83 -51.86 -16.62
CA ALA J 277 24.99 -50.44 -16.35
C ALA J 277 26.27 -49.94 -16.98
N VAL J 278 27.23 -50.84 -17.13
CA VAL J 278 28.48 -50.55 -17.81
C VAL J 278 28.17 -50.38 -19.29
N ALA J 279 27.38 -51.31 -19.83
CA ALA J 279 26.98 -51.25 -21.22
C ALA J 279 26.14 -50.00 -21.52
N TYR J 280 25.18 -49.68 -20.64
CA TYR J 280 24.37 -48.47 -20.76
C TYR J 280 25.22 -47.21 -20.68
N ARG J 281 26.24 -47.22 -19.82
CA ARG J 281 27.19 -46.11 -19.75
C ARG J 281 27.87 -45.89 -21.09
N GLN J 282 28.50 -46.95 -21.63
CA GLN J 282 29.19 -46.88 -22.94
C GLN J 282 28.34 -46.14 -23.99
N LEU J 283 27.07 -46.53 -24.12
CA LEU J 283 26.10 -45.87 -25.01
C LEU J 283 26.06 -44.39 -24.78
N SER J 284 25.83 -44.02 -23.52
CA SER J 284 25.58 -42.64 -23.10
C SER J 284 26.75 -41.76 -23.47
N LEU J 285 27.93 -42.13 -22.96
CA LEU J 285 29.13 -41.35 -23.13
C LEU J 285 29.46 -41.14 -24.60
N LEU J 286 29.20 -42.17 -25.42
CA LEU J 286 29.50 -42.10 -26.86
C LEU J 286 28.43 -41.37 -27.66
N LEU J 287 27.30 -41.09 -27.04
CA LEU J 287 26.30 -40.18 -27.60
C LEU J 287 26.49 -38.82 -26.92
N ARG J 288 27.47 -38.77 -26.03
CA ARG J 288 27.83 -37.56 -25.31
C ARG J 288 26.74 -37.05 -24.37
N ARG J 289 26.03 -37.97 -23.73
CA ARG J 289 25.08 -37.60 -22.70
C ARG J 289 25.83 -37.11 -21.46
N PRO J 290 25.31 -36.06 -20.79
CA PRO J 290 25.87 -35.54 -19.55
C PRO J 290 26.19 -36.67 -18.58
N PRO J 291 27.49 -36.90 -18.29
CA PRO J 291 27.87 -37.98 -17.40
C PRO J 291 27.63 -37.62 -15.94
N GLY J 292 27.29 -38.63 -15.15
CA GLY J 292 27.14 -38.44 -13.71
C GLY J 292 28.21 -39.15 -12.91
N ARG J 293 27.96 -39.32 -11.63
CA ARG J 293 28.84 -40.02 -10.73
C ARG J 293 29.32 -41.32 -11.37
N GLU J 294 30.63 -41.56 -11.32
CA GLU J 294 31.25 -42.74 -11.96
C GLU J 294 31.07 -42.80 -13.47
N ALA J 295 30.66 -41.68 -14.07
CA ALA J 295 30.47 -41.51 -15.52
C ALA J 295 29.18 -42.14 -16.04
N TYR J 296 28.42 -42.75 -15.13
CA TYR J 296 27.12 -43.30 -15.47
C TYR J 296 26.14 -42.16 -15.69
N PRO J 297 25.16 -42.34 -16.58
CA PRO J 297 24.24 -41.24 -16.85
C PRO J 297 23.33 -40.94 -15.67
N GLY J 298 22.59 -39.84 -15.78
CA GLY J 298 21.82 -39.31 -14.66
C GLY J 298 20.64 -40.20 -14.33
N ASP J 299 20.18 -40.97 -15.31
CA ASP J 299 19.03 -41.84 -15.15
C ASP J 299 19.43 -43.29 -14.94
N VAL J 300 20.63 -43.51 -14.39
CA VAL J 300 21.16 -44.87 -14.21
C VAL J 300 20.38 -45.69 -13.16
N PHE J 301 19.84 -45.01 -12.13
CA PHE J 301 18.95 -45.67 -11.18
C PHE J 301 17.67 -46.08 -11.90
N TYR J 302 17.18 -45.19 -12.77
CA TYR J 302 15.96 -45.45 -13.52
C TYR J 302 16.15 -46.56 -14.56
N LEU J 303 17.39 -46.97 -14.77
CA LEU J 303 17.63 -48.15 -15.60
C LEU J 303 17.25 -49.41 -14.84
N HIS J 304 17.51 -49.41 -13.55
CA HIS J 304 17.24 -50.61 -12.78
C HIS J 304 15.85 -50.66 -12.13
N SER J 305 15.31 -49.51 -11.73
CA SER J 305 13.93 -49.49 -11.23
C SER J 305 12.97 -49.85 -12.36
N ARG J 306 13.15 -49.21 -13.51
CA ARG J 306 12.36 -49.53 -14.70
C ARG J 306 12.33 -51.02 -14.99
N LEU J 307 13.49 -51.65 -15.02
CA LEU J 307 13.58 -53.09 -15.22
C LEU J 307 12.92 -53.83 -14.05
N LEU J 308 13.30 -53.50 -12.83
CA LEU J 308 12.93 -54.31 -11.68
C LEU J 308 11.50 -54.17 -11.15
N GLU J 309 10.81 -53.09 -11.53
CA GLU J 309 9.41 -52.91 -11.16
C GLU J 309 8.50 -53.79 -12.01
N ARG J 310 9.02 -54.27 -13.14
CA ARG J 310 8.25 -55.09 -14.08
C ARG J 310 8.01 -56.51 -13.57
N ALA J 311 8.69 -56.85 -12.48
CA ALA J 311 8.45 -58.09 -11.77
C ALA J 311 7.46 -57.84 -10.63
N ALA J 312 6.23 -58.33 -10.81
CA ALA J 312 5.16 -58.11 -9.86
C ALA J 312 4.39 -59.40 -9.65
N LYS J 313 3.54 -59.42 -8.62
CA LYS J 313 2.51 -60.44 -8.51
C LYS J 313 1.22 -59.74 -8.87
N LEU J 314 0.56 -60.23 -9.92
CA LEU J 314 -0.66 -59.62 -10.44
C LEU J 314 -1.88 -59.88 -9.56
N SER J 315 -2.85 -58.97 -9.61
CA SER J 315 -4.04 -59.04 -8.78
C SER J 315 -4.93 -60.21 -9.15
N GLU J 316 -5.95 -60.44 -8.32
CA GLU J 316 -6.94 -61.48 -8.60
C GLU J 316 -7.68 -61.16 -9.89
N LYS J 317 -8.02 -59.88 -10.09
CA LYS J 317 -8.71 -59.42 -11.31
C LYS J 317 -7.87 -59.62 -12.58
N GLU J 318 -6.56 -59.62 -12.44
CA GLU J 318 -5.65 -59.62 -13.59
C GLU J 318 -5.08 -61.00 -13.95
N GLY J 319 -5.70 -62.07 -13.44
CA GLY J 319 -5.28 -63.41 -13.79
C GLY J 319 -4.10 -63.97 -13.02
N SER J 320 -3.56 -63.18 -12.09
CA SER J 320 -2.62 -63.66 -11.06
C SER J 320 -1.30 -64.29 -11.51
N GLY J 321 -0.90 -64.06 -12.76
CA GLY J 321 0.42 -64.47 -13.25
C GLY J 321 1.52 -63.68 -12.57
N SER J 322 2.74 -64.21 -12.57
CA SER J 322 3.80 -63.56 -11.78
C SER J 322 5.23 -63.72 -12.32
N LEU J 323 5.91 -62.59 -12.47
CA LEU J 323 7.34 -62.56 -12.77
C LEU J 323 8.16 -62.29 -11.50
N THR J 324 9.00 -63.26 -11.17
CA THR J 324 9.85 -63.19 -9.99
C THR J 324 11.28 -62.95 -10.49
N ALA J 325 11.98 -61.99 -9.88
CA ALA J 325 13.27 -61.55 -10.39
C ALA J 325 14.44 -61.79 -9.44
N LEU J 326 15.50 -62.38 -9.97
CA LEU J 326 16.75 -62.54 -9.23
C LEU J 326 17.87 -61.78 -9.94
N PRO J 327 18.03 -60.48 -9.62
CA PRO J 327 19.11 -59.72 -10.21
C PRO J 327 20.44 -60.03 -9.51
N VAL J 328 21.51 -60.13 -10.30
CA VAL J 328 22.84 -60.32 -9.76
C VAL J 328 23.69 -59.05 -9.88
N ILE J 329 24.34 -58.68 -8.79
CA ILE J 329 25.18 -57.50 -8.74
C ILE J 329 26.53 -57.92 -8.22
N GLU J 330 27.57 -57.30 -8.75
CA GLU J 330 28.93 -57.57 -8.32
C GLU J 330 29.51 -56.40 -7.55
N THR J 331 29.95 -56.68 -6.34
CA THR J 331 30.65 -55.68 -5.55
C THR J 331 32.13 -55.89 -5.77
N GLN J 332 32.95 -54.94 -5.32
CA GLN J 332 34.38 -55.14 -5.30
C GLN J 332 34.83 -55.01 -3.84
N GLY J 333 35.35 -56.09 -3.29
CA GLY J 333 35.89 -56.08 -1.92
C GLY J 333 34.85 -55.99 -0.82
N GLY J 334 33.61 -56.35 -1.15
CA GLY J 334 32.52 -56.36 -0.19
C GLY J 334 31.92 -55.00 0.10
N ASP J 335 32.33 -53.99 -0.68
CA ASP J 335 31.76 -52.65 -0.57
C ASP J 335 30.38 -52.61 -1.22
N VAL J 336 29.35 -52.49 -0.37
CA VAL J 336 27.96 -52.40 -0.83
C VAL J 336 27.47 -50.94 -0.87
N SER J 337 28.31 -50.02 -0.38
CA SER J 337 28.01 -48.58 -0.44
C SER J 337 28.18 -48.07 -1.86
N ALA J 338 29.01 -48.77 -2.64
CA ALA J 338 29.29 -48.44 -4.03
C ALA J 338 28.03 -48.02 -4.80
N TYR J 339 28.21 -47.12 -5.76
CA TYR J 339 27.09 -46.51 -6.47
C TYR J 339 26.02 -47.48 -6.98
N ILE J 340 26.36 -48.32 -7.95
CA ILE J 340 25.39 -49.24 -8.56
C ILE J 340 24.83 -50.28 -7.57
N PRO J 341 25.67 -50.83 -6.67
CA PRO J 341 25.08 -51.68 -5.64
C PRO J 341 24.05 -50.95 -4.76
N THR J 342 24.37 -49.74 -4.30
CA THR J 342 23.43 -49.00 -3.46
C THR J 342 22.10 -48.78 -4.16
N ASN J 343 22.12 -48.68 -5.49
CA ASN J 343 20.91 -48.54 -6.28
C ASN J 343 20.05 -49.80 -6.21
N VAL J 344 20.60 -50.89 -6.70
CA VAL J 344 19.85 -52.12 -6.85
C VAL J 344 19.40 -52.63 -5.47
N ILE J 345 20.28 -52.54 -4.47
CA ILE J 345 19.92 -52.91 -3.09
C ILE J 345 18.61 -52.24 -2.67
N SER J 346 18.45 -50.98 -3.07
CA SER J 346 17.29 -50.17 -2.69
C SER J 346 16.08 -50.44 -3.58
N ILE J 347 16.31 -50.92 -4.79
CA ILE J 347 15.22 -51.23 -5.70
C ILE J 347 14.51 -52.54 -5.29
N THR J 348 15.32 -53.55 -4.93
CA THR J 348 14.84 -54.92 -4.65
C THR J 348 14.24 -55.13 -3.25
N ASP J 349 13.51 -56.22 -3.09
CA ASP J 349 12.82 -56.53 -1.85
C ASP J 349 13.71 -57.32 -0.90
N GLY J 350 15.02 -57.21 -1.08
CA GLY J 350 15.97 -57.92 -0.24
C GLY J 350 17.27 -58.31 -0.90
N GLN J 351 18.22 -58.74 -0.08
CA GLN J 351 19.56 -59.08 -0.51
C GLN J 351 19.87 -60.49 -0.07
N ILE J 352 20.64 -61.21 -0.89
CA ILE J 352 21.31 -62.41 -0.42
C ILE J 352 22.80 -62.17 -0.64
N PHE J 353 23.43 -61.56 0.37
CA PHE J 353 24.84 -61.17 0.35
C PHE J 353 25.78 -62.36 0.55
N LEU J 354 26.41 -62.79 -0.53
CA LEU J 354 27.35 -63.91 -0.50
C LEU J 354 28.74 -63.42 -0.11
N GLU J 355 29.56 -64.31 0.48
CA GLU J 355 30.79 -63.88 1.16
C GLU J 355 32.05 -64.70 0.93
N ALA J 356 33.12 -64.01 0.54
CA ALA J 356 34.43 -64.64 0.39
C ALA J 356 34.89 -65.31 1.69
N GLU J 357 34.76 -64.58 2.79
CA GLU J 357 35.06 -65.08 4.13
C GLU J 357 34.45 -66.46 4.36
N LEU J 358 33.14 -66.55 4.20
CA LEU J 358 32.39 -67.77 4.48
C LEU J 358 32.62 -68.85 3.44
N PHE J 359 32.74 -68.45 2.18
CA PHE J 359 32.99 -69.39 1.08
C PHE J 359 34.28 -70.18 1.29
N TYR J 360 35.35 -69.50 1.71
CA TYR J 360 36.65 -70.15 1.99
C TYR J 360 36.68 -70.85 3.35
N LYS J 361 35.69 -70.58 4.19
CA LYS J 361 35.54 -71.25 5.48
C LYS J 361 34.83 -72.60 5.32
N GLY J 362 34.32 -72.87 4.13
CA GLY J 362 33.59 -74.10 3.85
C GLY J 362 32.08 -73.90 3.77
N ILE J 363 31.60 -72.76 4.29
CA ILE J 363 30.18 -72.44 4.31
C ILE J 363 29.68 -72.02 2.92
N ARG J 364 29.19 -73.00 2.18
CA ARG J 364 28.58 -72.75 0.87
C ARG J 364 27.15 -73.31 0.88
N PRO J 365 26.15 -72.53 0.41
CA PRO J 365 26.25 -71.17 -0.11
C PRO J 365 26.63 -70.14 0.95
N ALA J 366 27.31 -69.08 0.50
CA ALA J 366 28.04 -68.16 1.38
C ALA J 366 27.20 -67.00 1.90
N ILE J 367 26.07 -67.33 2.51
CA ILE J 367 25.16 -66.32 2.99
C ILE J 367 25.64 -65.71 4.30
N ASN J 368 26.06 -64.45 4.22
CA ASN J 368 26.21 -63.63 5.39
C ASN J 368 24.82 -63.36 5.92
N VAL J 369 24.49 -64.05 7.00
CA VAL J 369 23.15 -64.05 7.55
C VAL J 369 22.78 -62.63 7.99
N GLY J 370 23.69 -61.98 8.71
CA GLY J 370 23.50 -60.61 9.20
C GLY J 370 23.09 -59.58 8.16
N LEU J 371 23.70 -59.64 6.97
CA LEU J 371 23.45 -58.65 5.93
C LEU J 371 22.30 -58.99 4.98
N SER J 372 21.85 -60.24 4.98
CA SER J 372 20.79 -60.67 4.08
C SER J 372 19.42 -60.58 4.76
N VAL J 373 18.40 -60.16 3.99
CA VAL J 373 16.98 -60.18 4.43
C VAL J 373 16.04 -60.41 3.25
N SER J 374 14.80 -60.79 3.57
CA SER J 374 13.70 -60.71 2.62
C SER J 374 12.67 -59.75 3.19
N ARG J 375 12.54 -58.58 2.56
CA ARG J 375 11.56 -57.58 3.02
C ARG J 375 10.15 -58.14 3.02
N VAL J 376 9.86 -59.06 2.09
CA VAL J 376 8.60 -59.79 2.09
C VAL J 376 8.50 -60.69 3.34
N GLY J 377 9.57 -61.45 3.60
CA GLY J 377 9.68 -62.23 4.83
C GLY J 377 8.83 -63.49 4.88
N SER J 378 8.40 -63.85 6.10
CA SER J 378 7.63 -65.06 6.37
C SER J 378 6.56 -65.35 5.32
N ALA J 379 5.76 -64.34 5.00
CA ALA J 379 4.65 -64.45 4.05
C ALA J 379 4.99 -65.15 2.74
N ALA J 380 6.28 -65.37 2.47
CA ALA J 380 6.74 -66.01 1.24
C ALA J 380 7.31 -67.43 1.47
N GLN J 381 6.93 -68.03 2.59
CA GLN J 381 7.55 -69.27 3.04
C GLN J 381 6.49 -70.32 3.27
N VAL J 382 6.74 -71.54 2.82
CA VAL J 382 5.84 -72.68 3.07
C VAL J 382 5.69 -72.85 4.59
N LYS J 383 4.47 -72.66 5.09
CA LYS J 383 4.23 -72.51 6.53
C LYS J 383 4.92 -73.58 7.38
N ALA J 384 4.89 -74.82 6.91
CA ALA J 384 5.58 -75.92 7.58
C ALA J 384 7.03 -75.54 7.90
N LEU J 385 7.73 -75.02 6.90
CA LEU J 385 9.11 -74.59 7.02
C LEU J 385 9.24 -73.39 7.98
N LYS J 386 8.27 -72.49 7.95
CA LYS J 386 8.26 -71.34 8.85
C LYS J 386 8.08 -71.80 10.29
N GLN J 387 7.28 -72.84 10.48
CA GLN J 387 6.96 -73.37 11.81
C GLN J 387 8.19 -73.92 12.54
N VAL J 388 9.12 -74.51 11.80
CA VAL J 388 10.37 -75.03 12.36
C VAL J 388 11.51 -74.00 12.41
N ALA J 389 11.35 -72.91 11.66
CA ALA J 389 12.41 -71.90 11.50
C ALA J 389 12.23 -70.63 12.33
N GLY J 390 11.06 -70.47 12.96
CA GLY J 390 10.76 -69.31 13.80
C GLY J 390 11.92 -68.86 14.66
N SER J 391 12.64 -69.83 15.22
CA SER J 391 13.91 -69.55 15.91
C SER J 391 15.09 -70.19 15.16
N LEU J 392 15.37 -69.65 13.96
CA LEU J 392 16.60 -69.93 13.20
C LEU J 392 17.14 -68.61 12.67
N LYS J 393 16.21 -67.73 12.32
CA LYS J 393 16.49 -66.31 12.14
C LYS J 393 17.00 -65.75 13.48
N LEU J 394 16.49 -66.36 14.55
CA LEU J 394 16.73 -65.94 15.92
C LEU J 394 18.06 -66.49 16.47
N PHE J 395 18.16 -67.83 16.57
CA PHE J 395 19.35 -68.49 17.14
C PHE J 395 20.65 -68.07 16.45
N LEU J 396 20.58 -67.90 15.12
CA LEU J 396 21.72 -67.41 14.36
C LEU J 396 21.89 -65.90 14.53
N ALA J 397 20.77 -65.20 14.66
CA ALA J 397 20.80 -63.75 14.92
C ALA J 397 21.70 -63.46 16.10
N GLN J 398 21.52 -64.27 17.15
CA GLN J 398 22.20 -64.09 18.43
C GLN J 398 23.56 -64.82 18.50
N TYR J 399 23.76 -65.81 17.64
CA TYR J 399 24.98 -66.64 17.63
C TYR J 399 26.19 -65.89 17.06
N ARG J 400 25.94 -65.08 16.04
CA ARG J 400 26.99 -64.30 15.38
C ARG J 400 27.48 -63.18 16.29
N GLU J 401 26.56 -62.62 17.06
CA GLU J 401 26.85 -61.59 18.07
C GLU J 401 27.76 -62.13 19.18
N VAL J 402 27.95 -63.45 19.19
CA VAL J 402 28.75 -64.14 20.20
C VAL J 402 29.80 -65.04 19.50
N ALA J 403 30.01 -64.79 18.20
CA ALA J 403 30.91 -65.60 17.37
C ALA J 403 32.38 -65.53 17.82
N ALA J 404 32.78 -64.38 18.35
CA ALA J 404 34.16 -64.18 18.80
C ALA J 404 34.34 -64.47 20.30
N PHE J 405 33.44 -65.28 20.86
CA PHE J 405 33.57 -65.77 22.25
C PHE J 405 34.09 -67.21 22.32
N ALA J 406 34.68 -67.69 21.21
CA ALA J 406 35.09 -69.09 21.07
C ALA J 406 36.44 -69.43 21.71
N GLN J 407 37.47 -68.65 21.40
CA GLN J 407 38.85 -68.94 21.82
C GLN J 407 39.03 -68.83 23.33
N SER J 410 38.35 -71.18 25.77
CA SER J 410 39.38 -71.15 26.81
C SER J 410 38.80 -70.89 28.20
N ASP J 411 37.91 -69.90 28.30
CA ASP J 411 37.26 -69.54 29.57
C ASP J 411 35.74 -69.45 29.40
N LEU J 412 35.12 -70.59 29.12
CA LEU J 412 33.68 -70.64 28.82
C LEU J 412 32.86 -71.19 29.99
N ASP J 413 31.64 -70.68 30.14
CA ASP J 413 30.66 -71.25 31.07
C ASP J 413 29.54 -71.94 30.30
N ALA J 414 29.04 -73.05 30.84
CA ALA J 414 28.05 -73.91 30.16
C ALA J 414 26.74 -73.22 29.77
N SER J 415 26.43 -72.11 30.44
CA SER J 415 25.24 -71.31 30.15
C SER J 415 25.29 -70.69 28.75
N THR J 416 26.35 -69.95 28.45
CA THR J 416 26.51 -69.31 27.14
C THR J 416 27.15 -70.23 26.09
N LYS J 417 27.80 -71.30 26.56
CA LYS J 417 28.33 -72.37 25.70
C LYS J 417 27.20 -73.13 25.02
N GLN J 418 25.98 -72.96 25.56
CA GLN J 418 24.77 -73.50 24.97
C GLN J 418 24.71 -73.15 23.49
N THR J 419 24.76 -71.85 23.20
CA THR J 419 24.70 -71.33 21.83
C THR J 419 25.89 -71.78 20.97
N LEU J 420 27.06 -71.93 21.59
CA LEU J 420 28.27 -72.40 20.89
C LEU J 420 28.08 -73.76 20.22
N VAL J 421 27.61 -74.74 20.98
CA VAL J 421 27.30 -76.07 20.44
C VAL J 421 26.19 -75.94 19.39
N ARG J 422 25.18 -75.14 19.72
CA ARG J 422 23.99 -74.95 18.90
C ARG J 422 24.29 -74.41 17.50
N GLY J 423 24.85 -73.19 17.46
CA GLY J 423 25.08 -72.49 16.19
C GLY J 423 25.99 -73.23 15.23
N GLU J 424 27.01 -73.89 15.78
CA GLU J 424 28.02 -74.57 14.98
C GLU J 424 27.46 -75.70 14.08
N ARG J 425 26.36 -76.32 14.52
CA ARG J 425 25.75 -77.42 13.78
C ARG J 425 24.61 -76.97 12.87
N LEU J 426 23.94 -75.88 13.25
CA LEU J 426 23.02 -75.18 12.36
C LEU J 426 23.80 -74.70 11.15
N THR J 427 25.01 -74.19 11.39
CA THR J 427 25.93 -73.81 10.33
C THR J 427 26.16 -74.99 9.38
N GLN J 428 26.50 -76.16 9.94
CA GLN J 428 26.75 -77.37 9.16
C GLN J 428 25.48 -77.93 8.50
N LEU J 429 24.32 -77.57 9.05
CA LEU J 429 23.03 -77.95 8.44
C LEU J 429 22.69 -77.11 7.21
N LEU J 430 22.82 -75.80 7.34
CA LEU J 430 22.49 -74.86 6.27
C LEU J 430 23.53 -74.87 5.14
N LYS J 431 24.68 -75.52 5.42
CA LYS J 431 25.66 -75.88 4.38
C LYS J 431 25.02 -76.82 3.38
N GLN J 432 25.52 -76.83 2.15
CA GLN J 432 24.87 -77.55 1.05
C GLN J 432 25.81 -77.80 -0.12
N ASN J 433 25.54 -78.87 -0.85
CA ASN J 433 26.25 -79.16 -2.09
C ASN J 433 25.59 -78.44 -3.24
N GLN J 434 26.37 -78.13 -4.26
CA GLN J 434 25.81 -77.49 -5.45
C GLN J 434 25.10 -78.51 -6.33
N TYR J 435 24.06 -78.06 -7.01
CA TYR J 435 23.24 -78.88 -7.91
C TYR J 435 22.31 -79.82 -7.16
N SER J 436 22.29 -79.72 -5.83
CA SER J 436 21.53 -80.66 -4.98
C SER J 436 20.42 -79.98 -4.16
N PRO J 437 19.35 -79.51 -4.84
CA PRO J 437 18.31 -78.83 -4.08
C PRO J 437 17.38 -79.83 -3.39
N LEU J 438 16.82 -79.43 -2.25
CA LEU J 438 15.91 -80.29 -1.49
C LEU J 438 14.46 -79.80 -1.56
N ALA J 439 13.53 -80.71 -1.83
CA ALA J 439 12.11 -80.42 -1.73
C ALA J 439 11.81 -80.10 -0.27
N THR J 440 10.80 -79.27 -0.04
CA THR J 440 10.45 -78.81 1.31
C THR J 440 10.21 -79.94 2.33
N GLU J 441 9.70 -81.09 1.87
CA GLU J 441 9.49 -82.25 2.75
C GLU J 441 10.79 -82.93 3.19
N GLU J 442 11.84 -82.76 2.39
CA GLU J 442 13.18 -83.16 2.80
C GLU J 442 13.77 -82.09 3.71
N GLN J 443 13.25 -80.87 3.60
CA GLN J 443 13.81 -79.72 4.32
C GLN J 443 13.35 -79.54 5.77
N VAL J 444 12.02 -79.56 6.00
CA VAL J 444 11.46 -79.22 7.31
C VAL J 444 11.79 -80.17 8.50
N PRO J 445 12.00 -81.48 8.24
CA PRO J 445 12.50 -82.35 9.31
C PRO J 445 13.91 -81.99 9.76
N LEU J 446 14.82 -81.83 8.78
CA LEU J 446 16.22 -81.54 9.05
C LEU J 446 16.39 -80.28 9.89
N ILE J 447 15.70 -79.21 9.50
CA ILE J 447 15.79 -77.94 10.20
C ILE J 447 15.23 -78.04 11.64
N TYR J 448 14.16 -78.83 11.78
CA TYR J 448 13.58 -79.13 13.10
C TYR J 448 14.57 -79.83 14.02
N ALA J 449 15.33 -80.77 13.47
CA ALA J 449 16.33 -81.53 14.22
C ALA J 449 17.33 -80.63 14.94
N GLY J 450 17.96 -79.72 14.19
CA GLY J 450 18.95 -78.80 14.72
C GLY J 450 18.39 -77.83 15.75
N VAL J 451 17.38 -77.07 15.34
CA VAL J 451 16.81 -75.97 16.15
C VAL J 451 16.38 -76.39 17.57
N ASN J 452 15.90 -77.63 17.72
CA ASN J 452 15.40 -78.10 19.01
C ASN J 452 16.39 -78.87 19.89
N GLY J 453 17.61 -79.02 19.39
CA GLY J 453 18.72 -79.58 20.18
C GLY J 453 18.90 -81.09 20.07
N HIS J 454 18.49 -81.66 18.95
CA HIS J 454 18.59 -83.09 18.71
C HIS J 454 19.89 -83.48 17.99
N LEU J 455 20.81 -82.53 17.89
CA LEU J 455 22.11 -82.76 17.26
C LEU J 455 23.27 -82.29 18.14
N ASP J 456 22.97 -81.97 19.40
CA ASP J 456 23.93 -81.39 20.35
C ASP J 456 24.88 -82.42 20.98
N GLY J 457 25.01 -83.58 20.34
CA GLY J 457 25.90 -84.64 20.80
C GLY J 457 26.64 -85.31 19.66
N ILE J 458 26.15 -85.08 18.44
CA ILE J 458 26.79 -85.58 17.23
C ILE J 458 27.86 -84.60 16.81
N GLU J 459 29.10 -85.08 16.73
CA GLU J 459 30.24 -84.21 16.44
C GLU J 459 30.12 -83.53 15.09
N LEU J 460 30.77 -82.38 14.97
CA LEU J 460 30.65 -81.50 13.81
C LEU J 460 30.88 -82.22 12.48
N SER J 461 31.97 -82.97 12.39
CA SER J 461 32.44 -83.57 11.13
C SER J 461 31.57 -84.71 10.57
N ARG J 462 30.62 -85.21 11.37
CA ARG J 462 29.78 -86.34 10.96
C ARG J 462 28.31 -85.97 10.65
N ILE J 463 28.02 -84.68 10.57
CA ILE J 463 26.66 -84.16 10.29
C ILE J 463 26.24 -84.37 8.84
N GLY J 464 27.19 -84.22 7.91
CA GLY J 464 26.94 -84.40 6.47
C GLY J 464 26.29 -85.73 6.16
N GLU J 465 26.77 -86.78 6.79
CA GLU J 465 26.19 -88.12 6.63
C GLU J 465 24.97 -88.37 7.53
N PHE J 466 24.75 -87.51 8.53
CA PHE J 466 23.53 -87.60 9.37
C PHE J 466 22.31 -87.24 8.54
N GLU J 467 22.33 -86.03 7.98
CA GLU J 467 21.29 -85.55 7.09
C GLU J 467 20.98 -86.62 6.07
N SER J 468 22.03 -87.07 5.37
CA SER J 468 21.94 -88.10 4.33
C SER J 468 21.26 -89.39 4.82
N SER J 469 21.65 -89.84 6.01
CA SER J 469 21.14 -91.10 6.56
C SER J 469 19.88 -90.93 7.41
N PHE J 470 19.50 -89.69 7.68
CA PHE J 470 18.29 -89.40 8.45
C PHE J 470 17.14 -89.05 7.51
N LEU J 471 17.46 -88.88 6.24
CA LEU J 471 16.45 -88.63 5.22
C LEU J 471 15.97 -89.94 4.59
N SER J 472 16.91 -90.76 4.15
CA SER J 472 16.58 -92.04 3.51
C SER J 472 16.01 -93.06 4.50
N TYR J 473 16.61 -93.11 5.69
CA TYR J 473 16.08 -93.91 6.79
C TYR J 473 14.67 -93.45 7.18
N LEU J 474 14.37 -92.18 6.92
CA LEU J 474 13.03 -91.63 7.08
C LEU J 474 12.16 -91.77 5.83
N LYS J 475 12.80 -92.06 4.69
CA LYS J 475 12.08 -92.19 3.41
C LYS J 475 11.64 -93.62 3.15
N SER J 476 12.42 -94.59 3.63
CA SER J 476 12.06 -96.01 3.57
C SER J 476 11.08 -96.34 4.68
N ASN J 477 11.57 -96.24 5.93
CA ASN J 477 10.79 -96.60 7.11
C ASN J 477 9.54 -95.75 7.32
N HIS J 478 9.65 -94.45 7.07
CA HIS J 478 8.54 -93.53 7.35
C HIS J 478 8.17 -92.67 6.14
N ASN J 479 7.92 -93.32 5.00
CA ASN J 479 7.53 -92.62 3.77
C ASN J 479 6.22 -91.85 3.92
N GLU J 480 5.30 -92.41 4.70
CA GLU J 480 4.01 -91.80 5.01
C GLU J 480 4.22 -90.42 5.66
N LEU J 481 5.05 -90.40 6.70
CA LEU J 481 5.25 -89.22 7.55
C LEU J 481 5.74 -87.99 6.77
N LEU J 482 6.42 -88.22 5.65
CA LEU J 482 6.92 -87.16 4.78
C LEU J 482 5.85 -86.69 3.81
N THR J 483 5.29 -87.65 3.05
CA THR J 483 4.28 -87.38 2.02
C THR J 483 3.13 -86.50 2.52
N GLU J 484 2.90 -86.51 3.84
CA GLU J 484 1.87 -85.66 4.43
C GLU J 484 2.29 -84.19 4.43
N ILE J 485 3.54 -83.95 4.79
CA ILE J 485 4.10 -82.58 4.78
C ILE J 485 4.07 -81.96 3.37
N ARG J 486 4.40 -82.77 2.36
CA ARG J 486 4.38 -82.35 0.95
C ARG J 486 3.02 -81.82 0.50
N GLU J 487 1.95 -82.54 0.83
CA GLU J 487 0.62 -82.20 0.34
C GLU J 487 -0.15 -81.24 1.25
N LYS J 488 0.00 -81.39 2.56
CA LYS J 488 -0.80 -80.60 3.50
C LYS J 488 -0.24 -79.21 3.76
N GLY J 489 1.04 -79.00 3.43
CA GLY J 489 1.65 -77.66 3.44
C GLY J 489 2.07 -77.12 4.78
N GLU J 490 1.47 -77.64 5.86
CA GLU J 490 1.80 -77.25 7.22
C GLU J 490 2.33 -78.44 8.03
N LEU J 491 2.48 -78.23 9.35
CA LEU J 491 2.78 -79.31 10.28
C LEU J 491 1.64 -79.49 11.29
N SER J 492 1.06 -80.69 11.31
CA SER J 492 0.09 -81.07 12.34
C SER J 492 0.82 -81.20 13.67
N LYS J 493 0.10 -80.98 14.76
CA LYS J 493 0.63 -81.32 16.08
C LYS J 493 0.85 -82.83 16.13
N GLU J 494 0.04 -83.54 15.33
CA GLU J 494 0.20 -84.97 15.09
C GLU J 494 1.49 -85.26 14.32
N LEU J 495 1.82 -84.40 13.36
CA LEU J 495 3.06 -84.51 12.59
C LEU J 495 4.29 -84.06 13.41
N LEU J 496 4.10 -83.07 14.28
CA LEU J 496 5.13 -82.63 15.20
C LEU J 496 5.48 -83.74 16.20
N ALA J 497 4.45 -84.44 16.69
CA ALA J 497 4.64 -85.59 17.57
C ALA J 497 5.19 -86.78 16.80
N SER J 498 4.67 -87.00 15.59
CA SER J 498 5.15 -88.07 14.70
C SER J 498 6.53 -87.78 14.11
N LEU J 499 7.06 -86.60 14.42
CA LEU J 499 8.44 -86.25 14.09
C LEU J 499 9.31 -86.41 15.34
N LYS J 500 8.84 -85.89 16.47
CA LYS J 500 9.48 -86.06 17.77
C LYS J 500 10.02 -87.48 17.95
N SER J 501 9.14 -88.45 17.70
CA SER J 501 9.44 -89.88 17.86
C SER J 501 10.37 -90.40 16.75
N ALA J 502 10.10 -90.00 15.51
CA ALA J 502 10.88 -90.45 14.35
C ALA J 502 12.26 -89.76 14.25
N THR J 503 12.44 -88.71 15.06
CA THR J 503 13.75 -88.08 15.23
C THR J 503 14.53 -88.81 16.33
N GLU J 504 13.99 -88.77 17.54
CA GLU J 504 14.64 -89.36 18.73
C GLU J 504 15.01 -90.82 18.55
N SER J 505 14.48 -91.45 17.50
CA SER J 505 14.80 -92.83 17.17
C SER J 505 16.16 -92.97 16.47
N PHE J 506 16.48 -92.04 15.57
CA PHE J 506 17.75 -92.09 14.84
C PHE J 506 18.92 -91.48 15.63
N VAL J 507 18.61 -90.53 16.51
CA VAL J 507 19.63 -89.73 17.23
C VAL J 507 20.74 -90.57 17.88
N ALA J 508 20.36 -91.60 18.63
CA ALA J 508 21.33 -92.47 19.31
C ALA J 508 21.52 -93.81 18.57
N THR J 509 21.07 -93.88 17.32
CA THR J 509 21.16 -95.10 16.52
C THR J 509 22.42 -95.09 15.66
N VAL K 21 9.30 -2.22 -29.75
CA VAL K 21 10.71 -1.83 -30.02
C VAL K 21 11.58 -3.06 -30.38
N SER K 22 12.00 -3.13 -31.63
CA SER K 22 12.79 -4.27 -32.14
C SER K 22 13.96 -3.81 -33.01
N ASP K 23 15.05 -3.39 -32.38
CA ASP K 23 16.24 -2.90 -33.09
C ASP K 23 17.35 -2.55 -32.10
N GLU K 24 18.57 -2.94 -32.43
CA GLU K 24 19.70 -2.77 -31.53
C GLU K 24 20.09 -1.30 -31.32
N ALA K 25 20.07 -0.52 -32.40
CA ALA K 25 20.43 0.91 -32.34
C ALA K 25 19.60 1.68 -31.31
N ASN K 26 18.35 1.26 -31.14
CA ASN K 26 17.43 1.87 -30.19
C ASN K 26 17.38 1.19 -28.83
N LEU K 27 18.06 0.04 -28.70
CA LEU K 27 18.05 -0.72 -27.45
C LEU K 27 19.20 -0.34 -26.53
N ASN K 28 19.01 0.73 -25.78
CA ASN K 28 20.05 1.28 -24.93
C ASN K 28 19.73 1.13 -23.44
N GLU K 29 18.57 1.65 -23.06
CA GLU K 29 18.08 1.55 -21.69
C GLU K 29 17.27 0.25 -21.51
N THR K 30 16.98 -0.41 -22.63
CA THR K 30 16.05 -1.53 -22.66
C THR K 30 16.62 -2.76 -23.39
N GLY K 31 16.09 -3.93 -23.04
CA GLY K 31 16.49 -5.18 -23.67
C GLY K 31 15.35 -6.12 -24.03
N ARG K 32 15.67 -7.07 -24.92
CA ARG K 32 14.80 -8.19 -25.27
C ARG K 32 15.47 -9.47 -24.83
N VAL K 33 14.77 -10.29 -24.05
CA VAL K 33 15.30 -11.56 -23.53
C VAL K 33 15.41 -12.59 -24.64
N LEU K 34 16.64 -13.01 -24.91
CA LEU K 34 16.91 -13.96 -25.97
C LEU K 34 16.57 -15.40 -25.59
N ALA K 35 16.97 -15.80 -24.38
CA ALA K 35 16.76 -17.15 -23.84
C ALA K 35 16.88 -17.10 -22.31
N VAL K 36 16.17 -17.99 -21.63
CA VAL K 36 16.26 -18.04 -20.17
C VAL K 36 16.18 -19.47 -19.66
N GLY K 37 16.92 -19.71 -18.58
CA GLY K 37 16.98 -21.01 -17.91
C GLY K 37 18.10 -21.02 -16.90
N ASP K 38 18.04 -21.97 -15.98
CA ASP K 38 19.10 -22.17 -15.00
C ASP K 38 19.41 -20.90 -14.22
N GLY K 39 18.37 -20.12 -13.92
CA GLY K 39 18.49 -18.89 -13.16
C GLY K 39 19.11 -17.71 -13.89
N ILE K 40 19.54 -17.92 -15.13
CA ILE K 40 20.15 -16.86 -15.97
C ILE K 40 19.22 -16.48 -17.12
N ALA K 41 19.33 -15.25 -17.63
CA ALA K 41 18.69 -14.87 -18.88
C ALA K 41 19.68 -14.17 -19.79
N ARG K 42 19.78 -14.65 -21.02
CA ARG K 42 20.59 -14.00 -22.05
C ARG K 42 19.75 -12.91 -22.72
N VAL K 43 20.29 -11.70 -22.77
CA VAL K 43 19.54 -10.53 -23.25
C VAL K 43 20.26 -9.77 -24.38
N PHE K 44 19.46 -9.25 -25.31
CA PHE K 44 19.92 -8.49 -26.48
C PHE K 44 19.72 -7.02 -26.17
N GLY K 45 20.66 -6.18 -26.61
CA GLY K 45 20.58 -4.76 -26.31
C GLY K 45 21.09 -4.41 -24.92
N LEU K 46 20.33 -3.59 -24.19
CA LEU K 46 20.79 -2.98 -22.94
C LEU K 46 22.17 -2.33 -23.11
N ASN K 47 22.33 -1.58 -24.20
CA ASN K 47 23.64 -1.08 -24.63
C ASN K 47 24.37 -0.20 -23.64
N ASN K 48 23.62 0.63 -22.92
CA ASN K 48 24.20 1.57 -21.95
C ASN K 48 24.30 1.04 -20.53
N ILE K 49 24.13 -0.27 -20.36
CA ILE K 49 24.12 -0.88 -19.03
C ILE K 49 25.52 -1.02 -18.44
N GLN K 50 25.64 -0.61 -17.18
CA GLN K 50 26.87 -0.84 -16.42
C GLN K 50 26.93 -2.31 -15.98
N ALA K 51 28.13 -2.84 -15.81
CA ALA K 51 28.30 -4.19 -15.29
C ALA K 51 28.02 -4.20 -13.80
N GLU K 52 27.27 -5.21 -13.32
CA GLU K 52 26.79 -5.30 -11.92
C GLU K 52 25.59 -4.40 -11.62
N GLU K 53 25.00 -3.84 -12.66
CA GLU K 53 23.82 -2.98 -12.53
C GLU K 53 22.59 -3.83 -12.27
N LEU K 54 21.79 -3.39 -11.30
CA LEU K 54 20.49 -3.98 -11.02
C LEU K 54 19.56 -3.69 -12.21
N VAL K 55 18.68 -4.63 -12.55
CA VAL K 55 17.75 -4.44 -13.68
C VAL K 55 16.32 -4.82 -13.28
N GLU K 56 15.35 -4.56 -14.16
CA GLU K 56 13.97 -5.00 -13.94
C GLU K 56 13.30 -5.47 -15.23
N PHE K 57 12.59 -6.60 -15.16
CA PHE K 57 11.90 -7.20 -16.31
C PHE K 57 10.41 -6.80 -16.36
N SER K 58 9.67 -7.36 -17.33
CA SER K 58 8.22 -7.16 -17.44
C SER K 58 7.47 -7.86 -16.31
N SER K 59 8.22 -8.47 -15.39
CA SER K 59 7.64 -9.23 -14.30
C SER K 59 7.78 -8.50 -13.00
N GLY K 60 8.59 -7.44 -13.02
CA GLY K 60 8.99 -6.77 -11.79
C GLY K 60 10.14 -7.51 -11.11
N VAL K 61 10.39 -8.75 -11.51
CA VAL K 61 11.53 -9.48 -10.95
C VAL K 61 12.81 -8.75 -11.28
N LYS K 62 13.56 -8.44 -10.23
CA LYS K 62 14.84 -7.77 -10.38
C LYS K 62 15.89 -8.77 -10.79
N GLY K 63 16.99 -8.24 -11.29
CA GLY K 63 18.10 -9.04 -11.76
C GLY K 63 19.38 -8.23 -11.68
N MET K 64 20.47 -8.86 -12.10
CA MET K 64 21.79 -8.27 -12.05
C MET K 64 22.53 -8.66 -13.32
N ALA K 65 22.87 -7.65 -14.13
CA ALA K 65 23.71 -7.86 -15.31
C ALA K 65 25.16 -8.19 -14.92
N LEU K 66 25.54 -9.44 -15.20
CA LEU K 66 26.82 -9.99 -14.74
C LEU K 66 27.82 -10.19 -15.88
N ILE K 67 27.32 -10.34 -17.10
CA ILE K 67 28.14 -10.69 -18.26
C ILE K 67 27.82 -9.79 -19.47
N LEU K 68 28.72 -8.83 -19.74
CA LEU K 68 28.63 -8.00 -20.95
C LEU K 68 29.55 -8.55 -22.03
N GLU K 69 28.97 -8.85 -23.19
CA GLU K 69 29.71 -9.33 -24.36
C GLU K 69 29.23 -8.52 -25.58
N PRO K 70 29.99 -8.59 -26.70
CA PRO K 70 29.51 -7.93 -27.91
C PRO K 70 28.20 -8.56 -28.41
N GLY K 71 27.09 -7.85 -28.21
CA GLY K 71 25.82 -8.28 -28.76
C GLY K 71 24.81 -8.84 -27.77
N GLN K 72 25.28 -9.20 -26.57
CA GLN K 72 24.35 -9.71 -25.53
C GLN K 72 24.80 -9.54 -24.07
N VAL K 73 23.84 -9.69 -23.15
CA VAL K 73 24.08 -9.50 -21.72
C VAL K 73 23.51 -10.67 -20.92
N GLY K 74 24.30 -11.16 -19.97
CA GLY K 74 23.85 -12.24 -19.08
C GLY K 74 23.38 -11.71 -17.73
N ILE K 75 22.12 -11.97 -17.42
CA ILE K 75 21.50 -11.47 -16.18
C ILE K 75 21.08 -12.63 -15.27
N VAL K 76 21.58 -12.57 -14.04
CA VAL K 76 21.23 -13.51 -12.99
C VAL K 76 19.91 -13.05 -12.38
N LEU K 77 18.88 -13.91 -12.39
CA LEU K 77 17.58 -13.50 -11.87
C LEU K 77 17.62 -13.45 -10.34
N PHE K 78 16.77 -12.60 -9.76
CA PHE K 78 16.64 -12.48 -8.30
C PHE K 78 15.32 -13.07 -7.77
N GLY K 79 14.77 -14.04 -8.52
CA GLY K 79 13.52 -14.70 -8.19
C GLY K 79 13.33 -15.85 -9.13
N SER K 80 12.15 -16.48 -9.10
CA SER K 80 11.85 -17.68 -9.91
C SER K 80 12.17 -17.51 -11.40
N ASP K 81 12.83 -18.53 -11.97
CA ASP K 81 13.11 -18.63 -13.42
C ASP K 81 11.83 -18.35 -14.22
N ARG K 82 10.75 -19.00 -13.77
CA ARG K 82 9.42 -18.87 -14.35
C ARG K 82 9.12 -17.48 -14.90
N LEU K 83 9.41 -16.46 -14.11
CA LEU K 83 8.96 -15.06 -14.35
C LEU K 83 9.49 -14.38 -15.61
N VAL K 84 10.54 -14.93 -16.21
CA VAL K 84 11.08 -14.37 -17.44
C VAL K 84 10.81 -15.30 -18.62
N LYS K 85 10.49 -14.72 -19.76
CA LYS K 85 10.31 -15.47 -21.02
C LYS K 85 11.14 -14.89 -22.16
N GLU K 86 11.32 -15.67 -23.23
CA GLU K 86 11.89 -15.17 -24.48
C GLU K 86 10.95 -14.15 -25.11
N GLY K 87 11.53 -13.06 -25.61
CA GLY K 87 10.76 -12.00 -26.24
C GLY K 87 10.39 -10.87 -25.29
N GLU K 88 10.41 -11.15 -23.99
CA GLU K 88 10.02 -10.16 -22.97
C GLU K 88 10.97 -8.96 -22.84
N LEU K 89 10.50 -7.94 -22.15
CA LEU K 89 11.19 -6.66 -22.06
C LEU K 89 12.09 -6.58 -20.82
N VAL K 90 13.25 -5.93 -20.96
CA VAL K 90 14.16 -5.71 -19.84
C VAL K 90 14.54 -4.23 -19.73
N LYS K 91 14.22 -3.63 -18.59
CA LYS K 91 14.51 -2.22 -18.36
C LYS K 91 15.74 -2.06 -17.47
N ARG K 92 16.54 -1.06 -17.82
CA ARG K 92 17.73 -0.69 -17.05
C ARG K 92 17.30 -0.02 -15.76
N THR K 93 18.18 -0.03 -14.77
CA THR K 93 17.92 0.71 -13.54
C THR K 93 18.94 1.83 -13.38
N GLY K 94 20.02 1.74 -14.15
CA GLY K 94 21.09 2.74 -14.05
C GLY K 94 21.65 2.81 -12.65
N ASN K 95 21.46 1.71 -11.91
CA ASN K 95 21.91 1.59 -10.53
C ASN K 95 22.67 0.29 -10.30
N ILE K 96 23.92 0.41 -9.83
CA ILE K 96 24.64 -0.77 -9.35
C ILE K 96 23.85 -1.35 -8.19
N VAL K 97 23.84 -2.67 -8.03
CA VAL K 97 23.14 -3.30 -6.92
C VAL K 97 23.30 -2.45 -5.65
N ASP K 98 22.18 -1.96 -5.12
CA ASP K 98 22.19 -1.02 -4.00
C ASP K 98 21.02 -1.26 -3.05
N VAL K 99 21.11 -0.67 -1.86
CA VAL K 99 20.03 -0.76 -0.87
C VAL K 99 19.81 0.54 -0.13
N PRO K 100 18.60 0.74 0.42
CA PRO K 100 18.39 1.86 1.32
C PRO K 100 19.09 1.61 2.65
N VAL K 101 20.01 2.49 3.02
CA VAL K 101 20.68 2.43 4.32
C VAL K 101 20.30 3.62 5.20
N GLY K 102 20.72 3.57 6.46
CA GLY K 102 20.58 4.72 7.36
C GLY K 102 19.89 4.47 8.68
N PRO K 103 19.39 5.54 9.30
CA PRO K 103 18.75 5.52 10.62
C PRO K 103 17.35 4.89 10.61
N GLY K 104 16.60 5.12 9.53
CA GLY K 104 15.19 4.71 9.45
C GLY K 104 14.89 3.22 9.50
N LEU K 105 15.87 2.39 9.19
CA LEU K 105 15.66 0.94 9.08
C LEU K 105 15.52 0.20 10.43
N LEU K 106 15.96 0.83 11.52
CA LEU K 106 15.88 0.23 12.86
C LEU K 106 14.49 -0.35 13.13
N GLY K 107 14.44 -1.55 13.71
CA GLY K 107 13.17 -2.21 14.03
C GLY K 107 12.41 -2.86 12.88
N ARG K 108 12.79 -2.52 11.65
CA ARG K 108 12.14 -3.06 10.45
C ARG K 108 12.76 -4.39 10.02
N VAL K 109 12.09 -5.12 9.13
CA VAL K 109 12.63 -6.37 8.58
C VAL K 109 12.65 -6.31 7.05
N VAL K 110 13.77 -6.73 6.46
CA VAL K 110 13.99 -6.59 5.02
C VAL K 110 14.52 -7.86 4.32
N ASP K 111 14.25 -7.96 3.02
CA ASP K 111 14.89 -8.98 2.19
C ASP K 111 16.26 -8.47 1.72
N ALA K 112 16.94 -9.28 0.90
CA ALA K 112 18.28 -8.94 0.40
C ALA K 112 18.35 -7.59 -0.33
N LEU K 113 17.28 -7.23 -1.05
CA LEU K 113 17.21 -5.95 -1.79
C LEU K 113 16.77 -4.75 -0.93
N GLY K 114 16.70 -4.95 0.38
CA GLY K 114 16.38 -3.87 1.31
C GLY K 114 14.90 -3.52 1.34
N ASN K 115 14.07 -4.50 0.96
CA ASN K 115 12.64 -4.28 0.80
C ASN K 115 11.81 -4.54 2.06
N PRO K 116 10.68 -3.83 2.19
CA PRO K 116 9.76 -4.09 3.29
C PRO K 116 9.14 -5.47 3.18
N ILE K 117 9.24 -6.26 4.26
CA ILE K 117 8.57 -7.56 4.34
C ILE K 117 7.80 -7.77 5.64
N ASP K 118 8.06 -6.91 6.63
CA ASP K 118 7.37 -6.93 7.92
C ASP K 118 5.95 -6.36 7.84
N GLY K 119 5.71 -5.53 6.82
CA GLY K 119 4.38 -4.99 6.53
C GLY K 119 4.09 -3.66 7.20
N LYS K 120 5.11 -2.82 7.29
CA LYS K 120 4.99 -1.51 7.95
C LYS K 120 5.40 -0.36 7.01
N GLY K 121 4.72 -0.24 5.88
CA GLY K 121 4.97 0.85 4.92
C GLY K 121 6.34 0.79 4.25
N PRO K 122 6.75 1.89 3.59
CA PRO K 122 8.07 2.02 2.93
C PRO K 122 9.24 2.12 3.91
N ILE K 123 10.45 2.32 3.39
CA ILE K 123 11.65 2.46 4.22
C ILE K 123 12.09 3.92 4.32
N ASP K 124 12.24 4.41 5.56
CA ASP K 124 12.73 5.77 5.83
C ASP K 124 14.23 5.84 5.55
N ALA K 125 14.57 6.08 4.28
CA ALA K 125 15.95 5.92 3.78
C ALA K 125 16.78 7.19 3.77
N ALA K 126 17.90 7.18 4.50
CA ALA K 126 18.86 8.27 4.45
C ALA K 126 19.72 8.23 3.18
N GLY K 127 19.73 7.10 2.48
CA GLY K 127 20.49 6.99 1.23
C GLY K 127 20.54 5.59 0.63
N ARG K 128 21.18 5.48 -0.53
CA ARG K 128 21.30 4.22 -1.23
C ARG K 128 22.76 3.80 -1.43
N SER K 129 23.25 2.95 -0.53
CA SER K 129 24.60 2.37 -0.63
C SER K 129 24.65 1.15 -1.54
N ARG K 130 25.72 1.06 -2.33
CA ARG K 130 26.02 -0.14 -3.11
C ARG K 130 26.23 -1.35 -2.17
N ALA K 131 25.87 -2.53 -2.65
CA ALA K 131 26.00 -3.75 -1.86
C ALA K 131 27.46 -4.13 -1.74
N GLN K 132 28.19 -3.97 -2.83
CA GLN K 132 29.62 -4.25 -2.85
C GLN K 132 30.38 -2.93 -2.70
N VAL K 133 30.85 -2.68 -1.48
CA VAL K 133 31.74 -1.55 -1.18
C VAL K 133 33.10 -2.10 -0.75
N LYS K 134 34.17 -1.44 -1.19
CA LYS K 134 35.51 -1.84 -0.83
C LYS K 134 35.79 -1.48 0.63
N ALA K 135 36.30 -2.45 1.38
CA ALA K 135 36.59 -2.27 2.79
C ALA K 135 37.62 -1.16 2.97
N PRO K 136 37.53 -0.42 4.10
CA PRO K 136 38.45 0.68 4.43
C PRO K 136 39.91 0.24 4.30
N GLY K 137 40.74 1.14 3.78
CA GLY K 137 42.16 0.87 3.59
C GLY K 137 42.95 0.62 4.87
N ILE K 138 44.26 0.82 4.78
CA ILE K 138 45.19 0.42 5.84
C ILE K 138 45.39 1.54 6.87
N LEU K 139 45.08 2.77 6.49
CA LEU K 139 45.28 3.94 7.36
C LEU K 139 44.01 4.50 8.04
N PRO K 140 42.83 4.39 7.37
CA PRO K 140 41.60 4.85 8.02
C PRO K 140 41.14 3.98 9.20
N ARG K 141 42.10 3.33 9.87
CA ARG K 141 41.81 2.33 10.91
C ARG K 141 42.50 2.62 12.24
N ARG K 142 42.19 1.78 13.23
CA ARG K 142 42.73 1.89 14.59
C ARG K 142 42.52 0.58 15.35
N SER K 143 43.39 0.32 16.34
CA SER K 143 43.28 -0.88 17.18
C SER K 143 41.94 -1.00 17.89
N VAL K 144 41.64 -2.19 18.42
CA VAL K 144 40.38 -2.42 19.15
C VAL K 144 40.59 -2.33 20.67
N HIS K 145 39.97 -1.33 21.28
CA HIS K 145 40.12 -1.07 22.71
C HIS K 145 38.78 -1.09 23.46
N GLU K 146 37.69 -0.86 22.73
CA GLU K 146 36.34 -0.89 23.30
C GLU K 146 35.80 -2.33 23.36
N PRO K 147 35.20 -2.72 24.51
CA PRO K 147 34.58 -4.04 24.61
C PRO K 147 33.15 -4.13 24.04
N VAL K 148 32.92 -5.14 23.20
CA VAL K 148 31.56 -5.54 22.83
C VAL K 148 31.09 -6.52 23.91
N GLN K 149 30.25 -6.00 24.82
CA GLN K 149 29.74 -6.79 25.94
C GLN K 149 28.78 -7.89 25.48
N THR K 150 28.97 -9.08 26.03
CA THR K 150 28.22 -10.25 25.59
C THR K 150 27.11 -10.57 26.58
N GLY K 151 27.44 -10.48 27.88
CA GLY K 151 26.52 -10.90 28.93
C GLY K 151 26.60 -12.40 29.13
N LEU K 152 27.74 -12.97 28.76
CA LEU K 152 27.96 -14.40 28.88
C LEU K 152 29.27 -14.66 29.61
N LYS K 153 29.22 -15.55 30.61
CA LYS K 153 30.36 -15.85 31.48
C LYS K 153 31.61 -16.24 30.71
N ALA K 154 31.53 -17.32 29.94
CA ALA K 154 32.68 -17.87 29.22
C ALA K 154 33.20 -16.94 28.14
N VAL K 155 32.29 -16.21 27.50
CA VAL K 155 32.66 -15.31 26.41
C VAL K 155 33.46 -14.12 26.94
N ASP K 156 32.98 -13.49 27.99
CA ASP K 156 33.67 -12.34 28.57
C ASP K 156 34.95 -12.70 29.32
N ALA K 157 35.02 -13.92 29.85
CA ALA K 157 36.18 -14.37 30.60
C ALA K 157 37.28 -14.97 29.73
N LEU K 158 36.88 -15.75 28.72
CA LEU K 158 37.84 -16.47 27.89
C LEU K 158 38.02 -15.85 26.50
N VAL K 159 36.92 -15.46 25.87
CA VAL K 159 36.97 -14.92 24.51
C VAL K 159 36.39 -13.50 24.37
N PRO K 160 37.10 -12.49 24.92
CA PRO K 160 36.63 -11.10 24.84
C PRO K 160 36.49 -10.57 23.41
N ILE K 161 35.48 -9.75 23.17
CA ILE K 161 35.17 -9.27 21.82
C ILE K 161 35.25 -7.74 21.75
N GLY K 162 35.99 -7.23 20.76
CA GLY K 162 36.19 -5.80 20.58
C GLY K 162 35.29 -5.19 19.51
N ARG K 163 35.24 -3.85 19.49
CA ARG K 163 34.43 -3.15 18.50
C ARG K 163 35.22 -2.96 17.20
N GLY K 164 34.60 -3.36 16.09
CA GLY K 164 35.29 -3.39 14.80
C GLY K 164 35.91 -4.75 14.55
N GLN K 165 35.99 -5.54 15.61
CA GLN K 165 36.57 -6.90 15.60
C GLN K 165 35.63 -7.89 14.93
N ARG K 166 36.19 -8.99 14.42
CA ARG K 166 35.40 -10.08 13.86
C ARG K 166 35.72 -11.38 14.58
N GLU K 167 34.70 -11.95 15.22
CA GLU K 167 34.82 -13.20 15.98
C GLU K 167 33.78 -14.20 15.46
N LEU K 168 34.25 -15.36 15.01
CA LEU K 168 33.39 -16.35 14.38
C LEU K 168 32.80 -17.33 15.39
N ILE K 169 31.48 -17.53 15.31
CA ILE K 169 30.78 -18.52 16.15
C ILE K 169 30.59 -19.81 15.37
N ILE K 170 31.32 -20.86 15.76
CA ILE K 170 31.42 -22.06 14.95
C ILE K 170 31.06 -23.35 15.72
N GLY K 171 30.37 -24.26 15.03
CA GLY K 171 30.00 -25.56 15.60
C GLY K 171 28.99 -26.35 14.75
N ASP K 172 28.72 -27.59 15.17
CA ASP K 172 27.73 -28.44 14.50
C ASP K 172 26.31 -27.85 14.57
N ARG K 173 25.34 -28.55 14.00
CA ARG K 173 23.94 -28.13 14.08
C ARG K 173 23.42 -28.29 15.51
N GLN K 174 22.74 -27.26 16.00
CA GLN K 174 22.11 -27.27 17.33
C GLN K 174 23.11 -27.26 18.51
N THR K 175 24.21 -26.53 18.36
CA THR K 175 25.23 -26.42 19.44
C THR K 175 25.28 -25.05 20.11
N GLY K 176 24.23 -24.24 19.92
CA GLY K 176 24.15 -22.91 20.51
C GLY K 176 24.83 -21.85 19.66
N LYS K 177 24.70 -21.96 18.34
CA LYS K 177 25.30 -20.98 17.41
C LYS K 177 24.47 -19.70 17.30
N THR K 178 23.14 -19.85 17.25
CA THR K 178 22.25 -18.70 17.31
C THR K 178 22.23 -18.13 18.73
N ALA K 179 22.06 -19.01 19.71
CA ALA K 179 22.00 -18.63 21.11
C ALA K 179 22.92 -17.46 21.42
N VAL K 180 24.20 -17.64 21.09
CA VAL K 180 25.25 -16.67 21.45
C VAL K 180 25.00 -15.28 20.85
N ALA K 181 24.64 -15.23 19.57
CA ALA K 181 24.36 -13.97 18.88
C ALA K 181 23.19 -13.24 19.53
N LEU K 182 22.09 -13.96 19.73
CA LEU K 182 20.89 -13.43 20.35
C LEU K 182 21.16 -12.95 21.77
N ASP K 183 21.80 -13.79 22.58
CA ASP K 183 22.16 -13.45 23.96
C ASP K 183 23.01 -12.19 24.06
N THR K 184 23.74 -11.87 22.99
CA THR K 184 24.49 -10.62 22.91
C THR K 184 23.56 -9.46 22.54
N ILE K 185 22.63 -9.73 21.63
CA ILE K 185 21.66 -8.71 21.18
C ILE K 185 20.71 -8.24 22.31
N LEU K 186 20.16 -9.17 23.07
CA LEU K 186 19.28 -8.85 24.19
C LEU K 186 20.03 -8.04 25.24
N ASN K 187 21.26 -8.46 25.50
CA ASN K 187 22.15 -7.85 26.47
C ASN K 187 22.51 -6.38 26.15
N GLN K 188 22.40 -6.01 24.87
CA GLN K 188 22.71 -4.66 24.42
C GLN K 188 21.73 -3.59 24.90
N LYS K 189 20.54 -4.03 25.31
CA LYS K 189 19.50 -3.16 25.88
C LYS K 189 20.03 -2.39 27.09
N ARG K 190 21.08 -2.92 27.71
CA ARG K 190 21.83 -2.27 28.78
C ARG K 190 22.44 -0.93 28.35
N TRP K 191 22.66 -0.76 27.05
CA TRP K 191 23.31 0.44 26.54
C TRP K 191 22.46 1.27 25.56
N ASN K 192 21.43 0.65 24.99
CA ASN K 192 20.64 1.27 23.91
C ASN K 192 19.50 2.17 24.37
N ASN K 193 19.24 2.18 25.67
CA ASN K 193 18.22 3.06 26.25
C ASN K 193 18.87 4.23 27.00
N GLY K 194 19.83 4.88 26.36
CA GLY K 194 20.55 6.00 26.96
C GLY K 194 20.82 7.15 26.02
N SER K 195 21.44 8.21 26.55
CA SER K 195 21.81 9.41 25.79
C SER K 195 23.05 9.14 24.92
N ASP K 196 24.04 8.48 25.52
CA ASP K 196 25.38 8.33 24.94
C ASP K 196 25.37 7.45 23.69
N GLU K 197 25.68 8.06 22.54
CA GLU K 197 25.82 7.34 21.29
C GLU K 197 27.03 6.41 21.31
N SER K 198 28.15 6.92 21.81
CA SER K 198 29.41 6.18 21.87
C SER K 198 29.39 4.97 22.81
N LYS K 199 28.31 4.84 23.59
CA LYS K 199 28.10 3.67 24.42
C LYS K 199 27.09 2.69 23.80
N LYS K 200 26.26 3.20 22.88
CA LYS K 200 25.28 2.38 22.16
C LYS K 200 25.95 1.42 21.17
N LEU K 201 25.39 0.21 21.06
CA LEU K 201 25.77 -0.73 20.01
C LEU K 201 24.51 -1.19 19.26
N TYR K 202 24.44 -0.82 17.98
CA TYR K 202 23.27 -1.11 17.16
C TYR K 202 23.37 -2.52 16.58
N CYS K 203 22.22 -3.08 16.21
CA CYS K 203 22.17 -4.47 15.70
C CYS K 203 21.76 -4.59 14.25
N VAL K 204 22.54 -5.38 13.49
CA VAL K 204 22.08 -5.95 12.22
C VAL K 204 22.22 -7.47 12.29
N TYR K 205 21.12 -8.17 12.02
CA TYR K 205 21.11 -9.63 11.99
C TYR K 205 20.64 -10.09 10.60
N VAL K 206 21.45 -10.95 9.96
CA VAL K 206 21.13 -11.47 8.64
C VAL K 206 20.84 -12.97 8.73
N ALA K 207 19.60 -13.34 8.44
CA ALA K 207 19.22 -14.73 8.36
C ALA K 207 19.32 -15.22 6.90
N VAL K 208 20.27 -16.10 6.65
CA VAL K 208 20.53 -16.58 5.29
C VAL K 208 20.18 -18.05 5.16
N GLY K 209 19.10 -18.33 4.43
CA GLY K 209 18.65 -19.69 4.18
C GLY K 209 18.08 -20.42 5.39
N GLN K 210 17.72 -19.67 6.43
CA GLN K 210 17.03 -20.21 7.61
C GLN K 210 15.56 -20.42 7.29
N LYS K 211 14.90 -21.28 8.06
CA LYS K 211 13.46 -21.46 7.92
C LYS K 211 12.79 -20.11 8.19
N ARG K 212 11.97 -19.66 7.25
CA ARG K 212 11.24 -18.38 7.34
C ARG K 212 10.50 -18.25 8.68
N SER K 213 9.92 -19.36 9.12
CA SER K 213 9.30 -19.46 10.43
C SER K 213 10.27 -19.08 11.54
N THR K 214 11.46 -19.70 11.54
CA THR K 214 12.47 -19.48 12.59
C THR K 214 12.91 -18.01 12.68
N VAL K 215 12.89 -17.31 11.54
CA VAL K 215 13.20 -15.89 11.52
C VAL K 215 12.07 -15.11 12.19
N ALA K 216 10.82 -15.46 11.86
CA ALA K 216 9.63 -14.83 12.47
C ALA K 216 9.56 -15.09 13.97
N GLN K 217 9.90 -16.31 14.37
CA GLN K 217 9.96 -16.68 15.77
C GLN K 217 11.11 -15.98 16.49
N LEU K 218 12.22 -15.77 15.79
CA LEU K 218 13.32 -14.97 16.34
C LEU K 218 13.00 -13.48 16.27
N VAL K 219 12.04 -13.10 15.42
CA VAL K 219 11.54 -11.73 15.38
C VAL K 219 10.72 -11.47 16.66
N GLN K 220 10.03 -12.51 17.14
CA GLN K 220 9.22 -12.42 18.35
C GLN K 220 10.04 -12.28 19.64
N THR K 221 11.17 -12.99 19.74
CA THR K 221 11.99 -12.97 20.95
C THR K 221 12.82 -11.68 21.09
N LEU K 222 12.93 -10.92 20.00
CA LEU K 222 13.47 -9.56 20.06
C LEU K 222 12.36 -8.59 20.45
N GLU K 223 11.13 -8.96 20.07
CA GLU K 223 9.94 -8.19 20.43
C GLU K 223 9.60 -8.39 21.91
N GLN K 224 9.97 -9.54 22.45
CA GLN K 224 9.65 -9.92 23.83
C GLN K 224 10.63 -9.32 24.84
N HIS K 225 11.92 -9.42 24.54
CA HIS K 225 12.98 -8.87 25.41
C HIS K 225 13.24 -7.39 25.08
N ASP K 226 12.44 -6.86 24.15
CA ASP K 226 12.54 -5.47 23.67
C ASP K 226 13.90 -5.09 23.11
N ALA K 227 14.41 -5.94 22.22
CA ALA K 227 15.61 -5.64 21.47
C ALA K 227 15.26 -5.03 20.13
N MET K 228 14.15 -5.53 19.54
CA MET K 228 13.65 -5.13 18.21
C MET K 228 13.81 -3.65 17.84
N LYS K 229 13.63 -2.79 18.83
CA LYS K 229 13.75 -1.35 18.63
C LYS K 229 15.10 -0.89 18.06
N TYR K 230 16.18 -1.57 18.45
CA TYR K 230 17.51 -1.20 17.98
C TYR K 230 18.14 -2.17 16.98
N SER K 231 17.42 -3.24 16.64
CA SER K 231 17.95 -4.26 15.72
C SER K 231 17.33 -4.20 14.32
N ILE K 232 18.08 -4.69 13.33
CA ILE K 232 17.61 -4.77 11.94
C ILE K 232 17.71 -6.20 11.42
N ILE K 233 16.59 -6.73 10.92
CA ILE K 233 16.54 -8.09 10.40
C ILE K 233 16.56 -8.09 8.87
N VAL K 234 17.55 -8.79 8.31
CA VAL K 234 17.66 -8.95 6.87
C VAL K 234 17.67 -10.45 6.54
N ALA K 235 16.63 -10.92 5.86
CA ALA K 235 16.52 -12.34 5.57
C ALA K 235 16.31 -12.66 4.09
N ALA K 236 17.06 -13.67 3.64
CA ALA K 236 16.78 -14.34 2.39
C ALA K 236 16.75 -15.82 2.73
N THR K 237 15.54 -16.37 2.79
CA THR K 237 15.30 -17.69 3.39
C THR K 237 15.59 -18.86 2.45
N ALA K 238 15.48 -20.07 3.00
CA ALA K 238 15.74 -21.33 2.27
C ALA K 238 15.11 -21.47 0.89
N SER K 239 13.90 -20.93 0.73
CA SER K 239 13.12 -21.07 -0.51
C SER K 239 13.22 -19.89 -1.47
N GLU K 240 14.01 -18.89 -1.10
CA GLU K 240 14.24 -17.74 -1.98
C GLU K 240 15.38 -18.02 -2.95
N ALA K 241 15.34 -17.38 -4.12
CA ALA K 241 16.42 -17.50 -5.12
C ALA K 241 17.80 -17.41 -4.50
N ALA K 242 18.74 -18.20 -5.02
CA ALA K 242 20.10 -18.26 -4.46
C ALA K 242 20.86 -16.93 -4.53
N PRO K 243 20.74 -16.20 -5.66
CA PRO K 243 21.40 -14.90 -5.73
C PRO K 243 20.94 -13.95 -4.64
N LEU K 244 19.73 -14.16 -4.13
CA LEU K 244 19.23 -13.39 -2.98
C LEU K 244 20.02 -13.73 -1.69
N GLN K 245 20.15 -15.02 -1.39
CA GLN K 245 20.92 -15.47 -0.23
C GLN K 245 22.40 -15.10 -0.35
N TYR K 246 22.93 -15.15 -1.58
CA TYR K 246 24.30 -14.74 -1.86
C TYR K 246 24.49 -13.24 -1.58
N LEU K 247 23.48 -12.45 -1.93
CA LEU K 247 23.54 -11.00 -1.83
C LEU K 247 23.36 -10.47 -0.42
N ALA K 248 22.43 -11.07 0.31
CA ALA K 248 21.99 -10.57 1.62
C ALA K 248 23.10 -9.94 2.48
N PRO K 249 24.14 -10.72 2.84
CA PRO K 249 25.19 -10.19 3.72
C PRO K 249 25.83 -8.91 3.19
N PHE K 250 25.97 -8.80 1.88
CA PHE K 250 26.62 -7.62 1.27
C PHE K 250 25.82 -6.33 1.39
N THR K 251 24.50 -6.45 1.30
CA THR K 251 23.59 -5.32 1.50
C THR K 251 23.46 -4.99 2.98
N ALA K 252 23.27 -6.03 3.79
CA ALA K 252 23.16 -5.89 5.24
C ALA K 252 24.45 -5.40 5.90
N ALA K 253 25.58 -5.53 5.21
CA ALA K 253 26.82 -4.94 5.68
C ALA K 253 26.80 -3.43 5.47
N SER K 254 26.24 -3.01 4.33
CA SER K 254 26.11 -1.60 3.98
C SER K 254 25.19 -0.86 4.94
N ILE K 255 24.14 -1.55 5.38
CA ILE K 255 23.16 -0.99 6.31
C ILE K 255 23.78 -0.64 7.66
N GLY K 256 24.64 -1.53 8.16
CA GLY K 256 25.40 -1.28 9.39
C GLY K 256 26.55 -0.30 9.19
N GLU K 257 27.04 -0.20 7.96
CA GLU K 257 28.16 0.67 7.62
C GLU K 257 27.81 2.15 7.79
N TRP K 258 26.55 2.51 7.55
CA TRP K 258 26.08 3.87 7.78
C TRP K 258 26.37 4.29 9.22
N PHE K 259 26.07 3.41 10.17
CA PHE K 259 26.36 3.62 11.58
C PHE K 259 27.86 3.78 11.82
N ARG K 260 28.65 2.81 11.37
CA ARG K 260 30.10 2.85 11.49
C ARG K 260 30.69 4.13 10.89
N ASP K 261 30.21 4.50 9.70
CA ASP K 261 30.73 5.66 8.95
C ASP K 261 30.38 7.03 9.52
N ASN K 262 29.38 7.07 10.40
CA ASN K 262 28.95 8.29 11.05
C ASN K 262 29.21 8.28 12.57
N GLY K 263 30.44 7.92 12.94
CA GLY K 263 30.93 8.01 14.32
C GLY K 263 30.20 7.15 15.35
N LYS K 264 29.33 6.28 14.87
CA LYS K 264 28.53 5.42 15.74
C LYS K 264 28.87 3.95 15.51
N HIS K 265 28.25 3.05 16.26
CA HIS K 265 28.67 1.66 16.24
C HIS K 265 27.53 0.70 15.99
N ALA K 266 27.80 -0.32 15.19
CA ALA K 266 26.85 -1.39 14.92
C ALA K 266 27.52 -2.75 15.01
N LEU K 267 26.71 -3.78 15.27
CA LEU K 267 27.16 -5.17 15.32
C LEU K 267 26.30 -6.00 14.38
N ILE K 268 26.95 -6.56 13.34
CA ILE K 268 26.26 -7.39 12.35
C ILE K 268 26.50 -8.88 12.59
N VAL K 269 25.47 -9.69 12.32
CA VAL K 269 25.54 -11.14 12.52
C VAL K 269 25.09 -11.94 11.27
N TYR K 270 25.93 -12.88 10.85
CA TYR K 270 25.74 -13.65 9.62
C TYR K 270 25.34 -15.10 9.88
N ASP K 271 24.03 -15.35 9.96
CA ASP K 271 23.49 -16.65 10.35
C ASP K 271 22.68 -17.30 9.22
N ASP K 272 23.31 -18.14 8.41
CA ASP K 272 24.74 -18.42 8.53
C ASP K 272 25.46 -18.29 7.18
N LEU K 273 26.78 -18.18 7.21
CA LEU K 273 27.58 -18.09 5.99
C LEU K 273 27.72 -19.42 5.27
N SER K 274 27.63 -20.53 6.00
CA SER K 274 27.63 -21.86 5.38
C SER K 274 26.55 -21.92 4.30
N LYS K 275 25.32 -21.55 4.67
CA LYS K 275 24.18 -21.58 3.76
C LYS K 275 24.28 -20.50 2.69
N GLN K 276 25.11 -19.49 2.94
CA GLN K 276 25.39 -18.50 1.92
C GLN K 276 26.34 -19.08 0.88
N ALA K 277 27.41 -19.71 1.34
CA ALA K 277 28.39 -20.34 0.46
C ALA K 277 27.79 -21.48 -0.37
N VAL K 278 26.75 -22.13 0.15
CA VAL K 278 26.01 -23.14 -0.61
C VAL K 278 25.32 -22.48 -1.80
N ALA K 279 24.71 -21.32 -1.56
CA ALA K 279 23.99 -20.59 -2.59
C ALA K 279 24.91 -20.05 -3.68
N TYR K 280 26.12 -19.61 -3.31
CA TYR K 280 27.09 -19.10 -4.28
C TYR K 280 27.53 -20.21 -5.23
N ARG K 281 27.92 -21.35 -4.67
CA ARG K 281 28.28 -22.53 -5.44
C ARG K 281 27.18 -22.93 -6.42
N GLN K 282 25.92 -22.80 -6.00
CA GLN K 282 24.79 -23.11 -6.88
C GLN K 282 24.87 -22.26 -8.13
N LEU K 283 24.95 -20.95 -7.91
CA LEU K 283 25.04 -19.96 -8.97
C LEU K 283 26.31 -20.14 -9.83
N SER K 284 27.45 -20.33 -9.18
CA SER K 284 28.72 -20.60 -9.87
C SER K 284 28.64 -21.78 -10.84
N LEU K 285 28.12 -22.91 -10.35
CA LEU K 285 28.06 -24.14 -11.15
C LEU K 285 27.06 -23.99 -12.28
N LEU K 286 26.04 -23.16 -12.05
CA LEU K 286 25.08 -22.83 -13.09
C LEU K 286 25.69 -21.95 -14.17
N LEU K 287 26.51 -20.98 -13.76
CA LEU K 287 27.28 -20.17 -14.70
C LEU K 287 28.44 -20.95 -15.33
N ARG K 288 28.52 -22.25 -15.02
CA ARG K 288 29.54 -23.16 -15.54
C ARG K 288 30.98 -22.64 -15.30
N ARG K 289 31.21 -22.17 -14.08
CA ARG K 289 32.56 -21.83 -13.67
C ARG K 289 33.10 -23.03 -12.89
N PRO K 290 34.27 -23.56 -13.30
CA PRO K 290 34.89 -24.79 -12.77
C PRO K 290 34.77 -25.00 -11.25
N PRO K 291 34.25 -26.17 -10.83
CA PRO K 291 34.25 -26.53 -9.41
C PRO K 291 35.65 -26.94 -8.90
N GLY K 292 35.98 -26.51 -7.68
CA GLY K 292 37.23 -26.88 -7.02
C GLY K 292 36.95 -27.77 -5.83
N ARG K 293 37.70 -27.56 -4.76
CA ARG K 293 37.52 -28.33 -3.52
C ARG K 293 36.09 -28.26 -3.01
N GLU K 294 35.47 -29.43 -2.83
CA GLU K 294 34.06 -29.59 -2.41
C GLU K 294 33.03 -29.02 -3.39
N ALA K 295 33.38 -28.96 -4.66
CA ALA K 295 32.55 -28.37 -5.74
C ALA K 295 32.45 -26.86 -5.69
N TYR K 296 33.12 -26.24 -4.71
CA TYR K 296 33.07 -24.80 -4.53
C TYR K 296 33.92 -24.10 -5.57
N PRO K 297 33.46 -22.91 -6.03
CA PRO K 297 34.23 -22.10 -6.97
C PRO K 297 35.50 -21.59 -6.31
N GLY K 298 36.52 -21.32 -7.11
CA GLY K 298 37.81 -20.87 -6.57
C GLY K 298 37.73 -19.56 -5.81
N ASP K 299 36.72 -18.74 -6.13
CA ASP K 299 36.57 -17.44 -5.50
C ASP K 299 35.61 -17.42 -4.31
N VAL K 300 35.33 -18.58 -3.73
CA VAL K 300 34.46 -18.64 -2.56
C VAL K 300 35.12 -17.99 -1.34
N PHE K 301 36.45 -17.86 -1.38
CA PHE K 301 37.17 -17.18 -0.32
C PHE K 301 36.96 -15.70 -0.48
N TYR K 302 37.17 -15.21 -1.69
CA TYR K 302 36.96 -13.80 -2.00
C TYR K 302 35.55 -13.36 -1.63
N LEU K 303 34.59 -14.27 -1.77
CA LEU K 303 33.25 -14.05 -1.27
C LEU K 303 33.27 -13.58 0.19
N HIS K 304 33.73 -14.43 1.11
CA HIS K 304 33.68 -14.12 2.55
C HIS K 304 34.70 -13.09 2.99
N SER K 305 35.84 -13.07 2.31
CA SER K 305 36.94 -12.18 2.68
C SER K 305 36.54 -10.73 2.46
N ARG K 306 36.00 -10.43 1.29
CA ARG K 306 35.57 -9.06 0.98
C ARG K 306 34.41 -8.60 1.86
N LEU K 307 33.66 -9.54 2.42
CA LEU K 307 32.54 -9.22 3.29
C LEU K 307 33.02 -8.81 4.69
N LEU K 308 33.89 -9.65 5.27
CA LEU K 308 34.31 -9.47 6.65
C LEU K 308 35.43 -8.45 6.83
N GLU K 309 36.08 -8.05 5.74
CA GLU K 309 37.10 -7.00 5.80
C GLU K 309 36.47 -5.65 6.13
N ARG K 310 35.17 -5.57 5.88
CA ARG K 310 34.41 -4.33 6.04
C ARG K 310 34.06 -4.01 7.49
N ALA K 311 34.09 -5.02 8.36
CA ALA K 311 33.92 -4.84 9.79
C ALA K 311 35.23 -4.37 10.42
N ALA K 312 35.27 -3.10 10.81
CA ALA K 312 36.53 -2.45 11.20
C ALA K 312 36.34 -1.40 12.27
N LYS K 313 37.39 -1.19 13.07
CA LYS K 313 37.42 -0.09 14.03
C LYS K 313 37.99 1.15 13.34
N LEU K 314 37.11 2.14 13.10
CA LEU K 314 37.50 3.35 12.36
C LEU K 314 38.35 4.30 13.19
N SER K 315 39.26 5.00 12.51
CA SER K 315 40.17 5.96 13.13
C SER K 315 39.44 7.15 13.72
N GLU K 316 40.11 7.88 14.59
CA GLU K 316 39.57 9.11 15.17
C GLU K 316 39.18 10.09 14.07
N LYS K 317 40.08 10.29 13.11
CA LYS K 317 39.86 11.19 11.98
C LYS K 317 38.62 10.82 11.17
N GLU K 318 38.47 9.53 10.86
CA GLU K 318 37.35 9.05 10.06
C GLU K 318 36.04 9.01 10.84
N GLY K 319 36.06 9.43 12.10
CA GLY K 319 34.85 9.53 12.91
C GLY K 319 34.79 8.64 14.14
N SER K 320 35.53 7.55 14.12
CA SER K 320 35.62 6.57 15.23
C SER K 320 34.45 5.56 15.33
N GLY K 321 33.57 5.54 14.34
CA GLY K 321 32.50 4.54 14.28
C GLY K 321 33.03 3.13 14.06
N SER K 322 32.23 2.11 14.39
CA SER K 322 32.72 0.73 14.33
C SER K 322 31.68 -0.31 13.92
N LEU K 323 32.05 -1.17 12.97
CA LEU K 323 31.24 -2.33 12.62
C LEU K 323 31.93 -3.59 13.11
N THR K 324 31.20 -4.36 13.91
CA THR K 324 31.70 -5.59 14.50
C THR K 324 30.88 -6.74 13.91
N ALA K 325 31.56 -7.79 13.46
CA ALA K 325 30.87 -8.90 12.81
C ALA K 325 31.04 -10.24 13.53
N LEU K 326 29.92 -10.87 13.84
CA LEU K 326 29.91 -12.25 14.32
C LEU K 326 29.33 -13.13 13.23
N PRO K 327 30.19 -13.72 12.39
CA PRO K 327 29.65 -14.70 11.45
C PRO K 327 29.45 -16.05 12.12
N VAL K 328 28.56 -16.86 11.55
CA VAL K 328 28.25 -18.19 12.07
C VAL K 328 28.46 -19.22 10.96
N ILE K 329 29.22 -20.26 11.27
CA ILE K 329 29.54 -21.33 10.31
C ILE K 329 29.15 -22.67 10.90
N GLU K 330 28.49 -23.49 10.10
CA GLU K 330 28.07 -24.83 10.51
C GLU K 330 29.01 -25.89 9.98
N THR K 331 29.74 -26.54 10.87
CA THR K 331 30.56 -27.70 10.50
C THR K 331 29.70 -28.95 10.34
N GLN K 332 30.31 -30.00 9.81
CA GLN K 332 29.71 -31.31 9.79
C GLN K 332 30.61 -32.25 10.59
N GLY K 333 30.08 -32.78 11.69
CA GLY K 333 30.80 -33.71 12.57
C GLY K 333 32.04 -33.13 13.26
N GLY K 334 31.95 -31.87 13.68
CA GLY K 334 33.03 -31.20 14.40
C GLY K 334 34.31 -30.93 13.62
N ASP K 335 34.38 -31.43 12.38
CA ASP K 335 35.56 -31.25 11.54
C ASP K 335 35.74 -29.81 11.05
N VAL K 336 36.59 -29.08 11.75
CA VAL K 336 36.92 -27.69 11.42
C VAL K 336 37.94 -27.63 10.28
N SER K 337 38.49 -28.79 9.92
CA SER K 337 39.39 -28.93 8.76
C SER K 337 38.70 -28.58 7.44
N ALA K 338 37.38 -28.72 7.41
CA ALA K 338 36.58 -28.45 6.22
C ALA K 338 36.96 -27.12 5.58
N TYR K 339 36.91 -27.10 4.25
CA TYR K 339 37.32 -25.96 3.42
C TYR K 339 36.74 -24.62 3.87
N ILE K 340 35.42 -24.56 4.02
CA ILE K 340 34.76 -23.31 4.40
C ILE K 340 35.09 -22.87 5.82
N PRO K 341 35.03 -23.80 6.81
CA PRO K 341 35.53 -23.43 8.13
C PRO K 341 36.96 -22.84 8.14
N THR K 342 37.93 -23.55 7.56
CA THR K 342 39.31 -23.04 7.48
C THR K 342 39.41 -21.75 6.65
N ASN K 343 38.45 -21.54 5.75
CA ASN K 343 38.37 -20.32 4.95
C ASN K 343 38.00 -19.13 5.84
N VAL K 344 36.90 -19.26 6.57
CA VAL K 344 36.41 -18.16 7.41
C VAL K 344 37.38 -17.88 8.56
N ILE K 345 37.92 -18.94 9.16
CA ILE K 345 38.93 -18.81 10.22
C ILE K 345 40.13 -17.97 9.75
N SER K 346 40.49 -18.09 8.47
CA SER K 346 41.61 -17.34 7.91
C SER K 346 41.21 -15.92 7.51
N ILE K 347 39.98 -15.53 7.86
CA ILE K 347 39.48 -14.16 7.67
C ILE K 347 39.26 -13.45 9.02
N THR K 348 38.55 -14.13 9.94
CA THR K 348 38.18 -13.55 11.23
C THR K 348 39.37 -13.37 12.16
N ASP K 349 39.13 -12.79 13.35
CA ASP K 349 40.18 -12.59 14.36
C ASP K 349 40.00 -13.55 15.55
N GLY K 350 39.38 -14.70 15.31
CA GLY K 350 39.07 -15.65 16.39
C GLY K 350 37.80 -16.44 16.17
N GLN K 351 37.63 -17.50 16.96
CA GLN K 351 36.50 -18.44 16.83
C GLN K 351 35.99 -18.88 18.20
N ILE K 352 34.67 -19.02 18.31
CA ILE K 352 34.05 -19.54 19.53
C ILE K 352 33.52 -20.95 19.25
N PHE K 353 34.40 -21.95 19.38
CA PHE K 353 34.01 -23.32 19.02
C PHE K 353 33.11 -23.96 20.06
N LEU K 354 31.97 -24.44 19.58
CA LEU K 354 30.96 -25.03 20.43
C LEU K 354 30.92 -26.53 20.19
N GLU K 355 31.46 -27.28 21.14
CA GLU K 355 31.49 -28.74 21.08
C GLU K 355 30.12 -29.34 21.30
N ALA K 356 29.71 -30.18 20.37
CA ALA K 356 28.46 -30.95 20.48
C ALA K 356 28.54 -31.90 21.67
N GLU K 357 29.76 -32.33 22.00
CA GLU K 357 30.01 -33.16 23.18
C GLU K 357 29.83 -32.36 24.48
N LEU K 358 30.32 -31.13 24.49
CA LEU K 358 30.15 -30.23 25.65
C LEU K 358 28.72 -29.68 25.74
N PHE K 359 28.14 -29.33 24.59
CA PHE K 359 26.74 -28.88 24.53
C PHE K 359 25.79 -29.96 25.04
N TYR K 360 25.89 -31.15 24.43
CA TYR K 360 24.98 -32.28 24.72
C TYR K 360 24.86 -32.62 26.20
N LYS K 361 25.98 -32.55 26.91
CA LYS K 361 26.02 -32.87 28.33
C LYS K 361 25.37 -31.80 29.22
N GLY K 362 24.99 -30.67 28.61
CA GLY K 362 24.39 -29.55 29.35
C GLY K 362 25.43 -28.53 29.79
N ILE K 363 26.70 -28.83 29.50
CA ILE K 363 27.80 -27.91 29.74
C ILE K 363 27.69 -26.75 28.74
N ARG K 364 26.78 -25.82 29.03
CA ARG K 364 26.40 -24.77 28.07
C ARG K 364 26.53 -23.38 28.68
N PRO K 365 27.15 -22.42 27.95
CA PRO K 365 27.66 -22.45 26.57
C PRO K 365 28.68 -23.56 26.29
N ALA K 366 28.68 -24.04 25.05
CA ALA K 366 29.40 -25.24 24.66
C ALA K 366 30.89 -25.04 24.37
N ILE K 367 31.47 -23.95 24.84
CA ILE K 367 32.84 -23.58 24.48
C ILE K 367 33.88 -24.66 24.77
N ASN K 368 34.54 -25.12 23.71
CA ASN K 368 35.78 -25.85 23.84
C ASN K 368 36.93 -24.85 23.88
N VAL K 369 37.35 -24.52 25.10
CA VAL K 369 38.39 -23.53 25.37
C VAL K 369 39.66 -23.80 24.58
N GLY K 370 40.00 -25.08 24.42
CA GLY K 370 41.18 -25.52 23.67
C GLY K 370 41.13 -25.13 22.19
N LEU K 371 39.93 -25.09 21.64
CA LEU K 371 39.72 -24.69 20.25
C LEU K 371 38.99 -23.36 20.13
N SER K 372 39.26 -22.45 21.06
CA SER K 372 38.65 -21.12 21.06
C SER K 372 39.67 -20.05 21.41
N VAL K 373 39.65 -18.96 20.64
CA VAL K 373 40.62 -17.87 20.80
C VAL K 373 40.03 -16.53 20.35
N SER K 374 40.63 -15.44 20.83
CA SER K 374 40.27 -14.10 20.40
C SER K 374 41.54 -13.26 20.24
N ARG K 375 42.03 -13.18 19.02
CA ARG K 375 43.34 -12.59 18.71
C ARG K 375 43.53 -11.15 19.16
N VAL K 376 42.43 -10.44 19.40
CA VAL K 376 42.48 -9.01 19.72
C VAL K 376 41.63 -8.59 20.94
N GLY K 377 41.10 -9.59 21.65
CA GLY K 377 40.25 -9.34 22.81
C GLY K 377 40.94 -8.83 24.06
N SER K 378 42.22 -9.19 24.21
CA SER K 378 43.04 -8.76 25.35
C SER K 378 43.01 -7.25 25.48
N ALA K 379 43.15 -6.58 24.34
CA ALA K 379 43.18 -5.12 24.25
C ALA K 379 41.80 -4.49 24.50
N ALA K 380 40.74 -5.30 24.42
CA ALA K 380 39.38 -4.80 24.48
C ALA K 380 38.58 -5.28 25.70
N GLN K 381 39.04 -6.35 26.34
CA GLN K 381 38.38 -6.89 27.53
C GLN K 381 38.40 -5.91 28.70
N VAL K 382 37.23 -5.69 29.31
CA VAL K 382 37.09 -4.83 30.48
C VAL K 382 38.13 -5.22 31.53
N LYS K 383 38.90 -4.22 31.97
CA LYS K 383 40.09 -4.40 32.79
C LYS K 383 39.84 -5.11 34.13
N ALA K 384 38.63 -5.00 34.65
CA ALA K 384 38.22 -5.70 35.87
C ALA K 384 38.15 -7.22 35.67
N LEU K 385 37.47 -7.66 34.62
CA LEU K 385 37.41 -9.07 34.23
C LEU K 385 38.79 -9.62 33.88
N LYS K 386 39.66 -8.74 33.40
CA LYS K 386 41.01 -9.10 32.99
C LYS K 386 41.88 -9.57 34.16
N GLN K 387 41.71 -8.93 35.32
CA GLN K 387 42.49 -9.23 36.53
C GLN K 387 42.09 -10.55 37.16
N VAL K 388 40.78 -10.71 37.37
CA VAL K 388 40.22 -11.86 38.10
C VAL K 388 40.13 -13.16 37.26
N ALA K 389 40.53 -13.10 35.99
CA ALA K 389 40.39 -14.24 35.09
C ALA K 389 41.61 -14.49 34.20
N GLY K 390 42.71 -13.79 34.47
CA GLY K 390 43.97 -14.02 33.78
C GLY K 390 44.50 -15.40 34.07
N SER K 391 44.74 -16.17 33.00
CA SER K 391 45.19 -17.59 33.08
C SER K 391 44.04 -18.61 33.20
N LEU K 392 42.80 -18.12 33.21
CA LEU K 392 41.63 -19.02 33.14
C LEU K 392 41.54 -19.64 31.76
N LYS K 393 42.05 -18.90 30.77
CA LYS K 393 42.19 -19.37 29.38
C LYS K 393 42.97 -20.67 29.30
N LEU K 394 44.17 -20.69 29.90
CA LEU K 394 45.07 -21.85 29.84
C LEU K 394 44.69 -22.96 30.83
N PHE K 395 44.38 -22.58 32.05
CA PHE K 395 44.14 -23.54 33.14
C PHE K 395 42.98 -24.50 32.84
N LEU K 396 41.89 -23.96 32.30
CA LEU K 396 40.74 -24.78 31.91
C LEU K 396 41.13 -25.77 30.82
N ALA K 397 41.96 -25.30 29.90
CA ALA K 397 42.49 -26.12 28.80
C ALA K 397 43.49 -27.17 29.27
N GLN K 398 44.03 -26.98 30.47
CA GLN K 398 44.88 -27.98 31.11
C GLN K 398 44.19 -28.74 32.25
N TYR K 399 42.93 -28.36 32.52
CA TYR K 399 42.04 -29.13 33.38
C TYR K 399 41.36 -30.25 32.56
N ARG K 400 40.98 -29.92 31.33
CA ARG K 400 40.47 -30.93 30.40
C ARG K 400 41.59 -31.88 29.95
N GLU K 401 42.83 -31.45 30.10
CA GLU K 401 44.00 -32.32 29.93
C GLU K 401 44.09 -33.31 31.09
N VAL K 402 43.83 -32.82 32.29
CA VAL K 402 43.93 -33.61 33.54
C VAL K 402 42.74 -34.55 33.74
N ALA K 403 41.57 -34.17 33.24
CA ALA K 403 40.38 -35.01 33.31
C ALA K 403 40.24 -35.94 32.09
N ALA K 404 41.34 -36.08 31.33
CA ALA K 404 41.35 -36.90 30.12
C ALA K 404 42.21 -38.17 30.26
N PHE K 405 43.48 -37.98 30.63
CA PHE K 405 44.40 -39.10 30.84
C PHE K 405 44.12 -39.85 32.15
N ALA K 406 43.05 -39.43 32.84
CA ALA K 406 42.59 -40.09 34.07
C ALA K 406 41.41 -41.03 33.82
N GLN K 407 40.43 -40.57 33.04
CA GLN K 407 39.22 -41.35 32.75
C GLN K 407 39.31 -41.95 31.35
N LEU K 412 42.13 -42.49 42.11
CA LEU K 412 42.30 -41.38 43.04
C LEU K 412 43.77 -41.05 43.26
N ASP K 413 44.25 -39.98 42.63
CA ASP K 413 45.62 -39.49 42.81
C ASP K 413 45.71 -38.57 44.03
N ALA K 414 46.85 -38.61 44.72
CA ALA K 414 47.09 -37.79 45.91
C ALA K 414 47.30 -36.31 45.61
N SER K 415 48.18 -36.01 44.66
CA SER K 415 48.56 -34.64 44.34
C SER K 415 47.58 -33.96 43.36
N THR K 416 47.50 -34.48 42.14
CA THR K 416 46.72 -33.86 41.06
C THR K 416 45.21 -33.79 41.31
N LYS K 417 44.79 -34.19 42.51
CA LYS K 417 43.36 -34.24 42.85
C LYS K 417 42.69 -32.87 42.94
N GLN K 418 43.38 -31.88 43.51
CA GLN K 418 42.79 -30.55 43.75
C GLN K 418 42.54 -29.75 42.47
N THR K 419 43.38 -29.96 41.46
CA THR K 419 43.19 -29.33 40.14
C THR K 419 41.99 -29.91 39.39
N LEU K 420 41.70 -31.19 39.64
CA LEU K 420 40.47 -31.85 39.15
C LEU K 420 39.24 -31.32 39.89
N VAL K 421 39.40 -31.06 41.19
CA VAL K 421 38.35 -30.49 42.04
C VAL K 421 38.14 -29.00 41.70
N ARG K 422 39.18 -28.35 41.18
CA ARG K 422 39.12 -26.95 40.73
C ARG K 422 38.21 -26.75 39.52
N GLY K 423 38.44 -27.55 38.47
CA GLY K 423 37.76 -27.40 37.18
C GLY K 423 36.26 -27.57 37.22
N GLU K 424 35.80 -28.65 37.86
CA GLU K 424 34.37 -28.96 37.96
C GLU K 424 33.53 -27.83 38.55
N ARG K 425 34.14 -27.04 39.44
CA ARG K 425 33.51 -25.86 40.00
C ARG K 425 33.21 -24.86 38.89
N LEU K 426 34.20 -24.61 38.05
CA LEU K 426 34.11 -23.63 36.95
C LEU K 426 33.22 -24.09 35.79
N THR K 427 33.27 -25.39 35.47
CA THR K 427 32.41 -25.98 34.43
C THR K 427 30.93 -25.88 34.81
N GLN K 428 30.65 -26.02 36.10
CA GLN K 428 29.30 -25.82 36.63
C GLN K 428 28.98 -24.34 36.84
N LEU K 429 30.02 -23.54 37.06
CA LEU K 429 29.87 -22.09 37.26
C LEU K 429 29.66 -21.35 35.94
N LEU K 430 30.42 -21.73 34.91
CA LEU K 430 30.31 -21.10 33.60
C LEU K 430 29.01 -21.46 32.88
N LYS K 431 28.35 -22.52 33.35
CA LYS K 431 27.00 -22.86 32.92
C LYS K 431 26.08 -21.66 33.12
N GLN K 432 25.46 -21.24 32.03
CA GLN K 432 24.62 -20.05 32.03
C GLN K 432 23.27 -20.37 31.39
N ASN K 433 22.21 -19.79 31.95
CA ASN K 433 20.91 -19.86 31.32
C ASN K 433 20.88 -19.02 30.06
N GLN K 434 20.06 -19.43 29.10
CA GLN K 434 19.89 -18.66 27.87
C GLN K 434 19.01 -17.45 28.15
N TYR K 435 19.22 -16.39 27.36
CA TYR K 435 18.55 -15.10 27.55
C TYR K 435 18.88 -14.49 28.92
N SER K 436 19.97 -14.96 29.52
CA SER K 436 20.43 -14.47 30.82
C SER K 436 21.73 -13.68 30.71
N PRO K 437 21.63 -12.39 30.35
CA PRO K 437 22.81 -11.54 30.37
C PRO K 437 23.14 -11.11 31.81
N LEU K 438 24.40 -11.30 32.20
CA LEU K 438 24.87 -10.91 33.54
C LEU K 438 25.92 -9.81 33.41
N ALA K 439 25.66 -8.69 34.09
CA ALA K 439 26.47 -7.47 33.98
C ALA K 439 27.90 -7.69 34.49
N THR K 440 28.79 -6.79 34.08
CA THR K 440 30.22 -6.87 34.41
C THR K 440 30.47 -6.84 35.93
N GLU K 441 29.69 -6.03 36.63
CA GLU K 441 29.75 -5.94 38.08
C GLU K 441 29.11 -7.16 38.76
N GLU K 442 28.16 -7.79 38.09
CA GLU K 442 27.52 -9.03 38.60
C GLU K 442 28.30 -10.28 38.19
N GLN K 443 29.34 -10.09 37.37
CA GLN K 443 30.11 -11.20 36.82
C GLN K 443 31.46 -11.42 37.51
N VAL K 444 32.23 -10.35 37.73
CA VAL K 444 33.58 -10.48 38.32
C VAL K 444 33.61 -11.07 39.75
N PRO K 445 32.57 -10.83 40.58
CA PRO K 445 32.55 -11.48 41.89
C PRO K 445 32.19 -12.97 41.78
N LEU K 446 31.36 -13.31 40.79
CA LEU K 446 31.08 -14.70 40.46
C LEU K 446 32.32 -15.44 39.99
N ILE K 447 33.23 -14.70 39.35
CA ILE K 447 34.47 -15.24 38.77
C ILE K 447 35.64 -15.25 39.77
N TYR K 448 35.70 -14.24 40.63
CA TYR K 448 36.68 -14.18 41.72
C TYR K 448 36.52 -15.35 42.68
N ALA K 449 35.27 -15.78 42.88
CA ALA K 449 34.95 -16.92 43.75
C ALA K 449 35.44 -18.27 43.21
N GLY K 450 35.90 -18.29 41.95
CA GLY K 450 36.40 -19.50 41.32
C GLY K 450 37.92 -19.60 41.29
N VAL K 451 38.57 -18.60 40.68
CA VAL K 451 40.03 -18.60 40.48
C VAL K 451 40.82 -18.45 41.79
N ASN K 452 40.17 -17.93 42.83
CA ASN K 452 40.80 -17.79 44.14
C ASN K 452 40.58 -19.01 45.03
N GLY K 453 39.36 -19.56 44.97
CA GLY K 453 39.02 -20.79 45.69
C GLY K 453 38.03 -20.66 46.83
N HIS K 454 37.06 -19.75 46.69
CA HIS K 454 35.99 -19.58 47.68
C HIS K 454 34.76 -20.43 47.36
N LEU K 455 34.84 -21.17 46.26
CA LEU K 455 33.81 -22.12 45.83
C LEU K 455 34.19 -23.56 46.16
N ASP K 456 35.46 -23.77 46.51
CA ASP K 456 36.01 -25.11 46.74
C ASP K 456 35.43 -25.83 47.97
N GLY K 457 34.98 -25.05 48.95
CA GLY K 457 34.23 -25.58 50.08
C GLY K 457 32.87 -26.08 49.61
N ILE K 458 32.21 -25.27 48.79
CA ILE K 458 30.86 -25.54 48.29
C ILE K 458 30.83 -26.69 47.27
N GLU K 459 29.68 -27.36 47.16
CA GLU K 459 29.51 -28.52 46.27
C GLU K 459 29.43 -28.13 44.79
N LEU K 460 29.60 -29.12 43.92
CA LEU K 460 29.48 -28.93 42.48
C LEU K 460 28.02 -28.71 42.03
N SER K 461 27.11 -29.53 42.56
CA SER K 461 25.69 -29.46 42.23
C SER K 461 24.98 -28.28 42.94
N ARG K 462 25.54 -27.86 44.07
CA ARG K 462 24.99 -26.73 44.82
C ARG K 462 25.50 -25.38 44.32
N ILE K 463 26.07 -25.37 43.11
CA ILE K 463 26.57 -24.15 42.48
C ILE K 463 25.48 -23.45 41.65
N GLY K 464 24.40 -24.17 41.37
CA GLY K 464 23.24 -23.61 40.67
C GLY K 464 22.53 -22.58 41.52
N GLU K 465 22.26 -22.95 42.77
CA GLU K 465 21.65 -22.05 43.76
C GLU K 465 22.60 -20.93 44.19
N PHE K 466 23.88 -21.26 44.40
CA PHE K 466 24.90 -20.31 44.88
C PHE K 466 24.98 -19.02 44.07
N GLU K 467 24.83 -19.13 42.75
CA GLU K 467 24.87 -17.98 41.84
C GLU K 467 23.68 -17.03 42.03
N SER K 468 22.46 -17.59 42.05
CA SER K 468 21.23 -16.82 42.21
C SER K 468 21.08 -16.25 43.63
N SER K 469 21.72 -16.90 44.60
CA SER K 469 21.71 -16.44 46.00
C SER K 469 22.83 -15.45 46.31
N PHE K 470 23.98 -15.62 45.65
CA PHE K 470 25.13 -14.73 45.81
C PHE K 470 24.91 -13.39 45.09
N LEU K 471 24.00 -13.40 44.12
CA LEU K 471 23.56 -12.18 43.44
C LEU K 471 22.67 -11.34 44.35
N SER K 472 21.69 -12.00 44.98
CA SER K 472 20.78 -11.34 45.91
C SER K 472 21.51 -10.73 47.12
N TYR K 473 22.54 -11.45 47.59
CA TYR K 473 23.33 -11.07 48.77
C TYR K 473 24.06 -9.72 48.63
N LEU K 474 24.35 -9.31 47.40
CA LEU K 474 25.16 -8.11 47.14
C LEU K 474 24.35 -6.86 46.77
N LYS K 475 23.22 -7.07 46.07
CA LYS K 475 22.42 -5.99 45.46
C LYS K 475 22.29 -4.70 46.28
N SER K 476 21.84 -4.83 47.53
CA SER K 476 21.70 -3.67 48.41
C SER K 476 22.61 -3.73 49.65
N ASN K 477 23.16 -4.91 49.94
CA ASN K 477 24.01 -5.11 51.12
C ASN K 477 25.43 -4.54 50.97
N HIS K 478 26.24 -5.19 50.11
CA HIS K 478 27.60 -4.76 49.84
C HIS K 478 27.65 -3.88 48.58
N ASN K 479 26.73 -2.92 48.48
CA ASN K 479 26.54 -2.14 47.24
C ASN K 479 27.69 -1.19 46.84
N GLU K 480 28.76 -1.19 47.64
CA GLU K 480 29.91 -0.30 47.42
C GLU K 480 30.72 -0.68 46.18
N LEU K 481 31.02 -1.97 46.05
CA LEU K 481 31.87 -2.47 44.96
C LEU K 481 31.16 -2.55 43.61
N LEU K 482 29.88 -2.97 43.63
CA LEU K 482 29.10 -3.16 42.40
C LEU K 482 28.73 -1.85 41.69
N THR K 483 28.74 -0.74 42.43
CA THR K 483 28.51 0.58 41.84
C THR K 483 29.85 1.22 41.42
N GLU K 484 30.94 0.81 42.08
CA GLU K 484 32.29 1.32 41.80
C GLU K 484 32.97 0.63 40.61
N ILE K 485 32.59 -0.61 40.32
CA ILE K 485 33.09 -1.35 39.15
C ILE K 485 32.42 -0.89 37.85
N ARG K 486 31.11 -0.66 37.91
CA ARG K 486 30.33 -0.14 36.78
C ARG K 486 30.84 1.21 36.29
N GLU K 487 31.20 2.09 37.23
CA GLU K 487 31.62 3.44 36.89
C GLU K 487 33.11 3.54 36.56
N LYS K 488 33.95 2.80 37.27
CA LYS K 488 35.40 2.89 37.09
C LYS K 488 35.97 1.85 36.10
N GLY K 489 35.56 0.59 36.26
CA GLY K 489 35.96 -0.47 35.31
C GLY K 489 37.21 -1.25 35.64
N GLU K 490 37.85 -0.91 36.77
CA GLU K 490 39.06 -1.59 37.22
C GLU K 490 38.96 -1.99 38.69
N LEU K 491 40.05 -2.51 39.25
CA LEU K 491 40.11 -2.88 40.66
C LEU K 491 41.55 -2.85 41.18
N SER K 492 41.85 -1.87 42.03
CA SER K 492 43.18 -1.74 42.64
C SER K 492 43.29 -2.64 43.88
N LYS K 493 44.38 -2.49 44.63
CA LYS K 493 44.65 -3.29 45.83
C LYS K 493 43.51 -3.18 46.85
N GLU K 494 42.75 -2.09 46.76
CA GLU K 494 41.62 -1.78 47.66
C GLU K 494 40.44 -2.73 47.47
N LEU K 495 39.89 -2.74 46.26
CA LEU K 495 38.71 -3.55 45.95
C LEU K 495 38.98 -5.06 45.99
N LEU K 496 40.25 -5.43 46.18
CA LEU K 496 40.68 -6.83 46.29
C LEU K 496 40.27 -7.42 47.64
N ALA K 497 40.72 -6.78 48.72
CA ALA K 497 40.31 -7.15 50.08
C ALA K 497 38.86 -6.76 50.33
N SER K 498 38.39 -5.76 49.57
CA SER K 498 37.00 -5.31 49.61
C SER K 498 36.02 -6.37 49.12
N LEU K 499 36.43 -7.14 48.12
CA LEU K 499 35.61 -8.24 47.61
C LEU K 499 35.71 -9.48 48.50
N LYS K 500 36.84 -9.61 49.21
CA LYS K 500 37.13 -10.78 50.03
C LYS K 500 36.30 -10.88 51.32
N SER K 501 35.79 -9.73 51.78
CA SER K 501 34.96 -9.66 53.00
C SER K 501 33.53 -10.16 52.77
N ALA K 502 32.99 -9.91 51.57
CA ALA K 502 31.64 -10.33 51.22
C ALA K 502 31.55 -11.84 51.01
N THR K 503 32.51 -12.40 50.27
CA THR K 503 32.51 -13.82 49.89
C THR K 503 32.91 -14.77 51.03
N GLU K 504 34.00 -14.44 51.74
CA GLU K 504 34.49 -15.27 52.86
C GLU K 504 33.47 -15.38 53.99
N SER K 505 32.72 -14.31 54.23
CA SER K 505 31.60 -14.32 55.17
C SER K 505 30.47 -15.17 54.62
N PHE K 506 30.29 -15.12 53.30
CA PHE K 506 29.27 -15.91 52.60
C PHE K 506 29.75 -17.35 52.33
N VAL K 507 31.03 -17.62 52.54
CA VAL K 507 31.59 -18.98 52.47
C VAL K 507 31.19 -19.76 53.72
N ASN L 26 53.05 -15.42 -49.42
CA ASN L 26 53.27 -16.90 -49.42
C ASN L 26 53.11 -17.54 -48.04
N LEU L 27 52.03 -18.29 -47.86
CA LEU L 27 51.70 -18.90 -46.58
C LEU L 27 52.08 -20.39 -46.53
N ASN L 28 53.14 -20.74 -47.25
CA ASN L 28 53.66 -22.11 -47.25
C ASN L 28 54.80 -22.30 -46.24
N GLU L 29 55.71 -21.35 -46.18
CA GLU L 29 56.89 -21.44 -45.31
C GLU L 29 56.83 -20.46 -44.15
N THR L 30 55.92 -19.48 -44.26
CA THR L 30 55.69 -18.50 -43.20
C THR L 30 54.21 -18.43 -42.89
N GLY L 31 53.88 -17.93 -41.70
CA GLY L 31 52.48 -17.79 -41.29
C GLY L 31 52.19 -16.52 -40.53
N ARG L 32 50.91 -16.29 -40.24
CA ARG L 32 50.46 -15.13 -39.46
C ARG L 32 49.79 -15.57 -38.15
N VAL L 33 50.24 -15.02 -37.03
CA VAL L 33 49.67 -15.30 -35.71
C VAL L 33 48.19 -14.89 -35.65
N LEU L 34 47.32 -15.86 -35.41
CA LEU L 34 45.89 -15.60 -35.32
C LEU L 34 45.52 -15.11 -33.94
N ALA L 35 46.12 -15.74 -32.94
CA ALA L 35 45.95 -15.36 -31.54
C ALA L 35 47.07 -15.97 -30.72
N VAL L 36 47.40 -15.33 -29.60
CA VAL L 36 48.52 -15.73 -28.75
C VAL L 36 48.11 -15.57 -27.29
N GLY L 37 48.48 -16.55 -26.47
CA GLY L 37 48.20 -16.46 -25.05
C GLY L 37 48.61 -17.69 -24.27
N ASP L 38 49.17 -17.45 -23.08
CA ASP L 38 49.58 -18.52 -22.17
C ASP L 38 50.46 -19.57 -22.86
N GLY L 39 51.52 -19.11 -23.52
CA GLY L 39 52.49 -20.00 -24.16
C GLY L 39 51.99 -20.79 -25.36
N ILE L 40 50.85 -20.39 -25.92
CA ILE L 40 50.34 -21.02 -27.12
C ILE L 40 50.00 -19.97 -28.15
N ALA L 41 50.37 -20.23 -29.40
CA ALA L 41 50.00 -19.37 -30.50
C ALA L 41 49.32 -20.19 -31.60
N ARG L 42 48.08 -19.82 -31.92
CA ARG L 42 47.43 -20.30 -33.12
C ARG L 42 47.91 -19.45 -34.29
N VAL L 43 48.35 -20.11 -35.34
CA VAL L 43 48.95 -19.43 -36.47
C VAL L 43 48.13 -19.71 -37.72
N PHE L 44 48.14 -18.78 -38.67
CA PHE L 44 47.52 -19.01 -39.96
C PHE L 44 48.58 -19.20 -41.05
N GLY L 45 48.32 -20.09 -42.00
CA GLY L 45 49.25 -20.37 -43.09
C GLY L 45 50.22 -21.48 -42.74
N LEU L 46 51.51 -21.24 -42.96
CA LEU L 46 52.58 -22.22 -42.75
C LEU L 46 52.22 -23.59 -43.33
N ASN L 47 51.82 -23.60 -44.59
CA ASN L 47 51.20 -24.78 -45.17
C ASN L 47 52.05 -26.04 -45.20
N ASN L 48 53.29 -25.92 -45.68
CA ASN L 48 54.18 -27.08 -45.78
C ASN L 48 54.83 -27.55 -44.47
N ILE L 49 54.50 -26.88 -43.36
CA ILE L 49 55.04 -27.22 -42.04
C ILE L 49 54.75 -28.67 -41.64
N GLN L 50 55.57 -29.21 -40.75
CA GLN L 50 55.44 -30.60 -40.33
C GLN L 50 55.10 -30.68 -38.85
N ALA L 51 54.42 -31.76 -38.47
CA ALA L 51 54.23 -32.06 -37.07
C ALA L 51 55.60 -32.10 -36.41
N GLU L 52 55.74 -31.34 -35.33
CA GLU L 52 56.96 -31.29 -34.51
C GLU L 52 58.11 -30.52 -35.19
N GLU L 53 57.78 -29.39 -35.81
CA GLU L 53 58.79 -28.59 -36.50
C GLU L 53 59.02 -27.26 -35.80
N LEU L 54 60.26 -26.98 -35.44
CA LEU L 54 60.60 -25.73 -34.77
C LEU L 54 60.17 -24.56 -35.64
N VAL L 55 59.72 -23.46 -35.02
CA VAL L 55 59.38 -22.25 -35.78
C VAL L 55 59.99 -21.00 -35.15
N GLU L 56 60.05 -19.93 -35.94
CA GLU L 56 60.56 -18.64 -35.50
C GLU L 56 59.54 -17.52 -35.64
N PHE L 57 59.32 -16.78 -34.56
CA PHE L 57 58.47 -15.60 -34.59
C PHE L 57 59.32 -14.38 -34.84
N SER L 58 58.82 -13.47 -35.67
CA SER L 58 59.54 -12.25 -36.06
C SER L 58 60.12 -11.46 -34.89
N SER L 59 59.52 -11.64 -33.72
CA SER L 59 60.00 -11.02 -32.49
C SER L 59 61.10 -11.84 -31.83
N GLY L 60 61.78 -12.67 -32.63
CA GLY L 60 62.95 -13.41 -32.15
C GLY L 60 62.69 -14.79 -31.58
N VAL L 61 61.57 -14.95 -30.88
CA VAL L 61 61.32 -16.18 -30.11
C VAL L 61 60.96 -17.43 -30.95
N LYS L 62 61.41 -18.60 -30.48
CA LYS L 62 61.20 -19.85 -31.19
C LYS L 62 60.00 -20.61 -30.64
N GLY L 63 59.39 -21.42 -31.49
CA GLY L 63 58.21 -22.20 -31.13
C GLY L 63 58.20 -23.58 -31.75
N MET L 64 57.08 -24.26 -31.61
CA MET L 64 56.96 -25.62 -32.07
C MET L 64 55.53 -25.95 -32.50
N ALA L 65 55.40 -26.66 -33.60
CA ALA L 65 54.09 -26.99 -34.15
C ALA L 65 53.66 -28.40 -33.74
N LEU L 66 52.77 -28.49 -32.77
CA LEU L 66 52.30 -29.78 -32.32
C LEU L 66 51.01 -30.20 -33.00
N ILE L 67 50.18 -29.22 -33.32
CA ILE L 67 48.84 -29.48 -33.84
C ILE L 67 48.66 -28.85 -35.22
N LEU L 68 48.38 -29.69 -36.20
CA LEU L 68 48.12 -29.24 -37.56
C LEU L 68 46.65 -29.46 -37.88
N GLU L 69 45.91 -28.37 -37.99
CA GLU L 69 44.50 -28.43 -38.40
C GLU L 69 44.33 -27.77 -39.78
N PRO L 70 43.20 -28.07 -40.47
CA PRO L 70 42.90 -27.55 -41.80
C PRO L 70 43.00 -26.04 -41.90
N GLY L 71 42.34 -25.32 -41.00
CA GLY L 71 42.36 -23.87 -41.04
C GLY L 71 43.66 -23.26 -40.58
N GLN L 72 44.23 -23.81 -39.52
CA GLN L 72 45.30 -23.15 -38.77
C GLN L 72 46.18 -24.13 -38.03
N VAL L 73 47.33 -23.66 -37.54
CA VAL L 73 48.31 -24.49 -36.85
C VAL L 73 48.46 -24.03 -35.41
N GLY L 74 48.54 -24.99 -34.50
CA GLY L 74 48.77 -24.70 -33.08
C GLY L 74 50.24 -24.78 -32.72
N ILE L 75 50.76 -23.74 -32.10
CA ILE L 75 52.17 -23.69 -31.73
C ILE L 75 52.38 -23.39 -30.25
N VAL L 76 53.18 -24.23 -29.58
CA VAL L 76 53.61 -23.99 -28.20
C VAL L 76 54.92 -23.24 -28.22
N LEU L 77 55.02 -22.18 -27.44
CA LEU L 77 56.22 -21.33 -27.42
C LEU L 77 57.38 -21.85 -26.56
N PHE L 78 58.60 -21.52 -26.95
CA PHE L 78 59.77 -21.85 -26.11
C PHE L 78 60.16 -20.72 -25.12
N GLY L 79 59.70 -19.50 -25.39
CA GLY L 79 59.93 -18.38 -24.48
C GLY L 79 58.68 -17.58 -24.19
N SER L 80 58.73 -16.78 -23.13
CA SER L 80 57.65 -15.88 -22.73
C SER L 80 56.94 -15.18 -23.91
N ASP L 81 55.62 -15.27 -23.91
CA ASP L 81 54.79 -14.73 -25.00
C ASP L 81 54.60 -13.21 -25.01
N ARG L 82 55.45 -12.47 -24.30
CA ARG L 82 55.28 -11.02 -24.21
C ARG L 82 55.69 -10.26 -25.48
N LEU L 83 56.38 -10.95 -26.38
CA LEU L 83 56.88 -10.35 -27.63
C LEU L 83 56.02 -10.70 -28.86
N VAL L 84 55.36 -11.85 -28.80
CA VAL L 84 54.43 -12.29 -29.85
C VAL L 84 53.13 -11.49 -29.80
N LYS L 85 52.64 -11.11 -30.98
CA LYS L 85 51.38 -10.38 -31.09
C LYS L 85 50.55 -10.94 -32.24
N GLU L 86 49.32 -10.48 -32.36
CA GLU L 86 48.44 -10.81 -33.48
C GLU L 86 49.01 -10.23 -34.78
N GLY L 87 48.71 -10.87 -35.90
CA GLY L 87 49.18 -10.42 -37.21
C GLY L 87 50.66 -10.69 -37.46
N GLU L 88 51.40 -10.88 -36.36
CA GLU L 88 52.84 -11.12 -36.37
C GLU L 88 53.26 -12.28 -37.28
N LEU L 89 54.41 -12.09 -37.92
CA LEU L 89 54.96 -13.08 -38.84
C LEU L 89 55.58 -14.24 -38.07
N VAL L 90 55.41 -15.44 -38.61
CA VAL L 90 56.06 -16.65 -38.10
C VAL L 90 56.77 -17.28 -39.27
N LYS L 91 57.96 -17.82 -39.02
CA LYS L 91 58.76 -18.48 -40.06
C LYS L 91 58.96 -19.97 -39.74
N ARG L 92 59.04 -20.78 -40.78
CA ARG L 92 59.40 -22.18 -40.62
C ARG L 92 60.89 -22.29 -40.32
N THR L 93 61.28 -23.43 -39.75
CA THR L 93 62.68 -23.83 -39.72
C THR L 93 62.88 -24.83 -40.85
N GLY L 94 62.05 -25.87 -40.85
CA GLY L 94 62.24 -27.02 -41.72
C GLY L 94 62.78 -28.18 -40.91
N ASN L 95 63.43 -27.86 -39.80
CA ASN L 95 63.94 -28.87 -38.87
C ASN L 95 62.85 -29.37 -37.94
N ILE L 96 62.85 -30.68 -37.69
CA ILE L 96 62.14 -31.25 -36.56
C ILE L 96 63.02 -30.93 -35.35
N VAL L 97 62.40 -30.76 -34.18
CA VAL L 97 63.12 -30.45 -32.94
C VAL L 97 64.31 -31.37 -32.69
N ASP L 98 65.48 -30.76 -32.51
CA ASP L 98 66.71 -31.49 -32.27
C ASP L 98 67.68 -30.75 -31.32
N VAL L 99 68.74 -31.44 -30.93
CA VAL L 99 69.82 -30.88 -30.13
C VAL L 99 71.11 -31.02 -30.89
N PRO L 100 72.08 -30.10 -30.67
CA PRO L 100 73.43 -30.45 -31.07
C PRO L 100 73.92 -31.61 -30.17
N VAL L 101 74.77 -32.49 -30.69
CA VAL L 101 75.25 -33.64 -29.91
C VAL L 101 76.73 -33.93 -30.17
N GLY L 102 77.34 -34.76 -29.31
CA GLY L 102 78.76 -35.15 -29.48
C GLY L 102 79.64 -34.91 -28.26
N PRO L 103 80.91 -35.36 -28.31
CA PRO L 103 81.83 -35.25 -27.17
C PRO L 103 82.27 -33.81 -26.93
N GLY L 104 81.99 -32.94 -27.89
CA GLY L 104 82.23 -31.51 -27.73
C GLY L 104 81.40 -30.92 -26.61
N LEU L 105 80.30 -31.59 -26.27
CA LEU L 105 79.41 -31.17 -25.19
C LEU L 105 79.97 -31.43 -23.77
N LEU L 106 80.93 -32.34 -23.64
CA LEU L 106 81.56 -32.68 -22.36
C LEU L 106 82.10 -31.45 -21.65
N GLY L 107 81.69 -31.29 -20.40
CA GLY L 107 82.04 -30.12 -19.59
C GLY L 107 81.06 -28.95 -19.62
N ARG L 108 80.08 -28.97 -20.52
CA ARG L 108 79.21 -27.80 -20.72
C ARG L 108 77.85 -27.86 -20.01
N VAL L 109 77.21 -26.70 -19.87
CA VAL L 109 75.83 -26.63 -19.38
C VAL L 109 74.92 -26.06 -20.48
N VAL L 110 73.82 -26.75 -20.78
CA VAL L 110 72.89 -26.31 -21.82
C VAL L 110 71.44 -26.23 -21.33
N ASP L 111 70.66 -25.33 -21.94
CA ASP L 111 69.21 -25.39 -21.81
C ASP L 111 68.64 -26.61 -22.58
N ALA L 112 67.31 -26.69 -22.67
CA ALA L 112 66.67 -27.84 -23.31
C ALA L 112 67.01 -27.96 -24.80
N LEU L 113 67.21 -26.82 -25.47
CA LEU L 113 67.44 -26.81 -26.93
C LEU L 113 68.91 -26.90 -27.34
N GLY L 114 69.79 -27.07 -26.35
CA GLY L 114 71.21 -27.27 -26.59
C GLY L 114 72.00 -25.99 -26.65
N ASN L 115 71.40 -24.89 -26.21
CA ASN L 115 72.10 -23.59 -26.14
C ASN L 115 73.04 -23.54 -24.94
N PRO L 116 74.29 -23.07 -25.15
CA PRO L 116 75.16 -22.94 -23.99
C PRO L 116 74.61 -21.85 -23.09
N ILE L 117 74.63 -22.08 -21.79
CA ILE L 117 74.15 -21.08 -20.84
C ILE L 117 75.21 -20.82 -19.79
N ASP L 118 76.31 -21.57 -19.86
CA ASP L 118 77.46 -21.40 -18.98
C ASP L 118 78.35 -20.22 -19.36
N GLY L 119 78.00 -19.55 -20.47
CA GLY L 119 78.81 -18.42 -20.96
C GLY L 119 80.20 -18.81 -21.40
N LYS L 120 80.38 -20.09 -21.75
CA LYS L 120 81.63 -20.62 -22.28
C LYS L 120 81.60 -20.69 -23.81
N GLY L 121 80.77 -19.84 -24.42
CA GLY L 121 80.73 -19.69 -25.88
C GLY L 121 80.16 -20.86 -26.64
N PRO L 122 80.35 -20.89 -27.98
CA PRO L 122 79.83 -21.88 -28.90
C PRO L 122 79.88 -23.31 -28.38
N ILE L 123 78.94 -24.14 -28.83
CA ILE L 123 78.91 -25.56 -28.52
C ILE L 123 79.34 -26.34 -29.76
N ASP L 124 80.48 -27.01 -29.69
CA ASP L 124 80.97 -27.84 -30.80
C ASP L 124 80.17 -29.16 -30.91
N ALA L 125 79.41 -29.27 -31.99
CA ALA L 125 78.57 -30.44 -32.19
C ALA L 125 79.20 -31.37 -33.21
N ALA L 126 79.12 -32.67 -32.96
CA ALA L 126 79.42 -33.68 -33.96
C ALA L 126 78.31 -33.69 -35.03
N GLY L 127 77.06 -33.55 -34.56
CA GLY L 127 75.89 -33.52 -35.45
C GLY L 127 74.68 -33.04 -34.68
N ARG L 128 73.48 -33.36 -35.20
CA ARG L 128 72.23 -33.04 -34.52
C ARG L 128 71.31 -34.25 -34.50
N SER L 129 71.07 -34.81 -33.32
CA SER L 129 70.04 -35.84 -33.18
C SER L 129 68.72 -35.13 -32.97
N ARG L 130 67.63 -35.81 -33.27
CA ARG L 130 66.31 -35.29 -32.99
C ARG L 130 66.01 -35.42 -31.50
N ALA L 131 64.94 -34.75 -31.05
CA ALA L 131 64.52 -34.82 -29.65
C ALA L 131 63.90 -36.18 -29.32
N GLN L 132 62.92 -36.62 -30.14
CA GLN L 132 62.26 -37.93 -29.99
C GLN L 132 62.91 -38.94 -30.93
N VAL L 133 63.40 -40.05 -30.38
CA VAL L 133 63.92 -41.13 -31.22
C VAL L 133 63.40 -42.51 -30.78
N LYS L 134 62.94 -43.32 -31.74
CA LYS L 134 62.48 -44.68 -31.43
C LYS L 134 63.59 -45.45 -30.77
N ALA L 135 63.28 -46.05 -29.62
CA ALA L 135 64.24 -46.83 -28.83
C ALA L 135 64.77 -48.02 -29.63
N PRO L 136 65.94 -48.56 -29.23
CA PRO L 136 66.44 -49.76 -29.90
C PRO L 136 65.45 -50.91 -29.85
N GLY L 137 65.25 -51.59 -30.97
CA GLY L 137 64.38 -52.77 -31.05
C GLY L 137 64.92 -53.95 -30.25
N ILE L 138 64.31 -55.12 -30.42
CA ILE L 138 64.71 -56.31 -29.66
C ILE L 138 66.11 -56.79 -30.06
N LEU L 139 66.44 -56.65 -31.34
CA LEU L 139 67.63 -57.30 -31.89
C LEU L 139 68.96 -56.58 -31.63
N PRO L 140 68.98 -55.23 -31.76
CA PRO L 140 70.23 -54.52 -31.44
C PRO L 140 70.64 -54.45 -29.96
N ARG L 141 70.32 -55.47 -29.17
CA ARG L 141 70.59 -55.42 -27.72
C ARG L 141 71.22 -56.71 -27.13
N ARG L 142 72.05 -56.53 -26.10
CA ARG L 142 72.57 -57.64 -25.31
C ARG L 142 72.11 -57.50 -23.85
N SER L 143 72.18 -58.58 -23.07
CA SER L 143 71.84 -58.56 -21.65
C SER L 143 72.76 -57.64 -20.87
N VAL L 144 72.22 -57.00 -19.85
CA VAL L 144 73.02 -56.12 -18.99
C VAL L 144 73.99 -56.95 -18.11
N HIS L 145 75.29 -56.81 -18.37
CA HIS L 145 76.31 -57.68 -17.80
C HIS L 145 77.56 -56.95 -17.30
N GLU L 146 77.54 -55.62 -17.34
CA GLU L 146 78.68 -54.83 -16.92
C GLU L 146 78.24 -53.94 -15.76
N PRO L 147 79.05 -53.86 -14.70
CA PRO L 147 78.66 -53.06 -13.54
C PRO L 147 78.95 -51.57 -13.67
N VAL L 148 77.95 -50.75 -13.41
CA VAL L 148 78.14 -49.33 -13.13
C VAL L 148 78.39 -49.27 -11.63
N GLN L 149 79.64 -49.09 -11.24
CA GLN L 149 79.97 -49.01 -9.82
C GLN L 149 79.63 -47.62 -9.28
N THR L 150 78.73 -47.57 -8.30
CA THR L 150 78.30 -46.30 -7.72
C THR L 150 79.27 -45.83 -6.64
N GLY L 151 79.91 -46.78 -5.97
CA GLY L 151 80.75 -46.48 -4.84
C GLY L 151 79.97 -46.30 -3.55
N LEU L 152 78.70 -46.68 -3.56
CA LEU L 152 77.90 -46.69 -2.34
C LEU L 152 77.81 -48.10 -1.79
N LYS L 153 78.41 -48.31 -0.62
CA LYS L 153 78.46 -49.63 0.04
C LYS L 153 77.10 -50.30 0.05
N ALA L 154 76.07 -49.50 0.37
CA ALA L 154 74.69 -49.97 0.42
C ALA L 154 74.16 -50.31 -0.96
N VAL L 155 74.35 -49.40 -1.92
CA VAL L 155 73.76 -49.58 -3.24
C VAL L 155 74.41 -50.74 -4.00
N ASP L 156 75.72 -50.69 -4.18
CA ASP L 156 76.43 -51.70 -4.96
C ASP L 156 76.30 -53.12 -4.41
N ALA L 157 76.07 -53.24 -3.10
CA ALA L 157 75.90 -54.56 -2.49
C ALA L 157 74.50 -55.11 -2.66
N LEU L 158 73.49 -54.29 -2.39
CA LEU L 158 72.10 -54.74 -2.34
C LEU L 158 71.36 -54.54 -3.67
N VAL L 159 71.54 -53.37 -4.27
CA VAL L 159 70.94 -53.11 -5.59
C VAL L 159 71.99 -52.74 -6.67
N PRO L 160 72.74 -53.74 -7.16
CA PRO L 160 73.74 -53.49 -8.20
C PRO L 160 73.13 -52.91 -9.48
N ILE L 161 73.78 -51.88 -10.01
CA ILE L 161 73.39 -51.31 -11.29
C ILE L 161 74.31 -51.84 -12.38
N GLY L 162 73.74 -52.03 -13.56
CA GLY L 162 74.52 -52.45 -14.72
C GLY L 162 74.45 -51.48 -15.87
N ARG L 163 75.52 -51.44 -16.66
CA ARG L 163 75.60 -50.64 -17.86
C ARG L 163 74.46 -51.00 -18.82
N GLY L 164 73.47 -50.10 -18.92
CA GLY L 164 72.33 -50.26 -19.83
C GLY L 164 70.98 -50.36 -19.13
N GLN L 165 71.02 -50.69 -17.84
CA GLN L 165 69.84 -50.89 -17.00
C GLN L 165 69.19 -49.56 -16.64
N ARG L 166 67.86 -49.50 -16.65
CA ARG L 166 67.17 -48.34 -16.09
C ARG L 166 66.91 -48.59 -14.62
N GLU L 167 67.27 -47.65 -13.75
CA GLU L 167 67.04 -47.80 -12.32
C GLU L 167 66.44 -46.57 -11.67
N LEU L 168 65.30 -46.76 -11.01
CA LEU L 168 64.55 -45.65 -10.43
C LEU L 168 65.12 -45.24 -9.08
N ILE L 169 65.20 -43.94 -8.84
CA ILE L 169 65.42 -43.41 -7.50
C ILE L 169 64.13 -42.71 -7.08
N ILE L 170 63.61 -43.08 -5.92
CA ILE L 170 62.28 -42.64 -5.52
C ILE L 170 62.16 -42.39 -4.02
N GLY L 171 61.49 -41.29 -3.67
CA GLY L 171 61.27 -40.92 -2.27
C GLY L 171 60.58 -39.57 -2.12
N ASP L 172 60.29 -39.22 -0.86
CA ASP L 172 59.73 -37.92 -0.52
C ASP L 172 60.79 -36.84 -0.68
N ARG L 173 60.36 -35.58 -0.78
CA ARG L 173 61.29 -34.45 -0.82
C ARG L 173 62.26 -34.53 0.34
N GLN L 174 63.53 -34.25 0.05
CA GLN L 174 64.62 -34.18 1.05
C GLN L 174 65.01 -35.51 1.72
N THR L 175 64.98 -36.60 0.97
CA THR L 175 65.30 -37.94 1.50
C THR L 175 66.63 -38.52 0.99
N GLY L 176 67.39 -37.70 0.28
CA GLY L 176 68.71 -38.10 -0.20
C GLY L 176 68.63 -38.63 -1.60
N LYS L 177 67.65 -38.17 -2.37
CA LYS L 177 67.44 -38.67 -3.72
C LYS L 177 68.57 -38.32 -4.66
N THR L 178 68.94 -37.04 -4.75
CA THR L 178 69.94 -36.61 -5.73
C THR L 178 71.32 -37.16 -5.38
N ALA L 179 71.72 -37.02 -4.12
CA ALA L 179 73.05 -37.45 -3.66
C ALA L 179 73.46 -38.86 -4.11
N VAL L 180 72.47 -39.75 -4.23
CA VAL L 180 72.71 -41.11 -4.70
C VAL L 180 73.19 -41.06 -6.14
N ALA L 181 72.49 -40.32 -6.99
CA ALA L 181 72.95 -40.08 -8.36
C ALA L 181 74.28 -39.31 -8.37
N LEU L 182 74.38 -38.27 -7.55
CA LEU L 182 75.56 -37.41 -7.54
C LEU L 182 76.87 -38.11 -7.19
N ASP L 183 76.86 -38.91 -6.12
CA ASP L 183 78.04 -39.68 -5.74
C ASP L 183 78.44 -40.69 -6.81
N THR L 184 77.45 -41.26 -7.49
CA THR L 184 77.68 -42.18 -8.60
C THR L 184 78.40 -41.50 -9.75
N ILE L 185 77.99 -40.26 -10.05
CA ILE L 185 78.61 -39.47 -11.11
C ILE L 185 80.03 -39.15 -10.69
N LEU L 186 80.20 -38.80 -9.43
CA LEU L 186 81.50 -38.47 -8.86
C LEU L 186 82.43 -39.68 -8.86
N ASN L 187 81.86 -40.86 -8.66
CA ASN L 187 82.67 -42.07 -8.51
C ASN L 187 83.36 -42.49 -9.80
N GLN L 188 82.95 -41.91 -10.93
CA GLN L 188 83.45 -42.38 -12.21
C GLN L 188 84.86 -41.89 -12.54
N LYS L 189 85.36 -40.96 -11.70
CA LYS L 189 86.75 -40.48 -11.77
C LYS L 189 87.73 -41.65 -11.89
N ARG L 190 87.36 -42.80 -11.32
CA ARG L 190 88.24 -43.97 -11.25
C ARG L 190 88.63 -44.49 -12.62
N TRP L 191 87.69 -44.48 -13.56
CA TRP L 191 87.93 -45.03 -14.90
C TRP L 191 88.04 -43.89 -15.88
N ASN L 192 87.39 -42.78 -15.56
CA ASN L 192 87.43 -41.60 -16.40
C ASN L 192 88.82 -40.93 -16.45
N ASN L 193 89.66 -41.23 -15.48
CA ASN L 193 91.00 -40.68 -15.40
C ASN L 193 92.03 -41.63 -16.00
N GLY L 194 91.62 -42.87 -16.22
CA GLY L 194 92.40 -43.79 -17.04
C GLY L 194 92.17 -43.43 -18.48
N SER L 195 92.81 -44.14 -19.40
CA SER L 195 92.60 -43.89 -20.83
C SER L 195 91.85 -45.04 -21.51
N ASP L 196 91.55 -46.09 -20.75
CA ASP L 196 90.75 -47.19 -21.28
C ASP L 196 89.36 -46.68 -21.58
N GLU L 197 89.05 -46.61 -22.87
CA GLU L 197 87.79 -46.05 -23.34
C GLU L 197 86.57 -46.85 -22.88
N SER L 198 86.57 -48.16 -23.17
CA SER L 198 85.43 -49.03 -22.86
C SER L 198 85.05 -49.10 -21.37
N LYS L 199 85.90 -48.54 -20.50
CA LYS L 199 85.59 -48.50 -19.09
C LYS L 199 84.92 -47.19 -18.67
N LYS L 200 85.17 -46.11 -19.42
CA LYS L 200 84.63 -44.78 -19.10
C LYS L 200 83.11 -44.68 -19.21
N LEU L 201 82.51 -44.12 -18.17
CA LEU L 201 81.08 -43.82 -18.15
C LEU L 201 80.88 -42.31 -18.09
N TYR L 202 80.43 -41.74 -19.21
CA TYR L 202 80.17 -40.29 -19.34
C TYR L 202 78.82 -39.94 -18.76
N CYS L 203 78.73 -38.78 -18.10
CA CYS L 203 77.53 -38.46 -17.34
C CYS L 203 76.76 -37.27 -17.84
N VAL L 204 75.46 -37.50 -18.05
CA VAL L 204 74.53 -36.41 -18.28
C VAL L 204 73.63 -36.27 -17.06
N TYR L 205 73.54 -35.06 -16.52
CA TYR L 205 72.55 -34.77 -15.49
C TYR L 205 71.47 -33.85 -16.06
N VAL L 206 70.21 -34.28 -15.96
CA VAL L 206 69.09 -33.46 -16.42
C VAL L 206 68.40 -32.80 -15.23
N ALA L 207 68.28 -31.49 -15.28
CA ALA L 207 67.57 -30.75 -14.23
C ALA L 207 66.25 -30.21 -14.78
N VAL L 208 65.13 -30.77 -14.31
CA VAL L 208 63.80 -30.34 -14.77
C VAL L 208 63.00 -29.81 -13.59
N GLY L 209 62.51 -28.58 -13.74
CA GLY L 209 61.67 -27.96 -12.72
C GLY L 209 62.41 -27.51 -11.46
N GLN L 210 63.70 -27.82 -11.39
CA GLN L 210 64.55 -27.37 -10.29
C GLN L 210 64.73 -25.87 -10.38
N LYS L 211 65.02 -25.22 -9.26
CA LYS L 211 65.35 -23.80 -9.31
C LYS L 211 66.82 -23.59 -9.68
N ARG L 212 67.10 -22.51 -10.39
CA ARG L 212 68.44 -22.19 -10.89
C ARG L 212 69.47 -22.35 -9.79
N SER L 213 69.34 -21.54 -8.73
CA SER L 213 70.24 -21.57 -7.59
C SER L 213 70.75 -22.98 -7.24
N THR L 214 69.87 -23.98 -7.25
CA THR L 214 70.25 -25.33 -6.85
C THR L 214 71.03 -26.06 -7.94
N VAL L 215 70.62 -25.86 -9.19
CA VAL L 215 71.37 -26.40 -10.34
C VAL L 215 72.79 -25.81 -10.36
N ALA L 216 72.93 -24.56 -9.96
CA ALA L 216 74.24 -23.88 -9.90
C ALA L 216 75.16 -24.51 -8.86
N GLN L 217 74.60 -24.83 -7.70
CA GLN L 217 75.31 -25.47 -6.59
C GLN L 217 75.86 -26.84 -6.98
N LEU L 218 75.07 -27.59 -7.76
CA LEU L 218 75.47 -28.93 -8.19
C LEU L 218 76.68 -28.89 -9.14
N VAL L 219 76.69 -27.96 -10.09
CA VAL L 219 77.82 -27.89 -11.03
C VAL L 219 79.05 -27.36 -10.31
N GLN L 220 78.79 -26.60 -9.26
CA GLN L 220 79.85 -26.12 -8.41
C GLN L 220 80.44 -27.30 -7.64
N THR L 221 79.62 -28.31 -7.36
CA THR L 221 80.09 -29.51 -6.68
C THR L 221 80.79 -30.44 -7.66
N LEU L 222 80.23 -30.58 -8.87
CA LEU L 222 80.83 -31.40 -9.92
C LEU L 222 82.18 -30.85 -10.36
N GLU L 223 82.34 -29.53 -10.26
CA GLU L 223 83.61 -28.87 -10.59
C GLU L 223 84.67 -29.06 -9.52
N GLN L 224 84.32 -28.82 -8.26
CA GLN L 224 85.29 -28.92 -7.17
C GLN L 224 85.77 -30.33 -6.97
N HIS L 225 84.91 -31.30 -7.28
CA HIS L 225 85.28 -32.71 -7.23
C HIS L 225 85.75 -33.23 -8.59
N ASP L 226 85.98 -32.32 -9.54
CA ASP L 226 86.59 -32.65 -10.82
C ASP L 226 85.86 -33.74 -11.61
N ALA L 227 84.53 -33.73 -11.50
CA ALA L 227 83.71 -34.65 -12.26
C ALA L 227 83.11 -33.92 -13.47
N MET L 228 83.23 -32.59 -13.45
CA MET L 228 82.64 -31.74 -14.48
C MET L 228 83.20 -32.01 -15.88
N LYS L 229 84.51 -32.24 -15.95
CA LYS L 229 85.21 -32.47 -17.23
C LYS L 229 84.65 -33.61 -18.09
N TYR L 230 83.87 -34.50 -17.48
CA TYR L 230 83.29 -35.61 -18.23
C TYR L 230 81.76 -35.65 -18.14
N SER L 231 81.16 -34.54 -17.69
CA SER L 231 79.71 -34.49 -17.44
C SER L 231 78.99 -33.39 -18.21
N ILE L 232 77.76 -33.68 -18.63
CA ILE L 232 76.92 -32.70 -19.34
C ILE L 232 75.67 -32.36 -18.50
N ILE L 233 75.42 -31.06 -18.33
CA ILE L 233 74.22 -30.61 -17.64
C ILE L 233 73.20 -30.06 -18.65
N VAL L 234 71.97 -30.58 -18.58
CA VAL L 234 70.85 -30.07 -19.38
C VAL L 234 69.78 -29.53 -18.43
N ALA L 235 69.35 -28.29 -18.63
CA ALA L 235 68.52 -27.59 -17.65
C ALA L 235 67.28 -26.86 -18.18
N ALA L 236 66.12 -27.35 -17.76
CA ALA L 236 64.85 -26.65 -17.94
C ALA L 236 64.42 -26.15 -16.56
N THR L 237 64.80 -24.90 -16.32
CA THR L 237 64.65 -24.24 -15.03
C THR L 237 63.17 -24.05 -14.62
N ALA L 238 62.94 -23.85 -13.32
CA ALA L 238 61.61 -23.64 -12.74
C ALA L 238 60.82 -22.46 -13.29
N SER L 239 61.45 -21.55 -14.03
CA SER L 239 60.73 -20.41 -14.61
C SER L 239 60.57 -20.49 -16.14
N GLU L 240 61.22 -21.47 -16.77
CA GLU L 240 61.18 -21.63 -18.23
C GLU L 240 59.88 -22.27 -18.72
N ALA L 241 59.55 -21.98 -19.98
CA ALA L 241 58.31 -22.44 -20.60
C ALA L 241 58.08 -23.92 -20.33
N ALA L 242 56.84 -24.27 -20.02
CA ALA L 242 56.46 -25.67 -19.79
C ALA L 242 57.02 -26.61 -20.86
N PRO L 243 56.87 -26.27 -22.16
CA PRO L 243 57.38 -27.16 -23.20
C PRO L 243 58.87 -27.44 -23.07
N LEU L 244 59.61 -26.48 -22.49
CA LEU L 244 61.06 -26.63 -22.35
C LEU L 244 61.41 -27.62 -21.24
N GLN L 245 60.57 -27.65 -20.21
CA GLN L 245 60.73 -28.63 -19.15
C GLN L 245 60.33 -30.01 -19.63
N TYR L 246 59.35 -30.06 -20.52
CA TYR L 246 58.88 -31.28 -21.19
C TYR L 246 59.97 -31.85 -22.11
N LEU L 247 60.64 -30.96 -22.82
CA LEU L 247 61.58 -31.33 -23.88
C LEU L 247 62.95 -31.80 -23.37
N ALA L 248 63.35 -31.31 -22.18
CA ALA L 248 64.68 -31.54 -21.64
C ALA L 248 65.09 -33.01 -21.52
N PRO L 249 64.33 -33.82 -20.76
CA PRO L 249 64.81 -35.20 -20.61
C PRO L 249 65.03 -35.92 -21.95
N PHE L 250 64.28 -35.50 -22.97
CA PHE L 250 64.40 -36.10 -24.30
C PHE L 250 65.65 -35.63 -25.02
N THR L 251 65.82 -34.31 -25.13
CA THR L 251 66.99 -33.76 -25.81
C THR L 251 68.27 -34.25 -25.15
N ALA L 252 68.19 -34.50 -23.84
CA ALA L 252 69.34 -34.97 -23.08
C ALA L 252 69.58 -36.45 -23.31
N ALA L 253 68.52 -37.18 -23.61
CA ALA L 253 68.64 -38.61 -23.92
C ALA L 253 69.39 -38.82 -25.23
N SER L 254 69.18 -37.91 -26.19
CA SER L 254 69.86 -37.93 -27.47
C SER L 254 71.33 -37.58 -27.33
N ILE L 255 71.61 -36.48 -26.63
CA ILE L 255 72.97 -36.13 -26.22
C ILE L 255 73.64 -37.38 -25.64
N GLY L 256 72.94 -38.06 -24.72
CA GLY L 256 73.44 -39.31 -24.11
C GLY L 256 73.67 -40.41 -25.13
N GLU L 257 72.77 -40.47 -26.11
CA GLU L 257 72.76 -41.52 -27.12
C GLU L 257 73.97 -41.47 -28.02
N TRP L 258 74.57 -40.28 -28.16
CA TRP L 258 75.76 -40.17 -29.00
C TRP L 258 76.81 -41.17 -28.54
N PHE L 259 77.04 -41.24 -27.24
CA PHE L 259 78.03 -42.18 -26.70
C PHE L 259 77.65 -43.64 -26.91
N ARG L 260 76.39 -43.97 -26.61
CA ARG L 260 75.86 -45.32 -26.79
C ARG L 260 75.98 -45.79 -28.24
N ASP L 261 75.65 -44.91 -29.18
CA ASP L 261 75.64 -45.23 -30.60
C ASP L 261 77.02 -45.45 -31.22
N ASN L 262 78.06 -45.03 -30.51
CA ASN L 262 79.42 -45.05 -31.01
C ASN L 262 80.38 -45.84 -30.13
N GLY L 263 79.87 -46.84 -29.39
CA GLY L 263 80.71 -47.71 -28.59
C GLY L 263 81.09 -47.27 -27.19
N LYS L 264 80.68 -46.06 -26.76
CA LYS L 264 81.00 -45.57 -25.43
C LYS L 264 79.80 -45.74 -24.47
N HIS L 265 79.99 -45.44 -23.18
CA HIS L 265 78.94 -45.64 -22.16
C HIS L 265 78.54 -44.40 -21.35
N ALA L 266 77.28 -43.97 -21.49
CA ALA L 266 76.77 -42.79 -20.78
C ALA L 266 75.77 -43.11 -19.66
N LEU L 267 75.90 -42.36 -18.57
CA LEU L 267 74.94 -42.39 -17.49
C LEU L 267 74.13 -41.10 -17.54
N ILE L 268 72.80 -41.25 -17.58
CA ILE L 268 71.91 -40.09 -17.59
C ILE L 268 71.02 -40.08 -16.34
N VAL L 269 70.98 -38.94 -15.66
CA VAL L 269 70.11 -38.77 -14.49
C VAL L 269 69.03 -37.74 -14.80
N TYR L 270 67.77 -38.14 -14.64
CA TYR L 270 66.63 -37.24 -14.83
C TYR L 270 66.09 -36.72 -13.49
N ASP L 271 66.18 -35.41 -13.30
CA ASP L 271 65.86 -34.82 -11.99
C ASP L 271 64.91 -33.62 -12.14
N ASP L 272 63.59 -33.85 -12.09
CA ASP L 272 62.97 -35.16 -11.92
C ASP L 272 61.78 -35.33 -12.90
N LEU L 273 61.47 -36.58 -13.24
CA LEU L 273 60.40 -36.87 -14.18
C LEU L 273 59.00 -36.47 -13.68
N SER L 274 58.88 -36.27 -12.36
CA SER L 274 57.64 -35.77 -11.75
C SER L 274 57.35 -34.35 -12.25
N LYS L 275 58.30 -33.44 -12.08
CA LYS L 275 58.13 -32.06 -12.53
C LYS L 275 57.91 -31.98 -14.04
N GLN L 276 58.43 -32.95 -14.78
CA GLN L 276 58.16 -33.06 -16.22
C GLN L 276 56.72 -33.48 -16.47
N ALA L 277 56.23 -34.46 -15.71
CA ALA L 277 54.84 -34.86 -15.81
C ALA L 277 53.96 -33.63 -15.67
N VAL L 278 54.30 -32.78 -14.69
CA VAL L 278 53.61 -31.50 -14.46
C VAL L 278 53.71 -30.61 -15.69
N ALA L 279 54.94 -30.34 -16.12
CA ALA L 279 55.15 -29.48 -17.29
C ALA L 279 54.34 -29.99 -18.49
N TYR L 280 54.16 -31.30 -18.54
CA TYR L 280 53.42 -31.95 -19.61
C TYR L 280 51.90 -31.74 -19.46
N ARG L 281 51.42 -31.86 -18.23
CA ARG L 281 50.01 -31.59 -17.93
C ARG L 281 49.65 -30.18 -18.39
N GLN L 282 50.44 -29.21 -17.93
CA GLN L 282 50.25 -27.81 -18.29
C GLN L 282 50.17 -27.60 -19.80
N LEU L 283 51.21 -28.07 -20.49
CA LEU L 283 51.30 -28.03 -21.95
C LEU L 283 49.96 -28.36 -22.65
N SER L 284 49.61 -29.64 -22.63
CA SER L 284 48.41 -30.19 -23.26
C SER L 284 47.11 -29.46 -22.90
N LEU L 285 46.97 -29.16 -21.61
CA LEU L 285 45.79 -28.46 -21.11
C LEU L 285 45.60 -27.16 -21.86
N LEU L 286 46.70 -26.46 -22.15
CA LEU L 286 46.65 -25.14 -22.80
C LEU L 286 46.29 -25.19 -24.28
N LEU L 287 46.81 -26.17 -25.01
CA LEU L 287 46.46 -26.42 -26.42
C LEU L 287 45.00 -26.84 -26.51
N ARG L 288 44.43 -27.09 -25.34
CA ARG L 288 43.05 -27.51 -25.14
C ARG L 288 42.85 -28.98 -25.54
N ARG L 289 43.91 -29.76 -25.37
CA ARG L 289 43.85 -31.22 -25.50
C ARG L 289 43.07 -31.76 -24.31
N PRO L 290 41.96 -32.47 -24.57
CA PRO L 290 41.12 -33.00 -23.49
C PRO L 290 41.95 -33.78 -22.46
N PRO L 291 41.86 -33.41 -21.18
CA PRO L 291 42.64 -34.08 -20.14
C PRO L 291 42.14 -35.50 -19.85
N GLY L 292 42.81 -36.16 -18.91
CA GLY L 292 42.39 -37.46 -18.43
C GLY L 292 42.49 -37.50 -16.92
N ARG L 293 42.97 -38.62 -16.40
CA ARG L 293 43.20 -38.78 -14.96
C ARG L 293 44.14 -37.67 -14.47
N GLU L 294 43.62 -36.88 -13.54
CA GLU L 294 44.33 -35.76 -12.88
C GLU L 294 44.80 -34.66 -13.85
N ALA L 295 43.91 -34.29 -14.79
CA ALA L 295 44.17 -33.24 -15.81
C ALA L 295 45.36 -33.49 -16.74
N TYR L 296 45.97 -34.67 -16.61
CA TYR L 296 47.05 -35.09 -17.49
C TYR L 296 46.51 -35.46 -18.86
N PRO L 297 47.36 -35.32 -19.90
CA PRO L 297 47.00 -35.95 -21.17
C PRO L 297 46.89 -37.45 -20.95
N GLY L 298 45.97 -38.11 -21.67
CA GLY L 298 45.78 -39.56 -21.53
C GLY L 298 47.06 -40.39 -21.57
N ASP L 299 48.11 -39.81 -22.16
CA ASP L 299 49.34 -40.54 -22.50
C ASP L 299 50.54 -40.13 -21.66
N VAL L 300 50.36 -40.14 -20.34
CA VAL L 300 51.40 -39.70 -19.42
C VAL L 300 52.35 -40.87 -19.07
N PHE L 301 51.92 -42.08 -19.41
CA PHE L 301 52.76 -43.27 -19.28
C PHE L 301 53.69 -43.37 -20.46
N TYR L 302 53.18 -43.00 -21.64
CA TYR L 302 53.95 -42.99 -22.87
C TYR L 302 54.97 -41.84 -22.91
N LEU L 303 54.86 -40.94 -21.94
CA LEU L 303 55.85 -39.90 -21.72
C LEU L 303 57.10 -40.54 -21.15
N HIS L 304 56.94 -41.40 -20.16
CA HIS L 304 58.07 -41.98 -19.44
C HIS L 304 58.54 -43.31 -19.99
N SER L 305 57.62 -44.07 -20.56
CA SER L 305 57.96 -45.34 -21.18
C SER L 305 58.93 -45.09 -22.32
N ARG L 306 58.51 -44.32 -23.32
CA ARG L 306 59.27 -44.18 -24.56
C ARG L 306 60.63 -43.54 -24.35
N LEU L 307 60.70 -42.61 -23.40
CA LEU L 307 61.96 -41.99 -22.99
C LEU L 307 62.83 -43.07 -22.38
N LEU L 308 62.37 -43.63 -21.27
CA LEU L 308 63.16 -44.60 -20.51
C LEU L 308 63.44 -45.89 -21.28
N GLU L 309 62.80 -46.04 -22.44
CA GLU L 309 63.11 -47.18 -23.31
C GLU L 309 64.43 -46.97 -24.06
N ARG L 310 64.84 -45.72 -24.20
CA ARG L 310 66.04 -45.37 -24.95
C ARG L 310 67.33 -45.78 -24.23
N ALA L 311 67.36 -45.68 -22.90
CA ALA L 311 68.49 -46.19 -22.14
C ALA L 311 68.52 -47.70 -22.37
N ALA L 312 69.68 -48.19 -22.82
CA ALA L 312 69.79 -49.55 -23.33
C ALA L 312 71.23 -50.05 -23.30
N LYS L 313 71.43 -51.31 -23.71
CA LYS L 313 72.76 -51.89 -23.91
C LYS L 313 72.76 -52.59 -25.26
N LEU L 314 73.62 -52.14 -26.17
CA LEU L 314 73.62 -52.60 -27.56
C LEU L 314 74.49 -53.85 -27.77
N SER L 315 74.13 -54.61 -28.81
CA SER L 315 74.85 -55.84 -29.19
C SER L 315 76.24 -55.52 -29.74
N GLU L 316 77.05 -56.57 -29.96
CA GLU L 316 78.38 -56.37 -30.57
C GLU L 316 78.25 -55.74 -31.93
N LYS L 317 77.36 -56.29 -32.76
CA LYS L 317 77.06 -55.76 -34.09
C LYS L 317 76.85 -54.26 -34.03
N GLU L 318 76.33 -53.78 -32.90
CA GLU L 318 75.95 -52.40 -32.74
C GLU L 318 77.02 -51.59 -32.02
N GLY L 319 78.11 -52.26 -31.67
CA GLY L 319 79.29 -51.63 -31.10
C GLY L 319 79.34 -51.57 -29.59
N SER L 320 78.58 -52.45 -28.94
CA SER L 320 78.57 -52.61 -27.47
C SER L 320 78.38 -51.35 -26.59
N GLY L 321 77.98 -50.23 -27.19
CA GLY L 321 77.72 -49.00 -26.44
C GLY L 321 76.49 -49.10 -25.56
N SER L 322 76.39 -48.22 -24.56
CA SER L 322 75.27 -48.25 -23.61
C SER L 322 74.91 -46.91 -22.99
N LEU L 323 73.60 -46.71 -22.79
CA LEU L 323 73.05 -45.61 -22.01
C LEU L 323 72.38 -46.17 -20.75
N THR L 324 72.79 -45.65 -19.59
CA THR L 324 72.26 -46.07 -18.29
C THR L 324 71.49 -44.90 -17.66
N ALA L 325 70.25 -45.17 -17.25
CA ALA L 325 69.39 -44.12 -16.70
C ALA L 325 68.90 -44.34 -15.29
N LEU L 326 69.11 -43.31 -14.47
CA LEU L 326 68.49 -43.20 -13.16
C LEU L 326 67.42 -42.09 -13.17
N PRO L 327 66.14 -42.47 -13.36
CA PRO L 327 65.09 -41.47 -13.22
C PRO L 327 64.87 -41.14 -11.75
N VAL L 328 64.44 -39.92 -11.48
CA VAL L 328 64.03 -39.57 -10.13
C VAL L 328 62.52 -39.33 -10.10
N ILE L 329 61.86 -39.86 -9.05
CA ILE L 329 60.44 -39.62 -8.79
C ILE L 329 60.20 -39.26 -7.32
N GLU L 330 59.37 -38.24 -7.12
CA GLU L 330 58.98 -37.76 -5.79
C GLU L 330 57.66 -38.35 -5.30
N THR L 331 57.73 -39.17 -4.26
CA THR L 331 56.52 -39.65 -3.60
C THR L 331 55.99 -38.55 -2.68
N GLN L 332 54.69 -38.29 -2.73
CA GLN L 332 54.06 -37.37 -1.78
C GLN L 332 53.57 -38.16 -0.57
N GLY L 333 54.50 -38.47 0.34
CA GLY L 333 54.17 -39.08 1.64
C GLY L 333 54.59 -40.51 1.82
N GLY L 334 55.37 -41.03 0.88
CA GLY L 334 55.69 -42.46 0.83
C GLY L 334 54.65 -43.13 -0.06
N ASP L 335 53.78 -42.30 -0.64
CA ASP L 335 52.68 -42.74 -1.48
C ASP L 335 53.18 -43.25 -2.83
N VAL L 336 53.71 -44.48 -2.82
CA VAL L 336 54.25 -45.13 -4.02
C VAL L 336 53.15 -45.55 -5.01
N SER L 337 51.94 -45.68 -4.52
CA SER L 337 50.85 -46.21 -5.34
C SER L 337 50.30 -45.20 -6.33
N ALA L 338 50.60 -43.93 -6.14
CA ALA L 338 50.06 -42.86 -6.99
C ALA L 338 50.30 -43.07 -8.50
N TYR L 339 49.56 -42.29 -9.31
CA TYR L 339 49.48 -42.46 -10.77
C TYR L 339 50.81 -42.27 -11.50
N ILE L 340 51.48 -41.15 -11.28
CA ILE L 340 52.77 -40.91 -11.90
C ILE L 340 53.85 -41.82 -11.29
N PRO L 341 53.96 -41.90 -9.95
CA PRO L 341 54.94 -42.84 -9.41
C PRO L 341 54.73 -44.28 -9.85
N THR L 342 53.48 -44.66 -10.15
CA THR L 342 53.12 -46.03 -10.54
C THR L 342 53.54 -46.38 -11.96
N ASN L 343 53.35 -45.42 -12.87
CA ASN L 343 53.77 -45.54 -14.25
C ASN L 343 55.25 -45.93 -14.36
N VAL L 344 56.08 -45.21 -13.61
CA VAL L 344 57.55 -45.31 -13.69
C VAL L 344 58.10 -46.63 -13.15
N ILE L 345 57.68 -47.02 -11.94
CA ILE L 345 58.09 -48.31 -11.36
C ILE L 345 57.93 -49.42 -12.41
N SER L 346 56.82 -49.36 -13.15
CA SER L 346 56.46 -50.33 -14.19
C SER L 346 57.36 -50.30 -15.42
N ILE L 347 58.05 -49.19 -15.61
CA ILE L 347 58.92 -49.00 -16.76
C ILE L 347 60.32 -49.48 -16.47
N THR L 348 60.79 -49.20 -15.26
CA THR L 348 62.20 -49.40 -14.89
C THR L 348 62.62 -50.87 -14.73
N ASP L 349 63.92 -51.10 -14.56
CA ASP L 349 64.45 -52.44 -14.29
C ASP L 349 64.81 -52.54 -12.81
N GLY L 350 63.92 -52.05 -11.96
CA GLY L 350 64.19 -51.99 -10.54
C GLY L 350 64.16 -50.56 -10.03
N GLN L 351 63.98 -50.43 -8.72
CA GLN L 351 63.79 -49.13 -8.08
C GLN L 351 64.54 -49.06 -6.76
N ILE L 352 64.92 -47.85 -6.38
CA ILE L 352 65.52 -47.59 -5.07
C ILE L 352 64.64 -46.61 -4.31
N PHE L 353 64.05 -47.11 -3.23
CA PHE L 353 63.16 -46.34 -2.35
C PHE L 353 63.94 -45.71 -1.22
N LEU L 354 63.65 -44.43 -0.94
CA LEU L 354 64.25 -43.76 0.19
C LEU L 354 63.15 -43.26 1.12
N GLU L 355 63.07 -43.84 2.31
CA GLU L 355 62.05 -43.43 3.28
C GLU L 355 62.59 -42.38 4.23
N ALA L 356 61.82 -41.31 4.36
CA ALA L 356 62.11 -40.20 5.28
C ALA L 356 62.16 -40.71 6.71
N GLU L 357 61.36 -41.74 6.99
CA GLU L 357 61.30 -42.36 8.31
C GLU L 357 62.65 -42.99 8.71
N LEU L 358 63.35 -43.56 7.74
CA LEU L 358 64.67 -44.15 7.97
C LEU L 358 65.74 -43.05 7.95
N PHE L 359 65.55 -42.07 7.07
CA PHE L 359 66.46 -40.93 6.87
C PHE L 359 66.68 -40.09 8.15
N TYR L 360 65.60 -39.84 8.89
CA TYR L 360 65.69 -39.08 10.14
C TYR L 360 65.95 -39.97 11.35
N LYS L 361 66.03 -41.28 11.13
CA LYS L 361 66.53 -42.21 12.14
C LYS L 361 68.05 -42.33 12.05
N GLY L 362 68.66 -41.38 11.35
CA GLY L 362 70.11 -41.37 11.20
C GLY L 362 70.64 -42.34 10.15
N ILE L 363 69.75 -42.97 9.39
CA ILE L 363 70.20 -43.84 8.29
C ILE L 363 70.32 -43.04 7.00
N ARG L 364 71.55 -42.89 6.50
CA ARG L 364 71.84 -42.32 5.19
C ARG L 364 72.93 -43.13 4.48
N PRO L 365 72.66 -43.66 3.27
CA PRO L 365 71.46 -43.53 2.45
C PRO L 365 70.33 -44.45 2.91
N ALA L 366 69.16 -43.88 3.13
CA ALA L 366 68.03 -44.61 3.65
C ALA L 366 67.34 -45.45 2.59
N ILE L 367 68.05 -46.47 2.09
CA ILE L 367 67.46 -47.43 1.17
C ILE L 367 66.64 -48.44 1.97
N ASN L 368 65.36 -48.53 1.66
CA ASN L 368 64.51 -49.53 2.26
C ASN L 368 64.71 -50.86 1.54
N VAL L 369 65.48 -51.74 2.18
CA VAL L 369 65.87 -53.00 1.57
C VAL L 369 64.64 -53.80 1.15
N GLY L 370 63.57 -53.70 1.94
CA GLY L 370 62.32 -54.44 1.71
C GLY L 370 61.56 -54.06 0.45
N LEU L 371 61.65 -52.80 0.06
CA LEU L 371 60.93 -52.28 -1.10
C LEU L 371 61.82 -52.18 -2.33
N SER L 372 63.13 -52.13 -2.11
CA SER L 372 64.08 -51.86 -3.19
C SER L 372 64.70 -53.12 -3.78
N VAL L 373 64.55 -53.27 -5.11
CA VAL L 373 65.14 -54.38 -5.86
C VAL L 373 65.90 -53.86 -7.06
N SER L 374 66.69 -54.75 -7.65
CA SER L 374 67.34 -54.49 -8.92
C SER L 374 67.06 -55.68 -9.80
N ARG L 375 66.35 -55.46 -10.91
CA ARG L 375 65.89 -56.58 -11.72
C ARG L 375 67.01 -57.28 -12.49
N VAL L 376 67.82 -56.52 -13.21
CA VAL L 376 69.02 -57.06 -13.86
C VAL L 376 69.78 -57.93 -12.87
N GLY L 377 69.66 -57.56 -11.59
CA GLY L 377 70.12 -58.37 -10.47
C GLY L 377 71.62 -58.42 -10.33
N SER L 378 72.09 -59.57 -9.84
CA SER L 378 73.51 -59.80 -9.60
C SER L 378 74.30 -60.10 -10.87
N ALA L 379 73.61 -60.13 -12.01
CA ALA L 379 74.29 -60.20 -13.30
C ALA L 379 75.13 -58.93 -13.57
N ALA L 380 74.75 -57.83 -12.92
CA ALA L 380 75.41 -56.54 -13.13
C ALA L 380 76.35 -56.13 -11.99
N GLN L 381 76.92 -57.13 -11.30
CA GLN L 381 77.74 -56.87 -10.11
C GLN L 381 79.17 -57.38 -10.26
N VAL L 382 80.12 -56.67 -9.64
CA VAL L 382 81.51 -57.12 -9.58
C VAL L 382 81.51 -58.46 -8.84
N LYS L 383 81.98 -59.51 -9.53
CA LYS L 383 81.97 -60.87 -8.96
C LYS L 383 82.51 -60.96 -7.54
N ALA L 384 83.59 -60.21 -7.28
CA ALA L 384 84.21 -60.17 -5.95
C ALA L 384 83.25 -59.69 -4.86
N LEU L 385 82.37 -58.77 -5.22
CA LEU L 385 81.38 -58.26 -4.28
C LEU L 385 80.22 -59.24 -4.12
N LYS L 386 79.76 -59.79 -5.24
CA LYS L 386 78.64 -60.74 -5.27
C LYS L 386 78.89 -61.89 -4.29
N GLN L 387 80.12 -62.39 -4.30
CA GLN L 387 80.53 -63.48 -3.43
C GLN L 387 80.32 -63.15 -1.96
N VAL L 388 80.98 -62.11 -1.47
CA VAL L 388 80.92 -61.78 -0.05
C VAL L 388 79.61 -61.11 0.39
N ALA L 389 78.60 -61.14 -0.48
CA ALA L 389 77.29 -60.58 -0.18
C ALA L 389 76.14 -61.50 -0.62
N GLY L 390 76.32 -62.80 -0.40
CA GLY L 390 75.30 -63.78 -0.72
C GLY L 390 74.07 -63.64 0.17
N SER L 391 74.28 -63.82 1.47
CA SER L 391 73.19 -63.78 2.45
C SER L 391 72.78 -62.37 2.88
N LEU L 392 73.47 -61.36 2.37
CA LEU L 392 73.26 -59.99 2.87
C LEU L 392 71.89 -59.39 2.57
N LYS L 393 71.39 -59.59 1.36
CA LYS L 393 70.11 -58.96 1.01
C LYS L 393 68.92 -59.60 1.73
N LEU L 394 68.96 -60.92 1.88
CA LEU L 394 67.89 -61.64 2.57
C LEU L 394 68.04 -61.63 4.11
N PHE L 395 69.26 -61.39 4.59
CA PHE L 395 69.53 -61.30 6.03
C PHE L 395 68.89 -60.04 6.61
N LEU L 396 69.16 -58.91 5.98
CA LEU L 396 68.57 -57.63 6.36
C LEU L 396 67.04 -57.69 6.27
N ALA L 397 66.55 -58.46 5.31
CA ALA L 397 65.11 -58.74 5.19
C ALA L 397 64.59 -59.40 6.45
N GLN L 398 65.27 -60.46 6.87
CA GLN L 398 64.91 -61.20 8.07
C GLN L 398 65.19 -60.38 9.34
N TYR L 399 66.03 -59.36 9.21
CA TYR L 399 66.32 -58.45 10.31
C TYR L 399 65.15 -57.50 10.57
N ARG L 400 64.30 -57.32 9.56
CA ARG L 400 63.01 -56.63 9.71
C ARG L 400 62.01 -57.57 10.40
N GLU L 401 62.20 -58.86 10.16
CA GLU L 401 61.36 -59.90 10.73
C GLU L 401 61.73 -60.16 12.21
N VAL L 402 62.86 -59.61 12.65
CA VAL L 402 63.34 -59.75 14.04
C VAL L 402 63.29 -58.42 14.83
N ALA L 403 63.36 -57.28 14.13
CA ALA L 403 63.08 -55.98 14.74
C ALA L 403 61.58 -55.84 15.03
N ALA L 404 60.79 -56.73 14.44
CA ALA L 404 59.33 -56.79 14.64
C ALA L 404 58.94 -57.78 15.75
N PHE L 405 59.70 -58.86 15.85
CA PHE L 405 59.46 -59.90 16.86
C PHE L 405 59.74 -59.38 18.27
N ASP L 411 64.81 -61.28 27.02
CA ASP L 411 65.94 -61.97 26.41
C ASP L 411 65.55 -62.72 25.14
N LEU L 412 66.56 -63.26 24.44
CA LEU L 412 66.35 -64.01 23.21
C LEU L 412 67.26 -65.24 23.19
N ASP L 413 66.95 -66.19 22.31
CA ASP L 413 67.78 -67.39 22.13
C ASP L 413 69.15 -67.09 21.49
N ALA L 414 69.91 -68.14 21.20
CA ALA L 414 71.23 -68.02 20.57
C ALA L 414 71.18 -67.55 19.11
N SER L 415 70.01 -67.71 18.48
CA SER L 415 69.80 -67.34 17.08
C SER L 415 69.14 -65.98 16.90
N THR L 416 68.06 -65.74 17.65
CA THR L 416 67.29 -64.50 17.51
C THR L 416 67.99 -63.31 18.18
N LYS L 417 68.97 -63.58 19.04
CA LYS L 417 69.89 -62.55 19.50
C LYS L 417 70.96 -62.34 18.44
N GLN L 418 71.44 -63.46 17.88
CA GLN L 418 72.51 -63.48 16.89
C GLN L 418 72.12 -62.67 15.65
N THR L 419 70.98 -63.01 15.07
CA THR L 419 70.50 -62.32 13.86
C THR L 419 70.00 -60.89 14.13
N LEU L 420 69.88 -60.53 15.41
CA LEU L 420 69.58 -59.14 15.79
C LEU L 420 70.86 -58.36 16.09
N VAL L 421 71.87 -59.03 16.59
CA VAL L 421 73.16 -58.40 16.90
C VAL L 421 73.96 -58.09 15.63
N ARG L 422 73.97 -59.03 14.68
CA ARG L 422 74.72 -58.88 13.43
C ARG L 422 74.13 -57.81 12.50
N GLY L 423 72.80 -57.81 12.35
CA GLY L 423 72.11 -56.82 11.53
C GLY L 423 72.26 -55.42 12.08
N GLU L 424 72.17 -55.31 13.40
CA GLU L 424 72.33 -54.04 14.12
C GLU L 424 73.59 -53.30 13.67
N ARG L 425 74.71 -54.02 13.69
CA ARG L 425 76.00 -53.48 13.29
C ARG L 425 76.30 -53.68 11.80
N LEU L 426 75.26 -54.04 11.04
CA LEU L 426 75.33 -54.05 9.57
C LEU L 426 74.65 -52.80 9.03
N THR L 427 73.52 -52.45 9.64
CA THR L 427 72.83 -51.20 9.36
C THR L 427 73.78 -50.04 9.64
N GLN L 428 74.62 -50.22 10.65
CA GLN L 428 75.66 -49.27 10.98
C GLN L 428 76.71 -49.21 9.86
N LEU L 429 76.99 -50.37 9.27
CA LEU L 429 78.04 -50.51 8.26
C LEU L 429 77.66 -49.92 6.89
N LEU L 430 76.38 -50.04 6.53
CA LEU L 430 75.88 -49.53 5.25
C LEU L 430 75.76 -48.00 5.21
N LYS L 431 75.83 -47.37 6.38
CA LYS L 431 75.90 -45.92 6.51
C LYS L 431 77.12 -45.38 5.77
N GLN L 432 76.96 -44.23 5.11
CA GLN L 432 78.01 -43.64 4.29
C GLN L 432 77.77 -42.15 4.13
N ASN L 433 78.79 -41.37 4.44
CA ASN L 433 78.71 -39.92 4.34
C ASN L 433 78.71 -39.51 2.87
N GLN L 434 77.95 -38.46 2.56
CA GLN L 434 77.89 -37.92 1.20
C GLN L 434 79.29 -37.68 0.64
N TYR L 435 79.44 -37.83 -0.66
CA TYR L 435 80.70 -37.54 -1.37
C TYR L 435 81.88 -38.43 -1.00
N SER L 436 81.62 -39.62 -0.47
CA SER L 436 82.68 -40.55 -0.12
C SER L 436 82.53 -41.89 -0.83
N PRO L 437 82.76 -41.92 -2.15
CA PRO L 437 82.46 -43.11 -2.91
C PRO L 437 83.60 -44.12 -2.88
N LEU L 438 83.45 -45.16 -2.07
CA LEU L 438 84.51 -46.14 -1.87
C LEU L 438 84.67 -47.08 -3.08
N ALA L 439 85.91 -47.52 -3.31
CA ALA L 439 86.22 -48.40 -4.43
C ALA L 439 85.67 -49.79 -4.17
N THR L 440 85.48 -50.56 -5.24
CA THR L 440 85.04 -51.96 -5.13
C THR L 440 86.00 -52.78 -4.27
N GLU L 441 87.30 -52.59 -4.53
CA GLU L 441 88.35 -53.24 -3.74
C GLU L 441 88.53 -52.66 -2.33
N GLU L 442 87.59 -51.83 -1.89
CA GLU L 442 87.53 -51.38 -0.51
C GLU L 442 86.27 -51.87 0.14
N GLN L 443 85.20 -51.90 -0.65
CA GLN L 443 83.89 -52.31 -0.17
C GLN L 443 83.85 -53.79 0.19
N VAL L 444 84.61 -54.61 -0.55
CA VAL L 444 84.62 -56.07 -0.35
C VAL L 444 85.04 -56.49 1.08
N PRO L 445 86.22 -56.02 1.58
CA PRO L 445 86.63 -56.33 2.94
C PRO L 445 85.63 -55.90 4.01
N LEU L 446 85.03 -54.73 3.83
CA LEU L 446 84.03 -54.20 4.77
C LEU L 446 82.72 -55.00 4.79
N ILE L 447 82.36 -55.58 3.64
CA ILE L 447 81.16 -56.44 3.51
C ILE L 447 81.47 -57.86 4.03
N TYR L 448 82.61 -58.40 3.62
CA TYR L 448 83.13 -59.67 4.12
C TYR L 448 83.06 -59.76 5.66
N ALA L 449 83.42 -58.67 6.33
CA ALA L 449 83.43 -58.59 7.78
C ALA L 449 82.02 -58.71 8.37
N GLY L 450 81.06 -58.04 7.74
CA GLY L 450 79.67 -58.10 8.19
C GLY L 450 79.04 -59.47 8.05
N VAL L 451 79.18 -60.06 6.87
CA VAL L 451 78.60 -61.38 6.54
C VAL L 451 79.23 -62.51 7.38
N ASN L 452 80.52 -62.37 7.68
CA ASN L 452 81.26 -63.42 8.38
C ASN L 452 81.41 -63.24 9.91
N GLY L 453 80.96 -62.10 10.44
CA GLY L 453 80.72 -61.96 11.88
C GLY L 453 81.73 -61.28 12.76
N HIS L 454 82.81 -60.77 12.17
CA HIS L 454 83.89 -60.10 12.92
C HIS L 454 83.43 -58.78 13.55
N LEU L 455 82.26 -58.31 13.14
CA LEU L 455 81.75 -57.00 13.54
C LEU L 455 80.72 -57.05 14.67
N ASP L 456 80.15 -58.23 14.90
CA ASP L 456 79.24 -58.45 16.02
C ASP L 456 79.88 -58.00 17.32
N GLY L 457 81.13 -58.41 17.53
CA GLY L 457 81.88 -58.13 18.76
C GLY L 457 82.79 -56.92 18.75
N ILE L 458 82.27 -55.79 18.27
CA ILE L 458 82.90 -54.47 18.45
C ILE L 458 81.84 -53.51 19.00
N GLU L 459 82.29 -52.42 19.64
CA GLU L 459 81.38 -51.41 20.20
C GLU L 459 80.51 -50.72 19.14
N LEU L 460 79.19 -50.72 19.38
CA LEU L 460 78.17 -50.29 18.40
C LEU L 460 78.29 -48.85 17.89
N SER L 461 78.79 -47.97 18.75
CA SER L 461 79.01 -46.56 18.37
C SER L 461 80.46 -46.28 17.94
N ARG L 462 81.30 -47.31 18.02
CA ARG L 462 82.70 -47.20 17.58
C ARG L 462 82.94 -47.90 16.23
N ILE L 463 81.89 -47.99 15.42
CA ILE L 463 81.96 -48.64 14.10
C ILE L 463 82.24 -47.62 13.00
N GLY L 464 81.68 -46.43 13.14
CA GLY L 464 81.95 -45.31 12.23
C GLY L 464 83.42 -44.91 12.21
N GLU L 465 84.11 -45.23 13.31
CA GLU L 465 85.56 -45.04 13.46
C GLU L 465 86.33 -46.29 13.02
N PHE L 466 85.65 -47.43 13.05
CA PHE L 466 86.26 -48.71 12.67
C PHE L 466 86.71 -48.73 11.20
N GLU L 467 85.78 -48.40 10.30
CA GLU L 467 86.00 -48.48 8.86
C GLU L 467 87.37 -47.93 8.45
N SER L 468 87.57 -46.63 8.60
CA SER L 468 88.75 -45.94 8.08
C SER L 468 90.06 -46.38 8.74
N SER L 469 90.01 -46.71 10.02
CA SER L 469 91.20 -47.20 10.71
C SER L 469 91.45 -48.69 10.42
N PHE L 470 90.43 -49.37 9.90
CA PHE L 470 90.59 -50.71 9.32
C PHE L 470 91.13 -50.57 7.91
N LEU L 471 90.62 -49.56 7.19
CA LEU L 471 91.05 -49.23 5.82
C LEU L 471 92.54 -48.88 5.75
N SER L 472 93.01 -48.06 6.69
CA SER L 472 94.42 -47.67 6.79
C SER L 472 95.34 -48.87 6.82
N TYR L 473 94.93 -49.88 7.57
CA TYR L 473 95.70 -51.10 7.79
C TYR L 473 95.86 -51.94 6.52
N LEU L 474 94.73 -52.24 5.86
CA LEU L 474 94.71 -53.09 4.66
C LEU L 474 95.40 -52.43 3.46
N LYS L 475 95.76 -51.17 3.61
CA LYS L 475 96.52 -50.45 2.60
C LYS L 475 97.99 -50.36 3.01
N SER L 476 98.24 -50.26 4.31
CA SER L 476 99.59 -50.08 4.85
C SER L 476 100.42 -51.37 4.75
N ASN L 477 99.98 -52.41 5.47
CA ASN L 477 100.73 -53.67 5.52
C ASN L 477 100.21 -54.70 4.52
N HIS L 478 99.11 -54.38 3.83
CA HIS L 478 98.38 -55.37 3.03
C HIS L 478 97.94 -54.88 1.64
N ASN L 479 98.65 -53.92 1.06
CA ASN L 479 98.28 -53.38 -0.26
C ASN L 479 98.36 -54.43 -1.38
N GLU L 480 99.16 -55.48 -1.15
CA GLU L 480 99.19 -56.68 -1.99
C GLU L 480 97.79 -57.17 -2.32
N LEU L 481 96.91 -57.12 -1.30
CA LEU L 481 95.56 -57.67 -1.40
C LEU L 481 94.57 -56.79 -2.15
N LEU L 482 94.70 -55.48 -2.00
CA LEU L 482 93.82 -54.55 -2.70
C LEU L 482 94.14 -54.53 -4.20
N THR L 483 95.43 -54.60 -4.53
CA THR L 483 95.91 -54.74 -5.90
C THR L 483 95.28 -55.95 -6.58
N GLU L 484 95.14 -57.03 -5.83
CA GLU L 484 94.55 -58.29 -6.30
C GLU L 484 93.07 -58.15 -6.64
N ILE L 485 92.28 -57.70 -5.67
CA ILE L 485 90.84 -57.55 -5.82
C ILE L 485 90.50 -56.53 -6.92
N ARG L 486 91.18 -55.39 -6.91
CA ARG L 486 91.02 -54.38 -7.98
C ARG L 486 91.33 -54.96 -9.36
N GLU L 487 92.41 -55.72 -9.46
CA GLU L 487 92.85 -56.26 -10.73
C GLU L 487 92.02 -57.47 -11.16
N LYS L 488 91.89 -58.44 -10.27
CA LYS L 488 91.13 -59.67 -10.53
C LYS L 488 89.63 -59.41 -10.73
N GLY L 489 89.07 -58.52 -9.89
CA GLY L 489 87.62 -58.32 -9.84
C GLY L 489 86.90 -59.55 -9.28
N GLU L 490 87.64 -60.34 -8.49
CA GLU L 490 87.22 -61.68 -8.09
C GLU L 490 88.03 -62.15 -6.88
N LEU L 491 87.56 -63.22 -6.23
CA LEU L 491 88.28 -63.82 -5.10
C LEU L 491 88.54 -65.31 -5.32
N SER L 492 89.78 -65.72 -5.07
CA SER L 492 90.11 -67.14 -5.02
C SER L 492 90.02 -67.60 -3.57
N LYS L 493 90.13 -68.90 -3.35
CA LYS L 493 90.10 -69.46 -1.98
C LYS L 493 91.25 -68.92 -1.12
N GLU L 494 92.38 -68.62 -1.77
CA GLU L 494 93.49 -67.93 -1.13
C GLU L 494 93.02 -66.57 -0.64
N LEU L 495 92.63 -65.71 -1.57
CA LEU L 495 92.21 -64.33 -1.28
C LEU L 495 91.15 -64.24 -0.19
N LEU L 496 90.27 -65.24 -0.12
CA LEU L 496 89.24 -65.32 0.92
C LEU L 496 89.85 -65.60 2.29
N ALA L 497 90.69 -66.64 2.36
CA ALA L 497 91.37 -67.04 3.59
C ALA L 497 92.44 -66.01 3.98
N SER L 498 93.03 -65.37 2.98
CA SER L 498 94.01 -64.31 3.18
C SER L 498 93.35 -63.13 3.90
N LEU L 499 92.14 -62.79 3.45
CA LEU L 499 91.38 -61.70 4.04
C LEU L 499 91.04 -62.02 5.49
N LYS L 500 90.62 -63.27 5.75
CA LYS L 500 90.38 -63.75 7.10
C LYS L 500 91.63 -63.63 7.97
N SER L 501 92.79 -63.88 7.38
CA SER L 501 94.08 -63.82 8.07
C SER L 501 94.41 -62.39 8.53
N ALA L 502 94.15 -61.42 7.67
CA ALA L 502 94.35 -60.01 7.99
C ALA L 502 93.19 -59.41 8.79
N THR L 503 92.00 -60.00 8.62
CA THR L 503 90.79 -59.52 9.29
C THR L 503 90.79 -59.85 10.79
N GLU L 504 90.87 -61.14 11.11
CA GLU L 504 90.92 -61.60 12.50
C GLU L 504 92.23 -61.16 13.16
N SER L 505 93.13 -60.59 12.37
CA SER L 505 94.36 -59.99 12.89
C SER L 505 94.10 -58.57 13.37
N PHE L 506 93.10 -57.91 12.80
CA PHE L 506 92.65 -56.59 13.26
C PHE L 506 91.70 -56.72 14.45
N VAL L 507 91.19 -57.95 14.67
CA VAL L 507 90.19 -58.23 15.73
C VAL L 507 90.61 -57.78 17.15
N ALA L 508 91.91 -57.67 17.38
CA ALA L 508 92.43 -57.16 18.65
C ALA L 508 92.81 -55.68 18.56
N THR L 509 91.79 -54.84 18.38
CA THR L 509 91.92 -53.36 18.27
C THR L 509 92.72 -52.89 17.04
N THR M 13 43.72 -49.42 -60.31
CA THR M 13 42.61 -48.64 -59.67
C THR M 13 42.89 -48.30 -58.16
N PRO M 14 44.12 -47.81 -57.85
CA PRO M 14 44.56 -47.54 -56.47
C PRO M 14 43.84 -46.35 -55.82
N ILE M 15 43.33 -46.56 -54.61
CA ILE M 15 42.43 -45.60 -53.96
C ILE M 15 43.24 -44.57 -53.16
N THR M 16 42.99 -43.28 -53.38
CA THR M 16 43.90 -42.22 -52.87
C THR M 16 43.27 -41.01 -52.17
N GLY M 17 43.90 -40.55 -51.08
CA GLY M 17 43.45 -39.38 -50.33
C GLY M 17 44.58 -38.50 -49.79
N LYS M 18 44.22 -37.39 -49.13
CA LYS M 18 45.17 -36.40 -48.58
C LYS M 18 45.07 -36.27 -47.06
N VAL M 19 46.21 -36.03 -46.41
CA VAL M 19 46.27 -35.73 -44.98
C VAL M 19 45.75 -34.30 -44.79
N THR M 20 44.73 -34.14 -43.96
CA THR M 20 44.15 -32.82 -43.75
C THR M 20 44.35 -32.31 -42.32
N ALA M 21 44.80 -33.20 -41.44
CA ALA M 21 45.05 -32.86 -40.03
C ALA M 21 45.97 -33.89 -39.39
N VAL M 22 46.90 -33.41 -38.56
CA VAL M 22 47.79 -34.25 -37.73
C VAL M 22 47.79 -33.78 -36.29
N ILE M 23 47.27 -34.61 -35.38
CA ILE M 23 47.25 -34.31 -33.95
C ILE M 23 47.74 -35.53 -33.15
N GLY M 24 49.07 -35.61 -32.97
CA GLY M 24 49.68 -36.74 -32.28
C GLY M 24 49.36 -38.00 -33.08
N ALA M 25 48.85 -39.01 -32.39
CA ALA M 25 48.61 -40.31 -33.00
C ALA M 25 47.41 -40.30 -33.93
N ILE M 26 46.68 -39.19 -33.92
CA ILE M 26 45.44 -39.08 -34.69
C ILE M 26 45.63 -38.25 -35.96
N VAL M 27 45.38 -38.88 -37.11
CA VAL M 27 45.54 -38.23 -38.41
C VAL M 27 44.20 -38.19 -39.15
N ASP M 28 43.80 -37.02 -39.63
CA ASP M 28 42.58 -36.93 -40.42
C ASP M 28 42.91 -36.97 -41.93
N VAL M 29 42.23 -37.85 -42.66
CA VAL M 29 42.49 -38.04 -44.09
C VAL M 29 41.19 -37.84 -44.91
N HIS M 30 41.28 -37.05 -45.98
CA HIS M 30 40.14 -36.73 -46.85
C HIS M 30 40.19 -37.56 -48.13
N PHE M 31 39.04 -37.79 -48.76
CA PHE M 31 38.95 -38.61 -49.98
C PHE M 31 37.97 -38.06 -51.02
N GLU M 32 37.65 -38.86 -52.04
CA GLU M 32 36.72 -38.48 -53.12
C GLU M 32 35.34 -39.14 -53.04
N GLN M 33 34.52 -38.93 -54.07
CA GLN M 33 33.10 -39.31 -54.05
C GLN M 33 32.80 -40.73 -53.54
N SER M 34 32.58 -40.81 -52.22
CA SER M 34 32.39 -42.07 -51.46
C SER M 34 33.48 -43.15 -51.65
N GLU M 35 34.60 -42.77 -52.26
CA GLU M 35 35.79 -43.63 -52.33
C GLU M 35 36.44 -43.77 -50.91
N LEU M 36 35.61 -43.59 -49.89
CA LEU M 36 36.04 -43.64 -48.50
C LEU M 36 36.25 -45.07 -48.05
N PRO M 37 37.37 -45.34 -47.38
CA PRO M 37 37.68 -46.63 -46.79
C PRO M 37 36.80 -46.88 -45.55
N ALA M 38 36.55 -48.15 -45.24
CA ALA M 38 35.74 -48.50 -44.07
C ALA M 38 36.52 -48.34 -42.77
N ILE M 39 35.83 -48.40 -41.64
CA ILE M 39 36.52 -48.37 -40.36
C ILE M 39 37.34 -49.64 -40.25
N LEU M 40 38.50 -49.52 -39.60
CA LEU M 40 39.46 -50.62 -39.44
C LEU M 40 40.31 -50.84 -40.69
N ASN M 41 40.07 -50.05 -41.73
CA ASN M 41 40.94 -50.08 -42.91
C ASN M 41 42.31 -49.52 -42.60
N ALA M 42 43.34 -50.19 -43.10
CA ALA M 42 44.71 -49.69 -42.98
C ALA M 42 45.03 -48.80 -44.17
N LEU M 43 45.57 -47.61 -43.88
CA LEU M 43 46.01 -46.67 -44.89
C LEU M 43 47.54 -46.57 -44.85
N GLU M 44 48.14 -46.09 -45.92
CA GLU M 44 49.59 -46.00 -45.96
C GLU M 44 50.11 -44.67 -46.45
N ILE M 45 51.10 -44.16 -45.73
CA ILE M 45 51.87 -43.01 -46.16
C ILE M 45 53.31 -43.49 -46.34
N LYS M 46 53.80 -43.40 -47.57
CA LYS M 46 55.17 -43.73 -47.89
C LYS M 46 56.07 -42.59 -47.38
N THR M 47 57.04 -42.95 -46.53
CA THR M 47 57.98 -42.01 -45.90
C THR M 47 59.43 -42.33 -46.32
N PRO M 48 60.40 -41.41 -46.02
CA PRO M 48 61.79 -41.64 -46.45
C PRO M 48 62.36 -42.97 -45.95
N GLN M 49 62.00 -43.31 -44.71
CA GLN M 49 62.48 -44.52 -44.03
C GLN M 49 61.75 -45.79 -44.51
N GLY M 50 60.43 -45.77 -44.45
CA GLY M 50 59.62 -46.93 -44.80
C GLY M 50 58.20 -46.53 -45.10
N LYS M 51 57.26 -46.98 -44.26
CA LYS M 51 55.85 -46.66 -44.43
C LYS M 51 55.18 -46.36 -43.09
N LEU M 52 54.35 -45.32 -43.06
CA LEU M 52 53.51 -45.04 -41.90
C LEU M 52 52.13 -45.59 -42.18
N VAL M 53 51.63 -46.42 -41.26
CA VAL M 53 50.34 -47.07 -41.41
C VAL M 53 49.30 -46.32 -40.57
N LEU M 54 48.17 -46.01 -41.19
CA LEU M 54 47.05 -45.42 -40.48
C LEU M 54 45.83 -46.34 -40.49
N GLU M 55 45.31 -46.70 -39.31
CA GLU M 55 44.05 -47.42 -39.24
C GLU M 55 42.89 -46.45 -39.12
N VAL M 56 41.89 -46.61 -39.99
CA VAL M 56 40.70 -45.76 -40.01
C VAL M 56 39.83 -46.05 -38.79
N ALA M 57 39.58 -45.03 -37.98
CA ALA M 57 38.73 -45.18 -36.81
C ALA M 57 37.32 -44.61 -37.00
N GLN M 58 37.19 -43.51 -37.74
CA GLN M 58 35.91 -42.82 -37.88
C GLN M 58 35.71 -42.13 -39.22
N HIS M 59 34.45 -41.90 -39.58
CA HIS M 59 34.10 -41.03 -40.70
C HIS M 59 33.50 -39.78 -40.07
N LEU M 60 34.19 -38.64 -40.18
CA LEU M 60 33.77 -37.43 -39.47
C LEU M 60 32.70 -36.62 -40.20
N GLY M 61 32.28 -37.12 -41.36
CA GLY M 61 31.39 -36.39 -42.24
C GLY M 61 32.21 -35.65 -43.28
N GLU M 62 31.58 -35.31 -44.39
CA GLU M 62 32.25 -34.62 -45.50
C GLU M 62 33.58 -35.27 -45.90
N ASN M 63 33.51 -36.58 -46.15
CA ASN M 63 34.57 -37.33 -46.82
C ASN M 63 35.93 -37.37 -46.14
N THR M 64 35.94 -37.09 -44.85
CA THR M 64 37.16 -37.26 -44.07
C THR M 64 37.02 -38.45 -43.13
N VAL M 65 38.02 -39.34 -43.16
CA VAL M 65 38.12 -40.38 -42.14
C VAL M 65 39.11 -39.91 -41.09
N ARG M 66 38.86 -40.30 -39.84
CA ARG M 66 39.83 -40.12 -38.77
C ARG M 66 40.60 -41.42 -38.53
N THR M 67 41.92 -41.30 -38.44
CA THR M 67 42.77 -42.48 -38.34
C THR M 67 43.71 -42.45 -37.15
N ILE M 68 43.95 -43.62 -36.58
CA ILE M 68 45.00 -43.81 -35.58
C ILE M 68 46.31 -44.17 -36.31
N ALA M 69 47.41 -43.53 -35.92
CA ALA M 69 48.72 -43.86 -36.50
C ALA M 69 49.38 -44.99 -35.73
N MET M 70 50.07 -45.86 -36.46
CA MET M 70 50.74 -47.02 -35.89
C MET M 70 52.21 -46.76 -35.63
N ASP M 71 52.66 -45.56 -35.97
CA ASP M 71 54.01 -45.13 -35.61
C ASP M 71 54.08 -43.64 -35.34
N GLY M 72 55.29 -43.11 -35.22
CA GLY M 72 55.49 -41.69 -35.02
C GLY M 72 54.88 -40.91 -36.16
N THR M 73 54.31 -39.74 -35.85
CA THR M 73 53.74 -38.85 -36.87
C THR M 73 54.60 -37.61 -37.08
N GLU M 74 55.73 -37.53 -36.40
CA GLU M 74 56.61 -36.39 -36.54
C GLU M 74 56.92 -36.23 -38.02
N GLY M 75 56.86 -35.00 -38.49
CA GLY M 75 57.22 -34.69 -39.86
C GLY M 75 56.11 -34.74 -40.90
N LEU M 76 54.93 -35.23 -40.51
CA LEU M 76 53.80 -35.28 -41.45
C LEU M 76 53.36 -33.88 -41.84
N VAL M 77 53.23 -33.66 -43.15
CA VAL M 77 52.81 -32.37 -43.69
C VAL M 77 51.31 -32.40 -43.98
N ARG M 78 50.64 -31.27 -43.85
CA ARG M 78 49.27 -31.17 -44.34
C ARG M 78 49.27 -31.15 -45.86
N GLY M 79 48.53 -32.08 -46.44
CA GLY M 79 48.45 -32.21 -47.89
C GLY M 79 49.02 -33.52 -48.41
N GLU M 80 49.74 -34.24 -47.56
CA GLU M 80 50.45 -35.46 -47.97
C GLU M 80 49.51 -36.59 -48.44
N LYS M 81 49.87 -37.22 -49.56
CA LYS M 81 49.06 -38.29 -50.15
C LYS M 81 48.99 -39.55 -49.26
N VAL M 82 47.84 -40.20 -49.27
CA VAL M 82 47.57 -41.39 -48.45
C VAL M 82 46.96 -42.50 -49.30
N LEU M 83 47.59 -43.67 -49.27
CA LEU M 83 47.16 -44.83 -50.04
C LEU M 83 46.27 -45.79 -49.23
N ASP M 84 45.05 -46.02 -49.70
CA ASP M 84 44.13 -47.01 -49.10
C ASP M 84 44.55 -48.40 -49.56
N THR M 85 44.92 -49.25 -48.59
CA THR M 85 45.28 -50.63 -48.87
C THR M 85 44.05 -51.46 -49.24
N GLY M 86 42.90 -51.09 -48.64
CA GLY M 86 41.60 -51.70 -48.97
C GLY M 86 41.12 -52.78 -48.00
N GLY M 87 41.73 -52.86 -46.82
CA GLY M 87 41.39 -53.86 -45.81
C GLY M 87 42.07 -53.54 -44.48
N PRO M 88 41.71 -54.30 -43.41
CA PRO M 88 42.39 -54.18 -42.11
C PRO M 88 43.86 -54.59 -42.17
N ILE M 89 44.64 -54.22 -41.15
CA ILE M 89 46.06 -54.55 -41.10
C ILE M 89 46.23 -56.07 -41.24
N SER M 90 47.04 -56.50 -42.20
CA SER M 90 47.27 -57.92 -42.47
C SER M 90 48.56 -58.45 -41.86
N VAL M 91 48.54 -59.68 -41.38
CA VAL M 91 49.77 -60.30 -40.90
C VAL M 91 50.05 -61.63 -41.59
N PRO M 92 51.33 -61.89 -41.90
CA PRO M 92 51.73 -63.19 -42.42
C PRO M 92 51.43 -64.28 -41.38
N VAL M 93 50.81 -65.37 -41.83
CA VAL M 93 50.36 -66.45 -40.93
C VAL M 93 50.90 -67.81 -41.33
N GLY M 94 50.79 -68.77 -40.42
CA GLY M 94 51.26 -70.13 -40.67
C GLY M 94 52.68 -70.40 -40.23
N ARG M 95 53.22 -71.54 -40.66
CA ARG M 95 54.50 -72.08 -40.15
C ARG M 95 55.73 -71.25 -40.52
N GLU M 96 55.52 -70.27 -41.40
CA GLU M 96 56.52 -69.26 -41.76
C GLU M 96 56.85 -68.29 -40.62
N THR M 97 55.84 -67.99 -39.82
CA THR M 97 55.99 -67.07 -38.69
C THR M 97 56.77 -67.69 -37.54
N LEU M 98 56.80 -69.02 -37.50
CA LEU M 98 57.52 -69.77 -36.47
C LEU M 98 59.02 -69.55 -36.61
N GLY M 99 59.67 -69.16 -35.50
CA GLY M 99 61.09 -68.85 -35.49
C GLY M 99 61.40 -67.38 -35.63
N ARG M 100 60.47 -66.62 -36.19
CA ARG M 100 60.68 -65.20 -36.54
C ARG M 100 60.08 -64.18 -35.55
N ILE M 101 60.61 -62.95 -35.57
CA ILE M 101 60.06 -61.85 -34.78
C ILE M 101 59.28 -60.84 -35.66
N ILE M 102 57.99 -60.70 -35.37
CA ILE M 102 57.04 -59.91 -36.17
C ILE M 102 56.63 -58.71 -35.30
N ASN M 103 56.54 -57.52 -35.92
CA ASN M 103 55.98 -56.34 -35.23
C ASN M 103 54.44 -56.27 -35.36
N VAL M 104 53.82 -55.14 -35.07
CA VAL M 104 52.35 -55.10 -35.14
C VAL M 104 51.79 -55.11 -36.58
N ILE M 105 52.44 -54.42 -37.52
CA ILE M 105 51.99 -54.40 -38.92
C ILE M 105 52.53 -55.54 -39.78
N GLY M 106 53.03 -56.59 -39.13
CA GLY M 106 53.48 -57.77 -39.85
C GLY M 106 54.96 -57.83 -40.18
N GLU M 107 55.56 -56.68 -40.47
CA GLU M 107 56.96 -56.59 -40.87
C GLU M 107 57.92 -57.34 -39.94
N PRO M 108 58.89 -58.07 -40.53
CA PRO M 108 59.87 -58.80 -39.73
C PRO M 108 60.87 -57.86 -39.07
N ILE M 109 61.20 -58.13 -37.81
CA ILE M 109 62.16 -57.29 -37.06
C ILE M 109 63.29 -58.10 -36.39
N ASP M 110 63.54 -59.32 -36.86
CA ASP M 110 64.65 -60.13 -36.36
C ASP M 110 65.85 -60.09 -37.31
N GLU M 111 65.84 -59.13 -38.22
CA GLU M 111 66.84 -58.99 -39.28
C GLU M 111 67.09 -60.30 -40.03
N ARG M 112 66.03 -60.92 -40.55
CA ARG M 112 66.16 -62.19 -41.27
C ARG M 112 65.39 -62.21 -42.59
N GLY M 113 65.19 -61.04 -43.18
CA GLY M 113 64.55 -60.95 -44.50
C GLY M 113 63.05 -61.15 -44.48
N PRO M 114 62.44 -61.37 -45.66
CA PRO M 114 60.99 -61.41 -45.77
C PRO M 114 60.39 -62.66 -45.10
N ILE M 115 59.16 -62.55 -44.61
CA ILE M 115 58.44 -63.74 -44.14
C ILE M 115 57.81 -64.43 -45.35
N LYS M 116 58.28 -65.63 -45.66
CA LYS M 116 57.92 -66.32 -46.90
C LYS M 116 56.59 -67.12 -46.84
N SER M 117 55.53 -66.49 -46.32
CA SER M 117 54.21 -67.14 -46.32
C SER M 117 53.39 -66.74 -47.54
N LYS M 118 52.59 -67.68 -48.04
CA LYS M 118 51.61 -67.41 -49.09
C LYS M 118 50.45 -66.56 -48.55
N LEU M 119 50.15 -66.73 -47.26
CA LEU M 119 48.93 -66.21 -46.64
C LEU M 119 49.10 -64.96 -45.75
N ARG M 120 48.13 -64.03 -45.88
CA ARG M 120 47.98 -62.86 -45.00
C ARG M 120 46.57 -62.79 -44.42
N LYS M 121 46.47 -62.63 -43.11
CA LYS M 121 45.18 -62.66 -42.41
C LYS M 121 44.93 -61.35 -41.64
N PRO M 122 43.86 -60.61 -41.99
CA PRO M 122 43.46 -59.37 -41.28
C PRO M 122 43.47 -59.52 -39.76
N ILE M 123 43.92 -58.50 -39.04
CA ILE M 123 44.09 -58.63 -37.59
C ILE M 123 42.80 -58.44 -36.81
N HIS M 124 41.78 -57.90 -37.47
CA HIS M 124 40.43 -57.79 -36.89
C HIS M 124 39.54 -58.91 -37.41
N ALA M 125 38.92 -59.65 -36.50
CA ALA M 125 38.04 -60.75 -36.87
C ALA M 125 36.86 -60.88 -35.92
N ASP M 126 35.74 -61.37 -36.42
CA ASP M 126 34.61 -61.73 -35.55
C ASP M 126 34.90 -63.01 -34.80
N PRO M 127 34.87 -62.94 -33.45
CA PRO M 127 35.07 -64.08 -32.58
C PRO M 127 34.08 -65.21 -32.85
N PRO M 128 34.48 -66.45 -32.61
CA PRO M 128 33.57 -67.58 -32.78
C PRO M 128 32.22 -67.40 -32.09
N SER M 129 31.18 -67.91 -32.74
CA SER M 129 29.81 -67.75 -32.28
C SER M 129 29.51 -68.54 -31.00
N PHE M 130 28.24 -68.51 -30.57
CA PHE M 130 27.78 -69.33 -29.45
C PHE M 130 27.65 -70.78 -29.89
N ALA M 131 27.38 -71.00 -31.18
CA ALA M 131 27.27 -72.34 -31.71
C ALA M 131 28.63 -73.05 -31.68
N GLU M 132 29.65 -72.40 -32.23
CA GLU M 132 30.99 -72.99 -32.40
C GLU M 132 31.78 -73.20 -31.10
N GLN M 133 31.23 -72.72 -29.99
CA GLN M 133 31.80 -72.96 -28.67
C GLN M 133 31.98 -74.44 -28.42
N SER M 134 33.19 -74.82 -28.02
CA SER M 134 33.50 -76.20 -27.62
C SER M 134 33.98 -76.28 -26.16
N THR M 135 33.06 -76.66 -25.28
CA THR M 135 33.31 -76.78 -23.84
C THR M 135 34.17 -78.00 -23.53
N SER M 136 35.21 -77.82 -22.71
CA SER M 136 36.18 -78.91 -22.42
C SER M 136 36.92 -78.71 -21.08
N ALA M 137 36.49 -79.43 -20.06
CA ALA M 137 37.07 -79.32 -18.72
C ALA M 137 38.32 -80.20 -18.51
N GLU M 138 39.47 -79.73 -19.00
CA GLU M 138 40.72 -80.48 -18.89
C GLU M 138 41.84 -79.70 -18.21
N ILE M 139 42.37 -80.27 -17.14
CA ILE M 139 43.46 -79.72 -16.32
C ILE M 139 44.78 -79.50 -17.09
N LEU M 140 45.62 -78.60 -16.60
CA LEU M 140 46.96 -78.39 -17.14
C LEU M 140 48.02 -78.32 -16.03
N GLU M 141 48.93 -79.30 -16.05
CA GLU M 141 49.98 -79.41 -15.05
C GLU M 141 51.07 -78.41 -15.39
N THR M 142 51.52 -77.67 -14.38
CA THR M 142 52.47 -76.57 -14.55
C THR M 142 53.80 -76.83 -13.86
N GLY M 143 53.73 -77.55 -12.74
CA GLY M 143 54.91 -77.82 -11.92
C GLY M 143 55.03 -76.80 -10.80
N ILE M 144 53.91 -76.18 -10.44
CA ILE M 144 53.92 -75.18 -9.38
C ILE M 144 52.97 -75.57 -8.24
N LYS M 145 53.55 -76.03 -7.13
CA LYS M 145 52.81 -76.47 -5.94
C LYS M 145 51.51 -75.68 -5.75
N VAL M 146 51.65 -74.38 -5.46
CA VAL M 146 50.52 -73.52 -5.12
C VAL M 146 49.40 -73.58 -6.17
N VAL M 147 49.78 -73.48 -7.44
CA VAL M 147 48.82 -73.48 -8.57
C VAL M 147 48.10 -74.83 -8.74
N ASP M 148 48.88 -75.89 -8.95
CA ASP M 148 48.32 -77.21 -9.27
C ASP M 148 47.39 -77.74 -8.17
N LEU M 149 47.71 -77.44 -6.92
CA LEU M 149 46.85 -77.84 -5.81
C LEU M 149 45.57 -77.01 -5.72
N LEU M 150 45.74 -75.70 -5.58
CA LEU M 150 44.61 -74.84 -5.24
C LEU M 150 43.82 -74.32 -6.43
N ALA M 151 44.51 -73.84 -7.46
CA ALA M 151 43.84 -73.30 -8.63
C ALA M 151 44.48 -73.77 -9.94
N PRO M 152 44.22 -75.03 -10.32
CA PRO M 152 44.89 -75.62 -11.49
C PRO M 152 44.42 -75.04 -12.84
N TYR M 153 45.38 -74.82 -13.73
CA TYR M 153 45.13 -74.19 -15.02
C TYR M 153 44.35 -75.10 -15.95
N ALA M 154 43.60 -74.48 -16.85
CA ALA M 154 42.71 -75.18 -17.75
C ALA M 154 43.30 -75.22 -19.15
N ARG M 155 43.45 -76.43 -19.69
CA ARG M 155 43.86 -76.58 -21.08
C ARG M 155 42.71 -76.02 -21.91
N GLY M 156 43.03 -75.26 -22.95
CA GLY M 156 42.01 -74.72 -23.86
C GLY M 156 41.34 -73.44 -23.42
N GLY M 157 41.58 -73.04 -22.18
CA GLY M 157 40.99 -71.83 -21.65
C GLY M 157 41.95 -70.69 -21.44
N LYS M 158 41.45 -69.63 -20.79
CA LYS M 158 42.22 -68.41 -20.57
C LYS M 158 42.61 -68.26 -19.10
N ILE M 159 43.87 -67.90 -18.87
CA ILE M 159 44.45 -67.88 -17.52
C ILE M 159 45.12 -66.54 -17.20
N GLY M 160 44.70 -65.91 -16.10
CA GLY M 160 45.19 -64.58 -15.75
C GLY M 160 46.27 -64.56 -14.69
N LEU M 161 47.35 -63.86 -14.98
CA LEU M 161 48.40 -63.61 -13.99
C LEU M 161 48.28 -62.17 -13.50
N PHE M 162 47.69 -62.00 -12.32
CA PHE M 162 47.48 -60.68 -11.75
C PHE M 162 48.59 -60.36 -10.75
N GLY M 163 49.02 -59.10 -10.74
CA GLY M 163 50.02 -58.60 -9.80
C GLY M 163 50.41 -57.16 -10.07
N GLY M 164 50.82 -56.45 -9.02
CA GLY M 164 51.26 -55.07 -9.16
C GLY M 164 52.70 -54.97 -9.61
N ALA M 165 53.27 -53.77 -9.55
CA ALA M 165 54.63 -53.55 -10.03
C ALA M 165 55.67 -54.35 -9.27
N GLY M 166 56.41 -55.15 -10.01
CA GLY M 166 57.56 -55.87 -9.47
C GLY M 166 57.30 -57.12 -8.65
N VAL M 167 56.09 -57.67 -8.72
CA VAL M 167 55.72 -58.78 -7.83
C VAL M 167 56.02 -60.18 -8.39
N GLY M 168 56.12 -60.31 -9.71
CA GLY M 168 56.58 -61.58 -10.26
C GLY M 168 55.93 -62.15 -11.51
N LYS M 169 55.03 -61.39 -12.14
CA LYS M 169 54.35 -61.82 -13.38
C LYS M 169 55.29 -62.31 -14.46
N THR M 170 56.25 -61.48 -14.84
CA THR M 170 57.11 -61.75 -15.99
C THR M 170 58.11 -62.86 -15.74
N VAL M 171 58.53 -63.02 -14.48
CA VAL M 171 59.29 -64.22 -14.10
C VAL M 171 58.39 -65.47 -14.14
N PHE M 172 57.15 -65.32 -13.71
CA PHE M 172 56.20 -66.41 -13.63
C PHE M 172 55.81 -66.95 -15.00
N ILE M 173 55.47 -66.06 -15.93
CA ILE M 173 55.02 -66.48 -17.25
C ILE M 173 56.19 -67.03 -18.07
N GLN M 174 57.41 -66.60 -17.73
CA GLN M 174 58.60 -67.12 -18.40
C GLN M 174 58.94 -68.53 -17.89
N GLU M 175 58.51 -68.83 -16.67
CA GLU M 175 58.65 -70.16 -16.12
C GLU M 175 57.68 -71.09 -16.81
N LEU M 176 56.41 -70.66 -16.92
CA LEU M 176 55.39 -71.45 -17.59
C LEU M 176 55.84 -71.80 -19.01
N ILE M 177 56.36 -70.82 -19.74
CA ILE M 177 56.98 -71.08 -21.03
C ILE M 177 58.02 -72.17 -20.89
N ASN M 178 58.96 -71.98 -19.96
CA ASN M 178 60.05 -72.92 -19.76
C ASN M 178 59.60 -74.35 -19.42
N ASN M 179 58.43 -74.49 -18.79
CA ASN M 179 57.87 -75.80 -18.46
C ASN M 179 57.01 -76.40 -19.57
N ILE M 180 56.04 -75.62 -20.06
CA ILE M 180 55.02 -76.11 -20.99
C ILE M 180 55.45 -76.09 -22.46
N ALA M 181 55.86 -74.93 -22.95
CA ALA M 181 56.13 -74.70 -24.38
C ALA M 181 56.91 -75.82 -25.06
N LYS M 182 58.10 -76.11 -24.54
CA LYS M 182 58.99 -77.12 -25.12
C LYS M 182 58.34 -78.49 -25.30
N ALA M 183 57.66 -78.95 -24.25
CA ALA M 183 57.07 -80.29 -24.24
C ALA M 183 55.63 -80.31 -24.73
N HIS M 184 55.26 -79.31 -25.52
CA HIS M 184 53.87 -79.18 -25.96
C HIS M 184 53.62 -79.68 -27.37
N GLY M 185 52.48 -80.35 -27.55
CA GLY M 185 52.05 -80.90 -28.83
C GLY M 185 52.06 -79.89 -29.97
N GLY M 186 51.26 -78.84 -29.82
CA GLY M 186 51.14 -77.80 -30.84
C GLY M 186 52.21 -76.73 -30.79
N PHE M 187 52.02 -75.69 -31.59
CA PHE M 187 52.91 -74.53 -31.62
C PHE M 187 52.52 -73.53 -30.52
N SER M 188 53.43 -72.62 -30.20
CA SER M 188 53.13 -71.55 -29.28
C SER M 188 53.30 -70.20 -29.95
N VAL M 189 52.60 -69.19 -29.42
CA VAL M 189 52.73 -67.81 -29.88
C VAL M 189 52.93 -66.92 -28.67
N PHE M 190 53.96 -66.09 -28.71
CA PHE M 190 54.22 -65.13 -27.64
C PHE M 190 54.11 -63.68 -28.10
N THR M 191 53.03 -63.03 -27.70
CA THR M 191 52.84 -61.62 -27.97
C THR M 191 53.27 -60.83 -26.75
N GLY M 192 54.24 -59.94 -26.95
CA GLY M 192 54.70 -59.04 -25.90
C GLY M 192 54.10 -57.65 -26.09
N VAL M 193 53.09 -57.33 -25.27
CA VAL M 193 52.34 -56.09 -25.44
C VAL M 193 52.72 -55.04 -24.40
N GLY M 194 53.41 -54.00 -24.87
CA GLY M 194 53.66 -52.81 -24.07
C GLY M 194 54.54 -52.99 -22.85
N GLU M 195 55.17 -54.15 -22.71
CA GLU M 195 56.13 -54.28 -21.63
C GLU M 195 57.56 -54.02 -22.13
N ARG M 196 58.55 -54.26 -21.29
CA ARG M 196 59.91 -53.81 -21.56
C ARG M 196 60.53 -54.50 -22.78
N THR M 197 61.30 -53.75 -23.57
CA THR M 197 61.95 -54.29 -24.77
C THR M 197 63.05 -55.28 -24.41
N ARG M 198 63.88 -54.89 -23.45
CA ARG M 198 65.03 -55.68 -23.05
C ARG M 198 64.61 -57.04 -22.49
N GLU M 199 63.31 -57.23 -22.32
CA GLU M 199 62.74 -58.47 -21.80
C GLU M 199 62.43 -59.46 -22.91
N GLY M 200 62.14 -58.93 -24.10
CA GLY M 200 61.93 -59.74 -25.29
C GLY M 200 63.28 -60.21 -25.78
N ASN M 201 64.29 -59.36 -25.61
CA ASN M 201 65.67 -59.73 -25.85
C ASN M 201 66.08 -60.87 -24.92
N ASP M 202 65.74 -60.73 -23.64
CA ASP M 202 65.94 -61.79 -22.66
C ASP M 202 65.25 -63.07 -23.12
N LEU M 203 64.01 -62.95 -23.58
CA LEU M 203 63.22 -64.11 -23.96
C LEU M 203 63.76 -64.78 -25.23
N TYR M 204 64.05 -63.98 -26.24
CA TYR M 204 64.67 -64.48 -27.47
C TYR M 204 65.98 -65.24 -27.17
N ARG M 205 66.87 -64.63 -26.36
CA ARG M 205 68.07 -65.33 -25.89
C ARG M 205 67.71 -66.64 -25.20
N GLU M 206 66.75 -66.57 -24.28
CA GLU M 206 66.34 -67.75 -23.56
C GLU M 206 65.78 -68.85 -24.48
N MET M 207 64.86 -68.48 -25.39
CA MET M 207 64.25 -69.41 -26.34
C MET M 207 65.30 -70.24 -27.09
N LYS M 208 66.30 -69.54 -27.64
CA LYS M 208 67.38 -70.17 -28.38
C LYS M 208 68.08 -71.24 -27.55
N GLU M 209 68.49 -70.87 -26.34
CA GLU M 209 69.17 -71.78 -25.42
C GLU M 209 68.24 -72.85 -24.81
N THR M 210 67.04 -73.00 -25.36
CA THR M 210 66.11 -74.04 -24.90
C THR M 210 65.63 -74.89 -26.09
N GLY M 211 66.04 -74.48 -27.29
CA GLY M 211 65.73 -75.20 -28.51
C GLY M 211 64.49 -74.67 -29.22
N VAL M 212 63.55 -74.15 -28.42
CA VAL M 212 62.21 -73.78 -28.90
C VAL M 212 62.21 -72.91 -30.16
N ILE M 213 63.26 -72.11 -30.33
CA ILE M 213 63.52 -71.44 -31.60
C ILE M 213 64.88 -71.86 -32.10
N ASN M 214 64.90 -72.36 -33.33
CA ASN M 214 66.12 -72.80 -33.97
C ASN M 214 66.39 -72.02 -35.26
N LEU M 215 67.42 -71.19 -35.25
CA LEU M 215 67.76 -70.32 -36.37
C LEU M 215 68.16 -71.11 -37.62
N GLU M 216 68.70 -72.31 -37.40
CA GLU M 216 69.11 -73.20 -38.49
C GLU M 216 68.38 -74.56 -38.41
N GLY M 217 67.05 -74.52 -38.49
CA GLY M 217 66.25 -75.75 -38.36
C GLY M 217 64.76 -75.58 -38.03
N GLU M 218 64.34 -76.07 -36.87
CA GLU M 218 62.91 -76.22 -36.55
C GLU M 218 62.43 -75.41 -35.33
N SER M 219 61.65 -74.37 -35.58
CA SER M 219 61.20 -73.49 -34.50
C SER M 219 59.73 -73.72 -34.17
N LYS M 220 59.46 -73.89 -32.87
CA LYS M 220 58.14 -74.27 -32.38
C LYS M 220 57.29 -73.07 -31.95
N VAL M 221 57.89 -71.88 -31.92
CA VAL M 221 57.18 -70.70 -31.46
C VAL M 221 57.30 -69.54 -32.47
N ALA M 222 56.34 -68.61 -32.42
CA ALA M 222 56.40 -67.38 -33.19
C ALA M 222 56.37 -66.20 -32.23
N LEU M 223 57.15 -65.17 -32.55
CA LEU M 223 57.27 -64.03 -31.66
C LEU M 223 56.72 -62.77 -32.28
N VAL M 224 55.82 -62.10 -31.56
CA VAL M 224 55.28 -60.80 -31.97
C VAL M 224 55.49 -59.80 -30.85
N PHE M 225 56.00 -58.61 -31.19
CA PHE M 225 56.29 -57.57 -30.19
C PHE M 225 55.73 -56.18 -30.50
N GLY M 226 55.30 -55.49 -29.44
CA GLY M 226 54.95 -54.09 -29.49
C GLY M 226 55.14 -53.60 -28.08
N GLN M 227 56.28 -52.98 -27.83
CA GLN M 227 56.69 -52.66 -26.46
C GLN M 227 56.50 -51.18 -26.11
N MET M 228 56.81 -50.83 -24.86
CA MET M 228 56.48 -49.49 -24.33
C MET M 228 57.23 -48.33 -25.00
N ASN M 229 57.93 -48.63 -26.08
CA ASN M 229 58.49 -47.61 -26.94
C ASN M 229 57.51 -47.20 -28.05
N GLU M 230 56.63 -48.12 -28.43
CA GLU M 230 55.70 -47.91 -29.55
C GLU M 230 54.58 -46.94 -29.18
N PRO M 231 54.12 -46.13 -30.16
CA PRO M 231 53.01 -45.22 -29.87
C PRO M 231 51.69 -45.97 -29.60
N PRO M 232 50.69 -45.30 -29.03
CA PRO M 232 49.44 -45.96 -28.64
C PRO M 232 48.79 -46.84 -29.74
N GLY M 233 48.82 -46.40 -30.98
CA GLY M 233 48.18 -47.15 -32.05
C GLY M 233 48.80 -48.52 -32.21
N ALA M 234 50.12 -48.58 -32.13
CA ALA M 234 50.83 -49.83 -32.24
C ALA M 234 50.53 -50.70 -31.01
N ARG M 235 50.67 -50.11 -29.83
CA ARG M 235 50.46 -50.83 -28.58
C ARG M 235 49.02 -51.27 -28.40
N ALA M 236 48.09 -50.60 -29.09
CA ALA M 236 46.67 -50.94 -29.03
C ALA M 236 46.35 -52.23 -29.80
N ARG M 237 47.05 -52.46 -30.90
CA ARG M 237 46.69 -53.52 -31.82
C ARG M 237 47.59 -54.76 -31.76
N VAL M 238 48.81 -54.62 -31.22
CA VAL M 238 49.81 -55.68 -31.31
C VAL M 238 49.34 -57.04 -30.77
N ALA M 239 48.46 -57.01 -29.76
CA ALA M 239 47.86 -58.23 -29.22
C ALA M 239 47.00 -58.93 -30.28
N LEU M 240 46.34 -58.16 -31.14
CA LEU M 240 45.55 -58.72 -32.23
C LEU M 240 46.42 -59.44 -33.26
N THR M 241 47.57 -58.86 -33.57
CA THR M 241 48.52 -59.47 -34.50
C THR M 241 48.91 -60.83 -33.98
N GLY M 242 49.24 -60.89 -32.69
CA GLY M 242 49.55 -62.17 -32.03
C GLY M 242 48.38 -63.12 -31.97
N LEU M 243 47.19 -62.59 -31.70
CA LEU M 243 45.98 -63.40 -31.69
C LEU M 243 45.71 -64.04 -33.06
N THR M 244 45.74 -63.22 -34.12
CA THR M 244 45.56 -63.65 -35.50
C THR M 244 46.44 -64.83 -35.87
N ILE M 245 47.74 -64.76 -35.55
CA ILE M 245 48.66 -65.87 -35.81
C ILE M 245 48.17 -67.16 -35.17
N ALA M 246 47.91 -67.11 -33.86
CA ALA M 246 47.37 -68.24 -33.13
C ALA M 246 46.07 -68.72 -33.77
N GLU M 247 45.22 -67.77 -34.15
CA GLU M 247 43.92 -68.07 -34.75
C GLU M 247 44.03 -68.99 -35.96
N TYR M 248 44.98 -68.70 -36.85
CA TYR M 248 45.18 -69.50 -38.05
C TYR M 248 45.67 -70.90 -37.68
N PHE M 249 46.61 -70.98 -36.75
CA PHE M 249 47.12 -72.27 -36.31
C PHE M 249 46.01 -73.12 -35.72
N ARG M 250 45.03 -72.47 -35.10
CA ARG M 250 43.88 -73.15 -34.53
C ARG M 250 42.89 -73.61 -35.60
N ASP M 251 42.69 -72.77 -36.61
CA ASP M 251 41.60 -73.00 -37.58
C ASP M 251 42.04 -73.67 -38.88
N GLU M 252 43.31 -73.56 -39.24
CA GLU M 252 43.79 -74.09 -40.53
C GLU M 252 44.61 -75.36 -40.37
N GLU M 253 45.67 -75.27 -39.58
CA GLU M 253 46.48 -76.43 -39.19
C GLU M 253 45.77 -77.17 -38.04
N GLY M 254 44.65 -76.61 -37.60
CA GLY M 254 43.83 -77.19 -36.54
C GLY M 254 44.58 -77.74 -35.35
N GLN M 255 45.63 -77.06 -34.90
CA GLN M 255 46.42 -77.56 -33.79
C GLN M 255 46.02 -76.97 -32.43
N ASP M 256 46.69 -77.42 -31.37
CA ASP M 256 46.51 -76.92 -30.00
C ASP M 256 47.46 -75.77 -29.72
N VAL M 257 46.93 -74.55 -29.66
CA VAL M 257 47.79 -73.37 -29.61
C VAL M 257 47.99 -72.84 -28.19
N LEU M 258 49.22 -72.38 -27.92
CA LEU M 258 49.50 -71.67 -26.69
C LEU M 258 49.75 -70.21 -27.05
N LEU M 259 49.04 -69.32 -26.36
CA LEU M 259 49.18 -67.90 -26.61
C LEU M 259 49.58 -67.20 -25.32
N PHE M 260 50.87 -66.92 -25.20
CA PHE M 260 51.37 -66.21 -24.02
C PHE M 260 51.29 -64.72 -24.28
N ILE M 261 50.67 -63.97 -23.36
CA ILE M 261 50.58 -62.53 -23.50
C ILE M 261 51.09 -61.82 -22.27
N ASP M 262 51.99 -60.87 -22.49
CA ASP M 262 52.61 -60.09 -21.44
C ASP M 262 52.86 -58.70 -22.00
N ASN M 263 52.12 -57.68 -21.56
CA ASN M 263 51.12 -57.77 -20.49
C ASN M 263 49.75 -57.33 -21.05
N ILE M 264 48.67 -58.03 -20.72
CA ILE M 264 47.37 -57.76 -21.36
C ILE M 264 46.82 -56.38 -20.97
N PHE M 265 47.14 -55.96 -19.76
CA PHE M 265 46.73 -54.66 -19.26
C PHE M 265 47.12 -53.51 -20.19
N ARG M 266 48.33 -53.59 -20.74
CA ARG M 266 48.87 -52.63 -21.70
C ARG M 266 47.97 -52.47 -22.94
N PHE M 267 47.25 -53.53 -23.33
CA PHE M 267 46.22 -53.46 -24.38
C PHE M 267 45.11 -52.45 -24.07
N THR M 268 44.57 -52.52 -22.86
CA THR M 268 43.51 -51.62 -22.47
C THR M 268 44.06 -50.22 -22.27
N GLN M 269 45.23 -50.12 -21.64
CA GLN M 269 45.89 -48.82 -21.36
C GLN M 269 46.12 -47.96 -22.60
N ALA M 270 46.55 -48.60 -23.68
CA ALA M 270 46.84 -47.94 -24.95
C ALA M 270 45.55 -47.48 -25.61
N GLY M 271 44.50 -48.28 -25.44
CA GLY M 271 43.15 -47.93 -25.88
C GLY M 271 42.75 -46.64 -25.21
N SER M 272 43.01 -46.58 -23.90
CA SER M 272 42.78 -45.38 -23.11
C SER M 272 43.49 -44.15 -23.67
N GLU M 273 44.70 -44.34 -24.16
CA GLU M 273 45.50 -43.23 -24.68
C GLU M 273 44.96 -42.65 -26.00
N VAL M 274 44.38 -43.49 -26.84
CA VAL M 274 43.77 -43.02 -28.08
C VAL M 274 42.37 -42.50 -27.84
N SER M 275 41.62 -43.17 -26.96
CA SER M 275 40.23 -42.81 -26.65
C SER M 275 40.06 -41.34 -26.29
N ALA M 276 41.04 -40.78 -25.59
CA ALA M 276 41.03 -39.35 -25.28
C ALA M 276 41.05 -38.54 -26.60
N LEU M 277 42.08 -38.81 -27.40
CA LEU M 277 42.35 -38.08 -28.64
C LEU M 277 41.46 -38.47 -29.82
N LEU M 278 40.54 -39.41 -29.60
CA LEU M 278 39.48 -39.65 -30.54
C LEU M 278 38.23 -38.87 -30.10
N GLY M 279 38.40 -38.01 -29.10
CA GLY M 279 37.30 -37.20 -28.56
C GLY M 279 36.18 -38.00 -27.90
N ARG M 280 36.56 -38.90 -26.99
CA ARG M 280 35.61 -39.66 -26.20
C ARG M 280 35.57 -39.17 -24.76
N ILE M 281 34.39 -38.73 -24.32
CA ILE M 281 34.16 -38.39 -22.91
C ILE M 281 34.64 -39.55 -22.05
N PRO M 282 35.63 -39.31 -21.17
CA PRO M 282 36.22 -40.42 -20.41
C PRO M 282 35.26 -41.08 -19.42
N SER M 283 35.41 -42.40 -19.30
CA SER M 283 34.66 -43.26 -18.39
C SER M 283 35.34 -43.25 -17.01
N ALA M 284 34.72 -43.89 -16.02
CA ALA M 284 35.27 -43.91 -14.65
C ALA M 284 36.78 -44.22 -14.62
N VAL M 285 37.47 -43.58 -13.68
CA VAL M 285 38.93 -43.76 -13.47
C VAL M 285 39.82 -43.35 -14.66
N GLY M 286 39.19 -42.81 -15.70
CA GLY M 286 39.93 -42.21 -16.81
C GLY M 286 40.02 -43.06 -18.05
N TYR M 287 39.49 -44.29 -17.98
CA TYR M 287 39.47 -45.21 -19.11
C TYR M 287 38.45 -44.82 -20.17
N GLN M 288 38.63 -45.36 -21.37
CA GLN M 288 37.66 -45.27 -22.44
C GLN M 288 36.26 -45.75 -21.99
N PRO M 289 35.18 -45.17 -22.55
CA PRO M 289 33.85 -45.74 -22.39
C PRO M 289 33.73 -47.14 -23.00
N THR M 290 34.52 -47.40 -24.04
CA THR M 290 34.46 -48.66 -24.78
C THR M 290 35.22 -49.84 -24.13
N LEU M 291 35.59 -49.72 -22.86
CA LEU M 291 36.51 -50.67 -22.21
C LEU M 291 36.07 -52.13 -22.32
N ALA M 292 34.92 -52.44 -21.73
CA ALA M 292 34.37 -53.81 -21.69
C ALA M 292 34.16 -54.46 -23.06
N THR M 293 33.61 -53.71 -24.03
CA THR M 293 33.51 -54.21 -25.41
C THR M 293 34.88 -54.44 -26.04
N ASP M 294 35.82 -53.50 -25.87
CA ASP M 294 37.19 -53.66 -26.38
C ASP M 294 37.76 -54.98 -25.91
N MET M 295 37.76 -55.17 -24.59
CA MET M 295 38.32 -56.35 -23.92
C MET M 295 37.55 -57.58 -24.38
N GLY M 296 36.23 -57.52 -24.30
CA GLY M 296 35.37 -58.59 -24.81
C GLY M 296 35.76 -59.02 -26.21
N LEU M 297 35.88 -58.05 -27.10
CA LEU M 297 36.22 -58.30 -28.51
C LEU M 297 37.49 -59.11 -28.74
N LEU M 298 38.44 -59.01 -27.83
CA LEU M 298 39.70 -59.75 -27.96
C LEU M 298 39.62 -61.10 -27.25
N GLN M 299 39.16 -61.10 -26.00
CA GLN M 299 39.13 -62.33 -25.19
C GLN M 299 38.28 -63.44 -25.82
N GLU M 300 37.24 -63.04 -26.55
CA GLU M 300 36.33 -63.98 -27.17
C GLU M 300 36.93 -64.59 -28.44
N ARG M 301 37.95 -63.94 -29.00
CA ARG M 301 38.61 -64.48 -30.17
C ARG M 301 39.55 -65.59 -29.74
N ILE M 302 40.19 -65.40 -28.58
CA ILE M 302 40.92 -66.46 -27.87
C ILE M 302 39.90 -67.42 -27.26
N THR M 303 39.51 -68.41 -28.04
CA THR M 303 38.51 -69.36 -27.58
C THR M 303 38.73 -70.73 -28.19
N THR M 304 38.14 -71.74 -27.55
CA THR M 304 38.29 -73.14 -27.98
C THR M 304 37.09 -73.63 -28.79
N THR M 305 37.34 -73.85 -30.07
CA THR M 305 36.31 -74.19 -31.02
C THR M 305 36.31 -75.69 -31.31
N LYS M 306 35.49 -76.10 -32.27
CA LYS M 306 35.48 -77.48 -32.75
C LYS M 306 36.74 -77.76 -33.57
N LYS M 307 37.24 -76.74 -34.28
CA LYS M 307 38.36 -76.93 -35.23
C LYS M 307 39.74 -77.07 -34.58
N GLY M 308 39.80 -76.80 -33.28
CA GLY M 308 41.06 -76.79 -32.55
C GLY M 308 40.89 -76.04 -31.24
N SER M 309 42.01 -75.75 -30.57
CA SER M 309 41.96 -75.10 -29.28
C SER M 309 43.13 -74.17 -29.02
N VAL M 310 42.83 -73.03 -28.39
CA VAL M 310 43.86 -72.09 -27.97
C VAL M 310 43.83 -72.00 -26.45
N THR M 311 44.95 -72.29 -25.81
CA THR M 311 45.14 -71.99 -24.40
C THR M 311 45.99 -70.73 -24.32
N SER M 312 45.53 -69.72 -23.57
CA SER M 312 46.32 -68.50 -23.43
C SER M 312 46.53 -68.11 -21.98
N VAL M 313 47.77 -67.79 -21.64
CA VAL M 313 48.11 -67.36 -20.31
C VAL M 313 48.49 -65.90 -20.39
N GLN M 314 47.74 -65.05 -19.71
CA GLN M 314 47.94 -63.60 -19.82
C GLN M 314 48.47 -62.99 -18.52
N ALA M 315 49.61 -62.32 -18.62
CA ALA M 315 50.06 -61.47 -17.55
C ALA M 315 49.08 -60.30 -17.54
N VAL M 316 48.62 -59.93 -16.35
CA VAL M 316 47.73 -58.77 -16.19
C VAL M 316 48.29 -57.84 -15.11
N TYR M 317 48.62 -56.61 -15.49
CA TYR M 317 49.21 -55.66 -14.55
C TYR M 317 48.16 -54.93 -13.72
N VAL M 318 48.42 -54.81 -12.43
CA VAL M 318 47.50 -54.16 -11.50
C VAL M 318 48.03 -52.79 -11.07
N PRO M 319 47.43 -51.70 -11.57
CA PRO M 319 47.85 -50.35 -11.17
C PRO M 319 47.61 -50.07 -9.69
N ALA M 320 48.58 -49.40 -9.06
CA ALA M 320 48.53 -49.04 -7.65
C ALA M 320 48.06 -50.19 -6.75
N ASP M 321 48.37 -51.42 -7.15
CA ASP M 321 47.97 -52.64 -6.40
C ASP M 321 46.45 -52.74 -6.22
N ASP M 322 45.69 -52.00 -7.03
CA ASP M 322 44.23 -51.93 -6.92
C ASP M 322 43.48 -52.88 -7.85
N LEU M 323 43.24 -54.10 -7.38
CA LEU M 323 42.49 -55.11 -8.11
C LEU M 323 41.07 -54.67 -8.46
N THR M 324 40.70 -53.46 -8.05
CA THR M 324 39.34 -52.95 -8.31
C THR M 324 39.38 -51.90 -9.41
N ASP M 325 40.58 -51.63 -9.94
CA ASP M 325 40.71 -50.79 -11.11
C ASP M 325 39.94 -51.41 -12.27
N PRO M 326 39.32 -50.60 -13.14
CA PRO M 326 38.52 -51.20 -14.21
C PRO M 326 39.27 -52.23 -15.07
N ALA M 327 40.44 -51.87 -15.59
CA ALA M 327 41.20 -52.75 -16.48
C ALA M 327 41.29 -54.21 -15.99
N PRO M 328 41.88 -54.45 -14.80
CA PRO M 328 41.87 -55.84 -14.34
C PRO M 328 40.45 -56.37 -14.04
N ALA M 329 39.67 -55.62 -13.26
CA ALA M 329 38.30 -55.99 -12.96
C ALA M 329 37.57 -56.53 -14.19
N THR M 330 37.73 -55.83 -15.31
CA THR M 330 37.06 -56.18 -16.57
C THR M 330 37.59 -57.50 -17.14
N THR M 331 38.89 -57.73 -16.95
CA THR M 331 39.55 -58.95 -17.43
C THR M 331 38.99 -60.21 -16.74
N PHE M 332 38.68 -60.08 -15.46
CA PHE M 332 38.23 -61.23 -14.66
C PHE M 332 37.14 -62.10 -15.26
N ALA M 333 36.09 -61.46 -15.82
CA ALA M 333 34.95 -62.19 -16.39
C ALA M 333 35.31 -63.10 -17.56
N HIS M 334 36.55 -62.99 -18.01
CA HIS M 334 37.04 -63.73 -19.17
C HIS M 334 37.93 -64.92 -18.86
N LEU M 335 38.19 -65.16 -17.57
CA LEU M 335 39.23 -66.10 -17.16
C LEU M 335 38.73 -67.40 -16.58
N ASP M 336 39.45 -68.48 -16.85
CA ASP M 336 39.11 -69.79 -16.34
C ASP M 336 39.87 -70.10 -15.06
N ALA M 337 41.00 -69.42 -14.90
CA ALA M 337 41.81 -69.51 -13.69
C ALA M 337 42.62 -68.24 -13.51
N THR M 338 42.66 -67.77 -12.27
CA THR M 338 43.43 -66.58 -11.92
C THR M 338 44.54 -66.92 -10.93
N THR M 339 45.75 -66.45 -11.21
CA THR M 339 46.86 -66.58 -10.29
C THR M 339 47.09 -65.20 -9.73
N VAL M 340 46.84 -65.01 -8.44
CA VAL M 340 46.90 -63.65 -7.86
C VAL M 340 48.16 -63.40 -7.01
N LEU M 341 49.12 -62.69 -7.60
CA LEU M 341 50.36 -62.38 -6.90
C LEU M 341 50.16 -61.18 -5.98
N SER M 342 50.51 -61.37 -4.71
CA SER M 342 50.39 -60.33 -3.70
C SER M 342 51.75 -59.75 -3.34
N ARG M 343 51.77 -58.47 -2.97
CA ARG M 343 53.01 -57.82 -2.53
C ARG M 343 53.41 -58.29 -1.13
N GLY M 344 52.44 -58.33 -0.22
CA GLY M 344 52.66 -58.76 1.15
C GLY M 344 53.24 -60.16 1.25
N ILE M 345 52.87 -61.01 0.29
CA ILE M 345 53.40 -62.35 0.18
C ILE M 345 54.82 -62.30 -0.39
N SER M 346 55.03 -61.38 -1.34
CA SER M 346 56.33 -61.19 -1.98
C SER M 346 57.30 -60.57 -0.99
N GLU M 347 56.80 -59.63 -0.19
CA GLU M 347 57.58 -58.98 0.87
C GLU M 347 57.90 -59.95 2.00
N LEU M 348 56.98 -60.89 2.26
CA LEU M 348 57.24 -61.97 3.21
C LEU M 348 58.33 -62.91 2.74
N GLY M 349 58.74 -62.79 1.48
CA GLY M 349 59.83 -63.59 0.92
C GLY M 349 59.43 -64.86 0.19
N ILE M 350 58.13 -65.11 0.11
CA ILE M 350 57.61 -66.31 -0.58
C ILE M 350 57.64 -66.09 -2.10
N TYR M 351 58.12 -67.10 -2.81
CA TYR M 351 58.11 -67.07 -4.28
C TYR M 351 57.84 -68.47 -4.82
N PRO M 352 56.84 -68.60 -5.72
CA PRO M 352 55.99 -67.56 -6.30
C PRO M 352 55.20 -66.80 -5.24
N ALA M 353 54.86 -65.56 -5.55
CA ALA M 353 54.22 -64.66 -4.59
C ALA M 353 52.70 -64.79 -4.59
N VAL M 354 52.23 -65.99 -4.86
CA VAL M 354 50.80 -66.25 -5.11
C VAL M 354 49.96 -66.21 -3.83
N ASP M 355 48.84 -65.49 -3.91
CA ASP M 355 47.84 -65.42 -2.84
C ASP M 355 46.92 -66.63 -2.98
N PRO M 356 47.04 -67.60 -2.04
CA PRO M 356 46.42 -68.92 -2.18
C PRO M 356 44.90 -68.94 -1.97
N LEU M 357 44.34 -67.85 -1.47
CA LEU M 357 42.89 -67.73 -1.31
C LEU M 357 42.28 -66.78 -2.33
N ASP M 358 43.11 -66.08 -3.10
CA ASP M 358 42.60 -65.16 -4.10
C ASP M 358 42.78 -65.75 -5.50
N SER M 359 43.53 -66.85 -5.59
CA SER M 359 43.70 -67.54 -6.85
C SER M 359 42.59 -68.57 -7.03
N LYS M 360 41.66 -68.31 -7.95
CA LYS M 360 40.54 -69.22 -8.17
C LYS M 360 40.63 -69.99 -9.50
N SER M 361 40.00 -71.16 -9.55
CA SER M 361 40.02 -72.00 -10.75
C SER M 361 38.70 -72.75 -10.93
N ARG M 362 38.16 -72.69 -12.15
CA ARG M 362 37.05 -73.54 -12.58
C ARG M 362 37.28 -75.01 -12.23
N LEU M 363 38.45 -75.52 -12.62
CA LEU M 363 38.77 -76.94 -12.47
C LEU M 363 38.99 -77.39 -11.01
N LEU M 364 38.64 -76.53 -10.04
CA LEU M 364 38.57 -76.94 -8.65
C LEU M 364 37.15 -77.43 -8.36
N ASP M 365 36.92 -78.66 -8.81
CA ASP M 365 35.62 -79.29 -8.87
C ASP M 365 35.91 -80.78 -8.67
N ALA M 366 35.25 -81.37 -7.69
CA ALA M 366 35.35 -82.80 -7.44
C ALA M 366 35.46 -83.56 -8.75
N ALA M 367 34.56 -83.24 -9.68
CA ALA M 367 34.43 -83.89 -10.99
C ALA M 367 35.70 -83.88 -11.85
N VAL M 368 36.42 -82.76 -11.84
CA VAL M 368 37.55 -82.57 -12.76
C VAL M 368 38.85 -83.19 -12.25
N VAL M 369 39.10 -83.04 -10.95
CA VAL M 369 40.40 -83.41 -10.38
C VAL M 369 40.37 -84.56 -9.38
N GLY M 370 39.23 -85.25 -9.28
CA GLY M 370 39.07 -86.32 -8.31
C GLY M 370 38.78 -85.79 -6.91
N GLN M 371 37.95 -86.52 -6.16
CA GLN M 371 37.43 -86.07 -4.86
C GLN M 371 38.51 -85.73 -3.83
N GLU M 372 39.46 -86.66 -3.64
CA GLU M 372 40.53 -86.48 -2.67
C GLU M 372 41.35 -85.20 -2.91
N HIS M 373 41.64 -84.93 -4.19
CA HIS M 373 42.34 -83.73 -4.62
C HIS M 373 41.59 -82.48 -4.17
N TYR M 374 40.30 -82.44 -4.48
CA TYR M 374 39.43 -81.33 -4.12
C TYR M 374 39.39 -81.09 -2.60
N ASP M 375 39.23 -82.17 -1.84
CA ASP M 375 39.16 -82.11 -0.36
C ASP M 375 40.42 -81.54 0.29
N VAL M 376 41.58 -81.97 -0.19
CA VAL M 376 42.88 -81.49 0.29
C VAL M 376 42.98 -79.96 0.12
N ALA M 377 42.53 -79.48 -1.04
CA ALA M 377 42.57 -78.07 -1.39
C ALA M 377 41.63 -77.22 -0.53
N SER M 378 40.41 -77.72 -0.30
CA SER M 378 39.40 -77.02 0.50
C SER M 378 39.81 -76.80 1.95
N LYS M 379 40.39 -77.83 2.59
CA LYS M 379 40.89 -77.72 3.97
C LYS M 379 42.12 -76.83 4.05
N VAL M 380 43.02 -76.97 3.06
CA VAL M 380 44.13 -76.05 2.93
C VAL M 380 43.57 -74.63 2.95
N GLN M 381 42.50 -74.42 2.18
CA GLN M 381 41.78 -73.13 2.14
C GLN M 381 41.14 -72.71 3.48
N GLU M 382 40.77 -73.69 4.29
CA GLU M 382 40.09 -73.45 5.58
C GLU M 382 41.03 -73.20 6.76
N THR M 383 42.16 -73.91 6.79
CA THR M 383 43.19 -73.71 7.82
C THR M 383 43.77 -72.31 7.68
N LEU M 384 44.17 -72.00 6.45
CA LEU M 384 44.70 -70.69 6.10
C LEU M 384 43.67 -69.60 6.42
N GLN M 385 42.41 -69.88 6.09
CA GLN M 385 41.33 -68.92 6.27
C GLN M 385 41.11 -68.55 7.75
N THR M 386 41.05 -69.56 8.62
CA THR M 386 40.85 -69.33 10.06
C THR M 386 42.06 -68.62 10.67
N TYR M 387 43.22 -68.84 10.05
CA TYR M 387 44.46 -68.16 10.40
C TYR M 387 44.37 -66.65 10.13
N LYS M 388 43.58 -66.24 9.15
CA LYS M 388 43.37 -64.83 8.84
C LYS M 388 42.39 -64.14 9.81
N SER M 389 41.52 -64.91 10.45
CA SER M 389 40.58 -64.38 11.45
C SER M 389 41.26 -64.10 12.78
N LEU M 390 42.26 -64.92 13.11
CA LEU M 390 42.89 -64.92 14.43
C LEU M 390 44.23 -64.18 14.48
N GLN M 391 44.61 -63.56 13.36
CA GLN M 391 45.84 -62.76 13.29
C GLN M 391 45.65 -61.37 13.87
N ASP M 392 44.41 -61.04 14.20
CA ASP M 392 44.06 -59.76 14.83
C ASP M 392 43.92 -59.94 16.35
N ILE M 393 44.23 -61.15 16.81
CA ILE M 393 44.29 -61.50 18.23
C ILE M 393 45.70 -62.02 18.59
N ILE M 394 46.30 -62.80 17.69
CA ILE M 394 47.70 -63.23 17.80
C ILE M 394 48.66 -62.02 17.82
N ALA M 395 48.20 -60.90 17.25
CA ALA M 395 48.96 -59.65 17.25
C ALA M 395 48.97 -58.96 18.63
N ILE M 396 47.78 -58.80 19.22
CA ILE M 396 47.64 -58.09 20.49
C ILE M 396 47.82 -59.03 21.70
N LEU M 397 46.92 -60.01 21.83
CA LEU M 397 46.92 -60.94 22.96
C LEU M 397 48.07 -61.93 22.89
N GLY M 398 48.29 -62.50 21.71
CA GLY M 398 49.40 -63.42 21.47
C GLY M 398 49.00 -64.88 21.49
N MET M 399 50.01 -65.75 21.45
CA MET M 399 49.81 -67.19 21.48
C MET M 399 49.34 -67.69 22.85
N ASP M 400 49.54 -66.85 23.87
CA ASP M 400 49.14 -67.17 25.24
C ASP M 400 47.63 -67.09 25.47
N GLU M 401 46.92 -66.44 24.55
CA GLU M 401 45.46 -66.34 24.62
C GLU M 401 44.79 -66.94 23.38
N LEU M 402 44.68 -68.27 23.37
CA LEU M 402 43.92 -69.01 22.34
C LEU M 402 43.29 -70.28 22.93
N SER M 403 42.31 -70.83 22.21
CA SER M 403 41.79 -72.15 22.52
C SER M 403 42.82 -73.22 22.14
N GLU M 404 42.88 -74.29 22.92
CA GLU M 404 43.88 -75.35 22.73
C GLU M 404 43.78 -76.05 21.37
N GLN M 405 42.57 -76.09 20.82
CA GLN M 405 42.34 -76.65 19.49
C GLN M 405 42.75 -75.67 18.39
N ASP M 406 42.59 -74.37 18.67
CA ASP M 406 42.95 -73.32 17.72
C ASP M 406 44.46 -73.03 17.68
N LYS M 407 45.14 -73.30 18.80
CA LYS M 407 46.60 -73.28 18.84
C LYS M 407 47.14 -74.37 17.91
N LEU M 408 46.42 -75.50 17.89
CA LEU M 408 46.72 -76.63 17.03
C LEU M 408 46.31 -76.35 15.57
N THR M 409 45.46 -75.34 15.37
CA THR M 409 44.97 -74.93 14.03
C THR M 409 45.85 -73.85 13.40
N VAL M 410 46.25 -72.86 14.19
CA VAL M 410 47.15 -71.78 13.75
C VAL M 410 48.56 -72.33 13.43
N GLU M 411 48.95 -73.40 14.13
CA GLU M 411 50.26 -74.07 13.94
C GLU M 411 50.41 -74.74 12.58
N ARG M 412 49.34 -75.37 12.10
CA ARG M 412 49.32 -76.02 10.80
C ARG M 412 49.36 -75.01 9.65
N ALA M 413 48.86 -73.80 9.90
CA ALA M 413 48.77 -72.73 8.91
C ALA M 413 50.13 -72.26 8.37
N ARG M 414 51.00 -71.79 9.26
CA ARG M 414 52.36 -71.35 8.89
C ARG M 414 53.24 -72.48 8.33
N LYS M 415 52.84 -73.73 8.60
CA LYS M 415 53.46 -74.89 7.98
C LYS M 415 52.96 -75.04 6.54
N ILE M 416 51.71 -74.65 6.30
CA ILE M 416 51.10 -74.66 4.95
C ILE M 416 51.51 -73.43 4.12
N GLN M 417 51.55 -72.27 4.77
CA GLN M 417 51.86 -70.99 4.11
C GLN M 417 53.19 -71.02 3.38
N ARG M 418 54.25 -71.42 4.07
CA ARG M 418 55.57 -71.54 3.47
C ARG M 418 55.65 -72.74 2.54
N PHE M 419 54.82 -73.74 2.81
CA PHE M 419 54.81 -74.93 1.97
C PHE M 419 54.33 -74.59 0.56
N LEU M 420 53.75 -73.39 0.41
CA LEU M 420 53.40 -72.85 -0.88
C LEU M 420 54.54 -71.97 -1.42
N SER M 421 55.77 -72.43 -1.20
CA SER M 421 56.97 -71.80 -1.74
C SER M 421 57.60 -72.77 -2.72
N GLN M 422 58.30 -72.22 -3.71
CA GLN M 422 58.98 -73.04 -4.70
C GLN M 422 59.97 -72.21 -5.49
N PRO M 423 61.23 -72.67 -5.57
CA PRO M 423 62.18 -72.00 -6.44
C PRO M 423 61.87 -72.31 -7.90
N PHE M 424 62.10 -71.34 -8.78
CA PHE M 424 61.85 -71.52 -10.22
C PHE M 424 63.13 -71.60 -11.02
N ALA M 425 63.08 -72.39 -12.08
CA ALA M 425 64.17 -72.51 -13.05
C ALA M 425 64.68 -71.13 -13.50
N VAL M 426 63.75 -70.31 -13.99
CA VAL M 426 64.04 -68.97 -14.49
C VAL M 426 64.53 -68.04 -13.37
N ALA M 427 63.95 -68.22 -12.18
CA ALA M 427 64.20 -67.34 -11.04
C ALA M 427 65.49 -67.64 -10.28
N GLU M 428 66.28 -68.59 -10.81
CA GLU M 428 67.52 -69.03 -10.17
C GLU M 428 68.57 -67.92 -10.01
N VAL M 429 68.58 -66.96 -10.92
CA VAL M 429 69.53 -65.84 -10.85
C VAL M 429 69.22 -64.88 -9.69
N PHE M 430 68.06 -65.06 -9.05
CA PHE M 430 67.64 -64.24 -7.91
C PHE M 430 67.73 -64.97 -6.56
N THR M 431 67.64 -66.30 -6.59
CA THR M 431 67.64 -67.10 -5.36
C THR M 431 68.83 -68.04 -5.19
N GLY M 432 69.44 -68.45 -6.30
CA GLY M 432 70.63 -69.33 -6.25
C GLY M 432 70.29 -70.81 -6.11
N ILE M 433 69.39 -71.12 -5.18
CA ILE M 433 68.86 -72.46 -4.96
C ILE M 433 68.30 -73.04 -6.27
N PRO M 434 68.47 -74.37 -6.51
CA PRO M 434 67.85 -75.04 -7.66
C PRO M 434 66.33 -74.87 -7.69
N GLY M 435 65.73 -74.97 -8.88
CA GLY M 435 64.28 -74.80 -9.04
C GLY M 435 63.51 -76.09 -9.22
N LYS M 436 62.85 -76.53 -8.15
CA LYS M 436 62.08 -77.80 -8.13
C LYS M 436 60.87 -77.79 -9.07
N LEU M 437 60.45 -78.99 -9.51
CA LEU M 437 59.38 -79.11 -10.50
C LEU M 437 58.26 -80.05 -10.00
N VAL M 438 57.70 -79.68 -8.85
CA VAL M 438 56.70 -80.46 -8.10
C VAL M 438 55.47 -80.94 -8.89
N ARG M 439 55.12 -82.21 -8.71
CA ARG M 439 54.03 -82.84 -9.45
C ARG M 439 52.73 -82.87 -8.63
N LEU M 440 51.61 -82.99 -9.34
CA LEU M 440 50.29 -82.83 -8.71
C LEU M 440 49.99 -83.89 -7.65
N LYS M 441 50.00 -85.17 -8.01
CA LYS M 441 49.82 -86.22 -7.02
C LYS M 441 50.83 -86.00 -5.89
N ASP M 442 52.09 -85.73 -6.26
CA ASP M 442 53.13 -85.36 -5.31
C ASP M 442 52.58 -84.32 -4.33
N THR M 443 52.12 -83.19 -4.89
CA THR M 443 51.61 -82.03 -4.12
C THR M 443 50.44 -82.37 -3.19
N VAL M 444 49.42 -83.02 -3.74
CA VAL M 444 48.19 -83.31 -3.01
C VAL M 444 48.41 -84.33 -1.88
N ALA M 445 49.18 -85.37 -2.18
CA ALA M 445 49.56 -86.34 -1.16
C ALA M 445 50.47 -85.68 -0.14
N SER M 446 51.34 -84.79 -0.61
CA SER M 446 52.25 -84.04 0.26
C SER M 446 51.51 -83.15 1.24
N PHE M 447 50.50 -82.43 0.75
CA PHE M 447 49.73 -81.49 1.59
C PHE M 447 48.77 -82.18 2.57
N LYS M 448 48.15 -83.28 2.13
CA LYS M 448 47.22 -84.08 2.94
C LYS M 448 47.90 -84.69 4.17
N ALA M 449 49.19 -85.01 4.03
CA ALA M 449 50.01 -85.48 5.14
C ALA M 449 50.09 -84.38 6.18
N VAL M 450 50.43 -83.17 5.72
CA VAL M 450 50.56 -82.01 6.59
C VAL M 450 49.24 -81.68 7.29
N LEU M 451 48.14 -81.81 6.55
CA LEU M 451 46.81 -81.57 7.07
C LEU M 451 46.44 -82.56 8.19
N GLU M 452 46.38 -83.85 7.85
CA GLU M 452 45.98 -84.91 8.78
C GLU M 452 46.75 -84.87 10.10
N GLY M 453 47.96 -84.34 10.04
CA GLY M 453 48.81 -84.16 11.22
C GLY M 453 49.92 -85.18 11.32
N LYS M 454 50.84 -85.15 10.36
CA LYS M 454 51.95 -86.11 10.31
C LYS M 454 53.29 -85.45 10.63
N TYR M 455 53.35 -84.12 10.49
CA TYR M 455 54.57 -83.36 10.72
C TYR M 455 54.31 -82.11 11.58
N ASP M 456 53.60 -82.29 12.68
CA ASP M 456 53.26 -81.20 13.61
C ASP M 456 54.41 -80.79 14.54
N ASN M 457 55.53 -81.52 14.45
CA ASN M 457 56.73 -81.23 15.23
C ASN M 457 58.04 -81.24 14.40
N ILE M 458 57.90 -81.29 13.07
CA ILE M 458 59.02 -81.20 12.13
C ILE M 458 59.28 -79.73 11.75
N PRO M 459 60.56 -79.29 11.75
CA PRO M 459 60.97 -77.87 11.72
C PRO M 459 60.28 -77.02 10.65
N GLU M 460 59.99 -75.77 10.99
CA GLU M 460 59.17 -74.88 10.15
C GLU M 460 59.95 -74.19 9.02
N HIS M 461 61.27 -74.37 8.97
CA HIS M 461 62.08 -73.83 7.87
C HIS M 461 62.50 -74.93 6.88
N ALA M 462 61.75 -76.04 6.90
CA ALA M 462 61.88 -77.09 5.91
C ALA M 462 60.70 -77.05 4.92
N PHE M 463 59.86 -76.03 5.07
CA PHE M 463 58.73 -75.77 4.15
C PHE M 463 59.01 -74.58 3.21
N TYR M 464 60.02 -73.77 3.54
CA TYR M 464 60.43 -72.64 2.70
C TYR M 464 61.34 -73.08 1.55
N MET M 465 61.09 -72.54 0.36
CA MET M 465 61.90 -72.75 -0.85
C MET M 465 62.22 -74.22 -1.15
N VAL M 466 61.21 -75.09 -1.00
CA VAL M 466 61.42 -76.52 -1.17
C VAL M 466 60.61 -77.13 -2.34
N GLY M 467 60.69 -78.45 -2.46
CA GLY M 467 59.90 -79.21 -3.41
C GLY M 467 58.75 -79.91 -2.70
N GLY M 468 58.66 -81.22 -2.88
CA GLY M 468 57.53 -82.02 -2.38
C GLY M 468 57.55 -82.28 -0.88
N ILE M 469 57.17 -83.50 -0.49
CA ILE M 469 57.34 -83.97 0.89
C ILE M 469 58.62 -84.81 0.99
N GLU M 470 59.10 -85.26 -0.18
CA GLU M 470 60.37 -85.95 -0.28
C GLU M 470 61.55 -85.05 0.12
N ASP M 471 61.47 -83.77 -0.27
CA ASP M 471 62.54 -82.81 0.02
C ASP M 471 62.16 -81.83 1.15
N VAL M 472 61.38 -82.31 2.12
CA VAL M 472 61.04 -81.55 3.32
C VAL M 472 61.54 -82.30 4.54
N PRO N 14 -6.11 -21.57 -27.82
CA PRO N 14 -5.26 -22.67 -27.37
C PRO N 14 -3.93 -22.79 -28.15
N ILE N 15 -2.81 -22.66 -27.45
CA ILE N 15 -1.49 -22.60 -28.08
C ILE N 15 -0.96 -23.96 -28.58
N THR N 16 -0.62 -24.02 -29.87
CA THR N 16 -0.06 -25.24 -30.47
C THR N 16 1.44 -25.14 -30.75
N GLY N 17 2.13 -26.27 -30.63
CA GLY N 17 3.58 -26.37 -30.88
C GLY N 17 3.99 -27.66 -31.57
N LYS N 18 5.30 -27.82 -31.75
CA LYS N 18 5.86 -28.96 -32.48
C LYS N 18 7.15 -29.43 -31.80
N VAL N 19 7.21 -30.75 -31.54
CA VAL N 19 8.41 -31.36 -30.96
C VAL N 19 9.54 -31.34 -31.99
N THR N 20 10.67 -30.73 -31.62
CA THR N 20 11.82 -30.70 -32.50
C THR N 20 12.89 -31.68 -32.05
N ALA N 21 12.95 -31.94 -30.74
CA ALA N 21 13.93 -32.87 -30.19
C ALA N 21 13.35 -33.83 -29.16
N VAL N 22 13.84 -35.06 -29.21
CA VAL N 22 13.54 -36.10 -28.23
C VAL N 22 14.89 -36.66 -27.80
N ILE N 23 15.27 -36.33 -26.57
CA ILE N 23 16.56 -36.74 -26.01
C ILE N 23 16.29 -37.39 -24.65
N GLY N 24 15.94 -38.68 -24.66
CA GLY N 24 15.52 -39.37 -23.45
C GLY N 24 14.31 -38.69 -22.84
N ALA N 25 14.40 -38.35 -21.56
CA ALA N 25 13.38 -37.57 -20.87
C ALA N 25 13.34 -36.08 -21.30
N ILE N 26 14.34 -35.65 -22.08
CA ILE N 26 14.41 -34.28 -22.57
C ILE N 26 13.60 -34.14 -23.85
N VAL N 27 12.77 -33.08 -23.92
CA VAL N 27 11.99 -32.78 -25.13
C VAL N 27 12.06 -31.29 -25.46
N ASP N 28 12.45 -30.98 -26.70
CA ASP N 28 12.48 -29.61 -27.19
C ASP N 28 11.26 -29.40 -28.06
N VAL N 29 10.44 -28.41 -27.72
CA VAL N 29 9.21 -28.10 -28.46
C VAL N 29 9.29 -26.67 -28.98
N HIS N 30 9.07 -26.51 -30.28
CA HIS N 30 9.09 -25.20 -30.95
C HIS N 30 7.69 -24.58 -31.04
N PHE N 31 7.63 -23.27 -30.83
CA PHE N 31 6.37 -22.53 -30.87
C PHE N 31 6.43 -21.31 -31.77
N GLU N 32 5.30 -20.62 -31.85
CA GLU N 32 5.22 -19.33 -32.56
C GLU N 32 5.81 -18.20 -31.72
N GLN N 33 6.07 -17.06 -32.37
CA GLN N 33 6.78 -15.95 -31.75
C GLN N 33 5.93 -15.30 -30.65
N SER N 34 6.60 -14.93 -29.55
CA SER N 34 5.96 -14.33 -28.35
C SER N 34 4.68 -15.09 -27.92
N GLU N 35 4.74 -16.40 -28.01
CA GLU N 35 3.62 -17.28 -27.70
C GLU N 35 4.09 -18.37 -26.74
N LEU N 36 5.30 -18.18 -26.19
CA LEU N 36 6.02 -19.23 -25.46
C LEU N 36 5.48 -19.53 -24.07
N PRO N 37 5.26 -20.83 -23.78
CA PRO N 37 4.82 -21.30 -22.46
C PRO N 37 5.91 -21.09 -21.42
N ALA N 38 5.50 -20.60 -20.24
CA ALA N 38 6.41 -20.27 -19.14
C ALA N 38 7.13 -21.50 -18.63
N ILE N 39 8.21 -21.29 -17.89
CA ILE N 39 8.86 -22.39 -17.19
C ILE N 39 7.90 -22.93 -16.11
N LEU N 40 7.91 -24.25 -15.94
CA LEU N 40 7.01 -24.94 -15.02
C LEU N 40 5.58 -25.06 -15.58
N ASN N 41 5.36 -24.66 -16.83
CA ASN N 41 4.07 -24.90 -17.51
C ASN N 41 3.92 -26.37 -17.90
N ALA N 42 2.70 -26.89 -17.82
CA ALA N 42 2.43 -28.24 -18.31
C ALA N 42 2.05 -28.21 -19.80
N LEU N 43 2.59 -29.16 -20.57
CA LEU N 43 2.26 -29.31 -21.99
C LEU N 43 1.83 -30.74 -22.26
N GLU N 44 0.87 -30.91 -23.17
CA GLU N 44 0.31 -32.23 -23.41
C GLU N 44 0.50 -32.71 -24.84
N ILE N 45 0.84 -33.99 -24.99
CA ILE N 45 0.86 -34.67 -26.27
C ILE N 45 -0.07 -35.86 -26.16
N LYS N 46 -1.16 -35.84 -26.93
CA LYS N 46 -2.17 -36.90 -26.88
C LYS N 46 -1.69 -38.18 -27.55
N THR N 47 -1.37 -39.19 -26.71
CA THR N 47 -0.85 -40.49 -27.16
C THR N 47 -1.95 -41.54 -27.30
N PRO N 48 -1.62 -42.72 -27.89
CA PRO N 48 -2.57 -43.84 -27.92
C PRO N 48 -2.96 -44.29 -26.50
N GLN N 49 -1.98 -44.33 -25.60
CA GLN N 49 -2.17 -44.64 -24.17
C GLN N 49 -3.14 -43.65 -23.51
N GLY N 50 -3.09 -42.40 -23.98
CA GLY N 50 -3.80 -41.27 -23.40
C GLY N 50 -3.03 -40.00 -23.69
N LYS N 51 -2.16 -39.62 -22.76
CA LYS N 51 -1.41 -38.39 -22.91
C LYS N 51 0.02 -38.44 -22.35
N LEU N 52 0.89 -37.61 -22.90
CA LEU N 52 2.23 -37.40 -22.39
C LEU N 52 2.37 -35.94 -21.95
N VAL N 53 2.61 -35.75 -20.65
CA VAL N 53 2.78 -34.42 -20.07
C VAL N 53 4.26 -34.01 -20.06
N LEU N 54 4.55 -32.80 -20.54
CA LEU N 54 5.90 -32.26 -20.55
C LEU N 54 5.92 -30.97 -19.73
N GLU N 55 6.98 -30.77 -18.93
CA GLU N 55 7.12 -29.59 -18.09
C GLU N 55 8.26 -28.70 -18.55
N VAL N 56 7.92 -27.52 -19.05
CA VAL N 56 8.89 -26.53 -19.50
C VAL N 56 9.88 -26.18 -18.38
N ALA N 57 11.17 -26.25 -18.70
CA ALA N 57 12.23 -25.97 -17.73
C ALA N 57 13.23 -24.92 -18.25
N GLN N 58 13.26 -24.71 -19.56
CA GLN N 58 14.16 -23.74 -20.19
C GLN N 58 13.63 -23.16 -21.51
N HIS N 59 13.73 -21.84 -21.67
CA HIS N 59 13.53 -21.19 -22.96
C HIS N 59 14.85 -21.12 -23.70
N LEU N 60 15.00 -21.95 -24.74
CA LEU N 60 16.27 -22.10 -25.45
C LEU N 60 16.61 -20.95 -26.40
N GLY N 61 15.62 -20.11 -26.71
CA GLY N 61 15.75 -19.12 -27.77
C GLY N 61 15.26 -19.73 -29.07
N GLU N 62 15.28 -18.92 -30.14
CA GLU N 62 14.75 -19.34 -31.45
C GLU N 62 13.32 -19.88 -31.34
N ASN N 63 12.57 -19.34 -30.37
CA ASN N 63 11.20 -19.81 -30.04
C ASN N 63 11.07 -21.27 -29.55
N THR N 64 12.20 -21.97 -29.37
CA THR N 64 12.20 -23.37 -28.94
C THR N 64 12.35 -23.49 -27.43
N VAL N 65 11.45 -24.23 -26.79
CA VAL N 65 11.55 -24.46 -25.35
C VAL N 65 12.03 -25.89 -25.07
N ARG N 66 12.48 -26.13 -23.84
CA ARG N 66 12.92 -27.45 -23.41
C ARG N 66 12.19 -27.93 -22.17
N THR N 67 11.80 -29.20 -22.18
CA THR N 67 10.99 -29.76 -21.10
C THR N 67 11.59 -31.03 -20.48
N ILE N 68 11.06 -31.41 -19.32
CA ILE N 68 11.34 -32.72 -18.74
C ILE N 68 10.06 -33.59 -18.82
N ALA N 69 10.21 -34.79 -19.38
CA ALA N 69 9.07 -35.69 -19.57
C ALA N 69 8.50 -36.15 -18.23
N MET N 70 7.22 -36.54 -18.25
CA MET N 70 6.54 -37.05 -17.06
C MET N 70 6.24 -38.53 -17.20
N ASP N 71 6.54 -39.06 -18.37
CA ASP N 71 6.33 -40.47 -18.70
C ASP N 71 7.37 -40.83 -19.76
N GLY N 72 7.48 -42.11 -20.10
CA GLY N 72 8.39 -42.54 -21.17
C GLY N 72 8.16 -41.68 -22.41
N THR N 73 9.22 -41.40 -23.15
CA THR N 73 9.07 -40.66 -24.39
C THR N 73 9.17 -41.61 -25.58
N GLU N 74 9.20 -42.90 -25.29
CA GLU N 74 9.48 -43.93 -26.30
C GLU N 74 8.37 -43.96 -27.35
N GLY N 75 8.55 -43.20 -28.42
CA GLY N 75 7.62 -43.24 -29.56
C GLY N 75 7.36 -41.92 -30.24
N LEU N 76 7.84 -40.83 -29.65
CA LEU N 76 7.62 -39.49 -30.18
C LEU N 76 8.31 -39.28 -31.51
N VAL N 77 7.67 -38.49 -32.36
CA VAL N 77 8.22 -38.12 -33.66
C VAL N 77 8.45 -36.61 -33.73
N ARG N 78 9.49 -36.22 -34.47
CA ARG N 78 9.78 -34.82 -34.72
C ARG N 78 8.61 -34.22 -35.52
N GLY N 79 8.17 -33.04 -35.09
CA GLY N 79 7.07 -32.34 -35.74
C GLY N 79 5.68 -32.67 -35.23
N GLU N 80 5.59 -33.32 -34.07
CA GLU N 80 4.30 -33.71 -33.52
C GLU N 80 3.67 -32.61 -32.68
N LYS N 81 2.36 -32.45 -32.82
CA LYS N 81 1.66 -31.35 -32.16
C LYS N 81 1.53 -31.53 -30.64
N VAL N 82 1.83 -30.45 -29.93
CA VAL N 82 1.91 -30.43 -28.47
C VAL N 82 1.07 -29.27 -27.94
N LEU N 83 0.09 -29.57 -27.10
CA LEU N 83 -0.78 -28.53 -26.56
C LEU N 83 -0.15 -27.84 -25.35
N ASP N 84 -0.38 -26.54 -25.22
CA ASP N 84 0.03 -25.79 -24.05
C ASP N 84 -1.16 -25.67 -23.10
N THR N 85 -1.04 -26.23 -21.90
CA THR N 85 -2.10 -26.13 -20.90
C THR N 85 -2.25 -24.71 -20.38
N GLY N 86 -1.20 -23.91 -20.57
CA GLY N 86 -1.21 -22.52 -20.15
C GLY N 86 -1.04 -22.34 -18.65
N GLY N 87 -0.52 -23.37 -17.98
CA GLY N 87 -0.29 -23.31 -16.54
C GLY N 87 0.46 -24.54 -16.07
N PRO N 88 1.02 -24.48 -14.84
CA PRO N 88 1.71 -25.63 -14.24
C PRO N 88 0.84 -26.91 -14.15
N ILE N 89 1.50 -28.05 -13.93
CA ILE N 89 0.82 -29.30 -13.61
C ILE N 89 -0.02 -29.08 -12.36
N SER N 90 -1.34 -29.04 -12.53
CA SER N 90 -2.26 -28.85 -11.40
C SER N 90 -2.93 -30.17 -11.02
N VAL N 91 -3.37 -30.29 -9.77
CA VAL N 91 -4.04 -31.49 -9.28
C VAL N 91 -5.39 -31.19 -8.62
N PRO N 92 -6.40 -32.06 -8.82
CA PRO N 92 -7.71 -31.84 -8.22
C PRO N 92 -7.64 -31.91 -6.69
N VAL N 93 -8.34 -31.01 -6.01
CA VAL N 93 -8.27 -30.95 -4.54
C VAL N 93 -9.58 -31.38 -3.84
N GLY N 94 -9.82 -30.83 -2.66
CA GLY N 94 -11.03 -31.10 -1.89
C GLY N 94 -11.05 -32.47 -1.26
N ARG N 95 -12.22 -32.87 -0.79
CA ARG N 95 -12.40 -34.17 -0.13
C ARG N 95 -12.64 -35.29 -1.13
N GLU N 96 -12.95 -34.94 -2.39
CA GLU N 96 -13.26 -35.93 -3.43
C GLU N 96 -12.05 -36.79 -3.78
N THR N 97 -10.96 -36.60 -3.03
CA THR N 97 -9.69 -37.26 -3.27
C THR N 97 -9.33 -38.23 -2.15
N LEU N 98 -9.85 -38.00 -0.95
CA LEU N 98 -9.59 -38.87 0.19
C LEU N 98 -9.95 -40.31 -0.17
N GLY N 99 -9.03 -41.23 0.07
CA GLY N 99 -9.22 -42.62 -0.30
C GLY N 99 -9.27 -42.82 -1.82
N ARG N 100 -8.59 -41.94 -2.54
CA ARG N 100 -8.36 -42.13 -3.96
C ARG N 100 -6.86 -42.16 -4.20
N ILE N 101 -6.44 -42.89 -5.23
CA ILE N 101 -5.03 -42.94 -5.58
C ILE N 101 -4.80 -42.09 -6.82
N ILE N 102 -3.84 -41.17 -6.71
CA ILE N 102 -3.57 -40.18 -7.74
C ILE N 102 -2.07 -40.16 -8.10
N ASN N 103 -1.76 -40.26 -9.40
CA ASN N 103 -0.38 -40.13 -9.86
C ASN N 103 0.14 -38.69 -9.71
N VAL N 104 1.24 -38.37 -10.39
CA VAL N 104 1.82 -37.03 -10.30
C VAL N 104 0.97 -35.96 -10.99
N ILE N 105 0.50 -36.28 -12.20
CA ILE N 105 -0.17 -35.30 -13.06
C ILE N 105 -1.69 -35.17 -12.84
N GLY N 106 -2.20 -35.69 -11.73
CA GLY N 106 -3.61 -35.51 -11.38
C GLY N 106 -4.55 -36.68 -11.66
N GLU N 107 -4.21 -37.50 -12.65
CA GLU N 107 -5.06 -38.64 -13.04
C GLU N 107 -5.31 -39.61 -11.87
N PRO N 108 -6.50 -40.24 -11.85
CA PRO N 108 -6.70 -41.33 -10.91
C PRO N 108 -5.98 -42.57 -11.41
N ILE N 109 -5.48 -43.38 -10.48
CA ILE N 109 -4.89 -44.67 -10.81
C ILE N 109 -5.59 -45.81 -10.08
N ASP N 110 -6.65 -45.47 -9.34
CA ASP N 110 -7.42 -46.47 -8.57
C ASP N 110 -8.52 -47.15 -9.40
N GLU N 111 -8.61 -46.78 -10.68
CA GLU N 111 -9.59 -47.32 -11.62
C GLU N 111 -11.03 -47.22 -11.09
N ARG N 112 -11.30 -46.15 -10.35
CA ARG N 112 -12.64 -45.86 -9.84
C ARG N 112 -13.11 -44.51 -10.40
N GLY N 113 -13.26 -44.47 -11.73
CA GLY N 113 -13.80 -43.29 -12.43
C GLY N 113 -13.05 -41.99 -12.23
N PRO N 114 -13.54 -40.89 -12.85
CA PRO N 114 -13.02 -39.54 -12.64
C PRO N 114 -13.08 -39.05 -11.18
N ILE N 115 -12.18 -38.15 -10.82
CA ILE N 115 -12.25 -37.46 -9.52
C ILE N 115 -12.96 -36.13 -9.70
N LYS N 116 -14.26 -36.10 -9.49
CA LYS N 116 -15.02 -34.85 -9.61
C LYS N 116 -14.72 -33.93 -8.43
N SER N 117 -13.94 -32.89 -8.70
CA SER N 117 -13.48 -31.97 -7.67
C SER N 117 -13.82 -30.52 -8.03
N LYS N 118 -13.92 -29.67 -7.00
CA LYS N 118 -14.34 -28.27 -7.15
C LYS N 118 -13.35 -27.36 -7.90
N LEU N 119 -12.06 -27.48 -7.60
CA LEU N 119 -11.04 -26.69 -8.31
C LEU N 119 -9.75 -27.50 -8.48
N ARG N 120 -8.86 -26.98 -9.33
CA ARG N 120 -7.54 -27.54 -9.51
C ARG N 120 -6.48 -26.50 -9.18
N LYS N 121 -5.58 -26.85 -8.27
CA LYS N 121 -4.53 -25.95 -7.82
C LYS N 121 -3.15 -26.40 -8.34
N PRO N 122 -2.39 -25.47 -8.97
CA PRO N 122 -1.04 -25.74 -9.47
C PRO N 122 -0.14 -26.29 -8.38
N ILE N 123 0.68 -27.28 -8.71
CA ILE N 123 1.60 -27.87 -7.73
C ILE N 123 2.78 -26.96 -7.39
N HIS N 124 3.13 -26.06 -8.32
CA HIS N 124 4.12 -25.03 -8.05
C HIS N 124 3.42 -23.76 -7.58
N ALA N 125 3.72 -23.40 -6.34
CA ALA N 125 3.27 -22.14 -5.76
C ALA N 125 4.28 -21.69 -4.73
N ASP N 126 4.27 -20.38 -4.45
CA ASP N 126 5.13 -19.76 -3.44
C ASP N 126 4.83 -20.21 -2.02
N PRO N 127 5.87 -20.25 -1.16
CA PRO N 127 5.68 -20.38 0.29
C PRO N 127 4.98 -19.15 0.89
N PRO N 128 4.27 -19.34 2.02
CA PRO N 128 3.65 -18.24 2.76
C PRO N 128 4.63 -17.11 3.04
N SER N 129 4.23 -15.87 2.79
CA SER N 129 5.10 -14.69 2.96
C SER N 129 5.54 -14.51 4.41
N PHE N 130 6.51 -13.64 4.65
CA PHE N 130 7.06 -13.47 5.99
C PHE N 130 6.03 -13.01 7.03
N ALA N 131 5.19 -12.04 6.66
CA ALA N 131 4.16 -11.54 7.57
C ALA N 131 3.05 -12.57 7.85
N GLU N 132 2.95 -13.59 7.00
CA GLU N 132 1.92 -14.63 7.10
C GLU N 132 2.28 -15.77 8.02
N GLN N 133 3.57 -15.89 8.32
CA GLN N 133 4.08 -16.97 9.18
C GLN N 133 3.65 -16.75 10.62
N SER N 134 3.34 -17.84 11.31
CA SER N 134 2.99 -17.79 12.73
C SER N 134 4.25 -17.50 13.53
N THR N 135 4.18 -16.47 14.39
CA THR N 135 5.35 -15.96 15.11
C THR N 135 5.64 -16.67 16.44
N SER N 136 5.04 -17.85 16.64
CA SER N 136 5.29 -18.70 17.80
C SER N 136 5.04 -20.18 17.52
N ALA N 137 5.90 -21.04 18.08
CA ALA N 137 5.79 -22.49 17.93
C ALA N 137 4.88 -23.08 19.00
N GLU N 138 4.22 -24.19 18.68
CA GLU N 138 3.31 -24.88 19.61
C GLU N 138 3.11 -26.35 19.23
N ILE N 139 2.88 -27.19 20.24
CA ILE N 139 2.80 -28.65 20.07
C ILE N 139 1.52 -29.11 19.36
N LEU N 140 1.68 -30.01 18.41
CA LEU N 140 0.57 -30.77 17.86
C LEU N 140 0.50 -32.09 18.64
N GLU N 141 -0.67 -32.33 19.22
CA GLU N 141 -0.90 -33.53 20.01
C GLU N 141 -1.11 -34.70 19.07
N THR N 142 -0.36 -35.77 19.29
CA THR N 142 -0.45 -36.92 18.41
C THR N 142 -1.16 -38.09 19.09
N GLY N 143 -1.16 -38.10 20.41
CA GLY N 143 -1.84 -39.14 21.18
C GLY N 143 -0.99 -40.35 21.49
N ILE N 144 0.29 -40.29 21.14
CA ILE N 144 1.22 -41.37 21.45
C ILE N 144 2.06 -41.01 22.67
N LYS N 145 2.05 -41.91 23.66
CA LYS N 145 2.77 -41.71 24.93
C LYS N 145 4.26 -41.44 24.75
N VAL N 146 4.94 -42.26 23.95
CA VAL N 146 6.37 -42.10 23.73
C VAL N 146 6.67 -40.81 23.00
N VAL N 147 5.79 -40.43 22.07
CA VAL N 147 5.97 -39.23 21.26
C VAL N 147 5.77 -37.94 22.05
N ASP N 148 4.55 -37.74 22.57
CA ASP N 148 4.21 -36.45 23.20
C ASP N 148 4.94 -36.18 24.53
N LEU N 149 5.67 -37.19 25.02
CA LEU N 149 6.46 -37.04 26.24
C LEU N 149 7.92 -36.70 25.96
N LEU N 150 8.50 -37.29 24.91
CA LEU N 150 9.94 -37.13 24.61
C LEU N 150 10.25 -36.42 23.29
N ALA N 151 9.60 -36.84 22.20
CA ALA N 151 9.79 -36.20 20.89
C ALA N 151 8.46 -35.71 20.28
N PRO N 152 7.80 -34.73 20.93
CA PRO N 152 6.48 -34.30 20.45
C PRO N 152 6.57 -33.49 19.16
N TYR N 153 5.70 -33.84 18.21
CA TYR N 153 5.69 -33.24 16.88
C TYR N 153 5.20 -31.80 16.91
N ALA N 154 5.96 -30.91 16.28
CA ALA N 154 5.61 -29.50 16.16
C ALA N 154 4.50 -29.29 15.14
N ARG N 155 3.52 -28.44 15.48
CA ARG N 155 2.38 -28.17 14.62
C ARG N 155 2.77 -27.28 13.45
N GLY N 156 3.09 -27.91 12.32
CA GLY N 156 3.56 -27.19 11.13
C GLY N 156 5.06 -27.35 10.91
N GLY N 157 5.69 -28.19 11.73
CA GLY N 157 7.11 -28.51 11.59
C GLY N 157 7.33 -29.81 10.83
N LYS N 158 8.57 -30.27 10.82
CA LYS N 158 8.93 -31.48 10.10
C LYS N 158 9.46 -32.51 11.07
N ILE N 159 9.21 -33.80 10.80
CA ILE N 159 9.65 -34.89 11.66
C ILE N 159 10.26 -36.03 10.84
N GLY N 160 11.47 -36.44 11.22
CA GLY N 160 12.23 -37.46 10.49
C GLY N 160 11.99 -38.86 11.03
N LEU N 161 11.27 -39.66 10.25
CA LEU N 161 10.93 -41.03 10.64
C LEU N 161 11.97 -42.04 10.17
N PHE N 162 12.80 -42.49 11.10
CA PHE N 162 13.85 -43.46 10.79
C PHE N 162 13.36 -44.87 11.08
N GLY N 163 13.48 -45.76 10.10
CA GLY N 163 13.02 -47.14 10.26
C GLY N 163 12.20 -47.64 9.10
N GLY N 164 12.47 -48.88 8.69
CA GLY N 164 11.80 -49.51 7.55
C GLY N 164 10.79 -50.57 7.94
N ALA N 165 9.97 -50.96 6.96
CA ALA N 165 8.92 -51.97 7.15
C ALA N 165 9.51 -53.25 7.76
N GLY N 166 8.90 -53.70 8.86
CA GLY N 166 9.42 -54.85 9.61
C GLY N 166 9.40 -54.59 11.11
N VAL N 167 9.43 -53.31 11.47
CA VAL N 167 9.18 -52.88 12.85
C VAL N 167 7.81 -52.21 12.90
N GLY N 168 6.97 -52.52 11.90
CA GLY N 168 5.61 -51.99 11.80
C GLY N 168 5.58 -50.51 11.51
N LYS N 169 6.29 -50.11 10.46
CA LYS N 169 6.33 -48.72 10.01
C LYS N 169 4.93 -48.26 9.56
N THR N 170 4.32 -49.06 8.69
CA THR N 170 3.01 -48.78 8.09
C THR N 170 1.92 -48.53 9.12
N VAL N 171 1.96 -49.28 10.22
CA VAL N 171 0.96 -49.16 11.29
C VAL N 171 1.04 -47.79 11.98
N PHE N 172 2.26 -47.40 12.39
CA PHE N 172 2.51 -46.14 13.08
C PHE N 172 1.93 -44.95 12.33
N ILE N 173 2.14 -44.95 11.01
CA ILE N 173 1.65 -43.91 10.12
C ILE N 173 0.12 -43.83 10.12
N GLN N 174 -0.53 -44.98 10.23
CA GLN N 174 -2.00 -45.03 10.26
C GLN N 174 -2.58 -44.53 11.58
N GLU N 175 -1.81 -44.65 12.65
CA GLU N 175 -2.22 -44.11 13.95
C GLU N 175 -2.13 -42.59 13.99
N LEU N 176 -1.13 -42.03 13.31
CA LEU N 176 -0.98 -40.57 13.18
C LEU N 176 -2.13 -39.98 12.37
N ILE N 177 -2.47 -40.65 11.26
CA ILE N 177 -3.64 -40.30 10.45
C ILE N 177 -4.86 -40.32 11.36
N ASN N 178 -5.01 -41.42 12.07
CA ASN N 178 -6.10 -41.68 13.00
C ASN N 178 -6.38 -40.53 13.98
N ASN N 179 -5.36 -40.16 14.75
CA ASN N 179 -5.50 -39.19 15.85
C ASN N 179 -5.70 -37.73 15.42
N ILE N 180 -5.13 -37.36 14.27
CA ILE N 180 -5.31 -36.01 13.70
C ILE N 180 -6.74 -35.83 13.14
N ALA N 181 -7.38 -36.94 12.79
CA ALA N 181 -8.74 -36.94 12.25
C ALA N 181 -9.77 -36.71 13.34
N LYS N 182 -9.65 -37.48 14.44
CA LYS N 182 -10.58 -37.39 15.55
C LYS N 182 -10.28 -36.19 16.45
N ALA N 183 -9.09 -36.20 17.06
CA ALA N 183 -8.71 -35.23 18.09
C ALA N 183 -8.28 -33.85 17.57
N HIS N 184 -8.08 -33.73 16.26
CA HIS N 184 -7.71 -32.45 15.63
C HIS N 184 -8.60 -32.09 14.44
N GLY N 185 -9.60 -32.94 14.18
CA GLY N 185 -10.56 -32.73 13.09
C GLY N 185 -9.88 -32.41 11.77
N GLY N 186 -8.92 -33.25 11.39
CA GLY N 186 -8.09 -33.01 10.20
C GLY N 186 -7.61 -34.24 9.46
N PHE N 187 -7.67 -34.19 8.13
CA PHE N 187 -7.27 -35.31 7.27
C PHE N 187 -5.75 -35.47 7.12
N SER N 188 -5.35 -36.38 6.24
CA SER N 188 -3.95 -36.65 5.94
C SER N 188 -3.78 -36.85 4.45
N VAL N 189 -2.53 -36.74 3.99
CA VAL N 189 -2.17 -37.15 2.64
C VAL N 189 -0.87 -37.95 2.73
N PHE N 190 -0.89 -39.17 2.20
CA PHE N 190 0.31 -40.01 2.12
C PHE N 190 0.83 -39.93 0.70
N THR N 191 2.09 -39.54 0.56
CA THR N 191 2.71 -39.39 -0.76
C THR N 191 3.92 -40.32 -0.94
N GLY N 192 3.76 -41.31 -1.80
CA GLY N 192 4.84 -42.22 -2.13
C GLY N 192 5.76 -41.65 -3.19
N VAL N 193 7.01 -41.41 -2.83
CA VAL N 193 8.01 -40.88 -3.74
C VAL N 193 9.23 -41.80 -3.78
N GLY N 194 9.63 -42.24 -4.97
CA GLY N 194 10.73 -43.19 -5.13
C GLY N 194 10.42 -44.54 -4.51
N GLU N 195 9.13 -44.76 -4.23
CA GLU N 195 8.63 -45.92 -3.50
C GLU N 195 8.67 -47.23 -4.31
N ARG N 196 8.79 -48.36 -3.61
CA ARG N 196 8.57 -49.67 -4.24
C ARG N 196 7.08 -49.79 -4.54
N THR N 197 6.73 -50.12 -5.79
CA THR N 197 5.32 -50.19 -6.16
C THR N 197 4.59 -51.25 -5.34
N ARG N 198 5.16 -52.45 -5.26
CA ARG N 198 4.61 -53.54 -4.44
C ARG N 198 4.15 -53.05 -3.06
N GLU N 199 5.01 -52.30 -2.38
CA GLU N 199 4.73 -51.78 -1.04
C GLU N 199 3.68 -50.68 -1.00
N GLY N 200 3.40 -50.08 -2.15
CA GLY N 200 2.30 -49.14 -2.27
C GLY N 200 0.99 -49.90 -2.26
N ASN N 201 0.86 -50.85 -3.20
CA ASN N 201 -0.29 -51.76 -3.27
C ASN N 201 -0.58 -52.41 -1.92
N ASP N 202 0.48 -52.81 -1.23
CA ASP N 202 0.37 -53.34 0.11
C ASP N 202 -0.26 -52.32 1.06
N LEU N 203 0.22 -51.09 1.05
CA LEU N 203 -0.30 -50.06 1.96
C LEU N 203 -1.73 -49.66 1.62
N TYR N 204 -2.08 -49.71 0.34
CA TYR N 204 -3.43 -49.35 -0.08
C TYR N 204 -4.43 -50.43 0.29
N ARG N 205 -3.97 -51.68 0.34
CA ARG N 205 -4.75 -52.79 0.87
C ARG N 205 -4.86 -52.70 2.39
N GLU N 206 -3.76 -52.28 3.03
CA GLU N 206 -3.64 -52.23 4.48
C GLU N 206 -4.22 -50.95 5.08
N MET N 207 -4.90 -50.16 4.26
CA MET N 207 -5.63 -48.99 4.74
C MET N 207 -7.12 -49.26 4.62
N LYS N 208 -7.50 -49.96 3.56
CA LYS N 208 -8.87 -50.44 3.39
C LYS N 208 -9.22 -51.46 4.50
N GLU N 209 -8.24 -52.28 4.85
CA GLU N 209 -8.36 -53.25 5.95
C GLU N 209 -8.59 -52.59 7.29
N THR N 210 -7.82 -51.54 7.58
CA THR N 210 -7.79 -50.95 8.92
C THR N 210 -8.78 -49.80 9.15
N GLY N 211 -9.31 -49.25 8.07
CA GLY N 211 -10.37 -48.25 8.16
C GLY N 211 -10.03 -46.78 7.93
N VAL N 212 -8.74 -46.46 7.77
CA VAL N 212 -8.34 -45.09 7.43
C VAL N 212 -8.80 -44.78 6.00
N ILE N 213 -8.83 -45.81 5.16
CA ILE N 213 -9.57 -45.76 3.91
C ILE N 213 -10.81 -46.65 4.06
N ASN N 214 -11.94 -46.12 3.59
CA ASN N 214 -13.21 -46.81 3.65
C ASN N 214 -13.96 -46.60 2.33
N LEU N 215 -13.89 -47.61 1.45
CA LEU N 215 -14.56 -47.60 0.15
C LEU N 215 -15.94 -46.93 0.23
N GLU N 216 -16.77 -47.41 1.15
CA GLU N 216 -18.13 -46.93 1.34
C GLU N 216 -18.16 -45.59 2.07
N GLY N 217 -17.72 -45.58 3.33
CA GLY N 217 -17.79 -44.39 4.18
C GLY N 217 -16.85 -43.27 3.79
N GLU N 218 -16.32 -42.59 4.80
CA GLU N 218 -15.36 -41.49 4.58
C GLU N 218 -13.93 -41.93 4.87
N SER N 219 -12.98 -41.36 4.14
CA SER N 219 -11.57 -41.67 4.32
C SER N 219 -10.83 -40.56 5.06
N LYS N 220 -9.85 -40.94 5.86
CA LYS N 220 -9.05 -39.97 6.61
C LYS N 220 -7.73 -39.63 5.91
N VAL N 221 -7.55 -40.14 4.68
CA VAL N 221 -6.29 -39.95 3.93
C VAL N 221 -6.39 -40.12 2.39
N ALA N 222 -5.74 -39.20 1.67
CA ALA N 222 -5.61 -39.27 0.21
C ALA N 222 -4.25 -39.85 -0.19
N LEU N 223 -4.18 -40.49 -1.36
CA LEU N 223 -2.94 -41.15 -1.80
C LEU N 223 -2.33 -40.65 -3.13
N VAL N 224 -1.07 -40.21 -3.05
CA VAL N 224 -0.28 -39.75 -4.20
C VAL N 224 0.87 -40.73 -4.43
N PHE N 225 1.08 -41.15 -5.68
CA PHE N 225 2.10 -42.15 -6.00
C PHE N 225 3.10 -41.86 -7.12
N GLY N 226 4.33 -41.60 -6.68
CA GLY N 226 5.50 -41.44 -7.54
C GLY N 226 6.35 -42.68 -7.44
N GLN N 227 5.75 -43.77 -7.86
CA GLN N 227 6.34 -45.09 -8.04
C GLN N 227 7.81 -45.11 -8.56
N MET N 228 8.60 -46.08 -8.10
CA MET N 228 9.98 -46.25 -8.57
C MET N 228 10.06 -46.35 -10.08
N ASN N 229 9.07 -46.99 -10.68
CA ASN N 229 9.07 -47.24 -12.12
C ASN N 229 8.80 -46.00 -12.96
N GLU N 230 8.69 -44.86 -12.30
CA GLU N 230 8.40 -43.64 -13.02
C GLU N 230 9.67 -42.85 -13.31
N PRO N 231 9.75 -42.26 -14.52
CA PRO N 231 10.89 -41.46 -14.98
C PRO N 231 11.36 -40.42 -13.95
N PRO N 232 12.66 -40.09 -13.97
CA PRO N 232 13.20 -39.11 -13.03
C PRO N 232 12.29 -37.88 -12.95
N GLY N 233 11.79 -37.43 -14.11
CA GLY N 233 10.88 -36.30 -14.18
C GLY N 233 9.69 -36.42 -13.23
N ALA N 234 8.90 -37.47 -13.41
CA ALA N 234 7.71 -37.73 -12.59
C ALA N 234 8.05 -37.79 -11.11
N ARG N 235 9.04 -38.61 -10.76
CA ARG N 235 9.50 -38.80 -9.38
C ARG N 235 9.89 -37.49 -8.69
N ALA N 236 10.48 -36.58 -9.46
CA ALA N 236 10.88 -35.28 -8.95
C ALA N 236 9.70 -34.43 -8.45
N ARG N 237 8.52 -34.65 -9.03
CA ARG N 237 7.35 -33.79 -8.80
C ARG N 237 6.32 -34.27 -7.75
N VAL N 238 6.11 -35.57 -7.63
CA VAL N 238 5.05 -36.11 -6.74
C VAL N 238 5.00 -35.53 -5.32
N ALA N 239 6.18 -35.30 -4.74
CA ALA N 239 6.29 -34.63 -3.44
C ALA N 239 5.43 -33.36 -3.41
N LEU N 240 5.49 -32.57 -4.49
CA LEU N 240 4.69 -31.35 -4.63
C LEU N 240 3.19 -31.63 -4.83
N THR N 241 2.86 -32.52 -5.76
CA THR N 241 1.48 -32.93 -6.01
C THR N 241 0.72 -33.18 -4.71
N GLY N 242 1.36 -33.92 -3.80
CA GLY N 242 0.79 -34.21 -2.48
C GLY N 242 0.75 -32.99 -1.59
N LEU N 243 1.86 -32.24 -1.55
CA LEU N 243 1.94 -31.01 -0.76
C LEU N 243 0.89 -29.99 -1.20
N THR N 244 0.42 -30.12 -2.44
CA THR N 244 -0.66 -29.28 -2.98
C THR N 244 -2.00 -29.60 -2.32
N ILE N 245 -2.38 -30.88 -2.34
CA ILE N 245 -3.61 -31.36 -1.73
C ILE N 245 -3.60 -31.05 -0.22
N ALA N 246 -2.45 -31.27 0.41
CA ALA N 246 -2.24 -30.99 1.83
C ALA N 246 -2.49 -29.52 2.18
N GLU N 247 -1.94 -28.63 1.37
CA GLU N 247 -2.11 -27.18 1.54
C GLU N 247 -3.57 -26.75 1.38
N TYR N 248 -4.30 -27.42 0.50
CA TYR N 248 -5.71 -27.10 0.29
C TYR N 248 -6.54 -27.22 1.57
N PHE N 249 -6.31 -28.30 2.33
CA PHE N 249 -7.02 -28.50 3.59
C PHE N 249 -6.61 -27.49 4.67
N ARG N 250 -5.35 -27.05 4.62
CA ARG N 250 -4.83 -26.04 5.56
C ARG N 250 -5.32 -24.64 5.20
N ASP N 251 -5.27 -24.31 3.92
CA ASP N 251 -5.65 -22.97 3.45
C ASP N 251 -7.16 -22.79 3.30
N GLU N 252 -7.87 -23.87 3.01
CA GLU N 252 -9.28 -23.79 2.66
C GLU N 252 -10.24 -24.24 3.75
N GLU N 253 -10.00 -25.43 4.31
CA GLU N 253 -10.84 -25.95 5.38
C GLU N 253 -10.25 -25.65 6.77
N GLY N 254 -9.17 -24.89 6.78
CA GLY N 254 -8.52 -24.41 8.01
C GLY N 254 -8.17 -25.46 9.04
N GLN N 255 -7.65 -26.59 8.59
CA GLN N 255 -7.28 -27.70 9.48
C GLN N 255 -5.82 -27.61 9.95
N ASP N 256 -5.41 -28.61 10.71
CA ASP N 256 -4.00 -28.87 11.01
C ASP N 256 -3.68 -30.24 10.43
N VAL N 257 -3.21 -30.26 9.19
CA VAL N 257 -3.25 -31.44 8.33
C VAL N 257 -1.94 -32.24 8.32
N LEU N 258 -2.03 -33.49 7.87
CA LEU N 258 -0.87 -34.36 7.71
C LEU N 258 -0.47 -34.62 6.27
N LEU N 259 0.84 -34.63 6.06
CA LEU N 259 1.46 -34.94 4.77
C LEU N 259 2.61 -35.91 5.04
N PHE N 260 2.43 -37.14 4.60
CA PHE N 260 3.49 -38.13 4.70
C PHE N 260 4.27 -38.13 3.41
N ILE N 261 5.59 -38.00 3.55
CA ILE N 261 6.47 -38.18 2.40
C ILE N 261 7.44 -39.33 2.69
N ASP N 262 7.29 -40.38 1.89
CA ASP N 262 8.11 -41.56 1.99
C ASP N 262 8.48 -41.99 0.56
N ASN N 263 9.74 -41.85 0.19
CA ASN N 263 10.80 -41.32 1.05
C ASN N 263 11.29 -39.96 0.55
N ILE N 264 11.62 -39.07 1.49
CA ILE N 264 12.08 -37.72 1.14
C ILE N 264 13.46 -37.68 0.50
N PHE N 265 14.31 -38.67 0.83
CA PHE N 265 15.58 -38.80 0.17
C PHE N 265 15.38 -39.03 -1.33
N ARG N 266 14.47 -39.92 -1.68
CA ARG N 266 14.25 -40.30 -3.08
C ARG N 266 13.59 -39.16 -3.89
N PHE N 267 13.23 -38.08 -3.20
CA PHE N 267 12.83 -36.81 -3.81
C PHE N 267 14.05 -35.94 -4.16
N THR N 268 15.05 -35.96 -3.28
CA THR N 268 16.34 -35.33 -3.54
C THR N 268 17.00 -35.99 -4.74
N GLN N 269 16.98 -37.32 -4.76
CA GLN N 269 17.70 -38.10 -5.76
C GLN N 269 17.08 -38.02 -7.14
N ALA N 270 15.77 -37.80 -7.18
CA ALA N 270 15.06 -37.63 -8.45
C ALA N 270 15.42 -36.28 -9.05
N GLY N 271 15.45 -35.25 -8.21
CA GLY N 271 15.87 -33.92 -8.61
C GLY N 271 17.33 -33.96 -9.04
N SER N 272 18.13 -34.70 -8.29
CA SER N 272 19.52 -34.91 -8.63
C SER N 272 19.65 -35.46 -10.04
N GLU N 273 18.72 -36.32 -10.43
CA GLU N 273 18.74 -36.96 -11.74
C GLU N 273 18.33 -36.01 -12.85
N VAL N 274 17.36 -35.15 -12.57
CA VAL N 274 16.89 -34.21 -13.58
C VAL N 274 17.99 -33.18 -13.86
N SER N 275 18.59 -32.65 -12.80
CA SER N 275 19.66 -31.66 -12.91
C SER N 275 20.79 -32.10 -13.84
N ALA N 276 21.16 -33.38 -13.74
CA ALA N 276 22.19 -33.99 -14.58
C ALA N 276 21.68 -34.26 -15.99
N LEU N 277 20.42 -34.72 -16.11
CA LEU N 277 19.80 -34.92 -17.41
C LEU N 277 19.58 -33.62 -18.17
N LEU N 278 19.52 -32.50 -17.44
CA LEU N 278 19.40 -31.17 -18.01
C LEU N 278 20.76 -30.56 -18.35
N GLY N 279 21.82 -31.35 -18.19
CA GLY N 279 23.18 -30.90 -18.50
C GLY N 279 23.87 -29.94 -17.53
N ARG N 280 23.29 -29.70 -16.36
CA ARG N 280 23.93 -28.84 -15.37
C ARG N 280 25.10 -29.52 -14.68
N ILE N 281 26.19 -28.80 -14.46
CA ILE N 281 27.33 -29.31 -13.68
C ILE N 281 26.87 -29.81 -12.29
N PRO N 282 27.28 -31.05 -11.92
CA PRO N 282 26.95 -31.63 -10.62
C PRO N 282 27.74 -30.99 -9.48
N SER N 283 27.18 -31.00 -8.27
CA SER N 283 27.86 -30.45 -7.08
C SER N 283 28.56 -31.53 -6.24
N ALA N 284 28.84 -31.24 -4.97
CA ALA N 284 29.53 -32.18 -4.09
C ALA N 284 28.74 -33.48 -3.97
N VAL N 285 29.46 -34.59 -3.94
CA VAL N 285 28.86 -35.93 -3.82
C VAL N 285 27.93 -36.21 -5.04
N GLY N 286 28.13 -35.44 -6.10
CA GLY N 286 27.38 -35.61 -7.34
C GLY N 286 25.94 -35.13 -7.32
N TYR N 287 25.53 -34.54 -6.20
CA TYR N 287 24.19 -33.98 -6.10
C TYR N 287 24.04 -32.74 -6.98
N GLN N 288 22.79 -32.37 -7.26
CA GLN N 288 22.50 -31.17 -8.04
C GLN N 288 23.03 -29.93 -7.32
N PRO N 289 23.45 -28.90 -8.10
CA PRO N 289 23.92 -27.62 -7.55
C PRO N 289 22.82 -26.87 -6.82
N THR N 290 21.57 -27.31 -7.04
CA THR N 290 20.39 -26.66 -6.48
C THR N 290 19.76 -27.44 -5.33
N LEU N 291 20.54 -28.34 -4.73
CA LEU N 291 20.01 -29.23 -3.69
C LEU N 291 19.28 -28.48 -2.58
N ALA N 292 19.85 -27.37 -2.14
CA ALA N 292 19.27 -26.58 -1.06
C ALA N 292 17.96 -25.83 -1.45
N THR N 293 17.98 -25.11 -2.57
CA THR N 293 16.82 -24.34 -3.00
C THR N 293 15.67 -25.22 -3.48
N ASP N 294 15.99 -26.44 -3.91
CA ASP N 294 14.96 -27.43 -4.27
C ASP N 294 14.31 -27.99 -3.01
N MET N 295 15.10 -28.03 -1.92
CA MET N 295 14.63 -28.45 -0.60
C MET N 295 13.83 -27.33 0.05
N GLY N 296 14.26 -26.10 -0.18
CA GLY N 296 13.53 -24.92 0.28
C GLY N 296 12.13 -24.82 -0.28
N LEU N 297 11.97 -25.11 -1.58
CA LEU N 297 10.69 -24.93 -2.27
C LEU N 297 9.63 -25.97 -1.93
N LEU N 298 10.00 -26.94 -1.10
CA LEU N 298 9.06 -27.92 -0.59
C LEU N 298 8.79 -27.64 0.89
N GLN N 299 9.86 -27.75 1.69
CA GLN N 299 9.80 -27.62 3.14
C GLN N 299 9.24 -26.26 3.61
N GLU N 300 9.60 -25.18 2.92
CA GLU N 300 9.10 -23.86 3.29
C GLU N 300 7.61 -23.67 3.00
N ARG N 301 7.02 -24.65 2.31
CA ARG N 301 5.57 -24.70 2.12
C ARG N 301 4.90 -25.42 3.30
N ILE N 302 5.66 -26.30 3.95
CA ILE N 302 5.22 -26.99 5.16
C ILE N 302 5.49 -26.07 6.35
N THR N 303 4.41 -25.45 6.83
CA THR N 303 4.47 -24.48 7.93
C THR N 303 3.07 -24.09 8.42
N THR N 304 2.99 -23.04 9.24
CA THR N 304 1.72 -22.55 9.79
C THR N 304 1.26 -21.27 9.10
N THR N 305 0.23 -21.37 8.28
CA THR N 305 -0.45 -20.17 7.75
C THR N 305 -1.46 -19.71 8.79
N LYS N 306 -1.95 -18.49 8.61
CA LYS N 306 -3.01 -17.94 9.46
C LYS N 306 -4.17 -18.93 9.60
N LYS N 307 -4.62 -19.47 8.46
CA LYS N 307 -5.76 -20.40 8.43
C LYS N 307 -5.56 -21.71 9.21
N GLY N 308 -4.32 -22.19 9.25
CA GLY N 308 -3.98 -23.45 9.93
C GLY N 308 -2.58 -23.96 9.62
N SER N 309 -2.38 -25.27 9.75
CA SER N 309 -1.05 -25.85 9.54
C SER N 309 -1.05 -27.06 8.62
N VAL N 310 0.09 -27.28 7.96
CA VAL N 310 0.40 -28.58 7.37
C VAL N 310 1.68 -29.04 8.04
N THR N 311 1.52 -30.05 8.89
CA THR N 311 2.64 -30.71 9.53
C THR N 311 2.90 -31.96 8.73
N SER N 312 4.18 -32.22 8.42
CA SER N 312 4.52 -33.34 7.56
C SER N 312 5.50 -34.33 8.18
N VAL N 313 5.10 -35.60 8.19
CA VAL N 313 5.95 -36.69 8.65
C VAL N 313 6.67 -37.20 7.41
N GLN N 314 7.97 -37.42 7.55
CA GLN N 314 8.80 -37.78 6.42
C GLN N 314 9.79 -38.87 6.81
N ALA N 315 9.89 -39.91 5.98
CA ALA N 315 10.89 -40.95 6.18
C ALA N 315 12.22 -40.47 5.58
N VAL N 316 13.30 -40.61 6.34
CA VAL N 316 14.61 -40.15 5.90
C VAL N 316 15.64 -41.29 5.76
N TYR N 317 15.90 -41.71 4.53
CA TYR N 317 16.98 -42.64 4.25
C TYR N 317 18.29 -41.88 4.35
N VAL N 318 19.26 -42.46 5.08
CA VAL N 318 20.56 -41.82 5.26
C VAL N 318 21.60 -42.57 4.41
N PRO N 319 21.99 -42.00 3.25
CA PRO N 319 22.97 -42.60 2.35
C PRO N 319 24.23 -43.02 3.09
N ALA N 320 24.64 -44.27 2.90
CA ALA N 320 25.85 -44.82 3.51
C ALA N 320 25.92 -44.67 5.03
N ASP N 321 24.74 -44.74 5.68
CA ASP N 321 24.62 -44.48 7.13
C ASP N 321 25.46 -43.30 7.55
N ASP N 322 25.47 -42.27 6.71
CA ASP N 322 26.35 -41.13 6.86
C ASP N 322 25.50 -39.87 7.03
N LEU N 323 25.49 -39.37 8.26
CA LEU N 323 24.65 -38.23 8.63
C LEU N 323 25.11 -36.88 8.04
N THR N 324 26.37 -36.80 7.60
CA THR N 324 26.89 -35.55 7.01
C THR N 324 26.72 -35.52 5.50
N ASP N 325 26.26 -36.63 4.91
CA ASP N 325 25.96 -36.68 3.48
C ASP N 325 25.04 -35.50 3.09
N PRO N 326 25.40 -34.75 2.04
CA PRO N 326 24.63 -33.56 1.68
C PRO N 326 23.14 -33.81 1.48
N ALA N 327 22.73 -35.06 1.31
CA ALA N 327 21.31 -35.38 1.25
C ALA N 327 20.65 -35.12 2.61
N PRO N 328 20.94 -35.97 3.64
CA PRO N 328 20.24 -35.75 4.92
C PRO N 328 20.61 -34.44 5.61
N ALA N 329 21.83 -33.94 5.37
CA ALA N 329 22.28 -32.67 5.96
C ALA N 329 21.41 -31.48 5.54
N THR N 330 21.05 -31.43 4.26
CA THR N 330 20.13 -30.42 3.71
C THR N 330 18.71 -30.64 4.21
N THR N 331 18.34 -31.91 4.42
CA THR N 331 17.04 -32.29 4.94
C THR N 331 16.93 -31.94 6.42
N PHE N 332 18.01 -32.19 7.16
CA PHE N 332 18.09 -31.92 8.60
C PHE N 332 17.97 -30.44 8.99
N ALA N 333 18.17 -29.56 8.01
CA ALA N 333 17.98 -28.13 8.21
C ALA N 333 16.52 -27.80 8.51
N HIS N 334 15.60 -28.58 7.94
CA HIS N 334 14.17 -28.33 8.10
C HIS N 334 13.51 -29.22 9.16
N LEU N 335 14.16 -30.34 9.49
CA LEU N 335 13.64 -31.26 10.49
C LEU N 335 13.58 -30.59 11.88
N ASP N 336 12.47 -30.82 12.59
CA ASP N 336 12.26 -30.27 13.93
C ASP N 336 12.33 -31.34 15.01
N ALA N 337 12.01 -32.57 14.64
CA ALA N 337 12.02 -33.71 15.54
C ALA N 337 12.32 -34.99 14.77
N THR N 338 12.73 -36.02 15.49
CA THR N 338 12.95 -37.34 14.89
C THR N 338 12.21 -38.42 15.67
N THR N 339 11.80 -39.46 14.95
CA THR N 339 11.23 -40.64 15.56
C THR N 339 12.00 -41.85 15.03
N VAL N 340 12.76 -42.47 15.93
CA VAL N 340 13.58 -43.62 15.56
C VAL N 340 12.82 -44.92 15.84
N LEU N 341 12.42 -45.59 14.78
CA LEU N 341 11.80 -46.92 14.91
C LEU N 341 12.91 -47.96 14.75
N SER N 342 13.02 -48.85 15.74
CA SER N 342 14.18 -49.74 15.84
C SER N 342 13.82 -51.17 16.22
N ARG N 343 14.48 -52.13 15.57
CA ARG N 343 14.42 -53.54 15.97
C ARG N 343 15.14 -53.76 17.31
N GLY N 344 15.68 -52.68 17.88
CA GLY N 344 16.25 -52.69 19.22
C GLY N 344 15.16 -52.63 20.28
N ILE N 345 14.07 -51.94 19.97
CA ILE N 345 12.89 -51.84 20.84
C ILE N 345 11.80 -52.79 20.35
N SER N 346 11.77 -53.05 19.03
CA SER N 346 10.82 -53.97 18.42
C SER N 346 10.96 -55.40 18.94
N GLU N 347 12.21 -55.83 19.14
CA GLU N 347 12.53 -57.19 19.60
C GLU N 347 12.49 -57.39 21.11
N LEU N 348 11.97 -56.40 21.83
CA LEU N 348 11.71 -56.59 23.25
C LEU N 348 10.22 -56.54 23.52
N GLY N 349 9.43 -56.69 22.46
CA GLY N 349 7.98 -56.82 22.54
C GLY N 349 7.22 -55.52 22.71
N ILE N 350 7.94 -54.41 22.62
CA ILE N 350 7.35 -53.09 22.84
C ILE N 350 6.78 -52.51 21.55
N TYR N 351 5.50 -52.18 21.59
CA TYR N 351 4.79 -51.55 20.47
C TYR N 351 4.07 -50.30 20.98
N PRO N 352 4.30 -49.14 20.32
CA PRO N 352 5.14 -48.95 19.15
C PRO N 352 6.61 -49.21 19.45
N ALA N 353 7.41 -49.39 18.41
CA ALA N 353 8.83 -49.64 18.58
C ALA N 353 9.64 -48.34 18.59
N VAL N 354 9.02 -47.25 19.05
CA VAL N 354 9.69 -45.95 19.15
C VAL N 354 10.90 -46.05 20.08
N ASP N 355 12.01 -45.42 19.67
CA ASP N 355 13.22 -45.41 20.49
C ASP N 355 13.23 -44.19 21.39
N PRO N 356 13.20 -44.42 22.72
CA PRO N 356 12.95 -43.37 23.70
C PRO N 356 14.16 -42.47 23.99
N LEU N 357 15.34 -42.93 23.60
CA LEU N 357 16.57 -42.17 23.85
C LEU N 357 17.13 -41.54 22.58
N ASP N 358 16.95 -42.21 21.44
CA ASP N 358 17.38 -41.71 20.14
C ASP N 358 16.51 -40.57 19.61
N SER N 359 15.19 -40.67 19.83
CA SER N 359 14.23 -39.69 19.31
C SER N 359 14.30 -38.36 20.05
N LYS N 360 14.46 -37.28 19.30
CA LYS N 360 14.60 -35.94 19.86
C LYS N 360 13.65 -34.95 19.21
N SER N 361 13.33 -33.88 19.94
CA SER N 361 12.46 -32.80 19.45
C SER N 361 12.99 -31.45 19.92
N ARG N 362 13.14 -30.52 18.98
CA ARG N 362 13.63 -29.17 19.27
C ARG N 362 12.67 -28.38 20.18
N LEU N 363 11.46 -28.91 20.36
CA LEU N 363 10.46 -28.32 21.25
C LEU N 363 10.43 -28.99 22.64
N LEU N 364 11.36 -29.94 22.85
CA LEU N 364 11.58 -30.57 24.15
C LEU N 364 12.34 -29.60 25.04
N ASP N 365 11.65 -28.53 25.43
CA ASP N 365 12.26 -27.43 26.18
C ASP N 365 11.26 -26.82 27.15
N ALA N 366 11.77 -26.29 28.26
CA ALA N 366 10.96 -25.62 29.26
C ALA N 366 10.24 -24.40 28.69
N ALA N 367 10.79 -23.84 27.61
CA ALA N 367 10.26 -22.61 27.01
C ALA N 367 9.07 -22.80 26.07
N VAL N 368 8.52 -24.02 26.00
CA VAL N 368 7.30 -24.26 25.21
C VAL N 368 6.26 -25.04 26.00
N VAL N 369 6.65 -26.21 26.49
CA VAL N 369 5.70 -27.19 27.08
C VAL N 369 5.35 -26.95 28.55
N GLY N 370 5.72 -25.79 29.09
CA GLY N 370 5.56 -25.51 30.51
C GLY N 370 6.60 -26.26 31.33
N GLN N 371 6.93 -25.70 32.50
CA GLN N 371 7.96 -26.25 33.37
C GLN N 371 7.69 -27.72 33.72
N GLU N 372 6.42 -28.04 33.98
CA GLU N 372 5.97 -29.38 34.38
C GLU N 372 6.32 -30.47 33.36
N HIS N 373 5.76 -30.33 32.16
CA HIS N 373 5.96 -31.28 31.05
C HIS N 373 7.45 -31.54 30.81
N TYR N 374 8.24 -30.48 30.74
CA TYR N 374 9.67 -30.58 30.51
C TYR N 374 10.41 -31.31 31.62
N ASP N 375 9.99 -31.08 32.87
CA ASP N 375 10.61 -31.71 34.03
C ASP N 375 10.37 -33.21 34.09
N VAL N 376 9.10 -33.62 34.03
CA VAL N 376 8.72 -35.03 34.02
C VAL N 376 9.55 -35.79 32.98
N ALA N 377 9.65 -35.22 31.78
CA ALA N 377 10.39 -35.80 30.67
C ALA N 377 11.90 -35.83 30.90
N SER N 378 12.43 -34.79 31.54
CA SER N 378 13.87 -34.66 31.79
C SER N 378 14.44 -35.79 32.64
N LYS N 379 13.67 -36.25 33.62
CA LYS N 379 14.06 -37.37 34.47
C LYS N 379 13.91 -38.71 33.73
N VAL N 380 12.90 -38.80 32.85
CA VAL N 380 12.58 -40.04 32.12
C VAL N 380 13.75 -40.56 31.29
N GLN N 381 14.44 -39.66 30.59
CA GLN N 381 15.67 -40.01 29.87
C GLN N 381 16.81 -40.27 30.84
N GLU N 382 16.90 -39.45 31.88
CA GLU N 382 17.87 -39.63 32.96
C GLU N 382 17.69 -40.98 33.64
N THR N 383 16.44 -41.45 33.65
CA THR N 383 16.13 -42.80 34.13
C THR N 383 16.57 -43.82 33.09
N LEU N 384 16.13 -43.63 31.84
CA LEU N 384 16.34 -44.60 30.75
C LEU N 384 17.79 -44.73 30.28
N GLN N 385 18.61 -43.72 30.54
CA GLN N 385 20.02 -43.73 30.12
C GLN N 385 20.91 -44.57 31.05
N THR N 386 21.09 -44.11 32.30
CA THR N 386 21.96 -44.81 33.26
C THR N 386 21.46 -46.21 33.61
N TYR N 387 20.19 -46.48 33.32
CA TYR N 387 19.62 -47.82 33.46
C TYR N 387 20.09 -48.73 32.32
N LYS N 388 20.10 -48.19 31.10
CA LYS N 388 20.53 -48.93 29.92
C LYS N 388 22.05 -49.11 29.85
N SER N 389 22.77 -48.27 30.59
CA SER N 389 24.23 -48.40 30.69
C SER N 389 24.61 -49.45 31.74
N LEU N 390 23.75 -49.66 32.72
CA LEU N 390 23.95 -50.69 33.75
C LEU N 390 23.69 -52.10 33.23
N GLN N 391 23.07 -52.19 32.04
CA GLN N 391 22.79 -53.48 31.40
C GLN N 391 24.05 -54.29 31.10
N ASP N 392 25.22 -53.65 31.23
CA ASP N 392 26.52 -54.31 31.01
C ASP N 392 27.04 -54.99 32.28
N ILE N 393 26.79 -54.39 33.43
CA ILE N 393 27.18 -54.96 34.73
C ILE N 393 26.10 -55.88 35.34
N ILE N 394 24.86 -55.74 34.84
CA ILE N 394 23.73 -56.61 35.21
C ILE N 394 23.87 -58.01 34.60
N ALA N 395 24.71 -58.13 33.58
CA ALA N 395 24.89 -59.39 32.86
C ALA N 395 25.70 -60.42 33.65
N ILE N 396 26.94 -60.07 34.01
CA ILE N 396 27.86 -61.01 34.66
C ILE N 396 27.58 -61.17 36.16
N LEU N 397 27.21 -60.08 36.83
CA LEU N 397 26.89 -60.11 38.26
C LEU N 397 25.47 -60.67 38.53
N GLY N 398 24.46 -60.10 37.87
CA GLY N 398 23.10 -60.63 37.95
C GLY N 398 22.24 -60.00 39.03
N GLU N 404 21.23 -48.71 47.60
CA GLU N 404 19.82 -48.49 47.89
C GLU N 404 19.16 -47.57 46.86
N GLN N 405 19.93 -46.60 46.37
CA GLN N 405 19.43 -45.66 45.34
C GLN N 405 19.58 -46.21 43.94
N ASP N 406 20.54 -47.12 43.75
CA ASP N 406 20.75 -47.81 42.45
C ASP N 406 19.67 -48.85 42.18
N LYS N 407 19.00 -49.29 43.24
CA LYS N 407 17.94 -50.28 43.15
C LYS N 407 16.55 -49.65 42.95
N LEU N 408 16.31 -48.50 43.58
CA LEU N 408 15.05 -47.78 43.46
C LEU N 408 14.85 -47.21 42.05
N THR N 409 15.93 -46.70 41.47
CA THR N 409 15.92 -46.10 40.14
C THR N 409 15.95 -47.12 38.99
N VAL N 410 16.16 -48.39 39.32
CA VAL N 410 16.09 -49.47 38.32
C VAL N 410 14.71 -50.14 38.31
N GLU N 411 13.98 -50.07 39.43
CA GLU N 411 12.60 -50.56 39.50
C GLU N 411 11.60 -49.53 38.99
N ARG N 412 12.08 -48.30 38.81
CA ARG N 412 11.31 -47.25 38.17
C ARG N 412 11.53 -47.29 36.66
N ALA N 413 12.74 -47.64 36.26
CA ALA N 413 13.14 -47.64 34.85
C ALA N 413 12.52 -48.80 34.05
N ARG N 414 12.46 -49.98 34.65
CA ARG N 414 11.85 -51.14 34.02
C ARG N 414 10.33 -50.95 33.87
N LYS N 415 9.79 -49.99 34.61
CA LYS N 415 8.36 -49.67 34.59
C LYS N 415 8.00 -48.65 33.50
N ILE N 416 8.59 -47.46 33.57
CA ILE N 416 8.36 -46.37 32.58
C ILE N 416 8.43 -46.91 31.15
N GLN N 417 9.45 -47.74 30.90
CA GLN N 417 9.75 -48.38 29.63
C GLN N 417 8.56 -49.16 29.04
N ARG N 418 7.98 -50.05 29.85
CA ARG N 418 6.78 -50.80 29.46
C ARG N 418 5.57 -49.87 29.41
N PHE N 419 5.59 -48.86 30.28
CA PHE N 419 4.52 -47.88 30.36
C PHE N 419 4.54 -46.91 29.17
N LEU N 420 5.65 -46.89 28.45
CA LEU N 420 5.75 -46.13 27.20
C LEU N 420 4.96 -46.83 26.09
N SER N 421 4.96 -48.17 26.11
CA SER N 421 4.25 -48.97 25.09
C SER N 421 2.74 -48.78 25.16
N GLN N 422 2.08 -49.09 24.05
CA GLN N 422 0.69 -48.66 23.83
C GLN N 422 -0.03 -49.53 22.79
N PRO N 423 -1.30 -49.88 23.06
CA PRO N 423 -2.03 -50.53 21.98
C PRO N 423 -2.59 -49.49 21.02
N PHE N 424 -2.75 -49.87 19.76
CA PHE N 424 -3.18 -48.93 18.73
C PHE N 424 -4.58 -49.18 18.22
N ALA N 425 -5.28 -48.07 17.93
CA ALA N 425 -6.67 -48.09 17.49
C ALA N 425 -6.90 -48.88 16.21
N VAL N 426 -6.06 -48.65 15.20
CA VAL N 426 -6.21 -49.31 13.90
C VAL N 426 -5.65 -50.74 13.90
N ALA N 427 -4.83 -51.05 14.90
CA ALA N 427 -4.30 -52.40 15.11
C ALA N 427 -5.30 -53.30 15.84
N GLU N 428 -6.54 -52.82 15.95
CA GLU N 428 -7.60 -53.55 16.64
C GLU N 428 -8.06 -54.77 15.85
N VAL N 429 -7.94 -54.69 14.52
CA VAL N 429 -8.28 -55.80 13.63
C VAL N 429 -7.11 -56.79 13.48
N PHE N 430 -6.07 -56.61 14.29
CA PHE N 430 -4.83 -57.39 14.21
C PHE N 430 -4.49 -58.06 15.53
N THR N 431 -4.51 -57.28 16.61
CA THR N 431 -4.20 -57.79 17.95
C THR N 431 -5.46 -57.98 18.80
N GLY N 432 -6.57 -57.38 18.38
CA GLY N 432 -7.83 -57.48 19.09
C GLY N 432 -7.96 -56.40 20.15
N ILE N 433 -6.89 -56.23 20.95
CA ILE N 433 -6.84 -55.26 22.04
C ILE N 433 -7.36 -53.88 21.60
N PRO N 434 -8.23 -53.24 22.42
CA PRO N 434 -8.79 -51.91 22.11
C PRO N 434 -7.75 -50.81 21.92
N GLY N 435 -8.08 -49.81 21.10
CA GLY N 435 -7.18 -48.69 20.83
C GLY N 435 -7.38 -47.51 21.77
N LYS N 436 -6.28 -47.02 22.31
CA LYS N 436 -6.30 -45.90 23.27
C LYS N 436 -5.64 -44.64 22.71
N LEU N 437 -6.42 -43.57 22.64
CA LEU N 437 -5.94 -42.27 22.16
C LEU N 437 -5.58 -41.39 23.36
N VAL N 438 -4.41 -41.65 23.94
CA VAL N 438 -3.91 -40.94 25.13
C VAL N 438 -3.87 -39.43 24.92
N ARG N 439 -4.06 -38.66 26.00
CA ARG N 439 -4.00 -37.20 25.95
C ARG N 439 -2.66 -36.65 26.46
N LEU N 440 -2.39 -35.38 26.11
CA LEU N 440 -1.18 -34.69 26.54
C LEU N 440 -1.22 -34.42 28.04
N LYS N 441 -2.37 -33.93 28.52
CA LYS N 441 -2.61 -33.66 29.94
C LYS N 441 -2.40 -34.92 30.77
N ASP N 442 -2.79 -36.06 30.20
CA ASP N 442 -2.61 -37.38 30.82
C ASP N 442 -1.14 -37.73 31.07
N THR N 443 -0.38 -37.84 29.98
CA THR N 443 0.96 -38.46 30.00
C THR N 443 1.98 -37.80 30.92
N VAL N 444 1.86 -36.49 31.11
CA VAL N 444 2.73 -35.74 32.02
C VAL N 444 2.39 -36.11 33.47
N ALA N 445 1.11 -36.01 33.81
CA ALA N 445 0.63 -36.34 35.15
C ALA N 445 0.72 -37.84 35.44
N SER N 446 0.55 -38.66 34.40
CA SER N 446 0.63 -40.12 34.50
C SER N 446 2.04 -40.58 34.86
N PHE N 447 3.03 -39.93 34.26
CA PHE N 447 4.44 -40.23 34.52
C PHE N 447 4.95 -39.44 35.74
N LYS N 448 4.20 -38.43 36.14
CA LYS N 448 4.46 -37.74 37.42
C LYS N 448 4.18 -38.71 38.56
N ALA N 449 3.13 -39.52 38.38
CA ALA N 449 2.77 -40.56 39.33
C ALA N 449 3.80 -41.70 39.37
N VAL N 450 4.42 -41.98 38.23
CA VAL N 450 5.43 -43.03 38.13
C VAL N 450 6.83 -42.50 38.51
N LEU N 451 7.00 -41.17 38.46
CA LEU N 451 8.25 -40.53 38.88
C LEU N 451 8.44 -40.52 40.39
N GLU N 452 7.44 -40.01 41.11
CA GLU N 452 7.49 -39.79 42.56
C GLU N 452 7.61 -41.09 43.37
N GLY N 453 6.99 -42.15 42.87
CA GLY N 453 6.95 -43.44 43.55
C GLY N 453 5.55 -43.75 44.06
N LYS N 454 4.55 -43.33 43.30
CA LYS N 454 3.14 -43.54 43.67
C LYS N 454 2.65 -44.96 43.38
N TYR N 455 3.39 -45.68 42.54
CA TYR N 455 3.03 -47.05 42.20
C TYR N 455 4.26 -47.95 42.15
N ASP N 456 4.85 -48.20 43.31
CA ASP N 456 5.98 -49.12 43.42
C ASP N 456 5.62 -50.44 44.12
N ASN N 457 4.32 -50.74 44.13
CA ASN N 457 3.81 -52.04 44.56
C ASN N 457 2.88 -52.65 43.51
N ILE N 458 2.66 -51.89 42.42
CA ILE N 458 1.95 -52.37 41.24
C ILE N 458 2.91 -53.24 40.41
N PRO N 459 2.53 -54.51 40.13
CA PRO N 459 3.40 -55.42 39.35
C PRO N 459 3.70 -54.87 37.96
N GLU N 460 4.90 -55.16 37.46
CA GLU N 460 5.42 -54.53 36.24
C GLU N 460 4.66 -54.81 34.94
N HIS N 461 3.88 -55.90 34.89
CA HIS N 461 3.12 -56.22 33.69
C HIS N 461 1.85 -55.38 33.53
N ALA N 462 1.38 -54.78 34.63
CA ALA N 462 0.25 -53.85 34.59
C ALA N 462 0.59 -52.57 33.83
N PHE N 463 1.88 -52.39 33.53
CA PHE N 463 2.39 -51.24 32.81
C PHE N 463 2.51 -51.51 31.30
N TYR N 464 2.69 -52.78 30.93
CA TYR N 464 2.89 -53.19 29.53
C TYR N 464 1.58 -53.19 28.74
N MET N 465 1.63 -52.64 27.53
CA MET N 465 0.48 -52.61 26.58
C MET N 465 -0.75 -51.85 27.09
N VAL N 466 -0.57 -51.00 28.10
CA VAL N 466 -1.68 -50.23 28.68
C VAL N 466 -1.63 -48.75 28.28
N GLY N 467 -2.75 -48.05 28.47
CA GLY N 467 -2.87 -46.65 28.10
C GLY N 467 -2.26 -45.70 29.10
N GLY N 468 -3.03 -44.68 29.50
CA GLY N 468 -2.58 -43.65 30.43
C GLY N 468 -2.40 -44.16 31.84
N ILE N 469 -2.71 -43.33 32.83
CA ILE N 469 -2.58 -43.74 34.23
C ILE N 469 -3.70 -44.66 34.72
N GLU N 470 -4.93 -44.37 34.30
CA GLU N 470 -6.11 -45.09 34.78
C GLU N 470 -6.32 -46.48 34.14
N ASP N 471 -5.29 -46.96 33.45
CA ASP N 471 -5.32 -48.31 32.87
C ASP N 471 -4.30 -49.24 33.51
N VAL N 472 -3.45 -48.68 34.36
CA VAL N 472 -2.50 -49.46 35.16
C VAL N 472 -3.14 -49.86 36.49
N VAL N 473 -3.92 -48.94 37.05
CA VAL N 473 -4.70 -49.21 38.26
C VAL N 473 -5.81 -50.22 37.97
N ALA N 474 -6.43 -50.09 36.80
CA ALA N 474 -7.50 -50.98 36.36
C ALA N 474 -7.00 -52.40 36.12
N LYS N 475 -5.86 -52.52 35.44
CA LYS N 475 -5.29 -53.80 35.06
C LYS N 475 -4.72 -54.58 36.27
N ALA N 476 -4.06 -53.87 37.17
CA ALA N 476 -3.43 -54.48 38.35
C ALA N 476 -4.43 -55.06 39.35
N GLU N 477 -5.59 -54.40 39.47
CA GLU N 477 -6.69 -54.91 40.29
C GLU N 477 -7.47 -55.99 39.54
N LYS N 478 -7.15 -56.17 38.25
CA LYS N 478 -7.78 -57.18 37.41
C LYS N 478 -6.83 -58.30 36.95
N LEU N 479 -5.62 -58.34 37.52
CA LEU N 479 -4.70 -59.45 37.32
C LEU N 479 -4.45 -60.26 38.61
N ALA N 480 -5.45 -60.22 39.49
CA ALA N 480 -5.47 -61.01 40.73
C ALA N 480 -6.91 -61.34 41.12
N ALA N 481 -7.86 -60.65 40.49
CA ALA N 481 -9.29 -60.86 40.72
C ALA N 481 -9.84 -61.98 39.84
N THR O 13 50.92 10.95 -30.15
CA THR O 13 49.62 10.40 -30.62
C THR O 13 49.34 9.00 -30.01
N PRO O 14 48.50 8.95 -28.95
CA PRO O 14 48.28 7.72 -28.16
C PRO O 14 47.41 6.65 -28.84
N ILE O 15 47.26 5.50 -28.16
CA ILE O 15 46.33 4.45 -28.61
C ILE O 15 45.24 4.16 -27.57
N THR O 16 44.00 4.51 -27.90
CA THR O 16 42.85 4.20 -27.05
C THR O 16 42.11 2.96 -27.58
N GLY O 17 41.20 2.42 -26.76
CA GLY O 17 40.47 1.21 -27.10
C GLY O 17 39.02 1.29 -26.70
N LYS O 18 38.22 0.34 -27.20
CA LYS O 18 36.80 0.27 -26.88
C LYS O 18 36.48 -1.06 -26.19
N VAL O 19 36.07 -0.98 -24.93
CA VAL O 19 35.65 -2.15 -24.15
C VAL O 19 34.51 -2.89 -24.88
N THR O 20 34.68 -4.19 -25.13
CA THR O 20 33.62 -4.99 -25.75
C THR O 20 32.96 -5.98 -24.78
N ALA O 21 33.65 -6.31 -23.69
CA ALA O 21 33.16 -7.32 -22.76
C ALA O 21 33.64 -7.10 -21.32
N VAL O 22 32.78 -7.42 -20.36
CA VAL O 22 33.11 -7.37 -18.92
C VAL O 22 32.55 -8.59 -18.17
N ILE O 23 33.44 -9.51 -17.80
CA ILE O 23 33.04 -10.66 -16.97
C ILE O 23 33.93 -10.78 -15.74
N GLY O 24 33.38 -10.41 -14.58
CA GLY O 24 34.12 -10.45 -13.32
C GLY O 24 35.39 -9.63 -13.39
N ALA O 25 36.52 -10.25 -13.03
CA ALA O 25 37.80 -9.56 -13.02
C ALA O 25 38.39 -9.41 -14.43
N ILE O 26 37.63 -9.83 -15.43
CA ILE O 26 38.12 -9.88 -16.81
C ILE O 26 37.41 -8.90 -17.73
N VAL O 27 38.19 -8.14 -18.49
CA VAL O 27 37.71 -7.16 -19.45
C VAL O 27 38.34 -7.41 -20.83
N ASP O 28 37.51 -7.44 -21.87
CA ASP O 28 38.00 -7.49 -23.25
C ASP O 28 37.91 -6.12 -23.93
N VAL O 29 39.05 -5.67 -24.46
CA VAL O 29 39.15 -4.36 -25.11
C VAL O 29 39.57 -4.53 -26.57
N HIS O 30 38.79 -3.95 -27.48
CA HIS O 30 39.06 -4.01 -28.92
C HIS O 30 39.79 -2.76 -29.39
N PHE O 31 40.77 -2.96 -30.27
CA PHE O 31 41.55 -1.86 -30.83
C PHE O 31 41.33 -1.69 -32.34
N GLU O 32 40.72 -0.56 -32.70
CA GLU O 32 40.44 -0.20 -34.08
C GLU O 32 41.72 -0.03 -34.88
N GLN O 33 42.80 0.33 -34.17
CA GLN O 33 44.14 0.47 -34.75
C GLN O 33 44.67 -0.84 -35.29
N SER O 34 45.47 -0.76 -36.36
CA SER O 34 46.19 -1.89 -36.95
C SER O 34 46.99 -2.68 -35.88
N GLU O 35 47.80 -1.97 -35.10
CA GLU O 35 48.61 -2.61 -34.06
C GLU O 35 47.96 -2.52 -32.68
N LEU O 36 48.11 -3.62 -31.92
CA LEU O 36 47.55 -3.80 -30.58
C LEU O 36 48.62 -3.58 -29.51
N PRO O 37 48.22 -3.54 -28.22
CA PRO O 37 49.25 -3.54 -27.18
C PRO O 37 49.83 -4.92 -26.94
N ALA O 38 51.09 -4.98 -26.51
CA ALA O 38 51.77 -6.23 -26.16
C ALA O 38 51.09 -6.89 -24.96
N ILE O 39 51.48 -8.13 -24.65
CA ILE O 39 51.01 -8.76 -23.43
C ILE O 39 51.78 -8.17 -22.25
N LEU O 40 51.11 -8.10 -21.11
CA LEU O 40 51.64 -7.53 -19.85
C LEU O 40 51.63 -6.00 -19.84
N ASN O 41 51.23 -5.40 -20.95
CA ASN O 41 51.07 -3.94 -21.04
C ASN O 41 49.92 -3.44 -20.18
N ALA O 42 50.18 -2.39 -19.42
CA ALA O 42 49.16 -1.80 -18.55
C ALA O 42 48.19 -0.92 -19.34
N LEU O 43 46.90 -1.14 -19.13
CA LEU O 43 45.87 -0.33 -19.79
C LEU O 43 45.11 0.49 -18.75
N GLU O 44 44.84 1.75 -19.10
CA GLU O 44 44.17 2.68 -18.20
C GLU O 44 42.77 3.08 -18.65
N ILE O 45 41.84 3.04 -17.70
CA ILE O 45 40.48 3.55 -17.87
C ILE O 45 40.21 4.55 -16.75
N LYS O 46 39.82 5.77 -17.12
CA LYS O 46 39.58 6.83 -16.13
C LYS O 46 38.16 6.77 -15.57
N THR O 47 38.06 6.77 -14.25
CA THR O 47 36.78 6.62 -13.55
C THR O 47 36.40 7.87 -12.75
N PRO O 48 35.25 7.84 -12.04
CA PRO O 48 34.87 8.97 -11.20
C PRO O 48 35.95 9.42 -10.19
N GLN O 49 36.37 8.53 -9.28
CA GLN O 49 37.31 8.90 -8.21
C GLN O 49 38.79 8.82 -8.61
N GLY O 50 39.14 7.82 -9.42
CA GLY O 50 40.52 7.65 -9.89
C GLY O 50 40.68 6.84 -11.17
N LYS O 51 41.55 5.83 -11.12
CA LYS O 51 41.81 4.96 -12.26
C LYS O 51 41.29 3.55 -12.01
N LEU O 52 40.95 2.88 -13.10
CA LEU O 52 40.88 1.41 -13.13
C LEU O 52 42.05 0.97 -14.01
N VAL O 53 42.91 0.13 -13.46
CA VAL O 53 44.09 -0.33 -14.18
C VAL O 53 43.86 -1.75 -14.70
N LEU O 54 44.19 -1.95 -15.99
CA LEU O 54 44.12 -3.28 -16.60
C LEU O 54 45.51 -3.73 -17.06
N GLU O 55 45.73 -5.04 -17.05
CA GLU O 55 46.94 -5.65 -17.60
C GLU O 55 46.53 -6.64 -18.69
N VAL O 56 47.21 -6.60 -19.83
CA VAL O 56 46.86 -7.49 -20.95
C VAL O 56 47.31 -8.93 -20.66
N ALA O 57 46.42 -9.89 -20.91
CA ALA O 57 46.68 -11.30 -20.58
C ALA O 57 46.86 -12.16 -21.81
N GLN O 58 46.11 -11.86 -22.86
CA GLN O 58 46.18 -12.60 -24.13
C GLN O 58 45.61 -11.82 -25.31
N HIS O 59 45.94 -12.26 -26.52
CA HIS O 59 45.34 -11.75 -27.74
C HIS O 59 44.34 -12.78 -28.27
N LEU O 60 43.07 -12.40 -28.25
CA LEU O 60 41.98 -13.27 -28.67
C LEU O 60 41.87 -13.41 -30.19
N GLY O 61 42.48 -12.49 -30.93
CA GLY O 61 42.28 -12.41 -32.37
C GLY O 61 41.28 -11.31 -32.68
N GLU O 62 41.12 -11.00 -33.97
CA GLU O 62 40.22 -9.94 -34.43
C GLU O 62 40.41 -8.59 -33.72
N ASN O 63 41.67 -8.23 -33.49
CA ASN O 63 42.06 -6.98 -32.83
C ASN O 63 41.40 -6.78 -31.47
N THR O 64 41.15 -7.88 -30.78
CA THR O 64 40.59 -7.80 -29.44
C THR O 64 41.59 -8.38 -28.46
N VAL O 65 41.85 -7.63 -27.39
CA VAL O 65 42.70 -8.11 -26.31
C VAL O 65 41.90 -8.38 -25.04
N ARG O 66 42.30 -9.42 -24.32
CA ARG O 66 41.69 -9.78 -23.05
C ARG O 66 42.62 -9.32 -21.92
N THR O 67 42.02 -8.82 -20.84
CA THR O 67 42.74 -8.16 -19.76
C THR O 67 42.28 -8.58 -18.36
N ILE O 68 43.18 -8.46 -17.38
CA ILE O 68 42.86 -8.65 -15.97
C ILE O 68 42.77 -7.27 -15.29
N ALA O 69 41.72 -7.06 -14.49
CA ALA O 69 41.57 -5.81 -13.77
C ALA O 69 42.32 -5.87 -12.44
N MET O 70 42.88 -4.72 -12.04
CA MET O 70 43.56 -4.59 -10.75
C MET O 70 42.64 -3.96 -9.70
N ASP O 71 41.40 -3.69 -10.10
CA ASP O 71 40.37 -3.16 -9.20
C ASP O 71 39.02 -3.78 -9.60
N GLY O 72 37.91 -3.26 -9.06
CA GLY O 72 36.59 -3.74 -9.45
C GLY O 72 36.22 -3.32 -10.87
N THR O 73 35.30 -4.04 -11.50
CA THR O 73 34.87 -3.68 -12.85
C THR O 73 33.44 -3.18 -12.87
N GLU O 74 32.92 -2.81 -11.70
CA GLU O 74 31.56 -2.31 -11.57
C GLU O 74 31.42 -0.95 -12.24
N GLY O 75 30.36 -0.79 -13.04
CA GLY O 75 30.11 0.46 -13.72
C GLY O 75 30.61 0.50 -15.15
N LEU O 76 31.42 -0.48 -15.55
CA LEU O 76 31.94 -0.51 -16.92
C LEU O 76 30.85 -0.75 -17.96
N VAL O 77 30.87 0.06 -19.01
CA VAL O 77 29.87 0.01 -20.08
C VAL O 77 30.54 -0.31 -21.42
N ARG O 78 30.07 -1.35 -22.09
CA ARG O 78 30.59 -1.75 -23.40
C ARG O 78 30.72 -0.55 -24.33
N GLY O 79 31.95 -0.27 -24.75
CA GLY O 79 32.24 0.87 -25.62
C GLY O 79 33.02 1.98 -24.92
N GLU O 80 33.38 1.73 -23.66
CA GLU O 80 34.17 2.67 -22.87
C GLU O 80 35.57 2.79 -23.47
N LYS O 81 36.11 4.02 -23.47
CA LYS O 81 37.44 4.29 -24.02
C LYS O 81 38.54 3.77 -23.08
N VAL O 82 39.59 3.19 -23.65
CA VAL O 82 40.67 2.53 -22.88
C VAL O 82 42.07 2.95 -23.35
N LEU O 83 42.81 3.64 -22.48
CA LEU O 83 44.15 4.12 -22.82
C LEU O 83 45.18 3.03 -22.69
N ASP O 84 45.96 2.80 -23.74
CA ASP O 84 47.15 1.96 -23.61
C ASP O 84 48.30 2.81 -23.10
N THR O 85 48.86 2.41 -21.96
CA THR O 85 50.02 3.10 -21.40
C THR O 85 51.29 2.68 -22.12
N GLY O 86 51.19 1.58 -22.86
CA GLY O 86 52.32 1.05 -23.64
C GLY O 86 53.48 0.58 -22.78
N GLY O 87 53.21 -0.38 -21.92
CA GLY O 87 54.20 -0.88 -20.96
C GLY O 87 53.52 -1.45 -19.73
N PRO O 88 54.22 -2.34 -19.02
CA PRO O 88 53.65 -3.01 -17.84
C PRO O 88 53.34 -2.05 -16.68
N ILE O 89 52.64 -2.57 -15.67
CA ILE O 89 52.40 -1.86 -14.41
C ILE O 89 53.74 -1.46 -13.79
N SER O 90 53.91 -0.16 -13.56
CA SER O 90 55.16 0.33 -12.97
C SER O 90 55.00 0.77 -11.52
N VAL O 91 56.04 0.49 -10.73
CA VAL O 91 56.10 0.93 -9.33
C VAL O 91 57.38 1.70 -9.07
N PRO O 92 57.33 2.67 -8.12
CA PRO O 92 58.53 3.44 -7.80
C PRO O 92 59.59 2.53 -7.21
N VAL O 93 60.86 2.87 -7.46
CA VAL O 93 61.98 2.10 -6.95
C VAL O 93 62.90 2.99 -6.10
N GLY O 94 64.07 2.46 -5.72
CA GLY O 94 65.06 3.25 -5.01
C GLY O 94 64.67 3.54 -3.57
N ARG O 95 65.26 4.58 -2.99
CA ARG O 95 65.11 4.83 -1.56
C ARG O 95 63.86 5.60 -1.18
N GLU O 96 63.27 6.28 -2.15
CA GLU O 96 62.07 7.08 -1.90
C GLU O 96 60.80 6.25 -1.65
N THR O 97 60.99 4.94 -1.42
CA THR O 97 59.87 4.02 -1.19
C THR O 97 59.84 3.53 0.26
N LEU O 98 60.94 3.76 0.97
CA LEU O 98 61.08 3.36 2.37
C LEU O 98 60.10 4.10 3.25
N GLY O 99 59.64 3.42 4.31
CA GLY O 99 58.75 4.02 5.30
C GLY O 99 57.36 4.39 4.83
N ARG O 100 57.08 4.11 3.55
CA ARG O 100 55.80 4.44 2.93
C ARG O 100 54.99 3.16 2.62
N ILE O 101 53.69 3.33 2.36
CA ILE O 101 52.79 2.21 2.07
C ILE O 101 52.34 2.28 0.59
N ILE O 102 52.32 1.12 -0.08
CA ILE O 102 52.22 1.12 -1.55
C ILE O 102 51.18 0.16 -2.17
N ASN O 103 50.40 0.70 -3.12
CA ASN O 103 49.44 -0.02 -3.97
C ASN O 103 50.13 -1.00 -4.90
N VAL O 104 49.37 -2.01 -5.34
CA VAL O 104 49.83 -2.92 -6.41
C VAL O 104 50.21 -2.15 -7.69
N ILE O 105 49.62 -0.98 -7.88
CA ILE O 105 49.89 -0.12 -9.04
C ILE O 105 50.90 1.00 -8.76
N GLY O 106 51.46 0.99 -7.55
CA GLY O 106 52.54 1.91 -7.21
C GLY O 106 52.13 3.25 -6.63
N GLU O 107 50.84 3.57 -6.71
CA GLU O 107 50.30 4.75 -6.03
C GLU O 107 50.50 4.58 -4.51
N PRO O 108 50.56 5.70 -3.76
CA PRO O 108 50.66 5.55 -2.30
C PRO O 108 49.30 5.51 -1.62
N ILE O 109 49.20 4.73 -0.55
CA ILE O 109 47.95 4.59 0.18
C ILE O 109 48.01 5.04 1.64
N ASP O 110 49.10 5.69 2.02
CA ASP O 110 49.26 6.21 3.38
C ASP O 110 48.89 7.70 3.51
N GLU O 111 48.13 8.21 2.53
CA GLU O 111 47.63 9.59 2.49
C GLU O 111 48.71 10.67 2.71
N ARG O 112 49.95 10.37 2.29
CA ARG O 112 51.09 11.26 2.50
C ARG O 112 51.67 11.82 1.18
N GLY O 113 50.81 12.00 0.19
CA GLY O 113 51.17 12.73 -1.02
C GLY O 113 51.54 11.88 -2.21
N PRO O 114 52.69 12.19 -2.85
CA PRO O 114 53.27 11.39 -3.95
C PRO O 114 54.51 10.59 -3.51
N ILE O 115 55.11 9.87 -4.45
CA ILE O 115 56.43 9.27 -4.23
C ILE O 115 57.36 9.80 -5.31
N LYS O 116 58.28 10.67 -4.90
CA LYS O 116 59.16 11.34 -5.83
C LYS O 116 60.53 10.67 -5.87
N SER O 117 60.60 9.52 -6.53
CA SER O 117 61.86 8.84 -6.79
C SER O 117 62.20 8.92 -8.27
N LYS O 118 63.46 8.63 -8.59
CA LYS O 118 63.97 8.66 -9.97
C LYS O 118 63.20 7.72 -10.90
N LEU O 119 63.45 6.42 -10.78
CA LEU O 119 62.88 5.47 -11.72
C LEU O 119 61.58 4.82 -11.27
N ARG O 120 60.86 4.29 -12.26
CA ARG O 120 59.76 3.36 -12.02
C ARG O 120 60.06 2.11 -12.85
N LYS O 121 60.47 1.03 -12.20
CA LYS O 121 60.66 -0.23 -12.90
C LYS O 121 59.31 -0.89 -13.18
N PRO O 122 59.20 -1.56 -14.34
CA PRO O 122 58.08 -2.47 -14.60
C PRO O 122 58.13 -3.68 -13.65
N ILE O 123 56.95 -4.11 -13.19
CA ILE O 123 56.85 -5.16 -12.18
C ILE O 123 57.07 -6.56 -12.77
N HIS O 124 57.08 -6.63 -14.10
CA HIS O 124 57.33 -7.89 -14.78
C HIS O 124 58.71 -7.89 -15.43
N ALA O 125 59.59 -8.70 -14.87
CA ALA O 125 60.96 -8.75 -15.33
C ALA O 125 61.49 -10.18 -15.27
N ASP O 126 62.25 -10.55 -16.31
CA ASP O 126 62.90 -11.86 -16.38
C ASP O 126 63.76 -12.14 -15.14
N PRO O 127 63.66 -13.36 -14.59
CA PRO O 127 64.49 -13.77 -13.45
C PRO O 127 65.97 -13.89 -13.82
N PRO O 128 66.88 -13.88 -12.81
CA PRO O 128 68.32 -13.96 -13.07
C PRO O 128 68.72 -15.29 -13.72
N SER O 129 69.62 -15.22 -14.69
CA SER O 129 70.05 -16.37 -15.47
C SER O 129 70.81 -17.39 -14.62
N PHE O 130 71.20 -18.50 -15.24
CA PHE O 130 72.06 -19.48 -14.59
C PHE O 130 73.41 -18.83 -14.27
N ALA O 131 74.00 -18.20 -15.29
CA ALA O 131 75.30 -17.53 -15.17
C ALA O 131 75.31 -16.47 -14.06
N GLU O 132 74.19 -15.77 -13.90
CA GLU O 132 74.07 -14.67 -12.93
C GLU O 132 73.95 -15.14 -11.47
N GLN O 133 73.77 -16.44 -11.27
CA GLN O 133 73.59 -17.00 -9.92
C GLN O 133 74.85 -16.89 -9.07
N SER O 134 74.68 -17.02 -7.76
CA SER O 134 75.80 -16.98 -6.83
C SER O 134 75.45 -17.72 -5.55
N THR O 135 76.09 -18.86 -5.32
CA THR O 135 75.71 -19.76 -4.22
C THR O 135 76.56 -19.62 -2.96
N SER O 136 75.91 -19.79 -1.82
CA SER O 136 76.56 -19.81 -0.50
C SER O 136 75.66 -20.52 0.51
N ALA O 137 76.27 -21.11 1.53
CA ALA O 137 75.52 -21.76 2.59
C ALA O 137 75.82 -21.12 3.94
N GLU O 138 75.11 -20.04 4.24
CA GLU O 138 75.32 -19.29 5.47
C GLU O 138 74.02 -19.18 6.27
N ILE O 139 74.09 -19.44 7.57
CA ILE O 139 72.90 -19.42 8.44
C ILE O 139 72.57 -18.01 8.97
N LEU O 140 71.40 -17.50 8.61
CA LEU O 140 70.83 -16.34 9.28
C LEU O 140 70.27 -16.84 10.61
N GLU O 141 70.93 -16.47 11.71
CA GLU O 141 70.50 -16.86 13.05
C GLU O 141 69.15 -16.21 13.36
N THR O 142 68.31 -16.98 14.06
CA THR O 142 66.94 -16.56 14.35
C THR O 142 66.72 -16.27 15.83
N GLY O 143 67.35 -17.06 16.68
CA GLY O 143 67.11 -17.02 18.11
C GLY O 143 65.92 -17.88 18.50
N ILE O 144 65.57 -18.83 17.62
CA ILE O 144 64.48 -19.76 17.89
C ILE O 144 64.99 -21.20 17.88
N LYS O 145 64.65 -21.93 18.95
CA LYS O 145 65.18 -23.28 19.20
C LYS O 145 64.88 -24.30 18.09
N VAL O 146 63.61 -24.46 17.75
CA VAL O 146 63.20 -25.37 16.67
C VAL O 146 63.97 -25.08 15.38
N VAL O 147 64.18 -23.79 15.10
CA VAL O 147 64.87 -23.35 13.88
C VAL O 147 66.39 -23.52 14.00
N ASP O 148 66.99 -22.91 15.02
CA ASP O 148 68.45 -22.92 15.23
C ASP O 148 69.04 -24.33 15.39
N LEU O 149 68.16 -25.30 15.65
CA LEU O 149 68.58 -26.68 15.74
C LEU O 149 68.13 -27.48 14.51
N LEU O 150 66.81 -27.65 14.36
CA LEU O 150 66.27 -28.60 13.38
C LEU O 150 66.23 -28.10 11.94
N ALA O 151 65.77 -26.87 11.72
CA ALA O 151 65.73 -26.31 10.37
C ALA O 151 66.28 -24.89 10.30
N PRO O 152 67.62 -24.75 10.15
CA PRO O 152 68.28 -23.44 10.05
C PRO O 152 67.95 -22.69 8.76
N TYR O 153 67.75 -21.38 8.88
CA TYR O 153 67.43 -20.53 7.74
C TYR O 153 68.70 -20.13 7.01
N ALA O 154 68.64 -20.11 5.68
CA ALA O 154 69.78 -19.76 4.84
C ALA O 154 69.80 -18.27 4.51
N ARG O 155 70.87 -17.59 4.92
CA ARG O 155 71.14 -16.20 4.55
C ARG O 155 71.21 -16.10 3.03
N GLY O 156 70.36 -15.26 2.46
CA GLY O 156 70.29 -15.09 1.01
C GLY O 156 69.42 -16.09 0.27
N GLY O 157 68.78 -17.00 1.00
CA GLY O 157 67.99 -18.08 0.40
C GLY O 157 66.50 -17.80 0.28
N LYS O 158 65.69 -18.83 0.49
CA LYS O 158 64.22 -18.72 0.46
C LYS O 158 63.61 -19.60 1.56
N ILE O 159 62.87 -18.99 2.47
CA ILE O 159 62.33 -19.72 3.62
C ILE O 159 60.80 -19.63 3.65
N GLY O 160 60.14 -20.74 4.02
CA GLY O 160 58.69 -20.77 4.10
C GLY O 160 58.14 -21.12 5.46
N LEU O 161 56.91 -20.68 5.74
CA LEU O 161 56.19 -21.04 6.96
C LEU O 161 54.80 -21.59 6.63
N PHE O 162 54.72 -22.90 6.54
CA PHE O 162 53.46 -23.59 6.23
C PHE O 162 52.63 -23.75 7.50
N GLY O 163 51.33 -23.54 7.37
CA GLY O 163 50.41 -23.77 8.47
C GLY O 163 48.99 -23.47 8.03
N GLY O 164 48.05 -24.28 8.48
CA GLY O 164 46.63 -24.04 8.21
C GLY O 164 46.13 -22.87 9.04
N ALA O 165 44.97 -22.35 8.68
CA ALA O 165 44.38 -21.20 9.36
C ALA O 165 44.57 -21.24 10.88
N GLY O 166 45.26 -20.22 11.41
CA GLY O 166 45.30 -19.94 12.85
C GLY O 166 46.34 -20.64 13.72
N VAL O 167 47.47 -21.02 13.13
CA VAL O 167 48.49 -21.82 13.85
C VAL O 167 49.81 -21.09 14.18
N GLY O 168 49.88 -19.81 13.83
CA GLY O 168 51.04 -18.98 14.19
C GLY O 168 51.88 -18.42 13.06
N LYS O 169 51.31 -18.37 11.85
CA LYS O 169 52.06 -17.92 10.66
C LYS O 169 52.49 -16.46 10.74
N THR O 170 51.55 -15.57 11.08
CA THR O 170 51.80 -14.12 11.15
C THR O 170 52.64 -13.77 12.38
N VAL O 171 52.27 -14.34 13.54
CA VAL O 171 53.04 -14.20 14.78
C VAL O 171 54.50 -14.58 14.52
N PHE O 172 54.71 -15.69 13.81
CA PHE O 172 56.05 -16.14 13.50
C PHE O 172 56.84 -15.14 12.64
N ILE O 173 56.26 -14.69 11.54
CA ILE O 173 56.95 -13.75 10.66
C ILE O 173 57.22 -12.43 11.37
N GLN O 174 56.25 -11.99 12.18
CA GLN O 174 56.40 -10.77 12.96
C GLN O 174 57.51 -10.91 13.98
N GLU O 175 57.61 -12.09 14.60
CA GLU O 175 58.69 -12.39 15.54
C GLU O 175 60.06 -12.31 14.84
N LEU O 176 60.16 -12.90 13.65
CA LEU O 176 61.39 -12.87 12.87
C LEU O 176 61.72 -11.46 12.37
N ILE O 177 60.69 -10.70 12.00
CA ILE O 177 60.84 -9.29 11.68
C ILE O 177 61.36 -8.58 12.93
N ASN O 178 60.69 -8.82 14.05
CA ASN O 178 61.03 -8.19 15.33
C ASN O 178 62.39 -8.62 15.86
N ASN O 179 63.01 -9.59 15.19
CA ASN O 179 64.33 -10.07 15.56
C ASN O 179 65.42 -9.56 14.64
N ILE O 180 65.16 -9.53 13.34
CA ILE O 180 66.20 -9.20 12.38
C ILE O 180 66.03 -7.81 11.73
N ALA O 181 64.82 -7.50 11.26
CA ALA O 181 64.55 -6.30 10.44
C ALA O 181 65.29 -5.04 10.88
N LYS O 182 65.19 -4.69 12.17
CA LYS O 182 65.89 -3.52 12.73
C LYS O 182 67.39 -3.79 12.86
N ALA O 183 67.72 -5.01 13.30
CA ALA O 183 69.09 -5.41 13.58
C ALA O 183 69.88 -5.80 12.32
N HIS O 184 69.18 -6.21 11.27
CA HIS O 184 69.79 -6.73 10.04
C HIS O 184 70.81 -5.79 9.40
N GLY O 185 70.41 -4.53 9.20
CA GLY O 185 71.26 -3.58 8.47
C GLY O 185 71.09 -3.81 6.98
N GLY O 186 70.98 -2.72 6.22
CA GLY O 186 70.51 -2.81 4.84
C GLY O 186 69.03 -2.42 4.80
N PHE O 187 68.23 -3.17 4.03
CA PHE O 187 66.83 -2.80 3.86
C PHE O 187 65.86 -3.96 3.99
N SER O 188 64.56 -3.64 3.97
CA SER O 188 63.48 -4.62 4.10
C SER O 188 62.28 -4.20 3.26
N VAL O 189 61.50 -5.19 2.83
CA VAL O 189 60.29 -4.95 2.06
C VAL O 189 59.22 -5.94 2.52
N PHE O 190 58.09 -5.42 3.01
CA PHE O 190 56.99 -6.27 3.44
C PHE O 190 55.79 -6.17 2.50
N THR O 191 55.43 -7.29 1.89
CA THR O 191 54.25 -7.34 1.04
C THR O 191 53.23 -8.28 1.66
N GLY O 192 52.17 -7.70 2.20
CA GLY O 192 51.00 -8.47 2.61
C GLY O 192 50.23 -8.82 1.35
N VAL O 193 49.94 -10.11 1.16
CA VAL O 193 49.18 -10.56 0.00
C VAL O 193 47.93 -11.33 0.44
N GLY O 194 46.77 -10.79 0.06
CA GLY O 194 45.46 -11.40 0.34
C GLY O 194 45.21 -11.70 1.80
N GLU O 195 45.62 -10.79 2.68
CA GLU O 195 45.54 -11.04 4.10
C GLU O 195 44.76 -9.93 4.82
N ARG O 196 44.62 -10.05 6.14
CA ARG O 196 43.86 -9.09 6.93
C ARG O 196 44.48 -7.70 6.87
N THR O 197 43.66 -6.71 6.50
CA THR O 197 44.08 -5.30 6.45
C THR O 197 44.26 -4.78 7.87
N ARG O 198 43.47 -5.33 8.79
CA ARG O 198 43.66 -5.09 10.21
C ARG O 198 45.12 -5.31 10.61
N GLU O 199 45.73 -6.37 10.06
CA GLU O 199 47.13 -6.69 10.33
C GLU O 199 48.11 -5.73 9.66
N GLY O 200 47.65 -4.99 8.66
CA GLY O 200 48.45 -3.93 8.05
C GLY O 200 48.44 -2.73 8.98
N ASN O 201 47.24 -2.32 9.36
CA ASN O 201 47.03 -1.37 10.46
C ASN O 201 47.93 -1.72 11.64
N ASP O 202 47.86 -2.98 12.08
CA ASP O 202 48.67 -3.49 13.19
C ASP O 202 50.17 -3.38 12.94
N LEU O 203 50.59 -3.65 11.71
CA LEU O 203 52.01 -3.67 11.39
C LEU O 203 52.61 -2.27 11.27
N TYR O 204 51.86 -1.35 10.65
CA TYR O 204 52.30 0.05 10.50
C TYR O 204 52.47 0.75 11.85
N ARG O 205 51.55 0.44 12.78
CA ARG O 205 51.58 0.95 14.16
C ARG O 205 52.86 0.49 14.87
N GLU O 206 53.16 -0.79 14.74
CA GLU O 206 54.30 -1.40 15.43
C GLU O 206 55.64 -0.99 14.83
N MET O 207 55.69 -0.88 13.50
CA MET O 207 56.91 -0.49 12.77
C MET O 207 57.45 0.86 13.23
N LYS O 208 56.52 1.77 13.53
CA LYS O 208 56.84 3.10 14.04
C LYS O 208 57.29 3.07 15.51
N GLU O 209 56.60 2.27 16.31
CA GLU O 209 56.88 2.18 17.74
C GLU O 209 58.18 1.44 18.07
N THR O 210 58.69 0.64 17.14
CA THR O 210 60.02 0.05 17.32
C THR O 210 61.13 0.86 16.64
N GLY O 211 60.74 1.76 15.75
CA GLY O 211 61.69 2.65 15.07
C GLY O 211 62.45 2.02 13.91
N VAL O 212 61.73 1.31 13.04
CA VAL O 212 62.28 0.80 11.78
C VAL O 212 61.59 1.54 10.62
N ILE O 213 60.40 2.07 10.90
CA ILE O 213 59.80 3.12 10.08
C ILE O 213 59.79 4.42 10.88
N ASN O 214 60.57 5.40 10.42
CA ASN O 214 60.66 6.70 11.06
C ASN O 214 60.06 7.76 10.14
N LEU O 215 58.92 8.30 10.55
CA LEU O 215 58.25 9.36 9.79
C LEU O 215 59.02 10.68 9.94
N GLU O 216 59.37 11.03 11.17
CA GLU O 216 60.23 12.18 11.42
C GLU O 216 61.61 11.92 10.79
N GLY O 217 62.29 10.88 11.26
CA GLY O 217 63.60 10.48 10.74
C GLY O 217 63.50 9.69 9.44
N GLU O 218 64.32 8.65 9.31
CA GLU O 218 64.30 7.80 8.11
C GLU O 218 64.06 6.32 8.46
N SER O 219 63.61 5.54 7.48
CA SER O 219 63.21 4.14 7.72
C SER O 219 64.17 3.09 7.15
N LYS O 220 63.98 1.84 7.59
CA LYS O 220 64.70 0.68 7.05
C LYS O 220 63.78 -0.34 6.39
N VAL O 221 62.53 0.04 6.15
CA VAL O 221 61.56 -0.86 5.52
C VAL O 221 60.54 -0.13 4.62
N ALA O 222 60.24 -0.73 3.47
CA ALA O 222 59.16 -0.31 2.59
C ALA O 222 57.95 -1.20 2.84
N LEU O 223 56.75 -0.65 2.73
CA LEU O 223 55.53 -1.43 2.92
C LEU O 223 54.67 -1.49 1.67
N VAL O 224 54.18 -2.69 1.35
CA VAL O 224 53.34 -2.90 0.19
C VAL O 224 52.12 -3.75 0.58
N PHE O 225 50.93 -3.32 0.16
CA PHE O 225 49.69 -4.04 0.48
C PHE O 225 48.73 -4.27 -0.69
N GLY O 226 48.14 -5.45 -0.68
CA GLY O 226 47.08 -5.85 -1.59
C GLY O 226 46.42 -6.99 -0.85
N GLN O 227 45.45 -6.65 -0.01
CA GLN O 227 44.90 -7.59 0.96
C GLN O 227 43.60 -8.26 0.50
N MET O 228 42.99 -9.05 1.39
CA MET O 228 41.87 -9.93 1.03
C MET O 228 40.55 -9.22 0.66
N ASN O 229 40.57 -7.88 0.66
CA ASN O 229 39.42 -7.12 0.20
C ASN O 229 39.57 -6.72 -1.25
N GLU O 230 40.81 -6.77 -1.73
CA GLU O 230 41.14 -6.43 -3.10
C GLU O 230 40.61 -7.53 -4.05
N PRO O 231 40.25 -7.16 -5.29
CA PRO O 231 39.86 -8.12 -6.33
C PRO O 231 40.96 -9.16 -6.62
N PRO O 232 40.61 -10.24 -7.36
CA PRO O 232 41.60 -11.29 -7.63
C PRO O 232 42.80 -10.77 -8.42
N GLY O 233 42.56 -9.84 -9.33
CA GLY O 233 43.61 -9.29 -10.18
C GLY O 233 44.68 -8.52 -9.43
N ALA O 234 44.28 -7.81 -8.38
CA ALA O 234 45.24 -7.08 -7.54
C ALA O 234 46.00 -8.03 -6.60
N ARG O 235 45.27 -8.93 -5.93
CA ARG O 235 45.86 -9.95 -5.04
C ARG O 235 46.89 -10.83 -5.73
N ALA O 236 46.66 -11.08 -7.03
CA ALA O 236 47.60 -11.86 -7.84
C ALA O 236 48.89 -11.09 -8.07
N ARG O 237 48.79 -9.94 -8.70
CA ARG O 237 49.99 -9.18 -9.11
C ARG O 237 50.72 -8.45 -7.98
N VAL O 238 50.14 -8.43 -6.78
CA VAL O 238 50.67 -7.59 -5.70
C VAL O 238 52.00 -8.08 -5.11
N ALA O 239 52.22 -9.40 -5.15
CA ALA O 239 53.47 -9.98 -4.65
C ALA O 239 54.67 -9.55 -5.49
N LEU O 240 54.48 -9.46 -6.81
CA LEU O 240 55.54 -9.03 -7.73
C LEU O 240 55.93 -7.58 -7.48
N THR O 241 54.94 -6.73 -7.23
CA THR O 241 55.16 -5.32 -6.91
C THR O 241 56.12 -5.11 -5.72
N GLY O 242 55.89 -5.90 -4.66
CA GLY O 242 56.77 -5.91 -3.50
C GLY O 242 58.17 -6.39 -3.84
N LEU O 243 58.24 -7.36 -4.74
CA LEU O 243 59.52 -7.88 -5.21
C LEU O 243 60.30 -6.86 -6.04
N THR O 244 59.64 -6.26 -7.04
CA THR O 244 60.29 -5.29 -7.94
C THR O 244 61.02 -4.19 -7.16
N ILE O 245 60.45 -3.79 -6.03
CA ILE O 245 61.16 -2.90 -5.10
C ILE O 245 62.36 -3.62 -4.46
N ALA O 246 62.10 -4.75 -3.78
CA ALA O 246 63.14 -5.52 -3.11
C ALA O 246 64.29 -5.89 -4.04
N GLU O 247 64.02 -5.86 -5.35
CA GLU O 247 65.00 -6.22 -6.38
C GLU O 247 65.86 -5.06 -6.82
N TYR O 248 65.32 -3.85 -6.77
CA TYR O 248 66.05 -2.67 -7.18
C TYR O 248 67.22 -2.42 -6.24
N PHE O 249 67.00 -2.67 -4.96
CA PHE O 249 68.03 -2.58 -3.93
C PHE O 249 69.15 -3.60 -4.12
N ARG O 250 68.78 -4.83 -4.50
CA ARG O 250 69.77 -5.86 -4.80
C ARG O 250 70.60 -5.52 -6.05
N ASP O 251 69.91 -5.11 -7.12
CA ASP O 251 70.54 -5.00 -8.43
C ASP O 251 71.24 -3.66 -8.70
N GLU O 252 70.69 -2.57 -8.18
CA GLU O 252 71.22 -1.23 -8.47
C GLU O 252 71.93 -0.63 -7.27
N GLU O 253 71.47 -0.96 -6.07
CA GLU O 253 72.13 -0.50 -4.84
C GLU O 253 72.98 -1.57 -4.18
N GLY O 254 73.04 -2.75 -4.82
CA GLY O 254 73.90 -3.85 -4.38
C GLY O 254 73.83 -4.16 -2.89
N GLN O 255 72.62 -4.43 -2.43
CA GLN O 255 72.37 -4.59 -1.01
C GLN O 255 71.88 -5.98 -0.63
N ASP O 256 72.08 -6.33 0.64
CA ASP O 256 71.44 -7.49 1.23
C ASP O 256 70.03 -7.08 1.65
N VAL O 257 69.05 -7.45 0.83
CA VAL O 257 67.66 -7.12 1.08
C VAL O 257 67.00 -8.29 1.82
N LEU O 258 66.08 -7.96 2.73
CA LEU O 258 65.14 -8.96 3.26
C LEU O 258 63.76 -8.70 2.64
N LEU O 259 63.01 -9.77 2.39
CA LEU O 259 61.71 -9.67 1.74
C LEU O 259 60.68 -10.53 2.45
N PHE O 260 59.88 -9.92 3.30
CA PHE O 260 58.87 -10.65 4.05
C PHE O 260 57.54 -10.62 3.29
N ILE O 261 56.94 -11.80 3.07
CA ILE O 261 55.65 -11.91 2.39
C ILE O 261 54.66 -12.70 3.24
N ASP O 262 53.49 -12.12 3.48
CA ASP O 262 52.41 -12.82 4.15
C ASP O 262 51.07 -12.35 3.56
N ASN O 263 50.39 -13.21 2.79
CA ASN O 263 50.73 -14.63 2.62
C ASN O 263 50.93 -14.99 1.15
N ILE O 264 51.85 -15.90 0.86
CA ILE O 264 52.18 -16.23 -0.54
C ILE O 264 51.19 -17.16 -1.21
N PHE O 265 50.49 -17.96 -0.41
CA PHE O 265 49.47 -18.85 -0.94
C PHE O 265 48.42 -18.04 -1.70
N ARG O 266 48.08 -16.87 -1.17
CA ARG O 266 47.03 -16.03 -1.74
C ARG O 266 47.33 -15.59 -3.19
N PHE O 267 48.62 -15.55 -3.54
CA PHE O 267 49.07 -15.23 -4.90
C PHE O 267 48.62 -16.27 -5.95
N THR O 268 48.77 -17.56 -5.65
CA THR O 268 48.28 -18.60 -6.56
C THR O 268 46.78 -18.70 -6.47
N GLN O 269 46.24 -18.58 -5.25
CA GLN O 269 44.80 -18.60 -5.06
C GLN O 269 44.11 -17.57 -5.94
N ALA O 270 44.65 -16.35 -5.95
CA ALA O 270 44.07 -15.26 -6.73
C ALA O 270 44.14 -15.54 -8.24
N GLY O 271 45.19 -16.24 -8.65
CA GLY O 271 45.39 -16.60 -10.06
C GLY O 271 44.33 -17.56 -10.56
N SER O 272 44.02 -18.55 -9.74
CA SER O 272 42.98 -19.52 -10.07
C SER O 272 41.62 -18.84 -10.25
N GLU O 273 41.33 -17.85 -9.41
CA GLU O 273 40.07 -17.11 -9.51
C GLU O 273 39.92 -16.45 -10.90
N VAL O 274 41.03 -15.96 -11.44
CA VAL O 274 41.02 -15.38 -12.79
C VAL O 274 41.22 -16.42 -13.89
N SER O 275 41.95 -17.50 -13.60
CA SER O 275 42.22 -18.54 -14.58
C SER O 275 40.96 -19.03 -15.31
N ALA O 276 39.92 -19.37 -14.54
CA ALA O 276 38.64 -19.83 -15.08
C ALA O 276 38.11 -18.93 -16.21
N LEU O 277 37.78 -17.69 -15.84
CA LEU O 277 37.27 -16.69 -16.78
C LEU O 277 38.25 -16.41 -17.94
N LEU O 278 39.54 -16.68 -17.71
CA LEU O 278 40.55 -16.59 -18.77
C LEU O 278 40.41 -17.68 -19.82
N GLY O 279 39.38 -18.52 -19.67
CA GLY O 279 39.09 -19.58 -20.64
C GLY O 279 40.15 -20.65 -20.65
N ARG O 280 40.51 -21.11 -19.45
CA ARG O 280 41.45 -22.20 -19.28
C ARG O 280 40.74 -23.45 -18.78
N ILE O 281 41.08 -24.60 -19.38
CA ILE O 281 40.62 -25.89 -18.89
C ILE O 281 41.32 -26.13 -17.55
N PRO O 282 40.56 -26.19 -16.46
CA PRO O 282 41.12 -26.26 -15.11
C PRO O 282 42.00 -27.47 -14.89
N SER O 283 43.19 -27.23 -14.34
CA SER O 283 44.09 -28.29 -13.87
C SER O 283 43.55 -28.85 -12.55
N ALA O 284 44.30 -29.75 -11.92
CA ALA O 284 43.87 -30.44 -10.71
C ALA O 284 43.36 -29.53 -9.59
N VAL O 285 42.34 -30.01 -8.88
CA VAL O 285 41.65 -29.30 -7.78
C VAL O 285 41.19 -27.89 -8.14
N GLY O 286 40.94 -27.67 -9.43
CA GLY O 286 40.45 -26.38 -9.90
C GLY O 286 41.49 -25.29 -10.08
N TYR O 287 42.75 -25.61 -9.78
CA TYR O 287 43.84 -24.68 -10.05
C TYR O 287 44.09 -24.54 -11.54
N GLN O 288 44.86 -23.51 -11.89
CA GLN O 288 45.24 -23.22 -13.26
C GLN O 288 46.26 -24.26 -13.77
N PRO O 289 46.29 -24.47 -15.09
CA PRO O 289 47.36 -25.31 -15.67
C PRO O 289 48.73 -24.65 -15.47
N THR O 290 48.75 -23.32 -15.53
CA THR O 290 49.98 -22.55 -15.47
C THR O 290 50.61 -22.50 -14.08
N LEU O 291 49.90 -23.05 -13.08
CA LEU O 291 50.30 -22.96 -11.67
C LEU O 291 51.81 -23.04 -11.42
N ALA O 292 52.44 -24.12 -11.88
CA ALA O 292 53.87 -24.39 -11.58
C ALA O 292 54.83 -23.38 -12.21
N THR O 293 54.61 -23.02 -13.47
CA THR O 293 55.38 -21.95 -14.08
C THR O 293 55.10 -20.58 -13.45
N ASP O 294 53.85 -20.34 -13.03
CA ASP O 294 53.48 -19.10 -12.34
C ASP O 294 54.33 -18.90 -11.10
N MET O 295 54.34 -19.92 -10.23
CA MET O 295 55.18 -19.90 -9.03
C MET O 295 56.64 -19.64 -9.38
N GLY O 296 57.17 -20.43 -10.32
CA GLY O 296 58.54 -20.27 -10.81
C GLY O 296 58.88 -18.84 -11.20
N LEU O 297 58.15 -18.31 -12.17
CA LEU O 297 58.34 -16.93 -12.65
C LEU O 297 58.45 -15.87 -11.54
N LEU O 298 57.83 -16.14 -10.40
CA LEU O 298 58.00 -15.30 -9.22
C LEU O 298 59.23 -15.73 -8.41
N GLN O 299 59.16 -16.93 -7.84
CA GLN O 299 60.17 -17.40 -6.89
C GLN O 299 61.61 -17.28 -7.39
N GLU O 300 61.81 -17.62 -8.67
CA GLU O 300 63.10 -17.49 -9.35
C GLU O 300 63.71 -16.08 -9.32
N ARG O 301 62.85 -15.07 -9.23
CA ARG O 301 63.29 -13.67 -9.11
C ARG O 301 63.80 -13.38 -7.70
N ILE O 302 63.40 -14.22 -6.75
CA ILE O 302 63.85 -14.12 -5.37
C ILE O 302 65.08 -15.02 -5.21
N THR O 303 66.26 -14.41 -5.26
CA THR O 303 67.51 -15.16 -5.19
C THR O 303 68.74 -14.28 -5.04
N THR O 304 69.80 -14.87 -4.49
CA THR O 304 71.11 -14.23 -4.40
C THR O 304 71.77 -14.21 -5.78
N THR O 305 71.99 -13.02 -6.33
CA THR O 305 72.72 -12.88 -7.59
C THR O 305 74.17 -12.51 -7.30
N LYS O 306 74.89 -12.14 -8.36
CA LYS O 306 76.28 -11.72 -8.26
C LYS O 306 76.38 -10.26 -7.82
N LYS O 307 75.24 -9.59 -7.77
CA LYS O 307 75.17 -8.15 -7.53
C LYS O 307 74.62 -7.82 -6.13
N GLY O 308 74.14 -8.85 -5.43
CA GLY O 308 73.53 -8.69 -4.11
C GLY O 308 72.76 -9.92 -3.70
N SER O 309 71.80 -9.77 -2.80
CA SER O 309 71.04 -10.91 -2.27
C SER O 309 69.64 -10.57 -1.76
N VAL O 310 68.72 -11.53 -1.91
CA VAL O 310 67.41 -11.46 -1.28
C VAL O 310 67.27 -12.58 -0.26
N THR O 311 66.83 -12.23 0.94
CA THR O 311 66.53 -13.22 1.95
C THR O 311 65.06 -13.06 2.27
N SER O 312 64.24 -14.07 1.95
CA SER O 312 62.81 -13.94 2.13
C SER O 312 62.17 -15.01 3.00
N VAL O 313 61.41 -14.57 4.00
CA VAL O 313 60.56 -15.45 4.79
C VAL O 313 59.12 -15.28 4.32
N GLN O 314 58.48 -16.38 3.95
CA GLN O 314 57.12 -16.37 3.41
C GLN O 314 56.19 -17.26 4.22
N ALA O 315 55.01 -16.75 4.56
CA ALA O 315 53.98 -17.59 5.15
C ALA O 315 53.22 -18.26 4.01
N VAL O 316 52.91 -19.54 4.17
CA VAL O 316 52.14 -20.27 3.17
C VAL O 316 50.88 -20.84 3.81
N TYR O 317 49.72 -20.40 3.31
CA TYR O 317 48.45 -20.90 3.78
C TYR O 317 48.21 -22.32 3.28
N VAL O 318 47.75 -23.17 4.20
CA VAL O 318 47.43 -24.55 3.92
C VAL O 318 45.90 -24.71 3.99
N PRO O 319 45.24 -24.77 2.80
CA PRO O 319 43.78 -24.85 2.75
C PRO O 319 43.24 -26.25 3.11
N ALA O 320 42.15 -26.26 3.87
CA ALA O 320 41.54 -27.48 4.44
C ALA O 320 42.52 -28.36 5.22
N ASP O 321 43.62 -27.74 5.67
CA ASP O 321 44.74 -28.42 6.35
C ASP O 321 45.33 -29.54 5.50
N ASP O 322 45.17 -29.43 4.20
CA ASP O 322 45.75 -30.40 3.27
C ASP O 322 47.10 -29.90 2.72
N LEU O 323 48.18 -30.48 3.23
CA LEU O 323 49.54 -30.09 2.85
C LEU O 323 49.90 -30.36 1.38
N THR O 324 49.19 -31.28 0.74
CA THR O 324 49.47 -31.65 -0.66
C THR O 324 48.51 -31.01 -1.65
N ASP O 325 47.81 -29.96 -1.22
CA ASP O 325 47.06 -29.10 -2.11
C ASP O 325 48.07 -28.51 -3.11
N PRO O 326 47.69 -28.47 -4.41
CA PRO O 326 48.63 -28.09 -5.50
C PRO O 326 49.39 -26.77 -5.30
N ALA O 327 48.93 -25.93 -4.37
CA ALA O 327 49.59 -24.65 -4.10
C ALA O 327 50.69 -24.79 -3.04
N PRO O 328 50.34 -25.12 -1.78
CA PRO O 328 51.44 -25.34 -0.85
C PRO O 328 52.49 -26.33 -1.39
N ALA O 329 52.06 -27.33 -2.14
CA ALA O 329 52.94 -28.38 -2.65
C ALA O 329 54.00 -27.86 -3.63
N THR O 330 53.61 -27.01 -4.57
CA THR O 330 54.55 -26.53 -5.60
C THR O 330 55.60 -25.59 -5.03
N THR O 331 55.30 -25.02 -3.88
CA THR O 331 56.18 -24.09 -3.18
C THR O 331 57.51 -24.74 -2.75
N PHE O 332 57.41 -25.92 -2.12
CA PHE O 332 58.55 -26.61 -1.51
C PHE O 332 59.89 -26.60 -2.24
N ALA O 333 59.89 -26.89 -3.54
CA ALA O 333 61.15 -26.96 -4.29
C ALA O 333 61.84 -25.59 -4.48
N HIS O 334 61.10 -24.51 -4.24
CA HIS O 334 61.69 -23.19 -4.24
C HIS O 334 62.36 -22.86 -2.91
N LEU O 335 61.96 -23.53 -1.83
CA LEU O 335 62.35 -23.14 -0.47
C LEU O 335 63.64 -23.80 0.05
N ASP O 336 64.66 -22.98 0.31
CA ASP O 336 65.91 -23.43 0.95
C ASP O 336 65.67 -23.98 2.35
N ALA O 337 64.66 -23.46 3.01
CA ALA O 337 64.30 -23.90 4.34
C ALA O 337 62.79 -23.84 4.48
N THR O 338 62.26 -24.71 5.33
CA THR O 338 60.82 -24.75 5.63
C THR O 338 60.63 -25.04 7.10
N THR O 339 59.59 -24.43 7.70
CA THR O 339 59.24 -24.69 9.09
C THR O 339 57.74 -24.87 9.22
N VAL O 340 57.27 -26.06 8.85
CA VAL O 340 55.84 -26.39 8.86
C VAL O 340 55.26 -26.24 10.28
N LEU O 341 54.15 -25.52 10.38
CA LEU O 341 53.49 -25.27 11.64
C LEU O 341 52.23 -26.12 11.76
N SER O 342 52.33 -27.17 12.55
CA SER O 342 51.23 -28.12 12.67
C SER O 342 50.11 -27.64 13.60
N ARG O 343 48.87 -27.90 13.21
CA ARG O 343 47.70 -27.61 14.04
C ARG O 343 47.62 -28.64 15.15
N GLY O 344 48.16 -29.82 14.90
CA GLY O 344 48.25 -30.87 15.90
C GLY O 344 49.20 -30.49 17.02
N ILE O 345 50.29 -29.82 16.67
CA ILE O 345 51.28 -29.37 17.64
C ILE O 345 50.77 -28.16 18.44
N SER O 346 50.13 -27.22 17.73
CA SER O 346 49.64 -26.00 18.35
C SER O 346 48.56 -26.26 19.39
N GLU O 347 47.71 -27.26 19.14
CA GLU O 347 46.58 -27.51 20.02
C GLU O 347 46.96 -28.25 21.31
N LEU O 348 48.20 -28.71 21.38
CA LEU O 348 48.78 -29.22 22.64
C LEU O 348 49.54 -28.12 23.38
N GLY O 349 49.14 -26.87 23.15
CA GLY O 349 49.71 -25.70 23.82
C GLY O 349 51.16 -25.41 23.46
N ILE O 350 51.63 -25.95 22.34
CA ILE O 350 53.03 -25.80 21.97
C ILE O 350 53.23 -24.68 20.95
N TYR O 351 54.07 -23.71 21.33
CA TYR O 351 54.30 -22.53 20.51
C TYR O 351 55.77 -22.15 20.47
N PRO O 352 56.27 -21.75 19.29
CA PRO O 352 55.53 -21.80 18.02
C PRO O 352 55.47 -23.22 17.50
N ALA O 353 54.30 -23.63 17.00
CA ALA O 353 54.02 -25.02 16.70
C ALA O 353 54.72 -25.55 15.45
N VAL O 354 56.04 -25.67 15.50
CA VAL O 354 56.80 -26.13 14.34
C VAL O 354 57.00 -27.65 14.34
N ASP O 355 56.71 -28.28 13.20
CA ASP O 355 56.93 -29.71 13.01
C ASP O 355 58.43 -29.98 13.01
N PRO O 356 58.89 -30.81 13.98
CA PRO O 356 60.31 -31.14 14.08
C PRO O 356 60.85 -31.90 12.87
N LEU O 357 60.01 -32.75 12.27
CA LEU O 357 60.41 -33.69 11.21
C LEU O 357 60.10 -33.22 9.80
N ASP O 358 58.91 -32.63 9.61
CA ASP O 358 58.42 -32.26 8.27
C ASP O 358 59.04 -30.95 7.76
N SER O 359 59.85 -30.31 8.60
CA SER O 359 60.62 -29.14 8.20
C SER O 359 61.91 -29.59 7.52
N LYS O 360 62.37 -28.81 6.54
CA LYS O 360 63.55 -29.20 5.74
C LYS O 360 64.50 -28.03 5.51
N SER O 361 65.80 -28.27 5.72
CA SER O 361 66.82 -27.25 5.53
C SER O 361 68.00 -27.74 4.72
N ARG O 362 68.49 -26.90 3.80
CA ARG O 362 69.71 -27.20 3.08
C ARG O 362 70.86 -27.24 4.07
N LEU O 363 70.77 -26.42 5.11
CA LEU O 363 71.90 -26.12 5.98
C LEU O 363 71.99 -27.00 7.23
N LEU O 364 71.19 -28.06 7.29
CA LEU O 364 71.47 -29.13 8.24
C LEU O 364 72.61 -29.93 7.62
N ASP O 365 73.80 -29.32 7.65
CA ASP O 365 74.95 -29.83 6.90
C ASP O 365 76.23 -29.70 7.74
N ALA O 366 76.89 -30.83 7.99
CA ALA O 366 78.13 -30.87 8.77
C ALA O 366 79.29 -30.15 8.07
N ALA O 367 79.21 -30.06 6.75
CA ALA O 367 80.15 -29.29 5.94
C ALA O 367 79.86 -27.78 5.99
N VAL O 368 78.91 -27.39 6.84
CA VAL O 368 78.49 -26.00 7.02
C VAL O 368 78.35 -25.66 8.51
N VAL O 369 78.03 -26.67 9.32
CA VAL O 369 77.78 -26.49 10.76
C VAL O 369 78.87 -27.09 11.68
N GLY O 370 79.60 -28.07 11.16
CA GLY O 370 80.61 -28.78 11.97
C GLY O 370 80.01 -30.02 12.61
N GLN O 371 80.89 -30.95 12.98
CA GLN O 371 80.47 -32.26 13.52
C GLN O 371 79.53 -32.16 14.73
N GLU O 372 79.91 -31.35 15.72
CA GLU O 372 79.17 -31.28 17.00
C GLU O 372 77.78 -30.65 16.88
N HIS O 373 77.65 -29.58 16.09
CA HIS O 373 76.36 -28.96 15.79
C HIS O 373 75.43 -29.96 15.10
N TYR O 374 75.97 -30.65 14.09
CA TYR O 374 75.24 -31.65 13.31
C TYR O 374 74.81 -32.85 14.15
N ASP O 375 75.77 -33.48 14.85
CA ASP O 375 75.51 -34.66 15.69
C ASP O 375 74.35 -34.42 16.65
N VAL O 376 74.38 -33.26 17.31
CA VAL O 376 73.37 -32.85 18.28
C VAL O 376 71.96 -32.83 17.67
N ALA O 377 71.82 -32.12 16.55
CA ALA O 377 70.53 -31.98 15.88
C ALA O 377 69.96 -33.31 15.40
N SER O 378 70.83 -34.14 14.81
CA SER O 378 70.44 -35.43 14.21
C SER O 378 69.81 -36.39 15.21
N LYS O 379 70.39 -36.45 16.40
CA LYS O 379 69.95 -37.39 17.44
C LYS O 379 68.63 -36.96 18.10
N VAL O 380 68.29 -35.67 17.97
CA VAL O 380 67.01 -35.15 18.43
C VAL O 380 65.85 -35.64 17.54
N GLN O 381 66.02 -35.51 16.22
CA GLN O 381 64.98 -35.89 15.24
C GLN O 381 64.78 -37.40 15.16
N GLU O 382 65.74 -38.16 15.69
CA GLU O 382 65.61 -39.61 15.83
C GLU O 382 64.74 -39.97 17.04
N THR O 383 64.77 -39.11 18.06
CA THR O 383 63.99 -39.30 19.29
C THR O 383 62.50 -39.06 19.03
N LEU O 384 62.22 -38.09 18.17
CA LEU O 384 60.86 -37.73 17.83
C LEU O 384 60.30 -38.57 16.67
N GLN O 385 61.19 -39.21 15.92
CA GLN O 385 60.79 -40.20 14.91
C GLN O 385 60.40 -41.51 15.60
N THR O 386 61.15 -41.87 16.64
CA THR O 386 60.83 -43.01 17.51
C THR O 386 59.54 -42.75 18.28
N TYR O 387 59.38 -41.50 18.73
CA TYR O 387 58.14 -41.06 19.37
C TYR O 387 56.99 -41.04 18.36
N LYS O 388 57.32 -40.78 17.09
CA LYS O 388 56.33 -40.74 15.99
C LYS O 388 55.79 -42.12 15.61
N SER O 389 56.68 -43.06 15.28
CA SER O 389 56.29 -44.44 14.96
C SER O 389 55.67 -45.16 16.17
N LEU O 390 55.59 -44.46 17.30
CA LEU O 390 54.92 -44.96 18.49
C LEU O 390 53.58 -44.27 18.72
N GLN O 391 53.41 -43.06 18.18
CA GLN O 391 52.20 -42.26 18.40
C GLN O 391 50.90 -43.07 18.42
N ASP O 392 50.74 -43.93 17.41
CA ASP O 392 49.58 -44.83 17.26
C ASP O 392 49.43 -45.80 18.43
N ILE O 393 50.53 -46.45 18.80
CA ILE O 393 50.56 -47.45 19.88
C ILE O 393 50.30 -46.80 21.25
N ILE O 394 50.87 -45.61 21.50
CA ILE O 394 50.67 -44.89 22.77
C ILE O 394 49.22 -44.41 22.97
N ALA O 395 48.63 -43.86 21.89
CA ALA O 395 47.26 -43.35 21.91
C ALA O 395 46.20 -44.40 22.29
N ILE O 396 46.50 -45.66 21.99
CA ILE O 396 45.59 -46.76 22.30
C ILE O 396 46.01 -47.51 23.57
N LEU O 397 47.26 -47.96 23.59
CA LEU O 397 47.73 -48.95 24.59
C LEU O 397 48.36 -48.37 25.87
N GLY O 398 48.33 -47.04 26.01
CA GLY O 398 48.85 -46.37 27.21
C GLY O 398 50.36 -46.44 27.40
N MET O 399 50.88 -45.60 28.30
CA MET O 399 52.31 -45.57 28.63
C MET O 399 52.78 -46.87 29.30
N ASP O 400 51.80 -47.67 29.75
CA ASP O 400 52.06 -48.93 30.44
C ASP O 400 52.77 -49.97 29.56
N GLU O 401 52.12 -50.38 28.47
CA GLU O 401 52.55 -51.53 27.67
C GLU O 401 53.90 -51.35 26.94
N LEU O 402 54.51 -50.18 27.08
CA LEU O 402 55.78 -49.87 26.41
C LEU O 402 56.97 -50.66 26.94
N SER O 403 57.93 -50.93 26.06
CA SER O 403 59.21 -51.56 26.44
C SER O 403 60.11 -50.56 27.15
N GLU O 404 61.23 -51.03 27.67
CA GLU O 404 62.11 -50.19 28.46
C GLU O 404 63.33 -49.71 27.66
N GLN O 405 63.27 -49.96 26.34
CA GLN O 405 64.08 -49.26 25.35
C GLN O 405 63.28 -48.04 24.86
N ASP O 406 61.96 -48.16 24.89
CA ASP O 406 61.03 -47.17 24.33
C ASP O 406 60.50 -46.14 25.34
N LYS O 407 60.10 -46.60 26.52
CA LYS O 407 59.33 -45.77 27.48
C LYS O 407 60.07 -44.51 28.00
N LEU O 408 61.37 -44.65 28.28
CA LEU O 408 62.17 -43.50 28.71
C LEU O 408 62.55 -42.61 27.51
N THR O 409 62.57 -43.19 26.31
CA THR O 409 62.75 -42.43 25.06
C THR O 409 61.48 -41.63 24.75
N VAL O 410 60.33 -42.13 25.22
CA VAL O 410 59.03 -41.44 25.12
C VAL O 410 58.97 -40.26 26.09
N GLU O 411 59.47 -40.46 27.30
CA GLU O 411 59.52 -39.41 28.31
C GLU O 411 60.63 -38.39 28.02
N ARG O 412 61.72 -38.87 27.42
CA ARG O 412 62.87 -38.02 27.05
C ARG O 412 62.66 -37.29 25.71
N ALA O 413 61.84 -37.86 24.82
CA ALA O 413 61.36 -37.13 23.65
C ALA O 413 60.26 -36.15 24.04
N ARG O 414 59.46 -36.52 25.05
CA ARG O 414 58.34 -35.69 25.54
C ARG O 414 58.82 -34.39 26.18
N LYS O 415 59.97 -34.46 26.84
CA LYS O 415 60.61 -33.26 27.38
C LYS O 415 61.13 -32.38 26.24
N ILE O 416 61.78 -33.02 25.27
CA ILE O 416 62.35 -32.35 24.10
C ILE O 416 61.28 -31.61 23.27
N GLN O 417 60.12 -32.23 23.08
CA GLN O 417 59.02 -31.63 22.31
C GLN O 417 58.52 -30.32 22.91
N ARG O 418 58.59 -30.22 24.24
CA ARG O 418 58.20 -29.00 24.96
C ARG O 418 59.37 -28.03 25.10
N PHE O 419 60.57 -28.57 25.27
CA PHE O 419 61.81 -27.80 25.31
C PHE O 419 62.10 -27.13 23.95
N LEU O 420 61.35 -27.54 22.93
CA LEU O 420 61.42 -26.94 21.58
C LEU O 420 60.40 -25.82 21.39
N SER O 421 59.49 -25.66 22.35
CA SER O 421 58.59 -24.51 22.36
C SER O 421 59.36 -23.27 22.83
N GLN O 422 58.74 -22.10 22.76
CA GLN O 422 59.41 -20.85 23.11
C GLN O 422 58.44 -19.71 23.38
N PRO O 423 58.67 -18.94 24.46
CA PRO O 423 57.91 -17.71 24.73
C PRO O 423 58.31 -16.60 23.75
N PHE O 424 57.31 -16.00 23.12
CA PHE O 424 57.53 -15.08 22.00
C PHE O 424 57.31 -13.62 22.41
N ALA O 425 58.12 -12.74 21.82
CA ALA O 425 58.08 -11.31 22.09
C ALA O 425 56.83 -10.62 21.53
N VAL O 426 56.58 -10.82 20.23
CA VAL O 426 55.43 -10.25 19.53
C VAL O 426 54.12 -10.72 20.17
N ALA O 427 54.07 -12.00 20.52
CA ALA O 427 52.92 -12.58 21.18
C ALA O 427 53.16 -12.72 22.68
N GLU O 428 53.28 -11.57 23.35
CA GLU O 428 53.30 -11.54 24.80
C GLU O 428 51.86 -11.41 25.31
N VAL O 429 51.01 -10.81 24.50
CA VAL O 429 49.56 -10.68 24.78
C VAL O 429 48.84 -12.05 24.85
N PHE O 430 49.54 -13.11 24.42
CA PHE O 430 48.98 -14.47 24.45
C PHE O 430 49.69 -15.37 25.47
N THR O 431 51.03 -15.29 25.51
CA THR O 431 51.83 -16.09 26.44
C THR O 431 51.71 -15.60 27.88
N GLY O 432 51.82 -14.28 28.08
CA GLY O 432 51.80 -13.70 29.43
C GLY O 432 53.19 -13.42 29.97
N ILE O 433 54.11 -14.33 29.70
CA ILE O 433 55.50 -14.20 30.12
C ILE O 433 56.35 -13.75 28.92
N PRO O 434 57.15 -12.67 29.09
CA PRO O 434 57.94 -12.03 28.03
C PRO O 434 58.80 -12.98 27.18
N GLY O 435 59.02 -12.58 25.93
CA GLY O 435 59.73 -13.40 24.96
C GLY O 435 61.23 -13.45 25.17
N LYS O 436 61.81 -14.63 24.91
CA LYS O 436 63.24 -14.88 25.11
C LYS O 436 63.93 -15.24 23.80
N LEU O 437 65.15 -14.73 23.60
CA LEU O 437 65.95 -15.03 22.39
C LEU O 437 67.16 -15.91 22.72
N VAL O 438 67.06 -17.20 22.43
CA VAL O 438 68.13 -18.16 22.70
C VAL O 438 69.17 -18.18 21.56
N ARG O 439 70.45 -17.95 21.91
CA ARG O 439 71.55 -17.88 20.94
C ARG O 439 71.84 -19.23 20.27
N LEU O 440 72.43 -19.19 19.07
CA LEU O 440 72.73 -20.41 18.29
C LEU O 440 73.63 -21.39 19.05
N LYS O 441 74.81 -20.91 19.45
CA LYS O 441 75.79 -21.73 20.17
C LYS O 441 75.18 -22.31 21.45
N ASP O 442 74.33 -21.51 22.11
CA ASP O 442 73.62 -21.96 23.31
C ASP O 442 72.59 -23.05 23.02
N THR O 443 71.82 -22.87 21.94
CA THR O 443 70.77 -23.83 21.56
C THR O 443 71.33 -25.23 21.33
N VAL O 444 72.49 -25.31 20.68
CA VAL O 444 73.15 -26.58 20.37
C VAL O 444 73.50 -27.36 21.63
N ALA O 445 74.35 -26.75 22.47
CA ALA O 445 74.83 -27.39 23.70
C ALA O 445 73.73 -27.60 24.76
N SER O 446 72.67 -26.78 24.68
CA SER O 446 71.50 -26.93 25.55
C SER O 446 70.86 -28.29 25.34
N PHE O 447 70.56 -28.60 24.09
CA PHE O 447 69.95 -29.88 23.73
C PHE O 447 70.93 -31.05 23.81
N LYS O 448 72.23 -30.76 23.76
CA LYS O 448 73.25 -31.79 23.93
C LYS O 448 73.21 -32.37 25.34
N ALA O 449 73.07 -31.48 26.32
CA ALA O 449 72.93 -31.87 27.73
C ALA O 449 71.60 -32.58 27.99
N VAL O 450 70.56 -32.21 27.24
CA VAL O 450 69.26 -32.87 27.33
C VAL O 450 69.31 -34.26 26.69
N LEU O 451 70.07 -34.37 25.60
CA LEU O 451 70.27 -35.66 24.93
C LEU O 451 71.16 -36.63 25.72
N GLU O 452 71.90 -36.10 26.70
CA GLU O 452 72.71 -36.93 27.59
C GLU O 452 71.88 -37.58 28.70
N GLY O 453 70.57 -37.32 28.70
CA GLY O 453 69.64 -37.88 29.68
C GLY O 453 69.94 -37.43 31.09
N LYS O 454 70.47 -36.21 31.23
CA LYS O 454 70.88 -35.68 32.53
C LYS O 454 69.76 -34.92 33.26
N TYR O 455 68.54 -35.00 32.72
CA TYR O 455 67.42 -34.25 33.28
C TYR O 455 66.12 -35.06 33.27
N ASP O 456 66.27 -36.39 33.36
CA ASP O 456 65.14 -37.33 33.32
C ASP O 456 64.20 -37.21 34.53
N ASN O 457 64.74 -36.75 35.65
CA ASN O 457 64.01 -36.73 36.93
C ASN O 457 63.14 -35.50 37.18
N ILE O 458 63.31 -34.47 36.35
CA ILE O 458 62.64 -33.18 36.55
C ILE O 458 61.27 -33.15 35.88
N PRO O 459 60.23 -32.62 36.58
CA PRO O 459 58.90 -32.40 36.02
C PRO O 459 58.95 -31.82 34.61
N GLU O 460 58.25 -32.48 33.67
CA GLU O 460 58.31 -32.15 32.24
C GLU O 460 57.82 -30.74 31.88
N HIS O 461 56.80 -30.27 32.60
CA HIS O 461 56.18 -28.98 32.30
C HIS O 461 56.97 -27.80 32.90
N ALA O 462 58.24 -28.04 33.21
CA ALA O 462 59.17 -26.98 33.59
C ALA O 462 59.99 -26.55 32.36
N PHE O 463 60.12 -27.47 31.41
CA PHE O 463 60.72 -27.20 30.09
C PHE O 463 59.80 -26.28 29.29
N TYR O 464 58.52 -26.32 29.61
CA TYR O 464 57.48 -25.67 28.83
C TYR O 464 57.46 -24.14 28.98
N MET O 465 57.51 -23.45 27.84
CA MET O 465 57.43 -21.98 27.73
C MET O 465 58.51 -21.22 28.51
N VAL O 466 59.76 -21.61 28.27
CA VAL O 466 60.94 -20.96 28.85
C VAL O 466 62.05 -20.82 27.79
N GLY O 467 63.19 -20.25 28.18
CA GLY O 467 64.32 -20.08 27.28
C GLY O 467 65.14 -21.34 27.12
N GLY O 468 66.47 -21.19 27.13
CA GLY O 468 67.40 -22.31 26.96
C GLY O 468 67.61 -23.15 28.21
N ILE O 469 68.84 -23.64 28.39
CA ILE O 469 69.21 -24.51 29.51
C ILE O 469 69.14 -23.80 30.87
N GLU O 470 69.41 -22.48 30.85
CA GLU O 470 69.44 -21.65 32.06
C GLU O 470 68.07 -21.48 32.71
N ASP O 471 67.02 -21.54 31.89
CA ASP O 471 65.65 -21.34 32.36
C ASP O 471 64.98 -22.64 32.81
N VAL O 472 65.58 -23.79 32.50
CA VAL O 472 65.03 -25.09 32.88
C VAL O 472 65.06 -25.25 34.40
N VAL O 473 66.25 -25.08 34.98
CA VAL O 473 66.46 -25.14 36.43
C VAL O 473 65.75 -23.96 37.12
N ALA O 474 65.77 -22.81 36.45
CA ALA O 474 65.09 -21.60 36.93
C ALA O 474 63.58 -21.79 37.04
N LYS O 475 62.99 -22.45 36.04
CA LYS O 475 61.57 -22.80 36.09
C LYS O 475 61.32 -24.00 37.01
N ALA O 476 62.36 -24.80 37.25
CA ALA O 476 62.27 -25.98 38.12
C ALA O 476 62.27 -25.62 39.61
N GLU O 477 63.14 -24.67 39.97
CA GLU O 477 63.30 -24.23 41.37
C GLU O 477 62.10 -23.43 41.89
N LYS O 478 61.37 -22.78 40.99
CA LYS O 478 60.14 -22.06 41.33
C LYS O 478 59.02 -23.04 41.67
N LEU O 479 58.95 -24.13 40.91
CA LEU O 479 57.95 -25.18 41.12
C LEU O 479 58.29 -26.12 42.27
N ALA O 480 59.56 -26.14 42.67
CA ALA O 480 60.06 -27.04 43.72
C ALA O 480 59.60 -26.64 45.12
N ALA O 481 59.68 -25.36 45.45
CA ALA O 481 59.26 -24.85 46.75
C ALA O 481 58.20 -23.77 46.61
N ALA P 1 45.96 -41.51 4.43
CA ALA P 1 45.45 -40.22 3.88
C ALA P 1 44.38 -40.43 2.82
N THR P 2 44.26 -41.67 2.33
CA THR P 2 43.32 -42.01 1.25
C THR P 2 42.12 -42.81 1.78
N LEU P 3 41.16 -43.09 0.89
CA LEU P 3 39.99 -43.91 1.22
C LEU P 3 40.42 -45.33 1.63
N LYS P 4 41.47 -45.84 0.98
CA LYS P 4 42.05 -47.14 1.31
C LYS P 4 42.72 -47.12 2.69
N GLU P 5 43.75 -46.28 2.85
CA GLU P 5 44.50 -46.14 4.10
C GLU P 5 43.60 -46.03 5.33
N VAL P 6 42.56 -45.21 5.24
CA VAL P 6 41.56 -45.06 6.30
C VAL P 6 40.76 -46.35 6.53
N GLU P 7 40.20 -46.91 5.46
CA GLU P 7 39.41 -48.14 5.53
C GLU P 7 40.16 -49.29 6.23
N MET P 8 41.45 -49.43 5.89
CA MET P 8 42.30 -50.48 6.44
C MET P 8 42.71 -50.20 7.89
N ARG P 9 43.00 -48.94 8.18
CA ARG P 9 43.37 -48.54 9.54
C ARG P 9 42.16 -48.20 10.42
N LEU P 10 40.95 -48.39 9.89
CA LEU P 10 39.72 -48.14 10.64
C LEU P 10 39.11 -49.43 11.20
N LYS P 11 38.96 -50.44 10.34
CA LYS P 11 38.46 -51.74 10.75
C LYS P 11 39.43 -52.38 11.74
N SER P 12 40.73 -52.27 11.45
CA SER P 12 41.78 -52.77 12.34
C SER P 12 41.73 -52.14 13.72
N ILE P 13 41.29 -50.89 13.80
CA ILE P 13 41.03 -50.22 15.08
C ILE P 13 39.68 -50.64 15.67
N LYS P 14 38.69 -50.82 14.80
CA LYS P 14 37.38 -51.35 15.20
C LYS P 14 37.53 -52.78 15.77
N ASN P 15 38.63 -53.44 15.41
CA ASN P 15 39.02 -54.74 15.98
C ASN P 15 39.34 -54.66 17.47
N ILE P 16 40.32 -53.81 17.81
CA ILE P 16 40.71 -53.59 19.20
C ILE P 16 39.51 -53.30 20.13
N GLU P 17 38.43 -52.76 19.57
CA GLU P 17 37.20 -52.53 20.31
C GLU P 17 36.51 -53.86 20.63
N LYS P 18 36.41 -54.72 19.62
CA LYS P 18 35.82 -56.05 19.78
C LYS P 18 36.78 -56.98 20.53
N ILE P 19 38.08 -56.76 20.38
CA ILE P 19 39.11 -57.53 21.09
C ILE P 19 39.04 -57.30 22.60
N THR P 20 39.02 -56.03 23.01
CA THR P 20 38.99 -55.66 24.43
C THR P 20 37.65 -55.93 25.10
N LYS P 21 36.56 -55.59 24.42
CA LYS P 21 35.20 -55.72 24.98
C LYS P 21 34.79 -57.17 25.26
N THR P 22 35.18 -58.08 24.35
CA THR P 22 34.96 -59.52 24.54
C THR P 22 35.90 -60.07 25.63
N MET P 23 37.10 -59.49 25.71
CA MET P 23 38.09 -59.85 26.74
C MET P 23 37.71 -59.31 28.12
N LYS P 24 37.03 -58.16 28.15
CA LYS P 24 36.48 -57.60 29.39
C LYS P 24 35.46 -58.56 30.01
N ILE P 25 34.75 -59.30 29.17
CA ILE P 25 33.76 -60.28 29.59
C ILE P 25 34.39 -61.66 29.85
N VAL P 26 35.39 -62.01 29.03
CA VAL P 26 36.12 -63.27 29.19
C VAL P 26 36.99 -63.27 30.45
N ALA P 27 37.26 -62.08 30.97
CA ALA P 27 37.90 -61.92 32.26
C ALA P 27 36.90 -61.41 33.31
N SER P 28 35.62 -61.63 33.06
CA SER P 28 34.57 -61.35 34.02
C SER P 28 34.31 -62.57 34.90
N THR P 29 34.11 -63.72 34.25
CA THR P 29 33.96 -65.01 34.93
C THR P 29 35.32 -65.48 35.47
N ARG P 30 36.39 -65.04 34.80
CA ARG P 30 37.76 -65.31 35.25
C ARG P 30 38.19 -64.38 36.41
N LEU P 31 37.25 -63.54 36.88
CA LEU P 31 37.48 -62.62 38.01
C LEU P 31 36.54 -62.88 39.20
N SER P 32 35.33 -63.36 38.92
CA SER P 32 34.37 -63.72 39.96
C SER P 32 34.64 -65.11 40.56
N LYS P 33 35.16 -66.02 39.73
CA LYS P 33 35.56 -67.37 40.16
C LYS P 33 36.82 -67.34 41.01
N ALA P 34 37.66 -66.32 40.78
CA ALA P 34 38.88 -66.08 41.56
C ALA P 34 38.56 -65.46 42.93
N GLU P 35 37.44 -64.74 43.02
CA GLU P 35 36.95 -64.21 44.29
C GLU P 35 36.62 -65.33 45.29
N LYS P 36 36.18 -66.47 44.75
CA LYS P 36 35.90 -67.69 45.53
C LYS P 36 37.15 -68.28 46.15
N ALA P 37 38.29 -68.09 45.48
CA ALA P 37 39.60 -68.50 46.00
C ALA P 37 40.38 -67.32 46.59
N LYS P 38 39.74 -66.14 46.63
CA LYS P 38 40.34 -64.94 47.23
C LYS P 38 40.15 -64.96 48.74
N ILE P 39 38.99 -65.43 49.19
CA ILE P 39 38.67 -65.53 50.61
C ILE P 39 39.06 -66.90 51.19
N SER P 40 38.92 -67.95 50.37
CA SER P 40 39.26 -69.32 50.78
C SER P 40 40.74 -69.47 51.11
N ALA P 41 41.60 -68.87 50.29
CA ALA P 41 43.04 -68.87 50.52
C ALA P 41 43.42 -67.86 51.62
N LYS P 42 42.63 -66.79 51.74
CA LYS P 42 42.80 -65.82 52.82
C LYS P 42 42.42 -66.41 54.18
N LYS P 43 41.50 -67.38 54.16
CA LYS P 43 41.08 -68.08 55.37
C LYS P 43 42.07 -69.16 55.80
N MET P 44 42.66 -69.85 54.83
CA MET P 44 43.69 -70.85 55.11
C MET P 44 45.04 -70.17 55.43
N ASP P 45 44.98 -68.86 55.68
CA ASP P 45 46.15 -68.09 56.12
C ASP P 45 45.99 -67.62 57.56
N GLU P 46 44.75 -67.43 58.00
CA GLU P 46 44.45 -67.16 59.41
C GLU P 46 44.59 -68.44 60.23
N ALA P 47 44.41 -69.59 59.58
CA ALA P 47 44.52 -70.90 60.22
C ALA P 47 45.96 -71.43 60.32
N GLU P 48 46.87 -70.81 59.57
CA GLU P 48 48.27 -71.21 59.56
C GLU P 48 49.18 -70.15 60.21
N GLN P 49 48.94 -68.88 59.84
CA GLN P 49 49.70 -67.76 60.40
C GLN P 49 49.18 -67.27 61.77
N LEU P 50 48.00 -67.75 62.18
CA LEU P 50 47.53 -67.49 63.55
C LEU P 50 48.29 -68.36 64.55
N PHE P 51 49.27 -69.11 64.06
CA PHE P 51 50.25 -69.79 64.90
C PHE P 51 51.38 -68.82 65.27
N TYR P 52 51.85 -68.03 64.30
CA TYR P 52 52.91 -67.04 64.52
C TYR P 52 52.42 -65.81 65.30
N LYS P 53 51.10 -65.68 65.40
CA LYS P 53 50.45 -64.67 66.24
C LYS P 53 50.53 -65.09 67.71
N ASN P 54 50.42 -66.41 67.93
CA ASN P 54 50.50 -66.98 69.27
C ASN P 54 51.94 -67.23 69.69
N ALA P 55 52.72 -67.83 68.80
CA ALA P 55 54.15 -68.09 69.02
C ALA P 55 54.99 -66.81 68.93
N GLU P 56 54.32 -65.71 68.61
CA GLU P 56 54.94 -64.37 68.49
C GLU P 56 56.22 -64.37 67.67
N THR P 57 56.30 -65.28 66.69
CA THR P 57 57.51 -65.52 65.92
C THR P 57 57.86 -64.33 65.01
N LYS P 58 59.02 -63.74 65.25
CA LYS P 58 59.58 -62.70 64.39
C LYS P 58 61.02 -63.03 64.03
N ASN P 59 61.50 -62.40 62.95
CA ASN P 59 62.87 -62.57 62.49
C ASN P 59 63.86 -61.87 63.42
N LEU P 60 64.75 -62.65 64.02
CA LEU P 60 65.90 -62.08 64.73
C LEU P 60 67.02 -61.87 63.72
N ASP P 61 67.78 -60.78 63.89
CA ASP P 61 68.89 -60.43 63.00
C ASP P 61 70.12 -61.34 63.16
N VAL P 62 69.99 -62.36 64.02
CA VAL P 62 71.02 -63.37 64.31
C VAL P 62 72.26 -62.80 65.01
N LYS P 71 71.91 -61.60 53.62
CA LYS P 71 71.37 -62.40 52.53
C LYS P 71 69.87 -62.59 52.70
N GLU P 72 69.12 -62.33 51.61
CA GLU P 72 67.66 -62.44 51.63
C GLU P 72 67.09 -63.00 50.32
N LEU P 73 65.92 -63.64 50.43
CA LEU P 73 65.22 -64.26 49.31
C LEU P 73 63.94 -63.49 48.98
N ILE P 74 63.91 -62.87 47.80
CA ILE P 74 62.74 -62.14 47.32
C ILE P 74 62.00 -63.01 46.30
N VAL P 75 60.72 -63.27 46.58
CA VAL P 75 59.86 -63.96 45.62
C VAL P 75 58.73 -63.02 45.20
N ALA P 76 58.79 -62.57 43.94
CA ALA P 76 57.78 -61.67 43.39
C ALA P 76 56.70 -62.46 42.64
N ILE P 77 55.44 -62.11 42.90
CA ILE P 77 54.29 -62.81 42.31
C ILE P 77 53.53 -61.94 41.29
N THR P 78 53.60 -62.36 40.03
CA THR P 78 52.83 -61.74 38.95
C THR P 78 52.45 -62.81 37.94
N SER P 79 52.75 -62.59 36.66
CA SER P 79 52.48 -63.57 35.60
C SER P 79 53.32 -63.37 34.33
N ASP P 80 53.00 -64.16 33.30
CA ASP P 80 53.64 -64.11 31.98
C ASP P 80 52.94 -63.14 31.03
N LYS P 81 51.68 -62.85 31.33
CA LYS P 81 50.83 -62.05 30.45
C LYS P 81 50.90 -60.55 30.75
N GLY P 82 50.59 -59.75 29.73
CA GLY P 82 50.45 -58.30 29.89
C GLY P 82 48.99 -57.93 29.90
N LEU P 83 48.68 -56.76 29.34
CA LEU P 83 47.30 -56.25 29.20
C LEU P 83 46.59 -56.19 30.55
N CYS P 84 47.26 -55.55 31.51
CA CYS P 84 46.77 -55.42 32.89
C CYS P 84 47.15 -54.08 33.50
N GLY P 85 48.22 -53.48 32.98
CA GLY P 85 48.65 -52.15 33.39
C GLY P 85 49.75 -52.11 34.42
N SER P 86 49.42 -51.58 35.61
CA SER P 86 50.40 -51.35 36.67
C SER P 86 50.70 -52.59 37.53
N ILE P 87 50.19 -53.74 37.11
CA ILE P 87 50.47 -55.03 37.76
C ILE P 87 51.97 -55.35 37.76
N HIS P 88 52.63 -55.13 36.62
CA HIS P 88 54.03 -55.54 36.46
C HIS P 88 55.09 -54.46 36.82
N SER P 89 54.64 -53.33 37.35
CA SER P 89 55.55 -52.23 37.70
C SER P 89 55.30 -51.61 39.07
N GLN P 90 54.03 -51.47 39.47
CA GLN P 90 53.68 -50.93 40.79
C GLN P 90 54.14 -51.85 41.93
N LEU P 91 54.14 -53.16 41.64
CA LEU P 91 54.71 -54.16 42.54
C LEU P 91 56.23 -54.17 42.44
N ALA P 92 56.74 -53.98 41.22
CA ALA P 92 58.19 -54.04 40.93
C ALA P 92 58.96 -52.79 41.41
N LYS P 93 58.29 -51.65 41.45
CA LYS P 93 58.85 -50.44 42.05
C LYS P 93 58.77 -50.50 43.57
N ALA P 94 57.73 -51.19 44.07
CA ALA P 94 57.60 -51.52 45.49
C ALA P 94 58.64 -52.56 45.91
N VAL P 95 59.05 -53.38 44.95
CA VAL P 95 60.16 -54.32 45.11
C VAL P 95 61.51 -53.57 45.10
N ARG P 96 61.63 -52.55 44.25
CA ARG P 96 62.85 -51.75 44.13
C ARG P 96 63.12 -50.85 45.34
N ARG P 97 62.04 -50.37 45.97
CA ARG P 97 62.13 -49.52 47.16
C ARG P 97 62.59 -50.31 48.38
N HIS P 98 62.18 -51.57 48.44
CA HIS P 98 62.57 -52.52 49.50
C HIS P 98 63.89 -53.21 49.13
N LEU P 99 64.28 -53.10 47.86
CA LEU P 99 65.51 -53.69 47.31
C LEU P 99 66.66 -52.68 47.32
N ASN P 100 66.35 -51.42 47.63
CA ASN P 100 67.33 -50.36 47.74
C ASN P 100 68.05 -50.38 49.10
N ASP P 101 67.79 -51.44 49.87
CA ASP P 101 68.50 -51.71 51.11
C ASP P 101 69.53 -52.80 50.90
N GLN P 102 69.42 -53.49 49.77
CA GLN P 102 70.34 -54.58 49.43
C GLN P 102 70.43 -54.85 47.93
N PRO P 103 71.59 -54.52 47.31
CA PRO P 103 71.85 -54.90 45.92
C PRO P 103 72.46 -56.30 45.81
N ASN P 104 72.70 -56.95 46.94
CA ASN P 104 73.31 -58.29 46.97
C ASN P 104 72.43 -59.38 47.59
N ALA P 105 71.12 -59.25 47.39
CA ALA P 105 70.15 -60.29 47.77
C ALA P 105 69.56 -60.91 46.50
N ASP P 106 69.39 -62.22 46.52
CA ASP P 106 68.91 -62.96 45.34
C ASP P 106 67.39 -62.88 45.16
N ILE P 107 66.95 -62.86 43.91
CA ILE P 107 65.52 -62.75 43.57
C ILE P 107 64.99 -63.97 42.82
N VAL P 108 63.81 -64.43 43.21
CA VAL P 108 63.06 -65.45 42.49
C VAL P 108 61.77 -64.80 42.00
N THR P 109 61.52 -64.92 40.70
CA THR P 109 60.39 -64.26 40.06
C THR P 109 59.45 -65.27 39.44
N ILE P 110 58.15 -65.11 39.69
CA ILE P 110 57.15 -66.00 39.11
C ILE P 110 56.38 -65.27 38.00
N GLY P 111 56.89 -65.40 36.78
CA GLY P 111 56.37 -64.69 35.61
C GLY P 111 57.47 -64.23 34.69
N ASP P 112 57.10 -63.86 33.45
CA ASP P 112 58.07 -63.41 32.45
C ASP P 112 58.05 -61.92 32.12
N LYS P 113 56.93 -61.26 32.44
CA LYS P 113 56.84 -59.80 32.31
C LYS P 113 57.58 -59.15 33.48
N ILE P 114 57.65 -59.86 34.60
CA ILE P 114 58.43 -59.45 35.76
C ILE P 114 59.92 -59.83 35.59
N LYS P 115 60.17 -60.84 34.76
CA LYS P 115 61.53 -61.32 34.51
C LYS P 115 62.36 -60.39 33.63
N MET P 116 61.77 -59.96 32.50
CA MET P 116 62.41 -59.03 31.56
C MET P 116 62.47 -57.61 32.12
N GLN P 117 61.51 -57.30 33.01
CA GLN P 117 61.51 -56.07 33.80
C GLN P 117 62.71 -55.98 34.73
N LEU P 118 62.87 -56.99 35.58
CA LEU P 118 63.89 -56.98 36.63
C LEU P 118 65.26 -57.54 36.21
N LEU P 119 65.37 -58.05 34.98
CA LEU P 119 66.68 -58.37 34.39
C LEU P 119 67.28 -57.10 33.75
N ARG P 120 66.43 -56.09 33.58
CA ARG P 120 66.85 -54.82 33.02
C ARG P 120 67.01 -53.75 34.11
N THR P 121 66.43 -54.00 35.29
CA THR P 121 66.62 -53.11 36.44
C THR P 121 67.51 -53.68 37.56
N HIS P 122 67.53 -55.01 37.72
CA HIS P 122 68.45 -55.70 38.65
C HIS P 122 68.96 -57.01 38.04
N PRO P 123 69.76 -56.94 36.96
CA PRO P 123 70.09 -58.11 36.11
C PRO P 123 70.67 -59.31 36.87
N ASN P 124 71.69 -59.05 37.67
CA ASN P 124 72.45 -60.10 38.35
C ASN P 124 71.73 -60.69 39.56
N ASN P 125 70.80 -59.94 40.14
CA ASN P 125 70.01 -60.40 41.29
C ASN P 125 69.29 -61.74 41.10
N ILE P 126 68.55 -61.86 40.00
CA ILE P 126 67.71 -63.03 39.73
C ILE P 126 68.55 -64.30 39.53
N LYS P 127 68.23 -65.32 40.33
CA LYS P 127 68.90 -66.62 40.24
C LYS P 127 68.02 -67.68 39.58
N LEU P 128 66.70 -67.53 39.70
CA LEU P 128 65.72 -68.44 39.09
C LEU P 128 64.39 -67.74 38.77
N SER P 129 63.71 -68.18 37.71
CA SER P 129 62.42 -67.62 37.30
C SER P 129 61.43 -68.70 36.84
N ILE P 130 60.13 -68.45 37.05
CA ILE P 130 59.06 -69.40 36.72
C ILE P 130 58.12 -68.86 35.64
N ASN P 131 57.74 -69.73 34.70
CA ASN P 131 56.84 -69.37 33.59
C ASN P 131 55.60 -70.26 33.53
N GLY P 132 54.65 -69.89 32.67
CA GLY P 132 53.45 -70.68 32.42
C GLY P 132 52.53 -70.83 33.62
N ILE P 133 52.24 -69.70 34.26
CA ILE P 133 51.47 -69.69 35.50
C ILE P 133 50.12 -68.98 35.33
N GLY P 134 50.17 -67.72 34.90
CA GLY P 134 49.00 -66.83 34.85
C GLY P 134 47.74 -67.42 34.26
N LYS P 135 47.92 -68.29 33.26
CA LYS P 135 46.82 -68.94 32.54
C LYS P 135 45.84 -69.72 33.44
N ASP P 136 46.36 -70.31 34.52
CA ASP P 136 45.54 -71.06 35.46
C ASP P 136 45.14 -70.24 36.70
N ALA P 137 44.11 -70.71 37.42
CA ALA P 137 43.82 -70.27 38.78
C ALA P 137 44.65 -71.13 39.75
N PRO P 138 45.33 -70.49 40.72
CA PRO P 138 46.46 -71.11 41.44
C PRO P 138 46.12 -72.25 42.42
N THR P 139 46.72 -73.43 42.18
CA THR P 139 46.50 -74.60 43.02
C THR P 139 47.73 -74.91 43.89
N PHE P 140 47.53 -75.72 44.94
CA PHE P 140 48.61 -76.05 45.86
C PHE P 140 49.74 -76.79 45.16
N GLN P 141 49.41 -77.55 44.12
CA GLN P 141 50.40 -78.30 43.36
C GLN P 141 51.51 -77.41 42.82
N GLU P 142 51.13 -76.35 42.11
CA GLU P 142 52.08 -75.38 41.56
C GLU P 142 52.89 -74.74 42.68
N SER P 143 52.21 -74.38 43.76
CA SER P 143 52.84 -73.77 44.93
C SER P 143 53.89 -74.66 45.58
N ALA P 144 53.53 -75.93 45.79
CA ALA P 144 54.40 -76.92 46.44
C ALA P 144 55.68 -77.18 45.65
N LEU P 145 55.54 -77.31 44.33
CA LEU P 145 56.67 -77.53 43.44
C LEU P 145 57.60 -76.33 43.39
N ILE P 146 57.00 -75.14 43.34
CA ILE P 146 57.73 -73.87 43.43
C ILE P 146 58.57 -73.84 44.72
N ALA P 147 57.92 -74.17 45.84
CA ALA P 147 58.60 -74.25 47.13
C ALA P 147 59.70 -75.31 47.13
N ASP P 148 59.44 -76.44 46.47
CA ASP P 148 60.37 -77.56 46.44
C ASP P 148 61.67 -77.24 45.69
N LYS P 149 61.54 -76.58 44.54
CA LYS P 149 62.70 -76.18 43.75
C LYS P 149 63.52 -75.09 44.46
N LEU P 150 62.81 -74.22 45.18
CA LEU P 150 63.44 -73.18 46.01
C LEU P 150 64.38 -73.76 47.08
N LEU P 151 63.97 -74.86 47.71
CA LEU P 151 64.81 -75.52 48.68
C LEU P 151 65.91 -76.32 47.97
N SER P 152 65.57 -76.86 46.80
CA SER P 152 66.48 -77.72 46.05
C SER P 152 67.68 -76.98 45.43
N VAL P 153 67.41 -76.04 44.54
CA VAL P 153 68.49 -75.35 43.80
C VAL P 153 68.85 -73.97 44.38
N MET P 154 67.91 -73.37 45.10
CA MET P 154 68.10 -72.06 45.72
C MET P 154 68.54 -72.12 47.19
N LYS P 155 68.58 -73.34 47.75
CA LYS P 155 68.90 -73.57 49.17
C LYS P 155 68.18 -72.54 50.06
N ALA P 156 66.85 -72.59 50.05
CA ALA P 156 66.01 -71.54 50.65
C ALA P 156 65.88 -71.61 52.18
N GLY P 157 66.33 -72.73 52.76
CA GLY P 157 66.36 -72.88 54.22
C GLY P 157 67.54 -72.16 54.84
N THR P 158 68.64 -72.09 54.08
CA THR P 158 69.86 -71.40 54.50
C THR P 158 69.83 -69.91 54.09
N TYR P 159 68.62 -69.34 54.11
CA TYR P 159 68.43 -67.90 53.98
C TYR P 159 68.02 -67.31 55.31
N PRO P 160 68.77 -66.29 55.79
CA PRO P 160 68.41 -65.61 57.03
C PRO P 160 67.03 -64.97 56.94
N LYS P 161 66.76 -64.23 55.88
CA LYS P 161 65.45 -63.63 55.70
C LYS P 161 64.82 -64.04 54.36
N ILE P 162 63.48 -64.05 54.34
CA ILE P 162 62.67 -64.40 53.17
C ILE P 162 61.43 -63.50 53.12
N SER P 163 61.15 -62.94 51.94
CA SER P 163 59.93 -62.16 51.72
C SER P 163 59.26 -62.49 50.38
N ILE P 164 57.93 -62.48 50.40
CA ILE P 164 57.12 -62.76 49.23
C ILE P 164 56.34 -61.51 48.82
N PHE P 165 56.86 -60.79 47.82
CA PHE P 165 56.20 -59.60 47.28
C PHE P 165 55.04 -59.99 46.35
N TYR P 166 53.83 -59.92 46.90
CA TYR P 166 52.62 -60.27 46.15
C TYR P 166 51.64 -59.08 46.08
N ASN P 167 50.87 -59.00 44.98
CA ASN P 167 49.84 -57.97 44.82
C ASN P 167 48.66 -58.24 45.75
N ASP P 168 48.24 -57.20 46.48
CA ASP P 168 47.15 -57.32 47.46
C ASP P 168 45.83 -56.77 46.93
N PRO P 169 44.79 -57.63 46.84
CA PRO P 169 43.52 -57.24 46.26
C PRO P 169 42.62 -56.48 47.25
N VAL P 170 42.99 -55.24 47.57
CA VAL P 170 42.18 -54.40 48.47
C VAL P 170 40.81 -54.16 47.83
N SER P 171 40.73 -53.24 46.88
CA SER P 171 39.51 -53.02 46.13
C SER P 171 39.68 -53.50 44.68
N SER P 172 38.67 -53.26 43.85
CA SER P 172 38.70 -53.64 42.44
C SER P 172 39.15 -52.52 41.50
N LEU P 173 39.25 -51.29 42.04
CA LEU P 173 39.83 -50.15 41.30
C LEU P 173 41.34 -50.34 41.08
N SER P 174 42.05 -50.73 42.13
CA SER P 174 43.46 -51.12 42.04
C SER P 174 43.92 -51.99 43.22
N PHE P 175 45.13 -52.53 43.10
CA PHE P 175 45.74 -53.33 44.14
C PHE P 175 46.74 -52.51 44.96
N GLU P 176 47.18 -53.05 46.10
CA GLU P 176 48.23 -52.43 46.90
C GLU P 176 49.29 -53.47 47.27
N PRO P 177 50.51 -53.35 46.70
CA PRO P 177 51.59 -54.33 46.90
C PRO P 177 51.81 -54.70 48.38
N SER P 178 51.87 -56.00 48.67
CA SER P 178 52.03 -56.49 50.04
C SER P 178 53.19 -57.48 50.20
N GLU P 179 53.92 -57.34 51.31
CA GLU P 179 54.97 -58.27 51.68
C GLU P 179 54.51 -59.10 52.86
N LYS P 180 54.93 -60.36 52.90
CA LYS P 180 54.66 -61.21 54.06
C LYS P 180 55.82 -62.17 54.37
N PRO P 181 56.02 -62.52 55.66
CA PRO P 181 57.23 -63.21 56.10
C PRO P 181 57.13 -64.73 56.18
N ILE P 182 58.19 -65.41 55.74
CA ILE P 182 58.33 -66.86 55.85
C ILE P 182 59.62 -67.20 56.62
N PHE P 183 59.46 -67.59 57.89
CA PHE P 183 60.59 -67.87 58.77
C PHE P 183 61.09 -69.31 58.58
N ASN P 184 62.41 -69.52 58.67
CA ASN P 184 62.98 -70.87 58.53
C ASN P 184 62.94 -71.69 59.82
N ALA P 185 63.39 -72.95 59.75
CA ALA P 185 63.43 -73.84 60.91
C ALA P 185 64.00 -73.12 62.12
N LYS P 186 65.23 -72.61 61.95
CA LYS P 186 65.95 -71.83 62.96
C LYS P 186 65.13 -70.71 63.62
N THR P 187 64.35 -69.97 62.81
CA THR P 187 63.64 -68.78 63.29
C THR P 187 62.35 -69.10 64.08
N ILE P 188 61.69 -70.20 63.73
CA ILE P 188 60.47 -70.62 64.42
C ILE P 188 60.75 -71.03 65.87
N GLU P 189 61.90 -71.68 66.08
CA GLU P 189 62.33 -72.15 67.40
C GLU P 189 62.78 -71.00 68.32
N GLN P 190 63.68 -70.16 67.82
CA GLN P 190 64.22 -69.01 68.56
C GLN P 190 63.21 -67.88 68.74
N SER P 191 61.93 -68.18 68.49
CA SER P 191 60.84 -67.23 68.69
C SER P 191 60.64 -66.93 70.18
N PRO P 192 60.11 -65.74 70.50
CA PRO P 192 59.78 -65.40 71.89
C PRO P 192 58.85 -66.41 72.58
N SER P 193 57.85 -66.92 71.84
CA SER P 193 56.85 -67.82 72.43
C SER P 193 56.86 -69.26 71.86
N PHE P 194 58.02 -69.90 71.89
CA PHE P 194 58.09 -71.32 71.60
C PHE P 194 57.96 -72.15 72.89
N GLY P 195 57.84 -71.45 74.02
CA GLY P 195 57.57 -72.07 75.30
C GLY P 195 56.09 -72.29 75.53
N LYS P 196 55.27 -71.73 74.63
CA LYS P 196 53.81 -71.82 74.72
C LYS P 196 53.26 -73.19 74.31
N PHE P 197 53.90 -73.84 73.34
CA PHE P 197 53.43 -75.13 72.80
C PHE P 197 54.38 -76.28 73.10
N GLU P 198 53.82 -77.46 73.35
CA GLU P 198 54.61 -78.67 73.59
C GLU P 198 54.66 -79.55 72.34
N ILE P 199 55.17 -78.99 71.25
CA ILE P 199 55.45 -79.76 70.05
C ILE P 199 56.56 -80.76 70.37
N ASP P 200 56.37 -82.01 69.94
CA ASP P 200 57.33 -83.09 70.23
C ASP P 200 58.69 -82.87 69.54
N THR P 201 59.73 -82.69 70.36
CA THR P 201 61.07 -82.40 69.85
C THR P 201 61.86 -83.67 69.47
N ASP P 202 61.12 -84.76 69.22
CA ASP P 202 61.72 -86.06 68.85
C ASP P 202 62.22 -86.11 67.40
N ALA P 203 61.42 -85.59 66.47
CA ALA P 203 61.85 -85.40 65.08
C ALA P 203 61.43 -84.01 64.62
N ASN P 204 62.06 -83.52 63.54
CA ASN P 204 61.86 -82.13 63.08
C ASN P 204 60.40 -81.69 62.91
N VAL P 205 60.03 -80.69 63.73
CA VAL P 205 58.73 -80.03 63.65
C VAL P 205 58.83 -78.70 62.92
N PRO P 206 59.84 -77.87 63.26
CA PRO P 206 59.94 -76.54 62.65
C PRO P 206 60.39 -76.54 61.19
N ARG P 207 61.33 -77.42 60.81
CA ARG P 207 61.86 -77.46 59.44
C ARG P 207 60.75 -77.79 58.43
N ASP P 208 60.05 -78.90 58.64
CA ASP P 208 58.96 -79.28 57.75
C ASP P 208 57.66 -78.48 58.02
N LEU P 209 57.75 -77.49 58.92
CA LEU P 209 56.68 -76.50 59.08
C LEU P 209 57.11 -75.13 58.53
N PHE P 210 58.40 -75.01 58.19
CA PHE P 210 58.87 -73.95 57.31
C PHE P 210 58.65 -74.42 55.88
N GLU P 211 58.95 -75.71 55.65
CA GLU P 211 58.77 -76.33 54.33
C GLU P 211 57.30 -76.48 53.97
N TYR P 212 56.42 -76.35 54.96
CA TYR P 212 54.99 -76.36 54.73
C TYR P 212 54.46 -74.94 54.51
N THR P 213 54.92 -74.01 55.34
CA THR P 213 54.47 -72.62 55.29
C THR P 213 54.84 -71.92 53.99
N LEU P 214 56.08 -72.10 53.54
CA LEU P 214 56.54 -71.52 52.27
C LEU P 214 55.62 -71.91 51.11
N ALA P 215 55.22 -73.17 51.10
CA ALA P 215 54.26 -73.66 50.12
C ALA P 215 52.90 -73.03 50.34
N ASN P 216 52.37 -73.15 51.57
CA ASN P 216 51.00 -72.74 51.88
C ASN P 216 50.76 -71.24 51.74
N GLN P 217 51.75 -70.44 52.10
CA GLN P 217 51.60 -68.99 52.06
C GLN P 217 51.91 -68.41 50.68
N MET P 218 52.80 -69.07 49.92
CA MET P 218 53.05 -68.68 48.54
C MET P 218 51.80 -68.86 47.67
N LEU P 219 50.98 -69.87 48.00
CA LEU P 219 49.68 -70.07 47.33
C LEU P 219 48.72 -68.93 47.65
N THR P 220 48.74 -68.49 48.90
CA THR P 220 47.95 -67.34 49.33
C THR P 220 48.46 -66.08 48.62
N ALA P 221 49.77 -66.00 48.43
CA ALA P 221 50.40 -64.91 47.70
C ALA P 221 49.93 -64.85 46.25
N MET P 222 49.83 -66.04 45.63
CA MET P 222 49.39 -66.15 44.25
C MET P 222 47.90 -65.86 44.09
N ALA P 223 47.07 -66.53 44.87
CA ALA P 223 45.61 -66.38 44.80
C ALA P 223 45.18 -64.93 44.93
N GLN P 224 45.81 -64.19 45.84
CA GLN P 224 45.51 -62.78 46.04
C GLN P 224 46.00 -61.94 44.86
N GLY P 225 47.15 -62.30 44.30
CA GLY P 225 47.72 -61.63 43.14
C GLY P 225 47.20 -62.14 41.80
N TYR P 226 46.29 -63.11 41.83
CA TYR P 226 45.60 -63.63 40.64
C TYR P 226 44.18 -63.09 40.53
N ALA P 227 43.54 -62.88 41.68
CA ALA P 227 42.26 -62.16 41.72
C ALA P 227 42.52 -60.68 41.43
N ALA P 228 43.76 -60.26 41.66
CA ALA P 228 44.21 -58.90 41.35
C ALA P 228 44.63 -58.73 39.89
N GLU P 229 45.23 -59.77 39.31
CA GLU P 229 45.58 -59.79 37.88
C GLU P 229 44.32 -59.94 37.01
N ILE P 230 43.30 -60.56 37.58
CA ILE P 230 41.98 -60.66 36.96
C ILE P 230 41.15 -59.40 37.18
N SER P 231 41.66 -58.49 38.01
CA SER P 231 41.02 -57.20 38.27
C SER P 231 41.72 -56.06 37.53
N ALA P 232 42.97 -56.28 37.14
CA ALA P 232 43.75 -55.28 36.41
C ALA P 232 43.63 -55.45 34.89
N ARG P 233 43.47 -56.70 34.45
CA ARG P 233 43.17 -57.01 33.05
C ARG P 233 41.75 -56.58 32.72
N ARG P 234 40.78 -57.18 33.43
CA ARG P 234 39.35 -56.98 33.13
C ARG P 234 38.86 -55.53 33.21
N ASN P 235 39.45 -54.76 34.12
CA ASN P 235 39.05 -53.37 34.35
C ASN P 235 39.72 -52.38 33.38
N ALA P 236 40.99 -52.62 33.05
CA ALA P 236 41.70 -51.82 32.05
C ALA P 236 41.18 -52.10 30.64
N MET P 237 40.83 -53.36 30.38
CA MET P 237 40.20 -53.76 29.11
C MET P 237 38.71 -53.40 29.10
N ASP P 238 38.24 -52.75 30.16
CA ASP P 238 36.94 -52.09 30.18
C ASP P 238 37.11 -50.63 29.76
N ASN P 239 38.22 -50.02 30.18
CA ASN P 239 38.56 -48.65 29.82
C ASN P 239 39.21 -48.51 28.44
N ALA P 240 39.50 -49.64 27.81
CA ALA P 240 39.91 -49.65 26.40
C ALA P 240 38.68 -49.74 25.49
N SER P 241 37.61 -50.35 26.02
CA SER P 241 36.31 -50.41 25.35
C SER P 241 35.75 -49.01 25.14
N LYS P 242 35.97 -48.14 26.11
CA LYS P 242 35.68 -46.72 25.99
C LYS P 242 36.79 -46.00 25.20
N ASN P 243 38.05 -46.38 25.45
CA ASN P 243 39.22 -45.77 24.80
C ASN P 243 39.13 -45.78 23.27
N ALA P 244 39.33 -46.94 22.67
CA ALA P 244 39.20 -47.10 21.23
C ALA P 244 37.73 -47.05 20.78
N GLY P 245 36.81 -46.97 21.73
CA GLY P 245 35.40 -46.71 21.45
C GLY P 245 35.18 -45.26 21.02
N ASP P 246 36.22 -44.45 21.20
CA ASP P 246 36.22 -43.04 20.80
C ASP P 246 37.12 -42.83 19.58
N MET P 247 38.14 -43.67 19.45
CA MET P 247 38.92 -43.73 18.22
C MET P 247 38.09 -44.37 17.09
N ILE P 248 36.93 -44.91 17.45
CA ILE P 248 35.95 -45.45 16.50
C ILE P 248 35.05 -44.36 15.90
N ASN P 249 34.63 -43.40 16.73
CA ASN P 249 33.80 -42.28 16.28
C ASN P 249 34.61 -41.17 15.63
N ARG P 250 35.71 -40.77 16.27
CA ARG P 250 36.61 -39.74 15.73
C ARG P 250 37.07 -40.08 14.32
N TYR P 251 37.51 -41.32 14.11
CA TYR P 251 37.86 -41.86 12.79
C TYR P 251 36.65 -42.00 11.85
N SER P 252 35.50 -42.35 12.41
CA SER P 252 34.25 -42.56 11.64
C SER P 252 33.83 -41.29 10.87
N ILE P 253 33.92 -40.15 11.55
CA ILE P 253 33.64 -38.85 10.96
C ILE P 253 34.69 -38.48 9.90
N LEU P 254 35.94 -38.87 10.14
CA LEU P 254 37.01 -38.60 9.19
C LEU P 254 36.96 -39.58 8.01
N TYR P 255 36.28 -40.71 8.20
CA TYR P 255 36.07 -41.69 7.14
C TYR P 255 35.16 -41.14 6.03
N ASN P 256 34.00 -40.62 6.41
CA ASN P 256 33.07 -40.02 5.45
C ASN P 256 33.65 -38.77 4.79
N ARG P 257 34.43 -38.00 5.55
CA ARG P 257 35.17 -36.86 5.00
C ARG P 257 35.99 -37.30 3.79
N THR P 258 36.44 -38.55 3.79
CA THR P 258 37.15 -39.10 2.65
C THR P 258 36.18 -39.80 1.69
N ARG P 259 35.08 -40.33 2.24
CA ARG P 259 34.10 -41.06 1.43
C ARG P 259 33.54 -40.13 0.37
N GLN P 260 32.89 -39.07 0.84
CA GLN P 260 32.37 -37.99 0.02
C GLN P 260 33.45 -37.43 -0.91
N ALA P 261 34.56 -36.97 -0.32
CA ALA P 261 35.66 -36.36 -1.07
C ALA P 261 36.03 -37.05 -2.38
N VAL P 262 36.14 -38.38 -2.37
CA VAL P 262 36.63 -39.15 -3.53
C VAL P 262 35.59 -39.26 -4.64
N ILE P 263 34.30 -39.35 -4.26
CA ILE P 263 33.21 -39.31 -5.24
C ILE P 263 33.27 -37.98 -6.00
N THR P 264 33.38 -36.89 -5.24
CA THR P 264 33.47 -35.54 -5.78
C THR P 264 34.66 -35.41 -6.73
N ASN P 265 35.87 -35.57 -6.21
CA ASN P 265 37.10 -35.45 -7.00
C ASN P 265 37.11 -36.27 -8.30
N GLU P 266 36.60 -37.50 -8.23
CA GLU P 266 36.43 -38.35 -9.42
C GLU P 266 35.50 -37.70 -10.43
N LEU P 267 34.37 -37.21 -9.93
CA LEU P 267 33.33 -36.64 -10.78
C LEU P 267 33.86 -35.37 -11.44
N VAL P 268 34.40 -34.49 -10.62
CA VAL P 268 35.05 -33.26 -11.08
C VAL P 268 36.09 -33.53 -12.19
N ASP P 269 36.75 -34.69 -12.15
CA ASP P 269 37.65 -35.12 -13.23
C ASP P 269 36.92 -35.38 -14.55
N ILE P 270 35.78 -36.08 -14.48
CA ILE P 270 34.95 -36.38 -15.66
C ILE P 270 34.36 -35.11 -16.29
N ILE P 271 33.90 -34.20 -15.45
CA ILE P 271 33.41 -32.90 -15.91
C ILE P 271 34.52 -32.20 -16.71
N THR P 272 35.68 -32.01 -16.08
CA THR P 272 36.83 -31.35 -16.71
C THR P 272 37.10 -31.96 -18.09
N GLY P 273 37.13 -33.29 -18.15
CA GLY P 273 37.33 -34.03 -19.39
C GLY P 273 36.23 -33.82 -20.42
N ALA P 274 35.01 -33.64 -19.93
CA ALA P 274 33.88 -33.36 -20.81
C ALA P 274 33.77 -31.87 -21.11
N SER P 275 34.60 -31.05 -20.45
CA SER P 275 34.67 -29.60 -20.72
C SER P 275 34.85 -29.41 -22.22
N SER P 276 35.91 -30.05 -22.74
CA SER P 276 36.23 -30.07 -24.17
C SER P 276 35.02 -30.49 -25.01
N LYS Q 11 35.40 -72.69 68.33
CA LYS Q 11 35.32 -72.75 66.84
C LYS Q 11 36.34 -73.72 66.27
N LEU Q 12 35.93 -74.44 65.22
CA LEU Q 12 36.77 -75.41 64.53
C LEU Q 12 37.13 -74.94 63.12
N GLN Q 13 38.42 -74.98 62.80
CA GLN Q 13 38.90 -74.56 61.48
C GLN Q 13 39.56 -75.70 60.70
N PHE Q 14 38.76 -76.33 59.84
CA PHE Q 14 39.26 -77.30 58.85
C PHE Q 14 39.27 -76.58 57.50
N ALA Q 15 40.43 -76.51 56.86
CA ALA Q 15 40.59 -75.75 55.61
C ALA Q 15 41.55 -76.38 54.62
N LEU Q 16 41.12 -76.42 53.37
CA LEU Q 16 42.00 -76.74 52.25
C LEU Q 16 42.40 -75.41 51.59
N PRO Q 17 43.32 -75.44 50.61
CA PRO Q 17 43.64 -74.18 49.93
C PRO Q 17 42.50 -73.65 49.03
N HIS Q 18 41.94 -74.53 48.21
CA HIS Q 18 40.89 -74.16 47.26
C HIS Q 18 39.51 -73.97 47.88
N GLU Q 19 39.17 -74.81 48.86
CA GLU Q 19 37.84 -74.79 49.48
C GLU Q 19 37.89 -74.97 51.00
N THR Q 20 37.43 -73.94 51.73
CA THR Q 20 37.34 -73.98 53.21
C THR Q 20 36.24 -74.97 53.67
N LEU Q 21 36.59 -75.86 54.61
CA LEU Q 21 35.73 -77.01 54.98
C LEU Q 21 34.78 -76.82 56.19
N TYR Q 22 35.31 -76.37 57.33
CA TYR Q 22 34.52 -76.26 58.56
C TYR Q 22 34.57 -74.89 59.24
N SER Q 23 35.61 -74.10 58.91
CA SER Q 23 35.81 -72.78 59.51
C SER Q 23 34.61 -71.84 59.36
N GLU Q 26 32.65 -73.65 71.74
CA GLU Q 26 33.34 -74.79 72.32
C GLU Q 26 33.06 -76.08 71.54
N VAL Q 27 33.84 -76.30 70.47
CA VAL Q 27 33.72 -77.51 69.65
C VAL Q 27 34.12 -78.73 70.48
N THR Q 28 33.49 -79.88 70.18
CA THR Q 28 33.55 -81.05 71.07
C THR Q 28 34.71 -82.02 70.83
N GLN Q 29 34.80 -82.60 69.64
CA GLN Q 29 35.83 -83.63 69.36
C GLN Q 29 36.26 -83.73 67.90
N VAL Q 30 37.58 -83.84 67.68
CA VAL Q 30 38.16 -84.07 66.36
C VAL Q 30 39.27 -85.13 66.41
N ASN Q 31 39.04 -86.24 65.72
CA ASN Q 31 40.04 -87.30 65.56
C ASN Q 31 41.11 -86.93 64.55
N LEU Q 32 42.28 -86.53 65.04
CA LEU Q 32 43.41 -86.22 64.19
C LEU Q 32 44.47 -87.33 64.27
N PRO Q 33 44.61 -88.13 63.19
CA PRO Q 33 45.77 -89.03 63.10
C PRO Q 33 47.02 -88.27 62.62
N ALA Q 34 48.13 -88.42 63.36
CA ALA Q 34 49.29 -87.55 63.20
C ALA Q 34 50.64 -88.28 63.36
N LYS Q 35 51.60 -87.60 63.99
CA LYS Q 35 52.94 -88.13 64.20
C LYS Q 35 52.92 -89.29 65.21
N SER Q 36 53.15 -90.49 64.71
CA SER Q 36 53.15 -91.75 65.49
C SER Q 36 51.84 -92.02 66.26
N GLY Q 37 50.71 -91.98 65.55
CA GLY Q 37 49.41 -92.33 66.10
C GLY Q 37 48.35 -91.27 65.93
N ARG Q 38 47.23 -91.44 66.64
CA ARG Q 38 46.08 -90.53 66.58
C ARG Q 38 45.72 -89.91 67.93
N ILE Q 39 45.83 -88.58 68.02
CA ILE Q 39 45.44 -87.81 69.20
C ILE Q 39 43.92 -87.55 69.17
N GLY Q 40 43.19 -88.11 70.12
CA GLY Q 40 41.74 -87.91 70.19
C GLY Q 40 41.37 -86.64 70.93
N VAL Q 41 41.42 -85.51 70.21
CA VAL Q 41 41.20 -84.17 70.79
C VAL Q 41 39.84 -84.00 71.48
N LEU Q 42 39.88 -83.87 72.81
CA LEU Q 42 38.70 -83.55 73.60
C LEU Q 42 38.43 -82.04 73.54
N ALA Q 43 37.46 -81.56 74.32
CA ALA Q 43 37.09 -80.14 74.34
C ALA Q 43 38.28 -79.24 74.66
N ASN Q 44 39.11 -79.65 75.62
CA ASN Q 44 40.32 -78.92 75.98
C ASN Q 44 41.59 -79.77 75.83
N HIS Q 45 42.41 -79.39 74.85
CA HIS Q 45 43.58 -80.14 74.44
C HIS Q 45 44.83 -79.28 74.59
N VAL Q 46 45.66 -79.62 75.59
CA VAL Q 46 46.90 -78.92 75.94
C VAL Q 46 47.64 -78.34 74.71
N PRO Q 47 47.97 -77.02 74.73
CA PRO Q 47 48.58 -76.31 73.58
C PRO Q 47 49.80 -77.01 72.95
N THR Q 48 49.66 -77.44 71.70
CA THR Q 48 50.69 -78.21 70.99
C THR Q 48 50.61 -78.04 69.47
N VAL Q 49 51.73 -78.29 68.79
CA VAL Q 49 51.80 -78.24 67.32
C VAL Q 49 52.24 -79.60 66.75
N GLU Q 50 51.46 -80.13 65.82
CA GLU Q 50 51.73 -81.44 65.23
C GLU Q 50 51.48 -81.48 63.70
N GLN Q 51 52.35 -82.18 62.99
CA GLN Q 51 52.18 -82.50 61.58
C GLN Q 51 51.09 -83.57 61.44
N LEU Q 52 50.49 -83.69 60.27
CA LEU Q 52 49.42 -84.67 60.05
C LEU Q 52 49.74 -85.66 58.94
N LEU Q 53 49.71 -86.94 59.29
CA LEU Q 53 49.92 -88.03 58.33
C LEU Q 53 48.66 -88.25 57.50
N PRO Q 54 48.75 -89.01 56.39
CA PRO Q 54 47.55 -89.52 55.73
C PRO Q 54 46.78 -90.54 56.59
N GLY Q 55 45.53 -90.22 56.93
CA GLY Q 55 44.71 -91.06 57.79
C GLY Q 55 43.27 -90.58 57.93
N VAL Q 56 42.44 -91.38 58.61
CA VAL Q 56 41.02 -91.11 58.72
C VAL Q 56 40.69 -90.07 59.80
N VAL Q 57 39.97 -89.03 59.40
CA VAL Q 57 39.49 -87.99 60.33
C VAL Q 57 37.96 -88.08 60.54
N GLU Q 58 37.56 -88.39 61.77
CA GLU Q 58 36.15 -88.45 62.14
C GLU Q 58 35.78 -87.29 63.07
N VAL Q 59 34.77 -86.51 62.67
CA VAL Q 59 34.38 -85.28 63.37
C VAL Q 59 33.09 -85.48 64.19
N MET Q 60 32.99 -84.76 65.31
CA MET Q 60 31.79 -84.76 66.15
C MET Q 60 31.39 -83.33 66.52
N GLU Q 61 30.20 -82.94 66.11
CA GLU Q 61 29.65 -81.62 66.42
C GLU Q 61 28.94 -81.64 67.77
N PHE Q 69 38.73 -88.92 54.55
CA PHE Q 69 40.15 -89.26 54.45
C PHE Q 69 40.97 -88.06 54.02
N ILE Q 70 42.20 -87.98 54.49
CA ILE Q 70 43.04 -86.80 54.27
C ILE Q 70 44.45 -87.15 53.76
N SER Q 71 44.94 -86.36 52.79
CA SER Q 71 46.26 -86.59 52.16
C SER Q 71 47.43 -85.90 52.89
N GLY Q 72 47.19 -85.48 54.13
CA GLY Q 72 48.24 -84.88 54.96
C GLY Q 72 47.97 -83.44 55.38
N GLY Q 73 49.01 -82.79 55.90
CA GLY Q 73 48.89 -81.42 56.37
C GLY Q 73 49.42 -81.24 57.79
N PHE Q 74 48.88 -80.24 58.50
CA PHE Q 74 49.31 -79.97 59.86
C PHE Q 74 48.16 -79.44 60.73
N ALA Q 75 48.24 -79.71 62.03
CA ALA Q 75 47.25 -79.25 63.02
C ALA Q 75 47.89 -78.30 64.04
N THR Q 76 47.07 -77.45 64.65
CA THR Q 76 47.54 -76.47 65.64
C THR Q 76 46.47 -76.15 66.70
N VAL Q 77 46.82 -76.31 67.98
CA VAL Q 77 45.92 -75.96 69.09
C VAL Q 77 46.41 -74.70 69.82
N GLN Q 78 45.78 -73.58 69.46
CA GLN Q 78 46.12 -72.25 69.98
C GLN Q 78 45.89 -72.10 71.49
N PRO Q 79 46.40 -70.99 72.10
CA PRO Q 79 46.17 -70.71 73.54
C PRO Q 79 44.72 -70.44 73.95
N ASP Q 80 43.82 -70.35 72.98
CA ASP Q 80 42.39 -70.12 73.27
C ASP Q 80 41.56 -71.40 73.23
N SER Q 81 42.24 -72.55 73.33
CA SER Q 81 41.62 -73.88 73.32
C SER Q 81 40.93 -74.22 71.99
N GLN Q 82 41.59 -73.90 70.88
CA GLN Q 82 41.00 -74.12 69.55
C GLN Q 82 41.94 -74.82 68.57
N LEU Q 83 41.45 -75.92 67.98
CA LEU Q 83 42.24 -76.79 67.11
C LEU Q 83 42.07 -76.45 65.63
N CYS Q 84 43.17 -76.10 64.97
CA CYS Q 84 43.20 -75.81 63.53
C CYS Q 84 43.50 -77.05 62.72
N VAL Q 85 43.01 -77.08 61.48
CA VAL Q 85 43.31 -78.15 60.53
C VAL Q 85 43.62 -77.60 59.13
N THR Q 86 44.91 -77.60 58.78
CA THR Q 86 45.33 -77.22 57.43
C THR Q 86 45.71 -78.48 56.64
N ALA Q 87 45.03 -78.68 55.52
CA ALA Q 87 45.28 -79.84 54.66
C ALA Q 87 45.26 -79.43 53.18
N ILE Q 88 45.70 -80.34 52.31
CA ILE Q 88 45.65 -80.10 50.86
C ILE Q 88 44.32 -80.59 50.29
N GLU Q 89 44.02 -81.87 50.51
CA GLU Q 89 42.83 -82.51 49.93
C GLU Q 89 41.76 -82.87 50.99
N ILE Q 101 38.05 -98.50 44.42
CA ILE Q 101 38.04 -97.11 43.99
C ILE Q 101 39.41 -96.62 43.48
N LYS Q 102 40.48 -97.28 43.95
CA LYS Q 102 41.86 -96.83 43.67
C LYS Q 102 42.84 -97.94 43.23
N ASN Q 103 42.30 -99.13 42.98
CA ASN Q 103 43.10 -100.34 42.74
C ASN Q 103 43.75 -100.49 41.35
N LEU Q 104 43.27 -99.73 40.37
CA LEU Q 104 43.77 -99.84 38.99
C LEU Q 104 45.14 -99.14 38.81
N LEU Q 105 45.28 -97.97 39.43
CA LEU Q 105 46.51 -97.17 39.34
C LEU Q 105 47.52 -97.51 40.44
N ALA Q 106 47.06 -98.25 41.46
CA ALA Q 106 47.94 -98.78 42.52
C ALA Q 106 48.88 -99.87 41.97
N GLU Q 107 48.53 -100.41 40.80
CA GLU Q 107 49.39 -101.32 40.05
C GLU Q 107 50.51 -100.56 39.33
N ALA Q 108 50.16 -99.40 38.77
CA ALA Q 108 51.15 -98.50 38.19
C ALA Q 108 51.86 -97.67 39.27
N LYS Q 109 52.03 -98.27 40.46
CA LYS Q 109 52.72 -97.66 41.60
C LYS Q 109 53.99 -98.43 41.96
N LYS Q 110 53.85 -99.75 42.06
CA LYS Q 110 55.00 -100.64 42.16
C LYS Q 110 55.71 -100.72 40.80
N ASN Q 111 54.96 -100.40 39.74
CA ASN Q 111 55.45 -100.46 38.35
C ASN Q 111 56.55 -99.44 37.99
N VAL Q 112 56.65 -98.37 38.79
CA VAL Q 112 57.73 -97.40 38.62
C VAL Q 112 58.76 -97.57 39.75
N SER Q 113 58.59 -98.64 40.53
CA SER Q 113 59.50 -99.05 41.62
C SER Q 113 59.87 -97.93 42.58
N GLU Q 119 63.70 -90.66 41.10
CA GLU Q 119 62.34 -90.66 40.57
C GLU Q 119 61.51 -91.82 41.14
N ALA Q 120 62.18 -92.93 41.42
CA ALA Q 120 61.54 -94.10 42.02
C ALA Q 120 61.14 -93.85 43.48
N ALA Q 121 61.90 -92.99 44.17
CA ALA Q 121 61.63 -92.62 45.55
C ALA Q 121 60.31 -91.86 45.70
N GLU Q 122 59.99 -91.03 44.70
CA GLU Q 122 58.70 -90.32 44.65
C GLU Q 122 57.54 -91.29 44.41
N ALA Q 123 57.78 -92.32 43.58
CA ALA Q 123 56.81 -93.38 43.32
C ALA Q 123 56.63 -94.28 44.55
N ALA Q 124 57.69 -94.37 45.37
CA ALA Q 124 57.65 -95.11 46.63
C ALA Q 124 56.81 -94.38 47.69
N ILE Q 125 56.83 -93.05 47.65
CA ILE Q 125 55.99 -92.19 48.52
C ILE Q 125 54.51 -92.29 48.17
N GLN Q 126 54.22 -92.51 46.88
CA GLN Q 126 52.87 -92.79 46.39
C GLN Q 126 52.47 -94.24 46.74
N VAL Q 127 53.43 -95.16 46.62
CA VAL Q 127 53.23 -96.56 46.99
C VAL Q 127 52.94 -96.70 48.50
N GLU Q 128 53.49 -95.79 49.29
CA GLU Q 128 53.21 -95.72 50.73
C GLU Q 128 52.02 -94.80 51.03
N VAL Q 129 51.49 -94.16 50.00
CA VAL Q 129 50.31 -93.30 50.12
C VAL Q 129 49.03 -93.99 49.65
N LEU Q 130 49.16 -94.93 48.71
CA LEU Q 130 48.03 -95.68 48.17
C LEU Q 130 47.49 -96.75 49.14
N GLU Q 131 48.37 -97.63 49.58
CA GLU Q 131 48.01 -98.68 50.55
C GLU Q 131 47.50 -98.07 51.85
N ASN Q 132 48.06 -96.92 52.23
CA ASN Q 132 47.67 -96.19 53.44
C ASN Q 132 46.24 -95.66 53.35
N LEU Q 133 45.85 -95.20 52.17
CA LEU Q 133 44.47 -94.74 51.90
C LEU Q 133 43.49 -95.91 51.96
N GLN Q 134 43.92 -97.06 51.41
CA GLN Q 134 43.16 -98.30 51.48
C GLN Q 134 43.21 -98.89 52.89
N SER Q 135 42.44 -98.27 53.80
CA SER Q 135 42.38 -98.68 55.20
C SER Q 135 41.06 -98.23 55.84
N VAL Q 136 40.51 -97.12 55.35
CA VAL Q 136 39.23 -96.61 55.84
C VAL Q 136 38.24 -96.39 54.70
N ARG R 4 60.87 -90.91 52.81
CA ARG R 4 60.30 -89.69 52.15
C ARG R 4 61.35 -88.56 52.11
N LYS R 5 62.60 -88.93 52.39
CA LYS R 5 63.70 -87.99 52.46
C LYS R 5 64.82 -88.39 51.49
N ALA R 6 66.05 -87.98 51.79
CA ALA R 6 67.17 -88.09 50.86
C ALA R 6 66.81 -87.47 49.49
N GLY R 7 66.11 -86.33 49.54
CA GLY R 7 65.71 -85.60 48.33
C GLY R 7 64.54 -84.66 48.51
N ILE R 8 63.32 -85.21 48.42
CA ILE R 8 62.07 -84.45 48.46
C ILE R 8 61.91 -83.52 49.68
N SER R 9 61.15 -82.45 49.50
CA SER R 9 60.82 -81.52 50.60
C SER R 9 59.37 -81.73 51.06
N TYR R 10 59.04 -81.27 52.26
CA TYR R 10 57.74 -81.58 52.91
C TYR R 10 56.52 -81.32 52.02
N ALA R 11 56.54 -80.21 51.31
CA ALA R 11 55.45 -79.84 50.40
C ALA R 11 55.42 -80.74 49.17
N ALA R 12 56.59 -81.13 48.69
CA ALA R 12 56.72 -82.07 47.57
C ALA R 12 56.35 -83.51 47.97
N TYR R 13 56.50 -83.84 49.25
CA TYR R 13 56.02 -85.11 49.82
C TYR R 13 54.49 -85.17 49.81
N LEU R 14 53.87 -84.09 50.31
CA LEU R 14 52.40 -83.98 50.37
C LEU R 14 51.76 -83.96 48.98
N ASN R 15 52.45 -83.34 48.01
CA ASN R 15 51.98 -83.30 46.63
C ASN R 15 51.71 -84.70 46.08
N VAL R 16 52.74 -85.54 46.08
CA VAL R 16 52.63 -86.93 45.63
C VAL R 16 51.42 -87.63 46.28
N ALA R 17 51.09 -87.24 47.52
CA ALA R 17 49.92 -87.76 48.24
C ALA R 17 48.63 -87.04 47.87
N ALA R 18 48.70 -85.74 47.62
CA ALA R 18 47.54 -84.96 47.22
C ALA R 18 47.17 -85.10 45.73
N GLN R 19 48.10 -85.65 44.94
CA GLN R 19 47.92 -85.82 43.49
C GLN R 19 47.62 -87.26 43.09
N ALA R 20 48.16 -88.21 43.86
CA ALA R 20 47.86 -89.63 43.68
C ALA R 20 46.51 -90.02 44.29
N ILE R 21 45.94 -89.16 45.15
CA ILE R 21 44.56 -89.33 45.61
C ILE R 21 43.57 -88.54 44.74
N ARG R 22 44.05 -87.49 44.08
CA ARG R 22 43.29 -86.81 43.04
C ARG R 22 43.17 -87.72 41.82
N SER R 23 44.18 -88.58 41.63
CA SER R 23 44.25 -89.50 40.50
C SER R 23 43.73 -90.93 40.80
N SER R 24 42.84 -91.05 41.79
CA SER R 24 42.22 -92.33 42.13
C SER R 24 40.92 -92.19 42.96
N LEU R 25 39.86 -91.74 42.28
CA LEU R 25 38.52 -91.63 42.86
C LEU R 25 37.50 -91.89 41.76
N LYS R 26 36.21 -91.95 42.11
CA LYS R 26 35.13 -92.17 41.14
C LYS R 26 35.39 -91.33 39.88
N THR R 27 35.40 -91.99 38.72
CA THR R 27 35.73 -91.35 37.44
C THR R 27 34.93 -90.07 37.21
N GLU R 28 33.69 -90.08 37.66
CA GLU R 28 32.79 -88.92 37.61
C GLU R 28 33.22 -87.82 38.60
N LEU R 29 33.75 -88.23 39.76
CA LEU R 29 34.10 -87.31 40.84
C LEU R 29 35.35 -86.45 40.59
N GLN R 30 36.20 -86.86 39.65
CA GLN R 30 37.36 -86.07 39.25
C GLN R 30 36.91 -84.85 38.43
N THR R 31 36.58 -83.77 39.13
CA THR R 31 35.91 -82.59 38.52
C THR R 31 36.81 -81.68 37.65
N ALA R 32 36.23 -80.57 37.18
CA ALA R 32 36.95 -79.60 36.34
C ALA R 32 37.97 -78.76 37.11
N SER R 33 37.70 -78.52 38.39
CA SER R 33 38.63 -77.79 39.27
C SER R 33 39.74 -78.71 39.76
N VAL R 34 39.77 -79.93 39.24
CA VAL R 34 40.76 -80.96 39.62
C VAL R 34 41.80 -81.22 38.51
N LEU R 35 41.39 -81.12 37.25
CA LEU R 35 42.30 -81.25 36.10
C LEU R 35 43.41 -80.20 36.12
N ASN R 36 43.04 -78.98 36.50
CA ASN R 36 43.98 -77.87 36.72
C ASN R 36 44.74 -77.98 38.03
N ARG R 37 44.23 -78.83 38.94
CA ARG R 37 44.82 -79.06 40.25
C ARG R 37 45.82 -80.21 40.24
N SER R 38 45.90 -80.89 39.10
CA SER R 38 46.86 -81.99 38.91
C SER R 38 47.73 -81.81 37.64
N GLN R 39 47.48 -80.71 36.91
CA GLN R 39 48.30 -80.31 35.77
C GLN R 39 49.03 -78.99 36.02
N THR R 40 50.36 -79.06 36.01
CA THR R 40 51.21 -77.88 36.18
C THR R 40 52.14 -77.71 34.98
N ASP R 41 51.83 -76.72 34.14
CA ASP R 41 52.56 -76.47 32.90
C ASP R 41 53.85 -75.68 33.13
N ALA R 42 54.22 -75.52 34.40
CA ALA R 42 55.29 -74.60 34.79
C ALA R 42 56.70 -75.07 34.48
N PHE R 43 57.58 -74.10 34.19
CA PHE R 43 58.99 -74.34 33.92
C PHE R 43 59.83 -73.34 34.72
N TYR R 44 61.14 -73.57 34.77
CA TYR R 44 62.04 -72.62 35.41
C TYR R 44 63.40 -72.53 34.71
N THR R 45 63.83 -71.30 34.45
CA THR R 45 65.14 -71.02 33.90
C THR R 45 65.99 -70.40 35.01
N GLN R 46 67.22 -70.89 35.16
CA GLN R 46 68.17 -70.29 36.07
C GLN R 46 68.75 -69.01 35.44
N TYR R 47 69.14 -68.05 36.27
CA TYR R 47 69.69 -66.77 35.78
C TYR R 47 70.97 -66.32 36.48
N LYS R 48 72.00 -66.06 35.69
CA LYS R 48 73.24 -65.45 36.16
C LYS R 48 73.49 -64.17 35.36
N ASN R 49 73.62 -63.05 36.07
CA ASN R 49 73.77 -61.72 35.46
C ASN R 49 72.57 -61.29 34.63
N ALA R 53 72.03 -61.17 31.46
CA ALA R 53 72.47 -62.46 30.94
C ALA R 53 71.68 -63.62 31.56
N SER R 54 71.58 -64.71 30.81
CA SER R 54 70.89 -65.93 31.28
C SER R 54 71.87 -67.00 31.74
N GLU R 55 71.36 -68.00 32.47
CA GLU R 55 72.15 -69.15 32.89
C GLU R 55 72.01 -70.30 31.89
N PRO R 56 72.55 -71.51 32.21
CA PRO R 56 72.71 -72.52 31.16
C PRO R 56 71.55 -73.52 30.96
N THR R 57 70.39 -73.31 31.60
CA THR R 57 69.29 -74.28 31.52
C THR R 57 67.88 -73.67 31.68
N PRO R 58 66.94 -74.04 30.78
CA PRO R 58 65.52 -73.70 30.90
C PRO R 58 64.58 -74.91 31.13
N ILE R 59 64.87 -75.71 32.16
CA ILE R 59 64.18 -77.00 32.41
C ILE R 59 62.72 -76.90 32.92
N THR R 60 62.07 -78.06 33.06
CA THR R 60 60.63 -78.16 33.40
C THR R 60 60.31 -78.43 34.87
N LYS R 61 59.05 -78.17 35.28
CA LYS R 61 58.60 -78.45 36.65
C LYS R 61 57.29 -79.25 36.67
N ASN S 26 33.99 96.56 -62.54
CA ASN S 26 32.73 96.90 -61.82
C ASN S 26 32.51 96.05 -60.56
N LEU S 27 31.91 94.87 -60.73
CA LEU S 27 31.70 93.83 -59.70
C LEU S 27 30.51 93.99 -58.75
N ASN S 28 29.71 95.02 -58.96
CA ASN S 28 28.46 95.22 -58.20
C ASN S 28 27.21 94.97 -59.06
N GLU S 29 27.42 94.80 -60.36
CA GLU S 29 26.35 94.56 -61.32
C GLU S 29 26.75 93.43 -62.26
N THR S 30 28.04 93.11 -62.24
CA THR S 30 28.62 92.16 -63.18
C THR S 30 29.26 91.03 -62.42
N GLY S 31 29.55 89.95 -63.14
CA GLY S 31 30.21 88.78 -62.56
C GLY S 31 31.03 88.02 -63.58
N ARG S 32 32.00 87.25 -63.08
CA ARG S 32 32.81 86.37 -63.92
C ARG S 32 32.55 84.92 -63.51
N VAL S 33 32.34 84.06 -64.51
CA VAL S 33 32.04 82.64 -64.29
C VAL S 33 33.24 81.85 -63.74
N LEU S 34 33.09 81.34 -62.52
CA LEU S 34 34.15 80.54 -61.88
C LEU S 34 34.09 79.07 -62.30
N ALA S 35 32.88 78.54 -62.43
CA ALA S 35 32.65 77.21 -62.91
C ALA S 35 31.28 77.11 -63.61
N VAL S 36 31.15 76.16 -64.51
CA VAL S 36 29.87 75.88 -65.15
C VAL S 36 29.65 74.36 -65.16
N GLY S 37 28.40 73.93 -65.02
CA GLY S 37 28.07 72.52 -65.05
C GLY S 37 26.79 72.14 -64.31
N ASP S 38 26.04 71.22 -64.93
CA ASP S 38 24.81 70.65 -64.37
C ASP S 38 23.63 71.64 -64.35
N GLY S 39 23.60 72.54 -65.32
CA GLY S 39 22.59 73.60 -65.36
C GLY S 39 22.84 74.62 -64.28
N ILE S 40 24.02 74.55 -63.67
CA ILE S 40 24.47 75.48 -62.64
C ILE S 40 25.66 76.28 -63.17
N ALA S 41 25.71 77.55 -62.78
CA ALA S 41 26.87 78.41 -63.02
C ALA S 41 27.27 79.05 -61.70
N ARG S 42 28.49 78.80 -61.26
CA ARG S 42 29.02 79.47 -60.07
C ARG S 42 29.79 80.75 -60.48
N VAL S 43 29.37 81.89 -59.93
CA VAL S 43 29.76 83.21 -60.44
C VAL S 43 30.40 84.10 -59.34
N PHE S 44 31.38 84.91 -59.76
CA PHE S 44 32.11 85.83 -58.87
C PHE S 44 31.66 87.29 -59.08
N GLY S 45 31.62 88.07 -58.00
CA GLY S 45 31.06 89.41 -58.03
C GLY S 45 29.57 89.43 -57.73
N LEU S 46 28.80 90.05 -58.62
CA LEU S 46 27.36 90.27 -58.42
C LEU S 46 27.06 90.67 -56.97
N ASN S 47 27.78 91.66 -56.48
CA ASN S 47 27.76 92.03 -55.07
C ASN S 47 26.48 92.73 -54.62
N ASN S 48 25.76 93.31 -55.58
CA ASN S 48 24.48 93.96 -55.29
C ASN S 48 23.26 93.14 -55.68
N ILE S 49 23.48 91.95 -56.25
CA ILE S 49 22.38 91.09 -56.70
C ILE S 49 21.40 90.68 -55.58
N GLN S 50 20.14 90.52 -55.95
CA GLN S 50 19.07 90.17 -55.03
C GLN S 50 18.84 88.67 -55.04
N ALA S 51 18.59 88.10 -53.86
CA ALA S 51 18.14 86.72 -53.76
C ALA S 51 16.98 86.51 -54.71
N GLU S 52 17.11 85.54 -55.61
CA GLU S 52 16.07 85.21 -56.59
C GLU S 52 15.93 86.24 -57.71
N GLU S 53 16.94 87.09 -57.87
CA GLU S 53 17.03 87.97 -59.02
C GLU S 53 17.44 87.15 -60.24
N LEU S 54 16.87 87.49 -61.38
CA LEU S 54 17.24 86.90 -62.64
C LEU S 54 18.57 87.53 -63.08
N VAL S 55 19.29 86.86 -63.98
CA VAL S 55 20.52 87.41 -64.59
C VAL S 55 20.57 87.13 -66.10
N GLU S 56 21.40 87.89 -66.81
CA GLU S 56 21.68 87.62 -68.21
C GLU S 56 23.17 87.34 -68.43
N PHE S 57 23.44 86.27 -69.17
CA PHE S 57 24.82 85.88 -69.42
C PHE S 57 25.38 86.55 -70.68
N SER S 58 26.66 86.29 -70.96
CA SER S 58 27.29 86.82 -72.16
C SER S 58 26.51 86.37 -73.39
N SER S 59 26.35 85.06 -73.52
CA SER S 59 25.67 84.42 -74.65
C SER S 59 24.21 84.89 -74.86
N GLY S 60 23.65 85.54 -73.85
CA GLY S 60 22.27 85.98 -73.92
C GLY S 60 21.31 85.00 -73.26
N VAL S 61 21.84 83.89 -72.76
CA VAL S 61 21.05 82.96 -71.96
C VAL S 61 20.79 83.61 -70.60
N LYS S 62 19.60 83.35 -70.05
CA LYS S 62 19.21 83.89 -68.75
C LYS S 62 19.33 82.86 -67.63
N GLY S 63 19.37 83.32 -66.38
CA GLY S 63 19.44 82.42 -65.22
C GLY S 63 19.02 83.10 -63.93
N MET S 64 18.67 82.32 -62.90
CA MET S 64 18.31 82.94 -61.63
C MET S 64 19.22 82.57 -60.45
N ALA S 65 19.48 83.59 -59.62
CA ALA S 65 20.42 83.48 -58.53
C ALA S 65 19.73 82.93 -57.28
N LEU S 66 19.87 81.63 -57.07
CA LEU S 66 19.23 80.99 -55.92
C LEU S 66 20.06 81.07 -54.65
N ILE S 67 21.38 80.92 -54.79
CA ILE S 67 22.26 80.87 -53.62
C ILE S 67 23.24 82.03 -53.59
N LEU S 68 23.17 82.81 -52.52
CA LEU S 68 24.11 83.90 -52.31
C LEU S 68 25.09 83.50 -51.20
N GLU S 69 26.24 82.98 -51.62
CA GLU S 69 27.33 82.58 -50.72
C GLU S 69 28.35 83.70 -50.63
N PRO S 70 29.06 83.80 -49.49
CA PRO S 70 30.01 84.88 -49.23
C PRO S 70 30.97 85.18 -50.38
N GLY S 71 31.55 84.14 -50.99
CA GLY S 71 32.46 84.31 -52.11
C GLY S 71 31.81 84.36 -53.48
N GLN S 72 30.64 83.73 -53.62
CA GLN S 72 30.08 83.47 -54.95
C GLN S 72 28.56 83.38 -55.01
N VAL S 73 28.02 83.49 -56.22
CA VAL S 73 26.58 83.37 -56.43
C VAL S 73 26.25 82.11 -57.23
N GLY S 74 25.40 81.26 -56.66
CA GLY S 74 24.92 80.06 -57.33
C GLY S 74 23.76 80.41 -58.25
N ILE S 75 23.93 80.13 -59.55
CA ILE S 75 22.95 80.49 -60.57
C ILE S 75 22.48 79.29 -61.40
N VAL S 76 21.18 79.01 -61.35
CA VAL S 76 20.58 78.01 -62.24
C VAL S 76 20.26 78.61 -63.60
N LEU S 77 20.61 77.90 -64.66
CA LEU S 77 20.40 78.40 -66.01
C LEU S 77 19.05 77.98 -66.55
N PHE S 78 18.52 78.78 -67.45
CA PHE S 78 17.27 78.45 -68.13
C PHE S 78 17.55 77.78 -69.49
N GLY S 79 18.81 77.77 -69.88
CA GLY S 79 19.22 77.16 -71.15
C GLY S 79 20.38 76.21 -70.96
N SER S 80 20.78 75.54 -72.05
CA SER S 80 21.85 74.53 -72.00
C SER S 80 23.13 75.13 -71.46
N ASP S 81 23.76 74.41 -70.52
CA ASP S 81 25.02 74.88 -69.91
C ASP S 81 26.20 74.95 -70.88
N ARG S 82 25.98 74.38 -72.08
CA ARG S 82 26.90 74.52 -73.21
C ARG S 82 27.21 75.98 -73.51
N LEU S 83 26.19 76.83 -73.35
CA LEU S 83 26.24 78.24 -73.73
C LEU S 83 27.05 79.14 -72.80
N VAL S 84 27.49 78.61 -71.67
CA VAL S 84 28.27 79.40 -70.72
C VAL S 84 29.64 78.76 -70.57
N LYS S 85 30.68 79.59 -70.55
CA LYS S 85 32.05 79.11 -70.34
C LYS S 85 32.67 79.85 -69.17
N GLU S 86 33.67 79.23 -68.53
CA GLU S 86 34.40 79.84 -67.41
C GLU S 86 34.93 81.22 -67.81
N GLY S 87 34.79 82.20 -66.93
CA GLY S 87 35.36 83.54 -67.14
C GLY S 87 34.46 84.53 -67.85
N GLU S 88 33.37 84.04 -68.44
CA GLU S 88 32.42 84.86 -69.18
C GLU S 88 31.73 85.93 -68.32
N LEU S 89 31.40 87.06 -68.93
CA LEU S 89 30.73 88.18 -68.23
C LEU S 89 29.25 87.91 -67.97
N VAL S 90 28.80 88.18 -66.74
CA VAL S 90 27.39 88.00 -66.38
C VAL S 90 26.85 89.29 -65.76
N LYS S 91 25.68 89.70 -66.23
CA LYS S 91 25.06 90.97 -65.83
C LYS S 91 23.74 90.75 -65.07
N ARG S 92 23.50 91.62 -64.10
CA ARG S 92 22.25 91.66 -63.34
C ARG S 92 21.10 92.12 -64.22
N THR S 93 19.89 91.84 -63.75
CA THR S 93 18.67 92.41 -64.34
C THR S 93 18.07 93.43 -63.36
N GLY S 94 18.40 93.28 -62.08
CA GLY S 94 17.78 94.04 -61.01
C GLY S 94 16.39 93.48 -60.71
N ASN S 95 15.94 92.57 -61.56
CA ASN S 95 14.61 92.00 -61.44
C ASN S 95 14.57 90.69 -60.67
N ILE S 96 13.86 90.69 -59.55
CA ILE S 96 13.48 89.47 -58.86
C ILE S 96 12.45 88.77 -59.75
N VAL S 97 12.62 87.47 -59.96
CA VAL S 97 11.76 86.68 -60.87
C VAL S 97 10.32 87.20 -60.91
N ASP S 98 9.91 87.75 -62.04
CA ASP S 98 8.56 88.28 -62.16
C ASP S 98 7.93 88.02 -63.54
N VAL S 99 6.62 88.26 -63.65
CA VAL S 99 5.86 87.92 -64.85
C VAL S 99 4.73 88.94 -65.10
N PRO S 100 4.50 89.31 -66.39
CA PRO S 100 3.45 90.28 -66.73
C PRO S 100 2.07 89.73 -66.44
N VAL S 101 1.22 90.54 -65.81
CA VAL S 101 -0.14 90.13 -65.47
C VAL S 101 -1.17 91.04 -66.11
N GLY S 102 -2.33 90.48 -66.45
CA GLY S 102 -3.42 91.28 -66.97
C GLY S 102 -4.49 90.52 -67.73
N PRO S 103 -5.59 91.23 -68.10
CA PRO S 103 -6.61 90.67 -68.98
C PRO S 103 -6.04 90.47 -70.39
N GLY S 104 -4.99 91.22 -70.71
CA GLY S 104 -4.33 91.15 -72.01
C GLY S 104 -3.60 89.84 -72.27
N LEU S 105 -3.42 89.03 -71.23
CA LEU S 105 -2.77 87.74 -71.36
C LEU S 105 -3.74 86.68 -71.86
N LEU S 106 -5.04 86.96 -71.76
CA LEU S 106 -6.08 86.05 -72.22
C LEU S 106 -5.89 85.77 -73.69
N GLY S 107 -6.12 84.52 -74.09
CA GLY S 107 -5.96 84.11 -75.48
C GLY S 107 -4.53 83.84 -75.93
N ARG S 108 -3.58 83.80 -75.00
CA ARG S 108 -2.18 83.56 -75.35
C ARG S 108 -1.58 82.32 -74.70
N VAL S 109 -0.51 81.84 -75.31
CA VAL S 109 0.34 80.82 -74.71
C VAL S 109 1.67 81.50 -74.39
N VAL S 110 2.02 81.52 -73.12
CA VAL S 110 3.31 82.05 -72.69
C VAL S 110 4.14 80.96 -72.04
N ASP S 111 5.42 81.24 -71.81
CA ASP S 111 6.27 80.32 -71.07
C ASP S 111 6.34 80.67 -69.56
N ALA S 112 7.20 79.96 -68.83
CA ALA S 112 7.37 80.17 -67.39
C ALA S 112 7.55 81.63 -66.98
N LEU S 113 7.96 82.47 -67.93
CA LEU S 113 8.29 83.86 -67.66
C LEU S 113 7.39 84.86 -68.40
N GLY S 114 6.22 84.40 -68.81
CA GLY S 114 5.23 85.25 -69.46
C GLY S 114 5.70 85.80 -70.79
N ASN S 115 6.59 85.05 -71.45
CA ASN S 115 7.05 85.35 -72.80
C ASN S 115 6.20 84.61 -73.82
N PRO S 116 5.73 85.30 -74.87
CA PRO S 116 4.74 84.71 -75.77
C PRO S 116 5.37 83.73 -76.77
N ILE S 117 5.04 82.45 -76.60
CA ILE S 117 5.58 81.40 -77.48
C ILE S 117 4.52 80.86 -78.46
N ASP S 118 3.46 81.66 -78.67
CA ASP S 118 2.42 81.31 -79.63
C ASP S 118 2.66 82.00 -80.96
N GLY S 119 3.59 82.95 -80.97
CA GLY S 119 3.95 83.70 -82.18
C GLY S 119 2.91 84.73 -82.61
N LYS S 120 2.44 85.51 -81.64
CA LYS S 120 1.44 86.56 -81.88
C LYS S 120 1.86 87.90 -81.30
N GLY S 121 3.15 88.22 -81.42
CA GLY S 121 3.72 89.49 -80.96
C GLY S 121 3.69 89.69 -79.46
N PRO S 122 3.68 90.96 -79.01
CA PRO S 122 3.81 91.35 -77.61
C PRO S 122 2.63 90.92 -76.74
N ILE S 123 2.85 90.92 -75.43
CA ILE S 123 1.82 90.66 -74.42
C ILE S 123 1.37 91.99 -73.83
N ASP S 124 0.06 92.20 -73.76
CA ASP S 124 -0.51 93.42 -73.18
C ASP S 124 -0.68 93.36 -71.66
N ALA S 125 0.40 93.62 -70.93
CA ALA S 125 0.38 93.56 -69.47
C ALA S 125 -0.41 94.72 -68.88
N ALA S 126 -1.21 94.42 -67.87
CA ALA S 126 -1.83 95.45 -67.05
C ALA S 126 -0.84 95.86 -65.96
N GLY S 127 0.26 95.12 -65.87
CA GLY S 127 1.30 95.30 -64.84
C GLY S 127 2.19 94.08 -64.65
N ARG S 128 3.00 94.08 -63.59
CA ARG S 128 3.89 92.96 -63.32
C ARG S 128 3.72 92.41 -61.89
N SER S 129 3.80 91.08 -61.79
CA SER S 129 3.69 90.39 -60.52
C SER S 129 4.90 89.52 -60.26
N ARG S 130 5.26 89.37 -58.97
CA ARG S 130 6.33 88.48 -58.57
C ARG S 130 5.99 87.01 -58.76
N ALA S 131 7.02 86.17 -58.73
CA ALA S 131 6.85 84.72 -58.81
C ALA S 131 6.24 84.21 -57.51
N GLN S 132 6.84 84.62 -56.40
CA GLN S 132 6.35 84.28 -55.07
C GLN S 132 5.49 85.43 -54.52
N VAL S 133 4.27 85.10 -54.08
CA VAL S 133 3.39 86.08 -53.42
C VAL S 133 2.74 85.46 -52.18
N LYS S 134 2.75 86.23 -51.09
CA LYS S 134 2.14 85.84 -49.82
C LYS S 134 0.66 85.56 -50.00
N ALA S 135 0.20 84.41 -49.51
CA ALA S 135 -1.21 84.02 -49.67
C ALA S 135 -2.09 84.87 -48.76
N PRO S 136 -3.34 85.17 -49.19
CA PRO S 136 -4.23 85.99 -48.38
C PRO S 136 -4.40 85.34 -47.05
N GLY S 137 -4.15 86.08 -45.98
CA GLY S 137 -4.19 85.53 -44.63
C GLY S 137 -5.57 85.12 -44.13
N ILE S 138 -5.64 84.96 -42.81
CA ILE S 138 -6.86 84.52 -42.11
C ILE S 138 -8.01 85.49 -42.29
N LEU S 139 -7.71 86.78 -42.38
CA LEU S 139 -8.76 87.80 -42.42
C LEU S 139 -9.40 88.04 -43.80
N PRO S 140 -8.58 88.31 -44.84
CA PRO S 140 -9.16 88.75 -46.11
C PRO S 140 -9.93 87.66 -46.87
N ARG S 141 -10.54 86.73 -46.15
CA ARG S 141 -11.13 85.56 -46.77
C ARG S 141 -12.58 85.39 -46.40
N ARG S 142 -13.29 84.59 -47.19
CA ARG S 142 -14.69 84.31 -46.96
C ARG S 142 -15.00 82.88 -47.37
N SER S 143 -15.78 82.21 -46.54
CA SER S 143 -16.17 80.81 -46.75
C SER S 143 -16.66 80.59 -48.17
N VAL S 144 -16.05 79.62 -48.85
CA VAL S 144 -16.45 79.22 -50.20
C VAL S 144 -17.94 78.88 -50.20
N HIS S 145 -18.71 79.53 -51.08
CA HIS S 145 -20.13 79.22 -51.16
C HIS S 145 -20.65 79.17 -52.59
N GLU S 146 -19.76 79.31 -53.57
CA GLU S 146 -20.21 79.49 -54.95
C GLU S 146 -19.79 78.35 -55.86
N PRO S 147 -20.76 77.73 -56.55
CA PRO S 147 -20.46 76.64 -57.46
C PRO S 147 -19.50 77.01 -58.61
N VAL S 148 -18.48 76.19 -58.79
CA VAL S 148 -17.75 76.15 -60.04
C VAL S 148 -18.22 74.87 -60.73
N GLN S 149 -19.17 75.04 -61.65
CA GLN S 149 -19.76 73.91 -62.36
C GLN S 149 -18.85 73.36 -63.45
N THR S 150 -18.45 72.10 -63.28
CA THR S 150 -17.61 71.40 -64.25
C THR S 150 -18.43 71.02 -65.48
N GLY S 151 -19.68 70.63 -65.24
CA GLY S 151 -20.56 70.15 -66.29
C GLY S 151 -20.46 68.64 -66.46
N LEU S 152 -19.65 68.01 -65.62
CA LEU S 152 -19.49 66.55 -65.61
C LEU S 152 -20.36 66.01 -64.50
N LYS S 153 -21.41 65.27 -64.87
CA LYS S 153 -22.47 64.93 -63.93
C LYS S 153 -22.00 64.24 -62.63
N ALA S 154 -20.89 63.48 -62.71
CA ALA S 154 -20.32 62.82 -61.53
C ALA S 154 -19.67 63.78 -60.55
N VAL S 155 -18.90 64.74 -61.05
CA VAL S 155 -18.18 65.71 -60.19
C VAL S 155 -19.17 66.59 -59.47
N ASP S 156 -20.08 67.20 -60.25
CA ASP S 156 -20.99 68.21 -59.73
C ASP S 156 -21.99 67.62 -58.73
N ALA S 157 -22.23 66.32 -58.83
CA ALA S 157 -23.15 65.61 -57.93
C ALA S 157 -22.43 64.98 -56.74
N LEU S 158 -21.18 64.55 -56.94
CA LEU S 158 -20.46 63.79 -55.91
C LEU S 158 -19.37 64.58 -55.16
N VAL S 159 -18.56 65.32 -55.90
CA VAL S 159 -17.44 66.09 -55.33
C VAL S 159 -17.50 67.54 -55.81
N PRO S 160 -18.60 68.26 -55.46
CA PRO S 160 -18.81 69.59 -56.03
C PRO S 160 -17.72 70.59 -55.60
N ILE S 161 -17.39 71.52 -56.49
CA ILE S 161 -16.27 72.43 -56.31
C ILE S 161 -16.77 73.85 -56.04
N GLY S 162 -15.93 74.72 -55.49
CA GLY S 162 -16.33 76.10 -55.27
C GLY S 162 -15.30 77.16 -55.60
N ARG S 163 -15.78 78.36 -55.89
CA ARG S 163 -14.90 79.51 -56.11
C ARG S 163 -14.03 79.70 -54.88
N GLY S 164 -12.75 79.39 -55.01
CA GLY S 164 -11.77 79.54 -53.92
C GLY S 164 -11.30 78.22 -53.34
N GLN S 165 -11.97 77.14 -53.71
CA GLN S 165 -11.60 75.82 -53.23
C GLN S 165 -10.31 75.39 -53.90
N ARG S 166 -9.65 74.40 -53.33
CA ARG S 166 -8.57 73.71 -54.00
C ARG S 166 -9.00 72.26 -54.05
N GLU S 167 -9.24 71.75 -55.25
CA GLU S 167 -9.65 70.36 -55.38
C GLU S 167 -8.63 69.60 -56.21
N LEU S 168 -8.08 68.57 -55.60
CA LEU S 168 -7.07 67.76 -56.25
C LEU S 168 -7.68 66.78 -57.26
N ILE S 169 -7.06 66.66 -58.43
CA ILE S 169 -7.34 65.55 -59.35
C ILE S 169 -6.13 64.60 -59.28
N ILE S 170 -6.37 63.38 -58.80
CA ILE S 170 -5.27 62.45 -58.48
C ILE S 170 -5.54 61.04 -58.99
N GLY S 171 -4.53 60.43 -59.59
CA GLY S 171 -4.63 59.07 -60.13
C GLY S 171 -3.44 58.64 -60.96
N ASP S 172 -3.46 57.38 -61.38
CA ASP S 172 -2.41 56.83 -62.24
C ASP S 172 -2.48 57.44 -63.63
N ARG S 173 -1.45 57.20 -64.42
CA ARG S 173 -1.43 57.62 -65.84
C ARG S 173 -2.66 57.15 -66.61
N GLN S 174 -2.96 57.82 -67.72
CA GLN S 174 -4.05 57.44 -68.61
C GLN S 174 -5.37 57.14 -67.88
N THR S 175 -5.72 57.99 -66.92
CA THR S 175 -6.98 57.84 -66.16
C THR S 175 -7.95 59.01 -66.37
N GLY S 176 -7.56 59.97 -67.19
CA GLY S 176 -8.44 61.10 -67.48
C GLY S 176 -8.38 62.19 -66.43
N LYS S 177 -7.18 62.50 -65.96
CA LYS S 177 -6.98 63.56 -64.98
C LYS S 177 -7.02 64.92 -65.66
N THR S 178 -6.29 65.06 -66.76
CA THR S 178 -6.35 66.24 -67.60
C THR S 178 -7.75 66.39 -68.18
N ALA S 179 -8.27 65.28 -68.73
CA ALA S 179 -9.58 65.23 -69.37
C ALA S 179 -10.70 65.81 -68.52
N VAL S 180 -10.63 65.58 -67.20
CA VAL S 180 -11.58 66.15 -66.26
C VAL S 180 -11.40 67.67 -66.24
N ALA S 181 -10.19 68.12 -65.91
CA ALA S 181 -9.85 69.54 -65.83
C ALA S 181 -10.30 70.31 -67.08
N LEU S 182 -10.19 69.64 -68.23
CA LEU S 182 -10.56 70.20 -69.53
C LEU S 182 -12.06 70.46 -69.70
N ASP S 183 -12.88 69.44 -69.49
CA ASP S 183 -14.33 69.54 -69.63
C ASP S 183 -14.95 70.54 -68.64
N THR S 184 -14.18 70.89 -67.61
CA THR S 184 -14.51 71.97 -66.71
C THR S 184 -14.27 73.31 -67.40
N ILE S 185 -13.09 73.50 -67.98
CA ILE S 185 -12.74 74.73 -68.72
C ILE S 185 -13.67 74.91 -69.93
N LEU S 186 -14.08 73.80 -70.54
CA LEU S 186 -15.00 73.82 -71.67
C LEU S 186 -16.38 74.31 -71.27
N ASN S 187 -16.78 73.97 -70.05
CA ASN S 187 -18.09 74.30 -69.52
C ASN S 187 -18.31 75.80 -69.35
N GLN S 188 -17.25 76.51 -68.97
CA GLN S 188 -17.34 77.94 -68.63
C GLN S 188 -17.76 78.82 -69.81
N LYS S 189 -17.84 78.21 -70.99
CA LYS S 189 -18.39 78.84 -72.20
C LYS S 189 -19.80 79.42 -71.96
N ARG S 190 -20.50 78.90 -70.96
CA ARG S 190 -21.89 79.31 -70.71
C ARG S 190 -22.00 80.68 -70.09
N TRP S 191 -20.92 81.13 -69.45
CA TRP S 191 -20.95 82.40 -68.75
C TRP S 191 -20.03 83.40 -69.38
N ASN S 192 -18.89 82.91 -69.86
CA ASN S 192 -17.88 83.76 -70.48
C ASN S 192 -18.36 84.40 -71.78
N ASN S 193 -19.46 83.87 -72.29
CA ASN S 193 -20.11 84.43 -73.47
C ASN S 193 -20.96 85.63 -73.11
N GLY S 194 -21.74 85.50 -72.04
CA GLY S 194 -22.68 86.56 -71.63
C GLY S 194 -22.05 87.78 -70.99
N SER S 195 -22.92 88.70 -70.56
CA SER S 195 -22.52 90.00 -69.98
C SER S 195 -21.83 89.91 -68.62
N ASP S 196 -22.38 89.09 -67.74
CA ASP S 196 -22.13 89.17 -66.30
C ASP S 196 -20.71 88.82 -65.86
N GLU S 197 -19.96 89.83 -65.43
CA GLU S 197 -18.58 89.66 -64.99
C GLU S 197 -18.45 88.87 -63.70
N SER S 198 -19.44 88.99 -62.82
CA SER S 198 -19.41 88.30 -61.52
C SER S 198 -19.66 86.79 -61.65
N LYS S 199 -20.08 86.36 -62.84
CA LYS S 199 -20.34 84.97 -63.11
C LYS S 199 -19.30 84.30 -64.01
N LYS S 200 -18.64 85.11 -64.84
CA LYS S 200 -17.60 84.64 -65.77
C LYS S 200 -16.49 83.97 -65.01
N LEU S 201 -15.97 82.87 -65.56
CA LEU S 201 -14.83 82.17 -64.94
C LEU S 201 -13.62 82.10 -65.87
N TYR S 202 -12.62 82.92 -65.59
CA TYR S 202 -11.41 82.95 -66.41
C TYR S 202 -10.45 81.81 -66.08
N CYS S 203 -9.94 81.15 -67.12
CA CYS S 203 -9.13 79.93 -66.97
C CYS S 203 -7.64 80.10 -67.21
N VAL S 204 -6.84 79.57 -66.29
CA VAL S 204 -5.38 79.48 -66.46
C VAL S 204 -4.92 78.02 -66.38
N TYR S 205 -4.49 77.46 -67.51
CA TYR S 205 -3.99 76.08 -67.57
C TYR S 205 -2.47 76.03 -67.66
N VAL S 206 -1.82 75.46 -66.65
CA VAL S 206 -0.37 75.36 -66.65
C VAL S 206 0.03 73.95 -67.05
N ALA S 207 0.89 73.83 -68.05
CA ALA S 207 1.40 72.53 -68.48
C ALA S 207 2.85 72.42 -68.07
N VAL S 208 3.11 71.67 -67.00
CA VAL S 208 4.49 71.45 -66.54
C VAL S 208 4.96 70.07 -66.94
N GLY S 209 6.06 70.02 -67.69
CA GLY S 209 6.68 68.75 -68.07
C GLY S 209 5.93 67.95 -69.12
N GLN S 210 4.85 68.49 -69.66
CA GLN S 210 4.15 67.86 -70.78
C GLN S 210 5.02 68.09 -72.01
N LYS S 211 4.84 67.28 -73.04
CA LYS S 211 5.58 67.50 -74.28
C LYS S 211 4.91 68.62 -75.11
N ARG S 212 5.67 69.25 -75.99
CA ARG S 212 5.14 70.35 -76.80
C ARG S 212 3.92 69.97 -77.65
N SER S 213 3.95 68.78 -78.25
CA SER S 213 2.84 68.28 -79.07
C SER S 213 1.54 68.00 -78.27
N THR S 214 1.64 67.84 -76.95
CA THR S 214 0.45 67.72 -76.09
C THR S 214 -0.20 69.10 -75.94
N VAL S 215 0.64 70.13 -75.76
CA VAL S 215 0.17 71.50 -75.56
C VAL S 215 -0.46 72.07 -76.83
N ALA S 216 0.15 71.77 -77.98
CA ALA S 216 -0.42 72.13 -79.28
C ALA S 216 -1.79 71.47 -79.45
N GLN S 217 -1.83 70.14 -79.34
CA GLN S 217 -3.07 69.36 -79.35
C GLN S 217 -4.18 69.95 -78.46
N LEU S 218 -3.78 70.50 -77.31
CA LEU S 218 -4.71 71.11 -76.37
C LEU S 218 -5.19 72.49 -76.83
N VAL S 219 -4.24 73.37 -77.12
CA VAL S 219 -4.56 74.70 -77.66
C VAL S 219 -5.53 74.52 -78.82
N GLN S 220 -5.21 73.57 -79.69
CA GLN S 220 -6.08 73.25 -80.82
C GLN S 220 -7.49 72.82 -80.45
N THR S 221 -7.62 72.03 -79.40
CA THR S 221 -8.95 71.61 -78.95
C THR S 221 -9.70 72.75 -78.25
N LEU S 222 -8.94 73.63 -77.60
CA LEU S 222 -9.53 74.82 -76.97
C LEU S 222 -9.95 75.85 -78.00
N GLU S 223 -9.22 75.91 -79.11
CA GLU S 223 -9.58 76.79 -80.22
C GLU S 223 -10.85 76.30 -80.91
N GLN S 224 -10.91 75.00 -81.18
CA GLN S 224 -12.09 74.39 -81.80
C GLN S 224 -13.35 74.59 -80.96
N HIS S 225 -13.20 74.66 -79.65
CA HIS S 225 -14.35 74.82 -78.78
C HIS S 225 -14.66 76.28 -78.45
N ASP S 226 -13.78 77.18 -78.92
CA ASP S 226 -13.87 78.61 -78.62
C ASP S 226 -13.80 78.88 -77.10
N ALA S 227 -12.74 78.37 -76.48
CA ALA S 227 -12.48 78.57 -75.06
C ALA S 227 -11.16 79.28 -74.85
N MET S 228 -10.40 79.44 -75.94
CA MET S 228 -9.12 80.13 -75.91
C MET S 228 -9.24 81.61 -75.57
N LYS S 229 -10.44 82.18 -75.77
CA LYS S 229 -10.66 83.57 -75.44
C LYS S 229 -10.59 83.80 -73.93
N TYR S 230 -11.20 82.91 -73.15
CA TYR S 230 -11.16 83.00 -71.68
C TYR S 230 -10.08 82.12 -71.03
N SER S 231 -9.02 81.83 -71.78
CA SER S 231 -7.95 80.97 -71.26
C SER S 231 -6.53 81.53 -71.41
N ILE S 232 -5.68 81.15 -70.47
CA ILE S 232 -4.26 81.47 -70.54
C ILE S 232 -3.47 80.18 -70.36
N ILE S 233 -2.79 79.74 -71.42
CA ILE S 233 -1.89 78.59 -71.34
C ILE S 233 -0.52 79.08 -70.92
N VAL S 234 0.05 78.47 -69.89
CA VAL S 234 1.43 78.74 -69.49
C VAL S 234 2.21 77.42 -69.56
N ALA S 235 3.32 77.42 -70.30
CA ALA S 235 4.05 76.18 -70.58
C ALA S 235 5.54 76.20 -70.26
N ALA S 236 5.95 75.26 -69.41
CA ALA S 236 7.35 74.88 -69.25
C ALA S 236 7.42 73.39 -69.56
N THR S 237 7.68 73.08 -70.83
CA THR S 237 7.58 71.70 -71.35
C THR S 237 8.78 70.80 -71.02
N ALA S 238 8.64 69.52 -71.37
CA ALA S 238 9.58 68.47 -70.97
C ALA S 238 11.04 68.70 -71.36
N SER S 239 11.27 69.34 -72.49
CA SER S 239 12.64 69.62 -72.97
C SER S 239 13.34 70.77 -72.23
N GLU S 240 12.58 71.48 -71.40
CA GLU S 240 13.01 72.75 -70.82
C GLU S 240 13.62 72.64 -69.44
N ALA S 241 14.59 73.52 -69.18
CA ALA S 241 15.36 73.55 -67.96
C ALA S 241 14.50 73.50 -66.72
N ALA S 242 14.89 72.65 -65.77
CA ALA S 242 14.16 72.45 -64.53
C ALA S 242 13.68 73.72 -63.82
N PRO S 243 14.52 74.78 -63.77
CA PRO S 243 14.07 76.00 -63.08
C PRO S 243 12.78 76.61 -63.67
N LEU S 244 12.66 76.60 -65.00
CA LEU S 244 11.45 77.10 -65.66
C LEU S 244 10.20 76.31 -65.26
N GLN S 245 10.35 74.98 -65.18
CA GLN S 245 9.28 74.09 -64.75
C GLN S 245 8.89 74.33 -63.30
N TYR S 246 9.91 74.62 -62.50
CA TYR S 246 9.77 74.88 -61.08
C TYR S 246 9.00 76.17 -60.85
N LEU S 247 9.33 77.18 -61.64
CA LEU S 247 8.70 78.50 -61.54
C LEU S 247 7.32 78.52 -62.16
N ALA S 248 7.12 77.70 -63.20
CA ALA S 248 5.92 77.78 -64.04
C ALA S 248 4.60 77.93 -63.27
N PRO S 249 4.35 77.04 -62.28
CA PRO S 249 3.08 77.14 -61.53
C PRO S 249 2.95 78.44 -60.71
N PHE S 250 4.06 78.91 -60.13
CA PHE S 250 4.05 80.14 -59.31
C PHE S 250 3.74 81.37 -60.13
N THR S 251 4.23 81.36 -61.36
CA THR S 251 4.06 82.45 -62.29
C THR S 251 2.62 82.49 -62.79
N ALA S 252 2.09 81.32 -63.16
CA ALA S 252 0.69 81.19 -63.57
C ALA S 252 -0.25 81.49 -62.41
N ALA S 253 0.23 81.21 -61.20
CA ALA S 253 -0.50 81.58 -60.00
C ALA S 253 -0.71 83.08 -60.04
N SER S 254 0.38 83.83 -60.17
CA SER S 254 0.33 85.29 -60.19
C SER S 254 -0.53 85.83 -61.35
N ILE S 255 -0.41 85.17 -62.50
CA ILE S 255 -1.24 85.46 -63.67
C ILE S 255 -2.72 85.40 -63.25
N GLY S 256 -3.11 84.26 -62.66
CA GLY S 256 -4.50 84.04 -62.25
C GLY S 256 -4.95 84.99 -61.17
N GLU S 257 -4.02 85.41 -60.33
CA GLU S 257 -4.30 86.27 -59.18
C GLU S 257 -4.77 87.68 -59.57
N TRP S 258 -4.38 88.17 -60.74
CA TRP S 258 -4.89 89.46 -61.18
C TRP S 258 -6.41 89.50 -61.09
N PHE S 259 -7.05 88.46 -61.60
CA PHE S 259 -8.51 88.36 -61.60
C PHE S 259 -9.06 88.31 -60.18
N ARG S 260 -8.38 87.59 -59.29
CA ARG S 260 -8.83 87.44 -57.91
C ARG S 260 -8.83 88.79 -57.18
N ASP S 261 -7.78 89.58 -57.34
CA ASP S 261 -7.68 90.86 -56.61
C ASP S 261 -8.58 91.91 -57.23
N ASN S 262 -8.94 91.70 -58.50
CA ASN S 262 -9.78 92.65 -59.22
C ASN S 262 -11.25 92.23 -59.32
N GLY S 263 -11.74 91.54 -58.30
CA GLY S 263 -13.15 91.24 -58.18
C GLY S 263 -13.74 90.30 -59.20
N LYS S 264 -12.91 89.45 -59.77
CA LYS S 264 -13.36 88.45 -60.72
C LYS S 264 -12.91 87.08 -60.24
N HIS S 265 -13.21 86.05 -61.03
CA HIS S 265 -12.93 84.69 -60.64
C HIS S 265 -12.11 83.96 -61.68
N ALA S 266 -10.99 83.39 -61.25
CA ALA S 266 -10.16 82.58 -62.13
C ALA S 266 -10.08 81.14 -61.66
N LEU S 267 -9.97 80.24 -62.62
CA LEU S 267 -9.70 78.85 -62.33
C LEU S 267 -8.29 78.54 -62.84
N ILE S 268 -7.49 77.90 -62.00
CA ILE S 268 -6.16 77.48 -62.42
C ILE S 268 -6.03 75.96 -62.29
N VAL S 269 -5.55 75.33 -63.35
CA VAL S 269 -5.28 73.89 -63.35
C VAL S 269 -3.77 73.69 -63.41
N TYR S 270 -3.23 73.06 -62.38
CA TYR S 270 -1.81 72.74 -62.33
C TYR S 270 -1.55 71.32 -62.84
N ASP S 271 -1.10 71.23 -64.09
CA ASP S 271 -0.97 69.96 -64.79
C ASP S 271 0.50 69.67 -65.22
N ASP S 272 1.28 69.00 -64.38
CA ASP S 272 0.85 68.53 -63.06
C ASP S 272 1.94 68.75 -62.01
N LEU S 273 1.55 68.70 -60.73
CA LEU S 273 2.46 68.99 -59.60
C LEU S 273 3.49 67.90 -59.34
N SER S 274 3.22 66.67 -59.79
CA SER S 274 4.19 65.59 -59.70
C SER S 274 5.44 65.98 -60.47
N LYS S 275 5.24 66.39 -61.73
CA LYS S 275 6.31 66.80 -62.61
C LYS S 275 7.03 68.08 -62.17
N GLN S 276 6.34 68.95 -61.42
CA GLN S 276 7.00 70.10 -60.82
C GLN S 276 7.93 69.67 -59.68
N ALA S 277 7.47 68.72 -58.85
CA ALA S 277 8.25 68.23 -57.73
C ALA S 277 9.57 67.59 -58.18
N VAL S 278 9.51 66.85 -59.29
CA VAL S 278 10.70 66.26 -59.92
C VAL S 278 11.64 67.37 -60.38
N ALA S 279 11.06 68.38 -61.04
CA ALA S 279 11.81 69.56 -61.48
C ALA S 279 12.56 70.17 -60.30
N TYR S 280 11.82 70.48 -59.23
CA TYR S 280 12.37 71.17 -58.06
C TYR S 280 13.41 70.33 -57.32
N ARG S 281 13.21 69.02 -57.35
CA ARG S 281 14.21 68.08 -56.81
C ARG S 281 15.50 68.17 -57.63
N GLN S 282 15.37 68.08 -58.95
CA GLN S 282 16.51 68.20 -59.85
C GLN S 282 17.41 69.38 -59.48
N LEU S 283 16.78 70.55 -59.32
CA LEU S 283 17.45 71.81 -58.97
C LEU S 283 18.25 71.72 -57.69
N SER S 284 17.56 71.37 -56.61
CA SER S 284 18.15 71.31 -55.29
C SER S 284 19.33 70.34 -55.30
N LEU S 285 19.08 69.14 -55.82
CA LEU S 285 20.06 68.07 -55.79
C LEU S 285 21.36 68.45 -56.48
N LEU S 286 21.27 69.24 -57.55
CA LEU S 286 22.45 69.59 -58.33
C LEU S 286 23.20 70.74 -57.69
N LEU S 287 22.46 71.62 -57.01
CA LEU S 287 23.05 72.70 -56.24
C LEU S 287 23.57 72.19 -54.90
N ARG S 288 23.44 70.87 -54.70
CA ARG S 288 23.90 70.17 -53.51
C ARG S 288 23.16 70.52 -52.21
N ARG S 289 21.89 70.89 -52.35
CA ARG S 289 21.04 71.11 -51.19
C ARG S 289 20.69 69.79 -50.49
N PRO S 290 20.85 69.75 -49.14
CA PRO S 290 20.66 68.57 -48.31
C PRO S 290 19.41 67.79 -48.72
N PRO S 291 19.57 66.52 -49.14
CA PRO S 291 18.39 65.76 -49.56
C PRO S 291 17.59 65.17 -48.39
N GLY S 292 16.28 65.06 -48.60
CA GLY S 292 15.40 64.43 -47.63
C GLY S 292 14.73 63.25 -48.30
N ARG S 293 13.54 62.93 -47.81
CA ARG S 293 12.81 61.73 -48.24
C ARG S 293 12.68 61.65 -49.76
N GLU S 294 12.89 60.45 -50.30
CA GLU S 294 12.81 60.19 -51.74
C GLU S 294 13.69 61.12 -52.59
N ALA S 295 14.79 61.60 -52.00
CA ALA S 295 15.74 62.55 -52.62
C ALA S 295 15.18 63.94 -52.85
N TYR S 296 13.89 64.14 -52.54
CA TYR S 296 13.27 65.45 -52.58
C TYR S 296 13.84 66.31 -51.47
N PRO S 297 13.93 67.64 -51.71
CA PRO S 297 14.44 68.58 -50.71
C PRO S 297 13.56 68.66 -49.46
N GLY S 298 14.09 69.27 -48.40
CA GLY S 298 13.41 69.36 -47.11
C GLY S 298 12.05 70.05 -47.16
N ASP S 299 11.94 71.06 -47.99
CA ASP S 299 10.70 71.81 -48.09
C ASP S 299 9.98 71.56 -49.42
N VAL S 300 9.80 70.29 -49.75
CA VAL S 300 9.05 69.91 -50.95
C VAL S 300 7.54 70.04 -50.68
N PHE S 301 7.13 69.76 -49.45
CA PHE S 301 5.75 69.97 -49.01
C PHE S 301 5.45 71.46 -49.10
N TYR S 302 6.40 72.26 -48.61
CA TYR S 302 6.26 73.71 -48.58
C TYR S 302 6.21 74.32 -49.98
N LEU S 303 6.83 73.65 -50.95
CA LEU S 303 6.73 74.05 -52.34
C LEU S 303 5.28 74.12 -52.74
N HIS S 304 4.46 73.18 -52.26
CA HIS S 304 3.06 73.07 -52.68
C HIS S 304 2.02 73.81 -51.81
N SER S 305 2.28 73.89 -50.51
CA SER S 305 1.41 74.65 -49.63
C SER S 305 1.52 76.12 -49.96
N ARG S 306 2.74 76.56 -50.25
CA ARG S 306 3.02 77.95 -50.56
C ARG S 306 2.20 78.31 -51.78
N LEU S 307 2.20 77.41 -52.76
CA LEU S 307 1.48 77.60 -54.02
C LEU S 307 -0.01 77.55 -53.80
N LEU S 308 -0.47 76.45 -53.19
CA LEU S 308 -1.90 76.14 -53.08
C LEU S 308 -2.69 76.98 -52.05
N GLU S 309 -2.01 77.64 -51.12
CA GLU S 309 -2.70 78.57 -50.22
C GLU S 309 -3.04 79.89 -50.92
N ARG S 310 -2.58 80.06 -52.16
CA ARG S 310 -2.86 81.28 -52.94
C ARG S 310 -4.21 81.25 -53.66
N ALA S 311 -4.85 80.08 -53.67
CA ALA S 311 -6.21 79.99 -54.14
C ALA S 311 -7.05 80.38 -52.95
N ALA S 312 -7.89 81.40 -53.13
CA ALA S 312 -8.75 81.88 -52.05
C ALA S 312 -10.04 82.41 -52.60
N LYS S 313 -10.98 82.62 -51.70
CA LYS S 313 -12.19 83.39 -51.97
C LYS S 313 -12.10 84.60 -51.02
N LEU S 314 -11.91 85.78 -51.58
CA LEU S 314 -11.63 86.95 -50.77
C LEU S 314 -12.89 87.50 -50.15
N SER S 315 -12.72 88.25 -49.05
CA SER S 315 -13.81 88.89 -48.33
C SER S 315 -14.47 89.92 -49.20
N GLU S 316 -15.69 90.31 -48.84
CA GLU S 316 -16.43 91.37 -49.53
C GLU S 316 -15.57 92.62 -49.60
N LYS S 317 -14.86 92.88 -48.49
CA LYS S 317 -13.97 94.01 -48.34
C LYS S 317 -12.83 94.00 -49.38
N GLU S 318 -12.65 92.88 -50.06
CA GLU S 318 -11.53 92.73 -51.00
C GLU S 318 -12.04 92.44 -52.41
N GLY S 319 -13.33 92.65 -52.60
CA GLY S 319 -13.92 92.58 -53.94
C GLY S 319 -14.48 91.23 -54.32
N SER S 320 -14.56 90.35 -53.33
CA SER S 320 -15.16 89.02 -53.52
C SER S 320 -14.57 88.18 -54.67
N GLY S 321 -13.42 88.60 -55.18
CA GLY S 321 -12.70 87.82 -56.18
C GLY S 321 -12.22 86.50 -55.60
N SER S 322 -11.85 85.58 -56.49
CA SER S 322 -11.50 84.23 -56.08
C SER S 322 -10.62 83.53 -57.10
N LEU S 323 -9.67 82.74 -56.60
CA LEU S 323 -8.93 81.83 -57.45
C LEU S 323 -9.21 80.42 -56.98
N THR S 324 -9.61 79.56 -57.91
CA THR S 324 -9.82 78.14 -57.61
C THR S 324 -8.71 77.35 -58.26
N ALA S 325 -8.09 76.43 -57.52
CA ALA S 325 -7.06 75.59 -58.09
C ALA S 325 -7.54 74.15 -58.29
N LEU S 326 -7.26 73.60 -59.47
CA LEU S 326 -7.36 72.17 -59.70
C LEU S 326 -5.96 71.63 -59.92
N PRO S 327 -5.26 71.24 -58.82
CA PRO S 327 -3.96 70.60 -59.01
C PRO S 327 -4.09 69.15 -59.48
N VAL S 328 -3.13 68.72 -60.29
CA VAL S 328 -3.04 67.31 -60.72
C VAL S 328 -1.80 66.63 -60.11
N ILE S 329 -2.02 65.50 -59.44
CA ILE S 329 -0.93 64.64 -58.96
C ILE S 329 -1.05 63.27 -59.60
N GLU S 330 0.08 62.68 -59.95
CA GLU S 330 0.12 61.37 -60.59
C GLU S 330 0.64 60.30 -59.64
N THR S 331 -0.24 59.39 -59.24
CA THR S 331 0.11 58.29 -58.36
C THR S 331 0.78 57.18 -59.16
N GLN S 332 1.47 56.29 -58.46
CA GLN S 332 2.08 55.12 -59.09
C GLN S 332 1.50 53.87 -58.43
N GLY S 333 0.79 53.07 -59.23
CA GLY S 333 0.10 51.88 -58.72
C GLY S 333 -1.06 52.21 -57.78
N GLY S 334 -1.71 53.34 -58.02
CA GLY S 334 -2.79 53.82 -57.18
C GLY S 334 -2.35 54.21 -55.78
N ASP S 335 -1.04 54.35 -55.57
CA ASP S 335 -0.48 54.62 -54.23
C ASP S 335 -0.63 56.07 -53.83
N VAL S 336 -1.78 56.37 -53.20
CA VAL S 336 -2.07 57.66 -52.61
C VAL S 336 -1.20 57.94 -51.36
N SER S 337 -0.57 56.90 -50.84
CA SER S 337 0.23 57.01 -49.63
C SER S 337 1.64 57.52 -49.88
N ALA S 338 2.05 57.55 -51.13
CA ALA S 338 3.42 57.97 -51.45
C ALA S 338 3.72 59.39 -50.91
N TYR S 339 5.00 59.65 -50.68
CA TYR S 339 5.46 60.89 -50.06
C TYR S 339 4.74 62.16 -50.56
N ILE S 340 4.78 62.41 -51.87
CA ILE S 340 4.20 63.63 -52.46
C ILE S 340 2.66 63.64 -52.53
N PRO S 341 2.02 62.53 -52.99
CA PRO S 341 0.55 62.55 -52.97
C PRO S 341 -0.02 62.87 -51.58
N THR S 342 0.57 62.31 -50.53
CA THR S 342 0.11 62.56 -49.17
C THR S 342 0.34 64.03 -48.83
N ASN S 343 1.54 64.53 -49.14
CA ASN S 343 1.87 65.94 -49.00
C ASN S 343 0.75 66.84 -49.54
N VAL S 344 0.23 66.50 -50.72
CA VAL S 344 -0.73 67.33 -51.44
C VAL S 344 -2.19 67.07 -51.01
N ILE S 345 -2.49 65.83 -50.63
CA ILE S 345 -3.82 65.51 -50.13
C ILE S 345 -4.06 66.30 -48.87
N SER S 346 -3.05 66.32 -48.00
CA SER S 346 -3.08 67.13 -46.80
C SER S 346 -3.18 68.62 -47.09
N ILE S 347 -2.86 69.05 -48.30
CA ILE S 347 -2.89 70.47 -48.60
C ILE S 347 -4.25 70.96 -49.10
N THR S 348 -4.81 70.25 -50.07
CA THR S 348 -6.03 70.67 -50.77
C THR S 348 -7.30 70.49 -49.92
N ASP S 349 -8.44 70.93 -50.45
CA ASP S 349 -9.74 70.79 -49.80
C ASP S 349 -10.53 69.61 -50.36
N GLY S 350 -9.84 68.51 -50.65
CA GLY S 350 -10.48 67.30 -51.19
C GLY S 350 -9.79 66.70 -52.40
N GLN S 351 -10.19 65.49 -52.78
CA GLN S 351 -9.63 64.82 -53.96
C GLN S 351 -10.70 64.25 -54.88
N ILE S 352 -10.35 64.17 -56.15
CA ILE S 352 -11.03 63.28 -57.06
C ILE S 352 -10.04 62.18 -57.42
N PHE S 353 -10.24 60.98 -56.86
CA PHE S 353 -9.43 59.83 -57.22
C PHE S 353 -9.99 59.11 -58.43
N LEU S 354 -9.11 58.79 -59.38
CA LEU S 354 -9.51 58.09 -60.62
C LEU S 354 -8.75 56.78 -60.82
N GLU S 355 -9.44 55.65 -60.69
CA GLU S 355 -8.78 54.34 -60.78
C GLU S 355 -8.68 53.81 -62.20
N ALA S 356 -7.48 53.39 -62.59
CA ALA S 356 -7.30 52.69 -63.85
C ALA S 356 -8.28 51.52 -63.94
N GLU S 357 -8.56 50.89 -62.79
CA GLU S 357 -9.55 49.81 -62.68
C GLU S 357 -10.86 50.19 -63.35
N LEU S 358 -11.34 51.40 -63.03
CA LEU S 358 -12.61 51.87 -63.55
C LEU S 358 -12.50 52.42 -64.97
N PHE S 359 -11.29 52.74 -65.40
CA PHE S 359 -11.09 53.20 -66.78
C PHE S 359 -11.19 52.08 -67.82
N TYR S 360 -10.63 50.90 -67.52
CA TYR S 360 -10.75 49.75 -68.45
C TYR S 360 -12.20 49.32 -68.56
N LYS S 361 -12.88 49.27 -67.41
CA LYS S 361 -14.30 48.97 -67.40
C LYS S 361 -15.06 50.08 -68.14
N GLY S 362 -14.33 51.09 -68.61
CA GLY S 362 -14.90 52.17 -69.41
C GLY S 362 -15.89 53.05 -68.66
N ILE S 363 -15.80 53.07 -67.34
CA ILE S 363 -16.63 53.95 -66.51
C ILE S 363 -15.94 55.30 -66.30
N ARG S 364 -15.89 56.10 -67.35
CA ARG S 364 -15.27 57.42 -67.28
C ARG S 364 -16.32 58.55 -67.32
N PRO S 365 -16.14 59.61 -66.50
CA PRO S 365 -15.07 59.84 -65.50
C PRO S 365 -14.96 58.73 -64.47
N ALA S 366 -13.73 58.22 -64.31
CA ALA S 366 -13.48 57.04 -63.49
C ALA S 366 -13.21 57.36 -62.01
N ILE S 367 -14.22 57.91 -61.35
CA ILE S 367 -14.13 58.41 -59.96
C ILE S 367 -14.30 57.32 -58.90
N ASN S 368 -13.40 57.30 -57.92
CA ASN S 368 -13.57 56.44 -56.74
C ASN S 368 -14.37 57.13 -55.65
N VAL S 369 -15.64 56.80 -55.59
CA VAL S 369 -16.55 57.35 -54.59
C VAL S 369 -16.02 57.16 -53.17
N GLY S 370 -15.47 55.97 -52.91
CA GLY S 370 -14.90 55.69 -51.60
C GLY S 370 -13.82 56.69 -51.25
N LEU S 371 -12.85 56.84 -52.14
CA LEU S 371 -11.67 57.62 -51.87
C LEU S 371 -11.77 59.12 -52.14
N SER S 372 -12.92 59.60 -52.59
CA SER S 372 -13.03 60.99 -53.05
C SER S 372 -14.01 61.84 -52.23
N VAL S 373 -13.62 63.10 -51.99
CA VAL S 373 -14.46 64.05 -51.27
C VAL S 373 -14.17 65.47 -51.73
N SER S 374 -15.14 66.35 -51.47
CA SER S 374 -14.91 67.78 -51.49
C SER S 374 -15.08 68.28 -50.06
N ARG S 375 -13.96 68.54 -49.38
CA ARG S 375 -13.99 68.96 -47.97
C ARG S 375 -14.93 70.14 -47.71
N VAL S 376 -15.03 71.05 -48.69
CA VAL S 376 -16.06 72.09 -48.70
C VAL S 376 -17.47 71.47 -48.74
N GLY S 377 -17.70 70.53 -49.66
CA GLY S 377 -18.99 69.83 -49.76
C GLY S 377 -20.19 70.61 -50.31
N SER S 378 -21.31 70.50 -49.60
CA SER S 378 -22.60 71.10 -49.99
C SER S 378 -22.59 72.60 -50.29
N ALA S 379 -21.81 73.36 -49.53
CA ALA S 379 -21.79 74.81 -49.67
C ALA S 379 -21.55 75.19 -51.11
N ALA S 380 -20.83 74.33 -51.84
CA ALA S 380 -20.39 74.63 -53.20
C ALA S 380 -21.18 73.91 -54.29
N GLN S 381 -22.32 73.32 -53.94
CA GLN S 381 -23.18 72.64 -54.90
C GLN S 381 -24.38 73.54 -55.23
N VAL S 382 -24.86 73.48 -56.48
CA VAL S 382 -26.11 74.16 -56.84
C VAL S 382 -27.23 73.60 -55.96
N LYS S 383 -27.99 74.46 -55.29
CA LYS S 383 -28.99 73.99 -54.33
C LYS S 383 -29.86 72.88 -54.93
N ALA S 384 -30.28 73.09 -56.17
CA ALA S 384 -31.13 72.13 -56.93
C ALA S 384 -30.53 70.74 -57.05
N LEU S 385 -29.20 70.68 -57.16
CA LEU S 385 -28.51 69.41 -57.33
C LEU S 385 -28.37 68.71 -55.99
N LYS S 386 -27.96 69.44 -54.95
CA LYS S 386 -27.91 68.89 -53.59
C LYS S 386 -29.25 68.24 -53.26
N GLN S 387 -30.32 68.85 -53.73
CA GLN S 387 -31.68 68.37 -53.50
C GLN S 387 -31.94 66.99 -54.11
N VAL S 388 -31.46 66.78 -55.34
CA VAL S 388 -31.74 65.52 -56.04
C VAL S 388 -30.65 64.47 -55.93
N ALA S 389 -29.68 64.68 -55.05
CA ALA S 389 -28.54 63.78 -54.97
C ALA S 389 -28.07 63.56 -53.55
N GLY S 390 -28.93 63.88 -52.60
CA GLY S 390 -28.58 63.67 -51.18
C GLY S 390 -28.12 62.25 -50.91
N SER S 391 -28.84 61.28 -51.47
CA SER S 391 -28.53 59.87 -51.22
C SER S 391 -27.29 59.34 -51.96
N LEU S 392 -26.82 60.08 -52.97
CA LEU S 392 -26.02 59.51 -54.06
C LEU S 392 -24.60 59.04 -53.73
N LYS S 393 -23.79 59.91 -53.12
CA LYS S 393 -22.40 59.56 -52.82
C LYS S 393 -22.33 58.35 -51.87
N LEU S 394 -23.43 58.12 -51.17
CA LEU S 394 -23.52 57.04 -50.20
C LEU S 394 -24.07 55.75 -50.83
N PHE S 395 -25.20 55.84 -51.57
CA PHE S 395 -25.74 54.72 -52.38
C PHE S 395 -24.59 54.02 -53.07
N LEU S 396 -23.76 54.81 -53.76
CA LEU S 396 -22.70 54.30 -54.64
C LEU S 396 -21.53 53.69 -53.91
N ALA S 397 -21.19 54.25 -52.74
CA ALA S 397 -20.15 53.70 -51.88
C ALA S 397 -20.61 52.34 -51.36
N GLN S 398 -21.79 52.30 -50.76
CA GLN S 398 -22.39 51.06 -50.29
C GLN S 398 -22.52 50.01 -51.41
N TYR S 399 -23.04 50.41 -52.57
CA TYR S 399 -23.28 49.49 -53.70
C TYR S 399 -22.03 48.75 -54.20
N ARG S 400 -20.89 49.43 -54.26
CA ARG S 400 -19.64 48.76 -54.66
C ARG S 400 -19.28 47.63 -53.68
N GLU S 401 -19.49 47.86 -52.38
CA GLU S 401 -19.26 46.83 -51.35
C GLU S 401 -20.27 45.68 -51.43
N VAL S 402 -21.45 45.97 -51.98
CA VAL S 402 -22.45 44.93 -52.20
C VAL S 402 -22.27 44.33 -53.59
N ALA S 403 -21.37 44.90 -54.39
CA ALA S 403 -21.06 44.36 -55.71
C ALA S 403 -20.07 43.18 -55.63
N ALA S 404 -19.51 42.96 -54.44
CA ALA S 404 -18.69 41.79 -54.15
C ALA S 404 -19.55 40.60 -53.70
N PHE S 405 -20.80 40.58 -54.16
CA PHE S 405 -21.75 39.48 -53.91
C PHE S 405 -22.83 39.40 -55.01
N ALA S 406 -22.44 39.69 -56.25
CA ALA S 406 -23.40 39.76 -57.38
C ALA S 406 -23.62 38.43 -58.10
N GLN S 407 -23.17 37.33 -57.48
CA GLN S 407 -23.16 36.01 -58.09
C GLN S 407 -24.36 35.15 -57.66
N SER S 410 -28.98 35.04 -58.32
CA SER S 410 -28.95 33.63 -57.97
C SER S 410 -29.55 33.39 -56.58
N ASP S 411 -28.74 33.56 -55.54
CA ASP S 411 -29.20 33.42 -54.15
C ASP S 411 -28.89 34.65 -53.31
N LEU S 412 -29.63 35.72 -53.59
CA LEU S 412 -29.54 36.99 -52.88
C LEU S 412 -30.97 37.51 -52.72
N ASP S 413 -31.38 37.84 -51.49
CA ASP S 413 -32.76 38.30 -51.25
C ASP S 413 -33.15 39.60 -51.96
N ALA S 414 -34.45 39.93 -51.93
CA ALA S 414 -35.00 41.08 -52.66
C ALA S 414 -34.36 42.40 -52.25
N SER S 415 -33.95 42.47 -50.99
CA SER S 415 -33.26 43.65 -50.45
C SER S 415 -32.04 44.01 -51.31
N THR S 416 -31.05 43.13 -51.31
CA THR S 416 -29.80 43.34 -52.04
C THR S 416 -29.91 43.14 -53.56
N LYS S 417 -31.09 42.69 -54.01
CA LYS S 417 -31.39 42.56 -55.43
C LYS S 417 -31.64 43.93 -56.05
N GLN S 418 -32.39 44.77 -55.34
CA GLN S 418 -32.68 46.13 -55.78
C GLN S 418 -31.44 47.02 -55.68
N THR S 419 -30.65 46.81 -54.63
CA THR S 419 -29.38 47.51 -54.45
C THR S 419 -28.47 47.31 -55.68
N LEU S 420 -28.39 46.07 -56.17
CA LEU S 420 -27.54 45.75 -57.33
C LEU S 420 -28.03 46.41 -58.63
N VAL S 421 -29.34 46.43 -58.86
CA VAL S 421 -29.92 47.00 -60.08
C VAL S 421 -29.84 48.53 -60.10
N ARG S 422 -30.33 49.16 -59.02
CA ARG S 422 -30.33 50.62 -58.86
C ARG S 422 -28.92 51.20 -59.01
N GLY S 423 -27.94 50.53 -58.40
CA GLY S 423 -26.54 50.90 -58.56
C GLY S 423 -26.09 50.99 -60.00
N GLU S 424 -26.14 49.85 -60.71
CA GLU S 424 -25.65 49.73 -62.08
C GLU S 424 -26.17 50.78 -63.07
N ARG S 425 -27.43 51.19 -62.89
CA ARG S 425 -28.02 52.25 -63.70
C ARG S 425 -27.45 53.62 -63.35
N LEU S 426 -27.24 53.84 -62.05
CA LEU S 426 -26.66 55.09 -61.59
C LEU S 426 -25.24 55.24 -62.10
N THR S 427 -24.49 54.14 -62.03
CA THR S 427 -23.11 54.08 -62.53
C THR S 427 -23.09 54.38 -64.02
N GLN S 428 -24.08 53.85 -64.74
CA GLN S 428 -24.21 54.07 -66.16
C GLN S 428 -24.52 55.55 -66.45
N LEU S 429 -25.48 56.11 -65.72
CA LEU S 429 -25.82 57.53 -65.84
C LEU S 429 -24.63 58.48 -65.69
N LEU S 430 -23.69 58.11 -64.81
CA LEU S 430 -22.63 59.02 -64.42
C LEU S 430 -21.43 58.95 -65.35
N LYS S 431 -21.43 57.94 -66.21
CA LYS S 431 -20.55 57.87 -67.36
C LYS S 431 -20.84 59.09 -68.24
N GLN S 432 -19.84 59.51 -69.02
CA GLN S 432 -19.98 60.71 -69.83
C GLN S 432 -18.90 60.77 -70.90
N ASN S 433 -19.30 61.03 -72.14
CA ASN S 433 -18.33 61.24 -73.22
C ASN S 433 -17.47 62.48 -72.95
N GLN S 434 -16.20 62.41 -73.33
CA GLN S 434 -15.33 63.56 -73.20
C GLN S 434 -15.81 64.67 -74.13
N TYR S 435 -15.54 65.92 -73.74
CA TYR S 435 -15.83 67.10 -74.56
C TYR S 435 -17.33 67.44 -74.64
N SER S 436 -18.12 66.87 -73.75
CA SER S 436 -19.57 67.07 -73.78
C SER S 436 -20.13 67.46 -72.43
N PRO S 437 -19.79 68.66 -71.93
CA PRO S 437 -20.13 69.01 -70.56
C PRO S 437 -21.60 69.46 -70.45
N LEU S 438 -22.35 68.86 -69.52
CA LEU S 438 -23.78 69.15 -69.36
C LEU S 438 -24.06 70.40 -68.53
N ALA S 439 -25.18 71.05 -68.81
CA ALA S 439 -25.64 72.19 -68.03
C ALA S 439 -26.39 71.71 -66.79
N THR S 440 -26.31 72.49 -65.71
CA THR S 440 -26.95 72.10 -64.45
C THR S 440 -28.42 71.75 -64.64
N GLU S 441 -29.15 72.56 -65.41
CA GLU S 441 -30.58 72.32 -65.63
C GLU S 441 -30.88 71.03 -66.42
N GLU S 442 -29.93 70.62 -67.27
CA GLU S 442 -30.01 69.35 -68.00
C GLU S 442 -29.64 68.21 -67.07
N GLN S 443 -28.79 68.50 -66.09
CA GLN S 443 -28.32 67.51 -65.10
C GLN S 443 -29.39 67.06 -64.11
N VAL S 444 -29.99 68.00 -63.37
CA VAL S 444 -30.84 67.62 -62.24
C VAL S 444 -32.01 66.68 -62.62
N PRO S 445 -32.63 66.86 -63.82
CA PRO S 445 -33.66 65.87 -64.13
C PRO S 445 -33.06 64.48 -64.34
N LEU S 446 -31.95 64.42 -65.09
CA LEU S 446 -31.22 63.17 -65.33
C LEU S 446 -30.89 62.45 -64.03
N ILE S 447 -30.29 63.19 -63.09
CA ILE S 447 -29.96 62.67 -61.76
C ILE S 447 -31.23 62.35 -60.97
N TYR S 448 -32.21 63.25 -61.02
CA TYR S 448 -33.48 63.00 -60.34
C TYR S 448 -34.09 61.66 -60.75
N ALA S 449 -33.89 61.29 -62.02
CA ALA S 449 -34.44 60.04 -62.56
C ALA S 449 -33.82 58.81 -61.92
N GLY S 450 -32.54 58.57 -62.21
CA GLY S 450 -31.80 57.42 -61.66
C GLY S 450 -31.96 57.28 -60.16
N VAL S 451 -31.77 58.38 -59.44
CA VAL S 451 -31.87 58.45 -57.97
C VAL S 451 -33.20 57.93 -57.44
N ASN S 452 -34.28 58.30 -58.12
CA ASN S 452 -35.62 57.86 -57.73
C ASN S 452 -36.06 56.58 -58.46
N GLY S 453 -35.13 55.96 -59.18
CA GLY S 453 -35.32 54.62 -59.73
C GLY S 453 -36.22 54.50 -60.94
N HIS S 454 -36.47 55.62 -61.61
CA HIS S 454 -37.24 55.61 -62.84
C HIS S 454 -36.45 54.96 -63.99
N LEU S 455 -35.36 54.29 -63.65
CA LEU S 455 -34.50 53.65 -64.63
C LEU S 455 -34.33 52.14 -64.42
N ASP S 456 -34.82 51.65 -63.27
CA ASP S 456 -34.81 50.21 -62.99
C ASP S 456 -35.44 49.45 -64.16
N GLY S 457 -36.54 49.99 -64.67
CA GLY S 457 -37.29 49.36 -65.76
C GLY S 457 -36.55 49.36 -67.08
N ILE S 458 -35.70 50.36 -67.29
CA ILE S 458 -34.92 50.48 -68.53
C ILE S 458 -33.73 49.51 -68.50
N GLU S 459 -33.51 48.80 -69.60
CA GLU S 459 -32.33 47.94 -69.75
C GLU S 459 -31.05 48.79 -69.73
N LEU S 460 -30.00 48.23 -69.13
CA LEU S 460 -28.73 48.95 -68.90
C LEU S 460 -28.08 49.51 -70.18
N SER S 461 -28.22 48.76 -71.28
CA SER S 461 -27.59 49.11 -72.56
C SER S 461 -28.25 50.30 -73.27
N ARG S 462 -29.36 50.79 -72.71
CA ARG S 462 -30.09 51.93 -73.29
C ARG S 462 -30.25 53.11 -72.32
N ILE S 463 -29.36 53.24 -71.35
CA ILE S 463 -29.37 54.41 -70.45
C ILE S 463 -28.72 55.61 -71.14
N GLY S 464 -27.68 55.35 -71.95
CA GLY S 464 -27.05 56.37 -72.78
C GLY S 464 -28.00 57.13 -73.69
N GLU S 465 -28.90 56.42 -74.38
CA GLU S 465 -29.84 57.08 -75.30
C GLU S 465 -31.08 57.65 -74.62
N PHE S 466 -31.48 57.05 -73.50
CA PHE S 466 -32.51 57.63 -72.64
C PHE S 466 -32.12 59.06 -72.25
N GLU S 467 -30.85 59.26 -71.91
CA GLU S 467 -30.29 60.59 -71.64
C GLU S 467 -30.51 61.55 -72.81
N SER S 468 -30.31 61.02 -74.02
CA SER S 468 -30.37 61.79 -75.25
C SER S 468 -31.80 62.25 -75.51
N SER S 469 -32.75 61.34 -75.36
CA SER S 469 -34.16 61.61 -75.66
C SER S 469 -34.82 62.47 -74.58
N PHE S 470 -34.62 62.11 -73.32
CA PHE S 470 -35.25 62.82 -72.20
C PHE S 470 -34.95 64.31 -72.22
N LEU S 471 -33.70 64.68 -72.48
CA LEU S 471 -33.28 66.08 -72.55
C LEU S 471 -33.85 66.86 -73.74
N SER S 472 -34.03 66.21 -74.89
CA SER S 472 -34.71 66.87 -76.01
C SER S 472 -36.22 66.91 -75.79
N TYR S 473 -36.77 65.89 -75.13
CA TYR S 473 -38.18 65.87 -74.73
C TYR S 473 -38.48 66.99 -73.74
N LEU S 474 -37.60 67.17 -72.76
CA LEU S 474 -37.75 68.21 -71.77
C LEU S 474 -37.56 69.57 -72.43
N LYS S 475 -36.53 69.68 -73.27
CA LYS S 475 -36.30 70.91 -74.02
C LYS S 475 -37.50 71.28 -74.90
N SER S 476 -38.21 70.25 -75.38
CA SER S 476 -39.38 70.43 -76.26
C SER S 476 -40.67 70.77 -75.50
N ASN S 477 -40.97 69.99 -74.47
CA ASN S 477 -42.28 70.06 -73.80
C ASN S 477 -42.28 70.67 -72.41
N HIS S 478 -41.13 70.67 -71.75
CA HIS S 478 -41.01 71.18 -70.38
C HIS S 478 -39.92 72.24 -70.21
N ASN S 479 -39.67 72.97 -71.29
CA ASN S 479 -38.71 74.08 -71.31
C ASN S 479 -38.82 75.03 -70.11
N GLU S 480 -40.04 75.26 -69.63
CA GLU S 480 -40.31 76.15 -68.49
C GLU S 480 -39.76 75.60 -67.16
N LEU S 481 -39.86 74.28 -66.99
CA LEU S 481 -39.25 73.63 -65.84
C LEU S 481 -37.72 73.76 -65.89
N LEU S 482 -37.13 73.41 -67.03
CA LEU S 482 -35.69 73.56 -67.24
C LEU S 482 -35.23 75.01 -67.06
N THR S 483 -36.06 75.97 -67.48
CA THR S 483 -35.76 77.39 -67.30
C THR S 483 -35.72 77.74 -65.82
N GLU S 484 -36.75 77.34 -65.08
CA GLU S 484 -36.82 77.64 -63.65
C GLU S 484 -35.66 77.04 -62.86
N ILE S 485 -35.31 75.78 -63.15
CA ILE S 485 -34.11 75.15 -62.59
C ILE S 485 -32.88 76.03 -62.82
N ARG S 486 -32.72 76.51 -64.05
CA ARG S 486 -31.57 77.35 -64.40
C ARG S 486 -31.58 78.67 -63.64
N GLU S 487 -32.69 79.39 -63.72
CA GLU S 487 -32.74 80.76 -63.24
C GLU S 487 -32.86 80.86 -61.72
N LYS S 488 -33.39 79.81 -61.10
CA LYS S 488 -33.53 79.79 -59.64
C LYS S 488 -32.43 78.99 -58.94
N GLY S 489 -31.91 77.97 -59.61
CA GLY S 489 -30.90 77.09 -59.04
C GLY S 489 -31.40 76.34 -57.80
N GLU S 490 -32.72 76.17 -57.71
CA GLU S 490 -33.35 75.53 -56.55
C GLU S 490 -34.64 74.85 -56.97
N LEU S 491 -35.10 73.87 -56.19
CA LEU S 491 -36.31 73.12 -56.56
C LEU S 491 -37.45 73.24 -55.56
N SER S 492 -38.53 73.89 -55.98
CA SER S 492 -39.81 73.90 -55.24
C SER S 492 -40.32 72.49 -55.04
N LYS S 493 -41.26 72.33 -54.12
CA LYS S 493 -41.99 71.08 -54.01
C LYS S 493 -42.87 70.94 -55.26
N GLU S 494 -43.28 72.09 -55.81
CA GLU S 494 -44.07 72.13 -57.03
C GLU S 494 -43.19 71.80 -58.23
N LEU S 495 -41.95 72.27 -58.20
CA LEU S 495 -41.02 71.96 -59.27
C LEU S 495 -40.62 70.49 -59.17
N LEU S 496 -40.32 70.03 -57.95
CA LEU S 496 -40.02 68.61 -57.70
C LEU S 496 -41.18 67.73 -58.15
N ALA S 497 -42.41 68.18 -57.88
CA ALA S 497 -43.60 67.48 -58.33
C ALA S 497 -43.69 67.45 -59.86
N SER S 498 -43.51 68.61 -60.50
CA SER S 498 -43.54 68.70 -61.96
C SER S 498 -42.53 67.78 -62.63
N LEU S 499 -41.40 67.57 -61.95
CA LEU S 499 -40.29 66.77 -62.46
C LEU S 499 -40.60 65.27 -62.45
N LYS S 500 -41.12 64.78 -61.32
CA LYS S 500 -41.64 63.42 -61.19
C LYS S 500 -42.66 63.12 -62.28
N SER S 501 -43.46 64.15 -62.60
CA SER S 501 -44.52 64.07 -63.61
C SER S 501 -43.96 63.82 -65.01
N ALA S 502 -43.14 64.77 -65.48
CA ALA S 502 -42.54 64.70 -66.83
C ALA S 502 -41.69 63.44 -67.06
N THR S 503 -41.16 62.88 -65.97
CA THR S 503 -40.30 61.71 -66.03
C THR S 503 -41.11 60.46 -66.33
N GLU S 504 -42.11 60.17 -65.49
CA GLU S 504 -42.97 59.00 -65.67
C GLU S 504 -43.67 59.11 -67.02
N SER S 505 -44.07 60.34 -67.35
CA SER S 505 -44.60 60.70 -68.65
C SER S 505 -43.66 60.21 -69.76
N PHE S 506 -42.36 60.36 -69.55
CA PHE S 506 -41.37 59.95 -70.52
C PHE S 506 -41.03 58.47 -70.44
N VAL S 507 -40.93 57.94 -69.22
CA VAL S 507 -40.54 56.53 -68.99
C VAL S 507 -41.60 55.53 -69.49
N ALA S 508 -42.87 55.88 -69.31
CA ALA S 508 -43.97 55.07 -69.83
C ALA S 508 -44.00 55.11 -71.36
N THR S 509 -43.55 56.22 -71.94
CA THR S 509 -43.45 56.39 -73.39
C THR S 509 -42.24 55.63 -73.95
N PHE S 510 -41.19 55.51 -73.12
CA PHE S 510 -39.89 54.99 -73.51
C PHE S 510 -39.76 53.54 -73.06
N ALA T 25 45.99 85.17 -20.55
CA ALA T 25 45.19 83.92 -20.65
C ALA T 25 46.07 82.69 -20.93
N ASN T 26 45.69 81.56 -20.33
CA ASN T 26 46.47 80.33 -20.37
C ASN T 26 45.88 79.26 -21.31
N LEU T 27 46.52 79.03 -22.45
CA LEU T 27 46.01 78.10 -23.47
C LEU T 27 46.19 76.63 -23.11
N ASN T 28 47.04 76.35 -22.11
CA ASN T 28 47.18 74.99 -21.56
C ASN T 28 45.94 74.59 -20.79
N GLU T 29 45.57 75.41 -19.81
CA GLU T 29 44.45 75.11 -18.92
C GLU T 29 43.12 75.72 -19.37
N THR T 30 43.14 76.50 -20.46
CA THR T 30 41.94 77.21 -20.94
C THR T 30 41.78 77.15 -22.46
N GLY T 31 40.58 77.44 -22.94
CA GLY T 31 40.30 77.55 -24.37
C GLY T 31 39.40 78.70 -24.77
N ARG T 32 39.19 78.83 -26.08
CA ARG T 32 38.28 79.82 -26.64
C ARG T 32 37.33 79.13 -27.62
N VAL T 33 36.05 79.51 -27.59
CA VAL T 33 35.06 78.88 -28.47
C VAL T 33 35.21 79.36 -29.92
N LEU T 34 35.62 78.46 -30.80
CA LEU T 34 35.74 78.75 -32.22
C LEU T 34 34.35 78.86 -32.86
N ALA T 35 33.56 77.81 -32.71
CA ALA T 35 32.17 77.79 -33.18
C ALA T 35 31.36 77.00 -32.17
N VAL T 36 30.05 77.24 -32.15
CA VAL T 36 29.14 76.51 -31.26
C VAL T 36 27.80 76.28 -31.97
N GLY T 37 27.38 75.00 -32.00
CA GLY T 37 26.14 74.63 -32.69
C GLY T 37 25.89 73.14 -32.63
N ASP T 38 24.65 72.74 -32.94
CA ASP T 38 24.22 71.34 -32.90
C ASP T 38 24.53 70.61 -31.59
N GLY T 39 24.68 71.36 -30.51
CA GLY T 39 25.02 70.77 -29.21
C GLY T 39 26.50 70.51 -29.04
N ILE T 40 27.28 70.91 -30.04
CA ILE T 40 28.74 70.81 -30.02
C ILE T 40 29.35 72.18 -29.85
N ALA T 41 30.48 72.23 -29.15
CA ALA T 41 31.28 73.43 -29.11
C ALA T 41 32.70 73.07 -29.52
N ARG T 42 33.20 73.75 -30.54
CA ARG T 42 34.58 73.59 -30.98
C ARG T 42 35.44 74.63 -30.33
N VAL T 43 36.40 74.16 -29.53
CA VAL T 43 37.21 75.06 -28.71
C VAL T 43 38.71 74.96 -29.00
N PHE T 44 39.32 76.12 -29.26
CA PHE T 44 40.76 76.29 -29.48
C PHE T 44 41.46 76.41 -28.14
N GLY T 45 42.43 75.53 -27.89
CA GLY T 45 43.21 75.57 -26.67
C GLY T 45 42.98 74.35 -25.79
N LEU T 46 43.00 74.60 -24.47
CA LEU T 46 42.92 73.53 -23.45
C LEU T 46 43.92 72.44 -23.81
N ASN T 47 45.21 72.79 -23.80
CA ASN T 47 46.25 71.87 -24.27
C ASN T 47 46.48 70.67 -23.35
N ASN T 48 46.27 70.89 -22.04
CA ASN T 48 46.48 69.85 -21.04
C ASN T 48 45.21 69.08 -20.64
N ILE T 49 44.13 69.30 -21.39
CA ILE T 49 42.87 68.60 -21.17
C ILE T 49 42.98 67.11 -21.48
N GLN T 50 42.21 66.32 -20.75
CA GLN T 50 42.09 64.88 -20.99
C GLN T 50 40.81 64.58 -21.76
N ALA T 51 40.82 63.47 -22.49
CA ALA T 51 39.61 62.94 -23.10
C ALA T 51 38.61 62.63 -22.00
N GLU T 52 37.33 62.94 -22.27
CA GLU T 52 36.25 62.81 -21.29
C GLU T 52 36.46 63.66 -20.03
N GLU T 53 37.12 64.80 -20.21
CA GLU T 53 37.25 65.77 -19.13
C GLU T 53 36.11 66.78 -19.19
N LEU T 54 35.48 66.95 -18.03
CA LEU T 54 34.42 67.93 -17.80
C LEU T 54 34.98 69.33 -17.97
N VAL T 55 34.22 70.23 -18.61
CA VAL T 55 34.66 71.61 -18.84
C VAL T 55 33.59 72.66 -18.56
N GLU T 56 34.00 73.76 -17.94
CA GLU T 56 33.05 74.82 -17.63
C GLU T 56 33.19 76.02 -18.57
N PHE T 57 32.04 76.53 -19.00
CA PHE T 57 31.93 77.69 -19.87
C PHE T 57 31.61 78.91 -19.02
N SER T 58 31.76 80.09 -19.60
CA SER T 58 31.60 81.37 -18.89
C SER T 58 30.25 81.54 -18.22
N SER T 59 29.27 80.75 -18.65
CA SER T 59 27.91 80.81 -18.16
C SER T 59 27.69 79.88 -16.98
N GLY T 60 28.67 79.02 -16.72
CA GLY T 60 28.56 77.99 -15.69
C GLY T 60 27.89 76.75 -16.23
N VAL T 61 27.63 76.74 -17.54
CA VAL T 61 27.12 75.56 -18.21
C VAL T 61 28.30 74.63 -18.49
N LYS T 62 28.15 73.37 -18.08
CA LYS T 62 29.24 72.39 -18.19
C LYS T 62 29.24 71.64 -19.53
N GLY T 63 30.40 71.13 -19.90
CA GLY T 63 30.57 70.40 -21.15
C GLY T 63 31.45 69.17 -20.96
N MET T 64 31.85 68.55 -22.06
CA MET T 64 32.61 67.30 -21.99
C MET T 64 33.51 67.08 -23.21
N ALA T 65 34.82 67.14 -22.97
CA ALA T 65 35.81 67.01 -24.02
C ALA T 65 35.77 65.63 -24.65
N LEU T 66 35.07 65.52 -25.77
CA LEU T 66 34.84 64.25 -26.44
C LEU T 66 35.79 64.01 -27.61
N ILE T 67 35.90 64.99 -28.52
CA ILE T 67 36.83 64.88 -29.65
C ILE T 67 38.10 65.71 -29.42
N LEU T 68 39.25 65.04 -29.41
CA LEU T 68 40.55 65.71 -29.31
C LEU T 68 41.33 65.63 -30.62
N GLU T 69 41.40 66.76 -31.32
CA GLU T 69 42.20 66.88 -32.54
C GLU T 69 43.37 67.84 -32.25
N PRO T 70 44.34 67.91 -33.17
CA PRO T 70 45.37 68.94 -33.03
C PRO T 70 44.80 70.31 -33.36
N GLY T 71 44.90 71.26 -32.43
CA GLY T 71 44.42 72.61 -32.65
C GLY T 71 43.10 72.90 -31.98
N GLN T 72 42.13 72.00 -32.16
CA GLN T 72 40.76 72.18 -31.62
C GLN T 72 40.24 70.98 -30.82
N VAL T 73 39.47 71.29 -29.77
CA VAL T 73 38.80 70.30 -28.95
C VAL T 73 37.31 70.38 -29.26
N GLY T 74 36.73 69.25 -29.67
CA GLY T 74 35.30 69.14 -29.85
C GLY T 74 34.68 68.77 -28.51
N ILE T 75 33.80 69.64 -28.01
CA ILE T 75 33.19 69.45 -26.69
C ILE T 75 31.68 69.37 -26.83
N VAL T 76 31.07 68.42 -26.12
CA VAL T 76 29.63 68.20 -26.17
C VAL T 76 28.94 68.90 -24.99
N LEU T 77 27.84 69.61 -25.25
CA LEU T 77 27.21 70.50 -24.25
C LEU T 77 26.19 69.80 -23.37
N PHE T 78 26.28 70.06 -22.07
CA PHE T 78 25.31 69.58 -21.09
C PHE T 78 24.27 70.64 -20.74
N GLY T 79 23.78 71.36 -21.74
CA GLY T 79 22.76 72.37 -21.53
C GLY T 79 22.33 72.96 -22.85
N SER T 80 21.46 73.96 -22.80
CA SER T 80 21.01 74.66 -24.02
C SER T 80 22.18 75.29 -24.78
N ASP T 81 22.14 75.19 -26.12
CA ASP T 81 23.16 75.80 -27.01
C ASP T 81 23.29 77.30 -26.77
N ARG T 82 22.16 77.92 -26.46
CA ARG T 82 22.06 79.34 -26.18
C ARG T 82 23.04 79.85 -25.12
N LEU T 83 23.35 78.99 -24.14
CA LEU T 83 24.28 79.29 -23.05
C LEU T 83 25.77 79.31 -23.46
N VAL T 84 26.06 79.04 -24.72
CA VAL T 84 27.43 79.10 -25.22
C VAL T 84 27.52 80.01 -26.45
N LYS T 85 28.43 80.98 -26.37
CA LYS T 85 28.70 81.93 -27.46
C LYS T 85 30.11 81.72 -28.03
N GLU T 86 30.35 82.24 -29.23
CA GLU T 86 31.68 82.20 -29.82
C GLU T 86 32.61 83.24 -29.18
N GLY T 87 33.84 82.82 -28.91
CA GLY T 87 34.83 83.69 -28.29
C GLY T 87 34.75 83.69 -26.78
N GLU T 88 34.05 82.71 -26.22
CA GLU T 88 33.93 82.57 -24.77
C GLU T 88 35.10 81.77 -24.17
N LEU T 89 35.47 82.13 -22.94
CA LEU T 89 36.48 81.39 -22.20
C LEU T 89 35.90 80.06 -21.69
N VAL T 90 36.68 78.98 -21.83
CA VAL T 90 36.29 77.64 -21.36
C VAL T 90 37.32 77.10 -20.36
N LYS T 91 36.83 76.54 -19.24
CA LYS T 91 37.69 76.06 -18.15
C LYS T 91 37.80 74.53 -18.02
N ARG T 92 39.03 74.06 -17.83
CA ARG T 92 39.31 72.67 -17.45
C ARG T 92 38.87 72.40 -16.01
N THR T 93 38.77 71.13 -15.65
CA THR T 93 38.45 70.73 -14.28
C THR T 93 39.49 69.72 -13.78
N GLY T 94 40.31 69.23 -14.71
CA GLY T 94 41.22 68.12 -14.47
C GLY T 94 40.48 66.81 -14.33
N ASN T 95 39.15 66.87 -14.42
CA ASN T 95 38.30 65.75 -14.05
C ASN T 95 37.61 65.04 -15.19
N ILE T 96 37.81 63.73 -15.23
CA ILE T 96 37.00 62.81 -16.03
C ILE T 96 35.57 62.88 -15.48
N VAL T 97 34.59 62.88 -16.39
CA VAL T 97 33.17 63.01 -16.01
C VAL T 97 32.89 62.15 -14.77
N ASP T 98 32.47 62.81 -13.68
CA ASP T 98 32.25 62.13 -12.43
C ASP T 98 31.01 62.62 -11.66
N VAL T 99 30.62 61.86 -10.64
CA VAL T 99 29.42 62.15 -9.85
C VAL T 99 29.63 61.85 -8.37
N PRO T 100 28.97 62.64 -7.49
CA PRO T 100 28.93 62.33 -6.06
C PRO T 100 28.39 60.92 -5.84
N VAL T 101 29.03 60.16 -4.97
CA VAL T 101 28.56 58.83 -4.61
C VAL T 101 28.53 58.66 -3.10
N GLY T 102 27.78 57.67 -2.64
CA GLY T 102 27.72 57.37 -1.22
C GLY T 102 26.31 57.38 -0.65
N PRO T 103 26.15 56.88 0.60
CA PRO T 103 24.85 56.68 1.25
C PRO T 103 24.20 57.98 1.72
N GLY T 104 24.92 59.09 1.58
CA GLY T 104 24.37 60.40 1.90
C GLY T 104 23.40 60.92 0.85
N LEU T 105 23.42 60.30 -0.33
CA LEU T 105 22.50 60.64 -1.42
C LEU T 105 21.11 60.04 -1.20
N LEU T 106 21.08 58.95 -0.42
CA LEU T 106 19.85 58.26 -0.06
C LEU T 106 18.80 59.27 0.35
N GLY T 107 17.65 59.24 -0.32
CA GLY T 107 16.55 60.13 -0.01
C GLY T 107 16.45 61.39 -0.85
N ARG T 108 17.47 61.64 -1.66
CA ARG T 108 17.54 62.88 -2.46
C ARG T 108 17.27 62.64 -3.94
N VAL T 109 16.87 63.71 -4.65
CA VAL T 109 16.69 63.66 -6.11
C VAL T 109 17.77 64.50 -6.80
N VAL T 110 18.52 63.87 -7.70
CA VAL T 110 19.61 64.58 -8.38
C VAL T 110 19.41 64.64 -9.90
N ASP T 111 20.09 65.59 -10.53
CA ASP T 111 20.17 65.59 -11.98
C ASP T 111 21.32 64.70 -12.42
N ALA T 112 21.43 64.47 -13.74
CA ALA T 112 22.37 63.51 -14.30
C ALA T 112 23.81 63.65 -13.82
N LEU T 113 24.17 64.85 -13.38
CA LEU T 113 25.55 65.14 -12.96
C LEU T 113 25.78 65.17 -11.45
N GLY T 114 24.73 64.94 -10.67
CA GLY T 114 24.86 64.91 -9.23
C GLY T 114 24.29 66.13 -8.55
N ASN T 115 23.90 67.14 -9.32
CA ASN T 115 23.24 68.34 -8.78
C ASN T 115 21.83 68.07 -8.22
N PRO T 116 21.53 68.57 -7.01
CA PRO T 116 20.26 68.25 -6.36
C PRO T 116 19.11 69.10 -6.90
N ILE T 117 18.01 68.45 -7.23
CA ILE T 117 16.86 69.13 -7.85
C ILE T 117 15.62 69.14 -6.95
N ASP T 118 15.82 68.80 -5.67
CA ASP T 118 14.75 68.84 -4.67
C ASP T 118 14.84 70.06 -3.75
N GLY T 119 15.99 70.72 -3.75
CA GLY T 119 16.22 71.86 -2.88
C GLY T 119 16.13 71.51 -1.39
N LYS T 120 16.82 70.45 -1.00
CA LYS T 120 16.95 70.06 0.41
C LYS T 120 18.40 70.17 0.81
N GLY T 121 19.01 71.31 0.50
CA GLY T 121 20.44 71.53 0.77
C GLY T 121 21.31 70.85 -0.27
N PRO T 122 22.64 70.93 -0.09
CA PRO T 122 23.52 70.21 -1.00
C PRO T 122 23.68 68.76 -0.57
N ILE T 123 24.10 67.92 -1.51
CA ILE T 123 24.26 66.50 -1.30
C ILE T 123 25.40 66.26 -0.33
N ASP T 124 25.18 65.39 0.66
CA ASP T 124 26.23 64.99 1.61
C ASP T 124 26.99 63.75 1.09
N ALA T 125 27.78 63.96 0.03
CA ALA T 125 28.43 62.86 -0.70
C ALA T 125 29.70 62.35 -0.04
N ALA T 126 29.84 61.02 0.00
CA ALA T 126 31.01 60.42 0.64
C ALA T 126 32.15 60.07 -0.34
N GLY T 127 32.37 60.94 -1.33
CA GLY T 127 33.37 60.70 -2.36
C GLY T 127 32.78 60.76 -3.77
N ARG T 128 33.64 60.70 -4.79
CA ARG T 128 33.19 60.88 -6.17
C ARG T 128 33.56 59.70 -7.07
N SER T 129 32.69 59.37 -8.02
CA SER T 129 32.93 58.27 -8.96
C SER T 129 32.85 58.73 -10.41
N ARG T 130 33.71 58.16 -11.26
CA ARG T 130 33.62 58.35 -12.70
C ARG T 130 32.29 57.83 -13.21
N ALA T 131 31.74 58.50 -14.24
CA ALA T 131 30.51 58.06 -14.89
C ALA T 131 30.71 56.68 -15.55
N GLN T 132 31.84 56.50 -16.22
CA GLN T 132 32.20 55.23 -16.85
C GLN T 132 33.19 54.50 -15.98
N VAL T 133 32.71 53.48 -15.27
CA VAL T 133 33.54 52.61 -14.45
C VAL T 133 33.45 51.24 -15.07
N LYS T 134 34.59 50.59 -15.29
CA LYS T 134 34.59 49.30 -15.98
C LYS T 134 34.01 48.19 -15.11
N ALA T 135 33.16 47.39 -15.73
CA ALA T 135 32.44 46.30 -15.08
C ALA T 135 33.39 45.23 -14.53
N PRO T 136 33.05 44.64 -13.37
CA PRO T 136 33.83 43.59 -12.71
C PRO T 136 34.33 42.50 -13.66
N GLY T 137 35.54 42.02 -13.41
CA GLY T 137 36.14 40.95 -14.22
C GLY T 137 35.47 39.59 -14.07
N ILE T 138 36.04 38.59 -14.72
CA ILE T 138 35.55 37.21 -14.68
C ILE T 138 35.66 36.62 -13.28
N LEU T 139 36.81 36.86 -12.65
CA LEU T 139 37.14 36.23 -11.36
C LEU T 139 36.45 36.85 -10.12
N PRO T 140 36.26 38.18 -10.08
CA PRO T 140 35.65 38.77 -8.88
C PRO T 140 34.13 38.60 -8.78
N ARG T 141 33.54 37.83 -9.70
CA ARG T 141 32.08 37.67 -9.74
C ARG T 141 31.59 36.39 -9.06
N ARG T 142 30.29 36.13 -9.17
CA ARG T 142 29.65 35.00 -8.49
C ARG T 142 28.23 34.78 -9.03
N SER T 143 27.80 33.52 -9.05
CA SER T 143 26.44 33.18 -9.46
C SER T 143 25.46 33.70 -8.41
N VAL T 144 24.40 34.38 -8.85
CA VAL T 144 23.36 34.85 -7.91
C VAL T 144 22.66 33.68 -7.18
N HIS T 145 22.39 33.89 -5.90
CA HIS T 145 21.63 32.93 -5.10
C HIS T 145 20.55 33.65 -4.28
N GLU T 146 20.76 34.92 -3.97
CA GLU T 146 19.86 35.67 -3.10
C GLU T 146 18.68 36.25 -3.88
N PRO T 147 17.46 36.24 -3.30
CA PRO T 147 16.28 36.74 -4.00
C PRO T 147 15.98 38.23 -3.82
N VAL T 148 15.72 38.92 -4.93
CA VAL T 148 15.14 40.25 -4.92
C VAL T 148 13.63 40.08 -4.90
N GLN T 149 13.06 40.13 -3.71
CA GLN T 149 11.63 39.86 -3.53
C GLN T 149 10.83 41.02 -4.10
N THR T 150 10.29 40.83 -5.31
CA THR T 150 9.50 41.90 -5.95
C THR T 150 8.18 42.19 -5.22
N GLY T 151 7.61 41.16 -4.60
CA GLY T 151 6.33 41.29 -3.88
C GLY T 151 5.19 40.97 -4.81
N LEU T 152 5.53 40.64 -6.05
CA LEU T 152 4.53 40.41 -7.08
C LEU T 152 4.40 38.92 -7.35
N LYS T 153 3.23 38.37 -7.05
CA LYS T 153 2.93 36.94 -7.21
C LYS T 153 3.48 36.37 -8.51
N ALA T 154 3.07 36.97 -9.62
CA ALA T 154 3.44 36.50 -10.94
C ALA T 154 4.94 36.60 -11.19
N VAL T 155 5.57 37.62 -10.60
CA VAL T 155 6.99 37.87 -10.84
C VAL T 155 7.86 36.94 -10.01
N ASP T 156 7.55 36.81 -8.71
CA ASP T 156 8.32 35.99 -7.81
C ASP T 156 8.21 34.49 -8.12
N ALA T 157 7.04 34.06 -8.60
CA ALA T 157 6.82 32.65 -8.90
C ALA T 157 7.38 32.20 -10.25
N LEU T 158 7.28 33.06 -11.27
CA LEU T 158 7.55 32.65 -12.65
C LEU T 158 8.86 33.20 -13.26
N VAL T 159 9.19 34.42 -12.88
CA VAL T 159 10.40 35.09 -13.39
C VAL T 159 11.19 35.72 -12.24
N PRO T 160 11.64 34.88 -11.27
CA PRO T 160 12.27 35.41 -10.06
C PRO T 160 13.64 36.00 -10.33
N ILE T 161 13.92 37.11 -9.65
CA ILE T 161 15.16 37.87 -9.81
C ILE T 161 16.09 37.65 -8.61
N GLY T 162 17.39 37.56 -8.90
CA GLY T 162 18.43 37.46 -7.89
C GLY T 162 19.23 38.74 -7.80
N ARG T 163 19.95 38.91 -6.70
CA ARG T 163 20.73 40.11 -6.47
C ARG T 163 22.03 40.00 -7.23
N GLY T 164 22.19 40.81 -8.27
CA GLY T 164 23.38 40.77 -9.10
C GLY T 164 23.00 40.48 -10.54
N GLN T 165 21.71 40.22 -10.73
CA GLN T 165 21.13 39.85 -12.02
C GLN T 165 20.62 41.08 -12.77
N ARG T 166 20.63 41.03 -14.10
CA ARG T 166 20.05 42.10 -14.93
C ARG T 166 18.82 41.53 -15.65
N GLU T 167 17.65 42.07 -15.31
CA GLU T 167 16.38 41.51 -15.78
C GLU T 167 15.53 42.60 -16.42
N LEU T 168 15.27 42.44 -17.72
CA LEU T 168 14.63 43.46 -18.54
C LEU T 168 13.11 43.50 -18.35
N ILE T 169 12.56 44.70 -18.17
CA ILE T 169 11.11 44.88 -18.26
C ILE T 169 10.87 45.47 -19.64
N ILE T 170 10.03 44.81 -20.42
CA ILE T 170 9.83 45.19 -21.83
C ILE T 170 8.35 45.12 -22.24
N GLY T 171 7.95 45.98 -23.17
CA GLY T 171 6.59 45.98 -23.72
C GLY T 171 6.21 47.29 -24.38
N ASP T 172 4.95 47.35 -24.83
CA ASP T 172 4.40 48.54 -25.47
C ASP T 172 4.31 49.70 -24.49
N ARG T 173 3.91 50.86 -24.99
CA ARG T 173 3.61 52.00 -24.12
C ARG T 173 2.41 51.70 -23.24
N GLN T 174 2.44 52.20 -22.00
CA GLN T 174 1.36 52.01 -21.02
C GLN T 174 0.88 50.56 -20.88
N THR T 175 1.83 49.66 -20.59
CA THR T 175 1.53 48.27 -20.31
C THR T 175 1.93 47.85 -18.88
N GLY T 176 2.19 48.83 -18.02
CA GLY T 176 2.55 48.55 -16.62
C GLY T 176 4.02 48.25 -16.32
N LYS T 177 4.93 48.78 -17.15
CA LYS T 177 6.38 48.56 -17.03
C LYS T 177 6.98 49.19 -15.79
N THR T 178 6.90 50.52 -15.68
CA THR T 178 7.34 51.25 -14.49
C THR T 178 6.74 50.66 -13.21
N ALA T 179 5.46 50.28 -13.29
CA ALA T 179 4.71 49.75 -12.15
C ALA T 179 5.32 48.49 -11.54
N VAL T 180 5.83 47.59 -12.39
CA VAL T 180 6.53 46.39 -11.91
C VAL T 180 7.75 46.83 -11.10
N ALA T 181 8.58 47.68 -11.72
CA ALA T 181 9.75 48.23 -11.05
C ALA T 181 9.39 48.97 -9.75
N LEU T 182 8.31 49.75 -9.78
CA LEU T 182 7.95 50.61 -8.65
C LEU T 182 7.52 49.84 -7.40
N ASP T 183 6.73 48.78 -7.59
CA ASP T 183 6.26 47.97 -6.46
C ASP T 183 7.36 47.08 -5.92
N THR T 184 8.28 46.68 -6.79
CA THR T 184 9.52 46.04 -6.38
C THR T 184 10.21 46.94 -5.38
N ILE T 185 10.30 48.24 -5.70
CA ILE T 185 10.93 49.21 -4.79
C ILE T 185 10.15 49.32 -3.48
N LEU T 186 8.83 49.49 -3.56
CA LEU T 186 8.01 49.67 -2.37
C LEU T 186 8.17 48.50 -1.41
N ASN T 187 8.20 47.29 -1.98
CA ASN T 187 8.33 46.03 -1.22
C ASN T 187 9.56 45.89 -0.33
N GLN T 188 10.66 46.59 -0.63
CA GLN T 188 11.91 46.45 0.14
C GLN T 188 11.83 47.08 1.54
N LYS T 189 10.71 47.76 1.79
CA LYS T 189 10.36 48.30 3.09
C LYS T 189 10.35 47.22 4.18
N ARG T 190 10.24 45.96 3.78
CA ARG T 190 10.22 44.84 4.73
C ARG T 190 11.58 44.65 5.39
N TRP T 191 12.66 44.96 4.67
CA TRP T 191 14.01 44.72 5.16
C TRP T 191 14.79 46.00 5.43
N ASN T 192 14.50 47.02 4.64
CA ASN T 192 15.15 48.30 4.78
C ASN T 192 14.75 48.99 6.07
N ASN T 193 13.70 48.49 6.70
CA ASN T 193 13.27 48.97 8.02
C ASN T 193 14.01 48.32 9.17
N GLY T 194 14.78 47.27 8.85
CA GLY T 194 15.50 46.50 9.87
C GLY T 194 16.95 46.91 10.02
N SER T 195 17.68 46.11 10.79
CA SER T 195 19.09 46.36 11.08
C SER T 195 20.00 45.66 10.09
N ASP T 196 19.68 44.40 9.75
CA ASP T 196 20.56 43.54 8.96
C ASP T 196 20.82 44.05 7.54
N GLU T 197 22.09 44.32 7.26
CA GLU T 197 22.52 44.90 5.98
C GLU T 197 22.39 43.93 4.82
N SER T 198 22.90 42.71 4.99
CA SER T 198 22.87 41.71 3.92
C SER T 198 21.43 41.32 3.51
N LYS T 199 20.46 41.88 4.24
CA LYS T 199 19.04 41.69 3.96
C LYS T 199 18.41 42.96 3.34
N LYS T 200 19.10 44.09 3.47
CA LYS T 200 18.65 45.39 2.92
C LYS T 200 18.98 45.58 1.44
N LEU T 201 18.09 46.27 0.72
CA LEU T 201 18.29 46.57 -0.70
C LEU T 201 18.05 48.05 -1.01
N TYR T 202 19.09 48.73 -1.45
CA TYR T 202 19.01 50.17 -1.76
C TYR T 202 18.64 50.41 -3.22
N CYS T 203 17.88 51.48 -3.45
CA CYS T 203 17.26 51.69 -4.76
C CYS T 203 17.76 52.91 -5.50
N VAL T 204 18.09 52.69 -6.76
CA VAL T 204 18.45 53.76 -7.68
C VAL T 204 17.44 53.76 -8.83
N TYR T 205 16.64 54.82 -8.92
CA TYR T 205 15.68 54.98 -10.02
C TYR T 205 16.11 56.10 -10.96
N VAL T 206 16.56 55.71 -12.16
CA VAL T 206 16.95 56.65 -13.19
C VAL T 206 15.71 56.93 -14.04
N ALA T 207 15.29 58.20 -14.08
CA ALA T 207 14.22 58.64 -14.95
C ALA T 207 14.81 59.41 -16.13
N VAL T 208 14.86 58.75 -17.28
CA VAL T 208 15.53 59.26 -18.48
C VAL T 208 14.51 59.59 -19.57
N GLY T 209 14.26 60.88 -19.80
CA GLY T 209 13.40 61.27 -20.91
C GLY T 209 11.92 61.41 -20.57
N GLN T 210 11.54 60.93 -19.39
CA GLN T 210 10.19 61.11 -18.85
C GLN T 210 9.86 62.60 -18.65
N LYS T 211 8.61 62.90 -18.32
CA LYS T 211 8.20 64.25 -17.98
C LYS T 211 8.65 64.60 -16.57
N ARG T 212 8.98 65.87 -16.39
CA ARG T 212 9.28 66.42 -15.08
C ARG T 212 8.13 66.07 -14.15
N SER T 213 6.90 66.36 -14.59
CA SER T 213 5.68 66.10 -13.83
C SER T 213 5.49 64.66 -13.38
N THR T 214 5.97 63.70 -14.17
CA THR T 214 5.74 62.28 -13.82
C THR T 214 6.72 61.81 -12.75
N VAL T 215 7.94 62.30 -12.84
CA VAL T 215 8.97 62.06 -11.83
C VAL T 215 8.50 62.64 -10.49
N ALA T 216 8.02 63.88 -10.54
CA ALA T 216 7.47 64.56 -9.36
C ALA T 216 6.44 63.71 -8.66
N GLN T 217 5.54 63.13 -9.45
CA GLN T 217 4.42 62.39 -8.90
C GLN T 217 4.85 61.02 -8.42
N LEU T 218 5.89 60.48 -9.05
CA LEU T 218 6.44 59.18 -8.65
C LEU T 218 7.14 59.35 -7.31
N VAL T 219 7.94 60.41 -7.18
CA VAL T 219 8.65 60.73 -5.93
C VAL T 219 7.67 60.98 -4.80
N GLN T 220 6.52 61.51 -5.16
CA GLN T 220 5.45 61.67 -4.21
C GLN T 220 4.98 60.32 -3.68
N THR T 221 4.90 59.31 -4.53
CA THR T 221 4.44 58.00 -4.09
C THR T 221 5.46 57.33 -3.16
N LEU T 222 6.74 57.41 -3.56
CA LEU T 222 7.85 56.94 -2.73
C LEU T 222 7.82 57.59 -1.34
N GLU T 223 7.40 58.85 -1.31
CA GLU T 223 7.28 59.58 -0.06
C GLU T 223 6.10 59.07 0.79
N GLN T 224 4.99 58.75 0.12
CA GLN T 224 3.77 58.27 0.80
C GLN T 224 3.94 56.90 1.44
N HIS T 225 4.70 56.03 0.78
CA HIS T 225 4.92 54.66 1.25
C HIS T 225 6.19 54.54 2.09
N ASP T 226 6.77 55.69 2.45
CA ASP T 226 8.04 55.76 3.18
C ASP T 226 9.15 54.93 2.52
N ALA T 227 9.15 54.96 1.18
CA ALA T 227 10.11 54.23 0.36
C ALA T 227 11.21 55.16 -0.14
N MET T 228 11.02 56.45 0.09
CA MET T 228 11.95 57.48 -0.37
C MET T 228 13.28 57.44 0.41
N LYS T 229 13.19 57.05 1.68
CA LYS T 229 14.35 56.97 2.58
C LYS T 229 15.39 55.91 2.21
N TYR T 230 15.01 54.94 1.38
CA TYR T 230 15.97 53.93 0.91
C TYR T 230 16.25 54.00 -0.59
N SER T 231 15.84 55.08 -1.22
CA SER T 231 16.03 55.22 -2.66
C SER T 231 16.73 56.52 -3.04
N ILE T 232 17.33 56.53 -4.24
CA ILE T 232 17.95 57.71 -4.85
C ILE T 232 17.42 57.88 -6.28
N ILE T 233 16.99 59.09 -6.61
CA ILE T 233 16.46 59.38 -7.95
C ILE T 233 17.43 60.23 -8.74
N VAL T 234 17.80 59.73 -9.93
CA VAL T 234 18.66 60.46 -10.86
C VAL T 234 17.79 60.85 -12.05
N ALA T 235 17.62 62.15 -12.29
CA ALA T 235 16.68 62.60 -13.33
C ALA T 235 17.29 63.42 -14.48
N ALA T 236 16.91 63.03 -15.69
CA ALA T 236 17.29 63.71 -16.92
C ALA T 236 16.07 63.71 -17.82
N THR T 237 15.18 64.68 -17.62
CA THR T 237 13.84 64.66 -18.22
C THR T 237 13.75 65.08 -19.69
N ALA T 238 12.53 64.93 -20.22
CA ALA T 238 12.20 65.13 -21.63
C ALA T 238 12.83 66.36 -22.26
N SER T 239 12.83 67.47 -21.54
CA SER T 239 13.26 68.74 -22.11
C SER T 239 14.75 69.04 -21.89
N GLU T 240 15.44 68.22 -21.10
CA GLU T 240 16.86 68.45 -20.87
C GLU T 240 17.72 68.08 -22.09
N ALA T 241 18.87 68.75 -22.21
CA ALA T 241 19.80 68.55 -23.33
C ALA T 241 20.15 67.08 -23.49
N ALA T 242 20.30 66.63 -24.73
CA ALA T 242 20.49 65.20 -25.03
C ALA T 242 21.55 64.48 -24.20
N PRO T 243 22.79 65.00 -24.12
CA PRO T 243 23.82 64.22 -23.43
C PRO T 243 23.47 63.89 -21.98
N LEU T 244 22.79 64.80 -21.27
CA LEU T 244 22.30 64.54 -19.92
C LEU T 244 21.43 63.30 -19.85
N GLN T 245 20.54 63.16 -20.84
CA GLN T 245 19.72 61.98 -20.95
C GLN T 245 20.63 60.78 -21.20
N TYR T 246 21.52 60.90 -22.19
CA TYR T 246 22.47 59.84 -22.52
C TYR T 246 23.27 59.46 -21.27
N LEU T 247 23.80 60.45 -20.57
CA LEU T 247 24.78 60.24 -19.49
C LEU T 247 24.18 59.69 -18.20
N ALA T 248 22.90 59.99 -17.98
CA ALA T 248 22.21 59.72 -16.70
C ALA T 248 22.26 58.26 -16.17
N PRO T 249 22.00 57.26 -17.04
CA PRO T 249 22.05 55.89 -16.49
C PRO T 249 23.45 55.48 -16.05
N PHE T 250 24.47 55.97 -16.74
CA PHE T 250 25.87 55.66 -16.44
C PHE T 250 26.33 56.21 -15.10
N THR T 251 26.03 57.47 -14.81
CA THR T 251 26.40 58.07 -13.53
C THR T 251 25.63 57.44 -12.37
N ALA T 252 24.31 57.33 -12.53
CA ALA T 252 23.44 56.71 -11.53
C ALA T 252 23.95 55.33 -11.13
N ALA T 253 24.45 54.59 -12.11
CA ALA T 253 25.06 53.30 -11.87
C ALA T 253 26.21 53.48 -10.86
N SER T 254 27.14 54.40 -11.15
CA SER T 254 28.20 54.71 -10.23
C SER T 254 27.67 55.01 -8.81
N ILE T 255 26.56 55.74 -8.72
CA ILE T 255 25.92 56.06 -7.44
C ILE T 255 25.49 54.82 -6.65
N GLY T 256 24.93 53.83 -7.35
CA GLY T 256 24.51 52.58 -6.72
C GLY T 256 25.62 51.55 -6.62
N GLU T 257 26.68 51.75 -7.40
CA GLU T 257 27.87 50.89 -7.39
C GLU T 257 28.62 50.93 -6.06
N TRP T 258 28.58 52.09 -5.40
CA TRP T 258 29.19 52.25 -4.07
C TRP T 258 28.70 51.14 -3.12
N PHE T 259 27.38 50.97 -3.04
CA PHE T 259 26.77 49.93 -2.23
C PHE T 259 27.35 48.55 -2.59
N ARG T 260 27.35 48.23 -3.88
CA ARG T 260 27.94 46.98 -4.39
C ARG T 260 29.40 46.81 -3.96
N ASP T 261 30.15 47.91 -3.95
CA ASP T 261 31.59 47.87 -3.64
C ASP T 261 31.89 47.89 -2.14
N ASN T 262 30.91 48.31 -1.36
CA ASN T 262 31.04 48.40 0.09
C ASN T 262 30.16 47.35 0.76
N GLY T 263 30.11 46.17 0.13
CA GLY T 263 29.45 44.98 0.67
C GLY T 263 27.96 45.10 0.91
N LYS T 264 27.29 45.96 0.16
CA LYS T 264 25.85 46.14 0.31
C LYS T 264 25.11 45.84 -0.99
N HIS T 265 23.79 45.91 -0.95
CA HIS T 265 22.97 45.51 -2.09
C HIS T 265 22.15 46.66 -2.67
N ALA T 266 22.42 47.00 -3.92
CA ALA T 266 21.70 48.07 -4.59
C ALA T 266 20.87 47.58 -5.77
N LEU T 267 19.76 48.26 -6.02
CA LEU T 267 18.84 47.95 -7.12
C LEU T 267 18.71 49.19 -8.01
N ILE T 268 18.89 49.02 -9.31
CA ILE T 268 18.81 50.17 -10.24
C ILE T 268 17.80 49.99 -11.38
N VAL T 269 16.92 50.98 -11.54
CA VAL T 269 15.99 51.02 -12.67
C VAL T 269 16.46 52.06 -13.69
N TYR T 270 16.72 51.59 -14.90
CA TYR T 270 16.96 52.47 -16.05
C TYR T 270 15.65 52.60 -16.81
N ASP T 271 14.91 53.67 -16.50
CA ASP T 271 13.53 53.85 -16.95
C ASP T 271 13.39 55.11 -17.81
N ASP T 272 13.57 54.98 -19.13
CA ASP T 272 13.89 53.73 -19.81
C ASP T 272 15.02 53.88 -20.83
N LEU T 273 15.73 52.78 -21.11
CA LEU T 273 16.88 52.75 -22.03
C LEU T 273 16.50 53.00 -23.49
N SER T 274 15.21 52.88 -23.79
CA SER T 274 14.69 53.17 -25.11
C SER T 274 14.89 54.65 -25.39
N LYS T 275 14.43 55.48 -24.45
CA LYS T 275 14.57 56.92 -24.53
C LYS T 275 16.02 57.37 -24.45
N GLN T 276 16.85 56.66 -23.68
CA GLN T 276 18.28 56.92 -23.60
C GLN T 276 18.96 56.61 -24.93
N ALA T 277 18.53 55.52 -25.57
CA ALA T 277 19.08 55.14 -26.88
C ALA T 277 18.77 56.19 -27.96
N VAL T 278 17.56 56.75 -27.89
CA VAL T 278 17.12 57.83 -28.78
C VAL T 278 17.93 59.12 -28.54
N ALA T 279 18.32 59.34 -27.28
CA ALA T 279 19.15 60.47 -26.89
C ALA T 279 20.57 60.32 -27.42
N TYR T 280 21.15 59.14 -27.25
CA TYR T 280 22.50 58.87 -27.77
C TYR T 280 22.56 58.96 -29.31
N ARG T 281 21.45 58.65 -29.97
CA ARG T 281 21.35 58.82 -31.42
C ARG T 281 21.29 60.31 -31.82
N GLN T 282 20.56 61.12 -31.05
CA GLN T 282 20.50 62.57 -31.31
C GLN T 282 21.93 63.07 -31.36
N LEU T 283 22.65 62.84 -30.28
CA LEU T 283 24.07 63.12 -30.13
C LEU T 283 24.88 62.56 -31.32
N SER T 284 24.86 61.24 -31.49
CA SER T 284 25.57 60.59 -32.59
C SER T 284 25.32 61.25 -33.94
N LEU T 285 24.05 61.31 -34.36
CA LEU T 285 23.67 61.83 -35.67
C LEU T 285 24.14 63.28 -35.87
N LEU T 286 24.09 64.07 -34.81
CA LEU T 286 24.53 65.46 -34.85
C LEU T 286 26.06 65.60 -34.88
N LEU T 287 26.76 64.61 -34.33
CA LEU T 287 28.23 64.52 -34.44
C LEU T 287 28.68 63.93 -35.77
N ARG T 288 27.73 63.76 -36.69
CA ARG T 288 27.98 63.28 -38.06
C ARG T 288 28.47 61.83 -38.17
N ARG T 289 28.32 61.06 -37.10
CA ARG T 289 28.59 59.63 -37.13
C ARG T 289 27.44 58.97 -37.90
N PRO T 290 27.79 58.04 -38.80
CA PRO T 290 26.84 57.47 -39.77
C PRO T 290 25.65 56.78 -39.11
N PRO T 291 24.45 56.92 -39.72
CA PRO T 291 23.21 56.20 -39.39
C PRO T 291 23.20 54.76 -39.91
N GLY T 292 23.07 53.79 -39.00
CA GLY T 292 23.00 52.37 -39.35
C GLY T 292 21.57 51.88 -39.25
N ARG T 293 21.38 50.74 -38.58
CA ARG T 293 20.04 50.15 -38.47
C ARG T 293 19.13 51.11 -37.73
N GLU T 294 18.02 51.46 -38.38
CA GLU T 294 17.03 52.42 -37.85
C GLU T 294 17.65 53.77 -37.50
N ALA T 295 18.70 54.13 -38.25
CA ALA T 295 19.43 55.38 -38.10
C ALA T 295 20.23 55.49 -36.79
N TYR T 296 20.41 54.39 -36.09
CA TYR T 296 21.20 54.43 -34.87
C TYR T 296 22.67 54.35 -35.22
N PRO T 297 23.55 54.86 -34.34
CA PRO T 297 24.98 54.65 -34.55
C PRO T 297 25.34 53.16 -34.46
N GLY T 298 26.49 52.80 -35.03
CA GLY T 298 26.98 51.43 -34.99
C GLY T 298 27.26 50.94 -33.58
N ASP T 299 27.50 51.87 -32.65
CA ASP T 299 27.92 51.55 -31.28
C ASP T 299 26.81 51.62 -30.22
N VAL T 300 25.56 51.71 -30.68
CA VAL T 300 24.39 51.74 -29.80
C VAL T 300 24.23 50.46 -28.94
N PHE T 301 24.71 49.32 -29.44
CA PHE T 301 24.75 48.10 -28.63
C PHE T 301 25.71 48.26 -27.45
N TYR T 302 26.94 48.67 -27.75
CA TYR T 302 27.98 48.92 -26.75
C TYR T 302 27.53 49.92 -25.68
N LEU T 303 26.75 50.92 -26.09
CA LEU T 303 26.17 51.89 -25.16
C LEU T 303 25.48 51.20 -24.00
N HIS T 304 24.49 50.35 -24.31
CA HIS T 304 23.77 49.61 -23.26
C HIS T 304 24.63 48.52 -22.60
N SER T 305 25.41 47.80 -23.41
CA SER T 305 26.18 46.65 -22.92
C SER T 305 27.10 46.98 -21.75
N ARG T 306 27.86 48.08 -21.88
CA ARG T 306 28.79 48.46 -20.82
C ARG T 306 28.08 49.05 -19.58
N LEU T 307 26.81 49.40 -19.74
CA LEU T 307 26.01 49.95 -18.65
C LEU T 307 25.49 48.83 -17.78
N LEU T 308 25.08 47.74 -18.45
CA LEU T 308 24.43 46.64 -17.77
C LEU T 308 25.45 45.68 -17.19
N GLU T 309 26.61 45.59 -17.83
CA GLU T 309 27.71 44.75 -17.34
C GLU T 309 28.14 45.09 -15.90
N ARG T 310 27.84 46.33 -15.49
CA ARG T 310 28.20 46.85 -14.17
C ARG T 310 27.31 46.33 -13.04
N ALA T 311 26.17 45.76 -13.43
CA ALA T 311 25.29 45.09 -12.48
C ALA T 311 25.76 43.66 -12.36
N ALA T 312 26.43 43.35 -11.26
CA ALA T 312 26.97 42.04 -11.04
C ALA T 312 26.73 41.58 -9.62
N LYS T 313 27.00 40.30 -9.37
CA LYS T 313 27.10 39.77 -8.02
C LYS T 313 28.57 39.50 -7.71
N LEU T 314 29.11 40.11 -6.66
CA LEU T 314 30.54 39.99 -6.35
C LEU T 314 30.87 38.78 -5.50
N SER T 315 32.12 38.32 -5.62
CA SER T 315 32.65 37.19 -4.86
C SER T 315 32.87 37.55 -3.39
N GLU T 316 33.13 36.54 -2.54
CA GLU T 316 33.36 36.81 -1.11
C GLU T 316 34.60 37.65 -0.85
N LYS T 317 35.65 37.44 -1.67
CA LYS T 317 36.87 38.25 -1.59
C LYS T 317 36.62 39.73 -1.91
N GLU T 318 35.58 40.00 -2.69
CA GLU T 318 35.18 41.36 -3.05
C GLU T 318 34.10 41.96 -2.12
N GLY T 319 33.69 41.19 -1.12
CA GLY T 319 32.80 41.69 -0.06
C GLY T 319 31.35 41.24 -0.17
N SER T 320 31.02 40.61 -1.30
CA SER T 320 29.69 40.04 -1.56
C SER T 320 28.60 41.02 -1.98
N GLY T 321 28.97 42.27 -2.25
CA GLY T 321 28.02 43.25 -2.75
C GLY T 321 27.45 42.89 -4.12
N SER T 322 26.35 43.54 -4.47
CA SER T 322 25.71 43.29 -5.76
C SER T 322 24.91 44.50 -6.27
N LEU T 323 24.98 44.71 -7.58
CA LEU T 323 24.08 45.64 -8.24
C LEU T 323 23.13 44.83 -9.11
N THR T 324 21.84 45.10 -8.95
CA THR T 324 20.80 44.41 -9.70
C THR T 324 20.05 45.40 -10.55
N ALA T 325 20.17 45.23 -11.87
CA ALA T 325 19.54 46.13 -12.82
C ALA T 325 18.16 45.65 -13.24
N LEU T 326 17.21 46.56 -13.13
CA LEU T 326 15.90 46.43 -13.78
C LEU T 326 15.78 47.49 -14.90
N PRO T 327 16.39 47.21 -16.07
CA PRO T 327 16.26 48.15 -17.16
C PRO T 327 14.93 47.99 -17.89
N VAL T 328 14.41 49.11 -18.39
CA VAL T 328 13.14 49.15 -19.10
C VAL T 328 13.36 49.54 -20.56
N ILE T 329 12.75 48.78 -21.47
CA ILE T 329 12.72 49.12 -22.91
C ILE T 329 11.26 49.20 -23.37
N GLU T 330 11.00 50.07 -24.35
CA GLU T 330 9.67 50.21 -24.95
C GLU T 330 9.61 49.67 -26.37
N THR T 331 8.64 48.80 -26.66
CA THR T 331 8.47 48.30 -28.02
C THR T 331 7.42 49.09 -28.78
N GLN T 332 7.42 48.97 -30.10
CA GLN T 332 6.35 49.53 -30.92
C GLN T 332 5.60 48.40 -31.60
N GLY T 333 4.29 48.34 -31.35
CA GLY T 333 3.46 47.28 -31.87
C GLY T 333 3.94 45.95 -31.35
N GLY T 334 4.41 45.93 -30.11
CA GLY T 334 4.86 44.69 -29.46
C GLY T 334 5.96 43.97 -30.21
N ASP T 335 6.66 44.70 -31.06
CA ASP T 335 7.76 44.20 -31.85
C ASP T 335 8.99 43.98 -30.98
N VAL T 336 9.16 42.78 -30.44
CA VAL T 336 10.34 42.44 -29.65
C VAL T 336 11.52 42.18 -30.56
N SER T 337 11.24 42.14 -31.86
CA SER T 337 12.20 41.80 -32.90
C SER T 337 12.88 42.99 -33.54
N ALA T 338 12.58 44.18 -33.02
CA ALA T 338 13.21 45.39 -33.51
C ALA T 338 14.67 45.41 -33.03
N TYR T 339 15.35 46.52 -33.33
CA TYR T 339 16.79 46.61 -33.13
C TYR T 339 17.22 46.81 -31.67
N ILE T 340 16.67 47.80 -30.98
CA ILE T 340 17.10 48.06 -29.60
C ILE T 340 16.56 47.00 -28.64
N PRO T 341 15.34 46.51 -28.89
CA PRO T 341 14.87 45.40 -28.07
C PRO T 341 15.79 44.16 -28.14
N THR T 342 16.09 43.69 -29.35
CA THR T 342 17.02 42.57 -29.48
C THR T 342 18.41 42.86 -28.90
N ASN T 343 18.93 44.07 -29.13
CA ASN T 343 20.17 44.52 -28.47
C ASN T 343 20.19 44.30 -26.97
N VAL T 344 19.19 44.85 -26.28
CA VAL T 344 19.08 44.75 -24.82
C VAL T 344 18.72 43.32 -24.35
N ILE T 345 17.87 42.61 -25.10
CA ILE T 345 17.60 41.19 -24.80
C ILE T 345 18.89 40.37 -24.87
N SER T 346 19.80 40.79 -25.75
CA SER T 346 21.07 40.09 -25.93
C SER T 346 22.06 40.48 -24.84
N ILE T 347 21.68 41.43 -23.99
CA ILE T 347 22.56 41.90 -22.93
C ILE T 347 22.15 41.30 -21.58
N THR T 348 20.87 41.42 -21.25
CA THR T 348 20.38 41.09 -19.91
C THR T 348 20.20 39.58 -19.65
N ASP T 349 19.66 39.23 -18.48
CA ASP T 349 19.57 37.84 -18.01
C ASP T 349 18.16 37.29 -18.08
N GLY T 350 17.45 37.66 -19.15
CA GLY T 350 16.04 37.35 -19.27
C GLY T 350 15.23 38.62 -19.28
N GLN T 351 13.92 38.48 -19.46
CA GLN T 351 13.02 39.63 -19.58
C GLN T 351 11.64 39.32 -19.01
N ILE T 352 10.94 40.37 -18.58
CA ILE T 352 9.50 40.28 -18.36
C ILE T 352 8.79 41.09 -19.45
N PHE T 353 8.25 40.40 -20.45
CA PHE T 353 7.51 41.05 -21.52
C PHE T 353 6.07 41.29 -21.07
N LEU T 354 5.59 42.51 -21.25
CA LEU T 354 4.23 42.88 -20.87
C LEU T 354 3.34 43.13 -22.09
N GLU T 355 2.27 42.34 -22.18
CA GLU T 355 1.38 42.33 -23.34
C GLU T 355 0.27 43.34 -23.22
N ALA T 356 0.18 44.22 -24.22
CA ALA T 356 -0.96 45.14 -24.36
C ALA T 356 -2.25 44.32 -24.41
N GLU T 357 -2.34 43.40 -25.38
CA GLU T 357 -3.45 42.44 -25.51
C GLU T 357 -4.02 42.00 -24.15
N LEU T 358 -3.14 41.66 -23.21
CA LEU T 358 -3.50 41.21 -21.86
C LEU T 358 -3.88 42.34 -20.91
N PHE T 359 -3.03 43.37 -20.86
CA PHE T 359 -3.26 44.55 -20.02
C PHE T 359 -4.67 45.11 -20.23
N TYR T 360 -5.06 45.23 -21.50
CA TYR T 360 -6.37 45.71 -21.89
C TYR T 360 -7.50 44.83 -21.36
N LYS T 361 -7.31 43.51 -21.39
CA LYS T 361 -8.32 42.59 -20.87
C LYS T 361 -8.50 42.79 -19.35
N GLY T 362 -7.47 43.32 -18.70
CA GLY T 362 -7.50 43.56 -17.26
C GLY T 362 -6.56 42.64 -16.49
N ILE T 363 -5.88 41.77 -17.22
CA ILE T 363 -4.87 40.88 -16.65
C ILE T 363 -3.58 41.66 -16.37
N ARG T 364 -3.41 42.09 -15.12
CA ARG T 364 -2.23 42.81 -14.69
C ARG T 364 -1.70 42.29 -13.34
N PRO T 365 -0.38 42.12 -13.22
CA PRO T 365 0.64 42.40 -14.23
C PRO T 365 0.41 41.63 -15.53
N ALA T 366 0.58 42.32 -16.65
CA ALA T 366 0.33 41.75 -17.96
C ALA T 366 1.52 40.95 -18.50
N ILE T 367 2.02 40.01 -17.69
CA ILE T 367 3.18 39.19 -18.08
C ILE T 367 2.80 38.09 -19.06
N ASN T 368 3.37 38.16 -20.26
CA ASN T 368 3.32 37.04 -21.20
C ASN T 368 4.32 35.96 -20.79
N VAL T 369 3.79 34.80 -20.45
CA VAL T 369 4.60 33.76 -19.84
C VAL T 369 5.53 33.02 -20.80
N GLY T 370 5.10 32.83 -22.05
CA GLY T 370 5.92 32.18 -23.06
C GLY T 370 6.89 33.12 -23.76
N LEU T 371 7.06 34.33 -23.23
CA LEU T 371 7.93 35.34 -23.82
C LEU T 371 8.67 36.07 -22.72
N SER T 372 8.42 35.62 -21.49
CA SER T 372 9.15 36.07 -20.30
C SER T 372 9.98 34.92 -19.78
N VAL T 373 11.24 35.19 -19.49
CA VAL T 373 12.06 34.21 -18.80
C VAL T 373 13.04 34.94 -17.88
N SER T 374 13.31 34.32 -16.74
CA SER T 374 14.43 34.74 -15.92
C SER T 374 15.44 33.62 -16.07
N ARG T 375 16.64 33.94 -16.52
CA ARG T 375 17.61 32.90 -16.82
C ARG T 375 18.29 32.35 -15.57
N VAL T 376 18.83 33.26 -14.76
CA VAL T 376 19.67 32.87 -13.65
C VAL T 376 18.96 32.98 -12.29
N GLY T 377 17.68 33.32 -12.32
CA GLY T 377 16.89 33.51 -11.09
C GLY T 377 16.33 32.26 -10.43
N SER T 378 16.07 31.22 -11.23
CA SER T 378 15.59 29.93 -10.71
C SER T 378 16.47 29.48 -9.56
N ALA T 379 17.74 29.84 -9.65
CA ALA T 379 18.73 29.59 -8.59
C ALA T 379 18.62 30.61 -7.43
N ALA T 380 17.72 31.57 -7.56
CA ALA T 380 17.59 32.65 -6.59
C ALA T 380 16.18 32.75 -6.00
N GLN T 381 15.29 31.85 -6.43
CA GLN T 381 13.93 31.79 -5.90
C GLN T 381 13.98 31.30 -4.46
N VAL T 382 13.09 31.80 -3.62
CA VAL T 382 12.94 31.30 -2.26
C VAL T 382 12.35 29.90 -2.39
N LYS T 383 13.00 28.92 -1.75
CA LYS T 383 12.63 27.50 -1.95
C LYS T 383 11.14 27.23 -1.82
N ALA T 384 10.51 27.83 -0.80
CA ALA T 384 9.07 27.71 -0.54
C ALA T 384 8.22 27.93 -1.79
N LEU T 385 8.50 29.00 -2.53
CA LEU T 385 7.81 29.28 -3.79
C LEU T 385 8.12 28.21 -4.83
N LYS T 386 9.41 27.91 -4.98
CA LYS T 386 9.87 26.87 -5.91
C LYS T 386 9.19 25.54 -5.64
N GLN T 387 8.95 25.26 -4.37
CA GLN T 387 8.28 24.06 -3.93
C GLN T 387 6.80 24.01 -4.31
N VAL T 388 6.15 25.17 -4.39
CA VAL T 388 4.71 25.21 -4.74
C VAL T 388 4.40 25.70 -6.17
N ALA T 389 5.42 26.08 -6.93
CA ALA T 389 5.18 26.69 -8.24
C ALA T 389 5.88 25.99 -9.41
N GLY T 390 6.56 24.87 -9.15
CA GLY T 390 7.14 24.07 -10.21
C GLY T 390 6.13 23.80 -11.32
N SER T 391 6.56 24.00 -12.56
CA SER T 391 5.72 23.80 -13.77
C SER T 391 4.51 24.74 -13.91
N LEU T 392 4.29 25.64 -12.94
CA LEU T 392 3.23 26.67 -13.04
C LEU T 392 3.47 27.51 -14.29
N LYS T 393 4.74 27.88 -14.51
CA LYS T 393 5.16 28.63 -15.69
C LYS T 393 4.84 27.87 -16.97
N LEU T 394 5.33 26.63 -17.07
CA LEU T 394 5.08 25.78 -18.22
C LEU T 394 3.57 25.59 -18.47
N PHE T 395 2.80 25.46 -17.40
CA PHE T 395 1.36 25.18 -17.51
C PHE T 395 0.54 26.34 -18.07
N LEU T 396 0.93 27.58 -17.76
CA LEU T 396 0.20 28.73 -18.26
C LEU T 396 0.48 28.93 -19.75
N ALA T 397 1.71 28.62 -20.16
CA ALA T 397 2.10 28.72 -21.56
C ALA T 397 1.35 27.67 -22.39
N GLN T 398 1.25 26.46 -21.83
CA GLN T 398 0.54 25.36 -22.47
C GLN T 398 -0.98 25.54 -22.41
N TYR T 399 -1.45 26.29 -21.41
CA TYR T 399 -2.88 26.54 -21.25
C TYR T 399 -3.42 27.53 -22.29
N ARG T 400 -2.74 28.65 -22.44
CA ARG T 400 -3.11 29.65 -23.45
C ARG T 400 -3.18 29.06 -24.85
N GLU T 401 -2.37 28.03 -25.11
CA GLU T 401 -2.50 27.22 -26.32
C GLU T 401 -3.92 26.71 -26.47
N VAL T 402 -4.37 25.93 -25.49
CA VAL T 402 -5.70 25.34 -25.47
C VAL T 402 -6.75 26.44 -25.55
N ALA T 403 -6.58 27.48 -24.73
CA ALA T 403 -7.45 28.67 -24.74
C ALA T 403 -7.68 29.17 -26.17
N ALA T 404 -6.57 29.41 -26.89
CA ALA T 404 -6.60 29.86 -28.28
C ALA T 404 -7.15 28.77 -29.20
N PHE T 405 -6.64 27.54 -29.09
CA PHE T 405 -7.14 26.43 -29.89
C PHE T 405 -8.46 25.88 -29.35
N ALA T 406 -9.21 26.73 -28.66
CA ALA T 406 -10.57 26.43 -28.22
C ALA T 406 -11.56 27.47 -28.76
N GLN T 407 -11.12 28.73 -28.79
CA GLN T 407 -11.99 29.84 -29.20
C GLN T 407 -11.58 30.47 -30.53
N SER T 410 -14.84 25.27 -31.71
CA SER T 410 -15.13 24.01 -32.37
C SER T 410 -15.91 23.05 -31.47
N ASP T 411 -15.19 22.37 -30.56
CA ASP T 411 -15.78 21.32 -29.73
C ASP T 411 -15.63 21.57 -28.22
N LEU T 412 -16.52 20.94 -27.44
CA LEU T 412 -16.47 20.95 -25.98
C LEU T 412 -15.88 19.62 -25.47
N ASP T 413 -14.60 19.62 -25.13
CA ASP T 413 -13.89 18.39 -24.74
C ASP T 413 -14.13 18.01 -23.26
N ALA T 414 -13.50 16.92 -22.82
CA ALA T 414 -13.68 16.41 -21.46
C ALA T 414 -12.51 16.74 -20.53
N SER T 415 -11.30 16.33 -20.92
CA SER T 415 -10.10 16.54 -20.10
C SER T 415 -9.63 18.00 -20.14
N THR T 416 -9.71 18.62 -21.32
CA THR T 416 -9.33 20.04 -21.50
C THR T 416 -10.37 21.00 -20.90
N LYS T 417 -11.58 20.48 -20.69
CA LYS T 417 -12.62 21.17 -19.95
C LYS T 417 -12.16 21.45 -18.52
N GLN T 418 -11.28 20.58 -18.00
CA GLN T 418 -10.74 20.73 -16.65
C GLN T 418 -9.48 21.59 -16.61
N THR T 419 -8.64 21.48 -17.65
CA THR T 419 -7.40 22.27 -17.70
C THR T 419 -7.67 23.74 -18.02
N LEU T 420 -8.75 23.99 -18.75
CA LEU T 420 -9.18 25.35 -19.09
C LEU T 420 -9.75 26.09 -17.86
N VAL T 421 -10.34 25.31 -16.95
CA VAL T 421 -10.84 25.80 -15.66
C VAL T 421 -9.69 26.20 -14.74
N ARG T 422 -8.66 25.34 -14.70
CA ARG T 422 -7.44 25.58 -13.93
C ARG T 422 -6.61 26.74 -14.45
N GLY T 423 -6.70 26.99 -15.76
CA GLY T 423 -6.03 28.13 -16.37
C GLY T 423 -6.59 29.42 -15.81
N GLU T 424 -7.89 29.63 -16.03
CA GLU T 424 -8.60 30.85 -15.63
C GLU T 424 -8.51 31.14 -14.13
N ARG T 425 -8.40 30.09 -13.32
CA ARG T 425 -8.21 30.23 -11.88
C ARG T 425 -6.85 30.83 -11.59
N LEU T 426 -5.81 30.11 -12.02
CA LEU T 426 -4.45 30.53 -11.82
C LEU T 426 -4.20 31.92 -12.42
N THR T 427 -4.73 32.15 -13.62
CA THR T 427 -4.69 33.45 -14.29
C THR T 427 -5.34 34.52 -13.43
N GLN T 428 -6.58 34.26 -13.02
CA GLN T 428 -7.28 35.14 -12.08
C GLN T 428 -6.46 35.44 -10.83
N LEU T 429 -5.82 34.39 -10.30
CA LEU T 429 -5.08 34.45 -9.05
C LEU T 429 -3.87 35.38 -9.10
N LEU T 430 -3.16 35.37 -10.23
CA LEU T 430 -1.88 36.06 -10.36
C LEU T 430 -2.01 37.57 -10.56
N LYS T 431 -3.25 37.99 -10.77
CA LYS T 431 -3.62 39.41 -10.80
C LYS T 431 -3.26 40.04 -9.47
N GLN T 432 -2.83 41.29 -9.52
CA GLN T 432 -2.43 41.98 -8.31
C GLN T 432 -2.81 43.44 -8.45
N ASN T 433 -3.41 43.96 -7.40
CA ASN T 433 -3.64 45.40 -7.27
C ASN T 433 -2.32 46.15 -7.23
N GLN T 434 -2.30 47.30 -7.90
CA GLN T 434 -1.11 48.09 -7.93
C GLN T 434 -0.84 48.60 -6.52
N TYR T 435 0.45 48.72 -6.18
CA TYR T 435 0.92 49.17 -4.86
C TYR T 435 0.60 48.19 -3.72
N SER T 436 0.39 46.92 -4.06
CA SER T 436 0.05 45.90 -3.06
C SER T 436 1.02 44.70 -3.10
N PRO T 437 2.28 44.91 -2.64
CA PRO T 437 3.23 43.81 -2.63
C PRO T 437 3.03 42.84 -1.44
N LEU T 438 2.97 41.54 -1.74
CA LEU T 438 2.77 40.54 -0.70
C LEU T 438 4.09 39.88 -0.29
N ALA T 439 4.23 39.59 1.01
CA ALA T 439 5.40 38.91 1.53
C ALA T 439 5.36 37.44 1.13
N THR T 440 6.54 36.83 0.96
CA THR T 440 6.66 35.45 0.51
C THR T 440 5.77 34.50 1.33
N GLU T 441 5.68 34.74 2.64
CA GLU T 441 4.82 33.93 3.51
C GLU T 441 3.31 34.12 3.25
N GLU T 442 2.96 35.26 2.66
CA GLU T 442 1.60 35.52 2.18
C GLU T 442 1.42 34.88 0.81
N GLN T 443 2.53 34.73 0.08
CA GLN T 443 2.51 34.34 -1.33
C GLN T 443 2.40 32.84 -1.59
N VAL T 444 3.17 32.03 -0.85
CA VAL T 444 3.22 30.58 -1.14
C VAL T 444 1.91 29.84 -0.79
N PRO T 445 1.19 30.28 0.28
CA PRO T 445 -0.14 29.69 0.52
C PRO T 445 -1.11 29.89 -0.65
N LEU T 446 -1.24 31.13 -1.13
CA LEU T 446 -2.09 31.49 -2.28
C LEU T 446 -1.79 30.64 -3.51
N ILE T 447 -0.52 30.57 -3.87
CA ILE T 447 -0.07 29.77 -5.02
C ILE T 447 -0.22 28.25 -4.77
N TYR T 448 0.01 27.81 -3.54
CA TYR T 448 -0.30 26.42 -3.17
C TYR T 448 -1.77 26.10 -3.46
N ALA T 449 -2.66 26.94 -2.95
CA ALA T 449 -4.12 26.78 -3.11
C ALA T 449 -4.58 26.62 -4.56
N GLY T 450 -4.08 27.48 -5.44
CA GLY T 450 -4.43 27.44 -6.86
C GLY T 450 -3.88 26.24 -7.62
N VAL T 451 -2.59 25.93 -7.42
CA VAL T 451 -1.90 24.88 -8.19
C VAL T 451 -2.50 23.49 -7.97
N ASN T 452 -2.96 23.26 -6.75
CA ASN T 452 -3.56 21.98 -6.38
C ASN T 452 -5.07 21.92 -6.55
N GLY T 453 -5.65 22.99 -7.10
CA GLY T 453 -7.04 23.00 -7.56
C GLY T 453 -8.13 23.36 -6.56
N HIS T 454 -7.74 23.85 -5.37
CA HIS T 454 -8.70 24.24 -4.33
C HIS T 454 -9.63 25.37 -4.77
N LEU T 455 -9.27 26.06 -5.85
CA LEU T 455 -10.03 27.19 -6.36
C LEU T 455 -10.95 26.81 -7.52
N ASP T 456 -10.87 25.56 -7.97
CA ASP T 456 -11.69 25.09 -9.07
C ASP T 456 -13.19 25.19 -8.75
N GLY T 457 -13.56 24.98 -7.49
CA GLY T 457 -14.97 25.05 -7.08
C GLY T 457 -15.53 26.46 -6.89
N ILE T 458 -14.67 27.47 -7.07
CA ILE T 458 -15.02 28.86 -6.78
C ILE T 458 -15.18 29.65 -8.09
N GLU T 459 -16.20 30.51 -8.14
CA GLU T 459 -16.47 31.37 -9.29
C GLU T 459 -15.28 32.29 -9.54
N LEU T 460 -15.06 32.63 -10.81
CA LEU T 460 -13.96 33.52 -11.18
C LEU T 460 -14.03 34.87 -10.48
N SER T 461 -15.25 35.38 -10.30
CA SER T 461 -15.44 36.68 -9.66
C SER T 461 -15.24 36.63 -8.15
N ARG T 462 -15.15 35.44 -7.58
CA ARG T 462 -14.92 35.30 -6.13
C ARG T 462 -13.45 35.06 -5.76
N ILE T 463 -12.64 34.70 -6.75
CA ILE T 463 -11.19 34.49 -6.58
C ILE T 463 -10.50 35.70 -5.95
N GLY T 464 -10.97 36.88 -6.33
CA GLY T 464 -10.51 38.14 -5.76
C GLY T 464 -10.80 38.15 -4.27
N GLU T 465 -12.07 37.97 -3.94
CA GLU T 465 -12.50 37.88 -2.55
C GLU T 465 -11.82 36.74 -1.77
N PHE T 466 -11.59 35.61 -2.45
CA PHE T 466 -10.87 34.49 -1.83
C PHE T 466 -9.53 34.95 -1.26
N GLU T 467 -8.65 35.41 -2.15
CA GLU T 467 -7.27 35.76 -1.81
C GLU T 467 -7.09 36.46 -0.45
N SER T 468 -7.87 37.50 -0.22
CA SER T 468 -7.72 38.27 1.02
C SER T 468 -8.47 37.66 2.18
N SER T 469 -9.52 36.88 1.90
CA SER T 469 -10.27 36.21 2.94
C SER T 469 -9.45 35.08 3.56
N PHE T 470 -8.69 34.39 2.73
CA PHE T 470 -7.83 33.28 3.16
C PHE T 470 -6.67 33.80 4.01
N LEU T 471 -6.00 34.85 3.53
CA LEU T 471 -4.86 35.42 4.23
C LEU T 471 -5.22 36.01 5.60
N SER T 472 -6.40 36.62 5.68
CA SER T 472 -6.96 37.09 6.96
C SER T 472 -7.10 35.93 7.93
N TYR T 473 -7.70 34.85 7.43
CA TYR T 473 -7.93 33.65 8.20
C TYR T 473 -6.63 32.98 8.63
N LEU T 474 -5.60 33.06 7.78
CA LEU T 474 -4.29 32.47 8.09
C LEU T 474 -3.55 33.24 9.18
N LYS T 475 -3.58 34.57 9.06
CA LYS T 475 -2.82 35.46 9.94
C LYS T 475 -3.34 35.48 11.38
N SER T 476 -4.51 34.87 11.61
CA SER T 476 -5.12 34.80 12.94
C SER T 476 -5.27 33.38 13.47
N ASN T 477 -5.50 32.42 12.57
CA ASN T 477 -5.62 31.00 12.95
C ASN T 477 -4.32 30.22 12.86
N HIS T 478 -3.63 30.35 11.73
CA HIS T 478 -2.42 29.58 11.46
C HIS T 478 -1.17 30.45 11.38
N ASN T 479 -1.11 31.49 12.21
CA ASN T 479 0.01 32.43 12.22
C ASN T 479 1.36 31.80 12.62
N GLU T 480 1.33 30.52 12.99
CA GLU T 480 2.54 29.77 13.29
C GLU T 480 3.14 29.13 12.04
N LEU T 481 2.28 28.63 11.14
CA LEU T 481 2.72 28.09 9.85
C LEU T 481 3.35 29.18 8.99
N LEU T 482 2.66 30.32 8.92
CA LEU T 482 3.17 31.47 8.18
C LEU T 482 4.50 31.90 8.79
N THR T 483 4.52 32.01 10.11
CA THR T 483 5.76 32.34 10.82
C THR T 483 6.87 31.37 10.44
N GLU T 484 6.51 30.10 10.26
CA GLU T 484 7.51 29.06 9.96
C GLU T 484 7.93 29.01 8.48
N ILE T 485 7.12 29.60 7.60
CA ILE T 485 7.50 29.71 6.19
C ILE T 485 8.48 30.87 6.02
N ARG T 486 8.16 32.02 6.62
CA ARG T 486 9.02 33.20 6.57
C ARG T 486 10.42 32.95 7.14
N GLU T 487 10.50 32.08 8.15
CA GLU T 487 11.73 31.82 8.90
C GLU T 487 12.58 30.71 8.29
N LYS T 488 11.95 29.58 8.00
CA LYS T 488 12.63 28.44 7.40
C LYS T 488 13.00 28.68 5.92
N GLY T 489 12.25 29.55 5.25
CA GLY T 489 12.40 29.77 3.81
C GLY T 489 11.97 28.57 2.97
N GLU T 490 11.66 27.45 3.64
CA GLU T 490 11.32 26.19 2.97
C GLU T 490 10.04 25.59 3.52
N LEU T 491 9.62 24.47 2.92
CA LEU T 491 8.48 23.70 3.43
C LEU T 491 8.89 22.24 3.60
N SER T 492 8.84 21.74 4.83
CA SER T 492 9.13 20.33 5.06
C SER T 492 7.85 19.50 4.89
N LYS T 493 8.01 18.18 4.85
CA LYS T 493 6.90 17.24 4.62
C LYS T 493 5.67 17.51 5.48
N GLU T 494 5.89 17.76 6.78
CA GLU T 494 4.79 18.07 7.69
C GLU T 494 4.15 19.40 7.31
N LEU T 495 4.99 20.39 7.03
CA LEU T 495 4.54 21.74 6.77
C LEU T 495 3.63 21.81 5.55
N LEU T 496 4.02 21.11 4.47
CA LEU T 496 3.20 21.03 3.25
C LEU T 496 1.84 20.38 3.52
N ALA T 497 1.82 19.32 4.34
CA ALA T 497 0.58 18.70 4.80
C ALA T 497 -0.23 19.67 5.67
N SER T 498 0.48 20.52 6.42
CA SER T 498 -0.13 21.52 7.30
C SER T 498 -0.78 22.65 6.49
N LEU T 499 -0.21 22.96 5.33
CA LEU T 499 -0.83 23.92 4.41
C LEU T 499 -2.05 23.27 3.77
N LYS T 500 -1.97 21.96 3.51
CA LYS T 500 -3.07 21.19 2.95
C LYS T 500 -4.29 21.27 3.86
N SER T 501 -4.02 21.29 5.17
CA SER T 501 -5.06 21.47 6.18
C SER T 501 -5.71 22.85 6.10
N ALA T 502 -4.95 23.89 6.42
CA ALA T 502 -5.45 25.26 6.47
C ALA T 502 -6.26 25.65 5.23
N THR T 503 -5.84 25.16 4.07
CA THR T 503 -6.55 25.42 2.82
C THR T 503 -7.90 24.71 2.77
N GLU T 504 -7.87 23.37 2.83
CA GLU T 504 -9.08 22.56 2.75
C GLU T 504 -10.02 22.93 3.88
N SER T 505 -9.45 23.43 4.97
CA SER T 505 -10.21 23.95 6.10
C SER T 505 -10.94 25.24 5.74
N PHE T 506 -10.23 26.20 5.16
CA PHE T 506 -10.81 27.50 4.78
C PHE T 506 -11.72 27.45 3.57
N VAL T 507 -11.32 26.68 2.55
CA VAL T 507 -12.15 26.47 1.37
C VAL T 507 -13.51 25.89 1.77
N ALA T 508 -13.49 25.04 2.81
CA ALA T 508 -14.69 24.46 3.40
C ALA T 508 -15.62 25.50 4.03
N THR T 509 -15.03 26.56 4.59
CA THR T 509 -15.80 27.67 5.16
C THR T 509 -15.68 28.92 4.29
N PHE T 510 -16.40 28.93 3.17
CA PHE T 510 -16.31 30.02 2.20
C PHE T 510 -17.59 30.11 1.35
N ASN U 26 63.35 63.86 -60.74
CA ASN U 26 62.65 62.86 -61.60
C ASN U 26 61.73 61.97 -60.77
N LEU U 27 60.44 62.07 -61.07
CA LEU U 27 59.40 61.29 -60.38
C LEU U 27 58.57 60.49 -61.39
N ASN U 28 59.01 60.52 -62.65
CA ASN U 28 58.34 59.83 -63.76
C ASN U 28 58.12 58.35 -63.53
N GLU U 29 59.18 57.66 -63.11
CA GLU U 29 59.15 56.21 -62.97
C GLU U 29 59.09 55.77 -61.50
N THR U 30 59.46 56.67 -60.60
CA THR U 30 59.39 56.39 -59.16
C THR U 30 58.14 56.96 -58.49
N GLY U 31 58.09 56.82 -57.17
CA GLY U 31 57.00 57.38 -56.35
C GLY U 31 57.20 57.15 -54.86
N ARG U 32 57.02 58.22 -54.09
CA ARG U 32 57.00 58.10 -52.64
C ARG U 32 55.55 57.88 -52.16
N VAL U 33 55.37 57.01 -51.17
CA VAL U 33 54.06 56.77 -50.58
C VAL U 33 53.67 57.95 -49.67
N LEU U 34 52.58 58.64 -50.03
CA LEU U 34 52.05 59.74 -49.22
C LEU U 34 51.28 59.24 -48.01
N ALA U 35 50.41 58.25 -48.23
CA ALA U 35 49.59 57.65 -47.17
C ALA U 35 49.13 56.24 -47.54
N VAL U 36 49.02 55.36 -46.54
CA VAL U 36 48.57 53.99 -46.78
C VAL U 36 47.65 53.50 -45.66
N GLY U 37 46.66 52.68 -46.00
CA GLY U 37 45.70 52.16 -45.03
C GLY U 37 44.56 51.38 -45.66
N ASP U 38 44.14 50.32 -44.95
CA ASP U 38 43.05 49.42 -45.39
C ASP U 38 43.24 48.91 -46.83
N GLY U 39 44.46 48.53 -47.18
CA GLY U 39 44.79 48.08 -48.52
C GLY U 39 44.64 49.17 -49.56
N ILE U 40 44.72 50.42 -49.15
CA ILE U 40 44.74 51.54 -50.08
C ILE U 40 46.01 52.35 -49.85
N ALA U 41 46.63 52.79 -50.95
CA ALA U 41 47.83 53.60 -50.90
C ALA U 41 47.79 54.78 -51.89
N ARG U 42 48.03 55.97 -51.35
CA ARG U 42 48.12 57.21 -52.12
C ARG U 42 49.59 57.53 -52.40
N VAL U 43 50.00 57.49 -53.66
CA VAL U 43 51.42 57.60 -54.02
C VAL U 43 51.73 58.90 -54.78
N PHE U 44 52.79 59.59 -54.36
CA PHE U 44 53.22 60.86 -54.96
C PHE U 44 54.28 60.68 -56.04
N GLY U 45 54.02 61.25 -57.21
CA GLY U 45 54.90 61.09 -58.36
C GLY U 45 54.28 60.19 -59.40
N LEU U 46 55.02 59.19 -59.85
CA LEU U 46 54.61 58.26 -60.90
C LEU U 46 54.08 58.98 -62.16
N ASN U 47 54.61 60.17 -62.43
CA ASN U 47 54.12 61.02 -63.52
C ASN U 47 53.65 60.28 -64.78
N ASN U 48 54.54 59.50 -65.37
CA ASN U 48 54.28 58.84 -66.66
C ASN U 48 53.45 57.56 -66.59
N ILE U 49 53.04 57.17 -65.38
CA ILE U 49 52.27 55.93 -65.17
C ILE U 49 50.99 55.88 -66.02
N GLN U 50 50.53 54.68 -66.32
CA GLN U 50 49.27 54.48 -67.05
C GLN U 50 48.12 54.17 -66.09
N ALA U 51 46.90 54.50 -66.52
CA ALA U 51 45.70 54.17 -65.79
C ALA U 51 45.42 52.67 -65.89
N GLU U 52 45.41 52.01 -64.73
CA GLU U 52 45.25 50.53 -64.60
C GLU U 52 46.57 49.75 -64.72
N GLU U 53 47.69 50.49 -64.68
CA GLU U 53 49.03 49.90 -64.70
C GLU U 53 49.33 49.25 -63.35
N LEU U 54 49.99 48.09 -63.39
CA LEU U 54 50.44 47.41 -62.20
C LEU U 54 51.63 48.18 -61.63
N VAL U 55 51.85 48.10 -60.31
CA VAL U 55 53.01 48.74 -59.66
C VAL U 55 53.67 47.86 -58.59
N GLU U 56 54.95 48.10 -58.34
CA GLU U 56 55.69 47.39 -57.30
C GLU U 56 56.11 48.31 -56.18
N PHE U 57 56.00 47.81 -54.95
CA PHE U 57 56.48 48.55 -53.78
C PHE U 57 57.89 48.07 -53.43
N SER U 58 58.64 48.88 -52.68
CA SER U 58 60.02 48.55 -52.28
C SER U 58 60.07 47.38 -51.28
N SER U 59 58.95 47.18 -50.58
CA SER U 59 58.75 46.01 -49.74
C SER U 59 58.37 44.77 -50.55
N GLY U 60 58.27 44.94 -51.87
CA GLY U 60 57.95 43.84 -52.76
C GLY U 60 56.56 43.89 -53.37
N VAL U 61 55.55 44.07 -52.53
CA VAL U 61 54.14 43.84 -52.93
C VAL U 61 53.69 44.61 -54.18
N LYS U 62 52.70 44.08 -54.88
CA LYS U 62 52.16 44.68 -56.10
C LYS U 62 50.91 45.53 -55.84
N GLY U 63 50.58 46.38 -56.81
CA GLY U 63 49.41 47.25 -56.75
C GLY U 63 48.84 47.62 -58.11
N MET U 64 47.67 48.27 -58.13
CA MET U 64 47.03 48.71 -59.38
C MET U 64 46.61 50.18 -59.32
N ALA U 65 47.18 50.98 -60.22
CA ALA U 65 46.88 52.41 -60.28
C ALA U 65 45.54 52.65 -60.96
N LEU U 66 44.50 52.79 -60.15
CA LEU U 66 43.12 52.96 -60.65
C LEU U 66 42.72 54.43 -60.76
N ILE U 67 43.38 55.29 -59.98
CA ILE U 67 43.04 56.71 -59.93
C ILE U 67 44.26 57.61 -60.08
N LEU U 68 44.31 58.37 -61.17
CA LEU U 68 45.37 59.34 -61.41
C LEU U 68 44.81 60.77 -61.39
N GLU U 69 45.42 61.63 -60.57
CA GLU U 69 44.95 63.01 -60.36
C GLU U 69 46.13 63.99 -60.44
N PRO U 70 45.88 65.30 -60.17
CA PRO U 70 46.98 66.26 -60.04
C PRO U 70 48.01 65.86 -58.98
N GLY U 71 47.65 65.95 -57.70
CA GLY U 71 48.61 65.73 -56.60
C GLY U 71 49.25 64.35 -56.53
N GLN U 72 48.40 63.32 -56.53
CA GLN U 72 48.81 61.96 -56.18
C GLN U 72 48.22 60.89 -57.10
N VAL U 73 48.65 59.64 -56.88
CA VAL U 73 48.06 58.47 -57.53
C VAL U 73 47.45 57.56 -56.47
N GLY U 74 46.22 57.10 -56.71
CA GLY U 74 45.59 56.10 -55.88
C GLY U 74 45.93 54.73 -56.41
N ILE U 75 46.35 53.84 -55.50
CA ILE U 75 46.70 52.47 -55.85
C ILE U 75 46.04 51.50 -54.86
N VAL U 76 45.39 50.47 -55.40
CA VAL U 76 44.78 49.40 -54.60
C VAL U 76 45.69 48.18 -54.51
N LEU U 77 46.08 47.83 -53.28
CA LEU U 77 47.11 46.82 -53.05
C LEU U 77 46.62 45.41 -53.32
N PHE U 78 47.48 44.62 -53.97
CA PHE U 78 47.19 43.21 -54.18
C PHE U 78 47.52 42.38 -52.94
N GLY U 79 48.33 42.92 -52.03
CA GLY U 79 48.75 42.21 -50.83
C GLY U 79 48.73 43.04 -49.56
N SER U 80 49.22 42.44 -48.47
CA SER U 80 49.17 43.03 -47.11
C SER U 80 49.71 44.46 -46.97
N ASP U 81 48.87 45.35 -46.46
CA ASP U 81 49.25 46.75 -46.29
C ASP U 81 50.23 46.98 -45.14
N ARG U 82 50.35 45.98 -44.25
CA ARG U 82 51.30 46.00 -43.13
C ARG U 82 52.74 46.25 -43.58
N LEU U 83 53.14 45.58 -44.66
CA LEU U 83 54.51 45.65 -45.14
C LEU U 83 54.80 46.87 -46.03
N VAL U 84 53.84 47.79 -46.10
CA VAL U 84 54.06 49.07 -46.78
C VAL U 84 54.07 50.20 -45.75
N LYS U 85 55.12 51.02 -45.78
CA LYS U 85 55.24 52.18 -44.89
C LYS U 85 55.09 53.48 -45.69
N GLU U 86 55.11 54.62 -44.99
CA GLU U 86 55.06 55.93 -45.64
C GLU U 86 56.45 56.33 -46.14
N GLY U 87 56.48 56.97 -47.31
CA GLY U 87 57.74 57.48 -47.89
C GLY U 87 58.65 56.38 -48.40
N GLU U 88 58.07 55.35 -48.99
CA GLU U 88 58.83 54.25 -49.59
C GLU U 88 58.67 54.22 -51.11
N LEU U 89 59.61 53.57 -51.79
CA LEU U 89 59.68 53.55 -53.26
C LEU U 89 58.53 52.78 -53.91
N VAL U 90 57.91 53.40 -54.91
CA VAL U 90 56.88 52.75 -55.71
C VAL U 90 57.29 52.72 -57.17
N LYS U 91 57.64 51.52 -57.62
CA LYS U 91 58.18 51.28 -58.94
C LYS U 91 57.03 51.06 -59.94
N ARG U 92 57.14 51.70 -61.10
CA ARG U 92 56.27 51.39 -62.23
C ARG U 92 56.53 49.99 -62.73
N THR U 93 55.58 49.44 -63.49
CA THR U 93 55.76 48.13 -64.10
C THR U 93 55.85 48.27 -65.61
N GLY U 94 55.11 49.24 -66.15
CA GLY U 94 55.08 49.48 -67.58
C GLY U 94 53.90 48.83 -68.27
N ASN U 95 53.24 47.91 -67.58
CA ASN U 95 52.14 47.13 -68.16
C ASN U 95 50.78 47.29 -67.49
N ILE U 96 49.73 47.29 -68.33
CA ILE U 96 48.37 47.03 -67.88
C ILE U 96 48.37 45.61 -67.29
N VAL U 97 47.41 45.32 -66.41
CA VAL U 97 47.24 43.99 -65.84
C VAL U 97 47.04 42.95 -66.94
N ASP U 98 47.77 41.83 -66.85
CA ASP U 98 47.63 40.74 -67.81
C ASP U 98 47.70 39.36 -67.16
N VAL U 99 47.37 38.33 -67.93
CA VAL U 99 47.41 36.94 -67.45
C VAL U 99 48.02 35.97 -68.47
N PRO U 100 48.82 35.02 -67.98
CA PRO U 100 49.34 33.98 -68.87
C PRO U 100 48.20 33.05 -69.32
N VAL U 101 47.79 33.18 -70.58
CA VAL U 101 46.72 32.36 -71.12
C VAL U 101 47.26 31.29 -72.07
N GLY U 102 46.81 30.06 -71.90
CA GLY U 102 47.26 28.93 -72.72
C GLY U 102 46.61 27.61 -72.39
N PRO U 103 46.78 26.61 -73.28
CA PRO U 103 46.20 25.27 -73.07
C PRO U 103 46.84 24.53 -71.90
N GLY U 104 48.11 24.83 -71.61
CA GLY U 104 48.83 24.19 -70.52
C GLY U 104 48.32 24.51 -69.13
N LEU U 105 47.16 25.16 -69.06
CA LEU U 105 46.52 25.50 -67.79
C LEU U 105 45.55 24.41 -67.30
N LEU U 106 44.94 23.70 -68.25
CA LEU U 106 43.98 22.61 -67.94
C LEU U 106 44.53 21.68 -66.87
N GLY U 107 43.75 21.46 -65.82
CA GLY U 107 44.18 20.63 -64.69
C GLY U 107 44.85 21.39 -63.55
N ARG U 108 45.21 22.64 -63.81
CA ARG U 108 45.87 23.48 -62.81
C ARG U 108 44.92 24.39 -62.06
N VAL U 109 45.32 24.75 -60.84
CA VAL U 109 44.63 25.76 -60.05
C VAL U 109 45.51 27.01 -59.97
N VAL U 110 45.01 28.11 -60.53
CA VAL U 110 45.73 29.37 -60.52
C VAL U 110 44.97 30.40 -59.69
N ASP U 111 45.69 31.38 -59.17
CA ASP U 111 45.06 32.52 -58.51
C ASP U 111 44.59 33.53 -59.57
N ALA U 112 44.11 34.68 -59.12
CA ALA U 112 43.58 35.73 -60.01
C ALA U 112 44.58 36.13 -61.11
N LEU U 113 45.82 36.39 -60.72
CA LEU U 113 46.86 36.83 -61.66
C LEU U 113 47.46 35.67 -62.47
N GLY U 114 47.00 34.46 -62.22
CA GLY U 114 47.46 33.28 -62.96
C GLY U 114 48.53 32.45 -62.26
N ASN U 115 49.17 33.03 -61.23
CA ASN U 115 50.18 32.33 -60.45
C ASN U 115 49.68 30.98 -59.91
N PRO U 116 50.44 29.91 -60.16
CA PRO U 116 50.08 28.57 -59.70
C PRO U 116 50.08 28.47 -58.17
N ILE U 117 49.00 27.89 -57.63
CA ILE U 117 48.84 27.76 -56.18
C ILE U 117 48.60 26.30 -55.72
N ASP U 118 48.86 25.35 -56.61
CA ASP U 118 48.86 23.91 -56.28
C ASP U 118 50.27 23.35 -56.23
N GLY U 119 51.26 24.25 -56.25
CA GLY U 119 52.68 23.92 -56.18
C GLY U 119 53.14 22.86 -57.18
N LYS U 120 53.10 23.20 -58.46
CA LYS U 120 53.49 22.27 -59.55
C LYS U 120 54.21 23.00 -60.68
N GLY U 121 55.38 23.57 -60.36
CA GLY U 121 56.14 24.39 -61.30
C GLY U 121 55.38 25.66 -61.65
N PRO U 122 55.84 26.41 -62.66
CA PRO U 122 54.97 27.48 -63.16
C PRO U 122 54.02 26.89 -64.22
N ILE U 123 53.17 27.71 -64.82
CA ILE U 123 52.26 27.20 -65.85
C ILE U 123 52.89 27.27 -67.24
N ASP U 124 52.78 26.19 -68.01
CA ASP U 124 53.15 26.18 -69.42
C ASP U 124 52.14 27.02 -70.22
N ALA U 125 52.55 28.25 -70.55
CA ALA U 125 51.66 29.27 -71.09
C ALA U 125 51.88 29.55 -72.59
N ALA U 126 50.79 29.62 -73.34
CA ALA U 126 50.86 29.97 -74.76
C ALA U 126 51.24 31.45 -75.00
N GLY U 127 50.83 32.33 -74.08
CA GLY U 127 51.05 33.78 -74.22
C GLY U 127 50.28 34.57 -73.17
N ARG U 128 50.35 35.90 -73.27
CA ARG U 128 49.83 36.77 -72.20
C ARG U 128 48.76 37.78 -72.64
N SER U 129 47.50 37.34 -72.60
CA SER U 129 46.34 38.23 -72.73
C SER U 129 46.29 39.27 -71.62
N ARG U 130 45.79 40.46 -71.96
CA ARG U 130 45.46 41.47 -70.97
C ARG U 130 44.12 41.12 -70.30
N ALA U 131 43.85 41.74 -69.15
CA ALA U 131 42.63 41.45 -68.38
C ALA U 131 41.42 42.10 -69.01
N GLN U 132 41.52 43.40 -69.30
CA GLN U 132 40.41 44.16 -69.86
C GLN U 132 40.34 44.07 -71.38
N VAL U 133 39.81 42.94 -71.86
CA VAL U 133 39.60 42.67 -73.26
C VAL U 133 38.26 43.24 -73.70
N LYS U 134 38.20 43.78 -74.91
CA LYS U 134 36.94 44.21 -75.50
C LYS U 134 36.16 42.99 -75.99
N ALA U 135 34.83 43.11 -75.95
CA ALA U 135 33.96 42.02 -76.34
C ALA U 135 33.93 41.91 -77.86
N PRO U 136 33.81 40.67 -78.37
CA PRO U 136 33.50 40.43 -79.78
C PRO U 136 32.43 41.40 -80.27
N GLY U 137 32.78 42.21 -81.26
CA GLY U 137 31.86 43.22 -81.79
C GLY U 137 30.61 42.65 -82.44
N ILE U 138 29.82 43.54 -83.05
CA ILE U 138 28.60 43.15 -83.74
C ILE U 138 28.95 42.30 -84.97
N LEU U 139 30.17 42.47 -85.46
CA LEU U 139 30.60 41.82 -86.70
C LEU U 139 31.10 40.36 -86.59
N PRO U 140 32.16 40.12 -85.77
CA PRO U 140 32.71 38.75 -85.72
C PRO U 140 31.88 37.74 -84.90
N ARG U 141 30.61 37.54 -85.26
CA ARG U 141 29.73 36.67 -84.48
C ARG U 141 28.81 35.76 -85.30
N ARG U 142 28.35 34.68 -84.68
CA ARG U 142 27.34 33.78 -85.25
C ARG U 142 26.22 33.51 -84.25
N SER U 143 25.05 33.17 -84.78
CA SER U 143 23.89 32.79 -83.97
C SER U 143 24.16 31.52 -83.17
N VAL U 144 23.62 31.49 -81.95
CA VAL U 144 23.85 30.39 -81.04
C VAL U 144 22.91 29.23 -81.37
N HIS U 145 23.46 28.20 -82.00
CA HIS U 145 22.70 27.04 -82.49
C HIS U 145 23.24 25.70 -81.96
N GLU U 146 24.46 25.71 -81.46
CA GLU U 146 25.10 24.50 -80.92
C GLU U 146 24.66 24.29 -79.47
N PRO U 147 24.04 23.13 -79.20
CA PRO U 147 23.53 22.76 -77.86
C PRO U 147 24.59 22.28 -76.85
N VAL U 148 24.71 23.02 -75.74
CA VAL U 148 25.53 22.64 -74.58
C VAL U 148 24.68 21.81 -73.61
N GLN U 149 24.81 20.49 -73.73
CA GLN U 149 24.06 19.54 -72.91
C GLN U 149 24.55 19.57 -71.46
N THR U 150 23.63 19.89 -70.55
CA THR U 150 23.95 19.94 -69.12
C THR U 150 23.80 18.55 -68.46
N GLY U 151 23.12 17.63 -69.14
CA GLY U 151 22.91 16.29 -68.62
C GLY U 151 21.84 16.23 -67.53
N LEU U 152 21.35 17.41 -67.13
CA LEU U 152 20.25 17.54 -66.20
C LEU U 152 18.96 17.64 -67.00
N LYS U 153 18.19 16.56 -67.05
CA LYS U 153 16.93 16.49 -67.82
C LYS U 153 16.01 17.69 -67.60
N ALA U 154 16.08 18.26 -66.39
CA ALA U 154 15.30 19.44 -66.02
C ALA U 154 15.73 20.68 -66.83
N VAL U 155 17.03 21.00 -66.80
CA VAL U 155 17.57 22.17 -67.49
C VAL U 155 17.46 22.04 -69.01
N ASP U 156 17.93 20.92 -69.55
CA ASP U 156 18.02 20.70 -71.01
C ASP U 156 16.65 20.71 -71.71
N ALA U 157 15.63 20.16 -71.05
CA ALA U 157 14.28 20.22 -71.58
C ALA U 157 13.70 21.63 -71.44
N LEU U 158 13.86 22.24 -70.28
CA LEU U 158 13.21 23.51 -69.96
C LEU U 158 13.99 24.76 -70.35
N VAL U 159 15.25 24.85 -69.94
CA VAL U 159 16.10 26.00 -70.29
C VAL U 159 17.33 25.61 -71.11
N PRO U 160 17.12 25.30 -72.41
CA PRO U 160 18.22 24.82 -73.25
C PRO U 160 19.32 25.86 -73.46
N ILE U 161 20.56 25.46 -73.14
CA ILE U 161 21.73 26.34 -73.21
C ILE U 161 22.49 26.10 -74.52
N GLY U 162 23.05 27.17 -75.08
CA GLY U 162 23.83 27.09 -76.32
C GLY U 162 25.31 27.43 -76.18
N ARG U 163 26.08 27.16 -77.24
CA ARG U 163 27.51 27.45 -77.25
C ARG U 163 27.74 28.93 -77.54
N GLY U 164 28.02 29.70 -76.49
CA GLY U 164 28.23 31.13 -76.63
C GLY U 164 27.17 31.93 -75.90
N GLN U 165 26.18 31.24 -75.37
CA GLN U 165 25.09 31.85 -74.59
C GLN U 165 25.55 32.21 -73.17
N ARG U 166 24.94 33.24 -72.60
CA ARG U 166 25.14 33.56 -71.19
C ARG U 166 23.94 33.07 -70.39
N GLU U 167 24.20 32.33 -69.33
CA GLU U 167 23.12 31.79 -68.53
C GLU U 167 23.30 32.08 -67.04
N LEU U 168 22.40 32.91 -66.51
CA LEU U 168 22.42 33.22 -65.08
C LEU U 168 21.85 32.08 -64.25
N ILE U 169 22.59 31.71 -63.22
CA ILE U 169 22.08 30.83 -62.17
C ILE U 169 21.81 31.71 -60.94
N ILE U 170 20.58 31.66 -60.42
CA ILE U 170 20.17 32.61 -59.40
C ILE U 170 19.23 31.96 -58.37
N GLY U 171 19.46 32.30 -57.10
CA GLY U 171 18.67 31.78 -55.98
C GLY U 171 19.22 32.24 -54.64
N ASP U 172 18.66 31.71 -53.55
CA ASP U 172 19.19 31.96 -52.21
C ASP U 172 20.39 31.03 -51.92
N ARG U 173 21.01 31.21 -50.76
CA ARG U 173 22.11 30.33 -50.32
C ARG U 173 21.63 28.89 -50.17
N GLN U 174 22.57 27.94 -50.28
CA GLN U 174 22.29 26.51 -50.24
C GLN U 174 21.00 26.08 -50.94
N THR U 175 20.86 26.51 -52.19
CA THR U 175 19.69 26.14 -53.00
C THR U 175 20.09 25.38 -54.26
N GLY U 176 21.33 24.91 -54.30
CA GLY U 176 21.80 24.05 -55.40
C GLY U 176 22.31 24.79 -56.63
N LYS U 177 22.82 26.00 -56.41
CA LYS U 177 23.33 26.85 -57.51
C LYS U 177 24.60 26.26 -58.11
N THR U 178 25.66 26.18 -57.30
CA THR U 178 26.93 25.58 -57.71
C THR U 178 26.70 24.20 -58.32
N ALA U 179 25.88 23.40 -57.64
CA ALA U 179 25.49 22.06 -58.07
C ALA U 179 25.19 21.99 -59.56
N VAL U 180 24.35 22.92 -60.03
CA VAL U 180 23.91 22.97 -61.43
C VAL U 180 25.08 23.22 -62.38
N ALA U 181 26.01 24.07 -61.98
CA ALA U 181 27.21 24.32 -62.79
C ALA U 181 28.12 23.10 -62.82
N LEU U 182 28.16 22.37 -61.71
CA LEU U 182 29.09 21.24 -61.54
C LEU U 182 28.72 20.03 -62.40
N ASP U 183 27.45 19.67 -62.40
CA ASP U 183 26.96 18.53 -63.18
C ASP U 183 26.98 18.84 -64.67
N THR U 184 27.10 20.12 -65.04
CA THR U 184 27.30 20.51 -66.43
C THR U 184 28.78 20.39 -66.80
N ILE U 185 29.67 20.75 -65.87
CA ILE U 185 31.10 20.52 -66.09
C ILE U 185 31.33 19.01 -66.21
N LEU U 186 30.72 18.25 -65.30
CA LEU U 186 30.87 16.80 -65.23
C LEU U 186 30.40 16.08 -66.49
N ASN U 187 29.15 16.34 -66.89
CA ASN U 187 28.56 15.70 -68.06
C ASN U 187 29.42 15.78 -69.32
N GLN U 188 30.37 16.71 -69.34
CA GLN U 188 31.20 16.95 -70.53
C GLN U 188 32.22 15.83 -70.78
N LYS U 189 32.42 14.93 -69.81
CA LYS U 189 33.30 13.76 -69.98
C LYS U 189 32.80 12.82 -71.09
N ARG U 190 31.64 13.13 -71.66
CA ARG U 190 31.05 12.36 -72.74
C ARG U 190 31.68 12.73 -74.08
N TRP U 191 32.24 13.93 -74.17
CA TRP U 191 32.82 14.41 -75.42
C TRP U 191 34.28 14.83 -75.27
N ASN U 192 34.67 15.16 -74.05
CA ASN U 192 36.05 15.54 -73.76
C ASN U 192 37.01 14.35 -73.85
N ASN U 193 36.48 13.15 -73.75
CA ASN U 193 37.27 11.92 -73.90
C ASN U 193 37.66 11.62 -75.36
N GLY U 194 36.67 11.51 -76.24
CA GLY U 194 36.89 11.26 -77.67
C GLY U 194 37.80 12.30 -78.30
N SER U 195 38.54 11.88 -79.33
CA SER U 195 39.53 12.76 -79.97
C SER U 195 38.92 13.69 -81.04
N ASP U 196 37.59 13.76 -81.05
CA ASP U 196 36.86 14.76 -81.85
C ASP U 196 36.91 16.10 -81.13
N GLU U 197 37.57 17.08 -81.74
CA GLU U 197 37.87 18.36 -81.09
C GLU U 197 36.70 19.34 -81.06
N SER U 198 35.87 19.29 -82.10
CA SER U 198 34.72 20.21 -82.21
C SER U 198 33.70 20.00 -81.10
N LYS U 199 33.40 18.74 -80.80
CA LYS U 199 32.41 18.38 -79.78
C LYS U 199 32.90 18.58 -78.34
N LYS U 200 34.22 18.71 -78.17
CA LYS U 200 34.83 18.88 -76.85
C LYS U 200 34.71 20.32 -76.32
N LEU U 201 34.17 20.45 -75.11
CA LEU U 201 34.06 21.76 -74.43
C LEU U 201 34.89 21.81 -73.15
N TYR U 202 35.81 22.77 -73.09
CA TYR U 202 36.71 22.93 -71.96
C TYR U 202 36.11 23.90 -70.93
N CYS U 203 36.29 23.60 -69.65
CA CYS U 203 35.65 24.37 -68.58
C CYS U 203 36.64 25.19 -67.74
N VAL U 204 36.21 26.39 -67.38
CA VAL U 204 36.96 27.29 -66.51
C VAL U 204 36.07 27.72 -65.35
N TYR U 205 36.44 27.29 -64.14
CA TYR U 205 35.68 27.64 -62.95
C TYR U 205 36.37 28.79 -62.22
N VAL U 206 35.61 29.83 -61.92
CA VAL U 206 36.12 31.03 -61.28
C VAL U 206 35.51 31.20 -59.89
N ALA U 207 36.26 30.77 -58.86
CA ALA U 207 35.82 30.86 -57.48
C ALA U 207 36.18 32.22 -56.89
N VAL U 208 35.16 33.06 -56.67
CA VAL U 208 35.36 34.41 -56.17
C VAL U 208 34.79 34.58 -54.76
N GLY U 209 35.66 34.90 -53.81
CA GLY U 209 35.25 35.14 -52.43
C GLY U 209 34.79 33.92 -51.65
N GLN U 210 34.87 32.74 -52.27
CA GLN U 210 34.63 31.45 -51.60
C GLN U 210 35.79 31.20 -50.63
N LYS U 211 35.63 30.25 -49.73
CA LYS U 211 36.76 29.88 -48.86
C LYS U 211 37.67 28.87 -49.54
N ARG U 212 38.93 28.82 -49.10
CA ARG U 212 39.94 27.91 -49.64
C ARG U 212 39.60 26.43 -49.45
N SER U 213 39.06 26.09 -48.27
CA SER U 213 38.64 24.72 -47.98
C SER U 213 37.57 24.19 -48.95
N THR U 214 36.69 25.06 -49.40
CA THR U 214 35.63 24.70 -50.33
C THR U 214 36.16 24.49 -51.75
N VAL U 215 36.96 25.44 -52.24
CA VAL U 215 37.60 25.30 -53.55
C VAL U 215 38.45 24.04 -53.54
N ALA U 216 39.19 23.84 -52.45
CA ALA U 216 39.96 22.62 -52.25
C ALA U 216 39.07 21.39 -52.28
N GLN U 217 37.95 21.45 -51.57
CA GLN U 217 36.99 20.36 -51.52
C GLN U 217 36.45 20.02 -52.92
N LEU U 218 36.41 21.01 -53.82
CA LEU U 218 35.79 20.85 -55.14
C LEU U 218 36.72 20.34 -56.25
N VAL U 219 38.01 20.69 -56.17
CA VAL U 219 39.00 20.20 -57.14
C VAL U 219 39.17 18.68 -56.99
N GLN U 220 39.27 18.25 -55.73
CA GLN U 220 39.32 16.84 -55.37
C GLN U 220 38.07 16.10 -55.88
N THR U 221 36.91 16.75 -55.72
CA THR U 221 35.64 16.24 -56.21
C THR U 221 35.59 16.19 -57.74
N LEU U 222 36.10 17.23 -58.39
CA LEU U 222 36.21 17.25 -59.85
C LEU U 222 37.28 16.27 -60.35
N GLU U 223 38.27 15.96 -59.51
CA GLU U 223 39.27 14.95 -59.85
C GLU U 223 38.69 13.54 -59.92
N GLN U 224 37.99 13.14 -58.86
CA GLN U 224 37.45 11.78 -58.73
C GLN U 224 36.48 11.33 -59.84
N HIS U 225 36.01 12.29 -60.64
CA HIS U 225 35.15 11.99 -61.78
C HIS U 225 35.92 12.15 -63.10
N ASP U 226 37.23 12.33 -62.98
CA ASP U 226 38.12 12.63 -64.11
C ASP U 226 37.63 13.81 -64.94
N ALA U 227 37.44 14.94 -64.27
CA ALA U 227 36.96 16.16 -64.93
C ALA U 227 38.03 17.25 -64.89
N MET U 228 38.82 17.25 -63.82
CA MET U 228 39.92 18.19 -63.62
C MET U 228 40.83 18.35 -64.85
N LYS U 229 41.04 17.25 -65.58
CA LYS U 229 41.91 17.24 -66.77
C LYS U 229 41.50 18.24 -67.87
N TYR U 230 40.23 18.64 -67.88
CA TYR U 230 39.75 19.69 -68.78
C TYR U 230 39.22 20.91 -68.02
N SER U 231 39.61 21.03 -66.75
CA SER U 231 39.19 22.14 -65.89
C SER U 231 40.32 23.13 -65.63
N ILE U 232 39.96 24.40 -65.49
CA ILE U 232 40.89 25.43 -65.02
C ILE U 232 40.20 26.16 -63.86
N ILE U 233 40.88 26.25 -62.73
CA ILE U 233 40.31 26.92 -61.55
C ILE U 233 40.99 28.27 -61.31
N VAL U 234 40.17 29.31 -61.15
CA VAL U 234 40.67 30.64 -60.81
C VAL U 234 40.20 31.05 -59.42
N ALA U 235 41.15 31.25 -58.52
CA ALA U 235 40.86 31.50 -57.11
C ALA U 235 41.24 32.91 -56.64
N ALA U 236 40.25 33.60 -56.11
CA ALA U 236 40.48 34.79 -55.33
C ALA U 236 39.64 34.58 -54.09
N THR U 237 40.22 33.95 -53.08
CA THR U 237 39.42 33.42 -51.96
C THR U 237 38.95 34.50 -50.98
N ALA U 238 38.34 34.06 -49.88
CA ALA U 238 37.81 34.94 -48.85
C ALA U 238 38.82 35.94 -48.30
N SER U 239 40.04 35.48 -48.03
CA SER U 239 41.07 36.32 -47.42
C SER U 239 41.74 37.27 -48.41
N GLU U 240 41.87 36.82 -49.66
CA GLU U 240 42.61 37.58 -50.70
C GLU U 240 42.14 39.03 -50.84
N ALA U 241 43.07 39.92 -51.20
CA ALA U 241 42.81 41.35 -51.26
C ALA U 241 41.62 41.70 -52.15
N ALA U 242 40.77 42.58 -51.63
CA ALA U 242 39.53 43.02 -52.30
C ALA U 242 39.67 43.24 -53.82
N PRO U 243 40.77 43.91 -54.25
CA PRO U 243 41.02 44.13 -55.69
C PRO U 243 41.29 42.87 -56.52
N LEU U 244 41.75 41.80 -55.88
CA LEU U 244 42.02 40.55 -56.60
C LEU U 244 40.73 39.83 -57.02
N GLN U 245 39.73 39.84 -56.15
CA GLN U 245 38.43 39.24 -56.43
C GLN U 245 37.65 40.00 -57.50
N TYR U 246 37.82 41.32 -57.54
CA TYR U 246 37.28 42.16 -58.61
C TYR U 246 37.80 41.72 -59.99
N LEU U 247 39.08 41.34 -60.01
CA LEU U 247 39.81 41.05 -61.25
C LEU U 247 39.66 39.60 -61.69
N ALA U 248 39.65 38.69 -60.71
CA ALA U 248 39.57 37.24 -60.96
C ALA U 248 38.58 36.81 -62.04
N PRO U 249 37.35 37.34 -62.04
CA PRO U 249 36.44 36.95 -63.11
C PRO U 249 36.90 37.40 -64.49
N PHE U 250 37.60 38.54 -64.55
CA PHE U 250 38.03 39.13 -65.82
C PHE U 250 39.19 38.38 -66.45
N THR U 251 40.12 37.92 -65.60
CA THR U 251 41.30 37.23 -66.07
C THR U 251 40.95 35.81 -66.50
N ALA U 252 40.08 35.16 -65.72
CA ALA U 252 39.52 33.86 -66.10
C ALA U 252 38.82 33.91 -67.45
N ALA U 253 38.18 35.04 -67.74
CA ALA U 253 37.53 35.23 -69.04
C ALA U 253 38.56 35.21 -70.16
N SER U 254 39.72 35.82 -69.93
CA SER U 254 40.82 35.81 -70.91
C SER U 254 41.33 34.38 -71.13
N ILE U 255 41.40 33.61 -70.04
CA ILE U 255 41.84 32.22 -70.09
C ILE U 255 40.88 31.40 -70.97
N GLY U 256 39.58 31.50 -70.69
CA GLY U 256 38.57 30.86 -71.51
C GLY U 256 38.46 31.43 -72.91
N GLU U 257 38.82 32.71 -73.05
CA GLU U 257 38.81 33.40 -74.34
C GLU U 257 39.80 32.79 -75.32
N TRP U 258 40.95 32.35 -74.79
CA TRP U 258 41.95 31.70 -75.61
C TRP U 258 41.35 30.56 -76.46
N PHE U 259 40.51 29.73 -75.84
CA PHE U 259 39.83 28.64 -76.54
C PHE U 259 38.92 29.16 -77.65
N ARG U 260 38.06 30.12 -77.31
CA ARG U 260 37.21 30.81 -78.27
C ARG U 260 38.04 31.44 -79.40
N ASP U 261 39.16 32.05 -79.04
CA ASP U 261 40.06 32.67 -80.02
C ASP U 261 40.72 31.66 -80.94
N ASN U 262 40.77 30.39 -80.52
CA ASN U 262 41.53 29.37 -81.24
C ASN U 262 40.74 28.17 -81.74
N GLY U 263 39.56 28.44 -82.29
CA GLY U 263 38.71 27.41 -82.91
C GLY U 263 37.89 26.52 -81.99
N LYS U 264 38.22 26.50 -80.70
CA LYS U 264 37.64 25.56 -79.71
C LYS U 264 36.43 26.09 -78.92
N HIS U 265 35.86 25.26 -78.06
CA HIS U 265 34.73 25.65 -77.21
C HIS U 265 35.03 25.60 -75.71
N ALA U 266 34.70 26.68 -75.01
CA ALA U 266 34.92 26.80 -73.56
C ALA U 266 33.69 27.29 -72.78
N LEU U 267 33.40 26.61 -71.67
CA LEU U 267 32.39 27.04 -70.70
C LEU U 267 33.10 27.75 -69.56
N ILE U 268 32.50 28.84 -69.06
CA ILE U 268 33.03 29.54 -67.88
C ILE U 268 31.97 29.73 -66.78
N VAL U 269 32.35 29.41 -65.54
CA VAL U 269 31.45 29.59 -64.40
C VAL U 269 32.02 30.64 -63.46
N TYR U 270 31.19 31.62 -63.14
CA TYR U 270 31.54 32.66 -62.17
C TYR U 270 30.76 32.42 -60.88
N ASP U 271 31.47 31.95 -59.86
CA ASP U 271 30.84 31.58 -58.59
C ASP U 271 31.45 32.35 -57.40
N ASP U 272 30.91 33.52 -57.07
CA ASP U 272 29.76 34.12 -57.75
C ASP U 272 29.96 35.63 -57.96
N LEU U 273 29.23 36.18 -58.92
CA LEU U 273 29.36 37.59 -59.25
C LEU U 273 28.87 38.51 -58.14
N SER U 274 27.98 37.99 -57.29
CA SER U 274 27.51 38.75 -56.13
C SER U 274 28.70 39.12 -55.25
N LYS U 275 29.50 38.13 -54.89
CA LYS U 275 30.72 38.35 -54.10
C LYS U 275 31.72 39.27 -54.81
N GLN U 276 31.85 39.13 -56.13
CA GLN U 276 32.70 40.03 -56.90
C GLN U 276 32.23 41.49 -56.76
N ALA U 277 30.91 41.69 -56.85
CA ALA U 277 30.30 43.01 -56.80
C ALA U 277 30.57 43.74 -55.49
N VAL U 278 30.61 42.99 -54.38
CA VAL U 278 30.93 43.56 -53.08
C VAL U 278 32.42 43.84 -52.97
N ALA U 279 33.21 43.00 -53.63
CA ALA U 279 34.65 43.21 -53.65
C ALA U 279 34.97 44.52 -54.35
N TYR U 280 34.31 44.74 -55.49
CA TYR U 280 34.48 45.97 -56.27
C TYR U 280 34.11 47.18 -55.42
N ARG U 281 33.00 47.07 -54.70
CA ARG U 281 32.53 48.12 -53.80
C ARG U 281 33.58 48.58 -52.80
N GLN U 282 34.25 47.61 -52.15
CA GLN U 282 35.24 47.89 -51.11
C GLN U 282 36.36 48.83 -51.58
N LEU U 283 36.97 48.51 -52.72
CA LEU U 283 37.88 49.41 -53.42
C LEU U 283 37.29 50.81 -53.49
N SER U 284 36.15 50.91 -54.20
CA SER U 284 35.51 52.17 -54.54
C SER U 284 35.12 52.99 -53.31
N LEU U 285 34.71 52.30 -52.26
CA LEU U 285 34.32 52.99 -51.05
C LEU U 285 35.54 53.56 -50.35
N LEU U 286 36.63 52.79 -50.35
CA LEU U 286 37.89 53.19 -49.70
C LEU U 286 38.73 54.16 -50.54
N LEU U 287 38.62 54.04 -51.86
CA LEU U 287 39.16 55.03 -52.79
C LEU U 287 38.33 56.32 -52.73
N ARG U 288 37.20 56.24 -52.02
CA ARG U 288 36.26 57.34 -51.84
C ARG U 288 35.56 57.78 -53.14
N ARG U 289 35.41 56.83 -54.07
CA ARG U 289 34.51 57.01 -55.20
C ARG U 289 33.08 57.17 -54.67
N PRO U 290 32.32 58.16 -55.20
CA PRO U 290 31.03 58.49 -54.60
C PRO U 290 30.02 57.36 -54.81
N PRO U 291 29.35 56.92 -53.73
CA PRO U 291 28.51 55.73 -53.78
C PRO U 291 27.24 55.92 -54.61
N GLY U 292 26.72 54.81 -55.15
CA GLY U 292 25.43 54.79 -55.86
C GLY U 292 24.40 54.03 -55.05
N ARG U 293 23.45 53.38 -55.72
CA ARG U 293 22.43 52.57 -55.02
C ARG U 293 23.08 51.47 -54.17
N GLU U 294 22.66 51.38 -52.92
CA GLU U 294 23.19 50.43 -51.93
C GLU U 294 24.69 50.56 -51.72
N ALA U 295 25.17 51.80 -51.76
CA ALA U 295 26.60 52.11 -51.61
C ALA U 295 27.52 51.47 -52.66
N TYR U 296 26.92 50.89 -53.70
CA TYR U 296 27.70 50.34 -54.81
C TYR U 296 28.18 51.44 -55.75
N PRO U 297 29.28 51.19 -56.50
CA PRO U 297 29.77 52.11 -57.53
C PRO U 297 28.68 52.47 -58.54
N GLY U 298 28.87 53.57 -59.27
CA GLY U 298 27.90 53.97 -60.29
C GLY U 298 27.85 53.05 -61.50
N ASP U 299 28.94 52.33 -61.73
CA ASP U 299 29.11 51.53 -62.94
C ASP U 299 29.16 50.03 -62.67
N VAL U 300 28.44 49.59 -61.63
CA VAL U 300 28.43 48.17 -61.24
C VAL U 300 27.77 47.29 -62.33
N PHE U 301 26.84 47.89 -63.09
CA PHE U 301 26.24 47.23 -64.25
C PHE U 301 27.26 47.07 -65.36
N TYR U 302 27.96 48.16 -65.67
CA TYR U 302 29.02 48.14 -66.68
C TYR U 302 30.22 47.27 -66.25
N LEU U 303 30.31 46.95 -64.96
CA LEU U 303 31.32 46.01 -64.47
C LEU U 303 30.99 44.61 -64.95
N HIS U 304 29.75 44.20 -64.73
CA HIS U 304 29.32 42.86 -65.10
C HIS U 304 28.96 42.74 -66.58
N SER U 305 28.61 43.86 -67.22
CA SER U 305 28.29 43.87 -68.64
C SER U 305 29.53 43.69 -69.52
N ARG U 306 30.58 44.47 -69.25
CA ARG U 306 31.82 44.35 -70.00
C ARG U 306 32.41 42.96 -69.83
N LEU U 307 32.03 42.29 -68.73
CA LEU U 307 32.50 40.93 -68.49
C LEU U 307 31.76 39.90 -69.33
N LEU U 308 30.43 39.91 -69.26
CA LEU U 308 29.61 38.82 -69.78
C LEU U 308 29.34 38.89 -71.28
N GLU U 309 29.64 40.02 -71.89
CA GLU U 309 29.46 40.19 -73.33
C GLU U 309 30.50 39.39 -74.12
N ARG U 310 31.70 39.27 -73.53
CA ARG U 310 32.83 38.54 -74.12
C ARG U 310 32.46 37.09 -74.51
N ALA U 311 31.69 36.43 -73.65
CA ALA U 311 31.06 35.15 -73.97
C ALA U 311 30.23 35.29 -75.24
N ALA U 312 30.65 34.63 -76.31
CA ALA U 312 29.99 34.78 -77.60
C ALA U 312 30.08 33.51 -78.42
N LYS U 313 29.52 33.55 -79.63
CA LYS U 313 29.80 32.52 -80.62
C LYS U 313 30.38 33.18 -81.87
N LEU U 314 31.70 33.11 -82.01
CA LEU U 314 32.41 33.74 -83.12
C LEU U 314 32.02 33.09 -84.47
N SER U 315 32.14 33.88 -85.53
CA SER U 315 31.72 33.48 -86.88
C SER U 315 32.72 32.54 -87.54
N GLU U 316 32.32 31.96 -88.68
CA GLU U 316 33.19 31.08 -89.47
C GLU U 316 34.54 31.75 -89.68
N LYS U 317 34.51 32.94 -90.31
CA LYS U 317 35.72 33.75 -90.58
C LYS U 317 36.64 33.89 -89.37
N GLU U 318 36.06 33.78 -88.17
CA GLU U 318 36.83 33.98 -86.95
C GLU U 318 37.04 32.67 -86.17
N GLY U 319 36.92 31.54 -86.88
CA GLY U 319 37.29 30.24 -86.33
C GLY U 319 36.21 29.46 -85.59
N SER U 320 34.99 30.01 -85.54
CA SER U 320 33.85 29.37 -84.87
C SER U 320 34.05 29.01 -83.39
N GLY U 321 35.02 29.66 -82.74
CA GLY U 321 35.30 29.42 -81.32
C GLY U 321 34.27 30.06 -80.40
N SER U 322 33.90 29.35 -79.34
CA SER U 322 32.83 29.83 -78.47
C SER U 322 33.23 29.79 -76.99
N LEU U 323 32.84 30.83 -76.25
CA LEU U 323 32.90 30.86 -74.79
C LEU U 323 31.48 30.97 -74.21
N THR U 324 31.17 30.14 -73.22
CA THR U 324 29.82 30.04 -72.69
C THR U 324 29.80 30.31 -71.18
N ALA U 325 28.96 31.26 -70.77
CA ALA U 325 28.96 31.77 -69.40
C ALA U 325 27.83 31.21 -68.55
N LEU U 326 28.16 30.90 -67.30
CA LEU U 326 27.18 30.59 -66.26
C LEU U 326 27.47 31.42 -65.02
N PRO U 327 27.06 32.71 -65.01
CA PRO U 327 27.30 33.47 -63.80
C PRO U 327 26.35 33.07 -62.67
N VAL U 328 26.86 33.09 -61.44
CA VAL U 328 26.04 32.81 -60.25
C VAL U 328 25.75 34.12 -59.49
N ILE U 329 24.50 34.30 -59.06
CA ILE U 329 24.09 35.47 -58.27
C ILE U 329 23.31 35.07 -57.02
N GLU U 330 23.64 35.69 -55.89
CA GLU U 330 22.96 35.42 -54.63
C GLU U 330 21.87 36.46 -54.32
N THR U 331 20.65 35.96 -54.13
CA THR U 331 19.53 36.78 -53.71
C THR U 331 19.23 36.48 -52.24
N GLN U 332 18.68 37.48 -51.55
CA GLN U 332 18.27 37.31 -50.15
C GLN U 332 16.78 36.96 -50.11
N GLY U 333 16.49 35.72 -49.70
CA GLY U 333 15.11 35.25 -49.57
C GLY U 333 14.28 35.54 -50.79
N GLY U 334 14.67 34.94 -51.92
CA GLY U 334 13.95 35.03 -53.20
C GLY U 334 13.88 36.40 -53.85
N ASP U 335 14.65 37.36 -53.34
CA ASP U 335 14.56 38.75 -53.78
C ASP U 335 15.29 39.02 -55.10
N VAL U 336 14.55 38.90 -56.19
CA VAL U 336 15.10 39.10 -57.54
C VAL U 336 15.02 40.57 -57.97
N SER U 337 14.35 41.38 -57.14
CA SER U 337 14.10 42.79 -57.41
C SER U 337 15.33 43.63 -57.15
N ALA U 338 16.30 43.06 -56.44
CA ALA U 338 17.44 43.83 -55.93
C ALA U 338 18.30 44.46 -57.04
N TYR U 339 19.23 45.31 -56.61
CA TYR U 339 20.04 46.09 -57.53
C TYR U 339 20.88 45.23 -58.45
N ILE U 340 21.87 44.54 -57.88
CA ILE U 340 22.72 43.62 -58.62
C ILE U 340 21.93 42.48 -59.30
N PRO U 341 21.01 41.80 -58.56
CA PRO U 341 20.32 40.69 -59.23
C PRO U 341 19.61 41.07 -60.53
N THR U 342 18.90 42.20 -60.54
CA THR U 342 18.21 42.64 -61.76
C THR U 342 19.21 43.14 -62.81
N ASN U 343 20.33 43.71 -62.38
CA ASN U 343 21.46 44.05 -63.27
C ASN U 343 21.90 42.87 -64.12
N VAL U 344 22.25 41.77 -63.46
CA VAL U 344 22.78 40.58 -64.11
C VAL U 344 21.69 39.82 -64.88
N ILE U 345 20.43 39.93 -64.44
CA ILE U 345 19.30 39.42 -65.21
C ILE U 345 19.10 40.23 -66.50
N SER U 346 19.47 41.51 -66.45
CA SER U 346 19.39 42.40 -67.59
C SER U 346 20.44 42.12 -68.64
N ILE U 347 21.52 41.48 -68.22
CA ILE U 347 22.71 41.27 -69.05
C ILE U 347 22.67 39.94 -69.79
N THR U 348 22.35 38.88 -69.06
CA THR U 348 22.40 37.51 -69.62
C THR U 348 21.31 37.21 -70.66
N ASP U 349 21.25 35.96 -71.10
CA ASP U 349 20.29 35.51 -72.11
C ASP U 349 19.21 34.65 -71.47
N GLY U 350 19.02 34.82 -70.16
CA GLY U 350 18.10 33.98 -69.39
C GLY U 350 18.68 33.54 -68.05
N GLN U 351 17.85 32.87 -67.25
CA GLN U 351 18.25 32.54 -65.88
C GLN U 351 17.63 31.25 -65.40
N ILE U 352 18.36 30.54 -64.54
CA ILE U 352 17.79 29.44 -63.77
C ILE U 352 17.47 29.96 -62.37
N PHE U 353 16.19 30.17 -62.11
CA PHE U 353 15.72 30.59 -60.79
C PHE U 353 15.54 29.33 -59.95
N LEU U 354 16.04 29.38 -58.71
CA LEU U 354 16.00 28.22 -57.83
C LEU U 354 15.46 28.57 -56.45
N GLU U 355 14.32 27.98 -56.10
CA GLU U 355 13.62 28.29 -54.85
C GLU U 355 13.93 27.27 -53.77
N ALA U 356 14.18 27.75 -52.56
CA ALA U 356 14.42 26.87 -51.43
C ALA U 356 13.14 26.09 -51.10
N GLU U 357 12.00 26.74 -51.31
CA GLU U 357 10.68 26.16 -51.05
C GLU U 357 10.48 24.91 -51.89
N LEU U 358 10.92 24.95 -53.15
CA LEU U 358 10.92 23.77 -54.01
C LEU U 358 11.94 22.74 -53.54
N PHE U 359 13.12 23.22 -53.15
CA PHE U 359 14.23 22.36 -52.74
C PHE U 359 13.76 21.27 -51.77
N TYR U 360 13.12 21.69 -50.67
CA TYR U 360 12.76 20.78 -49.59
C TYR U 360 11.50 19.97 -49.84
N LYS U 361 10.73 20.34 -50.85
CA LYS U 361 9.57 19.57 -51.30
C LYS U 361 10.07 18.29 -52.00
N GLY U 362 11.39 18.15 -52.07
CA GLY U 362 12.05 17.01 -52.68
C GLY U 362 12.52 17.34 -54.09
N ILE U 363 12.02 18.47 -54.60
CA ILE U 363 12.26 18.86 -55.99
C ILE U 363 13.63 19.49 -56.20
N ARG U 364 14.53 18.72 -56.79
CA ARG U 364 15.87 19.18 -57.18
C ARG U 364 16.26 18.56 -58.52
N PRO U 365 16.83 19.36 -59.44
CA PRO U 365 17.06 20.79 -59.29
C PRO U 365 15.78 21.53 -59.01
N ALA U 366 15.85 22.44 -58.04
CA ALA U 366 14.74 23.30 -57.68
C ALA U 366 14.71 24.47 -58.64
N ILE U 367 14.24 24.20 -59.86
CA ILE U 367 14.12 25.24 -60.87
C ILE U 367 12.75 25.87 -60.72
N ASN U 368 12.71 27.20 -60.63
CA ASN U 368 11.44 27.91 -60.70
C ASN U 368 10.93 27.88 -62.12
N VAL U 369 10.10 26.87 -62.37
CA VAL U 369 9.59 26.57 -63.70
C VAL U 369 8.90 27.78 -64.33
N GLY U 370 8.38 28.67 -63.49
CA GLY U 370 7.74 29.90 -63.93
C GLY U 370 8.73 30.91 -64.47
N LEU U 371 9.68 31.31 -63.64
CA LEU U 371 10.55 32.45 -63.94
C LEU U 371 11.89 32.07 -64.58
N SER U 372 12.04 30.81 -64.98
CA SER U 372 13.24 30.36 -65.70
C SER U 372 12.97 30.40 -67.19
N VAL U 373 13.72 31.24 -67.89
CA VAL U 373 13.64 31.29 -69.36
C VAL U 373 15.03 31.19 -69.96
N SER U 374 15.11 30.57 -71.13
CA SER U 374 16.29 30.68 -71.98
C SER U 374 15.88 31.45 -73.23
N ARG U 375 16.42 32.65 -73.39
CA ARG U 375 16.09 33.49 -74.55
C ARG U 375 16.70 32.93 -75.84
N VAL U 376 17.59 31.95 -75.68
CA VAL U 376 18.11 31.19 -76.81
C VAL U 376 17.02 30.27 -77.38
N GLY U 377 16.18 29.75 -76.48
CA GLY U 377 15.07 28.88 -76.85
C GLY U 377 15.55 27.53 -77.33
N SER U 378 14.79 26.94 -78.24
CA SER U 378 15.06 25.61 -78.78
C SER U 378 16.12 25.58 -79.90
N ALA U 379 16.52 26.75 -80.38
CA ALA U 379 17.58 26.85 -81.38
C ALA U 379 18.88 26.20 -80.91
N ALA U 380 19.09 26.17 -79.60
CA ALA U 380 20.26 25.51 -79.00
C ALA U 380 19.88 24.33 -78.10
N GLN U 381 18.88 23.57 -78.54
CA GLN U 381 18.43 22.36 -77.88
C GLN U 381 18.66 21.19 -78.82
N VAL U 382 18.95 20.01 -78.27
CA VAL U 382 19.04 18.82 -79.12
C VAL U 382 17.67 18.63 -79.77
N LYS U 383 17.65 18.68 -81.10
CA LYS U 383 16.41 18.75 -81.87
C LYS U 383 15.50 17.52 -81.75
N ALA U 384 16.06 16.42 -81.24
CA ALA U 384 15.27 15.25 -80.88
C ALA U 384 14.57 15.44 -79.53
N LEU U 385 15.23 16.16 -78.61
CA LEU U 385 14.65 16.49 -77.30
C LEU U 385 13.62 17.61 -77.40
N LYS U 386 13.73 18.44 -78.43
CA LYS U 386 12.76 19.49 -78.72
C LYS U 386 11.40 18.90 -79.07
N GLN U 387 11.42 17.77 -79.78
CA GLN U 387 10.20 17.14 -80.28
C GLN U 387 9.36 16.46 -79.20
N VAL U 388 10.01 16.03 -78.11
CA VAL U 388 9.30 15.34 -77.01
C VAL U 388 8.77 16.30 -75.91
N ALA U 389 9.48 17.40 -75.69
CA ALA U 389 9.04 18.44 -74.78
C ALA U 389 8.00 19.32 -75.48
N GLY U 390 6.75 18.83 -75.50
CA GLY U 390 5.69 19.44 -76.31
C GLY U 390 5.32 20.85 -75.92
N SER U 391 4.32 20.98 -75.04
CA SER U 391 3.99 22.26 -74.42
C SER U 391 4.67 22.36 -73.05
N LEU U 392 5.81 21.67 -72.89
CA LEU U 392 6.45 21.46 -71.58
C LEU U 392 6.75 22.73 -70.80
N LYS U 393 7.23 23.78 -71.47
CA LYS U 393 7.46 25.08 -70.84
C LYS U 393 6.12 25.72 -70.43
N LEU U 394 5.14 25.67 -71.34
CA LEU U 394 3.81 26.23 -71.09
C LEU U 394 3.01 25.40 -70.07
N PHE U 395 3.19 24.08 -70.11
CA PHE U 395 2.41 23.14 -69.26
C PHE U 395 2.92 23.12 -67.83
N LEU U 396 4.21 23.35 -67.65
CA LEU U 396 4.83 23.28 -66.32
C LEU U 396 4.70 24.60 -65.54
N ALA U 397 4.13 25.61 -66.19
CA ALA U 397 3.67 26.81 -65.49
C ALA U 397 2.16 26.66 -65.21
N GLN U 398 1.45 26.02 -66.14
CA GLN U 398 0.02 25.73 -66.02
C GLN U 398 -0.33 24.73 -64.92
N TYR U 399 0.66 23.97 -64.46
CA TYR U 399 0.51 23.09 -63.29
C TYR U 399 0.40 23.92 -62.01
N ARG U 400 1.18 25.01 -61.95
CA ARG U 400 1.04 25.97 -60.85
C ARG U 400 -0.32 26.67 -60.90
N GLU U 401 -0.89 26.76 -62.10
CA GLU U 401 -2.25 27.23 -62.27
C GLU U 401 -3.25 26.21 -61.71
N VAL U 402 -2.88 24.93 -61.76
CA VAL U 402 -3.68 23.87 -61.14
C VAL U 402 -3.52 23.89 -59.62
N ALA U 403 -2.36 24.36 -59.15
CA ALA U 403 -2.10 24.49 -57.71
C ALA U 403 -3.01 25.53 -57.06
N ALA U 404 -3.52 26.47 -57.85
CA ALA U 404 -4.41 27.53 -57.36
C ALA U 404 -5.91 27.25 -57.62
N PHE U 405 -6.21 26.19 -58.36
CA PHE U 405 -7.59 25.71 -58.54
C PHE U 405 -7.88 24.59 -57.54
N ALA U 406 -6.85 23.81 -57.22
CA ALA U 406 -6.90 22.78 -56.18
C ALA U 406 -6.87 23.39 -54.77
N GLN U 407 -6.56 24.68 -54.70
CA GLN U 407 -6.58 25.44 -53.45
C GLN U 407 -7.94 25.47 -52.77
N PHE U 408 -9.01 25.56 -53.58
CA PHE U 408 -10.38 25.61 -53.07
C PHE U 408 -10.80 24.33 -52.34
N GLY U 409 -10.07 23.24 -52.59
CA GLY U 409 -10.43 21.93 -52.05
C GLY U 409 -11.63 21.39 -52.80
N SER U 410 -11.39 20.86 -53.99
CA SER U 410 -12.47 20.41 -54.87
C SER U 410 -12.08 19.14 -55.64
N ASP U 411 -13.02 18.21 -55.77
CA ASP U 411 -12.89 17.10 -56.71
C ASP U 411 -13.06 17.67 -58.12
N LEU U 412 -12.19 17.27 -59.03
CA LEU U 412 -12.13 17.88 -60.35
C LEU U 412 -13.07 17.20 -61.35
N ASP U 413 -12.78 17.39 -62.63
CA ASP U 413 -13.48 16.69 -63.71
C ASP U 413 -12.51 15.79 -64.48
N ALA U 414 -13.03 15.01 -65.42
CA ALA U 414 -12.22 14.09 -66.25
C ALA U 414 -11.14 14.81 -67.05
N SER U 415 -11.16 16.14 -67.00
CA SER U 415 -10.18 16.97 -67.69
C SER U 415 -9.19 17.64 -66.73
N THR U 416 -9.65 18.02 -65.54
CA THR U 416 -8.79 18.65 -64.51
C THR U 416 -8.19 17.67 -63.49
N LYS U 417 -8.84 16.53 -63.27
CA LYS U 417 -8.27 15.44 -62.48
C LYS U 417 -7.20 14.70 -63.30
N GLN U 418 -7.45 14.57 -64.60
CA GLN U 418 -6.48 14.00 -65.54
C GLN U 418 -5.21 14.86 -65.64
N THR U 419 -5.38 16.19 -65.66
CA THR U 419 -4.24 17.11 -65.73
C THR U 419 -3.58 17.36 -64.37
N LEU U 420 -4.34 17.16 -63.29
CA LEU U 420 -3.78 17.20 -61.94
C LEU U 420 -2.78 16.06 -61.73
N VAL U 421 -3.11 14.90 -62.28
CA VAL U 421 -2.25 13.71 -62.19
C VAL U 421 -1.02 13.84 -63.08
N ARG U 422 -1.22 14.09 -64.37
CA ARG U 422 -0.13 14.17 -65.36
C ARG U 422 0.97 15.13 -64.92
N GLY U 423 0.55 16.28 -64.37
CA GLY U 423 1.47 17.28 -63.87
C GLY U 423 2.34 16.77 -62.75
N GLU U 424 1.71 16.18 -61.74
CA GLU U 424 2.41 15.64 -60.58
C GLU U 424 3.56 14.73 -61.00
N ARG U 425 3.27 13.82 -61.93
CA ARG U 425 4.24 12.88 -62.49
C ARG U 425 5.40 13.56 -63.24
N LEU U 426 5.07 14.53 -64.08
CA LEU U 426 6.09 15.27 -64.82
C LEU U 426 7.16 15.91 -63.92
N THR U 427 6.74 16.39 -62.74
CA THR U 427 7.65 17.04 -61.80
C THR U 427 8.52 16.02 -61.06
N GLN U 428 7.91 14.90 -60.65
CA GLN U 428 8.65 13.83 -60.00
C GLN U 428 9.65 13.20 -60.97
N LEU U 429 9.31 13.18 -62.25
CA LEU U 429 10.17 12.65 -63.32
C LEU U 429 11.40 13.52 -63.54
N LEU U 430 11.21 14.83 -63.54
CA LEU U 430 12.30 15.78 -63.77
C LEU U 430 13.14 16.09 -62.52
N LYS U 431 13.01 15.24 -61.49
CA LYS U 431 13.90 15.24 -60.32
C LYS U 431 15.23 14.56 -60.67
N GLN U 432 16.29 14.85 -59.92
CA GLN U 432 17.61 14.28 -60.19
C GLN U 432 18.54 14.27 -58.98
N ASN U 433 19.33 13.21 -58.87
CA ASN U 433 20.41 13.14 -57.88
C ASN U 433 21.64 13.87 -58.39
N GLN U 434 22.39 14.44 -57.47
CA GLN U 434 23.60 15.19 -57.81
C GLN U 434 24.71 14.26 -58.27
N TYR U 435 25.56 14.78 -59.16
CA TYR U 435 26.65 14.03 -59.79
C TYR U 435 26.09 12.83 -60.56
N SER U 436 24.89 12.99 -61.12
CA SER U 436 24.22 11.89 -61.82
C SER U 436 23.58 12.31 -63.16
N PRO U 437 24.38 12.93 -64.07
CA PRO U 437 23.81 13.41 -65.32
C PRO U 437 23.53 12.30 -66.34
N LEU U 438 22.42 12.41 -67.06
CA LEU U 438 22.05 11.44 -68.11
C LEU U 438 22.29 12.04 -69.50
N ALA U 439 22.66 11.21 -70.47
CA ALA U 439 22.85 11.66 -71.86
C ALA U 439 21.50 11.79 -72.57
N THR U 440 21.46 12.62 -73.61
CA THR U 440 20.21 12.97 -74.33
C THR U 440 19.35 11.76 -74.71
N GLU U 441 20.00 10.66 -75.06
CA GLU U 441 19.32 9.44 -75.46
C GLU U 441 18.78 8.62 -74.28
N GLU U 442 19.22 8.95 -73.07
CA GLU U 442 18.59 8.46 -71.84
C GLU U 442 17.47 9.41 -71.40
N GLN U 443 17.54 10.65 -71.87
CA GLN U 443 16.59 11.72 -71.50
C GLN U 443 15.32 11.71 -72.36
N VAL U 444 15.50 11.73 -73.68
CA VAL U 444 14.38 11.66 -74.64
C VAL U 444 13.33 10.58 -74.27
N PRO U 445 13.76 9.32 -74.03
CA PRO U 445 12.80 8.26 -73.66
C PRO U 445 12.08 8.49 -72.34
N LEU U 446 12.80 9.03 -71.35
CA LEU U 446 12.19 9.43 -70.09
C LEU U 446 11.14 10.52 -70.32
N ILE U 447 11.49 11.54 -71.10
CA ILE U 447 10.59 12.66 -71.40
C ILE U 447 9.37 12.24 -72.23
N TYR U 448 9.61 11.42 -73.25
CA TYR U 448 8.52 10.91 -74.10
C TYR U 448 7.40 10.26 -73.28
N ALA U 449 7.76 9.21 -72.53
CA ALA U 449 6.84 8.39 -71.75
C ALA U 449 5.95 9.17 -70.77
N GLY U 450 6.47 10.25 -70.22
CA GLY U 450 5.73 11.10 -69.27
C GLY U 450 4.75 12.03 -69.95
N VAL U 451 5.24 12.86 -70.87
CA VAL U 451 4.43 13.87 -71.57
C VAL U 451 3.24 13.25 -72.33
N ASN U 452 3.44 12.08 -72.92
CA ASN U 452 2.40 11.41 -73.71
C ASN U 452 1.34 10.65 -72.90
N GLY U 453 1.62 10.43 -71.62
CA GLY U 453 0.58 9.98 -70.67
C GLY U 453 0.72 8.59 -70.11
N HIS U 454 1.78 7.87 -70.50
CA HIS U 454 2.01 6.50 -70.03
C HIS U 454 2.31 6.44 -68.53
N LEU U 455 2.81 7.56 -68.00
CA LEU U 455 3.18 7.66 -66.58
C LEU U 455 1.97 7.85 -65.67
N ASP U 456 0.84 8.27 -66.24
CA ASP U 456 -0.41 8.55 -65.49
C ASP U 456 -0.98 7.33 -64.74
N GLY U 457 -0.79 6.14 -65.30
CA GLY U 457 -1.32 4.91 -64.72
C GLY U 457 -0.34 4.17 -63.81
N ILE U 458 0.59 4.93 -63.23
CA ILE U 458 1.60 4.38 -62.32
C ILE U 458 1.52 5.11 -60.98
N GLU U 459 1.82 4.40 -59.89
CA GLU U 459 1.84 4.99 -58.54
C GLU U 459 2.89 6.10 -58.44
N LEU U 460 2.59 7.11 -57.62
CA LEU U 460 3.44 8.29 -57.47
C LEU U 460 4.77 7.96 -56.81
N SER U 461 4.73 7.30 -55.65
CA SER U 461 5.93 6.91 -54.91
C SER U 461 6.65 5.69 -55.52
N ARG U 462 6.41 5.46 -56.81
CA ARG U 462 7.04 4.40 -57.58
C ARG U 462 7.74 4.93 -58.82
N ILE U 463 7.64 6.25 -59.04
CA ILE U 463 8.22 6.90 -60.23
C ILE U 463 9.74 6.84 -60.23
N GLY U 464 10.35 7.16 -59.08
CA GLY U 464 11.80 7.10 -58.91
C GLY U 464 12.46 5.85 -59.47
N GLU U 465 11.90 4.68 -59.15
CA GLU U 465 12.42 3.41 -59.66
C GLU U 465 12.01 3.16 -61.11
N PHE U 466 10.91 3.78 -61.55
CA PHE U 466 10.45 3.68 -62.93
C PHE U 466 11.51 4.19 -63.89
N GLU U 467 12.12 5.34 -63.55
CA GLU U 467 13.23 5.87 -64.33
C GLU U 467 14.30 4.80 -64.55
N SER U 468 14.90 4.33 -63.46
CA SER U 468 15.99 3.36 -63.54
C SER U 468 15.58 2.05 -64.22
N SER U 469 14.43 1.51 -63.84
CA SER U 469 13.90 0.28 -64.45
C SER U 469 13.72 0.42 -65.96
N PHE U 470 13.07 1.50 -66.38
CA PHE U 470 12.79 1.73 -67.80
C PHE U 470 14.09 2.01 -68.57
N LEU U 471 14.95 2.85 -68.01
CA LEU U 471 16.27 3.08 -68.58
C LEU U 471 17.05 1.75 -68.66
N SER U 472 17.03 0.97 -67.58
CA SER U 472 17.65 -0.37 -67.53
C SER U 472 17.01 -1.39 -68.47
N TYR U 473 15.71 -1.23 -68.70
CA TYR U 473 14.95 -2.13 -69.57
C TYR U 473 15.27 -1.85 -71.05
N LEU U 474 15.37 -0.58 -71.40
CA LEU U 474 15.64 -0.16 -72.77
C LEU U 474 17.11 -0.33 -73.13
N LYS U 475 18.00 -0.27 -72.13
CA LYS U 475 19.43 -0.52 -72.34
C LYS U 475 19.72 -1.99 -72.63
N SER U 476 18.92 -2.89 -72.05
CA SER U 476 19.11 -4.33 -72.22
C SER U 476 18.48 -4.88 -73.50
N ASN U 477 17.42 -4.22 -73.98
CA ASN U 477 16.65 -4.72 -75.12
C ASN U 477 16.56 -3.74 -76.30
N HIS U 478 16.29 -2.47 -76.00
CA HIS U 478 16.09 -1.46 -77.05
C HIS U 478 17.28 -0.52 -77.25
N ASN U 479 18.47 -1.11 -77.35
CA ASN U 479 19.70 -0.40 -77.66
C ASN U 479 19.73 0.00 -79.14
N GLU U 480 18.96 -0.74 -79.94
CA GLU U 480 18.64 -0.39 -81.33
C GLU U 480 18.18 1.06 -81.40
N LEU U 481 17.19 1.36 -80.56
CA LEU U 481 16.55 2.67 -80.52
C LEU U 481 17.49 3.75 -80.01
N LEU U 482 18.08 3.52 -78.85
CA LEU U 482 18.90 4.53 -78.17
C LEU U 482 20.17 4.90 -78.95
N THR U 483 20.48 4.13 -80.00
CA THR U 483 21.54 4.45 -80.95
C THR U 483 21.07 5.53 -81.93
N GLU U 484 19.93 5.28 -82.58
CA GLU U 484 19.38 6.18 -83.60
C GLU U 484 19.15 7.60 -83.07
N ILE U 485 18.75 7.70 -81.79
CA ILE U 485 18.60 8.98 -81.10
C ILE U 485 19.96 9.66 -80.93
N ARG U 486 20.94 8.92 -80.40
CA ARG U 486 22.29 9.44 -80.21
C ARG U 486 22.95 9.80 -81.55
N GLU U 487 22.87 8.85 -82.49
CA GLU U 487 23.53 8.96 -83.79
C GLU U 487 22.94 10.09 -84.65
N LYS U 488 21.62 10.14 -84.77
CA LYS U 488 21.00 11.19 -85.56
C LYS U 488 20.96 12.51 -84.78
N GLY U 489 20.34 12.50 -83.61
CA GLY U 489 20.07 13.75 -82.87
C GLY U 489 18.83 14.43 -83.41
N GLU U 490 18.00 13.65 -84.10
CA GLU U 490 16.71 14.07 -84.63
C GLU U 490 15.74 12.91 -84.42
N LEU U 491 14.55 12.98 -84.99
CA LEU U 491 13.59 11.87 -84.92
C LEU U 491 12.80 11.68 -86.21
N SER U 492 11.98 10.63 -86.24
CA SER U 492 11.18 10.28 -87.42
C SER U 492 9.96 9.47 -87.00
N LYS U 493 8.92 9.53 -87.83
CA LYS U 493 7.65 8.84 -87.57
C LYS U 493 7.83 7.36 -87.21
N GLU U 494 8.68 6.66 -87.96
CA GLU U 494 9.03 5.27 -87.69
C GLU U 494 9.74 5.10 -86.36
N LEU U 495 10.65 6.03 -86.05
CA LEU U 495 11.38 6.03 -84.78
C LEU U 495 10.49 6.29 -83.57
N LEU U 496 9.47 7.14 -83.76
CA LEU U 496 8.49 7.44 -82.71
C LEU U 496 7.54 6.27 -82.53
N ALA U 497 7.10 5.69 -83.65
CA ALA U 497 6.26 4.48 -83.65
C ALA U 497 6.95 3.35 -82.89
N SER U 498 8.27 3.28 -83.03
CA SER U 498 9.09 2.31 -82.33
C SER U 498 9.21 2.67 -80.85
N LEU U 499 9.34 3.96 -80.55
CA LEU U 499 9.57 4.47 -79.18
C LEU U 499 8.33 4.36 -78.28
N LYS U 500 7.15 4.52 -78.88
CA LYS U 500 5.88 4.39 -78.16
C LYS U 500 5.58 2.93 -77.88
N SER U 501 5.93 2.07 -78.84
CA SER U 501 5.72 0.63 -78.74
C SER U 501 6.49 0.00 -77.58
N ALA U 502 7.74 0.42 -77.42
CA ALA U 502 8.62 -0.08 -76.36
C ALA U 502 8.24 0.46 -74.97
N THR U 503 7.41 1.49 -74.94
CA THR U 503 6.97 2.12 -73.69
C THR U 503 5.64 1.54 -73.21
N GLU U 504 4.68 1.44 -74.13
CA GLU U 504 3.36 0.85 -73.85
C GLU U 504 3.48 -0.59 -73.38
N SER U 505 4.55 -1.25 -73.83
CA SER U 505 4.84 -2.64 -73.48
C SER U 505 5.45 -2.77 -72.08
N PHE U 506 6.32 -1.83 -71.71
CA PHE U 506 6.94 -1.84 -70.38
C PHE U 506 5.97 -1.41 -69.30
N VAL U 507 5.22 -0.33 -69.55
CA VAL U 507 4.26 0.19 -68.57
C VAL U 507 3.12 -0.82 -68.32
N ALA U 508 2.81 -1.64 -69.33
CA ALA U 508 1.83 -2.72 -69.20
C ALA U 508 2.31 -3.84 -68.26
N THR U 509 3.61 -3.87 -68.01
CA THR U 509 4.19 -4.80 -67.04
C THR U 509 5.20 -4.09 -66.14
N PHE U 510 4.70 -3.40 -65.11
CA PHE U 510 5.59 -2.76 -64.16
C PHE U 510 5.12 -2.94 -62.70
N THR V 13 45.68 76.91 -86.82
CA THR V 13 44.73 77.19 -85.70
C THR V 13 44.29 75.91 -84.92
N PRO V 14 45.29 75.11 -84.45
CA PRO V 14 44.99 73.83 -83.77
C PRO V 14 44.72 73.99 -82.26
N ILE V 15 43.46 73.82 -81.86
CA ILE V 15 43.04 73.99 -80.47
C ILE V 15 43.45 72.76 -79.62
N THR V 16 44.15 73.00 -78.51
CA THR V 16 44.95 71.95 -77.84
C THR V 16 44.93 71.97 -76.29
N GLY V 17 45.01 70.79 -75.68
CA GLY V 17 45.00 70.65 -74.20
C GLY V 17 45.73 69.44 -73.61
N LYS V 18 46.00 69.48 -72.31
CA LYS V 18 46.71 68.40 -71.58
C LYS V 18 45.88 67.77 -70.42
N VAL V 19 45.80 66.44 -70.41
CA VAL V 19 45.06 65.66 -69.40
C VAL V 19 45.68 65.79 -68.00
N THR V 20 44.86 66.12 -66.99
CA THR V 20 45.33 66.26 -65.60
C THR V 20 44.72 65.27 -64.57
N ALA V 21 43.88 64.33 -65.02
CA ALA V 21 43.28 63.31 -64.13
C ALA V 21 42.46 62.24 -64.87
N VAL V 22 42.74 60.97 -64.58
CA VAL V 22 41.96 59.86 -65.15
C VAL V 22 41.31 59.03 -64.06
N ILE V 23 39.98 59.00 -64.05
CA ILE V 23 39.20 58.18 -63.11
C ILE V 23 38.01 57.59 -63.84
N GLY V 24 38.06 56.28 -64.09
CA GLY V 24 37.00 55.60 -64.84
C GLY V 24 36.81 56.30 -66.16
N ALA V 25 35.55 56.60 -66.49
CA ALA V 25 35.23 57.35 -67.71
C ALA V 25 35.43 58.88 -67.57
N ILE V 26 35.73 59.35 -66.37
CA ILE V 26 35.94 60.76 -66.12
C ILE V 26 37.39 61.14 -66.42
N VAL V 27 37.59 62.08 -67.35
CA VAL V 27 38.93 62.62 -67.65
C VAL V 27 38.92 64.16 -67.50
N ASP V 28 39.87 64.68 -66.73
CA ASP V 28 39.99 66.11 -66.53
C ASP V 28 41.06 66.67 -67.46
N VAL V 29 40.66 67.56 -68.37
CA VAL V 29 41.56 68.07 -69.41
C VAL V 29 41.83 69.56 -69.24
N HIS V 30 43.10 69.95 -69.31
CA HIS V 30 43.53 71.33 -69.10
C HIS V 30 43.94 72.06 -70.38
N PHE V 31 43.63 73.36 -70.45
CA PHE V 31 43.85 74.19 -71.62
C PHE V 31 44.49 75.51 -71.20
N GLU V 32 44.41 76.52 -72.06
CA GLU V 32 44.91 77.87 -71.74
C GLU V 32 43.78 78.89 -71.48
N GLN V 33 44.13 80.16 -71.34
CA GLN V 33 43.19 81.19 -70.93
C GLN V 33 42.09 81.45 -71.97
N SER V 34 40.83 81.39 -71.50
CA SER V 34 39.61 81.56 -72.32
C SER V 34 39.64 80.91 -73.72
N GLU V 35 40.43 79.85 -73.86
CA GLU V 35 40.42 79.02 -75.08
C GLU V 35 39.65 77.70 -74.84
N LEU V 36 38.94 77.64 -73.72
CA LEU V 36 38.21 76.44 -73.30
C LEU V 36 37.10 76.05 -74.27
N PRO V 37 37.01 74.75 -74.58
CA PRO V 37 35.95 74.26 -75.45
C PRO V 37 34.59 74.33 -74.76
N ALA V 38 33.55 74.60 -75.55
CA ALA V 38 32.17 74.60 -75.07
C ALA V 38 31.79 73.21 -74.53
N ILE V 39 30.93 73.17 -73.52
CA ILE V 39 30.44 71.91 -73.01
C ILE V 39 29.71 71.16 -74.12
N LEU V 40 29.95 69.85 -74.19
CA LEU V 40 29.39 68.94 -75.21
C LEU V 40 30.30 68.78 -76.44
N ASN V 41 31.36 69.58 -76.50
CA ASN V 41 32.39 69.46 -77.55
C ASN V 41 33.04 68.09 -77.59
N ALA V 42 33.39 67.64 -78.79
CA ALA V 42 34.11 66.39 -78.95
C ALA V 42 35.60 66.66 -78.78
N LEU V 43 36.18 66.07 -77.74
CA LEU V 43 37.63 66.10 -77.54
C LEU V 43 38.23 64.77 -78.01
N GLU V 44 39.45 64.84 -78.52
CA GLU V 44 40.09 63.68 -79.14
C GLU V 44 41.50 63.43 -78.66
N ILE V 45 41.77 62.14 -78.40
CA ILE V 45 43.11 61.66 -78.09
C ILE V 45 43.49 60.60 -79.12
N LYS V 46 44.63 60.80 -79.78
CA LYS V 46 45.23 59.77 -80.63
C LYS V 46 45.83 58.69 -79.74
N THR V 47 45.59 57.44 -80.08
CA THR V 47 46.04 56.30 -79.27
C THR V 47 46.91 55.35 -80.08
N PRO V 48 47.37 54.23 -79.46
CA PRO V 48 48.06 53.22 -80.25
C PRO V 48 47.07 52.50 -81.19
N GLN V 49 45.84 52.32 -80.72
CA GLN V 49 44.78 51.68 -81.51
C GLN V 49 44.29 52.59 -82.64
N GLY V 50 43.99 53.85 -82.31
CA GLY V 50 43.49 54.81 -83.29
C GLY V 50 43.08 56.15 -82.71
N LYS V 51 41.99 56.15 -81.95
CA LYS V 51 41.44 57.37 -81.35
C LYS V 51 40.54 57.06 -80.16
N LEU V 52 40.63 57.88 -79.11
CA LEU V 52 39.69 57.84 -77.98
C LEU V 52 39.01 59.21 -77.82
N VAL V 53 37.70 59.24 -78.06
CA VAL V 53 36.93 60.49 -78.05
C VAL V 53 36.39 60.85 -76.65
N LEU V 54 36.52 62.12 -76.28
CA LEU V 54 36.00 62.63 -75.02
C LEU V 54 34.94 63.71 -75.28
N GLU V 55 34.01 63.88 -74.34
CA GLU V 55 33.00 64.94 -74.44
C GLU V 55 32.95 65.71 -73.13
N VAL V 56 32.89 67.04 -73.23
CA VAL V 56 32.92 67.90 -72.06
C VAL V 56 31.60 67.82 -71.31
N ALA V 57 31.67 67.88 -69.98
CA ALA V 57 30.47 67.90 -69.13
C ALA V 57 30.44 69.12 -68.25
N GLN V 58 31.60 69.52 -67.73
CA GLN V 58 31.69 70.64 -66.82
C GLN V 58 32.90 71.49 -67.16
N HIS V 59 32.85 72.78 -66.81
CA HIS V 59 34.05 73.61 -66.71
C HIS V 59 34.32 73.70 -65.23
N LEU V 60 35.38 73.03 -64.76
CA LEU V 60 35.69 73.00 -63.32
C LEU V 60 36.17 74.35 -62.78
N GLY V 61 36.71 75.18 -63.66
CA GLY V 61 37.36 76.42 -63.25
C GLY V 61 38.86 76.23 -63.28
N GLU V 62 39.60 77.30 -62.96
CA GLU V 62 41.06 77.33 -63.09
C GLU V 62 41.52 76.75 -64.43
N ASN V 63 40.73 77.01 -65.47
CA ASN V 63 40.99 76.56 -66.85
C ASN V 63 41.03 75.04 -67.12
N THR V 64 40.44 74.24 -66.23
CA THR V 64 40.28 72.80 -66.46
C THR V 64 38.82 72.48 -66.80
N VAL V 65 38.61 71.33 -67.44
CA VAL V 65 37.27 70.84 -67.75
C VAL V 65 37.16 69.34 -67.45
N ARG V 66 35.97 68.91 -67.04
CA ARG V 66 35.68 67.49 -66.87
C ARG V 66 35.03 66.91 -68.11
N THR V 67 35.52 65.75 -68.54
CA THR V 67 35.04 65.07 -69.76
C THR V 67 34.61 63.64 -69.47
N ILE V 68 33.74 63.08 -70.31
CA ILE V 68 33.37 61.65 -70.21
C ILE V 68 33.96 60.86 -71.37
N ALA V 69 34.33 59.60 -71.10
CA ALA V 69 34.99 58.77 -72.10
C ALA V 69 33.98 57.92 -72.87
N MET V 70 34.26 57.77 -74.17
CA MET V 70 33.41 57.01 -75.09
C MET V 70 33.95 55.61 -75.37
N ASP V 71 35.15 55.35 -74.84
CA ASP V 71 35.74 54.01 -74.84
C ASP V 71 36.61 53.85 -73.58
N GLY V 72 37.24 52.69 -73.42
CA GLY V 72 38.06 52.42 -72.24
C GLY V 72 39.12 53.47 -72.00
N THR V 73 39.48 53.68 -70.74
CA THR V 73 40.53 54.64 -70.40
C THR V 73 41.76 54.00 -69.76
N GLU V 74 41.96 52.72 -70.03
CA GLU V 74 43.14 52.02 -69.53
C GLU V 74 44.31 52.38 -70.42
N GLY V 75 45.41 52.81 -69.81
CA GLY V 75 46.63 53.14 -70.54
C GLY V 75 46.84 54.61 -70.84
N LEU V 76 45.96 55.47 -70.32
CA LEU V 76 46.16 56.90 -70.46
C LEU V 76 47.19 57.42 -69.46
N VAL V 77 47.99 58.38 -69.90
CA VAL V 77 49.04 58.96 -69.07
C VAL V 77 48.73 60.43 -68.85
N ARG V 78 48.79 60.88 -67.61
CA ARG V 78 48.56 62.29 -67.27
C ARG V 78 49.46 63.21 -68.08
N GLY V 79 48.86 64.10 -68.85
CA GLY V 79 49.62 65.06 -69.65
C GLY V 79 49.59 64.81 -71.15
N GLU V 80 48.97 63.71 -71.58
CA GLU V 80 48.87 63.39 -73.01
C GLU V 80 47.98 64.37 -73.77
N LYS V 81 48.34 64.62 -75.03
CA LYS V 81 47.72 65.65 -75.84
C LYS V 81 46.24 65.38 -76.14
N VAL V 82 45.44 66.46 -76.05
CA VAL V 82 44.01 66.40 -76.29
C VAL V 82 43.61 67.51 -77.28
N LEU V 83 42.79 67.15 -78.26
CA LEU V 83 42.40 68.09 -79.32
C LEU V 83 40.94 68.54 -79.25
N ASP V 84 40.72 69.85 -79.37
CA ASP V 84 39.37 70.40 -79.47
C ASP V 84 38.92 70.39 -80.93
N THR V 85 37.98 69.49 -81.24
CA THR V 85 37.48 69.33 -82.61
C THR V 85 36.41 70.38 -82.97
N GLY V 86 36.17 71.33 -82.06
CA GLY V 86 35.40 72.52 -82.38
C GLY V 86 33.89 72.43 -82.20
N GLY V 87 33.34 71.23 -82.36
CA GLY V 87 31.90 71.02 -82.21
C GLY V 87 31.57 69.79 -81.38
N PRO V 88 30.28 69.48 -81.22
CA PRO V 88 29.90 68.22 -80.56
C PRO V 88 30.04 67.05 -81.52
N ILE V 89 29.97 65.84 -80.97
CA ILE V 89 30.06 64.60 -81.76
C ILE V 89 29.16 64.62 -83.01
N SER V 90 29.80 64.44 -84.17
CA SER V 90 29.13 64.50 -85.48
C SER V 90 29.08 63.15 -86.19
N VAL V 91 27.92 62.84 -86.77
CA VAL V 91 27.74 61.58 -87.51
C VAL V 91 27.33 61.80 -88.96
N PRO V 92 27.82 60.94 -89.86
CA PRO V 92 27.41 60.92 -91.27
C PRO V 92 25.90 60.76 -91.38
N VAL V 93 25.30 61.53 -92.28
CA VAL V 93 23.84 61.55 -92.45
C VAL V 93 23.44 61.37 -93.91
N GLY V 94 22.15 61.13 -94.14
CA GLY V 94 21.62 60.94 -95.49
C GLY V 94 21.69 59.50 -95.97
N ARG V 95 21.48 59.31 -97.27
CA ARG V 95 21.37 57.98 -97.88
C ARG V 95 22.64 57.11 -97.85
N GLU V 96 23.79 57.74 -97.63
CA GLU V 96 25.08 57.03 -97.56
C GLU V 96 25.18 56.07 -96.37
N THR V 97 24.43 56.37 -95.31
CA THR V 97 24.40 55.54 -94.11
C THR V 97 23.43 54.36 -94.24
N LEU V 98 22.52 54.45 -95.21
CA LEU V 98 21.51 53.41 -95.45
C LEU V 98 22.14 52.06 -95.74
N GLY V 99 21.89 51.09 -94.86
CA GLY V 99 22.40 49.73 -95.03
C GLY V 99 23.76 49.49 -94.42
N ARG V 100 24.26 50.49 -93.68
CA ARG V 100 25.58 50.41 -93.05
C ARG V 100 25.46 50.28 -91.53
N ILE V 101 26.54 49.82 -90.89
CA ILE V 101 26.59 49.81 -89.43
C ILE V 101 27.48 50.94 -88.93
N ILE V 102 26.90 51.79 -88.08
CA ILE V 102 27.58 52.96 -87.55
C ILE V 102 27.59 52.86 -86.03
N ASN V 103 28.71 53.23 -85.41
CA ASN V 103 28.77 53.30 -83.95
C ASN V 103 28.57 54.72 -83.40
N VAL V 104 28.62 54.84 -82.08
CA VAL V 104 28.32 56.11 -81.37
C VAL V 104 29.01 57.34 -81.96
N ILE V 105 30.32 57.27 -82.13
CA ILE V 105 31.08 58.42 -82.60
C ILE V 105 31.06 58.59 -84.13
N GLY V 106 30.18 57.86 -84.80
CA GLY V 106 29.91 58.05 -86.23
C GLY V 106 30.67 57.16 -87.19
N GLU V 107 31.67 56.44 -86.70
CA GLU V 107 32.54 55.61 -87.54
C GLU V 107 31.94 54.25 -87.89
N PRO V 108 32.27 53.72 -89.10
CA PRO V 108 31.75 52.42 -89.55
C PRO V 108 32.32 51.25 -88.76
N ILE V 109 31.49 50.23 -88.53
CA ILE V 109 31.91 49.03 -87.79
C ILE V 109 31.48 47.73 -88.50
N ASP V 110 30.95 47.84 -89.71
CA ASP V 110 30.65 46.67 -90.55
C ASP V 110 31.81 46.32 -91.47
N GLU V 111 32.92 47.06 -91.32
CA GLU V 111 34.13 46.86 -92.10
C GLU V 111 33.86 46.88 -93.61
N ARG V 112 32.92 47.73 -94.02
CA ARG V 112 32.60 47.89 -95.44
C ARG V 112 33.07 49.26 -95.93
N GLY V 113 34.33 49.56 -95.65
CA GLY V 113 34.95 50.82 -96.04
C GLY V 113 34.43 52.00 -95.25
N PRO V 114 34.63 53.22 -95.79
CA PRO V 114 34.14 54.42 -95.13
C PRO V 114 32.70 54.74 -95.53
N ILE V 115 32.07 55.65 -94.80
CA ILE V 115 30.77 56.17 -95.20
C ILE V 115 31.04 57.55 -95.79
N LYS V 116 31.31 57.59 -97.10
CA LYS V 116 31.64 58.84 -97.78
C LYS V 116 30.40 59.68 -98.06
N SER V 117 29.96 60.42 -97.05
CA SER V 117 28.77 61.27 -97.15
C SER V 117 29.12 62.76 -97.05
N LYS V 118 28.29 63.59 -97.68
CA LYS V 118 28.55 65.02 -97.86
C LYS V 118 28.49 65.86 -96.59
N LEU V 119 27.78 65.38 -95.57
CA LEU V 119 27.70 66.09 -94.30
C LEU V 119 27.73 65.19 -93.07
N ARG V 120 28.19 65.77 -91.96
CA ARG V 120 28.11 65.15 -90.66
C ARG V 120 27.48 66.16 -89.71
N LYS V 121 26.32 65.81 -89.14
CA LYS V 121 25.59 66.72 -88.26
C LYS V 121 25.91 66.44 -86.77
N PRO V 122 25.88 67.49 -85.91
CA PRO V 122 26.17 67.25 -84.48
C PRO V 122 25.01 66.52 -83.80
N ILE V 123 25.33 65.52 -82.99
CA ILE V 123 24.30 64.67 -82.37
C ILE V 123 23.50 65.35 -81.23
N HIS V 124 24.07 66.40 -80.65
CA HIS V 124 23.35 67.27 -79.72
C HIS V 124 22.71 68.43 -80.52
N ALA V 125 21.37 68.47 -80.53
CA ALA V 125 20.63 69.53 -81.22
C ALA V 125 19.39 69.95 -80.43
N ASP V 126 18.99 71.21 -80.54
CA ASP V 126 17.79 71.71 -79.87
C ASP V 126 16.51 71.17 -80.51
N PRO V 127 15.57 70.68 -79.67
CA PRO V 127 14.32 70.09 -80.14
C PRO V 127 13.41 71.10 -80.83
N PRO V 128 12.54 70.63 -81.74
CA PRO V 128 11.54 71.46 -82.42
C PRO V 128 10.64 72.23 -81.45
N SER V 129 10.43 73.51 -81.73
CA SER V 129 9.73 74.43 -80.81
C SER V 129 8.21 74.26 -80.79
N PHE V 130 7.57 74.94 -79.85
CA PHE V 130 6.12 74.94 -79.71
C PHE V 130 5.42 75.33 -81.02
N ALA V 131 6.02 76.25 -81.77
CA ALA V 131 5.49 76.71 -83.05
C ALA V 131 5.15 75.55 -84.00
N GLU V 132 6.15 74.72 -84.32
CA GLU V 132 6.06 73.78 -85.44
C GLU V 132 5.36 72.44 -85.16
N GLN V 133 4.22 72.47 -84.47
CA GLN V 133 3.57 71.23 -84.00
C GLN V 133 2.22 70.90 -84.67
N SER V 134 2.27 70.10 -85.74
CA SER V 134 1.08 69.70 -86.50
C SER V 134 0.31 68.59 -85.79
N THR V 135 -0.91 68.93 -85.34
CA THR V 135 -1.70 68.05 -84.48
C THR V 135 -2.45 66.96 -85.24
N SER V 136 -1.71 65.96 -85.72
CA SER V 136 -2.27 64.99 -86.65
C SER V 136 -2.33 63.54 -86.14
N ALA V 137 -3.56 63.07 -85.89
CA ALA V 137 -3.83 61.66 -85.66
C ALA V 137 -3.96 60.90 -87.00
N GLU V 138 -2.96 60.05 -87.30
CA GLU V 138 -2.95 59.30 -88.54
C GLU V 138 -3.05 57.79 -88.30
N ASP V 148 -4.23 46.62 -83.66
CA ASP V 148 -5.18 47.11 -84.65
C ASP V 148 -6.57 47.39 -84.05
N LEU V 149 -7.08 46.43 -83.27
CA LEU V 149 -8.43 46.54 -82.71
C LEU V 149 -8.52 47.44 -81.47
N LEU V 150 -7.52 47.34 -80.59
CA LEU V 150 -7.58 47.99 -79.26
C LEU V 150 -6.52 49.06 -79.02
N ALA V 151 -5.42 49.00 -79.78
CA ALA V 151 -4.27 49.89 -79.56
C ALA V 151 -3.45 50.17 -80.84
N PRO V 152 -4.11 50.67 -81.91
CA PRO V 152 -3.37 51.00 -83.14
C PRO V 152 -2.36 52.13 -82.95
N TYR V 153 -1.27 52.07 -83.71
CA TYR V 153 -0.11 52.96 -83.51
C TYR V 153 -0.36 54.40 -83.97
N ALA V 154 0.60 55.29 -83.71
CA ALA V 154 0.40 56.73 -83.91
C ALA V 154 1.33 57.32 -84.97
N ARG V 155 0.88 57.31 -86.22
CA ARG V 155 1.72 57.70 -87.35
C ARG V 155 2.14 59.18 -87.31
N GLY V 156 3.07 59.48 -86.40
CA GLY V 156 3.62 60.83 -86.23
C GLY V 156 4.43 61.01 -84.95
N GLY V 157 4.03 60.33 -83.88
CA GLY V 157 4.62 60.54 -82.56
C GLY V 157 5.55 59.44 -82.09
N LYS V 158 5.33 58.92 -80.88
CA LYS V 158 6.18 57.87 -80.28
C LYS V 158 5.39 56.70 -79.70
N ILE V 159 5.88 55.48 -79.95
CA ILE V 159 5.18 54.25 -79.57
C ILE V 159 6.06 53.37 -78.71
N GLY V 160 5.56 52.97 -77.54
CA GLY V 160 6.34 52.20 -76.58
C GLY V 160 5.96 50.74 -76.44
N LEU V 161 6.97 49.87 -76.48
CA LEU V 161 6.78 48.42 -76.47
C LEU V 161 7.22 47.80 -75.13
N PHE V 162 6.38 47.97 -74.11
CA PHE V 162 6.72 47.60 -72.73
C PHE V 162 6.88 46.10 -72.50
N GLY V 163 7.32 45.74 -71.29
CA GLY V 163 7.52 44.34 -70.90
C GLY V 163 8.74 44.11 -70.03
N GLY V 164 8.64 43.12 -69.15
CA GLY V 164 9.76 42.70 -68.31
C GLY V 164 10.77 41.83 -69.06
N ALA V 165 11.72 41.27 -68.32
CA ALA V 165 12.77 40.42 -68.90
C ALA V 165 12.16 39.22 -69.63
N GLY V 166 12.50 39.08 -70.91
CA GLY V 166 12.14 37.92 -71.73
C GLY V 166 10.66 37.61 -71.83
N VAL V 167 9.83 38.65 -72.01
CA VAL V 167 8.37 38.48 -72.16
C VAL V 167 7.89 38.66 -73.61
N GLY V 168 8.76 39.16 -74.47
CA GLY V 168 8.43 39.34 -75.90
C GLY V 168 8.45 40.76 -76.41
N LYS V 169 9.61 41.42 -76.30
CA LYS V 169 9.81 42.78 -76.83
C LYS V 169 10.55 42.79 -78.19
N THR V 170 11.57 41.95 -78.30
CA THR V 170 12.44 41.92 -79.48
C THR V 170 11.83 41.15 -80.66
N VAL V 171 11.33 39.94 -80.39
CA VAL V 171 10.66 39.12 -81.43
C VAL V 171 9.50 39.91 -82.03
N PHE V 172 8.90 40.74 -81.16
CA PHE V 172 7.83 41.67 -81.54
C PHE V 172 8.33 42.78 -82.48
N ILE V 173 9.59 43.20 -82.30
CA ILE V 173 10.18 44.32 -83.07
C ILE V 173 10.96 43.87 -84.32
N GLN V 174 11.40 42.60 -84.33
CA GLN V 174 11.93 41.95 -85.54
C GLN V 174 10.75 41.52 -86.42
N GLU V 175 9.61 41.29 -85.78
CA GLU V 175 8.33 41.14 -86.44
C GLU V 175 7.88 42.48 -87.02
N LEU V 176 7.84 43.52 -86.18
CA LEU V 176 7.44 44.87 -86.60
C LEU V 176 8.52 45.64 -87.39
N ILE V 177 9.58 44.94 -87.79
CA ILE V 177 10.54 45.49 -88.76
C ILE V 177 10.34 44.77 -90.12
N ASN V 178 10.12 43.46 -90.05
CA ASN V 178 9.77 42.66 -91.24
C ASN V 178 8.35 42.96 -91.80
N ASN V 179 7.60 43.80 -91.10
CA ASN V 179 6.29 44.20 -91.59
C ASN V 179 6.23 45.68 -91.94
N ILE V 180 6.91 46.51 -91.16
CA ILE V 180 6.88 47.95 -91.38
C ILE V 180 7.98 48.42 -92.33
N ALA V 181 9.23 48.03 -92.07
CA ALA V 181 10.34 48.46 -92.93
C ALA V 181 10.11 48.15 -94.42
N LYS V 182 10.02 46.87 -94.77
CA LYS V 182 9.85 46.45 -96.19
C LYS V 182 8.54 46.94 -96.81
N ALA V 183 7.53 47.16 -95.97
CA ALA V 183 6.27 47.79 -96.38
C ALA V 183 6.14 49.17 -95.73
N HIS V 184 6.77 50.18 -96.35
CA HIS V 184 6.76 51.55 -95.83
C HIS V 184 7.02 52.62 -96.90
N GLY V 185 6.40 53.80 -96.71
CA GLY V 185 6.61 54.97 -97.57
C GLY V 185 8.03 55.52 -97.51
N GLY V 186 8.41 56.07 -96.35
CA GLY V 186 9.78 56.54 -96.12
C GLY V 186 10.74 55.47 -95.59
N PHE V 187 11.87 55.90 -95.02
CA PHE V 187 12.95 54.99 -94.57
C PHE V 187 13.05 54.79 -93.05
N SER V 188 13.70 53.70 -92.63
CA SER V 188 13.89 53.39 -91.21
C SER V 188 15.34 53.60 -90.75
N VAL V 189 15.51 53.85 -89.45
CA VAL V 189 16.83 53.93 -88.80
C VAL V 189 16.75 53.19 -87.46
N PHE V 190 17.65 52.22 -87.24
CA PHE V 190 17.62 51.39 -86.06
C PHE V 190 18.78 51.71 -85.13
N THR V 191 18.49 51.81 -83.83
CA THR V 191 19.53 52.05 -82.84
C THR V 191 19.54 50.94 -81.80
N GLY V 192 20.72 50.41 -81.55
CA GLY V 192 20.91 49.43 -80.48
C GLY V 192 21.50 50.13 -79.27
N VAL V 193 20.64 50.57 -78.36
CA VAL V 193 21.12 51.25 -77.17
C VAL V 193 21.17 50.27 -76.01
N GLY V 194 22.38 49.78 -75.73
CA GLY V 194 22.65 49.03 -74.50
C GLY V 194 22.06 47.65 -74.40
N GLU V 195 21.61 47.09 -75.52
CA GLU V 195 21.13 45.72 -75.54
C GLU V 195 22.27 44.73 -75.85
N ARG V 196 21.91 43.47 -76.09
CA ARG V 196 22.91 42.43 -76.26
C ARG V 196 23.49 42.43 -77.67
N THR V 197 24.82 42.60 -77.73
CA THR V 197 25.55 42.61 -78.99
C THR V 197 25.17 41.43 -79.86
N ARG V 198 24.99 40.26 -79.24
CA ARG V 198 24.65 39.05 -79.97
C ARG V 198 23.29 39.15 -80.68
N GLU V 199 22.45 40.07 -80.21
CA GLU V 199 21.14 40.31 -80.82
C GLU V 199 21.25 41.35 -81.93
N GLY V 200 22.29 42.17 -81.84
CA GLY V 200 22.68 43.04 -82.94
C GLY V 200 23.19 42.18 -84.09
N ASN V 201 23.88 41.09 -83.72
CA ASN V 201 24.36 40.11 -84.69
C ASN V 201 23.20 39.41 -85.38
N ASP V 202 22.27 38.87 -84.59
CA ASP V 202 21.14 38.10 -85.12
C ASP V 202 20.23 38.92 -86.04
N LEU V 203 20.11 40.22 -85.75
CA LEU V 203 19.24 41.14 -86.49
C LEU V 203 19.84 41.58 -87.83
N TYR V 204 21.17 41.53 -87.91
CA TYR V 204 21.90 41.91 -89.12
C TYR V 204 21.79 40.83 -90.21
N ARG V 205 21.67 39.57 -89.80
CA ARG V 205 21.52 38.44 -90.72
C ARG V 205 20.10 38.35 -91.28
N GLU V 206 19.13 38.77 -90.47
CA GLU V 206 17.72 38.84 -90.86
C GLU V 206 17.47 39.99 -91.83
N MET V 207 18.13 41.12 -91.58
CA MET V 207 18.02 42.30 -92.43
C MET V 207 18.63 42.05 -93.80
N LYS V 208 19.43 40.97 -93.89
CA LYS V 208 19.93 40.45 -95.17
C LYS V 208 18.89 39.55 -95.82
N GLU V 209 18.30 38.65 -95.03
CA GLU V 209 17.42 37.59 -95.53
C GLU V 209 15.97 37.99 -95.87
N THR V 210 15.70 39.30 -95.95
CA THR V 210 14.39 39.78 -96.44
C THR V 210 14.56 40.91 -97.45
N GLY V 211 15.79 41.39 -97.58
CA GLY V 211 16.11 42.47 -98.52
C GLY V 211 15.78 43.83 -97.93
N VAL V 212 15.90 43.94 -96.61
CA VAL V 212 15.78 45.23 -95.94
C VAL V 212 17.15 45.89 -95.97
N ILE V 213 18.18 45.06 -96.11
CA ILE V 213 19.51 45.52 -96.51
C ILE V 213 19.96 44.74 -97.76
N ASN V 214 20.24 45.45 -98.84
CA ASN V 214 20.77 44.85 -100.05
C ASN V 214 22.27 45.13 -100.19
N LEU V 215 23.06 44.15 -99.77
CA LEU V 215 24.52 44.14 -99.94
C LEU V 215 24.94 44.70 -101.30
N GLU V 216 24.30 44.24 -102.37
CA GLU V 216 24.63 44.67 -103.72
C GLU V 216 23.55 45.56 -104.34
N GLY V 217 23.31 46.71 -103.70
CA GLY V 217 22.35 47.67 -104.24
C GLY V 217 21.72 48.63 -103.25
N GLU V 218 20.50 48.32 -102.83
CA GLU V 218 19.64 49.27 -102.11
C GLU V 218 19.15 48.78 -100.74
N SER V 219 19.40 49.57 -99.71
CA SER V 219 18.92 49.27 -98.37
C SER V 219 17.97 50.36 -97.90
N LYS V 220 16.84 49.96 -97.31
CA LYS V 220 15.84 50.92 -96.87
C LYS V 220 16.07 51.38 -95.42
N VAL V 221 16.97 50.72 -94.70
CA VAL V 221 17.25 51.03 -93.29
C VAL V 221 18.73 51.43 -93.05
N ALA V 222 18.99 52.06 -91.91
CA ALA V 222 20.35 52.34 -91.47
C ALA V 222 20.48 51.91 -90.01
N LEU V 223 21.66 51.39 -89.63
CA LEU V 223 21.83 50.80 -88.30
C LEU V 223 22.98 51.41 -87.48
N VAL V 224 22.66 51.84 -86.25
CA VAL V 224 23.65 52.34 -85.29
C VAL V 224 23.70 51.42 -84.06
N PHE V 225 24.89 51.18 -83.53
CA PHE V 225 25.04 50.31 -82.35
C PHE V 225 25.92 50.82 -81.20
N GLY V 226 25.43 50.57 -79.99
CA GLY V 226 26.14 50.90 -78.77
C GLY V 226 25.59 49.97 -77.70
N GLN V 227 25.96 48.71 -77.80
CA GLN V 227 25.43 47.68 -76.92
C GLN V 227 26.16 47.64 -75.58
N MET V 228 25.67 46.81 -74.65
CA MET V 228 26.08 46.90 -73.24
C MET V 228 27.58 46.74 -72.93
N ASN V 229 28.34 46.18 -73.87
CA ASN V 229 29.80 46.10 -73.71
C ASN V 229 30.49 47.47 -73.69
N GLU V 230 29.94 48.40 -74.45
CA GLU V 230 30.47 49.76 -74.54
C GLU V 230 30.27 50.49 -73.22
N PRO V 231 31.22 51.38 -72.84
CA PRO V 231 31.16 52.05 -71.52
C PRO V 231 30.05 53.12 -71.38
N PRO V 232 29.76 53.57 -70.14
CA PRO V 232 28.66 54.48 -69.80
C PRO V 232 28.46 55.64 -70.78
N GLY V 233 29.51 56.42 -71.01
CA GLY V 233 29.43 57.60 -71.89
C GLY V 233 28.83 57.25 -73.24
N ALA V 234 29.40 56.23 -73.87
CA ALA V 234 28.96 55.75 -75.18
C ALA V 234 27.48 55.41 -75.22
N ARG V 235 27.02 54.59 -74.27
CA ARG V 235 25.60 54.20 -74.17
C ARG V 235 24.65 55.38 -73.90
N ALA V 236 25.15 56.39 -73.18
CA ALA V 236 24.38 57.61 -72.89
C ALA V 236 24.21 58.50 -74.13
N ARG V 237 25.00 58.24 -75.17
CA ARG V 237 25.04 59.10 -76.34
C ARG V 237 24.57 58.42 -77.62
N VAL V 238 24.87 57.12 -77.74
CA VAL V 238 24.56 56.35 -78.96
C VAL V 238 23.09 56.48 -79.38
N ALA V 239 22.23 56.70 -78.39
CA ALA V 239 20.82 56.93 -78.62
C ALA V 239 20.61 58.19 -79.46
N LEU V 240 21.40 59.24 -79.18
CA LEU V 240 21.31 60.53 -79.89
C LEU V 240 21.96 60.48 -81.28
N THR V 241 23.00 59.65 -81.41
CA THR V 241 23.61 59.38 -82.71
C THR V 241 22.53 58.94 -83.70
N GLY V 242 21.91 57.79 -83.42
CA GLY V 242 20.86 57.25 -84.28
C GLY V 242 19.74 58.23 -84.61
N LEU V 243 19.44 59.10 -83.65
CA LEU V 243 18.35 60.09 -83.80
C LEU V 243 18.69 61.17 -84.82
N THR V 244 19.93 61.64 -84.79
CA THR V 244 20.38 62.68 -85.70
C THR V 244 20.46 62.17 -87.15
N ILE V 245 20.83 60.90 -87.31
CA ILE V 245 20.79 60.22 -88.61
C ILE V 245 19.35 60.20 -89.18
N ALA V 246 18.39 59.81 -88.36
CA ALA V 246 16.98 59.79 -88.77
C ALA V 246 16.39 61.20 -88.89
N GLU V 247 17.03 62.17 -88.24
CA GLU V 247 16.59 63.57 -88.30
C GLU V 247 16.73 64.16 -89.69
N TYR V 248 17.72 63.67 -90.44
CA TYR V 248 17.97 64.14 -91.80
C TYR V 248 16.78 63.82 -92.72
N PHE V 249 16.37 62.56 -92.75
CA PHE V 249 15.26 62.13 -93.61
C PHE V 249 13.95 62.88 -93.35
N ARG V 250 13.82 63.44 -92.15
CA ARG V 250 12.72 64.34 -91.84
C ARG V 250 12.99 65.72 -92.38
N ASP V 251 14.12 66.30 -91.97
CA ASP V 251 14.43 67.70 -92.19
C ASP V 251 14.74 68.02 -93.65
N GLU V 252 15.26 67.04 -94.37
CA GLU V 252 15.74 67.24 -95.75
C GLU V 252 14.98 66.46 -96.80
N GLU V 253 14.29 65.41 -96.39
CA GLU V 253 13.53 64.59 -97.34
C GLU V 253 12.03 64.82 -97.20
N GLY V 254 11.64 65.49 -96.11
CA GLY V 254 10.23 65.74 -95.81
C GLY V 254 9.40 64.47 -95.80
N GLN V 255 9.98 63.40 -95.26
CA GLN V 255 9.33 62.08 -95.26
C GLN V 255 9.14 61.56 -93.83
N ASP V 256 8.30 60.52 -93.71
CA ASP V 256 7.98 59.90 -92.43
C ASP V 256 9.02 58.80 -92.11
N VAL V 257 9.98 59.16 -91.26
CA VAL V 257 11.09 58.29 -90.89
C VAL V 257 10.68 57.42 -89.71
N LEU V 258 11.12 56.16 -89.68
CA LEU V 258 10.93 55.30 -88.50
C LEU V 258 12.22 55.24 -87.71
N LEU V 259 12.13 55.48 -86.40
CA LEU V 259 13.30 55.36 -85.54
C LEU V 259 13.04 54.29 -84.48
N PHE V 260 13.58 53.10 -84.71
CA PHE V 260 13.47 52.02 -83.75
C PHE V 260 14.57 52.18 -82.73
N ILE V 261 14.19 52.26 -81.44
CA ILE V 261 15.17 52.28 -80.34
C ILE V 261 14.99 51.05 -79.46
N ASP V 262 16.11 50.42 -79.14
CA ASP V 262 16.14 49.24 -78.30
C ASP V 262 17.51 49.27 -77.62
N ASN V 263 17.55 49.61 -76.34
CA ASN V 263 16.38 49.81 -75.49
C ASN V 263 16.47 51.16 -74.80
N ILE V 264 15.36 51.88 -74.74
CA ILE V 264 15.33 53.23 -74.20
C ILE V 264 15.74 53.29 -72.72
N PHE V 265 15.41 52.22 -72.01
CA PHE V 265 15.76 52.03 -70.61
C PHE V 265 17.27 52.15 -70.39
N ARG V 266 18.05 51.57 -71.29
CA ARG V 266 19.52 51.63 -71.21
C ARG V 266 20.04 53.05 -71.42
N PHE V 267 19.27 53.89 -72.10
CA PHE V 267 19.59 55.32 -72.22
C PHE V 267 19.60 55.94 -70.82
N THR V 268 18.53 55.67 -70.08
CA THR V 268 18.33 56.17 -68.73
C THR V 268 19.34 55.57 -67.77
N GLN V 269 19.59 54.28 -67.94
CA GLN V 269 20.48 53.51 -67.10
C GLN V 269 21.88 54.09 -67.19
N ALA V 270 22.37 54.25 -68.42
CA ALA V 270 23.70 54.80 -68.68
C ALA V 270 23.77 56.25 -68.24
N GLY V 271 22.67 56.98 -68.45
CA GLY V 271 22.55 58.34 -67.94
C GLY V 271 22.81 58.37 -66.45
N SER V 272 22.13 57.45 -65.73
CA SER V 272 22.38 57.23 -64.31
C SER V 272 23.85 56.89 -64.06
N GLU V 273 24.41 56.05 -64.93
CA GLU V 273 25.80 55.61 -64.77
C GLU V 273 26.83 56.73 -64.88
N VAL V 274 26.52 57.81 -65.61
CA VAL V 274 27.48 58.91 -65.71
C VAL V 274 27.33 59.94 -64.60
N SER V 275 26.09 60.25 -64.20
CA SER V 275 25.84 61.24 -63.13
C SER V 275 26.53 60.81 -61.85
N ALA V 276 26.49 59.50 -61.60
CA ALA V 276 27.12 58.90 -60.44
C ALA V 276 28.62 59.13 -60.53
N LEU V 277 29.20 58.83 -61.69
CA LEU V 277 30.63 58.93 -61.86
C LEU V 277 31.09 60.38 -61.98
N LEU V 278 30.18 61.26 -62.39
CA LEU V 278 30.42 62.70 -62.44
C LEU V 278 30.41 63.33 -61.05
N GLY V 279 29.89 62.59 -60.07
CA GLY V 279 29.85 63.05 -58.69
C GLY V 279 28.56 63.75 -58.32
N ARG V 280 27.47 63.45 -59.02
CA ARG V 280 26.14 63.98 -58.69
C ARG V 280 25.54 63.26 -57.47
N ILE V 281 24.73 63.97 -56.70
CA ILE V 281 23.96 63.35 -55.62
C ILE V 281 22.88 62.50 -56.28
N PRO V 282 22.89 61.17 -56.00
CA PRO V 282 21.93 60.27 -56.63
C PRO V 282 20.52 60.55 -56.16
N SER V 283 19.57 60.42 -57.09
CA SER V 283 18.15 60.67 -56.80
C SER V 283 17.44 59.39 -56.34
N ALA V 284 16.11 59.42 -56.36
CA ALA V 284 15.30 58.26 -56.00
C ALA V 284 15.73 57.05 -56.81
N VAL V 285 15.88 55.91 -56.13
CA VAL V 285 16.32 54.64 -56.72
C VAL V 285 17.71 54.72 -57.37
N GLY V 286 18.46 55.76 -57.04
CA GLY V 286 19.84 55.92 -57.52
C GLY V 286 20.03 56.46 -58.94
N TYR V 287 18.94 56.87 -59.57
CA TYR V 287 19.00 57.52 -60.87
C TYR V 287 19.56 58.93 -60.77
N GLN V 288 20.07 59.44 -61.89
CA GLN V 288 20.47 60.83 -62.02
C GLN V 288 19.34 61.77 -61.62
N PRO V 289 19.66 62.93 -61.02
CA PRO V 289 18.65 63.95 -60.79
C PRO V 289 18.06 64.55 -62.08
N THR V 290 18.73 64.32 -63.20
CA THR V 290 18.34 64.94 -64.47
C THR V 290 17.44 64.06 -65.34
N LEU V 291 16.86 63.02 -64.72
CA LEU V 291 16.03 62.03 -65.39
C LEU V 291 15.03 62.59 -66.41
N ALA V 292 14.05 63.33 -65.93
CA ALA V 292 12.92 63.79 -66.74
C ALA V 292 13.33 64.74 -67.87
N THR V 293 14.44 65.45 -67.66
CA THR V 293 14.97 66.41 -68.63
C THR V 293 15.98 65.79 -69.59
N ASP V 294 16.61 64.70 -69.16
CA ASP V 294 17.44 63.91 -70.05
C ASP V 294 16.56 63.30 -71.13
N MET V 295 15.49 62.63 -70.71
CA MET V 295 14.52 62.10 -71.66
C MET V 295 13.81 63.23 -72.35
N GLY V 296 13.63 64.32 -71.59
CA GLY V 296 13.07 65.55 -72.14
C GLY V 296 13.72 65.89 -73.46
N LEU V 297 15.04 66.07 -73.42
CA LEU V 297 15.82 66.53 -74.58
C LEU V 297 15.88 65.53 -75.73
N LEU V 298 15.83 64.23 -75.42
CA LEU V 298 15.76 63.18 -76.42
C LEU V 298 14.38 63.07 -77.05
N GLN V 299 13.35 62.78 -76.24
CA GLN V 299 11.99 62.53 -76.75
C GLN V 299 11.38 63.71 -77.51
N GLU V 300 11.65 64.93 -77.07
CA GLU V 300 11.07 66.15 -77.65
C GLU V 300 11.63 66.52 -79.03
N ARG V 301 12.67 65.80 -79.44
CA ARG V 301 13.19 65.92 -80.78
C ARG V 301 12.45 64.98 -81.71
N ILE V 302 12.10 63.80 -81.19
CA ILE V 302 11.27 62.86 -81.92
C ILE V 302 9.84 63.40 -81.96
N THR V 303 9.49 64.04 -83.07
CA THR V 303 8.16 64.64 -83.24
C THR V 303 7.88 64.99 -84.71
N THR V 304 6.61 65.33 -85.01
CA THR V 304 6.17 65.69 -86.36
C THR V 304 6.33 67.19 -86.64
N THR V 305 7.35 67.54 -87.43
CA THR V 305 7.70 68.93 -87.67
C THR V 305 6.95 69.57 -88.86
N LYS V 306 7.50 70.67 -89.38
CA LYS V 306 6.94 71.39 -90.53
C LYS V 306 7.23 70.71 -91.87
N LYS V 307 8.41 70.11 -91.99
CA LYS V 307 8.86 69.49 -93.26
C LYS V 307 8.47 68.01 -93.38
N GLY V 308 8.79 67.21 -92.35
CA GLY V 308 8.53 65.77 -92.37
C GLY V 308 8.30 65.14 -91.00
N SER V 309 7.86 63.89 -91.01
CA SER V 309 7.50 63.17 -89.79
C SER V 309 8.62 62.27 -89.28
N VAL V 310 8.79 62.23 -87.97
CA VAL V 310 9.62 61.21 -87.32
C VAL V 310 8.78 60.44 -86.33
N THR V 311 8.61 59.15 -86.60
CA THR V 311 7.92 58.26 -85.70
C THR V 311 8.97 57.33 -85.14
N SER V 312 8.93 57.07 -83.83
CA SER V 312 9.84 56.11 -83.23
C SER V 312 9.13 54.97 -82.51
N VAL V 313 9.64 53.75 -82.67
CA VAL V 313 9.15 52.60 -81.92
C VAL V 313 10.22 52.27 -80.89
N GLN V 314 9.82 52.34 -79.62
CA GLN V 314 10.75 52.17 -78.51
C GLN V 314 10.43 50.91 -77.72
N ALA V 315 11.43 50.05 -77.58
CA ALA V 315 11.33 48.92 -76.68
C ALA V 315 11.66 49.44 -75.28
N VAL V 316 10.89 48.99 -74.30
CA VAL V 316 11.02 49.48 -72.92
C VAL V 316 11.20 48.32 -71.94
N TYR V 317 12.38 48.25 -71.32
CA TYR V 317 12.64 47.29 -70.26
C TYR V 317 12.02 47.75 -68.93
N VAL V 318 11.27 46.87 -68.30
CA VAL V 318 10.66 47.17 -67.01
C VAL V 318 11.44 46.43 -65.90
N PRO V 319 12.22 47.18 -65.10
CA PRO V 319 13.07 46.59 -64.04
C PRO V 319 12.25 45.80 -63.02
N ALA V 320 12.51 44.49 -62.95
CA ALA V 320 11.81 43.57 -62.05
C ALA V 320 10.29 43.66 -62.17
N ASP V 321 9.81 43.75 -63.42
CA ASP V 321 8.38 43.83 -63.76
C ASP V 321 7.69 45.09 -63.23
N ASP V 322 8.47 45.96 -62.58
CA ASP V 322 7.93 47.11 -61.84
C ASP V 322 7.73 48.37 -62.69
N LEU V 323 6.47 48.61 -63.05
CA LEU V 323 6.07 49.72 -63.91
C LEU V 323 6.13 51.08 -63.21
N THR V 324 6.39 51.07 -61.90
CA THR V 324 6.46 52.30 -61.12
C THR V 324 7.91 52.73 -60.88
N ASP V 325 8.83 51.93 -61.38
CA ASP V 325 10.23 52.29 -61.40
C ASP V 325 10.34 53.68 -62.01
N PRO V 326 11.30 54.52 -61.54
CA PRO V 326 11.43 55.84 -62.14
C PRO V 326 11.69 55.84 -63.64
N ALA V 327 12.50 54.89 -64.12
CA ALA V 327 12.86 54.83 -65.54
C ALA V 327 11.68 54.69 -66.53
N PRO V 328 10.91 53.58 -66.44
CA PRO V 328 9.79 53.40 -67.38
C PRO V 328 8.62 54.36 -67.13
N ALA V 329 8.56 54.93 -65.93
CA ALA V 329 7.53 55.89 -65.59
C ALA V 329 7.83 57.28 -66.16
N THR V 330 9.10 57.56 -66.42
CA THR V 330 9.49 58.76 -67.15
C THR V 330 9.20 58.58 -68.64
N THR V 331 9.13 57.32 -69.07
CA THR V 331 8.89 56.98 -70.47
C THR V 331 7.39 56.99 -70.84
N PHE V 332 6.55 56.41 -69.98
CA PHE V 332 5.09 56.43 -70.17
C PHE V 332 4.56 57.84 -70.44
N ALA V 333 5.27 58.81 -69.88
CA ALA V 333 4.94 60.23 -70.01
C ALA V 333 4.93 60.70 -71.46
N HIS V 334 5.95 60.28 -72.20
CA HIS V 334 6.20 60.77 -73.55
C HIS V 334 5.49 60.01 -74.66
N LEU V 335 5.07 58.78 -74.38
CA LEU V 335 4.50 57.91 -75.41
C LEU V 335 3.10 58.30 -75.90
N ASP V 336 2.74 57.80 -77.09
CA ASP V 336 1.45 58.08 -77.70
C ASP V 336 0.55 56.84 -77.81
N ALA V 337 1.18 55.69 -78.07
CA ALA V 337 0.48 54.41 -78.08
C ALA V 337 1.24 53.41 -77.22
N THR V 338 0.49 52.58 -76.51
CA THR V 338 1.06 51.67 -75.52
C THR V 338 0.83 50.20 -75.84
N THR V 339 1.91 49.44 -75.88
CA THR V 339 1.87 48.03 -76.21
C THR V 339 2.81 47.20 -75.31
N SER V 346 1.45 35.77 -71.07
CA SER V 346 2.74 35.25 -71.52
C SER V 346 3.11 33.93 -70.83
N GLU V 347 2.60 33.73 -69.62
CA GLU V 347 2.71 32.44 -68.93
C GLU V 347 1.39 31.69 -69.03
N LEU V 348 0.55 32.13 -69.97
CA LEU V 348 -0.64 31.41 -70.38
C LEU V 348 -0.42 30.82 -71.79
N GLY V 349 0.66 31.24 -72.45
CA GLY V 349 0.97 30.84 -73.82
C GLY V 349 0.41 31.78 -74.89
N ILE V 350 -0.30 32.82 -74.43
CA ILE V 350 -0.98 33.79 -75.30
C ILE V 350 0.04 34.64 -76.05
N TYR V 351 0.02 34.56 -77.38
CA TYR V 351 1.05 35.21 -78.21
C TYR V 351 0.55 35.83 -79.53
N PRO V 352 1.20 36.94 -79.98
CA PRO V 352 2.30 37.63 -79.30
C PRO V 352 1.84 38.25 -77.97
N ALA V 353 2.67 38.15 -76.93
CA ALA V 353 2.26 38.52 -75.57
C ALA V 353 1.82 39.98 -75.45
N VAL V 354 0.50 40.18 -75.29
CA VAL V 354 -0.15 41.51 -75.28
C VAL V 354 -1.43 41.58 -74.43
N ASP V 355 -1.52 42.65 -73.63
CA ASP V 355 -2.64 42.92 -72.75
C ASP V 355 -3.72 43.76 -73.46
N PRO V 356 -4.92 43.18 -73.67
CA PRO V 356 -6.08 43.89 -74.24
C PRO V 356 -6.84 44.80 -73.24
N LEU V 357 -6.34 44.92 -72.01
CA LEU V 357 -6.98 45.74 -70.97
C LEU V 357 -6.08 46.91 -70.52
N ASP V 358 -4.82 46.60 -70.23
CA ASP V 358 -3.83 47.63 -69.84
C ASP V 358 -3.41 48.53 -71.03
N SER V 359 -3.24 47.93 -72.23
CA SER V 359 -2.81 48.67 -73.43
C SER V 359 -3.81 49.73 -73.89
N LYS V 360 -3.39 50.51 -74.89
CA LYS V 360 -4.23 51.54 -75.53
C LYS V 360 -3.44 52.41 -76.51
N SER V 361 -4.10 53.47 -76.99
CA SER V 361 -3.46 54.53 -77.77
C SER V 361 -4.14 55.87 -77.53
N ARG V 362 -3.39 56.96 -77.70
CA ARG V 362 -3.93 58.31 -77.70
C ARG V 362 -4.91 58.51 -78.85
N LEU V 363 -4.83 57.64 -79.85
CA LEU V 363 -5.62 57.79 -81.07
C LEU V 363 -6.69 56.70 -81.23
N LEU V 364 -7.02 56.02 -80.14
CA LEU V 364 -8.21 55.17 -80.13
C LEU V 364 -9.37 56.10 -79.87
N ASP V 365 -10.01 56.50 -80.96
CA ASP V 365 -11.05 57.53 -80.95
C ASP V 365 -12.23 57.05 -81.80
N ALA V 366 -13.45 57.46 -81.42
CA ALA V 366 -14.66 57.12 -82.17
C ALA V 366 -14.71 57.78 -83.56
N ALA V 367 -13.92 58.85 -83.74
CA ALA V 367 -13.84 59.54 -85.01
C ALA V 367 -12.98 58.78 -86.02
N VAL V 368 -11.72 58.56 -85.66
CA VAL V 368 -10.67 58.08 -86.57
C VAL V 368 -10.90 56.67 -87.13
N VAL V 369 -11.56 55.79 -86.37
CA VAL V 369 -11.91 54.45 -86.87
C VAL V 369 -13.41 54.15 -86.81
N GLY V 370 -14.22 55.20 -86.70
CA GLY V 370 -15.67 55.07 -86.66
C GLY V 370 -16.17 54.62 -85.30
N GLN V 371 -17.49 54.49 -85.19
CA GLN V 371 -18.15 54.06 -83.95
C GLN V 371 -17.96 52.56 -83.70
N GLU V 372 -18.29 51.76 -84.70
CA GLU V 372 -18.26 50.28 -84.61
C GLU V 372 -16.91 49.70 -84.13
N HIS V 373 -15.81 50.26 -84.60
CA HIS V 373 -14.47 49.78 -84.22
C HIS V 373 -14.06 50.24 -82.83
N TYR V 374 -14.49 51.45 -82.45
CA TYR V 374 -14.35 51.94 -81.08
C TYR V 374 -15.15 51.05 -80.11
N ASP V 375 -16.25 50.49 -80.61
CA ASP V 375 -17.11 49.56 -79.86
C ASP V 375 -16.51 48.15 -79.70
N VAL V 376 -16.23 47.47 -80.80
CA VAL V 376 -15.64 46.13 -80.77
C VAL V 376 -14.40 46.11 -79.86
N ALA V 377 -13.74 47.26 -79.76
CA ALA V 377 -12.66 47.46 -78.80
C ALA V 377 -13.21 47.35 -77.37
N SER V 378 -14.25 48.14 -77.08
CA SER V 378 -14.90 48.17 -75.75
C SER V 378 -15.67 46.89 -75.38
N LYS V 379 -16.11 46.14 -76.38
CA LYS V 379 -16.91 44.92 -76.16
C LYS V 379 -16.06 43.68 -75.93
N VAL V 380 -14.90 43.61 -76.58
CA VAL V 380 -13.94 42.55 -76.33
C VAL V 380 -13.22 42.81 -75.00
N GLN V 381 -13.11 44.10 -74.64
CA GLN V 381 -12.52 44.53 -73.37
C GLN V 381 -13.45 44.22 -72.19
N GLU V 382 -14.74 44.54 -72.33
CA GLU V 382 -15.75 44.30 -71.29
C GLU V 382 -16.03 42.82 -71.01
N THR V 383 -15.83 41.97 -72.01
CA THR V 383 -15.94 40.51 -71.87
C THR V 383 -14.69 39.95 -71.17
N LEU V 384 -13.56 40.61 -71.36
CA LEU V 384 -12.32 40.25 -70.66
C LEU V 384 -12.15 41.02 -69.34
N GLN V 385 -13.03 41.99 -69.09
CA GLN V 385 -13.10 42.70 -67.81
C GLN V 385 -13.96 41.91 -66.81
N THR V 386 -14.99 41.25 -67.34
CA THR V 386 -15.79 40.29 -66.56
C THR V 386 -14.92 39.09 -66.23
N TYR V 387 -14.13 38.65 -67.22
CA TYR V 387 -13.23 37.50 -67.10
C TYR V 387 -12.11 37.75 -66.09
N PRO W 14 22.51 99.53 -29.47
CA PRO W 14 22.14 98.79 -30.68
C PRO W 14 23.34 98.07 -31.34
N ILE W 15 23.17 96.78 -31.63
CA ILE W 15 24.22 95.94 -32.24
C ILE W 15 23.83 95.54 -33.67
N THR W 16 24.78 95.60 -34.59
CA THR W 16 24.48 95.48 -36.02
C THR W 16 25.33 94.41 -36.72
N GLY W 17 24.68 93.69 -37.63
CA GLY W 17 25.36 92.75 -38.50
C GLY W 17 25.10 93.00 -39.98
N LYS W 18 25.92 92.41 -40.83
CA LYS W 18 25.71 92.45 -42.28
C LYS W 18 25.37 91.04 -42.76
N VAL W 19 24.41 90.94 -43.68
CA VAL W 19 24.06 89.66 -44.30
C VAL W 19 25.25 89.17 -45.13
N THR W 20 25.71 87.95 -44.88
CA THR W 20 26.84 87.39 -45.64
C THR W 20 26.45 86.29 -46.61
N ALA W 21 25.35 85.61 -46.32
CA ALA W 21 24.90 84.51 -47.17
C ALA W 21 23.37 84.33 -47.15
N VAL W 22 22.81 84.02 -48.32
CA VAL W 22 21.39 83.68 -48.40
C VAL W 22 21.19 82.36 -49.17
N ILE W 23 20.79 81.32 -48.44
CA ILE W 23 20.40 80.05 -49.05
C ILE W 23 19.00 79.69 -48.56
N GLY W 24 17.98 79.89 -49.40
CA GLY W 24 16.60 79.62 -48.99
C GLY W 24 16.27 80.27 -47.65
N ALA W 25 15.71 79.48 -46.74
CA ALA W 25 15.35 79.98 -45.40
C ALA W 25 16.55 80.20 -44.47
N ILE W 26 17.74 79.82 -44.95
CA ILE W 26 18.99 79.95 -44.22
C ILE W 26 19.66 81.29 -44.60
N VAL W 27 20.02 82.08 -43.59
CA VAL W 27 20.64 83.40 -43.78
C VAL W 27 21.81 83.57 -42.81
N ASP W 28 23.01 83.81 -43.34
CA ASP W 28 24.19 84.04 -42.48
C ASP W 28 24.44 85.52 -42.24
N VAL W 29 24.82 85.88 -41.01
CA VAL W 29 24.97 87.28 -40.62
C VAL W 29 26.26 87.52 -39.83
N HIS W 30 27.12 88.39 -40.37
CA HIS W 30 28.43 88.73 -39.79
C HIS W 30 28.32 89.85 -38.76
N PHE W 31 29.12 89.77 -37.69
CA PHE W 31 29.10 90.75 -36.60
C PHE W 31 30.50 91.24 -36.24
N GLU W 32 30.59 92.18 -35.29
CA GLU W 32 31.88 92.60 -34.73
C GLU W 32 32.29 91.74 -33.54
N GLN W 33 33.58 91.75 -33.22
CA GLN W 33 34.15 90.80 -32.26
C GLN W 33 33.45 90.87 -30.89
N SER W 34 33.00 89.70 -30.41
CA SER W 34 32.22 89.57 -29.18
C SER W 34 31.10 90.62 -29.11
N GLU W 35 30.31 90.64 -30.18
CA GLU W 35 29.18 91.54 -30.33
C GLU W 35 28.00 90.63 -30.72
N LEU W 36 28.28 89.32 -30.71
CA LEU W 36 27.44 88.31 -31.32
C LEU W 36 26.14 88.01 -30.57
N PRO W 37 25.05 87.81 -31.32
CA PRO W 37 23.78 87.44 -30.72
C PRO W 37 23.78 85.97 -30.31
N ALA W 38 23.30 85.71 -29.09
CA ALA W 38 23.15 84.34 -28.59
C ALA W 38 22.22 83.53 -29.47
N ILE W 39 22.38 82.21 -29.47
CA ILE W 39 21.46 81.31 -30.20
C ILE W 39 20.02 81.53 -29.70
N LEU W 40 19.06 81.43 -30.62
CA LEU W 40 17.62 81.69 -30.38
C LEU W 40 17.20 83.17 -30.41
N ASN W 41 18.19 84.07 -30.50
CA ASN W 41 17.93 85.50 -30.67
C ASN W 41 17.24 85.82 -31.99
N ALA W 42 16.21 86.67 -31.89
CA ALA W 42 15.48 87.17 -33.06
C ALA W 42 16.15 88.42 -33.64
N LEU W 43 16.51 88.38 -34.92
CA LEU W 43 17.12 89.54 -35.56
C LEU W 43 16.17 90.07 -36.63
N GLU W 44 16.31 91.36 -36.93
CA GLU W 44 15.39 92.05 -37.83
C GLU W 44 16.08 92.61 -39.06
N ILE W 45 15.37 92.56 -40.19
CA ILE W 45 15.77 93.24 -41.42
C ILE W 45 14.54 93.99 -41.92
N LYS W 46 14.72 95.27 -42.24
CA LYS W 46 13.65 96.13 -42.77
C LYS W 46 13.37 95.81 -44.24
N THR W 47 12.11 95.71 -44.60
CA THR W 47 11.70 95.49 -45.99
C THR W 47 10.69 96.53 -46.46
N PRO W 48 10.57 96.73 -47.81
CA PRO W 48 9.43 97.48 -48.33
C PRO W 48 8.11 96.94 -47.76
N GLN W 49 8.03 95.61 -47.66
CA GLN W 49 6.94 94.89 -47.01
C GLN W 49 6.70 95.39 -45.57
N GLY W 50 7.75 95.34 -44.75
CA GLY W 50 7.71 95.63 -43.32
C GLY W 50 9.05 95.20 -42.74
N LYS W 51 9.05 94.14 -41.95
CA LYS W 51 10.31 93.57 -41.46
C LYS W 51 10.41 92.07 -41.77
N LEU W 52 11.65 91.58 -41.91
CA LEU W 52 11.93 90.14 -42.04
C LEU W 52 12.70 89.67 -40.82
N VAL W 53 12.09 88.80 -40.03
CA VAL W 53 12.65 88.40 -38.74
C VAL W 53 13.41 87.08 -38.85
N LEU W 54 14.68 87.10 -38.50
CA LEU W 54 15.50 85.87 -38.53
C LEU W 54 15.75 85.35 -37.11
N GLU W 55 15.89 84.03 -36.97
CA GLU W 55 16.24 83.41 -35.69
C GLU W 55 17.63 82.79 -35.73
N VAL W 56 18.47 83.13 -34.74
CA VAL W 56 19.84 82.64 -34.67
C VAL W 56 19.89 81.14 -34.35
N ALA W 57 20.37 80.36 -35.30
CA ALA W 57 20.47 78.91 -35.15
C ALA W 57 21.83 78.47 -34.64
N GLN W 58 22.90 79.01 -35.23
CA GLN W 58 24.27 78.54 -34.92
C GLN W 58 25.34 79.63 -35.03
N HIS W 59 26.29 79.61 -34.10
CA HIS W 59 27.53 80.37 -34.24
C HIS W 59 28.51 79.52 -35.03
N LEU W 60 28.82 79.94 -36.25
CA LEU W 60 29.64 79.14 -37.14
C LEU W 60 31.13 79.44 -37.05
N GLY W 61 31.50 80.44 -36.24
CA GLY W 61 32.87 80.95 -36.25
C GLY W 61 32.93 82.14 -37.19
N GLU W 62 34.10 82.78 -37.25
CA GLU W 62 34.32 84.01 -38.03
C GLU W 62 33.32 85.11 -37.63
N ASN W 63 32.93 85.14 -36.37
CA ASN W 63 31.90 86.06 -35.87
C ASN W 63 30.67 86.13 -36.81
N THR W 64 30.34 84.98 -37.43
CA THR W 64 29.19 84.83 -38.32
C THR W 64 28.23 83.81 -37.71
N VAL W 65 26.94 84.18 -37.62
CA VAL W 65 25.90 83.25 -37.21
C VAL W 65 25.05 82.78 -38.39
N ARG W 66 24.48 81.59 -38.28
CA ARG W 66 23.51 81.11 -39.25
C ARG W 66 22.13 81.24 -38.61
N THR W 67 21.15 81.67 -39.41
CA THR W 67 19.80 81.95 -38.93
C THR W 67 18.68 81.31 -39.78
N ILE W 68 17.58 80.93 -39.15
CA ILE W 68 16.37 80.56 -39.91
C ILE W 68 15.43 81.76 -40.06
N ALA W 69 14.91 81.95 -41.27
CA ALA W 69 13.99 83.06 -41.57
C ALA W 69 12.54 82.76 -41.20
N MET W 70 11.88 83.74 -40.59
CA MET W 70 10.46 83.61 -40.26
C MET W 70 9.56 84.01 -41.42
N ASP W 71 10.17 84.25 -42.57
CA ASP W 71 9.47 84.73 -43.76
C ASP W 71 10.37 84.52 -44.97
N GLY W 72 9.87 84.86 -46.15
CA GLY W 72 10.65 84.73 -47.39
C GLY W 72 11.90 85.59 -47.37
N THR W 73 13.00 85.05 -47.90
CA THR W 73 14.27 85.76 -47.95
C THR W 73 14.49 86.28 -49.35
N GLU W 74 13.53 85.99 -50.21
CA GLU W 74 13.47 86.47 -51.58
C GLU W 74 13.75 87.97 -51.62
N GLY W 75 14.91 88.34 -52.14
CA GLY W 75 15.25 89.75 -52.40
C GLY W 75 16.37 90.32 -51.57
N LEU W 76 16.95 89.49 -50.70
CA LEU W 76 18.05 89.91 -49.84
C LEU W 76 19.31 90.15 -50.64
N VAL W 77 19.98 91.25 -50.34
CA VAL W 77 21.28 91.55 -50.94
C VAL W 77 22.37 91.40 -49.88
N ARG W 78 23.33 90.51 -50.14
CA ARG W 78 24.48 90.35 -49.27
C ARG W 78 25.01 91.73 -48.89
N GLY W 79 25.25 91.93 -47.61
CA GLY W 79 25.65 93.24 -47.10
C GLY W 79 24.51 94.00 -46.43
N GLU W 80 23.27 93.59 -46.70
CA GLU W 80 22.09 94.20 -46.07
C GLU W 80 22.28 94.27 -44.55
N LYS W 81 21.75 95.34 -43.92
CA LYS W 81 21.96 95.53 -42.47
C LYS W 81 21.01 94.68 -41.64
N VAL W 82 21.43 94.37 -40.41
CA VAL W 82 20.70 93.45 -39.52
C VAL W 82 20.73 93.95 -38.07
N LEU W 83 19.56 94.19 -37.50
CA LEU W 83 19.48 94.62 -36.10
C LEU W 83 19.34 93.43 -35.20
N ASP W 84 20.27 93.28 -34.27
CA ASP W 84 20.12 92.31 -33.19
C ASP W 84 19.15 92.88 -32.15
N THR W 85 18.04 92.19 -31.91
CA THR W 85 17.02 92.70 -30.98
C THR W 85 17.35 92.36 -29.53
N GLY W 86 18.44 91.64 -29.32
CA GLY W 86 18.95 91.36 -27.98
C GLY W 86 18.53 90.01 -27.45
N GLY W 87 17.23 89.73 -27.54
CA GLY W 87 16.69 88.45 -27.08
C GLY W 87 16.00 87.65 -28.16
N PRO W 88 15.20 86.64 -27.78
CA PRO W 88 14.44 85.86 -28.76
C PRO W 88 13.16 86.55 -29.24
N ILE W 89 12.48 85.93 -30.19
CA ILE W 89 11.16 86.38 -30.64
C ILE W 89 10.24 86.55 -29.44
N SER W 90 9.67 87.74 -29.31
CA SER W 90 8.78 88.07 -28.20
C SER W 90 7.37 88.39 -28.70
N VAL W 91 6.36 88.05 -27.90
CA VAL W 91 4.97 88.30 -28.27
C VAL W 91 4.18 88.91 -27.11
N PRO W 92 3.21 89.80 -27.41
CA PRO W 92 2.36 90.44 -26.41
C PRO W 92 1.60 89.42 -25.56
N VAL W 93 1.42 89.76 -24.29
CA VAL W 93 0.73 88.89 -23.34
C VAL W 93 -0.34 89.70 -22.60
N GLY W 94 -0.99 89.09 -21.62
CA GLY W 94 -2.07 89.75 -20.90
C GLY W 94 -3.35 89.78 -21.69
N ARG W 95 -4.40 90.29 -21.07
CA ARG W 95 -5.75 90.20 -21.60
C ARG W 95 -5.97 90.90 -22.95
N GLU W 96 -5.07 91.79 -23.32
CA GLU W 96 -5.21 92.56 -24.58
C GLU W 96 -5.09 91.69 -25.83
N THR W 97 -4.50 90.51 -25.68
CA THR W 97 -4.43 89.52 -26.74
C THR W 97 -5.77 88.81 -26.96
N LEU W 98 -6.59 88.75 -25.91
CA LEU W 98 -7.90 88.10 -26.01
C LEU W 98 -8.74 88.72 -27.12
N GLY W 99 -9.42 87.88 -27.89
CA GLY W 99 -10.26 88.35 -29.01
C GLY W 99 -9.53 88.71 -30.29
N ARG W 100 -8.21 88.73 -30.23
CA ARG W 100 -7.38 89.15 -31.36
C ARG W 100 -6.71 87.99 -32.09
N ILE W 101 -6.47 88.15 -33.38
CA ILE W 101 -5.64 87.19 -34.12
C ILE W 101 -4.20 87.70 -34.16
N ILE W 102 -3.29 86.82 -33.78
CA ILE W 102 -1.87 87.14 -33.72
C ILE W 102 -1.10 86.16 -34.64
N ASN W 103 0.14 86.48 -34.98
CA ASN W 103 1.00 85.61 -35.79
C ASN W 103 2.20 85.08 -35.01
N VAL W 104 3.14 84.44 -35.72
CA VAL W 104 4.27 83.76 -35.11
C VAL W 104 5.22 84.68 -34.34
N ILE W 105 5.39 85.89 -34.85
CA ILE W 105 6.26 86.92 -34.24
C ILE W 105 5.52 88.00 -33.43
N GLY W 106 4.27 87.73 -33.07
CA GLY W 106 3.55 88.58 -32.14
C GLY W 106 2.85 89.77 -32.75
N GLU W 107 2.72 89.79 -34.07
CA GLU W 107 2.02 90.89 -34.73
C GLU W 107 0.56 90.56 -34.98
N PRO W 108 -0.31 91.58 -34.91
CA PRO W 108 -1.73 91.40 -35.19
C PRO W 108 -2.01 91.19 -36.67
N ILE W 109 -2.94 90.28 -36.97
CA ILE W 109 -3.30 89.96 -38.36
C ILE W 109 -4.82 90.08 -38.60
N ASP W 110 -5.51 90.83 -37.75
CA ASP W 110 -6.97 90.97 -37.87
C ASP W 110 -7.45 92.38 -38.21
N GLU W 111 -6.53 93.23 -38.64
CA GLU W 111 -6.85 94.61 -39.05
C GLU W 111 -7.74 95.34 -38.05
N ARG W 112 -7.44 95.16 -36.76
CA ARG W 112 -8.19 95.82 -35.68
C ARG W 112 -7.27 96.75 -34.89
N GLY W 113 -6.19 97.18 -35.56
CA GLY W 113 -5.21 98.07 -34.96
C GLY W 113 -4.14 97.24 -34.29
N PRO W 114 -3.42 97.83 -33.33
CA PRO W 114 -2.37 97.09 -32.66
C PRO W 114 -2.91 96.48 -31.39
N ILE W 115 -2.23 95.46 -30.87
CA ILE W 115 -2.49 94.97 -29.55
C ILE W 115 -1.84 95.97 -28.60
N LYS W 116 -2.66 96.62 -27.78
CA LYS W 116 -2.13 97.63 -26.86
C LYS W 116 -1.72 96.96 -25.55
N SER W 117 -0.67 96.14 -25.63
CA SER W 117 -0.29 95.28 -24.51
C SER W 117 0.90 95.81 -23.74
N LYS W 118 0.76 95.81 -22.41
CA LYS W 118 1.76 96.43 -21.51
C LYS W 118 3.07 95.61 -21.42
N LEU W 119 3.00 94.29 -21.53
CA LEU W 119 4.22 93.49 -21.48
C LEU W 119 4.35 92.59 -22.71
N ARG W 120 5.58 92.16 -22.99
CA ARG W 120 5.86 91.14 -24.00
C ARG W 120 6.76 90.09 -23.37
N LYS W 121 6.69 88.86 -23.85
CA LYS W 121 7.47 87.79 -23.28
C LYS W 121 8.15 87.02 -24.41
N PRO W 122 9.35 86.49 -24.17
CA PRO W 122 10.04 85.72 -25.22
C PRO W 122 9.41 84.36 -25.39
N ILE W 123 9.46 83.82 -26.60
CA ILE W 123 8.81 82.54 -26.90
C ILE W 123 9.64 81.31 -26.56
N HIS W 124 10.92 81.50 -26.27
CA HIS W 124 11.76 80.41 -25.79
C HIS W 124 12.09 80.58 -24.31
N ALA W 125 11.54 79.67 -23.49
CA ALA W 125 11.73 79.72 -22.03
C ALA W 125 11.96 78.33 -21.41
N ASP W 126 12.72 78.31 -20.31
CA ASP W 126 12.95 77.07 -19.54
C ASP W 126 11.64 76.59 -18.92
N PRO W 127 11.30 75.30 -19.12
CA PRO W 127 10.14 74.74 -18.44
C PRO W 127 10.33 74.87 -16.93
N PRO W 128 9.24 74.80 -16.15
CA PRO W 128 9.36 74.80 -14.70
C PRO W 128 10.27 73.70 -14.20
N SER W 129 11.04 73.99 -13.16
CA SER W 129 11.95 73.02 -12.55
C SER W 129 11.21 71.80 -11.98
N PHE W 130 11.97 70.79 -11.54
CA PHE W 130 11.35 69.61 -10.97
C PHE W 130 10.67 69.99 -9.66
N ALA W 131 11.37 70.81 -8.86
CA ALA W 131 10.86 71.25 -7.55
C ALA W 131 9.66 72.19 -7.66
N GLU W 132 9.41 72.68 -8.87
CA GLU W 132 8.29 73.59 -9.16
C GLU W 132 7.04 72.88 -9.60
N GLN W 133 7.14 71.56 -9.78
CA GLN W 133 6.01 70.75 -10.19
C GLN W 133 5.03 70.56 -9.06
N SER W 134 3.78 70.33 -9.41
CA SER W 134 2.81 69.82 -8.46
C SER W 134 3.17 68.36 -8.20
N THR W 135 2.75 67.82 -7.06
CA THR W 135 3.14 66.45 -6.73
C THR W 135 2.03 65.41 -6.86
N SER W 136 0.79 65.85 -7.05
CA SER W 136 -0.31 64.90 -7.25
C SER W 136 -1.13 65.20 -8.50
N ALA W 137 -1.52 64.15 -9.21
CA ALA W 137 -2.32 64.30 -10.43
C ALA W 137 -3.72 64.74 -10.05
N GLU W 138 -4.28 65.70 -10.80
CA GLU W 138 -5.59 66.26 -10.47
C GLU W 138 -6.43 66.61 -11.68
N ILE W 139 -7.76 66.49 -11.51
CA ILE W 139 -8.74 66.59 -12.59
C ILE W 139 -9.06 68.03 -12.95
N LEU W 140 -9.02 68.34 -14.25
CA LEU W 140 -9.66 69.55 -14.75
C LEU W 140 -11.08 69.16 -15.13
N GLU W 141 -12.04 69.59 -14.32
CA GLU W 141 -13.44 69.30 -14.58
C GLU W 141 -13.84 70.05 -15.81
N THR W 142 -14.42 69.33 -16.75
CA THR W 142 -14.69 69.89 -18.05
C THR W 142 -16.17 70.32 -18.22
N GLY W 143 -17.06 69.68 -17.48
CA GLY W 143 -18.49 69.95 -17.61
C GLY W 143 -19.19 69.14 -18.70
N ILE W 144 -18.42 68.31 -19.41
CA ILE W 144 -18.93 67.49 -20.49
C ILE W 144 -18.95 66.07 -19.97
N LYS W 145 -20.14 65.51 -19.81
CA LYS W 145 -20.35 64.18 -19.23
C LYS W 145 -19.36 63.09 -19.69
N VAL W 146 -19.35 62.78 -20.99
CA VAL W 146 -18.49 61.70 -21.54
C VAL W 146 -17.04 61.81 -21.09
N VAL W 147 -16.53 63.03 -21.04
CA VAL W 147 -15.12 63.28 -20.77
C VAL W 147 -14.81 63.14 -19.28
N ASP W 148 -15.48 63.95 -18.46
CA ASP W 148 -15.37 63.91 -17.01
C ASP W 148 -15.50 62.50 -16.47
N LEU W 149 -16.55 61.79 -16.91
CA LEU W 149 -16.80 60.42 -16.45
C LEU W 149 -15.77 59.42 -16.95
N LEU W 150 -15.59 59.36 -18.28
CA LEU W 150 -14.85 58.27 -18.92
C LEU W 150 -13.40 58.58 -19.22
N ALA W 151 -13.10 59.77 -19.71
CA ALA W 151 -11.72 60.13 -20.05
C ALA W 151 -11.32 61.52 -19.52
N PRO W 152 -11.29 61.69 -18.18
CA PRO W 152 -11.13 63.03 -17.60
C PRO W 152 -9.80 63.69 -17.90
N TYR W 153 -9.83 65.01 -18.09
CA TYR W 153 -8.62 65.81 -18.37
C TYR W 153 -7.78 66.09 -17.12
N ALA W 154 -6.48 65.84 -17.21
CA ALA W 154 -5.55 66.19 -16.14
C ALA W 154 -5.24 67.69 -16.16
N ARG W 155 -5.49 68.35 -15.02
CA ARG W 155 -5.14 69.75 -14.84
C ARG W 155 -3.63 69.91 -15.04
N GLY W 156 -3.25 70.54 -16.14
CA GLY W 156 -1.85 70.72 -16.49
C GLY W 156 -1.38 69.64 -17.45
N GLY W 157 -2.32 68.93 -18.04
CA GLY W 157 -2.00 67.79 -18.87
C GLY W 157 -2.11 68.04 -20.36
N LYS W 158 -1.80 67.01 -21.13
CA LYS W 158 -1.93 67.05 -22.58
C LYS W 158 -3.02 66.09 -23.00
N ILE W 159 -3.88 66.53 -23.91
CA ILE W 159 -4.93 65.65 -24.37
C ILE W 159 -4.94 65.60 -25.89
N GLY W 160 -4.74 64.40 -26.43
CA GLY W 160 -4.77 64.19 -27.87
C GLY W 160 -6.19 64.27 -28.38
N LEU W 161 -6.39 65.06 -29.42
CA LEU W 161 -7.71 65.19 -30.03
C LEU W 161 -7.67 64.56 -31.41
N PHE W 162 -8.49 63.54 -31.61
CA PHE W 162 -8.53 62.77 -32.86
C PHE W 162 -9.92 62.87 -33.45
N GLY W 163 -9.98 63.32 -34.70
CA GLY W 163 -11.25 63.52 -35.39
C GLY W 163 -11.01 64.67 -36.34
N GLY W 164 -11.67 64.66 -37.50
CA GLY W 164 -11.50 65.71 -38.49
C GLY W 164 -12.78 66.50 -38.69
N ALA W 165 -13.19 66.60 -39.96
CA ALA W 165 -14.45 67.27 -40.28
C ALA W 165 -15.65 66.31 -40.12
N GLY W 166 -16.85 66.86 -40.02
CA GLY W 166 -18.04 66.04 -39.84
C GLY W 166 -18.17 65.36 -38.49
N VAL W 167 -17.48 65.87 -37.48
CA VAL W 167 -17.62 65.35 -36.11
C VAL W 167 -17.82 66.46 -35.05
N GLY W 168 -18.06 67.68 -35.49
CA GLY W 168 -18.22 68.80 -34.58
C GLY W 168 -16.98 69.08 -33.75
N LYS W 169 -15.82 68.99 -34.40
CA LYS W 169 -14.56 69.27 -33.74
C LYS W 169 -14.43 70.74 -33.31
N THR W 170 -14.94 71.66 -34.12
CA THR W 170 -14.81 73.09 -33.81
C THR W 170 -15.78 73.55 -32.71
N VAL W 171 -16.95 72.91 -32.64
CA VAL W 171 -17.97 73.18 -31.59
C VAL W 171 -17.56 72.58 -30.24
N PHE W 172 -16.88 71.43 -30.28
CA PHE W 172 -16.31 70.84 -29.07
C PHE W 172 -15.26 71.77 -28.47
N ILE W 173 -14.22 72.08 -29.25
CA ILE W 173 -13.20 73.06 -28.85
C ILE W 173 -13.81 74.31 -28.18
N GLN W 174 -14.76 74.96 -28.86
CA GLN W 174 -15.40 76.18 -28.38
C GLN W 174 -16.17 75.98 -27.09
N GLU W 175 -16.84 74.83 -26.96
CA GLU W 175 -17.55 74.50 -25.73
C GLU W 175 -16.56 74.32 -24.59
N LEU W 176 -15.37 73.83 -24.93
CA LEU W 176 -14.26 73.72 -23.99
C LEU W 176 -13.83 75.08 -23.48
N ILE W 177 -13.55 75.99 -24.42
CA ILE W 177 -13.20 77.36 -24.09
C ILE W 177 -14.24 77.93 -23.15
N ASN W 178 -15.50 77.81 -23.56
CA ASN W 178 -16.64 78.29 -22.80
C ASN W 178 -16.70 77.76 -21.38
N ASN W 179 -16.83 76.44 -21.25
CA ASN W 179 -16.96 75.76 -19.97
C ASN W 179 -15.80 76.03 -19.02
N ILE W 180 -14.57 76.03 -19.53
CA ILE W 180 -13.40 76.27 -18.67
C ILE W 180 -13.34 77.71 -18.19
N ALA W 181 -13.88 78.63 -18.99
CA ALA W 181 -14.01 80.01 -18.55
C ALA W 181 -15.13 80.13 -17.50
N LYS W 182 -16.26 79.49 -17.77
CA LYS W 182 -17.45 79.58 -16.91
C LYS W 182 -17.33 78.81 -15.60
N ALA W 183 -16.42 77.85 -15.54
CA ALA W 183 -16.31 77.02 -14.36
C ALA W 183 -14.96 77.17 -13.65
N HIS W 184 -14.01 77.83 -14.32
CA HIS W 184 -12.70 78.05 -13.71
C HIS W 184 -12.21 79.49 -13.80
N GLY W 185 -12.89 80.30 -14.61
CA GLY W 185 -12.46 81.67 -14.81
C GLY W 185 -11.10 81.71 -15.45
N GLY W 186 -10.85 80.75 -16.35
CA GLY W 186 -9.59 80.65 -17.05
C GLY W 186 -9.78 80.98 -18.51
N PHE W 187 -8.80 81.67 -19.09
CA PHE W 187 -8.84 82.02 -20.50
C PHE W 187 -8.27 80.92 -21.38
N SER W 188 -8.27 81.17 -22.69
CA SER W 188 -7.91 80.17 -23.68
C SER W 188 -7.06 80.75 -24.78
N VAL W 189 -6.18 79.93 -25.34
CA VAL W 189 -5.38 80.33 -26.49
C VAL W 189 -5.50 79.22 -27.54
N PHE W 190 -5.88 79.58 -28.75
CA PHE W 190 -5.96 78.61 -29.86
C PHE W 190 -4.88 78.88 -30.91
N THR W 191 -3.91 77.99 -31.00
CA THR W 191 -2.86 78.08 -32.00
C THR W 191 -3.14 77.10 -33.15
N GLY W 192 -3.00 77.56 -34.38
CA GLY W 192 -3.21 76.70 -35.54
C GLY W 192 -1.97 76.48 -36.39
N VAL W 193 -1.22 75.43 -36.09
CA VAL W 193 0.04 75.17 -36.79
C VAL W 193 -0.17 74.28 -38.02
N GLY W 194 0.21 74.76 -39.20
CA GLY W 194 0.16 73.95 -40.43
C GLY W 194 -1.21 73.77 -41.08
N GLU W 195 -2.25 74.08 -40.31
CA GLU W 195 -3.66 74.12 -40.74
C GLU W 195 -3.87 74.95 -42.02
N ARG W 196 -4.91 74.60 -42.78
CA ARG W 196 -5.42 75.41 -43.88
C ARG W 196 -5.87 76.80 -43.40
N THR W 197 -5.48 77.82 -44.16
CA THR W 197 -5.84 79.21 -43.89
C THR W 197 -7.35 79.35 -43.98
N ARG W 198 -7.92 78.80 -45.06
CA ARG W 198 -9.37 78.73 -45.26
C ARG W 198 -10.13 78.26 -44.01
N GLU W 199 -9.66 77.19 -43.39
CA GLU W 199 -10.31 76.66 -42.19
C GLU W 199 -10.11 77.55 -40.97
N GLY W 200 -8.87 77.98 -40.74
CA GLY W 200 -8.58 78.99 -39.72
C GLY W 200 -9.50 80.18 -39.84
N ASN W 201 -9.75 80.62 -41.07
CA ASN W 201 -10.70 81.70 -41.34
C ASN W 201 -12.11 81.32 -40.88
N ASP W 202 -12.48 80.07 -41.15
CA ASP W 202 -13.82 79.57 -40.85
C ASP W 202 -14.06 79.54 -39.35
N LEU W 203 -13.05 79.10 -38.62
CA LEU W 203 -13.07 79.04 -37.17
C LEU W 203 -13.27 80.43 -36.61
N TYR W 204 -12.49 81.40 -37.09
CA TYR W 204 -12.65 82.80 -36.68
C TYR W 204 -14.10 83.22 -36.86
N ARG W 205 -14.63 83.01 -38.07
CA ARG W 205 -16.02 83.37 -38.31
C ARG W 205 -16.94 82.62 -37.34
N GLU W 206 -16.64 81.34 -37.08
CA GLU W 206 -17.48 80.54 -36.19
C GLU W 206 -17.36 81.01 -34.74
N MET W 207 -16.23 81.62 -34.39
CA MET W 207 -15.99 82.04 -33.02
C MET W 207 -16.71 83.33 -32.65
N LYS W 208 -16.88 84.22 -33.63
CA LYS W 208 -17.63 85.43 -33.40
C LYS W 208 -19.12 85.08 -33.30
N GLU W 209 -19.55 84.20 -34.20
CA GLU W 209 -20.93 83.74 -34.36
C GLU W 209 -21.43 83.05 -33.09
N THR W 210 -20.52 82.81 -32.18
CA THR W 210 -20.73 81.89 -31.09
C THR W 210 -20.44 82.62 -29.77
N GLY W 211 -19.73 83.73 -29.89
CA GLY W 211 -19.45 84.59 -28.77
C GLY W 211 -18.26 84.24 -27.93
N VAL W 212 -17.54 83.17 -28.26
CA VAL W 212 -16.31 82.90 -27.51
C VAL W 212 -15.29 83.99 -27.86
N ILE W 213 -15.46 84.57 -29.06
CA ILE W 213 -14.89 85.87 -29.40
C ILE W 213 -16.06 86.83 -29.57
N ASN W 214 -16.08 87.91 -28.79
CA ASN W 214 -17.08 88.95 -28.94
C ASN W 214 -16.38 90.29 -29.11
N LEU W 215 -16.52 90.86 -30.30
CA LEU W 215 -15.78 92.07 -30.67
C LEU W 215 -16.35 93.29 -29.98
N GLU W 216 -17.66 93.28 -29.76
CA GLU W 216 -18.33 94.35 -29.03
C GLU W 216 -17.85 94.38 -27.58
N GLY W 217 -17.80 93.21 -26.94
CA GLY W 217 -17.50 93.10 -25.49
C GLY W 217 -16.42 92.10 -25.10
N GLU W 218 -16.75 91.22 -24.14
CA GLU W 218 -15.77 90.31 -23.51
C GLU W 218 -15.43 89.05 -24.35
N SER W 219 -14.16 88.62 -24.28
CA SER W 219 -13.65 87.50 -25.11
C SER W 219 -12.85 86.49 -24.31
N LYS W 220 -13.09 85.22 -24.58
CA LYS W 220 -12.49 84.12 -23.83
C LYS W 220 -11.22 83.58 -24.45
N VAL W 221 -11.12 83.64 -25.79
CA VAL W 221 -9.96 83.05 -26.49
C VAL W 221 -9.11 84.04 -27.30
N ALA W 222 -7.79 83.89 -27.16
CA ALA W 222 -6.80 84.59 -27.97
C ALA W 222 -6.28 83.65 -29.07
N LEU W 223 -6.19 84.16 -30.30
CA LEU W 223 -5.84 83.34 -31.46
C LEU W 223 -4.43 83.60 -32.00
N VAL W 224 -3.68 82.53 -32.19
CA VAL W 224 -2.37 82.58 -32.81
C VAL W 224 -2.43 81.67 -34.03
N PHE W 225 -1.95 82.14 -35.17
CA PHE W 225 -1.90 81.31 -36.38
C PHE W 225 -0.55 81.32 -37.09
N GLY W 226 -0.07 80.12 -37.40
CA GLY W 226 1.11 79.91 -38.21
C GLY W 226 0.76 78.86 -39.23
N GLN W 227 0.06 79.30 -40.26
CA GLN W 227 -0.68 78.44 -41.16
C GLN W 227 0.26 77.72 -42.15
N MET W 228 -0.31 76.90 -43.03
CA MET W 228 0.44 76.17 -44.07
C MET W 228 1.35 77.01 -44.93
N ASN W 229 0.90 78.22 -45.26
CA ASN W 229 1.58 79.11 -46.20
C ASN W 229 2.95 79.58 -45.71
N GLU W 230 3.12 79.63 -44.40
CA GLU W 230 4.34 80.17 -43.81
C GLU W 230 5.53 79.23 -43.93
N PRO W 231 6.76 79.78 -43.98
CA PRO W 231 7.94 78.94 -44.16
C PRO W 231 8.29 78.14 -42.90
N PRO W 232 9.10 77.09 -43.05
CA PRO W 232 9.49 76.15 -41.99
C PRO W 232 9.75 76.79 -40.62
N GLY W 233 10.57 77.85 -40.58
CA GLY W 233 10.90 78.56 -39.33
C GLY W 233 9.69 79.11 -38.60
N ALA W 234 8.83 79.81 -39.33
CA ALA W 234 7.58 80.31 -38.79
C ALA W 234 6.68 79.17 -38.30
N ARG W 235 6.66 78.06 -39.04
CA ARG W 235 5.76 76.94 -38.72
C ARG W 235 6.20 76.20 -37.49
N ALA W 236 7.52 76.06 -37.34
CA ALA W 236 8.11 75.35 -36.21
C ALA W 236 7.97 76.10 -34.89
N ARG W 237 7.68 77.40 -34.98
CA ARG W 237 7.72 78.31 -33.82
C ARG W 237 6.38 78.81 -33.28
N VAL W 238 5.32 78.73 -34.10
CA VAL W 238 4.00 79.23 -33.66
C VAL W 238 3.44 78.60 -32.40
N ALA W 239 3.67 77.30 -32.22
CA ALA W 239 3.25 76.66 -30.99
C ALA W 239 3.83 77.42 -29.78
N LEU W 240 5.12 77.72 -29.82
CA LEU W 240 5.78 78.46 -28.73
C LEU W 240 5.18 79.86 -28.50
N THR W 241 4.75 80.52 -29.56
CA THR W 241 4.03 81.77 -29.41
C THR W 241 2.68 81.58 -28.69
N GLY W 242 1.85 80.66 -29.18
CA GLY W 242 0.57 80.37 -28.56
C GLY W 242 0.71 80.05 -27.09
N LEU W 243 1.71 79.21 -26.80
CA LEU W 243 2.04 78.77 -25.44
C LEU W 243 2.56 79.91 -24.56
N THR W 244 3.39 80.79 -25.11
CA THR W 244 3.89 81.95 -24.34
C THR W 244 2.75 82.84 -23.85
N ILE W 245 1.74 83.05 -24.69
CA ILE W 245 0.54 83.76 -24.29
C ILE W 245 -0.21 82.97 -23.23
N ALA W 246 -0.27 81.65 -23.41
CA ALA W 246 -0.96 80.80 -22.44
C ALA W 246 -0.30 80.89 -21.07
N GLU W 247 1.03 80.73 -21.06
CA GLU W 247 1.83 80.72 -19.84
C GLU W 247 1.57 81.92 -18.96
N TYR W 248 1.52 83.10 -19.58
CA TYR W 248 1.30 84.34 -18.85
C TYR W 248 0.07 84.26 -17.95
N PHE W 249 -1.04 83.76 -18.46
CA PHE W 249 -2.26 83.67 -17.64
C PHE W 249 -2.13 82.72 -16.44
N ARG W 250 -1.31 81.69 -16.57
CA ARG W 250 -0.98 80.87 -15.42
C ARG W 250 -0.09 81.65 -14.47
N ASP W 251 1.05 82.09 -14.98
CA ASP W 251 2.14 82.62 -14.16
C ASP W 251 1.81 83.96 -13.54
N GLU W 252 0.80 84.63 -14.10
CA GLU W 252 0.55 86.02 -13.78
C GLU W 252 -0.81 86.26 -13.17
N GLU W 253 -1.82 85.52 -13.61
CA GLU W 253 -3.17 85.70 -13.11
C GLU W 253 -3.63 84.52 -12.24
N GLY W 254 -2.78 83.50 -12.17
CA GLY W 254 -3.07 82.31 -11.39
C GLY W 254 -4.25 81.54 -11.95
N GLN W 255 -4.28 81.38 -13.26
CA GLN W 255 -5.43 80.78 -13.93
C GLN W 255 -5.18 79.32 -14.32
N ASP W 256 -6.26 78.60 -14.52
CA ASP W 256 -6.21 77.35 -15.25
C ASP W 256 -6.60 77.67 -16.68
N VAL W 257 -5.63 77.53 -17.58
CA VAL W 257 -5.74 78.02 -18.96
C VAL W 257 -5.77 76.86 -19.95
N LEU W 258 -6.60 77.01 -20.98
CA LEU W 258 -6.61 76.08 -22.12
C LEU W 258 -5.72 76.57 -23.24
N LEU W 259 -4.96 75.65 -23.84
CA LEU W 259 -4.17 75.95 -25.04
C LEU W 259 -4.35 74.85 -26.06
N PHE W 260 -4.91 75.21 -27.21
CA PHE W 260 -5.11 74.24 -28.28
C PHE W 260 -3.98 74.37 -29.30
N ILE W 261 -3.38 73.24 -29.66
CA ILE W 261 -2.47 73.22 -30.80
C ILE W 261 -3.12 72.35 -31.83
N ASP W 262 -3.33 72.90 -33.02
CA ASP W 262 -3.94 72.16 -34.12
C ASP W 262 -3.28 72.55 -35.45
N ASN W 263 -2.55 71.64 -36.10
CA ASN W 263 -2.30 70.28 -35.65
C ASN W 263 -0.88 70.12 -35.11
N ILE W 264 -0.73 69.40 -34.00
CA ILE W 264 0.56 69.15 -33.35
C ILE W 264 1.56 68.40 -34.24
N PHE W 265 1.08 67.52 -35.12
CA PHE W 265 1.96 66.86 -36.11
C PHE W 265 2.68 67.86 -37.01
N ARG W 266 1.92 68.85 -37.48
CA ARG W 266 2.44 69.86 -38.40
C ARG W 266 3.49 70.76 -37.69
N PHE W 267 3.43 70.80 -36.35
CA PHE W 267 4.52 71.31 -35.52
C PHE W 267 5.77 70.44 -35.64
N THR W 268 5.62 69.13 -35.50
CA THR W 268 6.76 68.21 -35.65
C THR W 268 7.39 68.33 -37.04
N GLN W 269 6.55 68.20 -38.06
CA GLN W 269 6.96 68.18 -39.47
C GLN W 269 7.70 69.44 -39.89
N ALA W 270 7.36 70.56 -39.27
CA ALA W 270 8.04 71.81 -39.54
C ALA W 270 9.49 71.66 -39.07
N GLY W 271 9.66 71.13 -37.86
CA GLY W 271 10.98 70.93 -37.27
C GLY W 271 11.78 70.00 -38.15
N SER W 272 11.14 68.91 -38.55
CA SER W 272 11.68 68.03 -39.57
C SER W 272 12.25 68.85 -40.76
N GLU W 273 11.47 69.75 -41.32
CA GLU W 273 11.92 70.58 -42.45
C GLU W 273 13.05 71.53 -42.08
N VAL W 274 12.96 72.20 -40.93
CA VAL W 274 14.04 73.09 -40.46
C VAL W 274 15.36 72.32 -40.27
N SER W 275 15.29 71.16 -39.61
CA SER W 275 16.48 70.35 -39.38
C SER W 275 17.10 69.95 -40.71
N ALA W 276 16.28 69.41 -41.62
CA ALA W 276 16.72 69.07 -42.98
C ALA W 276 17.36 70.27 -43.70
N LEU W 277 16.68 71.41 -43.69
CA LEU W 277 17.17 72.64 -44.32
C LEU W 277 18.45 73.16 -43.69
N LEU W 278 18.74 72.72 -42.46
CA LEU W 278 19.99 73.07 -41.77
C LEU W 278 21.12 72.11 -42.10
N GLY W 279 20.81 71.12 -42.94
CA GLY W 279 21.79 70.13 -43.36
C GLY W 279 22.14 69.06 -42.35
N ARG W 280 21.36 68.98 -41.28
CA ARG W 280 21.54 67.94 -40.25
C ARG W 280 21.21 66.58 -40.82
N ILE W 281 21.94 65.53 -40.43
CA ILE W 281 21.67 64.15 -40.88
C ILE W 281 20.32 63.69 -40.33
N PRO W 282 19.43 63.21 -41.22
CA PRO W 282 18.07 62.80 -40.82
C PRO W 282 18.07 61.54 -39.98
N SER W 283 17.06 61.42 -39.11
CA SER W 283 16.89 60.23 -38.26
C SER W 283 15.96 59.21 -38.93
N ALA W 284 15.46 58.24 -38.17
CA ALA W 284 14.58 57.21 -38.74
C ALA W 284 13.33 57.81 -39.36
N VAL W 285 12.91 57.22 -40.48
CA VAL W 285 11.67 57.60 -41.20
C VAL W 285 11.70 59.07 -41.64
N GLY W 286 12.90 59.63 -41.74
CA GLY W 286 13.07 60.94 -42.33
C GLY W 286 13.04 62.10 -41.38
N TYR W 287 12.80 61.85 -40.09
CA TYR W 287 12.60 62.96 -39.13
C TYR W 287 13.91 63.56 -38.63
N GLN W 288 13.79 64.69 -37.92
CA GLN W 288 14.94 65.33 -37.25
C GLN W 288 15.53 64.47 -36.12
N PRO W 289 16.88 64.41 -36.02
CA PRO W 289 17.51 63.66 -34.93
C PRO W 289 17.22 64.27 -33.56
N THR W 290 16.40 65.31 -33.49
CA THR W 290 16.09 65.96 -32.21
C THR W 290 14.59 65.94 -31.96
N LEU W 291 13.91 64.99 -32.61
CA LEU W 291 12.46 64.83 -32.49
C LEU W 291 11.98 64.83 -31.03
N ALA W 292 12.68 64.08 -30.18
CA ALA W 292 12.34 63.96 -28.76
C ALA W 292 12.51 65.27 -27.98
N THR W 293 13.69 65.89 -28.06
CA THR W 293 13.98 67.10 -27.31
C THR W 293 13.17 68.30 -27.82
N ASP W 294 12.94 68.35 -29.14
CA ASP W 294 12.09 69.39 -29.76
C ASP W 294 10.69 69.34 -29.16
N MET W 295 10.11 68.14 -29.19
CA MET W 295 8.81 67.89 -28.61
C MET W 295 8.84 68.17 -27.11
N GLY W 296 9.88 67.69 -26.44
CA GLY W 296 10.03 67.92 -25.01
C GLY W 296 9.95 69.39 -24.60
N LEU W 297 10.69 70.24 -25.31
CA LEU W 297 10.83 71.65 -24.95
C LEU W 297 9.56 72.46 -25.07
N LEU W 298 8.58 71.94 -25.80
CA LEU W 298 7.28 72.57 -25.88
C LEU W 298 6.33 72.00 -24.83
N GLN W 299 6.28 70.67 -24.74
CA GLN W 299 5.31 69.98 -23.88
C GLN W 299 5.59 70.24 -22.40
N GLU W 300 6.87 70.26 -22.03
CA GLU W 300 7.30 70.35 -20.63
C GLU W 300 6.93 71.69 -19.98
N ARG W 301 6.64 72.68 -20.82
CA ARG W 301 6.24 74.01 -20.38
C ARG W 301 4.74 74.08 -20.06
N ILE W 302 4.02 73.05 -20.52
CA ILE W 302 2.60 72.85 -20.24
C ILE W 302 2.48 71.95 -19.01
N THR W 303 2.22 72.55 -17.84
CA THR W 303 2.23 71.85 -16.55
C THR W 303 1.60 72.66 -15.43
N THR W 304 1.29 71.98 -14.32
CA THR W 304 0.78 72.63 -13.13
C THR W 304 1.92 73.22 -12.30
N THR W 305 1.74 74.44 -11.82
CA THR W 305 2.67 75.08 -10.88
C THR W 305 1.89 75.61 -9.68
N LYS W 306 2.61 76.07 -8.66
CA LYS W 306 1.99 76.69 -7.49
C LYS W 306 1.02 77.80 -7.89
N LYS W 307 1.35 78.52 -8.97
CA LYS W 307 0.62 79.70 -9.44
C LYS W 307 -0.71 79.36 -10.13
N GLY W 308 -0.71 78.35 -10.99
CA GLY W 308 -1.88 77.97 -11.77
C GLY W 308 -1.52 76.75 -12.60
N SER W 309 -2.01 76.69 -13.84
CA SER W 309 -1.67 75.60 -14.77
C SER W 309 -1.97 75.95 -16.23
N VAL W 310 -1.27 75.28 -17.15
CA VAL W 310 -1.64 75.29 -18.56
C VAL W 310 -2.03 73.88 -18.95
N THR W 311 -3.29 73.70 -19.33
CA THR W 311 -3.79 72.41 -19.84
C THR W 311 -3.92 72.52 -21.36
N SER W 312 -3.38 71.54 -22.08
CA SER W 312 -3.39 71.61 -23.54
C SER W 312 -4.21 70.51 -24.21
N VAL W 313 -5.00 70.90 -25.20
CA VAL W 313 -5.71 69.96 -26.08
C VAL W 313 -5.04 70.03 -27.44
N GLN W 314 -4.50 68.90 -27.91
CA GLN W 314 -3.68 68.87 -29.12
C GLN W 314 -4.25 67.95 -30.18
N ALA W 315 -4.61 68.52 -31.33
CA ALA W 315 -5.14 67.76 -32.45
C ALA W 315 -4.00 66.96 -33.04
N VAL W 316 -4.13 65.63 -33.09
CA VAL W 316 -3.03 64.78 -33.53
C VAL W 316 -3.31 64.11 -34.88
N TYR W 317 -2.52 64.46 -35.90
CA TYR W 317 -2.57 63.72 -37.14
C TYR W 317 -1.62 62.53 -37.06
N VAL W 318 -2.17 61.33 -37.26
CA VAL W 318 -1.36 60.10 -37.23
C VAL W 318 -1.05 59.68 -38.66
N PRO W 319 0.18 59.94 -39.15
CA PRO W 319 0.55 59.78 -40.56
C PRO W 319 0.46 58.33 -40.97
N ALA W 320 -0.17 58.08 -42.11
CA ALA W 320 -0.39 56.71 -42.60
C ALA W 320 -1.03 55.78 -41.57
N ASP W 321 -1.94 56.33 -40.76
CA ASP W 321 -2.61 55.60 -39.67
C ASP W 321 -1.69 54.76 -38.81
N ASP W 322 -0.39 55.09 -38.80
CA ASP W 322 0.59 54.27 -38.13
C ASP W 322 0.87 54.89 -36.80
N LEU W 323 0.37 54.27 -35.73
CA LEU W 323 0.50 54.81 -34.37
C LEU W 323 1.91 54.64 -33.84
N THR W 324 2.74 53.98 -34.63
CA THR W 324 4.13 53.78 -34.28
C THR W 324 5.07 54.68 -35.08
N ASP W 325 4.54 55.49 -36.01
CA ASP W 325 5.35 56.51 -36.68
C ASP W 325 6.00 57.39 -35.62
N PRO W 326 7.28 57.75 -35.81
CA PRO W 326 7.98 58.55 -34.82
C PRO W 326 7.20 59.75 -34.29
N ALA W 327 6.42 60.40 -35.15
CA ALA W 327 5.76 61.64 -34.75
C ALA W 327 4.69 61.40 -33.69
N PRO W 328 3.63 60.63 -34.00
CA PRO W 328 2.66 60.30 -32.95
C PRO W 328 3.33 59.59 -31.75
N ALA W 329 4.16 58.58 -32.04
CA ALA W 329 4.90 57.85 -31.02
C ALA W 329 5.49 58.79 -29.97
N THR W 330 6.26 59.79 -30.43
CA THR W 330 6.89 60.77 -29.55
C THR W 330 5.88 61.62 -28.78
N THR W 331 4.89 62.13 -29.50
CA THR W 331 3.79 62.93 -28.94
C THR W 331 3.03 62.15 -27.87
N PHE W 332 2.83 60.86 -28.11
CA PHE W 332 2.12 59.99 -27.19
C PHE W 332 2.81 59.86 -25.85
N ALA W 333 4.15 59.89 -25.86
CA ALA W 333 4.95 59.93 -24.63
C ALA W 333 4.54 61.08 -23.70
N HIS W 334 3.87 62.08 -24.25
CA HIS W 334 3.50 63.26 -23.47
C HIS W 334 2.00 63.36 -23.17
N LEU W 335 1.16 62.60 -23.88
CA LEU W 335 -0.29 62.72 -23.68
C LEU W 335 -0.76 62.03 -22.39
N ASP W 336 -1.66 62.69 -21.69
CA ASP W 336 -2.19 62.19 -20.44
C ASP W 336 -3.61 61.63 -20.60
N ALA W 337 -4.14 61.76 -21.81
CA ALA W 337 -5.51 61.35 -22.14
C ALA W 337 -5.78 61.52 -23.64
N THR W 338 -6.97 61.09 -24.07
CA THR W 338 -7.43 61.25 -25.45
C THR W 338 -8.93 61.61 -25.58
N THR W 339 -9.26 62.36 -26.63
CA THR W 339 -10.66 62.62 -26.97
C THR W 339 -10.90 62.30 -28.43
N VAL W 340 -11.49 61.15 -28.67
CA VAL W 340 -11.63 60.65 -30.02
C VAL W 340 -13.03 60.93 -30.52
N LEU W 341 -13.14 61.92 -31.39
CA LEU W 341 -14.40 62.20 -32.04
C LEU W 341 -14.49 61.27 -33.24
N SER W 342 -15.62 60.58 -33.37
CA SER W 342 -15.79 59.54 -34.38
C SER W 342 -17.08 59.73 -35.17
N ARG W 343 -16.99 59.61 -36.50
CA ARG W 343 -18.20 59.67 -37.35
C ARG W 343 -19.17 58.54 -37.03
N GLY W 344 -18.64 57.48 -36.40
CA GLY W 344 -19.45 56.34 -35.96
C GLY W 344 -20.36 56.63 -34.78
N ILE W 345 -20.02 57.66 -34.02
CA ILE W 345 -20.85 58.11 -32.91
C ILE W 345 -21.80 59.16 -33.46
N SER W 346 -21.23 60.13 -34.17
CA SER W 346 -21.95 61.24 -34.81
C SER W 346 -23.13 60.79 -35.68
N GLU W 347 -22.96 59.67 -36.38
CA GLU W 347 -24.01 59.10 -37.22
C GLU W 347 -25.21 58.55 -36.45
N LEU W 348 -24.99 58.16 -35.19
CA LEU W 348 -26.08 57.73 -34.34
C LEU W 348 -26.86 58.93 -33.81
N GLY W 349 -26.40 60.12 -34.15
CA GLY W 349 -27.01 61.35 -33.67
C GLY W 349 -26.60 61.61 -32.23
N ILE W 350 -25.35 61.33 -31.91
CA ILE W 350 -24.83 61.58 -30.58
C ILE W 350 -23.73 62.64 -30.65
N TYR W 351 -24.00 63.80 -30.10
CA TYR W 351 -22.98 64.84 -30.00
C TYR W 351 -22.95 65.30 -28.56
N PRO W 352 -21.74 65.56 -28.01
CA PRO W 352 -20.45 65.46 -28.69
C PRO W 352 -20.17 64.03 -29.16
N ALA W 353 -19.55 63.91 -30.32
CA ALA W 353 -19.30 62.59 -30.94
C ALA W 353 -18.04 61.90 -30.38
N VAL W 354 -18.00 61.78 -29.06
CA VAL W 354 -16.88 61.17 -28.37
C VAL W 354 -17.06 59.66 -28.34
N ASP W 355 -16.05 58.93 -28.80
CA ASP W 355 -16.06 57.46 -28.69
C ASP W 355 -15.75 57.06 -27.24
N PRO W 356 -16.76 56.55 -26.52
CA PRO W 356 -16.70 56.40 -25.08
C PRO W 356 -15.79 55.27 -24.64
N LEU W 357 -15.43 54.41 -25.59
CA LEU W 357 -14.52 53.28 -25.35
C LEU W 357 -13.11 53.61 -25.82
N ASP W 358 -13.03 54.30 -26.95
CA ASP W 358 -11.73 54.61 -27.53
C ASP W 358 -10.99 55.71 -26.81
N SER W 359 -11.73 56.71 -26.32
CA SER W 359 -11.14 57.82 -25.55
C SER W 359 -10.58 57.23 -24.27
N LYS W 360 -9.44 57.74 -23.83
CA LYS W 360 -8.74 57.17 -22.68
C LYS W 360 -8.07 58.23 -21.86
N SER W 361 -7.88 57.95 -20.57
CA SER W 361 -7.27 58.92 -19.68
C SER W 361 -6.54 58.21 -18.57
N ARG W 362 -5.26 58.55 -18.44
CA ARG W 362 -4.38 57.99 -17.43
C ARG W 362 -4.90 58.26 -16.00
N LEU W 363 -5.79 59.23 -15.89
CA LEU W 363 -6.37 59.63 -14.60
C LEU W 363 -7.65 58.88 -14.23
N LEU W 364 -8.17 58.04 -15.14
CA LEU W 364 -9.36 57.21 -14.83
C LEU W 364 -8.91 56.05 -13.95
N ASP W 365 -8.64 56.40 -12.70
CA ASP W 365 -7.87 55.58 -11.79
C ASP W 365 -8.32 55.93 -10.38
N ALA W 366 -8.70 54.93 -9.60
CA ALA W 366 -9.28 55.16 -8.28
C ALA W 366 -8.38 55.99 -7.34
N ALA W 367 -7.06 55.90 -7.53
CA ALA W 367 -6.08 56.65 -6.76
C ALA W 367 -6.18 58.15 -7.02
N VAL W 368 -6.89 58.52 -8.07
CA VAL W 368 -6.99 59.92 -8.50
C VAL W 368 -8.45 60.43 -8.48
N VAL W 369 -9.39 59.61 -8.93
CA VAL W 369 -10.80 60.02 -8.98
C VAL W 369 -11.69 59.45 -7.86
N GLY W 370 -11.12 58.56 -7.04
CA GLY W 370 -11.90 57.87 -6.00
C GLY W 370 -12.61 56.63 -6.52
N GLN W 371 -12.92 55.70 -5.62
CA GLN W 371 -13.56 54.43 -5.98
C GLN W 371 -14.91 54.66 -6.66
N GLU W 372 -15.72 55.50 -6.02
CA GLU W 372 -17.00 55.94 -6.57
C GLU W 372 -16.94 56.15 -8.08
N HIS W 373 -16.13 57.12 -8.50
CA HIS W 373 -15.93 57.46 -9.89
C HIS W 373 -15.48 56.24 -10.69
N TYR W 374 -14.32 55.70 -10.32
CA TYR W 374 -13.74 54.57 -11.03
C TYR W 374 -14.79 53.54 -11.39
N ASP W 375 -15.41 52.97 -10.35
CA ASP W 375 -16.40 51.89 -10.49
C ASP W 375 -17.52 52.26 -11.47
N VAL W 376 -18.19 53.39 -11.18
CA VAL W 376 -19.29 53.88 -12.00
C VAL W 376 -18.88 53.96 -13.47
N ALA W 377 -17.77 54.66 -13.72
CA ALA W 377 -17.19 54.76 -15.07
C ALA W 377 -16.90 53.37 -15.64
N SER W 378 -16.13 52.56 -14.90
CA SER W 378 -15.74 51.24 -15.36
C SER W 378 -16.93 50.39 -15.78
N LYS W 379 -18.00 50.43 -14.98
CA LYS W 379 -19.22 49.68 -15.30
C LYS W 379 -19.86 50.23 -16.58
N VAL W 380 -19.91 51.56 -16.72
CA VAL W 380 -20.43 52.15 -17.95
C VAL W 380 -19.69 51.56 -19.16
N GLN W 381 -18.36 51.56 -19.11
CA GLN W 381 -17.58 51.05 -20.24
C GLN W 381 -17.83 49.56 -20.47
N GLU W 382 -17.92 48.80 -19.36
CA GLU W 382 -18.20 47.35 -19.40
C GLU W 382 -19.58 47.06 -20.00
N THR W 383 -20.56 47.92 -19.73
CA THR W 383 -21.92 47.77 -20.24
C THR W 383 -21.99 48.05 -21.73
N LEU W 384 -21.38 49.16 -22.14
CA LEU W 384 -21.35 49.58 -23.55
C LEU W 384 -20.55 48.59 -24.38
N GLN W 385 -19.52 48.02 -23.74
CA GLN W 385 -18.64 47.02 -24.36
C GLN W 385 -19.37 45.74 -24.75
N THR W 386 -20.08 45.13 -23.80
CA THR W 386 -20.84 43.91 -24.09
C THR W 386 -22.10 44.20 -24.90
N TYR W 387 -22.47 45.48 -24.96
CA TYR W 387 -23.51 45.91 -25.88
C TYR W 387 -22.92 45.96 -27.29
N LYS W 388 -21.72 46.52 -27.44
CA LYS W 388 -21.03 46.53 -28.74
C LYS W 388 -20.79 45.12 -29.28
N SER W 389 -20.86 44.11 -28.40
CA SER W 389 -20.64 42.71 -28.78
C SER W 389 -21.93 41.95 -29.17
N LEU W 390 -23.08 42.41 -28.67
CA LEU W 390 -24.35 41.75 -28.97
C LEU W 390 -24.92 42.19 -30.31
N GLN W 391 -24.53 43.37 -30.77
CA GLN W 391 -25.04 43.97 -32.01
C GLN W 391 -25.12 43.00 -33.20
N ASP W 392 -24.19 42.05 -33.23
CA ASP W 392 -24.07 41.10 -34.34
C ASP W 392 -25.28 40.16 -34.43
N ILE W 393 -25.53 39.44 -33.33
CA ILE W 393 -26.68 38.55 -33.21
C ILE W 393 -28.01 39.30 -33.01
N ILE W 394 -27.92 40.50 -32.44
CA ILE W 394 -29.05 41.44 -32.39
C ILE W 394 -29.59 41.69 -33.80
N ALA W 395 -28.66 41.83 -34.76
CA ALA W 395 -29.00 42.07 -36.16
C ALA W 395 -29.40 40.80 -36.93
N ILE W 396 -28.79 39.67 -36.57
CA ILE W 396 -28.97 38.42 -37.31
C ILE W 396 -30.01 37.47 -36.69
N LEU W 397 -29.79 37.05 -35.44
CA LEU W 397 -30.71 36.13 -34.76
C LEU W 397 -32.08 36.73 -34.44
N GLY W 398 -32.09 37.98 -34.01
CA GLY W 398 -33.29 38.60 -33.49
C GLY W 398 -33.18 38.67 -31.97
N MET W 399 -33.63 39.78 -31.40
CA MET W 399 -33.44 40.08 -29.98
C MET W 399 -33.99 39.05 -28.99
N ASP W 400 -34.87 38.17 -29.46
CA ASP W 400 -35.46 37.13 -28.63
C ASP W 400 -34.43 36.12 -28.11
N GLU W 401 -33.39 35.85 -28.92
CA GLU W 401 -32.30 34.94 -28.53
C GLU W 401 -31.30 35.61 -27.58
N LEU W 402 -31.81 36.06 -26.43
CA LEU W 402 -31.01 36.73 -25.41
C LEU W 402 -31.48 36.30 -24.03
N SER W 403 -30.53 36.11 -23.12
CA SER W 403 -30.86 35.81 -21.73
C SER W 403 -31.55 37.02 -21.09
N GLU W 404 -32.30 36.76 -20.01
CA GLU W 404 -32.96 37.82 -19.25
C GLU W 404 -32.01 39.01 -18.99
N GLN W 405 -30.81 38.71 -18.48
CA GLN W 405 -29.80 39.71 -18.17
C GLN W 405 -29.22 40.40 -19.41
N ASP W 406 -29.16 39.67 -20.52
CA ASP W 406 -28.65 40.23 -21.78
C ASP W 406 -29.64 41.21 -22.41
N LYS W 407 -30.93 40.96 -22.22
CA LYS W 407 -31.98 41.90 -22.62
C LYS W 407 -31.86 43.22 -21.82
N LEU W 408 -31.51 43.08 -20.54
CA LEU W 408 -31.39 44.22 -19.64
C LEU W 408 -30.15 45.09 -19.91
N THR W 409 -29.00 44.46 -20.15
CA THR W 409 -27.77 45.20 -20.41
C THR W 409 -27.83 46.03 -21.70
N VAL W 410 -28.45 45.49 -22.76
CA VAL W 410 -28.66 46.21 -24.03
C VAL W 410 -29.51 47.46 -23.81
N GLU W 411 -30.68 47.25 -23.22
CA GLU W 411 -31.68 48.27 -22.96
C GLU W 411 -31.16 49.37 -22.03
N ARG W 412 -30.24 49.00 -21.13
CA ARG W 412 -29.63 49.93 -20.18
C ARG W 412 -28.47 50.69 -20.84
N ALA W 413 -27.69 49.99 -21.67
CA ALA W 413 -26.59 50.61 -22.41
C ALA W 413 -27.14 51.61 -23.40
N ARG W 414 -28.27 51.28 -24.01
CA ARG W 414 -28.96 52.18 -24.94
C ARG W 414 -29.38 53.46 -24.25
N LYS W 415 -29.77 53.34 -22.98
CA LYS W 415 -30.05 54.49 -22.13
C LYS W 415 -28.73 55.20 -21.80
N ILE W 416 -27.71 54.44 -21.42
CA ILE W 416 -26.37 54.98 -21.13
C ILE W 416 -25.74 55.67 -22.37
N GLN W 417 -26.01 55.12 -23.55
CA GLN W 417 -25.47 55.62 -24.80
C GLN W 417 -26.02 57.01 -25.15
N ARG W 418 -27.33 57.19 -25.02
CA ARG W 418 -27.99 58.45 -25.32
C ARG W 418 -27.74 59.45 -24.21
N PHE W 419 -27.60 58.97 -22.98
CA PHE W 419 -27.39 59.85 -21.83
C PHE W 419 -26.00 60.50 -21.84
N LEU W 420 -25.09 59.92 -22.63
CA LEU W 420 -23.76 60.48 -22.82
C LEU W 420 -23.74 61.64 -23.82
N SER W 421 -24.85 61.83 -24.53
CA SER W 421 -25.01 63.00 -25.41
C SER W 421 -25.34 64.24 -24.58
N GLN W 422 -25.00 65.42 -25.09
CA GLN W 422 -25.16 66.65 -24.32
C GLN W 422 -25.36 67.89 -25.21
N PRO W 423 -26.31 68.77 -24.87
CA PRO W 423 -26.40 70.04 -25.58
C PRO W 423 -25.35 71.06 -25.13
N PHE W 424 -24.67 71.68 -26.09
CA PHE W 424 -23.59 72.62 -25.80
C PHE W 424 -24.08 74.05 -25.88
N ALA W 425 -23.67 74.87 -24.92
CA ALA W 425 -24.06 76.27 -24.89
C ALA W 425 -23.71 76.91 -26.21
N VAL W 426 -22.44 76.80 -26.62
CA VAL W 426 -21.97 77.42 -27.85
C VAL W 426 -22.76 76.97 -29.09
N ALA W 427 -23.22 75.73 -29.09
CA ALA W 427 -23.98 75.19 -30.22
C ALA W 427 -25.35 75.86 -30.40
N GLU W 428 -25.82 76.48 -29.32
CA GLU W 428 -27.16 77.05 -29.24
C GLU W 428 -27.60 77.89 -30.45
N VAL W 429 -26.75 78.82 -30.88
CA VAL W 429 -27.11 79.75 -31.96
C VAL W 429 -27.39 79.01 -33.28
N PHE W 430 -26.89 77.77 -33.37
CA PHE W 430 -27.12 76.88 -34.49
C PHE W 430 -28.36 76.05 -34.23
N THR W 431 -28.39 75.38 -33.07
CA THR W 431 -29.40 74.36 -32.79
C THR W 431 -30.74 74.88 -32.24
N GLY W 432 -30.69 75.80 -31.29
CA GLY W 432 -31.91 76.30 -30.67
C GLY W 432 -32.19 75.58 -29.37
N ILE W 433 -31.48 74.48 -29.15
CA ILE W 433 -31.60 73.72 -27.90
C ILE W 433 -30.60 74.29 -26.89
N PRO W 434 -31.11 74.80 -25.74
CA PRO W 434 -30.27 75.42 -24.69
C PRO W 434 -29.19 74.48 -24.16
N GLY W 435 -27.98 75.02 -24.01
CA GLY W 435 -26.83 74.24 -23.59
C GLY W 435 -26.85 73.84 -22.13
N LYS W 436 -25.95 72.93 -21.76
CA LYS W 436 -25.85 72.41 -20.40
C LYS W 436 -24.40 72.24 -19.97
N LEU W 437 -24.10 72.64 -18.74
CA LEU W 437 -22.79 72.39 -18.14
C LEU W 437 -22.97 71.42 -16.97
N VAL W 438 -22.78 70.14 -17.24
CA VAL W 438 -22.98 69.12 -16.21
C VAL W 438 -21.74 68.98 -15.34
N ARG W 439 -21.87 69.36 -14.07
CA ARG W 439 -20.80 69.16 -13.09
C ARG W 439 -20.47 67.67 -12.86
N LEU W 440 -19.21 67.38 -12.52
CA LEU W 440 -18.69 66.00 -12.36
C LEU W 440 -19.48 65.16 -11.34
N LYS W 441 -19.81 65.76 -10.20
CA LYS W 441 -20.59 65.08 -9.19
C LYS W 441 -21.98 64.69 -9.72
N ASP W 442 -22.64 65.61 -10.43
CA ASP W 442 -23.91 65.32 -11.11
C ASP W 442 -23.74 64.16 -12.11
N THR W 443 -22.68 64.21 -12.92
CA THR W 443 -22.38 63.13 -13.85
C THR W 443 -22.27 61.78 -13.14
N VAL W 444 -21.37 61.70 -12.14
CA VAL W 444 -21.14 60.45 -11.41
C VAL W 444 -22.42 59.96 -10.73
N ALA W 445 -23.13 60.88 -10.07
CA ALA W 445 -24.37 60.51 -9.38
C ALA W 445 -25.39 59.93 -10.35
N SER W 446 -25.74 60.71 -11.37
CA SER W 446 -26.66 60.31 -12.43
C SER W 446 -26.40 58.88 -12.91
N PHE W 447 -25.23 58.68 -13.52
CA PHE W 447 -24.86 57.40 -14.11
C PHE W 447 -24.87 56.22 -13.13
N LYS W 448 -24.47 56.47 -11.88
CA LYS W 448 -24.49 55.46 -10.82
C LYS W 448 -25.92 54.95 -10.66
N ALA W 449 -26.85 55.87 -10.43
CA ALA W 449 -28.27 55.56 -10.32
C ALA W 449 -28.83 54.85 -11.56
N VAL W 450 -28.38 55.23 -12.75
CA VAL W 450 -28.85 54.57 -13.98
C VAL W 450 -28.37 53.12 -13.98
N LEU W 451 -27.17 52.90 -13.43
CA LEU W 451 -26.58 51.55 -13.38
C LEU W 451 -27.25 50.67 -12.33
N GLU W 452 -27.73 51.30 -11.26
CA GLU W 452 -28.43 50.59 -10.17
C GLU W 452 -29.89 50.25 -10.51
N GLY W 453 -30.23 50.30 -11.79
CA GLY W 453 -31.59 50.02 -12.25
C GLY W 453 -32.65 51.05 -11.86
N LYS W 454 -32.25 52.10 -11.15
CA LYS W 454 -33.22 53.05 -10.58
C LYS W 454 -34.04 53.84 -11.60
N TYR W 455 -33.63 53.83 -12.87
CA TYR W 455 -34.35 54.54 -13.93
C TYR W 455 -34.64 53.68 -15.16
N ASP W 456 -35.24 52.51 -14.92
CA ASP W 456 -35.47 51.56 -16.01
C ASP W 456 -36.80 51.69 -16.73
N ASN W 457 -37.80 52.27 -16.06
CA ASN W 457 -39.09 52.50 -16.71
C ASN W 457 -39.16 53.88 -17.35
N ILE W 458 -38.02 54.58 -17.36
CA ILE W 458 -37.85 55.81 -18.11
C ILE W 458 -37.55 55.43 -19.57
N PRO W 459 -38.27 56.06 -20.53
CA PRO W 459 -38.04 55.75 -21.94
C PRO W 459 -36.73 56.34 -22.49
N GLU W 460 -36.22 55.74 -23.57
CA GLU W 460 -34.93 56.10 -24.14
C GLU W 460 -34.77 57.56 -24.48
N HIS W 461 -35.80 58.14 -25.12
CA HIS W 461 -35.68 59.50 -25.66
C HIS W 461 -35.54 60.57 -24.57
N ALA W 462 -35.85 60.18 -23.33
CA ALA W 462 -35.67 61.06 -22.19
C ALA W 462 -34.19 61.28 -21.86
N PHE W 463 -33.35 60.32 -22.23
CA PHE W 463 -31.92 60.41 -21.98
C PHE W 463 -31.20 61.21 -23.05
N TYR W 464 -31.95 61.59 -24.09
CA TYR W 464 -31.35 62.23 -25.23
C TYR W 464 -31.19 63.75 -25.10
N MET W 465 -29.98 64.24 -25.36
CA MET W 465 -29.66 65.67 -25.32
C MET W 465 -30.13 66.35 -24.05
N VAL W 466 -29.49 66.01 -22.93
CA VAL W 466 -29.84 66.58 -21.64
C VAL W 466 -28.60 66.78 -20.77
N GLY W 467 -28.81 67.36 -19.58
CA GLY W 467 -27.77 67.56 -18.59
C GLY W 467 -27.66 66.39 -17.64
N GLY W 468 -27.99 66.64 -16.38
CA GLY W 468 -27.93 65.60 -15.34
C GLY W 468 -29.23 64.80 -15.27
N ILE W 469 -29.30 63.89 -14.31
CA ILE W 469 -30.46 63.00 -14.17
C ILE W 469 -31.78 63.75 -13.94
N GLU W 470 -31.70 64.92 -13.32
CA GLU W 470 -32.90 65.71 -13.04
C GLU W 470 -33.57 66.17 -14.34
N ASP W 471 -32.76 66.44 -15.36
CA ASP W 471 -33.25 66.81 -16.70
C ASP W 471 -33.98 65.65 -17.40
N VAL W 472 -33.52 64.42 -17.14
CA VAL W 472 -34.13 63.22 -17.71
C VAL W 472 -35.52 63.04 -17.12
N VAL W 473 -35.56 62.88 -15.80
CA VAL W 473 -36.81 62.80 -15.03
C VAL W 473 -37.81 63.85 -15.53
N ALA W 474 -37.34 65.10 -15.66
CA ALA W 474 -38.15 66.21 -16.12
C ALA W 474 -38.58 66.05 -17.57
N LYS W 475 -37.62 65.76 -18.45
CA LYS W 475 -37.91 65.56 -19.88
C LYS W 475 -38.89 64.39 -20.12
N ALA W 476 -38.93 63.45 -19.19
CA ALA W 476 -39.81 62.29 -19.28
C ALA W 476 -41.28 62.67 -19.18
N GLU W 477 -41.64 63.37 -18.09
CA GLU W 477 -43.00 63.86 -17.85
C GLU W 477 -43.48 64.67 -19.04
N LYS W 478 -42.55 65.39 -19.67
CA LYS W 478 -42.82 66.20 -20.86
C LYS W 478 -43.39 65.37 -22.01
N LEU W 479 -42.88 64.15 -22.17
CA LEU W 479 -43.34 63.26 -23.24
C LEU W 479 -44.81 62.79 -23.07
N ALA W 480 -45.26 62.69 -21.82
CA ALA W 480 -46.61 62.17 -21.52
C ALA W 480 -47.74 63.22 -21.55
N ALA W 481 -47.52 64.38 -20.91
CA ALA W 481 -48.58 65.40 -20.69
C ALA W 481 -49.47 65.74 -21.90
N THR X 13 67.70 51.19 -27.02
CA THR X 13 67.06 52.54 -27.05
C THR X 13 65.90 52.59 -28.07
N PRO X 14 64.68 52.93 -27.59
CA PRO X 14 63.44 52.64 -28.32
C PRO X 14 63.05 53.64 -29.41
N ILE X 15 61.85 53.48 -29.94
CA ILE X 15 61.28 54.41 -30.92
C ILE X 15 59.95 54.96 -30.35
N THR X 16 59.99 56.18 -29.81
CA THR X 16 58.81 56.80 -29.18
C THR X 16 58.22 57.98 -29.97
N GLY X 17 56.90 58.15 -29.85
CA GLY X 17 56.19 59.26 -30.51
C GLY X 17 55.19 59.94 -29.59
N LYS X 18 54.58 61.02 -30.08
CA LYS X 18 53.62 61.78 -29.29
C LYS X 18 52.17 61.65 -29.79
N VAL X 19 51.23 61.65 -28.86
CA VAL X 19 49.80 61.64 -29.17
C VAL X 19 49.35 62.97 -29.76
N THR X 20 48.87 62.98 -31.01
CA THR X 20 48.34 64.21 -31.62
C THR X 20 46.81 64.32 -31.58
N ALA X 21 46.10 63.19 -31.74
CA ALA X 21 44.64 63.21 -31.78
C ALA X 21 44.00 62.02 -31.07
N VAL X 22 42.93 62.28 -30.33
CA VAL X 22 42.11 61.23 -29.71
C VAL X 22 40.63 61.42 -30.09
N ILE X 23 40.05 60.39 -30.70
CA ILE X 23 38.64 60.43 -31.06
C ILE X 23 38.01 59.07 -30.68
N GLY X 24 37.76 58.90 -29.39
CA GLY X 24 37.19 57.66 -28.84
C GLY X 24 38.15 56.49 -28.89
N ALA X 25 37.73 55.41 -29.55
CA ALA X 25 38.57 54.23 -29.71
C ALA X 25 39.77 54.46 -30.62
N ILE X 26 39.78 55.61 -31.30
CA ILE X 26 40.84 55.96 -32.23
C ILE X 26 41.84 56.91 -31.57
N VAL X 27 43.13 56.57 -31.65
CA VAL X 27 44.21 57.40 -31.12
C VAL X 27 45.27 57.63 -32.21
N ASP X 28 45.62 58.89 -32.44
CA ASP X 28 46.62 59.24 -33.45
C ASP X 28 47.94 59.62 -32.78
N VAL X 29 49.03 59.16 -33.39
CA VAL X 29 50.35 59.37 -32.84
C VAL X 29 51.30 59.86 -33.92
N HIS X 30 51.97 60.99 -33.66
CA HIS X 30 53.05 61.47 -34.49
C HIS X 30 54.32 60.77 -34.04
N PHE X 31 55.20 60.45 -34.99
CA PHE X 31 56.52 59.93 -34.66
C PHE X 31 57.63 60.89 -35.12
N GLU X 32 58.25 61.55 -34.13
CA GLU X 32 59.32 62.53 -34.37
C GLU X 32 60.52 61.94 -35.12
N GLN X 33 60.64 60.62 -35.08
CA GLN X 33 61.67 59.89 -35.82
C GLN X 33 61.23 59.64 -37.27
N SER X 34 62.21 59.55 -38.17
CA SER X 34 62.01 59.24 -39.59
C SER X 34 61.33 57.88 -39.80
N GLU X 35 61.52 56.96 -38.85
CA GLU X 35 60.93 55.62 -38.91
C GLU X 35 59.63 55.49 -38.09
N LEU X 36 58.55 55.18 -38.80
CA LEU X 36 57.24 54.94 -38.20
C LEU X 36 57.06 53.45 -37.94
N PRO X 37 56.19 53.09 -36.98
CA PRO X 37 55.84 51.69 -36.80
C PRO X 37 54.87 51.22 -37.90
N ALA X 38 55.22 50.11 -38.56
CA ALA X 38 54.39 49.57 -39.66
C ALA X 38 53.03 49.12 -39.19
N ILE X 39 52.09 49.00 -40.12
CA ILE X 39 50.72 48.63 -39.78
C ILE X 39 50.63 47.25 -39.11
N LEU X 40 49.72 47.16 -38.13
CA LEU X 40 49.52 45.98 -37.28
C LEU X 40 50.49 45.90 -36.08
N ASN X 41 51.30 46.94 -35.89
CA ASN X 41 52.20 47.03 -34.74
C ASN X 41 51.51 47.39 -33.45
N ALA X 42 52.13 47.02 -32.34
CA ALA X 42 51.56 47.26 -31.01
C ALA X 42 52.30 48.38 -30.27
N LEU X 43 51.65 49.52 -30.13
CA LEU X 43 52.22 50.66 -29.42
C LEU X 43 51.67 50.73 -27.99
N GLU X 44 52.38 51.42 -27.11
CA GLU X 44 52.01 51.49 -25.69
C GLU X 44 52.02 52.90 -25.11
N ILE X 45 51.30 53.08 -24.00
CA ILE X 45 51.31 54.32 -23.22
C ILE X 45 51.42 53.96 -21.75
N LYS X 46 52.26 54.69 -21.01
CA LYS X 46 52.38 54.47 -19.58
C LYS X 46 51.21 55.16 -18.87
N THR X 47 50.39 54.35 -18.21
CA THR X 47 49.29 54.86 -17.38
C THR X 47 49.64 54.73 -15.89
N PRO X 48 48.79 55.28 -15.00
CA PRO X 48 49.06 55.05 -13.58
C PRO X 48 48.74 53.61 -13.14
N GLN X 49 47.78 52.96 -13.78
CA GLN X 49 47.29 51.63 -13.35
C GLN X 49 47.78 50.44 -14.19
N GLY X 50 47.81 50.61 -15.51
CA GLY X 50 48.25 49.55 -16.43
C GLY X 50 48.88 50.09 -17.71
N LYS X 51 48.82 49.29 -18.77
CA LYS X 51 49.35 49.71 -20.07
C LYS X 51 48.20 49.93 -21.04
N LEU X 52 48.01 51.16 -21.48
CA LEU X 52 47.12 51.39 -22.63
C LEU X 52 47.85 50.88 -23.87
N VAL X 53 47.17 50.08 -24.67
CA VAL X 53 47.78 49.46 -25.84
C VAL X 53 47.05 49.88 -27.11
N LEU X 54 47.82 50.25 -28.14
CA LEU X 54 47.25 50.73 -29.39
C LEU X 54 47.78 49.93 -30.59
N GLU X 55 46.89 49.54 -31.49
CA GLU X 55 47.31 48.86 -32.72
C GLU X 55 47.28 49.77 -33.93
N VAL X 56 48.42 49.84 -34.62
CA VAL X 56 48.59 50.63 -35.84
C VAL X 56 47.60 50.20 -36.94
N ALA X 57 46.83 51.16 -37.43
CA ALA X 57 45.76 50.87 -38.40
C ALA X 57 46.00 51.48 -39.79
N GLN X 58 46.69 52.63 -39.83
CA GLN X 58 46.99 53.32 -41.11
C GLN X 58 48.07 54.40 -40.98
N HIS X 59 48.83 54.59 -42.05
CA HIS X 59 49.80 55.70 -42.17
C HIS X 59 49.16 56.85 -42.94
N LEU X 60 49.02 58.00 -42.30
CA LEU X 60 48.24 59.11 -42.85
C LEU X 60 49.07 60.08 -43.68
N GLY X 61 50.35 60.17 -43.38
CA GLY X 61 51.23 61.16 -43.98
C GLY X 61 51.87 62.01 -42.90
N GLU X 62 52.91 62.76 -43.27
CA GLU X 62 53.64 63.62 -42.33
C GLU X 62 53.91 62.93 -41.00
N ASN X 63 54.38 61.69 -41.07
CA ASN X 63 54.80 60.93 -39.90
C ASN X 63 53.73 60.84 -38.80
N THR X 64 52.54 60.42 -39.20
CA THR X 64 51.45 60.19 -38.26
C THR X 64 50.67 58.93 -38.64
N VAL X 65 50.58 58.00 -37.70
CA VAL X 65 49.79 56.79 -37.87
C VAL X 65 48.51 56.93 -37.08
N ARG X 66 47.52 56.14 -37.47
CA ARG X 66 46.24 56.04 -36.77
C ARG X 66 46.14 54.70 -36.04
N THR X 67 45.78 54.74 -34.76
CA THR X 67 45.75 53.54 -33.93
C THR X 67 44.38 53.24 -33.29
N ILE X 68 44.07 51.95 -33.15
CA ILE X 68 42.86 51.50 -32.44
C ILE X 68 43.26 51.02 -31.04
N ALA X 69 42.69 51.63 -30.00
CA ALA X 69 43.02 51.27 -28.61
C ALA X 69 42.41 49.94 -28.16
N MET X 70 43.14 49.23 -27.29
CA MET X 70 42.68 47.97 -26.72
C MET X 70 41.86 48.18 -25.47
N ASP X 71 42.04 49.32 -24.82
CA ASP X 71 41.31 49.67 -23.61
C ASP X 71 40.71 51.06 -23.79
N GLY X 72 39.97 51.55 -22.79
CA GLY X 72 39.37 52.87 -22.86
C GLY X 72 40.41 53.97 -22.94
N THR X 73 40.07 55.10 -23.55
CA THR X 73 41.03 56.20 -23.75
C THR X 73 40.74 57.45 -22.92
N GLU X 74 39.94 57.31 -21.86
CA GLU X 74 39.69 58.43 -20.94
C GLU X 74 40.99 58.81 -20.24
N GLY X 75 41.24 60.11 -20.09
CA GLY X 75 42.46 60.58 -19.44
C GLY X 75 43.60 60.89 -20.39
N LEU X 76 43.45 60.50 -21.66
CA LEU X 76 44.49 60.74 -22.66
C LEU X 76 44.69 62.22 -23.02
N VAL X 77 45.86 62.75 -22.63
CA VAL X 77 46.23 64.12 -22.94
C VAL X 77 47.15 64.08 -24.16
N ARG X 78 46.94 64.99 -25.10
CA ARG X 78 47.76 65.10 -26.32
C ARG X 78 49.22 65.34 -25.98
N GLY X 79 50.11 64.96 -26.90
CA GLY X 79 51.54 65.12 -26.69
C GLY X 79 52.14 63.97 -25.89
N GLU X 80 51.29 63.23 -25.19
CA GLU X 80 51.69 62.10 -24.34
C GLU X 80 52.63 61.10 -25.02
N LYS X 81 53.58 60.58 -24.25
CA LYS X 81 54.62 59.68 -24.77
C LYS X 81 54.05 58.32 -25.17
N VAL X 82 54.37 57.91 -26.40
CA VAL X 82 53.93 56.60 -26.94
C VAL X 82 55.15 55.76 -27.38
N LEU X 83 55.23 54.56 -26.80
CA LEU X 83 56.30 53.62 -27.09
C LEU X 83 55.91 52.67 -28.22
N ASP X 84 56.88 52.30 -29.05
CA ASP X 84 56.69 51.30 -30.08
C ASP X 84 57.37 50.02 -29.59
N THR X 85 56.61 48.91 -29.58
CA THR X 85 57.10 47.63 -29.05
C THR X 85 57.84 46.80 -30.10
N GLY X 86 57.77 47.25 -31.35
CA GLY X 86 58.43 46.56 -32.46
C GLY X 86 57.73 45.26 -32.81
N GLY X 87 56.65 45.37 -33.56
CA GLY X 87 55.85 44.21 -33.93
C GLY X 87 54.48 44.16 -33.26
N PRO X 88 53.54 43.42 -33.86
CA PRO X 88 52.18 43.16 -33.38
C PRO X 88 52.06 42.70 -31.93
N ILE X 89 50.82 42.71 -31.43
CA ILE X 89 50.49 42.24 -30.10
C ILE X 89 50.80 40.74 -30.00
N SER X 90 51.56 40.38 -28.96
CA SER X 90 51.98 38.99 -28.73
C SER X 90 51.09 38.32 -27.71
N VAL X 91 50.82 37.05 -27.91
CA VAL X 91 50.14 36.23 -26.90
C VAL X 91 50.95 34.97 -26.55
N PRO X 92 50.85 34.51 -25.29
CA PRO X 92 51.46 33.21 -24.97
C PRO X 92 50.83 32.07 -25.78
N VAL X 93 51.67 31.14 -26.23
CA VAL X 93 51.22 29.93 -26.91
C VAL X 93 51.74 28.68 -26.18
N GLY X 94 51.34 27.50 -26.65
CA GLY X 94 51.79 26.25 -26.05
C GLY X 94 50.97 25.85 -24.83
N ARG X 95 51.38 24.76 -24.20
CA ARG X 95 50.59 24.08 -23.15
C ARG X 95 50.41 24.88 -21.86
N GLU X 96 51.14 25.98 -21.73
CA GLU X 96 51.07 26.77 -20.51
C GLU X 96 49.78 27.57 -20.38
N THR X 97 49.17 27.88 -21.53
CA THR X 97 47.91 28.64 -21.59
C THR X 97 46.74 27.88 -20.99
N LEU X 98 46.83 26.55 -21.00
CA LEU X 98 45.75 25.66 -20.51
C LEU X 98 45.43 25.88 -19.03
N GLY X 99 44.15 25.85 -18.70
CA GLY X 99 43.68 26.17 -17.36
C GLY X 99 43.56 27.67 -17.08
N ARG X 100 44.33 28.47 -17.80
CA ARG X 100 44.43 29.90 -17.55
C ARG X 100 43.38 30.71 -18.34
N ILE X 101 43.10 31.95 -17.90
CA ILE X 101 42.22 32.88 -18.62
C ILE X 101 43.02 34.05 -19.17
N ILE X 102 42.81 34.40 -20.44
CA ILE X 102 43.72 35.35 -21.10
C ILE X 102 43.02 36.54 -21.77
N ASN X 103 43.57 37.73 -21.51
CA ASN X 103 43.26 38.99 -22.20
C ASN X 103 43.54 38.96 -23.70
N VAL X 104 42.92 39.89 -24.42
CA VAL X 104 43.31 40.17 -25.80
C VAL X 104 44.80 40.48 -25.88
N ILE X 105 45.29 41.32 -24.96
CA ILE X 105 46.72 41.64 -24.89
C ILE X 105 47.57 40.43 -24.46
N GLY X 106 46.96 39.48 -23.75
CA GLY X 106 47.69 38.28 -23.37
C GLY X 106 48.13 38.29 -21.93
N GLU X 107 47.59 39.24 -21.17
CA GLU X 107 47.73 39.28 -19.72
C GLU X 107 46.86 38.18 -19.09
N PRO X 108 47.34 37.58 -17.99
CA PRO X 108 46.51 36.64 -17.23
C PRO X 108 45.46 37.34 -16.38
N ILE X 109 44.20 36.96 -16.56
CA ILE X 109 43.09 37.54 -15.79
C ILE X 109 42.41 36.54 -14.86
N ASP X 110 43.08 35.42 -14.58
CA ASP X 110 42.62 34.48 -13.56
C ASP X 110 43.32 34.73 -12.23
N GLU X 111 44.28 35.66 -12.23
CA GLU X 111 45.09 36.01 -11.07
C GLU X 111 45.82 34.79 -10.51
N ARG X 112 46.64 34.16 -11.35
CA ARG X 112 47.45 33.02 -10.96
C ARG X 112 48.85 33.23 -11.51
N GLY X 113 49.50 34.30 -11.10
CA GLY X 113 50.83 34.65 -11.59
C GLY X 113 50.90 34.85 -13.10
N PRO X 114 52.12 34.82 -13.67
CA PRO X 114 52.28 34.88 -15.11
C PRO X 114 51.96 33.53 -15.77
N ILE X 115 51.86 33.54 -17.10
CA ILE X 115 51.75 32.33 -17.89
C ILE X 115 53.16 31.98 -18.36
N LYS X 116 53.85 31.16 -17.56
CA LYS X 116 55.29 30.95 -17.71
C LYS X 116 55.72 30.07 -18.90
N SER X 117 55.34 30.51 -20.10
CA SER X 117 55.72 29.82 -21.34
C SER X 117 56.92 30.50 -21.98
N LYS X 118 57.54 29.82 -22.93
CA LYS X 118 58.69 30.34 -23.65
C LYS X 118 58.29 31.14 -24.89
N LEU X 119 57.41 30.56 -25.72
CA LEU X 119 57.00 31.17 -26.97
C LEU X 119 55.78 32.10 -26.83
N ARG X 120 55.75 33.12 -27.67
CA ARG X 120 54.65 34.09 -27.78
C ARG X 120 54.45 34.41 -29.25
N LYS X 121 53.25 34.18 -29.78
CA LYS X 121 52.99 34.44 -31.19
C LYS X 121 52.22 35.72 -31.45
N PRO X 122 52.44 36.36 -32.62
CA PRO X 122 51.71 37.57 -32.99
C PRO X 122 50.26 37.27 -33.39
N ILE X 123 49.32 38.00 -32.79
CA ILE X 123 47.88 37.73 -32.98
C ILE X 123 47.39 37.81 -34.43
N HIS X 124 48.12 38.54 -35.27
CA HIS X 124 47.88 38.57 -36.71
C HIS X 124 48.81 37.60 -37.40
N ALA X 125 48.25 36.83 -38.33
CA ALA X 125 49.02 35.85 -39.10
C ALA X 125 48.31 35.58 -40.41
N ASP X 126 49.09 35.40 -41.47
CA ASP X 126 48.54 35.04 -42.78
C ASP X 126 47.81 33.71 -42.70
N PRO X 127 46.63 33.62 -43.31
CA PRO X 127 45.93 32.34 -43.28
C PRO X 127 46.64 31.31 -44.16
N PRO X 128 46.58 30.02 -43.76
CA PRO X 128 47.10 28.91 -44.56
C PRO X 128 46.74 29.05 -46.03
N SER X 129 47.72 28.82 -46.90
CA SER X 129 47.54 28.93 -48.35
C SER X 129 46.55 27.88 -48.90
N PHE X 130 46.50 27.75 -50.23
CA PHE X 130 45.65 26.73 -50.85
C PHE X 130 46.33 25.37 -50.91
N ALA X 131 47.67 25.38 -50.97
CA ALA X 131 48.45 24.16 -50.98
C ALA X 131 48.22 23.35 -49.70
N GLU X 132 48.21 24.04 -48.56
CA GLU X 132 48.09 23.40 -47.24
C GLU X 132 46.67 22.99 -46.83
N GLN X 133 45.70 23.10 -47.75
CA GLN X 133 44.30 22.77 -47.46
C GLN X 133 44.10 21.27 -47.51
N SER X 134 43.68 20.70 -46.38
CA SER X 134 43.51 19.25 -46.25
C SER X 134 42.06 18.89 -45.92
N THR X 135 41.33 18.44 -46.93
CA THR X 135 39.89 18.22 -46.83
C THR X 135 39.51 16.78 -46.54
N SER X 136 38.51 16.59 -45.70
CA SER X 136 37.89 15.29 -45.51
C SER X 136 36.39 15.46 -45.32
N ALA X 137 35.72 14.33 -45.11
CA ALA X 137 34.28 14.31 -44.88
C ALA X 137 33.95 13.26 -43.83
N GLU X 138 34.34 13.56 -42.59
CA GLU X 138 34.09 12.70 -41.45
C GLU X 138 32.98 13.36 -40.62
N ILE X 139 31.96 12.59 -40.23
CA ILE X 139 30.91 13.14 -39.38
C ILE X 139 31.49 13.35 -38.00
N LEU X 140 31.04 14.39 -37.32
CA LEU X 140 31.39 14.60 -35.92
C LEU X 140 30.10 14.43 -35.13
N GLU X 141 29.95 13.27 -34.48
CA GLU X 141 28.75 12.96 -33.70
C GLU X 141 28.60 13.94 -32.55
N THR X 142 27.37 14.34 -32.28
CA THR X 142 27.11 15.37 -31.27
C THR X 142 26.15 14.91 -30.18
N GLY X 143 25.30 13.95 -30.53
CA GLY X 143 24.26 13.46 -29.60
C GLY X 143 22.93 14.18 -29.75
N ILE X 144 22.95 15.32 -30.44
CA ILE X 144 21.76 16.12 -30.65
C ILE X 144 21.07 15.69 -31.94
N LYS X 145 19.87 15.13 -31.80
CA LYS X 145 19.10 14.52 -32.91
C LYS X 145 19.04 15.35 -34.18
N VAL X 146 18.44 16.55 -34.10
CA VAL X 146 18.29 17.46 -35.24
C VAL X 146 19.53 17.55 -36.11
N VAL X 147 20.66 17.75 -35.44
CA VAL X 147 21.96 17.89 -36.07
C VAL X 147 22.42 16.58 -36.70
N ASP X 148 22.60 15.54 -35.89
CA ASP X 148 23.15 14.27 -36.38
C ASP X 148 22.31 13.64 -37.50
N LEU X 149 21.06 14.06 -37.60
CA LEU X 149 20.12 13.49 -38.55
C LEU X 149 19.99 14.36 -39.81
N LEU X 150 19.56 15.61 -39.62
CA LEU X 150 19.28 16.51 -40.74
C LEU X 150 20.50 17.26 -41.27
N ALA X 151 21.26 17.91 -40.38
CA ALA X 151 22.46 18.66 -40.78
C ALA X 151 23.68 18.33 -39.91
N PRO X 152 24.44 17.26 -40.24
CA PRO X 152 25.51 16.80 -39.36
C PRO X 152 26.83 17.53 -39.54
N TYR X 153 27.61 17.61 -38.45
CA TYR X 153 28.83 18.41 -38.39
C TYR X 153 30.06 17.72 -38.98
N ALA X 154 30.93 18.53 -39.58
CA ALA X 154 32.18 18.03 -40.13
C ALA X 154 33.27 18.05 -39.08
N ARG X 155 33.89 16.89 -38.88
CA ARG X 155 35.14 16.81 -38.11
C ARG X 155 36.19 17.62 -38.86
N GLY X 156 36.74 18.65 -38.21
CA GLY X 156 37.71 19.54 -38.84
C GLY X 156 37.07 20.50 -39.82
N GLY X 157 35.84 20.90 -39.53
CA GLY X 157 35.13 21.92 -40.29
C GLY X 157 34.70 23.08 -39.42
N LYS X 158 34.10 24.08 -40.04
CA LYS X 158 33.56 25.23 -39.33
C LYS X 158 32.04 25.17 -39.23
N ILE X 159 31.52 25.16 -38.00
CA ILE X 159 30.09 25.13 -37.78
C ILE X 159 29.59 26.42 -37.16
N GLY X 160 28.54 26.97 -37.77
CA GLY X 160 27.92 28.21 -37.30
C GLY X 160 26.55 28.01 -36.68
N LEU X 161 26.43 28.37 -35.41
CA LEU X 161 25.13 28.39 -34.74
C LEU X 161 24.53 29.79 -34.89
N PHE X 162 23.56 29.90 -35.78
CA PHE X 162 22.89 31.17 -35.99
C PHE X 162 21.70 31.30 -35.04
N GLY X 163 21.49 32.51 -34.52
CA GLY X 163 20.32 32.81 -33.71
C GLY X 163 20.13 34.31 -33.50
N GLY X 164 18.88 34.74 -33.45
CA GLY X 164 18.58 36.09 -32.98
C GLY X 164 18.62 36.13 -31.45
N ALA X 165 18.39 37.29 -30.87
CA ALA X 165 18.52 37.46 -29.43
C ALA X 165 17.65 36.51 -28.62
N GLY X 166 18.27 35.78 -27.69
CA GLY X 166 17.56 35.00 -26.67
C GLY X 166 17.09 33.60 -27.05
N VAL X 167 17.53 33.09 -28.20
CA VAL X 167 16.94 31.85 -28.73
C VAL X 167 17.64 30.54 -28.34
N GLY X 168 18.95 30.59 -28.09
CA GLY X 168 19.65 29.43 -27.55
C GLY X 168 21.07 29.13 -27.98
N LYS X 169 21.75 30.10 -28.58
CA LYS X 169 23.13 29.92 -29.07
C LYS X 169 24.09 29.45 -27.97
N THR X 170 24.00 30.08 -26.79
CA THR X 170 24.90 29.81 -25.68
C THR X 170 24.66 28.41 -25.10
N VAL X 171 23.44 28.18 -24.58
CA VAL X 171 23.02 26.88 -24.09
C VAL X 171 23.47 25.79 -25.08
N PHE X 172 23.22 26.04 -26.37
CA PHE X 172 23.60 25.11 -27.43
C PHE X 172 25.09 24.86 -27.49
N ILE X 173 25.90 25.93 -27.46
CA ILE X 173 27.34 25.76 -27.51
C ILE X 173 27.87 25.10 -26.24
N GLN X 174 27.16 25.32 -25.14
CA GLN X 174 27.52 24.69 -23.86
C GLN X 174 27.31 23.19 -23.89
N GLU X 175 26.28 22.76 -24.63
CA GLU X 175 25.97 21.34 -24.76
C GLU X 175 26.98 20.67 -25.67
N LEU X 176 27.38 21.37 -26.72
CA LEU X 176 28.41 20.87 -27.64
C LEU X 176 29.76 20.67 -26.95
N ILE X 177 30.05 21.49 -25.93
CA ILE X 177 31.22 21.29 -25.07
C ILE X 177 31.00 20.10 -24.13
N ASN X 178 29.91 20.11 -23.38
CA ASN X 178 29.55 19.02 -22.46
C ASN X 178 29.53 17.68 -23.17
N ASN X 179 29.10 17.67 -24.43
CA ASN X 179 29.05 16.43 -25.21
C ASN X 179 30.36 16.06 -25.87
N ILE X 180 31.04 17.05 -26.47
CA ILE X 180 32.24 16.75 -27.25
C ILE X 180 33.53 16.96 -26.46
N ALA X 181 33.74 18.20 -26.01
CA ALA X 181 35.02 18.60 -25.42
C ALA X 181 35.66 17.59 -24.45
N LYS X 182 35.06 17.38 -23.29
CA LYS X 182 35.64 16.49 -22.26
C LYS X 182 36.41 15.28 -22.82
N ALA X 183 35.70 14.35 -23.45
CA ALA X 183 36.32 13.19 -24.05
C ALA X 183 36.61 13.42 -25.54
N HIS X 184 37.66 14.21 -25.82
CA HIS X 184 38.08 14.49 -27.21
C HIS X 184 39.46 13.96 -27.56
N GLY X 185 40.40 14.12 -26.63
CA GLY X 185 41.77 13.64 -26.81
C GLY X 185 42.71 14.80 -27.11
N GLY X 186 42.31 15.64 -28.06
CA GLY X 186 43.03 16.88 -28.36
C GLY X 186 42.66 18.00 -27.40
N PHE X 187 43.20 19.19 -27.66
CA PHE X 187 42.95 20.36 -26.82
C PHE X 187 41.82 21.25 -27.35
N SER X 188 41.24 22.05 -26.46
CA SER X 188 40.19 22.98 -26.84
C SER X 188 40.52 24.40 -26.43
N VAL X 189 40.09 25.36 -27.25
CA VAL X 189 40.20 26.77 -26.91
C VAL X 189 38.83 27.41 -27.01
N PHE X 190 38.38 28.00 -25.89
CA PHE X 190 37.15 28.78 -25.88
C PHE X 190 37.47 30.28 -25.87
N THR X 191 36.82 31.03 -26.76
CA THR X 191 36.94 32.50 -26.78
C THR X 191 35.57 33.18 -26.70
N GLY X 192 35.39 33.99 -25.67
CA GLY X 192 34.17 34.78 -25.49
C GLY X 192 34.34 36.15 -26.09
N VAL X 193 33.75 36.36 -27.26
CA VAL X 193 33.85 37.65 -27.96
C VAL X 193 32.56 38.46 -27.86
N GLY X 194 32.59 39.49 -27.03
CA GLY X 194 31.49 40.45 -26.91
C GLY X 194 30.21 39.84 -26.37
N GLU X 195 30.37 39.01 -25.33
CA GLU X 195 29.23 38.37 -24.68
C GLU X 195 29.27 38.66 -23.19
N ARG X 196 28.45 37.95 -22.42
CA ARG X 196 28.28 38.27 -21.02
C ARG X 196 29.49 37.84 -20.19
N THR X 197 29.95 38.71 -19.30
CA THR X 197 31.02 38.33 -18.39
C THR X 197 30.58 37.16 -17.51
N ARG X 198 29.44 37.32 -16.84
CA ARG X 198 28.76 36.26 -16.07
C ARG X 198 28.74 34.89 -16.78
N GLU X 199 28.30 34.86 -18.05
CA GLU X 199 28.36 33.66 -18.90
C GLU X 199 29.79 33.05 -18.91
N GLY X 200 30.80 33.92 -18.82
CA GLY X 200 32.19 33.49 -18.74
C GLY X 200 32.58 32.94 -17.38
N ASN X 201 32.20 33.65 -16.32
CA ASN X 201 32.38 33.17 -14.95
C ASN X 201 31.73 31.79 -14.77
N ASP X 202 30.56 31.61 -15.39
CA ASP X 202 29.83 30.34 -15.43
C ASP X 202 30.67 29.24 -16.05
N LEU X 203 31.24 29.52 -17.22
CA LEU X 203 32.08 28.55 -17.91
C LEU X 203 33.35 28.22 -17.14
N TYR X 204 33.91 29.19 -16.42
CA TYR X 204 35.07 28.94 -15.56
C TYR X 204 34.72 27.98 -14.43
N ARG X 205 33.60 28.26 -13.76
CA ARG X 205 33.07 27.39 -12.71
C ARG X 205 32.72 26.00 -13.26
N GLU X 206 32.15 25.95 -14.46
CA GLU X 206 31.74 24.70 -15.09
C GLU X 206 32.93 23.84 -15.51
N MET X 207 33.98 24.47 -16.05
CA MET X 207 35.19 23.75 -16.48
C MET X 207 35.91 23.09 -15.29
N LYS X 208 35.86 23.76 -14.15
CA LYS X 208 36.38 23.21 -12.91
C LYS X 208 35.51 22.05 -12.41
N GLU X 209 34.20 22.29 -12.27
CA GLU X 209 33.27 21.24 -11.83
C GLU X 209 33.39 19.93 -12.64
N THR X 210 33.52 20.05 -13.97
CA THR X 210 33.72 18.87 -14.82
C THR X 210 35.14 18.30 -14.73
N GLY X 211 36.07 19.13 -14.29
CA GLY X 211 37.48 18.74 -14.19
C GLY X 211 38.28 19.02 -15.45
N VAL X 212 37.61 19.51 -16.49
CA VAL X 212 38.26 19.88 -17.75
C VAL X 212 39.32 20.99 -17.54
N ILE X 213 39.05 21.88 -16.58
CA ILE X 213 40.12 22.69 -15.99
C ILE X 213 40.38 22.19 -14.56
N ASN X 214 41.66 22.01 -14.27
CA ASN X 214 42.11 21.41 -13.04
C ASN X 214 43.25 22.26 -12.53
N LEU X 215 43.00 23.01 -11.47
CA LEU X 215 44.01 23.90 -10.91
C LEU X 215 45.20 23.10 -10.38
N GLU X 216 44.93 22.04 -9.63
CA GLU X 216 46.01 21.16 -9.15
C GLU X 216 46.54 20.18 -10.19
N GLY X 217 45.65 19.67 -11.05
CA GLY X 217 46.02 18.70 -12.09
C GLY X 217 46.44 19.34 -13.39
N GLU X 218 46.13 18.69 -14.51
CA GLU X 218 46.37 19.28 -15.84
C GLU X 218 45.08 19.45 -16.66
N SER X 219 45.07 20.45 -17.53
CA SER X 219 43.81 20.86 -18.18
C SER X 219 43.80 20.76 -19.72
N LYS X 220 42.63 20.45 -20.26
CA LYS X 220 42.44 20.18 -21.69
C LYS X 220 41.86 21.37 -22.50
N VAL X 221 41.78 22.54 -21.87
CA VAL X 221 41.20 23.72 -22.52
C VAL X 221 41.78 25.04 -21.98
N ALA X 222 41.97 26.00 -22.87
CA ALA X 222 42.36 27.34 -22.47
C ALA X 222 41.19 28.32 -22.68
N LEU X 223 41.06 29.30 -21.78
CA LEU X 223 40.02 30.32 -21.86
C LEU X 223 40.59 31.69 -22.22
N VAL X 224 40.06 32.28 -23.31
CA VAL X 224 40.38 33.66 -23.72
C VAL X 224 39.11 34.53 -23.68
N PHE X 225 39.21 35.76 -23.18
CA PHE X 225 38.02 36.63 -23.03
C PHE X 225 38.13 38.11 -23.43
N GLY X 226 37.03 38.60 -24.01
CA GLY X 226 36.88 39.99 -24.40
C GLY X 226 35.38 40.20 -24.46
N GLN X 227 34.80 40.55 -23.32
CA GLN X 227 33.35 40.52 -23.15
C GLN X 227 32.69 41.81 -23.61
N MET X 228 31.39 41.91 -23.39
CA MET X 228 30.64 43.11 -23.81
C MET X 228 30.97 44.38 -22.99
N ASN X 229 31.70 44.25 -21.89
CA ASN X 229 32.18 45.44 -21.19
C ASN X 229 33.39 46.11 -21.85
N GLU X 230 34.13 45.32 -22.64
CA GLU X 230 35.32 45.79 -23.37
C GLU X 230 35.03 46.79 -24.49
N PRO X 231 35.92 47.79 -24.65
CA PRO X 231 35.97 48.69 -25.79
C PRO X 231 36.11 47.96 -27.14
N PRO X 232 35.49 48.50 -28.21
CA PRO X 232 35.46 47.87 -29.53
C PRO X 232 36.79 47.26 -29.96
N GLY X 233 37.89 48.02 -29.84
CA GLY X 233 39.21 47.57 -30.24
C GLY X 233 39.63 46.20 -29.71
N ALA X 234 39.22 45.91 -28.47
CA ALA X 234 39.49 44.62 -27.83
C ALA X 234 38.60 43.50 -28.40
N ARG X 235 37.32 43.82 -28.60
CA ARG X 235 36.33 42.88 -29.16
C ARG X 235 36.64 42.57 -30.62
N ALA X 236 37.29 43.52 -31.29
CA ALA X 236 37.66 43.36 -32.69
C ALA X 236 38.93 42.53 -32.84
N ARG X 237 39.59 42.25 -31.71
CA ARG X 237 40.91 41.59 -31.72
C ARG X 237 41.07 40.35 -30.83
N VAL X 238 40.15 40.14 -29.90
CA VAL X 238 40.24 39.01 -28.96
C VAL X 238 40.06 37.62 -29.62
N ALA X 239 39.31 37.57 -30.72
CA ALA X 239 39.11 36.32 -31.46
C ALA X 239 40.41 35.89 -32.12
N LEU X 240 41.13 36.85 -32.69
CA LEU X 240 42.46 36.60 -33.23
C LEU X 240 43.37 36.00 -32.15
N THR X 241 43.36 36.63 -30.96
CA THR X 241 44.10 36.17 -29.79
C THR X 241 43.86 34.68 -29.55
N GLY X 242 42.60 34.33 -29.26
CA GLY X 242 42.24 32.95 -28.99
C GLY X 242 42.49 32.04 -30.17
N LEU X 243 42.38 32.60 -31.39
CA LEU X 243 42.62 31.84 -32.62
C LEU X 243 44.11 31.49 -32.77
N THR X 244 44.96 32.39 -32.29
CA THR X 244 46.41 32.23 -32.35
C THR X 244 46.86 31.03 -31.52
N ILE X 245 46.37 30.96 -30.28
CA ILE X 245 46.63 29.83 -29.38
C ILE X 245 46.28 28.48 -30.04
N ALA X 246 45.16 28.46 -30.78
CA ALA X 246 44.73 27.27 -31.52
C ALA X 246 45.71 26.86 -32.62
N GLU X 247 46.11 27.83 -33.45
CA GLU X 247 47.01 27.56 -34.57
C GLU X 247 48.32 26.90 -34.15
N TYR X 248 48.85 27.30 -32.99
CA TYR X 248 50.05 26.70 -32.43
C TYR X 248 49.84 25.22 -32.16
N PHE X 249 48.75 24.89 -31.49
CA PHE X 249 48.42 23.49 -31.22
C PHE X 249 48.24 22.70 -32.52
N ARG X 250 48.00 23.39 -33.64
CA ARG X 250 47.82 22.75 -34.93
C ARG X 250 49.11 22.69 -35.75
N ASP X 251 49.83 23.80 -35.79
CA ASP X 251 51.00 23.89 -36.67
C ASP X 251 52.27 23.40 -35.99
N GLU X 252 52.43 23.75 -34.72
CA GLU X 252 53.66 23.45 -33.97
C GLU X 252 53.59 22.15 -33.18
N GLU X 253 52.37 21.67 -32.93
CA GLU X 253 52.16 20.39 -32.28
C GLU X 253 51.27 19.45 -33.09
N GLY X 254 50.84 19.91 -34.26
CA GLY X 254 50.02 19.13 -35.19
C GLY X 254 48.96 18.27 -34.54
N GLN X 255 47.89 18.90 -34.05
CA GLN X 255 46.86 18.19 -33.27
C GLN X 255 45.45 18.48 -33.70
N ASP X 256 44.50 17.75 -33.10
CA ASP X 256 43.08 17.94 -33.35
C ASP X 256 42.50 18.89 -32.29
N VAL X 257 42.35 20.15 -32.68
CA VAL X 257 41.96 21.20 -31.75
C VAL X 257 40.48 21.54 -31.86
N LEU X 258 39.89 22.01 -30.76
CA LEU X 258 38.53 22.51 -30.78
C LEU X 258 38.51 24.01 -30.48
N LEU X 259 37.88 24.79 -31.37
CA LEU X 259 37.82 26.24 -31.19
C LEU X 259 36.39 26.74 -31.02
N PHE X 260 35.96 26.86 -29.77
CA PHE X 260 34.62 27.36 -29.46
C PHE X 260 34.66 28.89 -29.34
N ILE X 261 33.93 29.58 -30.21
CA ILE X 261 33.83 31.04 -30.13
C ILE X 261 32.38 31.47 -29.95
N ASP X 262 32.18 32.41 -29.03
CA ASP X 262 30.88 32.95 -28.66
C ASP X 262 31.09 34.41 -28.23
N ASN X 263 30.76 35.39 -29.07
CA ASN X 263 29.99 35.26 -30.31
C ASN X 263 30.81 35.90 -31.44
N ILE X 264 30.91 35.24 -32.59
CA ILE X 264 31.76 35.73 -33.69
C ILE X 264 31.18 36.90 -34.48
N PHE X 265 29.96 37.32 -34.12
CA PHE X 265 29.33 38.50 -34.71
C PHE X 265 29.97 39.77 -34.13
N ARG X 266 30.31 39.71 -32.84
CA ARG X 266 30.81 40.88 -32.12
C ARG X 266 32.17 41.36 -32.63
N PHE X 267 32.83 40.53 -33.44
CA PHE X 267 34.08 40.88 -34.16
C PHE X 267 33.81 41.82 -35.35
N THR X 268 32.65 41.69 -35.98
CA THR X 268 32.22 42.57 -37.06
C THR X 268 31.51 43.81 -36.51
N GLN X 269 30.78 43.62 -35.42
CA GLN X 269 30.06 44.73 -34.78
C GLN X 269 31.03 45.70 -34.11
N ALA X 270 32.12 45.15 -33.58
CA ALA X 270 33.22 45.94 -33.08
C ALA X 270 33.84 46.70 -34.24
N GLY X 271 33.83 46.07 -35.42
CA GLY X 271 34.34 46.66 -36.64
C GLY X 271 33.60 47.94 -36.99
N SER X 272 32.27 47.86 -37.10
CA SER X 272 31.45 49.02 -37.43
C SER X 272 31.60 50.16 -36.44
N GLU X 273 31.74 49.83 -35.15
CA GLU X 273 31.97 50.82 -34.09
C GLU X 273 33.13 51.77 -34.35
N VAL X 274 34.04 51.39 -35.25
CA VAL X 274 35.25 52.18 -35.51
C VAL X 274 35.42 52.65 -36.97
N SER X 275 34.90 51.88 -37.92
CA SER X 275 35.03 52.18 -39.35
C SER X 275 34.79 53.67 -39.64
N ALA X 276 33.75 54.22 -39.05
CA ALA X 276 33.44 55.65 -39.13
C ALA X 276 34.66 56.48 -38.70
N LEU X 277 35.13 56.23 -37.47
CA LEU X 277 36.27 56.93 -36.87
C LEU X 277 37.59 56.67 -37.60
N LEU X 278 37.75 55.44 -38.10
CA LEU X 278 38.90 55.13 -38.96
C LEU X 278 38.87 55.97 -40.23
N GLY X 279 37.70 56.50 -40.55
CA GLY X 279 37.55 57.47 -41.64
C GLY X 279 36.99 56.89 -42.92
N ARG X 280 36.38 55.70 -42.83
CA ARG X 280 35.83 55.03 -44.00
C ARG X 280 34.43 55.51 -44.25
N ILE X 281 34.07 55.60 -45.53
CA ILE X 281 32.69 55.79 -45.97
C ILE X 281 31.89 54.55 -45.57
N PRO X 282 30.72 54.74 -44.93
CA PRO X 282 29.94 53.55 -44.57
C PRO X 282 29.40 52.78 -45.79
N SER X 283 29.55 51.46 -45.75
CA SER X 283 28.86 50.60 -46.72
C SER X 283 27.37 50.51 -46.35
N ALA X 284 26.65 49.59 -46.99
CA ALA X 284 25.25 49.33 -46.70
C ALA X 284 25.00 49.03 -45.20
N VAL X 285 23.84 49.50 -44.71
CA VAL X 285 23.42 49.31 -43.30
C VAL X 285 24.44 49.82 -42.28
N GLY X 286 25.30 50.74 -42.73
CA GLY X 286 26.28 51.41 -41.86
C GLY X 286 27.46 50.58 -41.40
N TYR X 287 27.77 49.50 -42.10
CA TYR X 287 28.94 48.66 -41.79
C TYR X 287 30.18 49.21 -42.47
N GLN X 288 31.34 48.76 -41.99
CA GLN X 288 32.61 48.92 -42.69
C GLN X 288 32.57 48.41 -44.15
N PRO X 289 33.27 49.10 -45.08
CA PRO X 289 33.45 48.58 -46.44
C PRO X 289 34.36 47.36 -46.48
N THR X 290 35.21 47.21 -45.47
CA THR X 290 36.17 46.11 -45.39
C THR X 290 35.56 44.76 -44.93
N LEU X 291 34.34 44.82 -44.38
CA LEU X 291 33.64 43.68 -43.75
C LEU X 291 33.95 42.27 -44.31
N ALA X 292 33.75 42.09 -45.62
CA ALA X 292 33.95 40.80 -46.28
C ALA X 292 35.34 40.23 -45.99
N THR X 293 36.37 40.93 -46.47
CA THR X 293 37.76 40.50 -46.34
C THR X 293 38.24 40.44 -44.89
N ASP X 294 37.74 41.35 -44.05
CA ASP X 294 38.00 41.36 -42.61
C ASP X 294 37.74 40.01 -41.98
N MET X 295 36.59 39.44 -42.31
CA MET X 295 36.18 38.12 -41.87
C MET X 295 37.10 37.03 -42.46
N GLY X 296 37.35 37.10 -43.77
CA GLY X 296 38.28 36.20 -44.45
C GLY X 296 39.61 36.15 -43.73
N LEU X 297 40.22 37.32 -43.51
CA LEU X 297 41.49 37.44 -42.81
C LEU X 297 41.49 36.84 -41.39
N LEU X 298 40.29 36.57 -40.86
CA LEU X 298 40.16 35.89 -39.58
C LEU X 298 39.71 34.43 -39.75
N GLN X 299 38.71 34.20 -40.61
CA GLN X 299 38.11 32.88 -40.78
C GLN X 299 39.01 31.88 -41.48
N GLU X 300 39.74 32.34 -42.49
CA GLU X 300 40.60 31.47 -43.30
C GLU X 300 41.77 30.90 -42.50
N ARG X 301 41.99 31.46 -41.31
CA ARG X 301 42.96 30.92 -40.38
C ARG X 301 42.38 29.71 -39.66
N ILE X 302 41.07 29.75 -39.40
CA ILE X 302 40.37 28.60 -38.83
C ILE X 302 40.12 27.60 -39.96
N THR X 303 41.14 26.81 -40.27
CA THR X 303 41.05 25.80 -41.32
C THR X 303 41.88 24.58 -40.92
N THR X 304 41.70 23.48 -41.65
CA THR X 304 42.46 22.27 -41.41
C THR X 304 43.53 22.11 -42.48
N THR X 305 44.79 22.13 -42.03
CA THR X 305 45.96 21.96 -42.90
C THR X 305 46.46 20.52 -42.90
N LYS X 306 47.54 20.26 -43.64
CA LYS X 306 48.17 18.93 -43.65
C LYS X 306 48.93 18.70 -42.35
N LYS X 307 49.25 19.81 -41.67
CA LYS X 307 50.03 19.78 -40.45
C LYS X 307 49.17 19.43 -39.23
N GLY X 308 47.87 19.69 -39.32
CA GLY X 308 46.97 19.49 -38.20
C GLY X 308 45.54 19.94 -38.45
N SER X 309 44.67 19.66 -37.49
CA SER X 309 43.24 19.83 -37.69
C SER X 309 42.58 20.74 -36.65
N VAL X 310 41.76 21.68 -37.13
CA VAL X 310 40.98 22.56 -36.24
C VAL X 310 39.47 22.41 -36.48
N THR X 311 38.71 22.24 -35.39
CA THR X 311 37.26 22.18 -35.50
C THR X 311 36.69 23.34 -34.71
N SER X 312 35.74 24.06 -35.30
CA SER X 312 35.19 25.25 -34.65
C SER X 312 33.67 25.32 -34.65
N VAL X 313 33.12 25.64 -33.49
CA VAL X 313 31.71 25.91 -33.36
C VAL X 313 31.61 27.39 -33.04
N GLN X 314 31.08 28.17 -33.98
CA GLN X 314 30.98 29.61 -33.79
C GLN X 314 29.53 30.03 -33.62
N ALA X 315 29.29 30.78 -32.55
CA ALA X 315 27.98 31.35 -32.29
C ALA X 315 27.88 32.67 -33.03
N VAL X 316 26.79 32.83 -33.79
CA VAL X 316 26.53 34.04 -34.58
C VAL X 316 25.20 34.71 -34.18
N TYR X 317 25.32 35.90 -33.59
CA TYR X 317 24.15 36.72 -33.29
C TYR X 317 23.53 37.24 -34.59
N VAL X 318 22.22 37.40 -34.58
CA VAL X 318 21.49 37.94 -35.72
C VAL X 318 20.73 39.21 -35.28
N PRO X 319 21.20 40.38 -35.76
CA PRO X 319 20.64 41.70 -35.47
C PRO X 319 19.18 41.79 -35.85
N ALA X 320 18.33 42.09 -34.87
CA ALA X 320 16.88 42.22 -35.07
C ALA X 320 16.29 41.08 -35.90
N ASP X 321 16.64 39.85 -35.52
CA ASP X 321 16.17 38.64 -36.17
C ASP X 321 16.32 38.63 -37.69
N ASP X 322 17.24 39.42 -38.21
CA ASP X 322 17.39 39.54 -39.67
C ASP X 322 18.63 38.85 -40.24
N LEU X 323 18.44 37.60 -40.68
CA LEU X 323 19.54 36.81 -41.26
C LEU X 323 20.18 37.51 -42.46
N THR X 324 19.41 38.38 -43.13
CA THR X 324 19.91 39.05 -44.32
C THR X 324 20.88 40.18 -43.99
N ASP X 325 20.92 40.60 -42.71
CA ASP X 325 21.88 41.61 -42.27
C ASP X 325 23.28 41.21 -42.75
N PRO X 326 24.01 42.14 -43.37
CA PRO X 326 25.34 41.87 -43.94
C PRO X 326 26.25 41.00 -43.08
N ALA X 327 26.16 41.13 -41.75
CA ALA X 327 27.05 40.39 -40.85
C ALA X 327 26.89 38.86 -40.95
N PRO X 328 25.72 38.33 -40.59
CA PRO X 328 25.55 36.88 -40.74
C PRO X 328 25.48 36.44 -42.21
N ALA X 329 25.00 37.30 -43.09
CA ALA X 329 24.78 36.93 -44.48
C ALA X 329 26.10 36.73 -45.20
N THR X 330 27.16 37.31 -44.63
CA THR X 330 28.51 37.11 -45.15
C THR X 330 29.19 35.91 -44.46
N THR X 331 28.70 35.53 -43.28
CA THR X 331 29.27 34.42 -42.50
C THR X 331 28.98 33.02 -43.10
N PHE X 332 27.90 32.91 -43.90
CA PHE X 332 27.47 31.60 -44.49
C PHE X 332 28.49 30.95 -45.43
N ALA X 333 29.25 31.78 -46.13
CA ALA X 333 30.26 31.30 -47.09
C ALA X 333 31.46 30.63 -46.41
N HIS X 334 31.62 30.89 -45.11
CA HIS X 334 32.75 30.39 -44.32
C HIS X 334 32.50 29.06 -43.61
N LEU X 335 31.33 28.49 -43.83
CA LEU X 335 30.87 27.39 -43.00
C LEU X 335 30.61 26.11 -43.78
N ASP X 336 30.70 24.99 -43.06
CA ASP X 336 30.45 23.66 -43.63
C ASP X 336 29.08 23.15 -43.15
N ALA X 337 28.74 23.53 -41.93
CA ALA X 337 27.44 23.20 -41.35
C ALA X 337 26.87 24.42 -40.66
N THR X 338 25.60 24.71 -40.91
CA THR X 338 24.93 25.79 -40.22
C THR X 338 23.68 25.23 -39.56
N THR X 339 23.50 25.54 -38.29
CA THR X 339 22.28 25.19 -37.60
C THR X 339 21.56 26.49 -37.23
N VAL X 340 20.46 26.76 -37.91
CA VAL X 340 19.77 28.01 -37.75
C VAL X 340 18.77 27.86 -36.63
N LEU X 341 18.95 28.64 -35.57
CA LEU X 341 17.95 28.74 -34.51
C LEU X 341 16.88 29.76 -34.89
N SER X 342 15.62 29.37 -34.71
CA SER X 342 14.48 30.17 -35.15
C SER X 342 13.61 30.58 -33.97
N ARG X 343 13.38 31.87 -33.81
CA ARG X 343 12.59 32.38 -32.67
C ARG X 343 11.19 31.78 -32.61
N GLY X 344 10.47 31.83 -33.73
CA GLY X 344 9.17 31.20 -33.83
C GLY X 344 9.10 29.79 -33.26
N ILE X 345 10.15 29.00 -33.52
CA ILE X 345 10.22 27.63 -33.01
C ILE X 345 10.33 27.58 -31.48
N SER X 346 11.25 28.36 -30.92
CA SER X 346 11.46 28.42 -29.46
C SER X 346 10.20 28.88 -28.70
N GLU X 347 9.37 29.69 -29.35
CA GLU X 347 8.11 30.17 -28.77
C GLU X 347 7.12 29.02 -28.69
N LEU X 348 7.26 28.05 -29.60
CA LEU X 348 6.51 26.82 -29.52
C LEU X 348 7.04 25.94 -28.38
N GLY X 349 8.05 26.42 -27.66
CA GLY X 349 8.67 25.63 -26.58
C GLY X 349 9.38 24.38 -27.09
N ILE X 350 9.91 24.47 -28.31
CA ILE X 350 10.71 23.41 -28.89
C ILE X 350 12.18 23.75 -28.64
N TYR X 351 12.86 22.88 -27.88
CA TYR X 351 14.29 23.06 -27.60
C TYR X 351 15.08 21.78 -27.85
N PRO X 352 16.22 21.89 -28.55
CA PRO X 352 16.78 23.15 -29.04
C PRO X 352 15.91 23.75 -30.13
N ALA X 353 15.96 25.08 -30.31
CA ALA X 353 15.09 25.75 -31.28
C ALA X 353 15.66 25.79 -32.70
N VAL X 354 15.99 24.61 -33.22
CA VAL X 354 16.67 24.51 -34.50
C VAL X 354 15.68 24.44 -35.65
N ASP X 355 15.86 25.33 -36.63
CA ASP X 355 15.13 25.22 -37.89
C ASP X 355 15.61 23.98 -38.64
N PRO X 356 14.68 23.05 -38.91
CA PRO X 356 15.08 21.78 -39.49
C PRO X 356 15.21 21.83 -41.02
N LEU X 357 14.95 23.00 -41.61
CA LEU X 357 15.00 23.14 -43.06
C LEU X 357 16.07 24.13 -43.51
N ASP X 358 16.24 25.21 -42.75
CA ASP X 358 17.22 26.22 -43.10
C ASP X 358 18.62 25.86 -42.61
N SER X 359 18.69 24.92 -41.67
CA SER X 359 19.96 24.38 -41.25
C SER X 359 20.46 23.46 -42.35
N LYS X 360 21.75 23.53 -42.67
CA LYS X 360 22.33 22.74 -43.75
C LYS X 360 23.75 22.24 -43.43
N SER X 361 24.15 21.14 -44.06
CA SER X 361 25.54 20.64 -43.96
C SER X 361 26.13 20.26 -45.32
N ARG X 362 27.46 20.20 -45.37
CA ARG X 362 28.15 19.68 -46.54
C ARG X 362 28.02 18.19 -46.52
N LEU X 363 27.68 17.64 -45.36
CA LEU X 363 27.74 16.21 -45.12
C LEU X 363 26.41 15.47 -45.22
N LEU X 364 25.31 16.15 -45.54
CA LEU X 364 24.08 15.41 -45.80
C LEU X 364 24.10 14.83 -47.22
N ASP X 365 25.07 13.92 -47.42
CA ASP X 365 25.25 13.18 -48.66
C ASP X 365 25.22 11.67 -48.39
N ALA X 366 24.66 10.91 -49.32
CA ALA X 366 24.57 9.46 -49.21
C ALA X 366 25.95 8.80 -49.14
N ALA X 367 26.88 9.31 -49.94
CA ALA X 367 28.25 8.81 -49.95
C ALA X 367 29.00 9.04 -48.63
N VAL X 368 28.49 9.97 -47.82
CA VAL X 368 29.12 10.31 -46.55
C VAL X 368 28.44 9.64 -45.35
N VAL X 369 27.10 9.68 -45.33
CA VAL X 369 26.35 9.19 -44.16
C VAL X 369 25.59 7.88 -44.39
N GLY X 370 25.54 7.42 -45.65
CA GLY X 370 24.85 6.18 -45.96
C GLY X 370 23.46 6.41 -46.51
N GLN X 371 23.13 5.68 -47.57
CA GLN X 371 21.84 5.80 -48.27
C GLN X 371 20.63 5.81 -47.33
N GLU X 372 20.60 4.87 -46.39
CA GLU X 372 19.48 4.74 -45.44
C GLU X 372 19.36 5.93 -44.47
N HIS X 373 20.48 6.58 -44.20
CA HIS X 373 20.51 7.80 -43.38
C HIS X 373 20.07 9.01 -44.17
N TYR X 374 20.54 9.12 -45.42
CA TYR X 374 20.17 10.22 -46.31
C TYR X 374 18.66 10.20 -46.59
N ASP X 375 18.15 9.00 -46.84
CA ASP X 375 16.73 8.81 -47.12
C ASP X 375 15.86 9.27 -45.97
N VAL X 376 16.18 8.83 -44.76
CA VAL X 376 15.39 9.21 -43.59
C VAL X 376 15.41 10.74 -43.43
N ALA X 377 16.59 11.31 -43.61
CA ALA X 377 16.79 12.75 -43.53
C ALA X 377 15.80 13.53 -44.41
N SER X 378 15.83 13.26 -45.72
CA SER X 378 15.00 14.00 -46.67
C SER X 378 13.51 13.72 -46.50
N LYS X 379 13.13 12.45 -46.36
CA LYS X 379 11.74 12.07 -46.14
C LYS X 379 11.14 12.85 -44.94
N VAL X 380 11.99 13.20 -43.98
CA VAL X 380 11.60 14.02 -42.83
C VAL X 380 11.44 15.48 -43.25
N GLN X 381 12.46 16.03 -43.91
CA GLN X 381 12.41 17.41 -44.39
C GLN X 381 11.20 17.64 -45.29
N GLU X 382 10.99 16.74 -46.26
CA GLU X 382 9.83 16.79 -47.15
C GLU X 382 8.54 16.87 -46.36
N THR X 383 8.41 16.01 -45.34
CA THR X 383 7.23 15.99 -44.49
C THR X 383 7.02 17.31 -43.74
N LEU X 384 8.03 17.74 -43.01
CA LEU X 384 8.02 19.04 -42.31
C LEU X 384 7.64 20.19 -43.25
N GLN X 385 8.19 20.15 -44.46
CA GLN X 385 7.96 21.17 -45.49
C GLN X 385 6.52 21.18 -45.97
N THR X 386 5.89 20.02 -46.06
CA THR X 386 4.48 19.93 -46.44
C THR X 386 3.60 20.55 -45.36
N TYR X 387 3.93 20.24 -44.09
CA TYR X 387 3.25 20.83 -42.94
C TYR X 387 3.41 22.35 -42.94
N LYS X 388 4.62 22.80 -43.30
CA LYS X 388 4.89 24.22 -43.50
C LYS X 388 4.05 24.77 -44.67
N SER X 389 4.15 24.13 -45.83
CA SER X 389 3.35 24.51 -47.01
C SER X 389 1.86 24.61 -46.72
N LEU X 390 1.42 24.02 -45.60
CA LEU X 390 0.01 24.01 -45.23
C LEU X 390 -0.35 24.77 -43.94
N GLN X 391 0.65 25.36 -43.29
CA GLN X 391 0.43 26.10 -42.04
C GLN X 391 -0.79 27.02 -42.10
N ASP X 392 -0.91 27.79 -43.18
CA ASP X 392 -1.93 28.84 -43.29
C ASP X 392 -3.35 28.32 -43.44
N ILE X 393 -3.56 27.42 -44.40
CA ILE X 393 -4.84 26.72 -44.53
C ILE X 393 -5.31 26.23 -43.16
N ILE X 394 -4.37 25.68 -42.38
CA ILE X 394 -4.66 25.14 -41.04
C ILE X 394 -4.83 26.23 -39.99
N ALA X 395 -4.12 27.35 -40.17
CA ALA X 395 -4.20 28.48 -39.25
C ALA X 395 -5.56 29.18 -39.33
N ILE X 396 -6.17 29.15 -40.51
CA ILE X 396 -7.42 29.88 -40.77
C ILE X 396 -8.66 28.97 -40.68
N LEU X 397 -8.61 27.81 -41.33
CA LEU X 397 -9.77 26.93 -41.48
C LEU X 397 -9.79 25.74 -40.52
N GLY X 398 -8.67 25.52 -39.83
CA GLY X 398 -8.51 24.34 -38.96
C GLY X 398 -8.04 23.13 -39.75
N MET X 399 -7.68 22.06 -39.04
CA MET X 399 -7.21 20.84 -39.69
C MET X 399 -8.34 20.07 -40.42
N ASP X 400 -9.58 20.47 -40.16
CA ASP X 400 -10.78 19.87 -40.77
C ASP X 400 -10.86 19.96 -42.29
N GLU X 401 -10.24 20.99 -42.87
CA GLU X 401 -10.43 21.33 -44.28
C GLU X 401 -9.49 20.65 -45.28
N LEU X 402 -8.27 20.30 -44.83
CA LEU X 402 -7.27 19.68 -45.70
C LEU X 402 -7.76 18.31 -46.21
N SER X 403 -7.24 17.87 -47.34
CA SER X 403 -7.62 16.55 -47.88
C SER X 403 -7.10 15.43 -46.98
N GLU X 404 -7.61 14.21 -47.19
CA GLU X 404 -7.29 13.08 -46.31
C GLU X 404 -5.82 12.61 -46.35
N GLN X 405 -5.24 12.55 -47.55
CA GLN X 405 -3.80 12.26 -47.71
C GLN X 405 -2.95 13.23 -46.89
N ASP X 406 -3.29 14.51 -47.00
CA ASP X 406 -2.63 15.59 -46.25
C ASP X 406 -2.82 15.46 -44.75
N LYS X 407 -4.02 15.05 -44.33
CA LYS X 407 -4.37 14.99 -42.91
C LYS X 407 -3.41 14.13 -42.08
N LEU X 408 -2.90 13.05 -42.68
CA LEU X 408 -1.92 12.19 -42.02
C LEU X 408 -0.53 12.82 -42.01
N THR X 409 -0.11 13.37 -43.16
CA THR X 409 1.22 13.97 -43.33
C THR X 409 1.46 15.14 -42.36
N VAL X 410 0.38 15.67 -41.79
CA VAL X 410 0.47 16.69 -40.75
C VAL X 410 0.59 16.02 -39.39
N GLU X 411 -0.44 15.26 -39.00
CA GLU X 411 -0.49 14.61 -37.69
C GLU X 411 0.84 13.95 -37.32
N ARG X 412 1.55 13.49 -38.35
CA ARG X 412 2.83 12.79 -38.25
C ARG X 412 4.00 13.77 -38.19
N ALA X 413 3.93 14.85 -38.97
CA ALA X 413 4.93 15.92 -38.97
C ALA X 413 4.96 16.59 -37.61
N ARG X 414 3.77 16.70 -37.00
CA ARG X 414 3.60 17.24 -35.66
C ARG X 414 4.28 16.36 -34.62
N LYS X 415 4.22 15.04 -34.84
CA LYS X 415 5.00 14.09 -34.05
C LYS X 415 6.49 14.33 -34.28
N ILE X 416 6.91 14.43 -35.55
CA ILE X 416 8.33 14.59 -35.89
C ILE X 416 9.00 15.78 -35.18
N GLN X 417 8.39 16.96 -35.27
CA GLN X 417 9.04 18.16 -34.73
C GLN X 417 9.17 18.17 -33.21
N ARG X 418 8.18 17.63 -32.51
CA ARG X 418 8.29 17.49 -31.06
C ARG X 418 9.34 16.45 -30.71
N PHE X 419 9.41 15.39 -31.52
CA PHE X 419 10.44 14.37 -31.41
C PHE X 419 11.82 14.98 -31.70
N LEU X 420 11.83 16.09 -32.47
CA LEU X 420 13.07 16.78 -32.80
C LEU X 420 13.60 17.69 -31.68
N SER X 421 12.85 17.83 -30.59
CA SER X 421 13.37 18.51 -29.40
C SER X 421 14.25 17.58 -28.56
N GLN X 422 14.83 18.11 -27.48
CA GLN X 422 15.78 17.35 -26.66
C GLN X 422 16.07 18.04 -25.31
N PRO X 423 16.03 17.27 -24.21
CA PRO X 423 16.48 17.88 -22.95
C PRO X 423 18.01 17.92 -22.87
N PHE X 424 18.58 19.12 -22.80
CA PHE X 424 20.03 19.31 -22.73
C PHE X 424 20.55 19.21 -21.30
N ALA X 425 21.75 18.63 -21.17
CA ALA X 425 22.42 18.49 -19.88
C ALA X 425 22.52 19.81 -19.14
N VAL X 426 22.82 20.88 -19.87
CA VAL X 426 23.00 22.17 -19.22
C VAL X 426 21.68 22.92 -19.05
N ALA X 427 20.76 22.70 -19.98
CA ALA X 427 19.44 23.34 -19.94
C ALA X 427 18.52 22.69 -18.90
N GLU X 428 19.12 21.86 -18.05
CA GLU X 428 18.43 21.08 -17.03
C GLU X 428 17.66 21.96 -16.05
N VAL X 429 18.18 23.16 -15.80
CA VAL X 429 17.56 24.11 -14.87
C VAL X 429 16.26 24.67 -15.44
N PHE X 430 16.19 24.75 -16.75
CA PHE X 430 15.01 25.31 -17.42
C PHE X 430 14.00 24.23 -17.71
N THR X 431 14.50 23.05 -18.08
CA THR X 431 13.62 21.95 -18.45
C THR X 431 13.08 21.22 -17.21
N GLY X 432 13.86 21.24 -16.13
CA GLY X 432 13.54 20.46 -14.93
C GLY X 432 13.58 18.98 -15.25
N ILE X 433 14.31 18.63 -16.31
CA ILE X 433 14.41 17.27 -16.83
C ILE X 433 15.89 16.95 -16.97
N PRO X 434 16.31 15.71 -16.59
CA PRO X 434 17.69 15.31 -16.87
C PRO X 434 17.96 15.19 -18.37
N GLY X 435 19.14 15.62 -18.82
CA GLY X 435 19.48 15.66 -20.24
C GLY X 435 19.67 14.30 -20.91
N LYS X 436 19.51 14.25 -22.23
CA LYS X 436 19.69 12.98 -22.96
C LYS X 436 20.63 13.12 -24.15
N LEU X 437 21.74 12.38 -24.09
CA LEU X 437 22.64 12.21 -25.22
C LEU X 437 22.08 11.08 -26.07
N VAL X 438 21.91 11.34 -27.37
CA VAL X 438 21.28 10.36 -28.26
C VAL X 438 22.19 10.11 -29.44
N ARG X 439 22.59 8.86 -29.63
CA ARG X 439 23.57 8.52 -30.64
C ARG X 439 22.95 8.52 -32.05
N LEU X 440 23.75 8.89 -33.05
CA LEU X 440 23.32 9.00 -34.46
C LEU X 440 22.56 7.77 -34.99
N LYS X 441 23.10 6.57 -34.74
CA LYS X 441 22.44 5.32 -35.16
C LYS X 441 21.08 5.15 -34.51
N ASP X 442 20.96 5.60 -33.26
CA ASP X 442 19.70 5.57 -32.48
C ASP X 442 18.68 6.50 -33.12
N THR X 443 19.13 7.71 -33.46
CA THR X 443 18.30 8.73 -34.09
C THR X 443 17.73 8.24 -35.42
N VAL X 444 18.62 7.84 -36.34
CA VAL X 444 18.22 7.45 -37.69
C VAL X 444 17.23 6.29 -37.67
N ALA X 445 17.44 5.33 -36.79
CA ALA X 445 16.47 4.25 -36.58
C ALA X 445 15.16 4.83 -36.05
N SER X 446 15.25 5.63 -34.99
CA SER X 446 14.07 6.19 -34.32
C SER X 446 13.13 6.86 -35.32
N PHE X 447 13.68 7.71 -36.18
CA PHE X 447 12.88 8.50 -37.12
C PHE X 447 12.42 7.67 -38.33
N LYS X 448 13.16 6.60 -38.63
CA LYS X 448 12.77 5.68 -39.68
C LYS X 448 11.50 4.93 -39.28
N ALA X 449 11.37 4.65 -37.99
CA ALA X 449 10.19 3.98 -37.45
C ALA X 449 8.96 4.87 -37.53
N VAL X 450 9.18 6.17 -37.35
CA VAL X 450 8.11 7.16 -37.41
C VAL X 450 7.71 7.42 -38.87
N LEU X 451 8.69 7.49 -39.76
CA LEU X 451 8.44 7.69 -41.19
C LEU X 451 7.69 6.51 -41.83
N GLU X 452 7.82 5.32 -41.23
CA GLU X 452 7.07 4.15 -41.68
C GLU X 452 5.75 4.02 -40.91
N GLY X 453 5.50 5.02 -40.05
CA GLY X 453 4.22 5.20 -39.38
C GLY X 453 3.84 4.14 -38.37
N LYS X 454 4.85 3.52 -37.75
CA LYS X 454 4.62 2.53 -36.71
C LYS X 454 4.09 3.18 -35.43
N TYR X 455 4.25 4.50 -35.32
CA TYR X 455 3.89 5.20 -34.09
C TYR X 455 2.83 6.29 -34.23
N ASP X 456 1.88 6.03 -35.15
CA ASP X 456 0.77 6.94 -35.42
C ASP X 456 -0.21 7.00 -34.26
N ASN X 457 -0.37 5.87 -33.57
CA ASN X 457 -1.34 5.76 -32.48
C ASN X 457 -0.85 6.33 -31.14
N ILE X 458 0.42 6.70 -31.07
CA ILE X 458 0.97 7.27 -29.85
C ILE X 458 0.62 8.75 -29.76
N PRO X 459 0.20 9.21 -28.55
CA PRO X 459 -0.03 10.64 -28.27
C PRO X 459 1.17 11.50 -28.66
N GLU X 460 0.89 12.68 -29.22
CA GLU X 460 1.92 13.61 -29.64
C GLU X 460 2.91 13.88 -28.51
N HIS X 461 2.40 14.29 -27.35
CA HIS X 461 3.25 14.72 -26.25
C HIS X 461 4.28 13.68 -25.77
N ALA X 462 4.09 12.43 -26.15
CA ALA X 462 5.04 11.38 -25.81
C ALA X 462 6.34 11.52 -26.62
N PHE X 463 6.28 12.23 -27.75
CA PHE X 463 7.46 12.51 -28.57
C PHE X 463 8.17 13.73 -28.07
N TYR X 464 7.43 14.58 -27.37
CA TYR X 464 7.97 15.85 -26.97
C TYR X 464 9.00 15.70 -25.86
N MET X 465 10.16 16.32 -26.07
CA MET X 465 11.20 16.49 -25.04
C MET X 465 11.66 15.17 -24.42
N VAL X 466 12.06 14.22 -25.27
CA VAL X 466 12.63 12.92 -24.86
C VAL X 466 13.88 12.55 -25.68
N GLY X 467 14.45 11.38 -25.41
CA GLY X 467 15.64 10.89 -26.11
C GLY X 467 15.30 10.21 -27.42
N GLY X 468 15.63 8.93 -27.52
CA GLY X 468 15.28 8.11 -28.69
C GLY X 468 13.91 7.46 -28.62
N ILE X 469 13.52 6.77 -29.70
CA ILE X 469 12.23 6.07 -29.78
C ILE X 469 11.92 5.24 -28.52
N GLU X 470 12.99 4.75 -27.89
CA GLU X 470 12.90 3.98 -26.65
C GLU X 470 12.25 4.81 -25.54
N ASP X 471 12.53 6.11 -25.54
CA ASP X 471 12.01 7.03 -24.54
C ASP X 471 10.56 7.40 -24.81
N VAL X 472 10.14 7.30 -26.07
CA VAL X 472 8.78 7.66 -26.49
C VAL X 472 7.77 6.67 -25.90
N VAL X 473 8.12 5.39 -25.94
CA VAL X 473 7.25 4.31 -25.48
C VAL X 473 7.18 4.31 -23.96
N ALA X 474 8.28 4.65 -23.32
CA ALA X 474 8.35 4.73 -21.86
C ALA X 474 7.45 5.85 -21.33
N LYS X 475 7.43 6.97 -22.04
CA LYS X 475 6.58 8.11 -21.69
C LYS X 475 5.11 7.76 -21.96
N ALA X 476 4.84 7.30 -23.18
CA ALA X 476 3.50 6.90 -23.60
C ALA X 476 2.81 5.99 -22.59
N GLU X 477 3.55 5.02 -22.06
CA GLU X 477 3.04 4.08 -21.06
C GLU X 477 2.83 4.74 -19.70
N LYS X 478 3.76 5.61 -19.29
CA LYS X 478 3.65 6.34 -18.02
C LYS X 478 2.44 7.27 -18.05
N LEU X 479 2.06 7.69 -19.25
CA LEU X 479 0.86 8.50 -19.45
C LEU X 479 -0.43 7.69 -19.37
N ALA X 480 -0.42 6.48 -19.95
CA ALA X 480 -1.56 5.56 -19.89
C ALA X 480 -2.08 5.39 -18.46
N ALA X 481 -1.24 5.74 -17.49
CA ALA X 481 -1.63 5.79 -16.07
C ALA X 481 -1.82 7.23 -15.64
N ALA Y 1 10.96 39.81 -47.19
CA ALA Y 1 10.74 40.95 -46.26
C ALA Y 1 10.22 42.19 -47.00
N THR Y 2 10.24 42.12 -48.33
CA THR Y 2 10.03 43.30 -49.18
C THR Y 2 8.61 43.86 -49.08
N LEU Y 3 8.51 45.19 -49.16
CA LEU Y 3 7.24 45.92 -49.08
C LEU Y 3 6.27 45.53 -50.20
N LYS Y 4 6.82 45.12 -51.34
CA LYS Y 4 6.04 44.67 -52.50
C LYS Y 4 5.30 43.36 -52.20
N GLU Y 5 5.99 42.43 -51.53
CA GLU Y 5 5.43 41.14 -51.14
C GLU Y 5 4.35 41.28 -50.06
N VAL Y 6 4.66 42.05 -49.02
CA VAL Y 6 3.75 42.25 -47.90
C VAL Y 6 2.54 43.10 -48.31
N GLU Y 7 2.66 43.84 -49.41
CA GLU Y 7 1.52 44.56 -50.01
C GLU Y 7 0.49 43.55 -50.56
N MET Y 8 0.92 42.77 -51.56
CA MET Y 8 0.11 41.71 -52.16
C MET Y 8 -0.40 40.69 -51.12
N ARG Y 9 0.46 40.28 -50.20
CA ARG Y 9 0.13 39.28 -49.18
C ARG Y 9 -0.78 39.85 -48.07
N LEU Y 10 -0.95 41.17 -48.09
CA LEU Y 10 -1.93 41.83 -47.22
C LEU Y 10 -3.23 42.10 -48.00
N LYS Y 11 -3.14 42.04 -49.32
CA LYS Y 11 -4.33 42.06 -50.18
C LYS Y 11 -4.97 40.66 -50.26
N SER Y 12 -4.13 39.61 -50.29
CA SER Y 12 -4.61 38.22 -50.43
C SER Y 12 -5.43 37.76 -49.22
N ILE Y 13 -4.83 37.80 -48.04
CA ILE Y 13 -5.50 37.45 -46.79
C ILE Y 13 -6.68 38.39 -46.55
N LYS Y 14 -6.62 39.58 -47.15
CA LYS Y 14 -7.74 40.54 -47.06
C LYS Y 14 -8.97 40.05 -47.83
N ASN Y 15 -8.79 39.70 -49.09
CA ASN Y 15 -9.88 39.22 -49.94
C ASN Y 15 -10.37 37.82 -49.55
N ILE Y 16 -9.48 37.02 -48.97
CA ILE Y 16 -9.84 35.71 -48.40
C ILE Y 16 -10.78 35.90 -47.20
N GLU Y 17 -10.52 36.96 -46.43
CA GLU Y 17 -11.35 37.35 -45.29
C GLU Y 17 -12.69 37.94 -45.75
N LYS Y 18 -12.69 38.57 -46.92
CA LYS Y 18 -13.90 39.12 -47.51
C LYS Y 18 -14.94 38.01 -47.76
N ILE Y 19 -14.59 37.07 -48.64
CA ILE Y 19 -15.52 36.01 -49.08
C ILE Y 19 -15.97 35.05 -47.97
N THR Y 20 -15.09 34.76 -47.01
CA THR Y 20 -15.47 33.87 -45.89
C THR Y 20 -16.38 34.58 -44.89
N LYS Y 21 -16.31 35.91 -44.83
CA LYS Y 21 -17.27 36.69 -44.06
C LYS Y 21 -18.57 36.87 -44.86
N THR Y 22 -18.47 36.81 -46.19
CA THR Y 22 -19.65 36.71 -47.07
C THR Y 22 -20.31 35.36 -46.81
N MET Y 23 -19.49 34.30 -46.84
CA MET Y 23 -19.90 32.94 -46.52
C MET Y 23 -20.66 32.85 -45.20
N LYS Y 24 -20.19 33.63 -44.22
CA LYS Y 24 -20.77 33.70 -42.88
C LYS Y 24 -22.22 34.22 -42.89
N ILE Y 25 -22.47 35.29 -43.66
CA ILE Y 25 -23.82 35.86 -43.76
C ILE Y 25 -24.61 35.36 -45.00
N VAL Y 26 -23.90 34.72 -45.95
CA VAL Y 26 -24.55 33.91 -47.01
C VAL Y 26 -25.44 32.84 -46.37
N ALA Y 27 -24.94 32.25 -45.29
CA ALA Y 27 -25.67 31.25 -44.51
C ALA Y 27 -26.38 31.87 -43.31
N SER Y 28 -26.32 33.19 -43.17
CA SER Y 28 -27.01 33.90 -42.08
C SER Y 28 -28.39 34.43 -42.50
N THR Y 29 -28.51 34.83 -43.77
CA THR Y 29 -29.79 35.20 -44.36
C THR Y 29 -30.48 33.94 -44.88
N ARG Y 30 -29.69 32.93 -45.22
CA ARG Y 30 -30.16 31.58 -45.59
C ARG Y 30 -30.57 30.77 -44.36
N LEU Y 31 -30.28 31.31 -43.17
CA LEU Y 31 -30.74 30.73 -41.90
C LEU Y 31 -32.26 30.84 -41.76
N SER Y 32 -32.89 31.47 -42.77
CA SER Y 32 -34.35 31.55 -42.90
C SER Y 32 -34.87 30.39 -43.75
N LYS Y 33 -34.22 30.13 -44.89
CA LYS Y 33 -34.45 28.92 -45.65
C LYS Y 33 -33.73 27.75 -44.96
N ALA Y 34 -33.82 27.73 -43.63
CA ALA Y 34 -33.22 26.71 -42.76
C ALA Y 34 -33.89 26.67 -41.37
N GLU Y 35 -34.25 27.85 -40.85
CA GLU Y 35 -35.03 27.94 -39.61
C GLU Y 35 -36.46 27.49 -39.84
N LYS Y 36 -36.94 27.68 -41.07
CA LYS Y 36 -38.30 27.28 -41.46
C LYS Y 36 -38.43 25.77 -41.74
N ALA Y 37 -37.30 25.12 -42.06
CA ALA Y 37 -37.25 23.68 -42.37
C ALA Y 37 -37.22 22.79 -41.13
N LYS Y 38 -36.74 23.33 -40.01
CA LYS Y 38 -36.79 22.67 -38.71
C LYS Y 38 -38.12 22.95 -38.01
N ILE Y 39 -38.74 24.09 -38.34
CA ILE Y 39 -40.04 24.49 -37.79
C ILE Y 39 -41.22 23.88 -38.57
N SER Y 40 -40.93 23.20 -39.69
CA SER Y 40 -41.97 22.53 -40.49
C SER Y 40 -41.72 21.03 -40.73
N ALA Y 41 -40.76 20.45 -40.00
CA ALA Y 41 -40.47 19.02 -40.07
C ALA Y 41 -40.00 18.48 -38.73
N ASP Y 136 -29.48 22.59 -52.70
CA ASP Y 136 -29.91 21.76 -51.59
C ASP Y 136 -31.22 22.25 -50.97
N ALA Y 137 -32.05 21.29 -50.55
CA ALA Y 137 -33.32 21.54 -49.84
C ALA Y 137 -33.82 20.24 -49.17
N PRO Y 138 -34.45 20.34 -47.98
CA PRO Y 138 -35.02 19.13 -47.37
C PRO Y 138 -36.49 18.92 -47.77
N THR Y 139 -36.70 18.46 -49.00
CA THR Y 139 -38.05 18.34 -49.57
C THR Y 139 -38.57 16.90 -49.52
N PHE Y 140 -39.90 16.77 -49.36
CA PHE Y 140 -40.56 15.46 -49.23
C PHE Y 140 -40.62 14.67 -50.54
N GLN Y 141 -40.70 15.38 -51.67
CA GLN Y 141 -40.69 14.77 -53.00
C GLN Y 141 -39.36 14.08 -53.28
N GLU Y 142 -38.27 14.75 -52.86
CA GLU Y 142 -36.91 14.19 -52.93
C GLU Y 142 -36.70 13.15 -51.82
N SER Y 143 -37.32 13.39 -50.66
CA SER Y 143 -37.26 12.46 -49.53
C SER Y 143 -37.88 11.11 -49.88
N ALA Y 144 -38.99 11.14 -50.61
CA ALA Y 144 -39.73 9.94 -51.02
C ALA Y 144 -38.85 8.96 -51.81
N LEU Y 145 -38.41 9.37 -53.00
CA LEU Y 145 -37.56 8.53 -53.86
C LEU Y 145 -36.13 8.44 -53.32
N THR Y 213 -43.46 5.28 -42.89
CA THR Y 213 -42.85 6.41 -42.21
C THR Y 213 -41.32 6.33 -42.26
N LEU Y 214 -40.79 5.42 -43.07
CA LEU Y 214 -39.33 5.32 -43.27
C LEU Y 214 -38.80 6.51 -44.07
N ALA Y 215 -39.35 6.72 -45.27
CA ALA Y 215 -38.97 7.84 -46.14
C ALA Y 215 -39.62 9.16 -45.70
N ASN Y 216 -40.22 9.13 -44.50
CA ASN Y 216 -40.89 10.29 -43.92
C ASN Y 216 -40.19 10.75 -42.63
N GLN Y 217 -39.68 9.79 -41.85
CA GLN Y 217 -38.86 10.09 -40.68
C GLN Y 217 -37.47 10.53 -41.10
N MET Y 218 -37.09 10.13 -42.31
CA MET Y 218 -35.86 10.59 -42.94
C MET Y 218 -35.99 12.05 -43.33
N LEU Y 219 -37.16 12.44 -43.83
CA LEU Y 219 -37.47 13.85 -44.08
C LEU Y 219 -37.18 14.66 -42.80
N THR Y 220 -37.51 14.09 -41.64
CA THR Y 220 -37.29 14.75 -40.36
C THR Y 220 -35.81 14.70 -39.96
N ALA Y 221 -35.08 13.69 -40.43
CA ALA Y 221 -33.64 13.57 -40.17
C ALA Y 221 -32.81 14.45 -41.11
N MET Y 222 -33.25 14.54 -42.37
CA MET Y 222 -32.61 15.39 -43.39
C MET Y 222 -32.81 16.88 -43.13
N ALA Y 223 -33.95 17.23 -42.53
CA ALA Y 223 -34.25 18.61 -42.18
C ALA Y 223 -33.62 19.04 -40.84
N GLN Y 224 -33.40 18.09 -39.95
CA GLN Y 224 -32.63 18.34 -38.72
C GLN Y 224 -31.16 18.56 -39.06
N GLY Y 225 -30.66 17.80 -40.03
CA GLY Y 225 -29.27 17.92 -40.49
C GLY Y 225 -29.04 19.08 -41.45
N TYR Y 226 -29.98 19.28 -42.38
CA TYR Y 226 -29.90 20.37 -43.36
C TYR Y 226 -29.86 21.73 -42.70
N ALA Y 227 -30.64 21.90 -41.62
CA ALA Y 227 -30.65 23.13 -40.85
C ALA Y 227 -29.38 23.28 -40.00
N ALA Y 228 -28.94 22.18 -39.38
CA ALA Y 228 -27.70 22.18 -38.58
C ALA Y 228 -26.46 22.52 -39.41
N GLU Y 229 -26.36 21.91 -40.60
CA GLU Y 229 -25.24 22.18 -41.52
C GLU Y 229 -25.15 23.65 -41.89
N ILE Y 230 -26.28 24.25 -42.25
CA ILE Y 230 -26.35 25.68 -42.64
C ILE Y 230 -25.93 26.59 -41.48
N SER Y 231 -26.25 26.18 -40.27
CA SER Y 231 -25.99 26.98 -39.07
C SER Y 231 -24.53 26.89 -38.61
N ALA Y 232 -23.94 25.71 -38.72
CA ALA Y 232 -22.54 25.48 -38.35
C ALA Y 232 -21.54 26.09 -39.35
N ARG Y 233 -21.95 26.24 -40.61
CA ARG Y 233 -21.15 26.93 -41.62
C ARG Y 233 -21.07 28.42 -41.26
N ARG Y 234 -22.22 29.00 -40.94
CA ARG Y 234 -22.29 30.39 -40.47
C ARG Y 234 -21.57 30.55 -39.13
N ASN Y 235 -21.22 29.42 -38.51
CA ASN Y 235 -20.46 29.41 -37.27
C ASN Y 235 -18.97 29.25 -37.56
N ALA Y 236 -18.64 28.31 -38.44
CA ALA Y 236 -17.25 28.07 -38.85
C ALA Y 236 -16.67 29.27 -39.63
N MET Y 237 -17.41 29.74 -40.63
CA MET Y 237 -16.96 30.85 -41.47
C MET Y 237 -16.81 32.18 -40.70
N ASP Y 238 -17.55 32.30 -39.60
CA ASP Y 238 -17.45 33.46 -38.71
C ASP Y 238 -16.19 33.36 -37.82
N ASN Y 239 -15.73 32.15 -37.56
CA ASN Y 239 -14.48 31.93 -36.84
C ASN Y 239 -13.25 32.09 -37.72
N ALA Y 240 -13.35 31.65 -38.97
CA ALA Y 240 -12.26 31.77 -39.92
C ALA Y 240 -11.96 33.23 -40.26
N SER Y 241 -13.01 34.04 -40.36
CA SER Y 241 -12.86 35.47 -40.65
C SER Y 241 -12.27 36.22 -39.44
N LYS Y 242 -12.60 35.76 -38.23
CA LYS Y 242 -11.97 36.27 -37.01
C LYS Y 242 -10.47 35.92 -36.99
N ASN Y 243 -10.10 34.77 -37.56
CA ASN Y 243 -8.71 34.36 -37.70
C ASN Y 243 -7.94 35.17 -38.74
N ALA Y 244 -8.55 35.38 -39.90
CA ALA Y 244 -7.91 36.11 -40.98
C ALA Y 244 -7.82 37.59 -40.63
N GLY Y 245 -8.86 38.10 -39.98
CA GLY Y 245 -8.87 39.47 -39.45
C GLY Y 245 -7.73 39.73 -38.47
N ASP Y 246 -7.33 38.68 -37.75
CA ASP Y 246 -6.17 38.74 -36.85
C ASP Y 246 -4.88 38.72 -37.64
N MET Y 247 -4.80 37.82 -38.61
CA MET Y 247 -3.60 37.72 -39.44
C MET Y 247 -3.37 39.04 -40.18
N ILE Y 248 -4.45 39.61 -40.74
CA ILE Y 248 -4.39 40.92 -41.42
C ILE Y 248 -3.82 41.97 -40.50
N ASN Y 249 -4.31 42.00 -39.27
CA ASN Y 249 -3.86 42.93 -38.25
C ASN Y 249 -2.36 42.78 -37.99
N ARG Y 250 -1.93 41.54 -37.72
CA ARG Y 250 -0.52 41.26 -37.45
C ARG Y 250 0.38 41.65 -38.62
N TYR Y 251 -0.02 41.28 -39.83
CA TYR Y 251 0.66 41.67 -41.06
C TYR Y 251 0.65 43.18 -41.31
N SER Y 252 -0.42 43.86 -40.88
CA SER Y 252 -0.48 45.32 -40.91
C SER Y 252 0.66 45.93 -40.08
N ILE Y 253 0.83 45.41 -38.87
CA ILE Y 253 1.88 45.86 -37.98
C ILE Y 253 3.27 45.62 -38.61
N LEU Y 254 3.42 44.49 -39.33
CA LEU Y 254 4.66 44.16 -40.06
C LEU Y 254 4.88 45.08 -41.26
N TYR Y 255 3.79 45.39 -41.96
CA TYR Y 255 3.82 46.31 -43.09
C TYR Y 255 4.46 47.64 -42.70
N ASN Y 256 3.97 48.22 -41.59
CA ASN Y 256 4.42 49.54 -41.11
C ASN Y 256 5.87 49.56 -40.67
N ARG Y 257 6.26 48.55 -39.91
CA ARG Y 257 7.65 48.36 -39.55
C ARG Y 257 8.49 48.33 -40.80
N THR Y 258 7.98 47.65 -41.83
CA THR Y 258 8.63 47.56 -43.13
C THR Y 258 8.65 48.92 -43.83
N ARG Y 259 7.49 49.59 -43.92
CA ARG Y 259 7.43 50.94 -44.50
C ARG Y 259 8.54 51.79 -43.89
N GLN Y 260 8.57 51.86 -42.56
CA GLN Y 260 9.54 52.66 -41.80
C GLN Y 260 10.99 52.32 -42.14
N ALA Y 261 11.28 51.02 -42.17
CA ALA Y 261 12.60 50.51 -42.53
C ALA Y 261 13.00 50.93 -43.94
N VAL Y 262 12.05 50.93 -44.87
CA VAL Y 262 12.30 51.30 -46.26
C VAL Y 262 12.66 52.79 -46.39
N ILE Y 263 11.87 53.65 -45.73
CA ILE Y 263 12.16 55.08 -45.76
C ILE Y 263 13.56 55.33 -45.21
N THR Y 264 13.85 54.78 -44.03
CA THR Y 264 15.14 54.95 -43.36
C THR Y 264 16.31 54.43 -44.17
N ASN Y 265 16.11 53.31 -44.87
CA ASN Y 265 17.17 52.70 -45.67
C ASN Y 265 17.42 53.49 -46.95
N GLU Y 266 16.35 53.83 -47.67
CA GLU Y 266 16.40 54.64 -48.88
C GLU Y 266 17.00 56.02 -48.63
N LEU Y 267 16.86 56.50 -47.40
CA LEU Y 267 17.38 57.80 -47.02
C LEU Y 267 18.85 57.73 -46.63
N VAL Y 268 19.18 56.78 -45.76
CA VAL Y 268 20.56 56.49 -45.36
C VAL Y 268 21.45 56.28 -46.60
N ASP Y 269 20.89 55.58 -47.60
CA ASP Y 269 21.48 55.41 -48.92
C ASP Y 269 21.82 56.75 -49.61
N ILE Y 270 20.82 57.61 -49.75
CA ILE Y 270 20.93 58.94 -50.40
C ILE Y 270 21.87 59.89 -49.65
N ILE Y 271 21.83 59.81 -48.32
CA ILE Y 271 22.64 60.67 -47.45
C ILE Y 271 24.13 60.32 -47.52
N THR Y 272 24.44 59.03 -47.67
CA THR Y 272 25.83 58.59 -47.83
C THR Y 272 26.36 58.93 -49.22
N GLY Y 273 25.50 58.77 -50.22
CA GLY Y 273 25.84 59.13 -51.60
C GLY Y 273 25.91 60.63 -51.85
N ALA Y 274 25.72 61.42 -50.80
CA ALA Y 274 25.78 62.87 -50.91
C ALA Y 274 26.84 63.42 -49.95
N SER Y 275 27.91 62.66 -49.73
CA SER Y 275 28.72 62.89 -48.53
C SER Y 275 30.25 62.81 -48.66
N SER Y 276 30.75 62.36 -49.82
CA SER Y 276 32.21 62.21 -50.01
C SER Y 276 32.97 63.54 -49.99
PG ANP Z . -42.70 24.74 41.43
O1G ANP Z . -43.22 23.38 41.01
O2G ANP Z . -41.43 25.10 40.74
O3G ANP Z . -43.72 25.83 41.51
PB ANP Z . -40.54 24.24 43.37
O1B ANP Z . -40.38 22.75 43.24
O2B ANP Z . -39.74 25.18 42.50
N3B ANP Z . -42.21 24.57 43.08
PA ANP Z . -40.35 26.07 45.44
O1A ANP Z . -38.92 26.51 45.69
O2A ANP Z . -41.19 26.86 44.50
O3A ANP Z . -40.29 24.57 44.92
O5' ANP Z . -41.07 25.91 46.86
C5' ANP Z . -42.48 25.97 46.98
C4' ANP Z . -42.89 26.71 48.25
O4' ANP Z . -42.16 26.27 49.41
C3' ANP Z . -42.61 28.18 48.14
O3' ANP Z . -43.64 28.84 48.88
C2' ANP Z . -41.26 28.31 48.83
O2' ANP Z . -41.00 29.61 49.31
C1' ANP Z . -41.43 27.36 49.98
N9 ANP Z . -40.14 26.91 50.54
C8 ANP Z . -39.08 26.44 49.87
N7 ANP Z . -38.06 26.12 50.71
C5 ANP Z . -38.48 26.38 51.96
C6 ANP Z . -37.90 26.27 53.32
N6 ANP Z . -36.65 25.81 53.53
N1 ANP Z . -38.68 26.66 54.35
C2 ANP Z . -39.94 27.13 54.18
N3 ANP Z . -40.52 27.26 52.98
C4 ANP Z . -39.84 26.90 51.85
MG MG AA . -39.75 26.47 40.76
PG ANP BA . -30.57 -21.30 26.97
O1G ANP BA . -31.92 -20.61 27.05
O2G ANP BA . -30.36 -22.08 25.70
O3G ANP BA . -29.41 -20.45 27.38
PB ANP BA . -31.72 -23.89 27.73
O1B ANP BA . -33.04 -23.56 28.35
O2B ANP BA . -31.64 -24.14 26.24
N3B ANP BA . -30.67 -22.58 28.14
PA ANP BA . -29.67 -25.76 28.56
O1A ANP BA . -29.68 -27.10 27.86
O2A ANP BA . -28.71 -24.69 28.11
O3A ANP BA . -31.20 -25.22 28.50
O5' ANP BA . -29.46 -26.02 30.14
C5' ANP BA . -28.86 -25.04 30.98
C4' ANP BA . -27.54 -25.52 31.61
O4' ANP BA . -27.76 -26.59 32.54
C3' ANP BA . -26.56 -26.03 30.59
O3' ANP BA . -25.24 -25.64 30.98
C2' ANP BA . -26.73 -27.53 30.65
O2' ANP BA . -25.56 -28.21 30.24
C1' ANP BA . -27.08 -27.77 32.10
N9 ANP BA . -27.99 -28.93 32.26
C8 ANP BA . -29.11 -29.15 31.54
N7 ANP BA . -29.73 -30.29 31.91
C5 ANP BA . -28.99 -30.82 32.90
C6 ANP BA . -29.09 -32.05 33.73
N6 ANP BA . -30.11 -32.93 33.57
N1 ANP BA . -28.10 -32.24 34.65
C2 ANP BA . -27.08 -31.38 34.81
N3 ANP BA . -26.93 -30.25 34.08
C4 ANP BA . -27.85 -29.93 33.13
MG MG CA . -31.03 -23.53 24.24
PG ANP DA . -75.24 -6.78 29.69
O1G ANP DA . -73.80 -6.33 29.79
O2G ANP DA . -76.15 -5.74 29.15
O3G ANP DA . -75.43 -8.14 29.05
PB ANP DA . -76.35 -5.53 32.06
O1B ANP DA . -75.17 -4.78 32.62
O2B ANP DA . -77.26 -4.91 31.02
N3B ANP DA . -75.75 -6.98 31.33
PA ANP DA . -78.59 -6.79 33.13
O1A ANP DA . -79.76 -5.86 33.28
O2A ANP DA . -78.43 -7.57 31.85
O3A ANP DA . -77.25 -5.93 33.34
O5' ANP DA . -78.58 -7.82 34.37
C5' ANP DA . -77.81 -9.04 34.37
C4' ANP DA . -78.59 -10.24 34.92
O4' ANP DA . -78.78 -10.16 36.35
C3' ANP DA . -79.96 -10.36 34.28
O3' ANP DA . -80.20 -11.70 33.88
C2' ANP DA . -80.92 -9.98 35.38
O2' ANP DA . -82.14 -10.71 35.30
C1' ANP DA . -80.17 -10.26 36.67
N9 ANP DA . -80.62 -9.24 37.65
C8 ANP DA . -80.54 -7.91 37.45
N7 ANP DA . -81.04 -7.22 38.50
C5 ANP DA . -81.45 -8.12 39.43
C6 ANP DA . -82.06 -8.06 40.78
N6 ANP DA . -82.34 -6.86 41.36
N1 ANP DA . -82.33 -9.22 41.42
C2 ANP DA . -82.05 -10.42 40.85
N3 ANP DA . -81.49 -10.55 39.61
C4 ANP DA . -81.16 -9.46 38.86
MG MG EA . -78.14 -4.90 29.02
PG ANP FA . -68.46 18.17 37.80
O1G ANP FA . -67.09 18.50 37.27
O2G ANP FA . -69.48 19.28 37.68
O3G ANP FA . -68.98 16.83 37.37
PB ANP FA . -68.19 19.39 40.52
O1B ANP FA . -66.77 19.40 41.02
O2B ANP FA . -68.72 20.58 39.75
N3B ANP FA . -68.31 17.97 39.53
PA ANP FA . -70.35 20.12 42.16
O1A ANP FA . -69.82 21.42 42.70
O2A ANP FA . -71.27 20.14 40.97
O3A ANP FA . -69.11 19.15 41.81
O5' ANP FA . -71.06 19.31 43.35
C5' ANP FA . -71.59 18.00 43.13
C4' ANP FA . -72.20 17.40 44.40
O4' ANP FA . -71.30 17.50 45.51
C3' ANP FA . -73.48 18.10 44.81
O3' ANP FA . -74.62 17.36 44.34
C2' ANP FA . -73.42 18.14 46.32
O2' ANP FA . -74.17 17.05 46.88
C1' ANP FA . -71.97 17.94 46.70
N9 ANP FA . -71.35 19.19 47.22
C8 ANP FA . -70.49 19.98 46.53
N7 ANP FA . -70.10 21.04 47.27
C5 ANP FA . -70.72 20.96 48.46
C6 ANP FA . -70.74 21.76 49.71
N6 ANP FA . -70.02 22.90 49.81
N1 ANP FA . -71.52 21.34 50.73
C2 ANP FA . -72.25 20.21 50.63
N3 ANP FA . -72.27 19.43 49.53
C4 ANP FA . -71.54 19.74 48.43
MG MG GA . -68.69 21.32 37.69
PG ANP HA . -56.19 -24.92 23.03
O1G ANP HA . -56.14 -23.51 23.58
O2G ANP HA . -57.34 -25.10 22.06
O3G ANP HA . -54.87 -25.44 22.53
PB ANP HA . -58.22 -26.01 24.95
O1B ANP HA . -58.49 -24.80 25.80
O2B ANP HA . -59.11 -26.28 23.76
N3B ANP HA . -56.58 -25.93 24.39
PA ANP HA . -58.26 -28.83 25.65
O1A ANP HA . -59.53 -29.44 26.22
O2A ANP HA . -57.89 -28.97 24.19
O3A ANP HA . -58.33 -27.23 26.01
O5' ANP HA . -57.02 -29.39 26.52
C5' ANP HA . -56.95 -29.10 27.90
C4' ANP HA . -55.93 -29.97 28.63
O4' ANP HA . -56.16 -29.81 30.03
C3' ANP HA . -56.10 -31.45 28.33
O3' ANP HA . -54.96 -31.95 27.60
C2' ANP HA . -56.24 -32.11 29.69
O2' ANP HA . -54.99 -32.56 30.18
C1' ANP HA . -56.69 -31.00 30.61
N9 ANP HA . -58.17 -30.93 30.67
C8 ANP HA . -58.96 -30.13 29.91
N7 ANP HA . -60.27 -30.29 30.19
C5 ANP HA . -60.35 -31.22 31.15
C6 ANP HA . -61.45 -31.84 31.90
N6 ANP HA . -62.73 -31.49 31.64
N1 ANP HA . -61.14 -32.77 32.83
C2 ANP HA . -59.85 -33.10 33.07
N3 ANP HA . -58.80 -32.57 32.43
C4 ANP HA . -58.98 -31.64 31.47
MG MG IA . -58.46 -26.95 21.79
PG ANP JA . 31.53 -65.00 -11.09
O1G ANP JA . 31.96 -63.67 -10.52
O2G ANP JA . 30.13 -64.99 -11.65
O3G ANP JA . 32.53 -65.72 -11.97
PB ANP JA . 29.77 -66.26 -9.06
O1B ANP JA . 29.63 -65.23 -7.96
O2B ANP JA . 28.76 -66.33 -10.17
N3B ANP JA . 31.36 -66.04 -9.72
PA ANP JA . 29.63 -69.09 -9.12
O1A ANP JA . 28.19 -69.45 -8.96
O2A ANP JA . 30.22 -69.03 -10.52
O3A ANP JA . 29.84 -67.70 -8.34
O5' ANP JA . 30.52 -70.10 -8.22
C5' ANP JA . 31.95 -70.08 -8.26
C4' ANP JA . 32.60 -71.48 -8.30
O4' ANP JA . 32.58 -72.12 -7.02
C3' ANP JA . 31.88 -72.42 -9.27
O3' ANP JA . 32.83 -73.07 -10.12
C2' ANP JA . 31.16 -73.43 -8.40
O2' ANP JA . 31.23 -74.76 -8.91
C1' ANP JA . 31.79 -73.32 -7.03
N9 ANP JA . 30.71 -73.22 -6.03
C8 ANP JA . 30.00 -72.12 -5.74
N7 ANP JA . 29.09 -72.36 -4.78
C5 ANP JA . 29.20 -73.65 -4.43
C6 ANP JA . 28.53 -74.55 -3.49
N6 ANP JA . 27.53 -74.06 -2.70
N1 ANP JA . 28.93 -75.84 -3.44
C2 ANP JA . 29.93 -76.32 -4.23
N3 ANP JA . 30.59 -75.55 -5.12
C4 ANP JA . 30.27 -74.22 -5.27
MG MG KA . 28.73 -66.49 -12.34
PG ANP LA . 20.51 -24.31 14.37
O1G ANP LA . 21.46 -25.24 13.65
O2G ANP LA . 20.71 -22.84 14.09
O3G ANP LA . 19.07 -24.76 14.36
PB ANP LA . 22.25 -23.35 16.51
O1B ANP LA . 23.55 -24.00 16.11
O2B ANP LA . 21.92 -21.98 15.97
N3B ANP LA . 20.96 -24.42 16.05
PA ANP LA . 20.85 -22.99 18.92
O1A ANP LA . 21.03 -21.65 19.62
O2A ANP LA . 19.66 -23.18 18.00
O3A ANP LA . 22.21 -23.27 18.12
O5' ANP LA . 20.88 -24.16 20.04
C5' ANP LA . 19.95 -25.25 20.10
C4' ANP LA . 19.02 -25.15 21.31
O4' ANP LA . 19.74 -25.13 22.55
C3' ANP LA . 18.13 -23.90 21.28
O3' ANP LA . 16.74 -24.26 21.27
C2' ANP LA . 18.47 -23.12 22.53
O2' ANP LA . 17.30 -22.66 23.18
C1' ANP LA . 19.23 -24.10 23.42
N9 ANP LA . 20.32 -23.45 24.23
C8 ANP LA . 21.18 -22.49 23.82
N7 ANP LA . 22.04 -22.12 24.81
C5 ANP LA . 21.74 -22.85 25.90
C6 ANP LA . 22.24 -22.96 27.29
N6 ANP LA . 23.27 -22.21 27.73
N1 ANP LA . 21.64 -23.86 28.11
C2 ANP LA . 20.60 -24.62 27.70
N3 ANP LA . 20.10 -24.58 26.45
C4 ANP LA . 20.60 -23.73 25.52
MG MG MA . 20.73 -20.73 14.65
PG ANP NA . 64.77 -32.69 -2.98
O1G ANP NA . 63.64 -33.69 -2.93
O2G ANP NA . 65.36 -32.56 -4.38
O3G ANP NA . 64.50 -31.37 -2.30
PB ANP NA . 66.52 -34.99 -2.45
O1B ANP NA . 65.35 -35.91 -2.18
O2B ANP NA . 67.14 -34.90 -3.83
N3B ANP NA . 66.02 -33.40 -2.00
PA ANP NA . 69.07 -34.76 -1.40
O1A ANP NA . 70.05 -35.57 -2.21
O2A ANP NA . 68.82 -33.31 -1.71
O3A ANP NA . 67.66 -35.51 -1.46
O5' ANP NA . 69.47 -34.90 0.15
C5' ANP NA . 68.74 -34.14 1.12
C4' ANP NA . 69.66 -33.60 2.22
O4' ANP NA . 70.28 -34.70 2.91
C3' ANP NA . 70.76 -32.72 1.65
O3' ANP NA . 70.84 -31.48 2.36
C2' ANP NA . 72.02 -33.57 1.78
O2' ANP NA . 73.15 -32.77 2.14
C1' ANP NA . 71.70 -34.62 2.83
N9 ANP NA . 72.25 -35.95 2.44
C8 ANP NA . 72.04 -36.58 1.26
N7 ANP NA . 72.70 -37.76 1.21
C5 ANP NA . 73.34 -37.91 2.37
C6 ANP NA . 74.23 -38.93 2.97
N6 ANP NA . 74.54 -40.05 2.29
N1 ANP NA . 74.71 -38.70 4.21
C2 ANP NA . 74.39 -37.58 4.90
N3 ANP NA . 73.59 -36.61 4.41
C4 ANP NA . 73.04 -36.71 3.17
MG MG OA . 67.04 -33.44 -5.44
PG ANP PA . 56.17 -55.43 -13.65
O1G ANP PA . 54.69 -55.54 -13.90
O2G ANP PA . 57.02 -55.96 -14.76
O3G ANP PA . 56.57 -54.08 -13.12
PB ANP PA . 56.77 -58.14 -12.65
O1B ANP PA . 55.59 -58.88 -12.05
O2B ANP PA . 57.07 -58.27 -14.13
N3B ANP PA . 56.46 -56.48 -12.30
PA ANP PA . 59.19 -59.62 -12.34
O1A ANP PA . 58.62 -61.01 -12.55
O2A ANP PA . 59.96 -58.93 -13.44
O3A ANP PA . 58.05 -58.63 -11.78
O5' ANP PA . 60.15 -59.70 -11.06
C5' ANP PA . 60.81 -58.54 -10.56
C4' ANP PA . 61.70 -58.92 -9.39
O4' ANP PA . 60.97 -59.61 -8.37
C3' ANP PA . 62.79 -59.89 -9.81
O3' ANP PA . 63.91 -59.16 -10.30
C2' ANP PA . 63.06 -60.66 -8.55
O2' ANP PA . 63.93 -59.95 -7.67
C1' ANP PA . 61.70 -60.73 -7.87
N9 ANP PA . 61.08 -62.02 -8.30
C8 ANP PA . 60.13 -62.18 -9.23
N7 ANP PA . 59.80 -63.48 -9.39
C5 ANP PA . 60.56 -64.21 -8.55
C6 ANP PA . 60.71 -65.64 -8.19
N6 ANP PA . 59.98 -66.61 -8.79
N1 ANP PA . 61.62 -65.96 -7.24
C2 ANP PA . 62.37 -65.02 -6.62
N3 ANP PA . 62.27 -63.71 -6.89
C4 ANP PA . 61.41 -63.24 -7.83
MG MG QA . 56.52 -57.58 -16.14
PG ANP RA . 45.56 -17.15 9.90
O1G ANP RA . 45.97 -18.41 9.18
O2G ANP RA . 46.04 -15.88 9.23
O3G ANP RA . 44.11 -17.13 10.29
PB ANP RA . 48.20 -17.31 11.39
O1B ANP RA . 48.59 -18.65 10.83
O2B ANP RA . 48.79 -16.08 10.73
N3B ANP RA . 46.45 -17.21 11.38
PA ANP RA . 48.76 -15.97 13.84
O1A ANP RA . 50.24 -15.71 13.86
O2A ANP RA . 47.82 -14.90 13.32
O3A ANP RA . 48.59 -17.33 12.96
O5' ANP RA . 48.24 -16.39 15.31
C5' ANP RA . 46.94 -16.93 15.51
C4' ANP RA . 46.66 -17.20 16.99
O4' ANP RA . 47.38 -18.34 17.49
C3' ANP RA . 47.04 -16.04 17.91
O3' ANP RA . 45.94 -15.14 18.07
C2' ANP RA . 47.42 -16.72 19.20
O2' ANP RA . 46.28 -16.92 20.05
C1' ANP RA . 47.94 -18.08 18.77
N9 ANP RA . 49.43 -18.03 18.71
C8 ANP RA . 50.17 -18.04 17.58
N7 ANP RA . 51.50 -17.98 17.85
C5 ANP RA . 51.63 -17.94 19.19
C6 ANP RA . 52.75 -17.88 20.16
N6 ANP RA . 54.04 -17.84 19.72
N1 ANP RA . 52.47 -17.86 21.48
C2 ANP RA . 51.19 -17.89 21.92
N3 ANP RA . 50.11 -17.95 21.11
C4 ANP RA . 50.26 -17.98 19.76
MG MG SA . 47.72 -14.55 9.61
PG ANP TA . -1.56 61.23 -68.77
O1G ANP TA . -1.02 60.11 -67.92
O2G ANP TA . -1.51 62.60 -68.15
O3G ANP TA . -1.06 61.23 -70.19
PB ANP TA . -4.46 61.72 -67.97
O1B ANP TA . -4.52 61.19 -66.56
O2B ANP TA . -4.24 63.20 -68.21
N3B ANP TA . -3.26 60.82 -68.87
PA ANP TA . -6.14 61.75 -70.19
O1A ANP TA . -6.49 63.22 -70.22
O2A ANP TA . -4.98 61.22 -70.99
O3A ANP TA . -5.87 61.34 -68.66
O5' ANP TA . -7.45 60.89 -70.53
C5' ANP TA . -7.32 59.48 -70.77
C4' ANP TA . -7.53 59.07 -72.23
O4' ANP TA . -8.83 58.50 -72.40
C3' ANP TA . -7.45 60.23 -73.20
O3' ANP TA . -7.03 59.78 -74.48
C2' ANP TA . -8.89 60.70 -73.27
O2' ANP TA . -9.15 61.33 -74.51
C1' ANP TA . -9.71 59.42 -73.06
N9 ANP TA . -10.87 59.75 -72.19
C8 ANP TA . -10.80 60.51 -71.09
N7 ANP TA . -12.00 60.63 -70.49
C5 ANP TA . -12.88 59.94 -71.22
C6 ANP TA . -14.33 59.69 -71.14
N6 ANP TA . -15.04 60.23 -70.11
N1 ANP TA . -14.90 58.91 -72.11
C2 ANP TA . -14.15 58.39 -73.11
N3 ANP TA . -12.82 58.59 -73.24
C4 ANP TA . -12.14 59.36 -72.35
MG MG UA . -2.53 64.49 -68.54
PG ANP VA . 4.39 54.54 -19.93
O1G ANP VA . 5.22 53.84 -20.99
O2G ANP VA . 5.14 54.99 -18.70
O3G ANP VA . 3.42 55.56 -20.49
PB ANP VA . 4.30 52.00 -18.45
O1B ANP VA . 4.65 50.91 -19.44
O2B ANP VA . 5.43 52.65 -17.70
N3B ANP VA . 3.42 53.24 -19.30
PA ANP VA . 2.51 52.31 -16.29
O1A ANP VA . 3.05 52.13 -14.89
O2A ANP VA . 2.51 53.71 -16.85
O3A ANP VA . 3.27 51.38 -17.36
O5' ANP VA . 1.02 51.72 -16.39
C5' ANP VA . -0.01 52.47 -17.01
C4' ANP VA . -1.23 52.63 -16.11
O4' ANP VA . -1.61 51.36 -15.58
C3' ANP VA . -0.98 53.51 -14.90
O3' ANP VA . -2.04 54.46 -14.83
C2' ANP VA . -0.99 52.57 -13.72
O2' ANP VA . -1.56 53.20 -12.59
C1' ANP VA . -1.86 51.43 -14.18
N9 ANP VA . -1.52 50.11 -13.62
C8 ANP VA . -0.30 49.53 -13.62
N7 ANP VA . -0.33 48.31 -13.01
C5 ANP VA . -1.59 48.08 -12.62
C6 ANP VA . -2.32 46.99 -11.91
N6 ANP VA . -1.67 45.86 -11.51
N1 ANP VA . -3.65 47.16 -11.70
C2 ANP VA . -4.31 48.27 -12.09
N3 ANP VA . -3.71 49.29 -12.73
C4 ANP VA . -2.38 49.27 -13.03
MG MG WA . 6.82 54.30 -17.52
PG ANP XA . 26.00 28.12 -51.27
O1G ANP XA . 25.10 29.33 -51.35
O2G ANP XA . 27.12 28.14 -52.29
O3G ANP XA . 26.40 27.75 -49.86
PB ANP XA . 24.70 26.84 -53.56
O1B ANP XA . 23.58 27.83 -53.72
O2B ANP XA . 25.99 27.08 -54.32
N3B ANP XA . 25.05 26.79 -51.85
PA ANP XA . 25.06 24.05 -53.81
O1A ANP XA . 25.52 23.59 -55.17
O2A ANP XA . 26.09 24.33 -52.73
O3A ANP XA . 24.15 25.38 -54.00
O5' ANP XA . 24.04 22.92 -53.24
C5' ANP XA . 23.50 23.03 -51.93
C4' ANP XA . 23.51 21.71 -51.16
O4' ANP XA . 22.46 20.85 -51.61
C3' ANP XA . 24.82 20.94 -51.27
O3' ANP XA . 25.19 20.57 -49.94
C2' ANP XA . 24.50 19.74 -52.14
O2' ANP XA . 25.09 18.54 -51.64
C1' ANP XA . 22.97 19.62 -52.12
N9 ANP XA . 22.41 19.40 -53.48
C8 ANP XA . 22.59 20.19 -54.55
N7 ANP XA . 21.93 19.72 -55.63
C5 ANP XA . 21.32 18.60 -55.26
C6 ANP XA . 20.45 17.60 -55.92
N6 ANP XA . 20.13 17.73 -57.23
N1 ANP XA . 20.01 16.55 -55.18
C2 ANP XA . 20.34 16.40 -53.86
N3 ANP XA . 21.13 17.28 -53.20
C4 ANP XA . 21.64 18.38 -53.83
MG MG YA . 27.78 28.30 -54.37
PG ANP ZA . 14.53 42.57 -72.98
O1G ANP ZA . 13.45 42.54 -71.93
O2G ANP ZA . 14.31 43.59 -74.09
O3G ANP ZA . 15.93 42.66 -72.40
PB ANP ZA . 12.94 40.49 -74.67
O1B ANP ZA . 11.76 40.59 -73.74
O2B ANP ZA . 12.96 41.35 -75.92
N3B ANP ZA . 14.37 40.96 -73.73
PA ANP ZA . 12.27 38.26 -76.41
O1A ANP ZA . 11.18 39.19 -76.88
O2A ANP ZA . 13.32 37.82 -77.42
O3A ANP ZA . 13.04 38.94 -75.14
O5' ANP ZA . 11.58 36.90 -75.85
C5' ANP ZA . 12.27 35.98 -75.01
C4' ANP ZA . 11.59 34.59 -74.96
O4' ANP ZA . 10.16 34.68 -75.07
C3' ANP ZA . 12.08 33.69 -76.09
O3' ANP ZA . 12.99 32.68 -75.61
C2' ANP ZA . 10.83 33.08 -76.71
O2' ANP ZA . 10.73 31.67 -76.46
C1' ANP ZA . 9.65 33.83 -76.10
N9 ANP ZA . 8.99 34.60 -77.20
C8 ANP ZA . 9.39 35.81 -77.65
N7 ANP ZA . 8.60 36.26 -78.65
C5 ANP ZA . 7.68 35.31 -78.87
C6 ANP ZA . 6.54 35.16 -79.79
N6 ANP ZA . 6.26 36.14 -80.69
N1 ANP ZA . 5.80 34.02 -79.70
C2 ANP ZA . 6.08 33.05 -78.80
N3 ANP ZA . 7.10 33.14 -77.94
C4 ANP ZA . 7.93 34.22 -77.92
MG MG AB . 14.09 43.20 -76.22
PG ANP BB . 21.57 36.05 -26.35
O1G ANP BB . 21.33 36.90 -27.57
O2G ANP BB . 23.01 35.65 -26.23
O3G ANP BB . 20.89 36.50 -25.09
PB ANP BB . 21.47 33.09 -26.39
O1B ANP BB . 21.75 32.53 -27.75
O2B ANP BB . 22.59 33.29 -25.38
N3B ANP BB . 20.72 34.59 -26.74
PA ANP BB . 20.62 31.20 -24.48
O1A ANP BB . 21.35 29.98 -25.02
O2A ANP BB . 21.21 32.01 -23.33
O3A ANP BB . 20.34 32.14 -25.76
O5' ANP BB . 19.13 30.79 -24.06
C5' ANP BB . 18.43 31.74 -23.26
C4' ANP BB . 17.14 31.16 -22.71
O4' ANP BB . 16.40 30.45 -23.70
C3' ANP BB . 17.42 30.19 -21.57
O3' ANP BB . 17.29 30.86 -20.33
C2' ANP BB . 16.32 29.17 -21.71
O2' ANP BB . 15.21 29.59 -20.93
C1' ANP BB . 15.98 29.18 -23.19
N9 ANP BB . 16.71 28.07 -23.87
C8 ANP BB . 17.65 28.18 -24.84
N7 ANP BB . 18.11 26.96 -25.23
C5 ANP BB . 17.47 26.05 -24.48
C6 ANP BB . 17.46 24.58 -24.37
N6 ANP BB . 18.27 23.80 -25.14
N1 ANP BB . 16.63 24.02 -23.46
C2 ANP BB . 15.81 24.76 -22.67
N3 ANP BB . 15.76 26.09 -22.73
C4 ANP BB . 16.55 26.78 -23.60
MG MG CB . 24.52 34.10 -26.00
#